data_6QPG
#
_entry.id   6QPG
#
_cell.length_a   335.181
_cell.length_b   192.900
_cell.length_c   235.096
_cell.angle_alpha   90.000
_cell.angle_beta   91.781
_cell.angle_gamma   90.000
#
_symmetry.space_group_name_H-M   'C 1 2 1'
#
loop_
_entity.id
_entity.type
_entity.pdbx_description
1 polymer 'Polymerase acidic protein'
2 polymer 'RNA-directed RNA polymerase catalytic subunit'
3 polymer 'Polymerase basic protein 2'
4 polymer 'Nanobody NB8205'
#
loop_
_entity_poly.entity_id
_entity_poly.type
_entity_poly.pdbx_seq_one_letter_code
_entity_poly.pdbx_strand_id
1 'polypeptide(L)'
;MEDFVRQCFNPMIVELAEKAMKEYGEDLKIETNKFAAICTHLEVCFMYSDFHFINEQGESIVVELDDPNALLKHRFEIIE
GRDRTMAWTVVNSICNTTGAEKPKFLPDLYDYKENRFIEIGVTRREVHIYYLEKANKIKSENTHIHIFSFTGEEMATKAD
YTLDEESRARIKTRLFTIRQEMANRGLWDSFRQSERGEETIEERFEITGTMRRLADQSLPPNFSCLENFRAYVDGFEPNG
YIEGKLSQMSKEVNAKIEPFLKTTPRPIRLPDGPPCFQRSKFLLMDALKLSIEDPSHEGEGIPLYDAIKCMRTFFGWKEP
YIVKPHEKGINPNYLLSWKQVLAELQDIENEEKIPRTKNMKKTSQLKWALGENMAPEKVDFDNCRDVSDLKQYDSDEPEL
RSLSSWIQNEFNKACELTDSTWIELDEIGEDVAPIEYIASMRRNYFTAEVSHCRATEYIMKGVYINTALLNASCAAMDDF
QLIPMISKCRTKEGRRKTNLYGFIIKGRSHLRNDTDVVNFVSMEFSLTDPRLEPHKWEKYCVLEIGDMLLRSAIGQMSRP
MFLYVRTNGTSKIKMKWGMEMRRCLLQSLQQIESMIEAESSVKEKDMTKEFFENKSETWPIGESPKGVEDGSIGKVCRTL
LAKSVFNSLYASPQLEGFSAESRKLLLVVQALRDNLEPGTFDLEGLYEAIEECLINDPWVLLNASWFNSFLTHALR
;
A,D,G,J
2 'polypeptide(L)'
;MDVNPTLLFLKVPAQNAISTTFPYTGDPPYSHGTGTGYTMDTVNRTHQYSEKGKWTTNTETGAPQLNPIDGPLPEDNEPS
GYAQTDCVLEAMAFLEESHPGIFENSCLETMEVVQQTRVDRLTQGRQTYDWTLNRNQPAATALANTIEVFRSNGLTANES
GRLIDFLKDVMESMDKEEMEITTHFQRKRRVRDNMTKKMVTQRTIGKKKQRVNKRSYLIRALTLNTMTKDAERGKLKRRA
IATPGMQIRGFVYFVETLARSICEKLEQSGLPVGGNEKKAKLANVVRKMMTNSQDTELSFTITGDNTKWNENQNPRMFLA
MITYITKNQPEWFRNVLSIAPIMFSNKMARLGKGYMFESKSMKLRTQIPAEMLASIDLKYFNESTRKKIEKIRPLLIDGT
ASLSPGMMMGMFNMLSTVLGVSILNLGQKRYTKTTYWWDGLQSSDDFALIVNAPNHEGIQAGVDRFYRTCKLVGINMSKK
KSYINRTGTFEFTSFFYRYGFVANFSMELPSFGVSGINESADMSIGVTVIKNNMINNDLGPATAQMALQLFIKDYRYTYR
CHRGDTQIQTRRSFELKKLWEQTRSKAGLLVSDGGPNLYNIRNLHIPEVCLKWELMDEDYQGRLCNPLNPFVSHKEIESV
NNAVVMPAHGPAKSMEYDAVATTHSWIPKRNRSILNTSQRGILEDEQMYQKCCNLFEKFFPSSSYRRPVGISSMVEAMVS
RARIDARIDFESGRIKKEEFAEIMKICSTIEELRRQK
;
B,E,H,K
3 'polypeptide(L)'
;MERIKELRNLMSQSRTREILTKTTVDHMAIIKKYTSGRQEKNPSLRMKWMMAMKYPITADKRITEMVPERNEQGQTLWSK
MSDAGSDRVMVSPLAVTWWNRNGPMTSTVHYPKVYKTYFEKVERLKHGTFGPVHFRNQVKIRRRVDINPGHADLSAKEAQ
DVIMEVVFPNEVGARILTSESQLTITKEKKEELQDCKISPLMVAYMLERELVRKTRFLPVAGGTSSVYIEVLHLTQGTCW
EQMYTPGGEVRNDDVDQSLIIAARNIVRRAAVSADPLASLLEMCHSTQIGGTRMVDILRQNPTEEQAVDICKAAMGLRIS
SSFSFGGFTFKRTSGSSIKREEELLTGNLQTLKIRVHDGYEEFTMVGKRATAILRKATRRLVQLIVSGRDEQSVAEAIIV
AMVFSQEDCMIKAVRGDLNFVNRANQRLNPMHQLLRHFQKDAKVLFQNWGIEHIDNVMGMIGVLPDMTPSTEMSMRGIRV
SKMGVDEYSSTERVVVSIDRFLRVRDQRGNVLLSPEEVSETQGTEKLTITYSSSMMWEINGPESVLVNTYQWIIRNWETV
KIQWSQNPTMLYNKMEFEPFQSLVPKAIRGQYSGFVRTLFQQMRDVLGTFDTTQIIKLLPFAAAPPKQSRMQFSSLTVNV
RGSGMRILVRGNSPAFNYNKTTKRLTILGKDAGTLIEDPDEGTSGVESAVLRGFLILGKEDRRYGPALSINELSNLAKGE
KANVLIGQGDVVLVMKRKRDSSILTDSQTATKRIRMAINENLYFQ
;
C,F,I,L
4 'polypeptide(L)'
;QVQLQESGGGMVQPGGSLRLSCLASGFTFSNYAMTWVRQAPGKGPEWVSMVSNNGADTTYTDSVKGRFTISRDNAKNTLY
LRMNNVKPEDSAVYYCAKRRYGGIWTGQPTDYDYLGQGTVTVSSHHHHHHEPEA
;
M,N,O,P
#
# COMPACT_ATOMS: atom_id res chain seq x y z
N MET A 1 -7.27 -46.09 53.71
CA MET A 1 -6.69 -46.02 55.05
C MET A 1 -6.42 -47.40 55.61
N GLU A 2 -7.44 -48.25 55.59
CA GLU A 2 -7.35 -49.57 56.22
C GLU A 2 -6.28 -50.43 55.55
N ASP A 3 -6.29 -50.48 54.22
CA ASP A 3 -5.33 -51.30 53.50
C ASP A 3 -3.90 -50.85 53.78
N PHE A 4 -3.67 -49.53 53.83
CA PHE A 4 -2.33 -49.03 54.15
C PHE A 4 -1.91 -49.44 55.56
N VAL A 5 -2.84 -49.36 56.52
CA VAL A 5 -2.52 -49.78 57.88
C VAL A 5 -2.15 -51.25 57.91
N ARG A 6 -2.89 -52.07 57.16
CA ARG A 6 -2.55 -53.48 57.04
C ARG A 6 -1.29 -53.73 56.22
N GLN A 7 -0.78 -52.71 55.53
CA GLN A 7 0.40 -52.85 54.70
C GLN A 7 1.71 -52.64 55.47
N CYS A 8 1.81 -51.55 56.23
CA CYS A 8 3.05 -51.15 56.88
C CYS A 8 3.23 -51.77 58.26
N PHE A 9 2.50 -52.83 58.59
CA PHE A 9 2.60 -53.45 59.91
C PHE A 9 2.58 -54.96 59.77
N ASN A 10 3.19 -55.62 60.76
CA ASN A 10 3.14 -57.08 60.83
C ASN A 10 1.74 -57.54 61.25
N PRO A 11 1.30 -58.70 60.75
CA PRO A 11 -0.06 -59.16 61.06
C PRO A 11 -0.31 -59.44 62.54
N MET A 12 0.73 -59.50 63.37
CA MET A 12 0.53 -59.74 64.80
C MET A 12 -0.01 -58.50 65.50
N ILE A 13 0.60 -57.34 65.24
CA ILE A 13 0.07 -56.10 65.77
C ILE A 13 -1.31 -55.81 65.17
N VAL A 14 -1.51 -56.17 63.91
CA VAL A 14 -2.82 -55.99 63.28
C VAL A 14 -3.87 -56.83 64.01
N GLU A 15 -3.54 -58.09 64.29
CA GLU A 15 -4.48 -58.96 65.01
C GLU A 15 -4.72 -58.45 66.43
N LEU A 16 -3.67 -57.94 67.08
CA LEU A 16 -3.82 -57.42 68.43
C LEU A 16 -4.74 -56.22 68.46
N ALA A 17 -4.55 -55.28 67.54
CA ALA A 17 -5.43 -54.11 67.49
C ALA A 17 -6.85 -54.49 67.08
N GLU A 18 -7.00 -55.49 66.19
CA GLU A 18 -8.33 -55.92 65.79
C GLU A 18 -9.09 -56.55 66.94
N LYS A 19 -8.43 -57.39 67.74
CA LYS A 19 -9.07 -57.95 68.93
C LYS A 19 -9.34 -56.87 69.98
N ALA A 20 -8.38 -55.96 70.20
CA ALA A 20 -8.54 -54.89 71.16
C ALA A 20 -9.63 -53.90 70.77
N MET A 21 -10.04 -53.90 69.50
CA MET A 21 -11.12 -53.02 69.07
C MET A 21 -12.50 -53.63 69.27
N LYS A 22 -12.61 -54.95 69.35
CA LYS A 22 -13.89 -55.58 69.67
C LYS A 22 -14.25 -55.44 71.15
N GLU A 23 -13.45 -54.70 71.91
CA GLU A 23 -13.64 -54.57 73.35
C GLU A 23 -14.79 -53.62 73.72
N TYR A 24 -14.88 -52.46 73.06
CA TYR A 24 -15.84 -51.44 73.46
C TYR A 24 -16.81 -51.09 72.34
N GLY A 25 -17.18 -52.07 71.53
CA GLY A 25 -18.15 -51.88 70.46
C GLY A 25 -17.73 -50.86 69.43
N GLU A 26 -16.46 -50.46 69.48
CA GLU A 26 -15.89 -49.46 68.57
C GLU A 26 -15.62 -50.13 67.23
N ASP A 27 -16.55 -49.99 66.30
CA ASP A 27 -16.38 -50.66 65.01
C ASP A 27 -15.18 -50.08 64.28
N LEU A 28 -14.32 -50.98 63.78
CA LEU A 28 -13.08 -50.55 63.13
C LEU A 28 -13.32 -49.97 61.74
N LYS A 29 -14.47 -50.25 61.13
CA LYS A 29 -14.76 -49.71 59.81
C LYS A 29 -14.93 -48.20 59.86
N ILE A 30 -15.41 -47.68 60.99
CA ILE A 30 -15.65 -46.25 61.16
C ILE A 30 -14.48 -45.58 61.85
N GLU A 31 -14.01 -46.15 62.95
CA GLU A 31 -12.91 -45.58 63.72
C GLU A 31 -11.56 -46.04 63.20
N THR A 32 -11.34 -45.85 61.89
CA THR A 32 -10.08 -46.27 61.27
C THR A 32 -8.89 -45.48 61.83
N ASN A 33 -9.10 -44.21 62.15
CA ASN A 33 -8.03 -43.43 62.77
C ASN A 33 -7.65 -44.01 64.12
N LYS A 34 -8.63 -44.49 64.88
CA LYS A 34 -8.32 -45.21 66.12
C LYS A 34 -7.53 -46.48 65.84
N PHE A 35 -7.84 -47.15 64.72
CA PHE A 35 -7.06 -48.32 64.30
C PHE A 35 -5.60 -47.94 64.10
N ALA A 36 -5.35 -46.88 63.32
CA ALA A 36 -3.98 -46.44 63.07
C ALA A 36 -3.29 -46.04 64.37
N ALA A 37 -3.99 -45.32 65.24
CA ALA A 37 -3.40 -44.86 66.49
C ALA A 37 -3.02 -46.04 67.39
N ILE A 38 -3.89 -47.06 67.46
CA ILE A 38 -3.61 -48.20 68.32
C ILE A 38 -2.48 -49.04 67.76
N CYS A 39 -2.46 -49.25 66.44
CA CYS A 39 -1.33 -49.96 65.83
C CYS A 39 -0.03 -49.23 66.08
N THR A 40 -0.05 -47.89 65.95
CA THR A 40 1.13 -47.09 66.24
C THR A 40 1.56 -47.26 67.70
N HIS A 41 0.59 -47.23 68.62
CA HIS A 41 0.88 -47.41 70.04
C HIS A 41 1.58 -48.74 70.28
N LEU A 42 1.04 -49.82 69.70
CA LEU A 42 1.60 -51.15 69.95
C LEU A 42 3.00 -51.29 69.35
N GLU A 43 3.19 -50.81 68.12
CA GLU A 43 4.53 -50.91 67.53
C GLU A 43 5.54 -50.04 68.27
N VAL A 44 5.10 -48.89 68.78
CA VAL A 44 5.98 -48.05 69.59
C VAL A 44 6.40 -48.78 70.85
N CYS A 45 5.44 -49.39 71.55
CA CYS A 45 5.78 -50.16 72.76
C CYS A 45 6.75 -51.28 72.44
N PHE A 46 6.51 -52.00 71.34
CA PHE A 46 7.37 -53.14 70.99
C PHE A 46 8.79 -52.67 70.67
N MET A 47 8.94 -51.75 69.72
CA MET A 47 10.29 -51.27 69.38
C MET A 47 10.94 -50.50 70.52
N TYR A 48 10.15 -50.07 71.51
CA TYR A 48 10.71 -49.48 72.72
C TYR A 48 11.31 -50.55 73.62
N SER A 49 10.60 -51.68 73.76
CA SER A 49 11.00 -52.73 74.69
C SER A 49 12.03 -53.70 74.12
N ASP A 50 12.18 -53.76 72.79
CA ASP A 50 13.02 -54.78 72.17
C ASP A 50 14.49 -54.58 72.51
N PHE A 51 15.21 -55.70 72.57
CA PHE A 51 16.67 -55.71 72.64
C PHE A 51 17.20 -55.05 73.92
N HIS A 52 16.45 -55.17 75.00
CA HIS A 52 16.85 -54.60 76.29
C HIS A 52 16.83 -55.72 77.31
N PHE A 53 18.00 -56.16 77.75
CA PHE A 53 18.12 -57.20 78.75
C PHE A 53 18.77 -56.61 79.99
N ILE A 54 18.71 -57.35 81.09
CA ILE A 54 19.31 -56.93 82.34
C ILE A 54 20.50 -57.84 82.61
N ASN A 55 21.68 -57.24 82.73
CA ASN A 55 22.90 -57.99 82.95
C ASN A 55 22.82 -58.75 84.28
N GLU A 56 23.82 -59.58 84.53
CA GLU A 56 23.88 -60.28 85.79
C GLU A 56 23.88 -59.32 86.97
N GLN A 57 24.42 -58.12 86.76
CA GLN A 57 24.36 -57.05 87.75
C GLN A 57 23.15 -56.16 87.45
N GLY A 58 23.05 -55.02 88.13
CA GLY A 58 21.91 -54.14 87.97
C GLY A 58 22.04 -53.12 86.87
N GLU A 59 22.19 -53.55 85.62
CA GLU A 59 22.21 -52.62 84.50
C GLU A 59 21.63 -53.30 83.26
N SER A 60 21.22 -52.47 82.31
CA SER A 60 20.62 -52.92 81.07
C SER A 60 21.63 -52.91 79.93
N ILE A 61 21.45 -53.85 78.99
CA ILE A 61 22.31 -54.01 77.82
C ILE A 61 21.44 -54.31 76.61
N VAL A 62 22.09 -54.29 75.44
CA VAL A 62 21.43 -54.54 74.17
C VAL A 62 21.93 -55.87 73.62
N VAL A 63 21.10 -56.50 72.80
CA VAL A 63 21.39 -57.82 72.24
C VAL A 63 20.83 -57.90 70.82
N GLU A 64 21.16 -58.99 70.14
CA GLU A 64 20.72 -59.21 68.76
C GLU A 64 19.26 -59.63 68.78
N LEU A 65 18.76 -60.20 67.67
CA LEU A 65 17.36 -60.56 67.55
C LEU A 65 16.82 -61.23 68.80
N ASP A 66 17.35 -62.41 69.14
CA ASP A 66 16.95 -63.10 70.36
C ASP A 66 17.93 -64.23 70.66
N ASP A 67 18.19 -64.45 71.94
CA ASP A 67 18.93 -65.62 72.38
C ASP A 67 18.73 -65.79 73.88
N PRO A 68 17.58 -66.32 74.31
CA PRO A 68 17.31 -66.44 75.75
C PRO A 68 18.19 -67.47 76.46
N ASN A 69 19.51 -67.37 76.29
CA ASN A 69 20.40 -68.34 76.94
C ASN A 69 20.65 -67.88 78.38
N ALA A 70 19.86 -68.43 79.31
CA ALA A 70 19.98 -68.23 80.74
C ALA A 70 19.52 -66.85 81.21
N LEU A 71 19.31 -65.92 80.27
CA LEU A 71 18.81 -64.58 80.59
C LEU A 71 17.57 -64.31 79.76
N LEU A 72 16.43 -64.10 80.43
CA LEU A 72 15.18 -63.82 79.75
C LEU A 72 14.49 -62.54 80.19
N LYS A 73 14.91 -61.93 81.30
CA LYS A 73 14.23 -60.74 81.82
C LYS A 73 14.42 -59.57 80.87
N HIS A 74 13.35 -59.22 80.16
CA HIS A 74 13.34 -58.21 79.11
C HIS A 74 13.47 -56.76 79.59
N ARG A 75 13.68 -56.45 80.87
CA ARG A 75 13.90 -55.08 81.32
C ARG A 75 12.63 -54.26 81.18
N PHE A 76 11.58 -54.83 80.60
CA PHE A 76 10.33 -54.14 80.28
C PHE A 76 9.21 -55.17 80.29
N GLU A 77 8.12 -54.85 80.96
CA GLU A 77 6.93 -55.69 80.97
C GLU A 77 5.85 -54.97 80.17
N ILE A 78 5.35 -55.64 79.12
CA ILE A 78 4.34 -55.07 78.25
C ILE A 78 2.98 -55.26 78.90
N ILE A 79 2.15 -54.21 78.85
CA ILE A 79 0.86 -54.19 79.49
C ILE A 79 -0.28 -54.06 78.48
N GLU A 80 -0.15 -53.11 77.55
CA GLU A 80 -1.25 -52.81 76.65
C GLU A 80 -1.49 -53.94 75.65
N GLY A 81 -0.45 -54.71 75.32
CA GLY A 81 -0.62 -55.80 74.36
C GLY A 81 -1.53 -56.91 74.84
N ARG A 82 -1.82 -56.97 76.13
CA ARG A 82 -2.64 -58.01 76.72
C ARG A 82 -4.07 -57.51 76.91
N ASP A 83 -4.93 -58.41 77.39
CA ASP A 83 -6.31 -58.07 77.68
C ASP A 83 -6.41 -57.21 78.94
N ARG A 84 -7.59 -56.61 79.14
CA ARG A 84 -7.83 -55.76 80.30
C ARG A 84 -7.57 -56.50 81.61
N THR A 85 -8.20 -57.67 81.76
CA THR A 85 -8.08 -58.42 83.01
C THR A 85 -6.65 -58.89 83.24
N MET A 86 -6.03 -59.46 82.20
CA MET A 86 -4.65 -59.93 82.34
C MET A 86 -3.70 -58.76 82.61
N ALA A 87 -3.95 -57.61 81.99
CA ALA A 87 -3.14 -56.43 82.25
C ALA A 87 -3.22 -56.02 83.72
N TRP A 88 -4.45 -55.93 84.25
CA TRP A 88 -4.61 -55.57 85.65
C TRP A 88 -3.97 -56.62 86.57
N THR A 89 -4.08 -57.90 86.19
CA THR A 89 -3.49 -58.97 87.00
C THR A 89 -1.97 -58.84 87.07
N VAL A 90 -1.33 -58.64 85.91
CA VAL A 90 0.13 -58.50 85.90
C VAL A 90 0.55 -57.23 86.63
N VAL A 91 -0.22 -56.16 86.48
CA VAL A 91 0.09 -54.91 87.19
C VAL A 91 0.05 -55.13 88.69
N ASN A 92 -1.01 -55.78 89.18
CA ASN A 92 -1.11 -56.05 90.62
C ASN A 92 0.02 -56.97 91.08
N SER A 93 0.35 -57.97 90.27
CA SER A 93 1.44 -58.88 90.63
C SER A 93 2.76 -58.12 90.80
N ILE A 94 3.11 -57.29 89.81
CA ILE A 94 4.39 -56.59 89.89
C ILE A 94 4.36 -55.51 90.97
N CYS A 95 3.19 -54.92 91.24
CA CYS A 95 3.10 -53.92 92.30
C CYS A 95 3.28 -54.55 93.68
N ASN A 96 2.69 -55.73 93.88
CA ASN A 96 2.88 -56.43 95.15
C ASN A 96 4.30 -56.96 95.28
N THR A 97 4.92 -57.37 94.16
CA THR A 97 6.30 -57.86 94.23
C THR A 97 7.29 -56.74 94.49
N THR A 98 7.03 -55.54 93.96
CA THR A 98 7.96 -54.42 94.10
C THR A 98 7.56 -53.44 95.19
N GLY A 99 6.30 -53.39 95.58
CA GLY A 99 5.87 -52.45 96.59
C GLY A 99 5.53 -51.07 96.06
N ALA A 100 5.28 -50.93 94.76
CA ALA A 100 4.93 -49.66 94.16
C ALA A 100 3.40 -49.53 94.10
N GLU A 101 2.92 -48.34 94.45
CA GLU A 101 1.48 -48.10 94.44
C GLU A 101 0.92 -48.22 93.03
N LYS A 102 -0.09 -49.07 92.87
CA LYS A 102 -0.68 -49.28 91.56
C LYS A 102 -1.43 -48.03 91.13
N PRO A 103 -1.29 -47.61 89.87
CA PRO A 103 -2.00 -46.42 89.40
C PRO A 103 -3.47 -46.69 89.14
N LYS A 104 -4.29 -45.68 89.43
CA LYS A 104 -5.72 -45.79 89.21
C LYS A 104 -6.05 -45.82 87.73
N PHE A 105 -5.25 -45.13 86.92
CA PHE A 105 -5.36 -45.16 85.47
C PHE A 105 -4.43 -46.22 84.89
N LEU A 106 -4.92 -46.94 83.89
CA LEU A 106 -4.22 -48.10 83.33
C LEU A 106 -2.95 -47.68 82.60
N PRO A 107 -1.77 -48.05 83.07
CA PRO A 107 -0.53 -47.73 82.34
C PRO A 107 -0.27 -48.75 81.23
N ASP A 108 0.70 -48.43 80.38
CA ASP A 108 0.95 -49.25 79.20
C ASP A 108 2.24 -50.06 79.23
N LEU A 109 3.19 -49.73 80.10
CA LEU A 109 4.45 -50.47 80.15
C LEU A 109 5.04 -50.33 81.55
N TYR A 110 5.92 -51.25 81.92
CA TYR A 110 6.59 -51.16 83.21
C TYR A 110 8.09 -51.44 83.10
N ASP A 111 8.88 -50.59 83.76
CA ASP A 111 10.33 -50.69 83.82
C ASP A 111 10.76 -51.36 85.12
N TYR A 112 11.89 -52.07 85.05
CA TYR A 112 12.48 -52.74 86.21
C TYR A 112 13.69 -52.02 86.78
N LYS A 113 14.54 -51.42 85.95
CA LYS A 113 15.78 -50.81 86.44
C LYS A 113 15.48 -49.61 87.33
N GLU A 114 14.84 -48.57 86.78
CA GLU A 114 14.48 -47.42 87.59
C GLU A 114 13.31 -47.71 88.51
N ASN A 115 12.64 -48.86 88.34
CA ASN A 115 11.48 -49.24 89.15
C ASN A 115 10.39 -48.18 89.07
N ARG A 116 10.19 -47.64 87.88
CA ARG A 116 9.24 -46.57 87.61
C ARG A 116 8.16 -47.10 86.68
N PHE A 117 7.01 -46.42 86.67
CA PHE A 117 5.91 -46.77 85.80
C PHE A 117 5.97 -45.87 84.57
N ILE A 118 6.54 -46.38 83.48
CA ILE A 118 6.66 -45.60 82.26
C ILE A 118 5.38 -45.77 81.47
N GLU A 119 4.73 -44.67 81.13
CA GLU A 119 3.59 -44.69 80.22
C GLU A 119 3.88 -43.76 79.06
N ILE A 120 3.63 -44.25 77.84
CA ILE A 120 4.01 -43.57 76.61
C ILE A 120 2.77 -43.18 75.85
N GLY A 121 2.79 -41.97 75.29
CA GLY A 121 1.67 -41.44 74.51
C GLY A 121 2.10 -40.85 73.19
N VAL A 122 1.47 -41.30 72.10
CA VAL A 122 1.77 -40.82 70.76
C VAL A 122 0.69 -39.82 70.36
N THR A 123 1.09 -38.58 70.10
CA THR A 123 0.14 -37.52 69.77
C THR A 123 0.55 -36.81 68.50
N ARG A 124 -0.43 -36.15 67.87
CA ARG A 124 -0.20 -35.33 66.69
C ARG A 124 -0.09 -33.85 66.99
N ARG A 125 -0.72 -33.37 68.07
CA ARG A 125 -0.75 -31.95 68.37
C ARG A 125 0.59 -31.54 69.00
N GLU A 126 0.68 -30.31 69.49
CA GLU A 126 1.88 -29.86 70.17
C GLU A 126 2.14 -30.72 71.40
N VAL A 127 3.37 -31.21 71.53
CA VAL A 127 3.68 -32.15 72.61
C VAL A 127 3.60 -31.48 73.97
N HIS A 128 3.79 -30.17 74.04
CA HIS A 128 3.80 -29.48 75.33
C HIS A 128 2.42 -29.55 75.99
N ILE A 129 1.37 -29.28 75.22
CA ILE A 129 0.02 -29.31 75.78
C ILE A 129 -0.40 -30.74 76.12
N TYR A 130 0.00 -31.70 75.29
CA TYR A 130 -0.33 -33.10 75.60
C TYR A 130 0.35 -33.55 76.89
N TYR A 131 1.61 -33.15 77.09
CA TYR A 131 2.29 -33.48 78.34
C TYR A 131 1.61 -32.80 79.53
N LEU A 132 1.22 -31.53 79.37
CA LEU A 132 0.54 -30.83 80.45
C LEU A 132 -0.80 -31.48 80.80
N GLU A 133 -1.53 -31.95 79.78
CA GLU A 133 -2.82 -32.59 80.02
C GLU A 133 -2.64 -33.96 80.67
N LYS A 134 -1.67 -34.75 80.20
CA LYS A 134 -1.38 -36.03 80.85
C LYS A 134 -0.93 -35.83 82.29
N ALA A 135 -0.24 -34.73 82.57
CA ALA A 135 0.17 -34.46 83.95
C ALA A 135 -1.00 -33.98 84.82
N ASN A 136 -1.88 -33.15 84.27
CA ASN A 136 -3.03 -32.69 85.04
C ASN A 136 -4.04 -33.80 85.29
N LYS A 137 -4.11 -34.80 84.41
CA LYS A 137 -5.01 -35.91 84.66
C LYS A 137 -4.37 -36.94 85.60
N ILE A 138 -3.06 -37.15 85.50
CA ILE A 138 -2.33 -38.11 86.32
C ILE A 138 -1.22 -37.32 87.00
N LYS A 139 -1.41 -36.99 88.27
CA LYS A 139 -0.45 -36.20 89.03
C LYS A 139 -0.29 -36.79 90.42
N SER A 140 0.75 -36.32 91.12
CA SER A 140 1.06 -36.66 92.52
C SER A 140 1.46 -38.10 92.72
N GLU A 141 1.63 -38.87 91.65
CA GLU A 141 2.04 -40.27 91.74
C GLU A 141 3.36 -40.46 91.01
N ASN A 142 4.17 -41.38 91.52
CA ASN A 142 5.48 -41.68 90.93
C ASN A 142 5.24 -42.50 89.67
N THR A 143 4.91 -41.79 88.58
CA THR A 143 4.65 -42.42 87.29
C THR A 143 5.28 -41.58 86.19
N HIS A 144 6.27 -42.17 85.51
CA HIS A 144 7.01 -41.46 84.47
C HIS A 144 6.20 -41.38 83.18
N ILE A 145 6.24 -40.21 82.56
CA ILE A 145 5.50 -39.93 81.32
C ILE A 145 6.50 -39.77 80.19
N HIS A 146 6.18 -40.36 79.04
CA HIS A 146 7.01 -40.26 77.85
C HIS A 146 6.09 -40.05 76.66
N ILE A 147 6.25 -38.92 75.98
CA ILE A 147 5.33 -38.54 74.90
C ILE A 147 6.13 -38.36 73.62
N PHE A 148 5.66 -39.00 72.55
CA PHE A 148 6.23 -38.87 71.22
C PHE A 148 5.21 -38.26 70.27
N SER A 149 5.75 -37.67 69.19
CA SER A 149 4.96 -37.14 68.10
C SER A 149 5.66 -37.54 66.81
N PHE A 150 4.97 -37.31 65.69
CA PHE A 150 5.53 -37.66 64.39
C PHE A 150 6.53 -36.64 63.88
N THR A 151 6.50 -35.40 64.40
CA THR A 151 7.41 -34.36 63.92
C THR A 151 8.86 -34.60 64.32
N GLY A 152 9.13 -35.52 65.23
CA GLY A 152 10.48 -35.81 65.68
C GLY A 152 10.77 -35.40 67.11
N GLU A 153 9.99 -34.48 67.68
CA GLU A 153 10.19 -34.08 69.07
C GLU A 153 9.84 -35.22 70.01
N GLU A 154 10.18 -35.01 71.29
CA GLU A 154 10.04 -36.02 72.31
C GLU A 154 10.04 -35.30 73.65
N MET A 155 9.19 -35.74 74.58
CA MET A 155 9.09 -35.08 75.87
C MET A 155 8.96 -36.12 76.96
N ALA A 156 9.96 -36.20 77.82
CA ALA A 156 9.95 -37.07 78.99
C ALA A 156 9.79 -36.23 80.24
N THR A 157 9.63 -36.91 81.37
CA THR A 157 9.42 -36.24 82.64
C THR A 157 10.79 -35.82 83.20
N LYS A 158 10.96 -34.52 83.44
CA LYS A 158 12.17 -33.98 84.04
C LYS A 158 13.41 -34.35 83.22
N ALA A 159 13.30 -34.24 81.89
CA ALA A 159 14.38 -34.51 80.96
C ALA A 159 14.96 -35.91 81.13
N ASP A 160 14.17 -36.83 81.68
CA ASP A 160 14.61 -38.20 81.93
C ASP A 160 14.15 -39.09 80.78
N TYR A 161 14.87 -39.00 79.66
CA TYR A 161 14.63 -39.84 78.50
C TYR A 161 15.14 -41.25 78.81
N THR A 162 14.32 -42.01 79.54
CA THR A 162 14.74 -43.25 80.17
C THR A 162 14.86 -44.37 79.14
N LEU A 163 15.82 -44.19 78.22
CA LEU A 163 16.19 -45.20 77.24
C LEU A 163 17.50 -44.78 76.60
N ASP A 164 18.02 -45.64 75.73
CA ASP A 164 19.19 -45.29 74.95
C ASP A 164 18.84 -44.22 73.93
N GLU A 165 19.87 -43.59 73.38
CA GLU A 165 19.65 -42.53 72.41
C GLU A 165 19.21 -43.09 71.05
N GLU A 166 19.98 -44.04 70.51
CA GLU A 166 19.67 -44.57 69.18
C GLU A 166 18.43 -45.48 69.20
N SER A 167 18.26 -46.27 70.26
CA SER A 167 17.12 -47.18 70.33
C SER A 167 15.80 -46.41 70.32
N ARG A 168 15.83 -45.16 70.80
CA ARG A 168 14.70 -44.26 70.81
C ARG A 168 14.62 -43.46 69.50
N ALA A 169 15.78 -43.12 68.93
CA ALA A 169 15.81 -42.44 67.65
C ALA A 169 15.23 -43.32 66.55
N ARG A 170 15.32 -44.64 66.72
CA ARG A 170 14.67 -45.56 65.78
C ARG A 170 13.16 -45.36 65.78
N ILE A 171 12.56 -45.22 66.96
CA ILE A 171 11.13 -44.94 67.05
C ILE A 171 10.81 -43.59 66.44
N LYS A 172 11.64 -42.58 66.73
CA LYS A 172 11.44 -41.26 66.13
C LYS A 172 11.41 -41.36 64.60
N THR A 173 12.36 -42.08 64.03
CA THR A 173 12.45 -42.21 62.58
C THR A 173 11.27 -42.98 62.01
N ARG A 174 10.87 -44.07 62.68
CA ARG A 174 9.73 -44.84 62.18
C ARG A 174 8.45 -44.00 62.19
N LEU A 175 8.23 -43.25 63.27
CA LEU A 175 7.07 -42.36 63.33
C LEU A 175 7.14 -41.29 62.25
N PHE A 176 8.34 -40.74 62.02
CA PHE A 176 8.51 -39.68 61.04
C PHE A 176 8.24 -40.19 59.62
N THR A 177 8.71 -41.40 59.32
CA THR A 177 8.46 -42.00 58.01
C THR A 177 6.98 -42.35 57.84
N ILE A 178 6.33 -42.82 58.90
CA ILE A 178 4.89 -43.07 58.84
C ILE A 178 4.14 -41.77 58.56
N ARG A 179 4.54 -40.69 59.23
CA ARG A 179 3.96 -39.37 58.96
C ARG A 179 4.08 -39.01 57.48
N GLN A 180 5.30 -39.06 56.94
CA GLN A 180 5.50 -38.68 55.55
C GLN A 180 4.73 -39.59 54.61
N GLU A 181 4.69 -40.90 54.91
CA GLU A 181 4.02 -41.87 54.05
C GLU A 181 2.53 -41.59 54.00
N MET A 182 1.90 -41.37 55.16
CA MET A 182 0.48 -41.02 55.12
C MET A 182 0.25 -39.61 54.62
N ALA A 183 1.30 -38.78 54.54
CA ALA A 183 1.15 -37.47 53.94
C ALA A 183 1.04 -37.57 52.43
N ASN A 184 2.02 -38.22 51.79
CA ASN A 184 1.96 -38.32 50.34
C ASN A 184 0.87 -39.29 49.86
N ARG A 185 0.28 -40.06 50.75
CA ARG A 185 -0.91 -40.85 50.46
C ARG A 185 -2.20 -40.07 50.67
N GLY A 186 -2.10 -38.79 51.01
CA GLY A 186 -3.27 -37.99 51.30
C GLY A 186 -3.99 -38.37 52.57
N LEU A 187 -3.32 -39.10 53.46
CA LEU A 187 -3.92 -39.63 54.68
C LEU A 187 -3.43 -38.91 55.92
N TRP A 188 -3.27 -37.58 55.85
CA TRP A 188 -3.07 -36.76 57.03
C TRP A 188 -4.39 -36.29 57.60
N ASP A 189 -5.45 -37.08 57.39
CA ASP A 189 -6.78 -36.75 57.89
C ASP A 189 -6.83 -36.74 59.41
N SER A 190 -6.04 -37.59 60.07
CA SER A 190 -6.16 -37.80 61.51
C SER A 190 -5.58 -36.66 62.33
N PHE A 191 -5.33 -35.50 61.71
CA PHE A 191 -4.84 -34.35 62.45
C PHE A 191 -5.94 -33.77 63.34
N ARG A 192 -7.18 -33.80 62.86
CA ARG A 192 -8.33 -33.23 63.58
C ARG A 192 -9.03 -34.24 64.50
N GLN A 193 -8.61 -35.49 64.49
CA GLN A 193 -9.27 -36.55 65.27
C GLN A 193 -8.51 -36.87 66.54
N SER A 194 -7.22 -37.20 66.42
CA SER A 194 -6.37 -37.40 67.57
C SER A 194 -6.03 -36.11 68.28
N GLU A 195 -6.58 -34.98 67.85
CA GLU A 195 -6.37 -33.69 68.49
C GLU A 195 -7.41 -33.43 69.58
N ARG A 196 -7.60 -34.42 70.44
CA ARG A 196 -8.58 -34.34 71.52
C ARG A 196 -8.11 -34.97 72.82
N GLY A 197 -6.87 -35.43 72.90
CA GLY A 197 -6.46 -36.27 74.01
C GLY A 197 -6.97 -37.69 73.82
N GLU A 198 -8.29 -37.83 73.82
CA GLU A 198 -8.95 -39.08 73.42
C GLU A 198 -8.78 -39.24 71.92
N GLU A 199 -7.86 -40.13 71.52
CA GLU A 199 -7.37 -40.21 70.15
C GLU A 199 -8.29 -40.99 69.21
N THR A 200 -9.56 -41.20 69.57
CA THR A 200 -10.43 -42.08 68.80
C THR A 200 -11.48 -41.36 67.98
N ILE A 201 -11.89 -40.16 68.38
CA ILE A 201 -13.09 -39.56 67.81
C ILE A 201 -12.90 -39.33 66.31
N GLU A 202 -14.00 -39.38 65.58
CA GLU A 202 -14.03 -39.02 64.18
C GLU A 202 -14.73 -37.67 64.04
N GLU A 203 -14.59 -37.05 62.87
CA GLU A 203 -15.19 -35.74 62.67
C GLU A 203 -16.70 -35.82 62.77
N ARG A 204 -17.27 -35.21 63.82
CA ARG A 204 -18.72 -35.13 63.96
C ARG A 204 -19.19 -33.83 63.35
N PHE A 205 -20.19 -33.92 62.48
CA PHE A 205 -20.71 -32.78 61.73
C PHE A 205 -22.01 -32.31 62.40
N GLU A 206 -21.97 -31.10 62.94
CA GLU A 206 -23.11 -30.58 63.68
C GLU A 206 -24.14 -29.95 62.74
N ILE A 207 -25.40 -29.99 63.18
CA ILE A 207 -26.49 -29.27 62.52
C ILE A 207 -27.22 -28.51 63.62
N THR A 208 -26.84 -27.25 63.85
CA THR A 208 -27.39 -26.48 64.96
C THR A 208 -28.58 -25.66 64.45
N GLY A 209 -29.08 -24.75 65.28
CA GLY A 209 -30.18 -23.90 64.89
C GLY A 209 -29.85 -23.02 63.70
N THR A 210 -30.90 -22.44 63.13
CA THR A 210 -30.85 -21.58 61.94
C THR A 210 -30.44 -22.40 60.72
N MET A 211 -30.09 -23.67 60.93
CA MET A 211 -29.84 -24.64 59.88
C MET A 211 -30.77 -25.82 60.01
N ARG A 212 -30.91 -26.38 61.22
CA ARG A 212 -31.94 -27.39 61.46
C ARG A 212 -33.32 -26.81 61.17
N ARG A 213 -33.47 -25.49 61.31
CA ARG A 213 -34.72 -24.83 60.95
C ARG A 213 -35.04 -25.00 59.47
N LEU A 214 -34.02 -25.13 58.63
CA LEU A 214 -34.27 -25.51 57.24
C LEU A 214 -34.45 -27.01 57.10
N ALA A 215 -33.73 -27.79 57.91
CA ALA A 215 -33.92 -29.23 57.91
C ALA A 215 -35.33 -29.60 58.35
N ASP A 216 -35.86 -28.89 59.36
CA ASP A 216 -37.21 -29.14 59.83
C ASP A 216 -38.27 -28.71 58.83
N GLN A 217 -37.95 -27.79 57.92
CA GLN A 217 -38.89 -27.34 56.90
C GLN A 217 -38.79 -28.12 55.60
N SER A 218 -37.87 -29.09 55.51
CA SER A 218 -37.65 -29.85 54.29
C SER A 218 -38.34 -31.21 54.31
N LEU A 219 -38.99 -31.57 55.40
CA LEU A 219 -39.64 -32.87 55.53
C LEU A 219 -41.03 -32.87 54.90
N PRO A 220 -41.55 -34.05 54.55
CA PRO A 220 -42.92 -34.14 54.04
C PRO A 220 -43.91 -33.65 55.09
N PRO A 221 -45.15 -33.32 54.68
CA PRO A 221 -46.07 -32.65 55.61
C PRO A 221 -46.62 -33.55 56.71
N ASN A 222 -45.74 -34.17 57.49
CA ASN A 222 -46.17 -34.98 58.62
C ASN A 222 -45.39 -34.78 59.90
N PHE A 223 -44.26 -34.07 59.90
CA PHE A 223 -43.39 -33.99 61.06
C PHE A 223 -43.00 -32.54 61.32
N SER A 224 -42.32 -32.34 62.45
CA SER A 224 -41.79 -31.04 62.83
C SER A 224 -40.30 -31.07 63.11
N CYS A 225 -39.81 -32.12 63.76
CA CYS A 225 -38.38 -32.32 63.96
C CYS A 225 -37.91 -33.37 62.97
N LEU A 226 -36.82 -33.08 62.25
CA LEU A 226 -36.33 -34.05 61.28
C LEU A 226 -35.82 -35.32 61.93
N GLU A 227 -35.52 -35.28 63.23
CA GLU A 227 -35.13 -36.50 63.94
C GLU A 227 -36.28 -37.49 63.98
N ASN A 228 -37.50 -37.00 64.13
CA ASN A 228 -38.67 -37.87 64.03
C ASN A 228 -38.70 -38.56 62.68
N PHE A 229 -38.44 -37.81 61.61
CA PHE A 229 -38.45 -38.40 60.28
C PHE A 229 -37.31 -39.39 60.11
N ARG A 230 -36.14 -39.10 60.69
CA ARG A 230 -35.03 -40.04 60.58
C ARG A 230 -35.32 -41.34 61.31
N ALA A 231 -35.93 -41.26 62.50
CA ALA A 231 -36.33 -42.47 63.20
C ALA A 231 -37.42 -43.21 62.45
N TYR A 232 -38.31 -42.48 61.77
CA TYR A 232 -39.34 -43.13 60.96
C TYR A 232 -38.73 -43.84 59.76
N VAL A 233 -37.67 -43.28 59.19
CA VAL A 233 -36.98 -43.91 58.08
C VAL A 233 -36.19 -45.12 58.55
N ASP A 234 -35.62 -45.04 59.76
CA ASP A 234 -34.87 -46.16 60.31
C ASP A 234 -35.70 -47.43 60.36
N GLY A 235 -36.97 -47.30 60.77
CA GLY A 235 -37.89 -48.42 60.75
C GLY A 235 -38.86 -48.35 59.59
N PHE A 236 -38.61 -49.13 58.53
CA PHE A 236 -39.51 -49.16 57.39
C PHE A 236 -39.92 -50.60 57.11
N GLU A 237 -41.13 -50.76 56.62
CA GLU A 237 -41.73 -52.07 56.41
C GLU A 237 -42.13 -52.24 54.95
N PRO A 238 -41.42 -53.05 54.16
CA PRO A 238 -41.90 -53.32 52.80
C PRO A 238 -43.11 -54.24 52.83
N ASN A 239 -44.26 -53.67 53.21
CA ASN A 239 -45.48 -54.45 53.41
C ASN A 239 -46.31 -54.58 52.14
N GLY A 240 -46.02 -53.79 51.12
CA GLY A 240 -46.82 -53.80 49.91
C GLY A 240 -47.72 -52.58 49.81
N TYR A 241 -47.20 -51.42 50.23
CA TYR A 241 -47.95 -50.17 50.11
C TYR A 241 -48.26 -49.83 48.66
N ILE A 242 -47.45 -50.34 47.73
CA ILE A 242 -47.63 -50.01 46.31
C ILE A 242 -48.99 -50.47 45.83
N GLU A 243 -49.41 -51.69 46.21
CA GLU A 243 -50.69 -52.21 45.73
C GLU A 243 -51.86 -51.38 46.23
N GLY A 244 -51.82 -50.96 47.50
CA GLY A 244 -52.85 -50.09 48.01
C GLY A 244 -52.87 -48.75 47.31
N LYS A 245 -51.69 -48.17 47.07
CA LYS A 245 -51.61 -46.90 46.34
C LYS A 245 -52.15 -47.05 44.92
N LEU A 246 -51.92 -48.20 44.29
CA LEU A 246 -52.43 -48.43 42.94
C LEU A 246 -53.94 -48.51 42.95
N SER A 247 -54.50 -49.31 43.87
CA SER A 247 -55.96 -49.40 43.95
C SER A 247 -56.57 -48.06 44.35
N GLN A 248 -55.80 -47.21 45.03
CA GLN A 248 -56.28 -45.88 45.39
C GLN A 248 -56.22 -44.90 44.22
N MET A 249 -55.25 -45.05 43.33
CA MET A 249 -55.10 -44.12 42.21
C MET A 249 -56.15 -44.38 41.15
N SER A 250 -56.51 -43.32 40.43
CA SER A 250 -57.57 -43.43 39.43
C SER A 250 -57.14 -44.37 38.31
N LYS A 251 -58.13 -45.04 37.72
CA LYS A 251 -57.86 -45.95 36.62
C LYS A 251 -57.57 -45.23 35.31
N GLU A 252 -57.85 -43.93 35.24
CA GLU A 252 -57.61 -43.16 34.03
C GLU A 252 -56.14 -42.83 33.82
N VAL A 253 -55.34 -42.83 34.88
CA VAL A 253 -53.90 -42.64 34.78
C VAL A 253 -53.31 -43.94 34.24
N ASN A 254 -53.03 -43.99 32.93
CA ASN A 254 -52.58 -45.22 32.31
C ASN A 254 -51.85 -44.91 31.01
N ALA A 255 -50.97 -45.83 30.62
CA ALA A 255 -50.23 -45.73 29.36
C ALA A 255 -50.96 -46.58 28.32
N LYS A 256 -52.07 -46.04 27.81
CA LYS A 256 -52.89 -46.72 26.82
C LYS A 256 -52.14 -46.80 25.49
N ILE A 257 -51.80 -48.02 25.07
CA ILE A 257 -51.09 -48.23 23.81
C ILE A 257 -52.06 -48.04 22.65
N GLU A 258 -51.76 -47.09 21.77
CA GLU A 258 -52.48 -46.95 20.51
C GLU A 258 -51.74 -47.71 19.42
N PRO A 259 -52.38 -48.65 18.72
CA PRO A 259 -51.68 -49.42 17.69
C PRO A 259 -51.21 -48.53 16.55
N PHE A 260 -50.17 -48.99 15.85
CA PHE A 260 -49.55 -48.25 14.76
C PHE A 260 -49.51 -49.10 13.50
N LEU A 261 -50.49 -48.90 12.62
CA LEU A 261 -50.53 -49.55 11.31
C LEU A 261 -50.25 -48.53 10.21
N LYS A 262 -50.11 -49.01 8.98
CA LYS A 262 -49.78 -48.13 7.86
C LYS A 262 -50.88 -47.15 7.53
N THR A 263 -52.02 -47.23 8.22
CA THR A 263 -53.13 -46.32 8.04
C THR A 263 -53.05 -45.16 9.01
N THR A 264 -52.42 -45.36 10.17
CA THR A 264 -52.32 -44.30 11.16
C THR A 264 -51.49 -43.10 10.70
N PRO A 265 -50.36 -43.24 9.99
CA PRO A 265 -49.54 -42.06 9.71
C PRO A 265 -50.25 -41.11 8.76
N ARG A 266 -50.51 -39.92 9.24
CA ARG A 266 -51.06 -38.92 8.34
C ARG A 266 -49.95 -37.97 7.90
N PRO A 267 -50.00 -37.44 6.68
CA PRO A 267 -48.93 -36.53 6.25
C PRO A 267 -48.86 -35.30 7.16
N ILE A 268 -47.66 -34.72 7.23
CA ILE A 268 -47.41 -33.65 8.19
C ILE A 268 -48.19 -32.40 7.80
N ARG A 269 -48.83 -31.78 8.78
CA ARG A 269 -49.45 -30.48 8.57
C ARG A 269 -48.39 -29.43 8.25
N LEU A 270 -48.68 -28.60 7.26
CA LEU A 270 -47.72 -27.63 6.73
C LEU A 270 -48.26 -26.21 6.91
N PRO A 271 -47.40 -25.24 7.22
CA PRO A 271 -47.88 -23.87 7.36
C PRO A 271 -48.33 -23.30 6.03
N ASP A 272 -49.31 -22.38 6.10
CA ASP A 272 -49.82 -21.71 4.93
C ASP A 272 -49.78 -20.21 5.15
N GLY A 273 -49.49 -19.47 4.08
CA GLY A 273 -49.40 -18.03 4.15
C GLY A 273 -48.41 -17.48 3.14
N PRO A 274 -47.62 -16.50 3.55
CA PRO A 274 -46.65 -15.91 2.62
C PRO A 274 -45.51 -16.89 2.35
N PRO A 275 -44.96 -16.87 1.13
CA PRO A 275 -43.86 -17.78 0.83
C PRO A 275 -42.61 -17.44 1.63
N CYS A 276 -41.88 -18.48 2.02
CA CYS A 276 -40.66 -18.29 2.80
C CYS A 276 -39.55 -17.76 1.89
N PHE A 277 -38.90 -16.68 2.34
CA PHE A 277 -37.83 -16.07 1.58
C PHE A 277 -36.50 -16.69 1.99
N GLN A 278 -35.40 -16.08 1.58
CA GLN A 278 -34.07 -16.61 1.84
C GLN A 278 -33.41 -15.82 2.95
N ARG A 279 -32.97 -16.51 4.00
CA ARG A 279 -32.25 -15.90 5.10
C ARG A 279 -30.80 -16.37 5.16
N SER A 280 -30.32 -17.06 4.13
CA SER A 280 -28.94 -17.53 4.14
C SER A 280 -27.99 -16.35 4.20
N LYS A 281 -26.79 -16.60 4.71
CA LYS A 281 -25.86 -15.50 4.93
C LYS A 281 -25.33 -14.93 3.62
N PHE A 282 -25.09 -15.79 2.62
CA PHE A 282 -24.63 -15.33 1.33
C PHE A 282 -25.31 -16.12 0.21
N LEU A 283 -25.21 -15.58 -0.99
CA LEU A 283 -25.88 -16.18 -2.16
C LEU A 283 -25.15 -17.45 -2.61
N LEU A 284 -25.92 -18.48 -2.91
CA LEU A 284 -25.37 -19.77 -3.29
C LEU A 284 -25.29 -20.00 -4.79
N MET A 285 -26.43 -20.02 -5.48
CA MET A 285 -26.47 -20.42 -6.87
C MET A 285 -26.50 -19.26 -7.85
N ASP A 286 -27.04 -18.12 -7.44
CA ASP A 286 -27.23 -17.02 -8.38
C ASP A 286 -25.98 -16.17 -8.54
N ALA A 287 -25.14 -16.13 -7.51
CA ALA A 287 -23.90 -15.37 -7.60
C ALA A 287 -22.98 -15.99 -8.65
N LEU A 288 -22.27 -15.14 -9.37
CA LEU A 288 -21.35 -15.58 -10.41
C LEU A 288 -19.95 -15.07 -10.12
N LYS A 289 -18.98 -15.74 -10.73
CA LYS A 289 -17.57 -15.60 -10.40
C LYS A 289 -16.87 -14.63 -11.35
N LEU A 290 -15.79 -14.03 -10.85
CA LEU A 290 -14.94 -13.12 -11.62
C LEU A 290 -13.52 -13.70 -11.61
N SER A 291 -13.23 -14.49 -12.63
CA SER A 291 -12.01 -15.30 -12.69
C SER A 291 -10.80 -14.45 -13.09
N ILE A 292 -9.63 -14.87 -12.60
CA ILE A 292 -8.38 -14.21 -13.00
C ILE A 292 -7.35 -15.26 -13.45
N GLU A 293 -7.63 -16.54 -13.19
CA GLU A 293 -6.76 -17.65 -13.55
C GLU A 293 -5.29 -17.35 -13.29
N ASP A 294 -4.98 -17.08 -12.02
CA ASP A 294 -3.64 -16.65 -11.64
C ASP A 294 -2.98 -17.67 -10.72
N PRO A 295 -1.84 -18.25 -11.09
CA PRO A 295 -1.09 -19.10 -10.14
C PRO A 295 -0.26 -18.25 -9.18
N SER A 296 -0.96 -17.59 -8.25
CA SER A 296 -0.36 -16.71 -7.26
C SER A 296 0.30 -17.45 -6.11
N HIS A 297 0.27 -18.78 -6.11
CA HIS A 297 0.84 -19.66 -5.09
C HIS A 297 0.16 -19.49 -3.72
N GLU A 298 -0.95 -18.75 -3.65
CA GLU A 298 -1.70 -18.55 -2.41
C GLU A 298 -0.78 -18.19 -1.25
N GLY A 299 0.26 -17.41 -1.55
CA GLY A 299 1.20 -16.98 -0.53
C GLY A 299 0.68 -15.88 0.36
N GLU A 300 -0.41 -16.16 1.08
CA GLU A 300 -1.20 -15.12 1.74
C GLU A 300 -1.48 -13.98 0.77
N GLY A 301 -2.01 -14.35 -0.39
CA GLY A 301 -2.36 -13.39 -1.43
C GLY A 301 -3.24 -12.31 -0.86
N ILE A 302 -2.74 -11.08 -0.82
CA ILE A 302 -3.43 -9.97 -0.18
C ILE A 302 -4.85 -9.91 -0.75
N PRO A 303 -5.88 -10.17 0.05
CA PRO A 303 -7.22 -10.38 -0.51
C PRO A 303 -7.85 -9.14 -1.12
N LEU A 304 -7.32 -7.95 -0.87
CA LEU A 304 -7.94 -6.76 -1.44
C LEU A 304 -7.50 -6.54 -2.88
N TYR A 305 -6.19 -6.56 -3.11
CA TYR A 305 -5.68 -6.31 -4.47
C TYR A 305 -6.07 -7.42 -5.43
N ASP A 306 -6.25 -8.64 -4.93
CA ASP A 306 -6.86 -9.69 -5.74
C ASP A 306 -8.23 -9.24 -6.24
N ALA A 307 -9.00 -8.55 -5.40
CA ALA A 307 -10.31 -8.08 -5.82
C ALA A 307 -10.21 -6.93 -6.82
N ILE A 308 -9.20 -6.06 -6.69
CA ILE A 308 -9.11 -4.97 -7.66
C ILE A 308 -8.67 -5.51 -9.00
N LYS A 309 -7.83 -6.55 -9.03
CA LYS A 309 -7.55 -7.17 -10.33
C LYS A 309 -8.66 -8.10 -10.80
N CYS A 310 -9.58 -8.49 -9.92
CA CYS A 310 -10.87 -9.01 -10.38
C CYS A 310 -11.63 -7.94 -11.15
N MET A 311 -11.76 -6.76 -10.55
CA MET A 311 -12.48 -5.66 -11.19
C MET A 311 -11.81 -5.26 -12.50
N ARG A 312 -10.48 -5.34 -12.55
CA ARG A 312 -9.75 -5.08 -13.80
C ARG A 312 -10.12 -6.03 -14.92
N THR A 313 -10.86 -7.10 -14.65
CA THR A 313 -11.21 -8.07 -15.68
C THR A 313 -12.59 -7.86 -16.27
N PHE A 314 -13.39 -6.94 -15.72
CA PHE A 314 -14.75 -6.73 -16.20
C PHE A 314 -14.96 -5.27 -16.56
N PHE A 315 -15.65 -5.05 -17.68
CA PHE A 315 -16.01 -3.73 -18.14
C PHE A 315 -17.46 -3.76 -18.61
N GLY A 316 -18.14 -2.62 -18.49
CA GLY A 316 -19.55 -2.56 -18.82
C GLY A 316 -20.41 -2.30 -17.60
N TRP A 317 -19.89 -1.50 -16.68
CA TRP A 317 -20.64 -1.07 -15.50
C TRP A 317 -21.64 0.00 -15.91
N LYS A 318 -22.92 -0.37 -15.96
CA LYS A 318 -23.97 0.59 -16.25
C LYS A 318 -24.17 1.51 -15.04
N GLU A 319 -24.93 2.59 -15.26
CA GLU A 319 -25.33 3.45 -14.17
C GLU A 319 -26.15 2.66 -13.16
N PRO A 320 -25.84 2.71 -11.86
CA PRO A 320 -26.59 1.93 -10.87
C PRO A 320 -28.08 2.20 -10.94
N TYR A 321 -28.86 1.19 -11.33
CA TYR A 321 -30.29 1.36 -11.54
C TYR A 321 -31.05 0.53 -10.51
N ILE A 322 -31.63 1.18 -9.51
CA ILE A 322 -32.31 0.44 -8.45
C ILE A 322 -33.52 -0.26 -9.05
N VAL A 323 -33.63 -1.57 -8.81
CA VAL A 323 -34.70 -2.40 -9.38
C VAL A 323 -35.70 -2.82 -8.32
N LYS A 324 -35.25 -3.54 -7.30
CA LYS A 324 -36.13 -4.07 -6.29
C LYS A 324 -35.84 -3.40 -4.96
N PRO A 325 -36.81 -2.75 -4.34
CA PRO A 325 -36.57 -2.10 -3.05
C PRO A 325 -36.66 -3.11 -1.92
N HIS A 326 -36.49 -2.62 -0.70
CA HIS A 326 -36.62 -3.44 0.49
C HIS A 326 -38.07 -3.59 0.94
N GLU A 327 -39.00 -2.86 0.32
CA GLU A 327 -40.42 -2.81 0.65
C GLU A 327 -40.64 -2.14 2.00
N LYS A 328 -39.57 -1.79 2.70
CA LYS A 328 -39.57 -1.05 3.96
C LYS A 328 -38.17 -0.49 4.22
N GLY A 329 -38.04 0.82 4.37
CA GLY A 329 -36.75 1.44 4.66
C GLY A 329 -36.20 2.20 3.46
N ILE A 330 -35.08 2.88 3.73
CA ILE A 330 -34.43 3.76 2.76
C ILE A 330 -33.68 2.88 1.76
N ASN A 331 -34.27 2.68 0.59
CA ASN A 331 -33.68 1.88 -0.48
C ASN A 331 -32.54 2.60 -1.20
N PRO A 332 -32.66 3.88 -1.55
CA PRO A 332 -31.55 4.55 -2.26
C PRO A 332 -30.25 4.63 -1.48
N ASN A 333 -30.30 4.51 -0.15
CA ASN A 333 -29.06 4.52 0.63
C ASN A 333 -28.13 3.40 0.21
N TYR A 334 -28.68 2.27 -0.24
CA TYR A 334 -27.85 1.17 -0.72
C TYR A 334 -27.06 1.56 -1.96
N LEU A 335 -27.72 2.18 -2.94
CA LEU A 335 -27.01 2.58 -4.15
C LEU A 335 -26.05 3.73 -3.88
N LEU A 336 -26.38 4.63 -2.95
CA LEU A 336 -25.42 5.65 -2.55
C LEU A 336 -24.18 5.03 -1.92
N SER A 337 -24.38 4.02 -1.07
CA SER A 337 -23.27 3.29 -0.49
C SER A 337 -22.46 2.58 -1.56
N TRP A 338 -23.13 2.06 -2.60
CA TRP A 338 -22.41 1.42 -3.70
C TRP A 338 -21.55 2.42 -4.47
N LYS A 339 -22.08 3.61 -4.74
CA LYS A 339 -21.28 4.66 -5.36
C LYS A 339 -20.07 4.99 -4.49
N GLN A 340 -20.27 5.06 -3.17
CA GLN A 340 -19.14 5.28 -2.27
C GLN A 340 -18.14 4.13 -2.36
N VAL A 341 -18.63 2.90 -2.48
CA VAL A 341 -17.77 1.74 -2.64
C VAL A 341 -16.87 1.91 -3.85
N LEU A 342 -17.47 2.22 -5.01
CA LEU A 342 -16.69 2.37 -6.23
C LEU A 342 -15.72 3.54 -6.12
N ALA A 343 -16.14 4.64 -5.47
CA ALA A 343 -15.26 5.79 -5.31
C ALA A 343 -14.04 5.43 -4.48
N GLU A 344 -14.26 4.97 -3.23
CA GLU A 344 -13.15 4.57 -2.38
C GLU A 344 -12.34 3.43 -2.99
N LEU A 345 -12.91 2.67 -3.93
CA LEU A 345 -12.13 1.68 -4.65
C LEU A 345 -11.16 2.37 -5.62
N GLN A 346 -11.66 3.35 -6.36
CA GLN A 346 -10.85 4.07 -7.34
C GLN A 346 -10.14 5.27 -6.74
N ASP A 347 -10.27 5.51 -5.44
CA ASP A 347 -9.58 6.60 -4.77
C ASP A 347 -8.31 6.13 -4.07
N ILE A 348 -7.78 4.97 -4.47
CA ILE A 348 -6.53 4.47 -3.89
C ILE A 348 -5.33 5.05 -4.60
N GLU A 349 -5.43 5.27 -5.91
CA GLU A 349 -4.33 5.83 -6.69
C GLU A 349 -4.01 7.27 -6.32
N ASN A 350 -4.89 7.95 -5.58
CA ASN A 350 -4.57 9.28 -5.08
C ASN A 350 -3.77 9.23 -3.78
N GLU A 351 -3.64 8.05 -3.17
CA GLU A 351 -2.91 7.89 -1.93
C GLU A 351 -1.46 7.54 -2.20
N GLU A 352 -0.55 8.25 -1.52
CA GLU A 352 0.87 8.00 -1.61
C GLU A 352 1.26 6.60 -1.15
N LYS A 353 0.35 5.87 -0.53
CA LYS A 353 0.67 4.57 0.06
C LYS A 353 -0.54 3.66 0.00
N ILE A 354 -0.33 2.41 -0.42
CA ILE A 354 -1.41 1.45 -0.62
C ILE A 354 -1.66 0.71 0.69
N PRO A 355 -2.92 0.65 1.17
CA PRO A 355 -3.17 0.29 2.58
C PRO A 355 -3.39 -1.18 2.91
N ARG A 356 -3.56 -2.06 1.93
CA ARG A 356 -3.86 -3.49 2.09
C ARG A 356 -5.28 -3.75 2.61
N THR A 357 -5.94 -2.70 3.08
CA THR A 357 -7.29 -2.79 3.64
C THR A 357 -7.85 -1.38 3.64
N LYS A 358 -8.98 -1.17 2.97
CA LYS A 358 -9.53 0.17 2.83
C LYS A 358 -10.56 0.44 3.92
N ASN A 359 -10.26 1.41 4.80
CA ASN A 359 -11.17 1.81 5.86
C ASN A 359 -12.15 2.84 5.29
N MET A 360 -13.39 2.40 5.08
CA MET A 360 -14.44 3.26 4.53
C MET A 360 -14.72 4.45 5.44
N LYS A 361 -15.02 5.59 4.81
CA LYS A 361 -15.37 6.79 5.55
C LYS A 361 -16.72 6.61 6.24
N LYS A 362 -16.87 7.29 7.39
CA LYS A 362 -18.09 7.19 8.21
C LYS A 362 -19.22 7.99 7.57
N THR A 363 -19.66 7.53 6.41
CA THR A 363 -20.73 8.20 5.68
C THR A 363 -22.10 7.84 6.26
N SER A 364 -23.04 8.78 6.12
CA SER A 364 -24.36 8.62 6.73
C SER A 364 -25.12 7.46 6.13
N GLN A 365 -25.00 7.25 4.81
CA GLN A 365 -25.65 6.10 4.19
C GLN A 365 -25.09 4.79 4.75
N LEU A 366 -23.77 4.73 4.94
CA LEU A 366 -23.16 3.54 5.53
C LEU A 366 -23.48 3.43 7.01
N LYS A 367 -23.59 4.57 7.71
CA LYS A 367 -24.06 4.55 9.09
C LYS A 367 -25.45 3.94 9.19
N TRP A 368 -26.34 4.30 8.25
CA TRP A 368 -27.69 3.74 8.26
C TRP A 368 -27.69 2.27 7.88
N ALA A 369 -26.81 1.87 6.95
CA ALA A 369 -26.73 0.47 6.56
C ALA A 369 -26.27 -0.42 7.71
N LEU A 370 -25.55 0.15 8.67
CA LEU A 370 -25.04 -0.58 9.83
C LEU A 370 -25.83 -0.31 11.11
N GLY A 371 -26.91 0.47 11.03
CA GLY A 371 -27.75 0.69 12.19
C GLY A 371 -27.12 1.50 13.31
N GLU A 372 -26.50 2.62 12.96
CA GLU A 372 -25.85 3.48 13.94
C GLU A 372 -26.52 4.84 14.01
N PRO A 398 -43.55 -14.53 16.14
CA PRO A 398 -43.13 -14.59 14.74
C PRO A 398 -44.31 -14.77 13.80
N GLU A 399 -44.08 -14.58 12.50
CA GLU A 399 -45.12 -14.75 11.50
C GLU A 399 -45.01 -16.14 10.87
N LEU A 400 -46.14 -16.63 10.36
CA LEU A 400 -46.20 -17.93 9.75
C LEU A 400 -45.96 -17.77 8.25
N ARG A 401 -44.80 -18.22 7.79
CA ARG A 401 -44.43 -18.13 6.38
C ARG A 401 -44.53 -19.52 5.76
N SER A 402 -45.27 -19.62 4.66
CA SER A 402 -45.49 -20.91 4.03
C SER A 402 -44.26 -21.33 3.24
N LEU A 403 -44.25 -22.60 2.81
CA LEU A 403 -43.14 -23.13 2.05
C LEU A 403 -43.11 -22.49 0.65
N SER A 404 -41.91 -22.28 0.13
CA SER A 404 -41.71 -21.76 -1.20
C SER A 404 -41.18 -22.85 -2.12
N SER A 405 -41.08 -22.51 -3.40
CA SER A 405 -40.73 -23.49 -4.42
C SER A 405 -39.24 -23.53 -4.74
N TRP A 406 -38.45 -22.56 -4.25
CA TRP A 406 -37.09 -22.39 -4.74
C TRP A 406 -36.02 -23.11 -3.92
N ILE A 407 -36.30 -23.47 -2.67
CA ILE A 407 -35.25 -24.08 -1.84
C ILE A 407 -34.86 -25.43 -2.41
N GLN A 408 -35.83 -26.16 -2.98
CA GLN A 408 -35.52 -27.42 -3.64
C GLN A 408 -34.58 -27.18 -4.83
N ASN A 409 -34.80 -26.10 -5.57
CA ASN A 409 -33.96 -25.79 -6.72
C ASN A 409 -32.56 -25.40 -6.29
N GLU A 410 -32.45 -24.63 -5.20
CA GLU A 410 -31.14 -24.29 -4.64
C GLU A 410 -30.38 -25.55 -4.25
N PHE A 411 -31.06 -26.47 -3.56
CA PHE A 411 -30.41 -27.71 -3.16
C PHE A 411 -30.04 -28.56 -4.37
N ASN A 412 -30.89 -28.57 -5.39
CA ASN A 412 -30.58 -29.32 -6.62
C ASN A 412 -29.32 -28.79 -7.28
N LYS A 413 -29.21 -27.47 -7.42
CA LYS A 413 -27.98 -26.91 -7.98
C LYS A 413 -26.80 -27.12 -7.05
N ALA A 414 -27.04 -27.32 -5.76
CA ALA A 414 -25.96 -27.71 -4.85
C ALA A 414 -25.53 -29.15 -5.07
N CYS A 415 -26.45 -30.02 -5.51
CA CYS A 415 -26.14 -31.43 -5.76
C CYS A 415 -25.53 -31.67 -7.13
N GLU A 416 -25.47 -30.65 -7.98
CA GLU A 416 -24.99 -30.81 -9.34
C GLU A 416 -23.46 -30.80 -9.37
N LEU A 417 -22.91 -31.34 -10.45
CA LEU A 417 -21.46 -31.40 -10.60
C LEU A 417 -20.95 -30.15 -11.30
N THR A 418 -19.72 -29.77 -10.97
CA THR A 418 -19.11 -28.56 -11.51
C THR A 418 -17.82 -28.90 -12.26
N ASP A 419 -17.12 -27.86 -12.70
CA ASP A 419 -15.89 -28.01 -13.46
C ASP A 419 -14.64 -27.97 -12.61
N SER A 420 -14.72 -27.49 -11.37
CA SER A 420 -13.55 -27.26 -10.54
C SER A 420 -13.44 -28.31 -9.44
N THR A 421 -12.38 -28.21 -8.64
CA THR A 421 -12.01 -29.21 -7.65
C THR A 421 -12.18 -28.73 -6.21
N TRP A 422 -11.64 -27.55 -5.88
CA TRP A 422 -11.85 -26.83 -4.62
C TRP A 422 -11.23 -27.49 -3.39
N ILE A 423 -10.41 -28.52 -3.55
CA ILE A 423 -9.87 -29.24 -2.40
C ILE A 423 -8.36 -29.35 -2.49
N GLU A 424 -7.69 -29.17 -1.36
CA GLU A 424 -6.28 -29.50 -1.20
C GLU A 424 -6.23 -30.55 -0.09
N LEU A 425 -6.40 -31.81 -0.46
CA LEU A 425 -6.43 -32.89 0.53
C LEU A 425 -4.99 -33.37 0.69
N ASP A 426 -4.42 -33.10 1.87
CA ASP A 426 -3.00 -33.31 2.06
C ASP A 426 -2.66 -34.80 2.10
N GLU A 427 -1.37 -35.08 2.04
CA GLU A 427 -0.88 -36.44 1.87
C GLU A 427 -1.10 -37.25 3.14
N ILE A 428 -0.94 -38.56 3.00
CA ILE A 428 -1.05 -39.51 4.09
C ILE A 428 0.00 -40.60 3.85
N GLY A 429 0.43 -41.24 4.93
CA GLY A 429 1.53 -42.19 4.90
C GLY A 429 1.34 -43.40 4.03
N GLU A 430 2.31 -44.31 4.08
CA GLU A 430 2.29 -45.48 3.23
C GLU A 430 1.05 -46.31 3.54
N ASP A 431 0.73 -47.21 2.61
CA ASP A 431 -0.46 -48.04 2.73
C ASP A 431 -0.05 -49.43 3.19
N VAL A 432 0.04 -49.62 4.52
CA VAL A 432 0.28 -50.95 5.05
C VAL A 432 -0.98 -51.77 4.82
N ALA A 433 -0.89 -53.09 5.01
CA ALA A 433 -1.83 -54.00 4.33
C ALA A 433 -3.23 -54.02 4.92
N PRO A 434 -3.45 -54.42 6.19
CA PRO A 434 -4.79 -54.92 6.58
C PRO A 434 -6.01 -54.07 6.27
N ILE A 435 -6.08 -52.86 6.79
CA ILE A 435 -7.27 -52.03 6.63
C ILE A 435 -6.96 -50.72 5.90
N GLU A 436 -5.72 -50.26 5.94
CA GLU A 436 -5.37 -49.02 5.26
C GLU A 436 -5.59 -49.13 3.75
N TYR A 437 -5.44 -50.33 3.17
CA TYR A 437 -5.87 -50.55 1.80
C TYR A 437 -7.37 -50.29 1.64
N ILE A 438 -8.17 -50.85 2.55
CA ILE A 438 -9.62 -50.67 2.50
C ILE A 438 -9.98 -49.21 2.77
N ALA A 439 -9.36 -48.62 3.80
CA ALA A 439 -9.60 -47.21 4.10
C ALA A 439 -9.29 -46.32 2.90
N SER A 440 -8.18 -46.62 2.21
CA SER A 440 -7.84 -45.90 0.99
C SER A 440 -8.92 -46.07 -0.07
N MET A 441 -9.14 -47.30 -0.51
CA MET A 441 -10.12 -47.52 -1.58
C MET A 441 -11.52 -47.09 -1.21
N ARG A 442 -11.76 -46.72 0.06
CA ARG A 442 -13.01 -46.03 0.39
C ARG A 442 -12.89 -44.52 0.25
N ARG A 443 -11.89 -43.91 0.91
CA ARG A 443 -11.83 -42.46 0.97
C ARG A 443 -11.48 -41.85 -0.38
N ASN A 444 -10.59 -42.48 -1.15
CA ASN A 444 -10.23 -41.91 -2.44
C ASN A 444 -11.38 -42.04 -3.43
N TYR A 445 -12.14 -43.13 -3.36
CA TYR A 445 -13.37 -43.23 -4.14
C TYR A 445 -14.34 -42.12 -3.78
N PHE A 446 -14.54 -41.89 -2.48
CA PHE A 446 -15.43 -40.82 -2.05
C PHE A 446 -14.95 -39.45 -2.54
N THR A 447 -13.65 -39.20 -2.42
CA THR A 447 -13.10 -37.91 -2.85
C THR A 447 -13.28 -37.71 -4.35
N ALA A 448 -12.95 -38.73 -5.14
CA ALA A 448 -13.11 -38.64 -6.59
C ALA A 448 -14.57 -38.43 -6.97
N GLU A 449 -15.50 -39.02 -6.21
CA GLU A 449 -16.93 -38.82 -6.47
C GLU A 449 -17.46 -37.53 -5.87
N VAL A 450 -16.66 -36.82 -5.07
CA VAL A 450 -17.13 -35.64 -4.35
C VAL A 450 -16.33 -34.39 -4.69
N SER A 451 -15.08 -34.51 -5.12
CA SER A 451 -14.20 -33.35 -5.29
C SER A 451 -14.86 -32.24 -6.11
N HIS A 452 -15.41 -32.59 -7.29
CA HIS A 452 -15.95 -31.59 -8.19
C HIS A 452 -17.36 -31.12 -7.83
N CYS A 453 -17.84 -31.39 -6.62
CA CYS A 453 -19.22 -31.02 -6.28
C CYS A 453 -19.32 -29.52 -5.99
N ARG A 454 -20.52 -28.98 -6.22
CA ARG A 454 -20.75 -27.56 -5.94
C ARG A 454 -20.80 -27.28 -4.44
N ALA A 455 -21.28 -28.25 -3.64
CA ALA A 455 -21.28 -28.07 -2.19
C ALA A 455 -19.87 -27.89 -1.64
N THR A 456 -18.87 -28.50 -2.29
CA THR A 456 -17.49 -28.24 -1.91
C THR A 456 -17.13 -26.78 -2.13
N GLU A 457 -17.56 -26.22 -3.26
CA GLU A 457 -17.36 -24.80 -3.52
C GLU A 457 -18.04 -23.95 -2.45
N TYR A 458 -19.27 -24.33 -2.06
CA TYR A 458 -19.99 -23.58 -1.03
C TYR A 458 -19.24 -23.60 0.29
N ILE A 459 -18.73 -24.78 0.68
CA ILE A 459 -17.97 -24.90 1.93
C ILE A 459 -16.74 -24.01 1.89
N MET A 460 -15.96 -24.08 0.80
CA MET A 460 -14.76 -23.27 0.70
C MET A 460 -15.09 -21.78 0.69
N LYS A 461 -16.19 -21.41 0.05
CA LYS A 461 -16.64 -20.03 0.02
C LYS A 461 -16.94 -19.52 1.44
N GLY A 462 -17.76 -20.27 2.18
CA GLY A 462 -18.04 -19.89 3.55
C GLY A 462 -16.78 -19.80 4.39
N VAL A 463 -15.87 -20.77 4.20
CA VAL A 463 -14.60 -20.75 4.94
C VAL A 463 -13.85 -19.45 4.68
N TYR A 464 -13.65 -19.11 3.41
CA TYR A 464 -12.87 -17.91 3.08
C TYR A 464 -13.53 -16.66 3.61
N ILE A 465 -14.83 -16.50 3.36
CA ILE A 465 -15.52 -15.28 3.79
C ILE A 465 -15.46 -15.13 5.31
N ASN A 466 -15.78 -16.20 6.04
CA ASN A 466 -15.79 -16.10 7.50
C ASN A 466 -14.39 -15.90 8.06
N THR A 467 -13.39 -16.53 7.44
CA THR A 467 -12.01 -16.38 7.90
C THR A 467 -11.54 -14.94 7.74
N ALA A 468 -11.77 -14.36 6.55
CA ALA A 468 -11.38 -12.98 6.34
C ALA A 468 -12.14 -12.04 7.29
N LEU A 469 -13.44 -12.30 7.48
CA LEU A 469 -14.24 -11.48 8.39
C LEU A 469 -13.68 -11.53 9.80
N LEU A 470 -13.36 -12.73 10.30
CA LEU A 470 -12.83 -12.85 11.65
C LEU A 470 -11.48 -12.17 11.78
N ASN A 471 -10.55 -12.48 10.86
CA ASN A 471 -9.22 -11.90 10.95
C ASN A 471 -9.25 -10.38 10.82
N ALA A 472 -10.27 -9.83 10.16
CA ALA A 472 -10.43 -8.37 10.13
C ALA A 472 -11.08 -7.84 11.40
N SER A 473 -11.96 -8.64 12.02
CA SER A 473 -12.70 -8.20 13.21
C SER A 473 -11.80 -7.96 14.42
N CYS A 474 -10.51 -8.31 14.36
CA CYS A 474 -9.61 -8.05 15.47
C CYS A 474 -8.86 -6.73 15.31
N ALA A 475 -8.23 -6.51 14.16
CA ALA A 475 -7.42 -5.33 13.95
C ALA A 475 -8.23 -4.12 13.50
N ALA A 476 -9.44 -4.32 12.99
CA ALA A 476 -10.31 -3.24 12.52
C ALA A 476 -11.42 -2.95 13.53
N MET A 477 -11.08 -2.99 14.81
CA MET A 477 -12.07 -2.91 15.88
C MET A 477 -12.86 -1.61 15.88
N ASP A 478 -12.48 -0.62 15.09
CA ASP A 478 -13.16 0.67 15.08
C ASP A 478 -13.69 1.11 13.72
N ASP A 479 -13.01 0.76 12.64
CA ASP A 479 -13.32 1.29 11.31
C ASP A 479 -13.91 0.21 10.42
N PHE A 480 -14.64 0.65 9.39
CA PHE A 480 -15.25 -0.26 8.45
C PHE A 480 -14.20 -0.77 7.49
N GLN A 481 -14.10 -2.08 7.34
CA GLN A 481 -13.16 -2.67 6.41
C GLN A 481 -13.92 -3.29 5.24
N LEU A 482 -13.29 -3.29 4.08
CA LEU A 482 -13.86 -3.86 2.87
C LEU A 482 -13.27 -5.24 2.65
N ILE A 483 -14.11 -6.26 2.71
CA ILE A 483 -13.67 -7.64 2.62
C ILE A 483 -14.25 -8.28 1.36
N PRO A 484 -13.41 -8.64 0.38
CA PRO A 484 -13.93 -9.28 -0.83
C PRO A 484 -14.33 -10.72 -0.57
N MET A 485 -15.46 -11.12 -1.14
CA MET A 485 -15.92 -12.50 -1.04
C MET A 485 -15.19 -13.33 -2.09
N ILE A 486 -13.98 -13.75 -1.74
CA ILE A 486 -13.07 -14.42 -2.67
C ILE A 486 -13.06 -15.91 -2.40
N SER A 487 -13.08 -16.69 -3.47
CA SER A 487 -12.84 -18.13 -3.41
C SER A 487 -11.74 -18.49 -4.39
N LYS A 488 -11.23 -19.72 -4.28
CA LYS A 488 -10.23 -20.21 -5.22
C LYS A 488 -10.59 -21.62 -5.64
N CYS A 489 -10.18 -21.98 -6.86
CA CYS A 489 -10.52 -23.29 -7.41
C CYS A 489 -9.53 -23.63 -8.53
N ARG A 490 -9.83 -24.69 -9.26
CA ARG A 490 -8.98 -25.16 -10.35
C ARG A 490 -9.87 -25.82 -11.40
N THR A 491 -9.99 -25.18 -12.56
CA THR A 491 -10.78 -25.74 -13.66
C THR A 491 -10.11 -27.01 -14.18
N LYS A 492 -10.83 -27.73 -15.05
CA LYS A 492 -10.36 -29.03 -15.51
C LYS A 492 -9.08 -28.93 -16.33
N GLU A 493 -8.76 -27.75 -16.86
CA GLU A 493 -7.47 -27.58 -17.51
C GLU A 493 -6.31 -27.56 -16.52
N GLY A 494 -6.57 -27.59 -15.21
CA GLY A 494 -5.53 -27.70 -14.22
C GLY A 494 -4.76 -26.40 -14.04
N ARG A 495 -5.46 -25.29 -13.89
CA ARG A 495 -4.85 -23.99 -13.68
C ARG A 495 -5.58 -23.28 -12.55
N ARG A 496 -4.81 -22.71 -11.61
CA ARG A 496 -5.41 -22.07 -10.45
C ARG A 496 -6.21 -20.86 -10.85
N LYS A 497 -7.41 -20.73 -10.27
CA LYS A 497 -8.32 -19.66 -10.61
C LYS A 497 -8.82 -19.01 -9.33
N THR A 498 -8.92 -17.69 -9.35
CA THR A 498 -9.44 -16.90 -8.24
C THR A 498 -10.79 -16.32 -8.66
N ASN A 499 -11.79 -16.49 -7.79
CA ASN A 499 -13.15 -16.11 -8.09
C ASN A 499 -13.61 -15.05 -7.10
N LEU A 500 -14.42 -14.11 -7.58
CA LEU A 500 -14.99 -13.05 -6.78
C LEU A 500 -16.50 -13.14 -6.83
N TYR A 501 -17.14 -13.15 -5.65
CA TYR A 501 -18.59 -13.18 -5.54
C TYR A 501 -19.17 -11.81 -5.22
N GLY A 502 -18.40 -10.96 -4.55
CA GLY A 502 -18.88 -9.65 -4.17
C GLY A 502 -18.07 -9.11 -3.02
N PHE A 503 -18.60 -8.04 -2.42
CA PHE A 503 -17.96 -7.34 -1.33
C PHE A 503 -18.89 -7.31 -0.12
N ILE A 504 -18.30 -7.08 1.04
CA ILE A 504 -19.03 -7.02 2.30
C ILE A 504 -18.45 -5.88 3.13
N ILE A 505 -19.32 -5.02 3.64
CA ILE A 505 -18.89 -3.90 4.48
C ILE A 505 -19.19 -4.26 5.93
N LYS A 506 -18.14 -4.20 6.75
CA LYS A 506 -18.19 -4.54 8.15
C LYS A 506 -18.47 -3.31 9.01
N GLY A 507 -19.23 -3.49 10.07
CA GLY A 507 -19.43 -2.45 11.07
C GLY A 507 -18.27 -2.40 12.04
N ARG A 508 -18.54 -1.90 13.23
CA ARG A 508 -17.53 -1.90 14.29
C ARG A 508 -17.45 -3.28 14.93
N SER A 509 -16.23 -3.70 15.26
CA SER A 509 -16.00 -5.05 15.74
C SER A 509 -15.41 -5.06 17.15
N HIS A 510 -16.00 -4.27 18.04
CA HIS A 510 -15.66 -4.29 19.46
C HIS A 510 -16.23 -5.56 20.10
N LEU A 511 -15.52 -6.67 19.89
CA LEU A 511 -16.00 -7.98 20.30
C LEU A 511 -15.50 -8.27 21.72
N ARG A 512 -16.31 -7.88 22.70
CA ARG A 512 -15.98 -8.19 24.09
C ARG A 512 -16.29 -9.64 24.41
N ASN A 513 -17.51 -10.08 24.11
CA ASN A 513 -17.95 -11.45 24.30
C ASN A 513 -18.04 -12.13 22.94
N ASP A 514 -18.48 -13.39 22.94
CA ASP A 514 -18.68 -14.14 21.71
C ASP A 514 -20.08 -13.91 21.13
N THR A 515 -21.01 -13.44 21.94
CA THR A 515 -22.36 -13.08 21.48
C THR A 515 -22.46 -11.64 21.02
N ASP A 516 -21.35 -10.88 21.04
CA ASP A 516 -21.39 -9.49 20.62
C ASP A 516 -21.72 -9.41 19.14
N VAL A 517 -22.66 -8.55 18.80
CA VAL A 517 -23.18 -8.46 17.44
C VAL A 517 -22.35 -7.46 16.66
N VAL A 518 -21.95 -7.86 15.46
CA VAL A 518 -21.32 -6.97 14.49
C VAL A 518 -22.17 -7.00 13.23
N ASN A 519 -22.59 -5.83 12.77
CA ASN A 519 -23.44 -5.74 11.60
C ASN A 519 -22.59 -5.76 10.34
N PHE A 520 -23.23 -6.19 9.25
CA PHE A 520 -22.53 -6.21 7.98
C PHE A 520 -23.53 -6.04 6.84
N VAL A 521 -23.00 -5.61 5.70
CA VAL A 521 -23.78 -5.36 4.50
C VAL A 521 -23.16 -6.19 3.39
N SER A 522 -23.97 -7.00 2.72
CA SER A 522 -23.49 -7.87 1.67
C SER A 522 -23.92 -7.31 0.33
N MET A 523 -22.96 -7.20 -0.60
CA MET A 523 -23.21 -6.75 -1.96
C MET A 523 -22.61 -7.82 -2.87
N GLU A 524 -23.46 -8.65 -3.47
CA GLU A 524 -23.01 -9.80 -4.23
C GLU A 524 -23.44 -9.67 -5.69
N PHE A 525 -22.52 -10.00 -6.59
CA PHE A 525 -22.80 -10.01 -8.02
C PHE A 525 -23.64 -11.24 -8.36
N SER A 526 -24.45 -11.10 -9.40
CA SER A 526 -25.28 -12.22 -9.85
C SER A 526 -25.80 -11.95 -11.25
N LEU A 527 -26.48 -12.96 -11.80
CA LEU A 527 -27.11 -12.86 -13.12
C LEU A 527 -28.57 -13.31 -13.08
N THR A 528 -29.16 -13.40 -11.90
CA THR A 528 -30.53 -13.84 -11.75
C THR A 528 -31.39 -12.61 -11.45
N ASP A 529 -32.40 -12.39 -12.25
CA ASP A 529 -33.28 -11.24 -12.08
C ASP A 529 -34.28 -11.51 -10.95
N PRO A 530 -34.34 -10.63 -9.94
CA PRO A 530 -35.34 -10.81 -8.87
C PRO A 530 -36.76 -10.69 -9.37
N ARG A 531 -36.97 -10.10 -10.54
CA ARG A 531 -38.30 -9.93 -11.08
C ARG A 531 -38.98 -11.26 -11.40
N LEU A 532 -38.21 -12.35 -11.45
CA LEU A 532 -38.79 -13.66 -11.65
C LEU A 532 -39.46 -14.17 -10.38
N GLU A 533 -38.73 -14.16 -9.26
CA GLU A 533 -39.22 -14.62 -7.97
C GLU A 533 -39.04 -13.50 -6.96
N PRO A 534 -39.99 -12.56 -6.87
CA PRO A 534 -39.76 -11.38 -6.04
C PRO A 534 -39.86 -11.64 -4.54
N HIS A 535 -40.65 -12.62 -4.10
CA HIS A 535 -40.78 -12.88 -2.67
C HIS A 535 -39.50 -13.45 -2.05
N LYS A 536 -38.64 -14.08 -2.86
CA LYS A 536 -37.43 -14.69 -2.30
C LYS A 536 -36.50 -13.64 -1.74
N TRP A 537 -36.41 -12.48 -2.40
CA TRP A 537 -35.50 -11.42 -1.99
C TRP A 537 -36.26 -10.36 -1.19
N GLU A 538 -36.71 -10.76 0.00
CA GLU A 538 -37.44 -9.85 0.86
C GLU A 538 -36.50 -8.99 1.70
N LYS A 539 -35.41 -9.58 2.19
CA LYS A 539 -34.38 -8.86 2.92
C LYS A 539 -33.36 -8.22 2.00
N TYR A 540 -33.67 -8.09 0.71
CA TYR A 540 -32.71 -7.67 -0.30
C TYR A 540 -33.18 -6.43 -1.05
N CYS A 541 -32.21 -5.59 -1.40
CA CYS A 541 -32.38 -4.50 -2.34
C CYS A 541 -31.52 -4.82 -3.55
N VAL A 542 -32.13 -4.82 -4.73
CA VAL A 542 -31.46 -5.25 -5.96
C VAL A 542 -31.14 -4.02 -6.81
N LEU A 543 -29.91 -3.97 -7.31
CA LEU A 543 -29.46 -2.90 -8.18
C LEU A 543 -28.97 -3.50 -9.48
N GLU A 544 -29.66 -3.18 -10.58
CA GLU A 544 -29.15 -3.50 -11.90
C GLU A 544 -27.83 -2.74 -12.04
N ILE A 545 -26.71 -3.47 -12.04
CA ILE A 545 -25.41 -2.86 -11.83
C ILE A 545 -24.56 -2.81 -13.09
N GLY A 546 -24.89 -3.57 -14.13
CA GLY A 546 -24.16 -3.47 -15.37
C GLY A 546 -24.62 -4.52 -16.36
N ASP A 547 -23.76 -4.78 -17.35
CA ASP A 547 -24.01 -5.79 -18.36
C ASP A 547 -22.71 -6.50 -18.67
N MET A 548 -22.78 -7.80 -18.86
CA MET A 548 -21.59 -8.60 -19.15
C MET A 548 -21.81 -9.45 -20.38
N LEU A 549 -20.70 -9.86 -20.99
CA LEU A 549 -20.74 -10.83 -22.08
C LEU A 549 -21.22 -12.18 -21.54
N LEU A 550 -22.22 -12.76 -22.18
CA LEU A 550 -22.82 -14.00 -21.71
C LEU A 550 -22.95 -14.97 -22.87
N ARG A 551 -22.30 -16.13 -22.73
CA ARG A 551 -22.35 -17.20 -23.71
C ARG A 551 -23.49 -18.16 -23.38
N SER A 552 -24.14 -18.67 -24.42
CA SER A 552 -25.29 -19.56 -24.24
C SER A 552 -25.25 -20.65 -25.30
N ALA A 553 -26.36 -21.38 -25.44
CA ALA A 553 -26.47 -22.38 -26.49
C ALA A 553 -26.44 -21.74 -27.87
N ILE A 554 -26.76 -20.45 -27.97
CA ILE A 554 -26.75 -19.72 -29.24
C ILE A 554 -25.87 -18.49 -29.03
N GLY A 555 -24.58 -18.63 -29.32
CA GLY A 555 -23.64 -17.53 -29.28
C GLY A 555 -23.66 -16.75 -27.99
N GLN A 556 -23.60 -15.43 -28.11
CA GLN A 556 -23.66 -14.51 -26.98
C GLN A 556 -25.08 -14.00 -26.75
N MET A 557 -25.35 -13.59 -25.50
CA MET A 557 -26.67 -13.06 -25.17
C MET A 557 -26.55 -11.70 -24.48
N SER A 558 -25.43 -11.46 -23.79
CA SER A 558 -25.20 -10.21 -23.06
C SER A 558 -26.29 -9.96 -22.01
N ARG A 559 -26.36 -10.87 -21.02
CA ARG A 559 -27.37 -10.77 -19.98
C ARG A 559 -26.96 -9.75 -18.91
N PRO A 560 -27.93 -9.11 -18.27
CA PRO A 560 -27.62 -8.04 -17.31
C PRO A 560 -27.03 -8.58 -16.02
N MET A 561 -26.06 -7.85 -15.48
CA MET A 561 -25.42 -8.19 -14.21
C MET A 561 -26.07 -7.40 -13.08
N PHE A 562 -26.48 -8.12 -12.04
CA PHE A 562 -27.20 -7.55 -10.91
C PHE A 562 -26.35 -7.56 -9.66
N LEU A 563 -26.72 -6.70 -8.70
CA LEU A 563 -26.08 -6.61 -7.40
C LEU A 563 -27.15 -6.77 -6.34
N TYR A 564 -27.04 -7.83 -5.54
CA TYR A 564 -27.93 -8.05 -4.42
C TYR A 564 -27.30 -7.49 -3.15
N VAL A 565 -28.03 -6.62 -2.44
CA VAL A 565 -27.53 -5.99 -1.23
C VAL A 565 -28.46 -6.37 -0.10
N ARG A 566 -27.90 -6.79 1.02
CA ARG A 566 -28.71 -7.03 2.20
C ARG A 566 -27.96 -6.56 3.44
N THR A 567 -28.73 -6.30 4.49
CA THR A 567 -28.21 -5.93 5.80
C THR A 567 -28.45 -7.06 6.76
N ASN A 568 -27.41 -7.46 7.50
CA ASN A 568 -27.57 -8.55 8.46
C ASN A 568 -26.56 -8.36 9.58
N GLY A 569 -26.52 -9.31 10.49
CA GLY A 569 -25.59 -9.28 11.59
C GLY A 569 -25.00 -10.65 11.83
N THR A 570 -23.79 -10.66 12.39
CA THR A 570 -23.12 -11.90 12.74
C THR A 570 -22.42 -11.70 14.07
N SER A 571 -21.93 -12.79 14.65
CA SER A 571 -21.14 -12.73 15.87
C SER A 571 -19.99 -13.72 15.77
N LYS A 572 -19.19 -13.78 16.83
CA LYS A 572 -17.99 -14.62 16.81
C LYS A 572 -18.34 -16.10 16.67
N ILE A 573 -19.35 -16.56 17.41
CA ILE A 573 -19.78 -17.95 17.26
C ILE A 573 -20.40 -18.17 15.88
N LYS A 574 -21.15 -17.18 15.39
CA LYS A 574 -21.74 -17.31 14.06
C LYS A 574 -20.69 -17.47 12.98
N MET A 575 -19.51 -16.86 13.15
CA MET A 575 -18.45 -17.03 12.18
C MET A 575 -17.68 -18.33 12.41
N LYS A 576 -17.38 -18.67 13.66
CA LYS A 576 -16.61 -19.89 13.90
C LYS A 576 -17.38 -21.13 13.49
N TRP A 577 -18.72 -21.10 13.59
CA TRP A 577 -19.57 -22.13 12.98
C TRP A 577 -19.77 -21.69 11.54
N GLY A 578 -18.83 -22.09 10.68
CA GLY A 578 -18.75 -21.60 9.33
C GLY A 578 -17.31 -21.47 8.90
N MET A 579 -16.41 -21.30 9.88
CA MET A 579 -15.00 -21.51 9.66
C MET A 579 -14.59 -22.96 9.90
N GLU A 580 -15.46 -23.73 10.55
CA GLU A 580 -15.30 -25.17 10.71
C GLU A 580 -16.27 -25.95 9.84
N MET A 581 -16.62 -25.41 8.67
CA MET A 581 -17.59 -26.06 7.80
C MET A 581 -17.06 -27.31 7.11
N ARG A 582 -15.75 -27.51 7.06
CA ARG A 582 -15.21 -28.70 6.40
C ARG A 582 -15.68 -29.99 7.06
N ARG A 583 -16.17 -29.92 8.30
CA ARG A 583 -16.80 -31.09 8.92
C ARG A 583 -17.86 -31.70 8.03
N CYS A 584 -18.52 -30.88 7.20
CA CYS A 584 -19.57 -31.38 6.32
C CYS A 584 -19.06 -32.49 5.39
N LEU A 585 -17.75 -32.50 5.11
CA LEU A 585 -17.17 -33.63 4.41
C LEU A 585 -17.08 -34.84 5.33
N LEU A 586 -16.41 -34.66 6.48
CA LEU A 586 -16.29 -35.73 7.47
C LEU A 586 -17.65 -36.29 7.84
N GLN A 587 -18.56 -35.41 8.29
CA GLN A 587 -19.91 -35.84 8.64
C GLN A 587 -20.55 -36.60 7.50
N SER A 588 -20.25 -36.22 6.25
CA SER A 588 -20.71 -37.00 5.11
C SER A 588 -20.04 -38.36 5.09
N LEU A 589 -18.69 -38.37 5.02
CA LEU A 589 -17.96 -39.62 4.84
C LEU A 589 -18.35 -40.64 5.90
N GLN A 590 -18.29 -40.26 7.17
CA GLN A 590 -18.67 -41.19 8.23
C GLN A 590 -20.11 -41.64 8.09
N GLN A 591 -21.03 -40.71 7.78
CA GLN A 591 -22.41 -41.13 7.61
C GLN A 591 -22.62 -41.88 6.30
N ILE A 592 -21.64 -41.82 5.39
CA ILE A 592 -21.53 -42.83 4.34
C ILE A 592 -20.83 -44.07 4.88
N GLU A 593 -19.69 -43.87 5.54
CA GLU A 593 -18.93 -45.01 6.06
C GLU A 593 -19.76 -45.84 7.02
N SER A 594 -20.60 -45.19 7.82
CA SER A 594 -21.53 -45.91 8.67
C SER A 594 -22.32 -46.93 7.85
N MET A 595 -22.93 -46.48 6.75
CA MET A 595 -23.66 -47.40 5.87
C MET A 595 -22.74 -48.47 5.31
N ILE A 596 -21.46 -48.16 5.09
CA ILE A 596 -20.55 -49.15 4.55
C ILE A 596 -20.05 -50.12 5.61
N GLU A 597 -20.41 -49.91 6.87
CA GLU A 597 -20.04 -50.86 7.91
C GLU A 597 -21.18 -51.80 8.29
N ALA A 598 -22.30 -51.23 8.76
CA ALA A 598 -23.39 -52.06 9.27
C ALA A 598 -23.91 -53.02 8.20
N GLU A 599 -24.37 -52.47 7.07
CA GLU A 599 -24.85 -53.30 5.98
C GLU A 599 -23.79 -54.23 5.44
N SER A 600 -22.51 -53.95 5.70
CA SER A 600 -21.43 -54.81 5.25
C SER A 600 -20.87 -55.67 6.37
N SER A 601 -21.35 -55.49 7.61
CA SER A 601 -20.94 -56.36 8.70
C SER A 601 -21.40 -57.80 8.49
N VAL A 602 -22.47 -57.99 7.70
CA VAL A 602 -22.97 -59.34 7.43
C VAL A 602 -22.19 -59.84 6.21
N LYS A 603 -20.97 -60.31 6.47
CA LYS A 603 -20.07 -60.82 5.45
C LYS A 603 -18.87 -61.46 6.13
N GLU A 604 -18.46 -62.62 5.62
CA GLU A 604 -17.19 -63.20 6.04
C GLU A 604 -16.04 -62.31 5.61
N LYS A 605 -15.94 -62.06 4.30
CA LYS A 605 -15.03 -61.06 3.75
C LYS A 605 -15.88 -59.84 3.39
N ASP A 606 -15.60 -58.70 4.02
CA ASP A 606 -16.52 -57.57 3.98
C ASP A 606 -16.78 -57.10 2.55
N MET A 607 -18.04 -56.74 2.30
CA MET A 607 -18.47 -56.14 1.04
C MET A 607 -18.09 -54.65 1.06
N THR A 608 -17.00 -54.32 0.41
CA THR A 608 -16.51 -52.94 0.32
C THR A 608 -16.40 -52.46 -1.12
N LYS A 609 -15.87 -53.29 -2.02
CA LYS A 609 -15.78 -52.93 -3.42
C LYS A 609 -17.10 -53.20 -4.13
N GLU A 610 -17.90 -54.14 -3.62
CA GLU A 610 -19.22 -54.41 -4.18
C GLU A 610 -20.19 -53.26 -3.92
N PHE A 611 -19.86 -52.36 -2.99
CA PHE A 611 -20.65 -51.15 -2.82
C PHE A 611 -20.63 -50.29 -4.07
N PHE A 612 -19.43 -50.03 -4.59
CA PHE A 612 -19.26 -49.33 -5.85
C PHE A 612 -19.16 -50.34 -7.00
N GLU A 613 -18.83 -49.87 -8.20
CA GLU A 613 -18.51 -50.71 -9.35
C GLU A 613 -19.66 -51.62 -9.77
N ASN A 614 -20.83 -51.47 -9.17
CA ASN A 614 -22.02 -52.25 -9.51
C ASN A 614 -23.11 -51.22 -9.78
N LYS A 615 -23.16 -50.74 -11.02
CA LYS A 615 -24.12 -49.71 -11.40
C LYS A 615 -25.56 -50.21 -11.39
N SER A 616 -25.78 -51.53 -11.36
CA SER A 616 -27.13 -52.05 -11.26
C SER A 616 -27.78 -51.69 -9.94
N GLU A 617 -27.00 -51.60 -8.87
CA GLU A 617 -27.51 -51.17 -7.57
C GLU A 617 -27.76 -49.67 -7.59
N THR A 618 -29.04 -49.28 -7.57
CA THR A 618 -29.46 -47.90 -7.65
C THR A 618 -30.05 -47.46 -6.30
N TRP A 619 -29.97 -46.17 -6.02
CA TRP A 619 -30.46 -45.63 -4.76
C TRP A 619 -31.57 -44.63 -5.00
N PRO A 620 -32.72 -44.79 -4.35
CA PRO A 620 -33.86 -43.86 -4.57
C PRO A 620 -33.58 -42.50 -3.95
N ILE A 621 -33.56 -41.46 -4.79
CA ILE A 621 -33.25 -40.13 -4.33
C ILE A 621 -34.22 -39.08 -4.88
N GLY A 622 -35.01 -39.44 -5.87
CA GLY A 622 -35.85 -38.46 -6.57
C GLY A 622 -37.18 -39.03 -6.99
N GLU A 623 -38.17 -38.12 -7.12
CA GLU A 623 -39.50 -38.45 -7.66
C GLU A 623 -40.00 -37.28 -8.49
N SER A 624 -39.64 -37.25 -9.78
CA SER A 624 -40.28 -36.28 -10.67
C SER A 624 -41.61 -36.73 -11.26
N PRO A 625 -41.69 -37.91 -11.97
CA PRO A 625 -42.90 -38.28 -12.72
C PRO A 625 -43.92 -39.12 -11.95
N LYS A 626 -44.28 -38.67 -10.75
CA LYS A 626 -45.14 -39.46 -9.85
C LYS A 626 -44.59 -40.86 -9.61
N GLY A 627 -43.28 -41.02 -9.72
CA GLY A 627 -42.65 -42.32 -9.52
C GLY A 627 -41.26 -42.17 -8.96
N VAL A 628 -40.82 -43.19 -8.24
CA VAL A 628 -39.51 -43.17 -7.61
C VAL A 628 -38.44 -43.15 -8.70
N GLU A 629 -37.60 -42.11 -8.70
CA GLU A 629 -36.51 -41.98 -9.66
C GLU A 629 -35.18 -42.25 -8.94
N ASP A 630 -34.76 -43.52 -8.99
CA ASP A 630 -33.51 -43.93 -8.38
C ASP A 630 -32.33 -43.50 -9.25
N GLY A 631 -31.24 -43.06 -8.60
CA GLY A 631 -30.05 -42.62 -9.26
C GLY A 631 -28.84 -43.47 -8.91
N SER A 632 -27.69 -43.03 -9.42
CA SER A 632 -26.43 -43.73 -9.23
C SER A 632 -25.85 -43.37 -7.85
N ILE A 633 -24.61 -43.77 -7.61
CA ILE A 633 -24.04 -43.71 -6.26
C ILE A 633 -23.45 -42.34 -5.98
N GLY A 634 -22.77 -41.73 -6.96
CA GLY A 634 -22.20 -40.42 -6.76
C GLY A 634 -23.24 -39.37 -6.47
N LYS A 635 -24.43 -39.51 -7.06
CA LYS A 635 -25.54 -38.64 -6.72
C LYS A 635 -25.85 -38.73 -5.23
N VAL A 636 -25.81 -39.93 -4.66
CA VAL A 636 -26.06 -40.11 -3.23
C VAL A 636 -24.97 -39.47 -2.40
N CYS A 637 -23.71 -39.67 -2.79
CA CYS A 637 -22.60 -39.07 -2.03
C CYS A 637 -22.73 -37.56 -1.99
N ARG A 638 -22.87 -36.93 -3.16
CA ARG A 638 -23.01 -35.48 -3.20
C ARG A 638 -24.31 -35.02 -2.56
N THR A 639 -25.37 -35.84 -2.58
CA THR A 639 -26.62 -35.45 -1.94
C THR A 639 -26.44 -35.36 -0.43
N LEU A 640 -25.78 -36.35 0.18
CA LEU A 640 -25.53 -36.29 1.62
C LEU A 640 -24.59 -35.14 1.95
N LEU A 641 -23.58 -34.90 1.10
CA LEU A 641 -22.70 -33.77 1.33
C LEU A 641 -23.47 -32.45 1.31
N ALA A 642 -24.31 -32.24 0.30
CA ALA A 642 -25.09 -31.02 0.21
C ALA A 642 -26.10 -30.91 1.35
N LYS A 643 -26.64 -32.05 1.80
CA LYS A 643 -27.50 -32.01 2.98
C LYS A 643 -26.75 -31.45 4.17
N SER A 644 -25.55 -31.98 4.43
CA SER A 644 -24.75 -31.45 5.54
C SER A 644 -24.41 -29.98 5.33
N VAL A 645 -24.13 -29.59 4.08
CA VAL A 645 -23.77 -28.19 3.80
C VAL A 645 -24.92 -27.26 4.13
N PHE A 646 -26.12 -27.58 3.65
CA PHE A 646 -27.28 -26.74 3.93
C PHE A 646 -27.66 -26.78 5.41
N ASN A 647 -27.48 -27.93 6.07
CA ASN A 647 -27.71 -27.98 7.52
C ASN A 647 -26.76 -27.04 8.24
N SER A 648 -25.54 -26.90 7.75
CA SER A 648 -24.58 -26.00 8.39
C SER A 648 -24.89 -24.55 8.10
N LEU A 649 -25.20 -24.22 6.84
CA LEU A 649 -25.40 -22.81 6.48
C LEU A 649 -26.78 -22.31 6.90
N TYR A 650 -27.82 -23.10 6.66
CA TYR A 650 -29.16 -22.78 7.14
C TYR A 650 -29.40 -23.28 8.56
N ALA A 651 -28.34 -23.45 9.34
CA ALA A 651 -28.45 -23.94 10.72
C ALA A 651 -29.45 -23.10 11.51
N SER A 652 -30.48 -23.77 12.03
CA SER A 652 -31.54 -23.13 12.77
C SER A 652 -32.01 -24.09 13.84
N PRO A 653 -32.30 -23.61 15.05
CA PRO A 653 -32.85 -24.49 16.09
C PRO A 653 -34.16 -25.14 15.68
N GLN A 654 -34.90 -24.54 14.74
CA GLN A 654 -36.09 -25.19 14.21
C GLN A 654 -35.73 -26.48 13.48
N LEU A 655 -34.66 -26.45 12.68
CA LEU A 655 -34.20 -27.67 12.03
C LEU A 655 -33.73 -28.69 13.06
N GLU A 656 -33.07 -28.24 14.12
CA GLU A 656 -32.66 -29.13 15.19
C GLU A 656 -33.85 -29.85 15.79
N GLY A 657 -34.87 -29.10 16.21
CA GLY A 657 -36.05 -29.72 16.78
C GLY A 657 -36.79 -30.62 15.81
N PHE A 658 -36.87 -30.20 14.55
CA PHE A 658 -37.55 -31.03 13.55
C PHE A 658 -36.82 -32.34 13.34
N SER A 659 -35.49 -32.31 13.25
CA SER A 659 -34.72 -33.54 13.10
C SER A 659 -34.93 -34.45 14.31
N ALA A 660 -34.85 -33.87 15.51
CA ALA A 660 -35.01 -34.66 16.73
C ALA A 660 -36.39 -35.32 16.79
N GLU A 661 -37.42 -34.61 16.35
CA GLU A 661 -38.79 -35.14 16.43
C GLU A 661 -39.17 -36.01 15.24
N SER A 662 -38.52 -35.87 14.09
CA SER A 662 -38.79 -36.71 12.94
C SER A 662 -38.02 -38.01 12.97
N ARG A 663 -36.87 -38.04 13.68
CA ARG A 663 -36.16 -39.29 13.88
C ARG A 663 -37.06 -40.34 14.52
N LYS A 664 -37.93 -39.92 15.44
CA LYS A 664 -38.80 -40.86 16.13
C LYS A 664 -39.81 -41.49 15.19
N LEU A 665 -40.48 -40.67 14.37
CA LEU A 665 -41.45 -41.22 13.43
C LEU A 665 -40.77 -42.08 12.38
N LEU A 666 -39.58 -41.67 11.93
CA LEU A 666 -38.82 -42.52 11.01
C LEU A 666 -38.49 -43.86 11.63
N LEU A 667 -38.09 -43.87 12.90
CA LEU A 667 -37.76 -45.13 13.57
C LEU A 667 -39.00 -46.02 13.72
N VAL A 668 -40.15 -45.40 14.03
CA VAL A 668 -41.38 -46.19 14.14
C VAL A 668 -41.74 -46.80 12.80
N VAL A 669 -41.64 -46.02 11.73
CA VAL A 669 -41.93 -46.55 10.39
C VAL A 669 -40.96 -47.65 10.02
N GLN A 670 -39.68 -47.49 10.38
CA GLN A 670 -38.68 -48.50 10.06
C GLN A 670 -38.92 -49.79 10.83
N ALA A 671 -39.28 -49.69 12.11
CA ALA A 671 -39.64 -50.87 12.88
C ALA A 671 -40.88 -51.55 12.30
N LEU A 672 -41.82 -50.77 11.78
CA LEU A 672 -42.97 -51.38 11.10
C LEU A 672 -42.54 -52.06 9.81
N ARG A 673 -41.56 -51.51 9.10
CA ARG A 673 -41.12 -52.14 7.85
C ARG A 673 -40.54 -53.51 8.12
N ASP A 674 -39.89 -53.69 9.27
CA ASP A 674 -39.43 -55.01 9.69
C ASP A 674 -40.54 -55.84 10.32
N ASN A 675 -41.77 -55.30 10.39
CA ASN A 675 -42.95 -56.01 10.89
C ASN A 675 -42.73 -56.53 12.32
N LEU A 676 -42.51 -55.58 13.22
CA LEU A 676 -42.27 -55.88 14.64
C LEU A 676 -43.38 -55.30 15.51
N GLU A 677 -44.59 -55.20 14.96
CA GLU A 677 -45.81 -54.72 15.62
C GLU A 677 -45.54 -53.58 16.61
N PRO A 678 -45.08 -52.42 16.15
CA PRO A 678 -44.78 -51.32 17.06
C PRO A 678 -46.05 -50.63 17.52
N GLY A 679 -45.89 -49.65 18.41
CA GLY A 679 -47.01 -48.88 18.90
C GLY A 679 -46.52 -47.63 19.59
N THR A 680 -47.48 -46.72 19.82
CA THR A 680 -47.19 -45.45 20.49
C THR A 680 -48.19 -45.22 21.62
N PHE A 681 -48.13 -44.05 22.25
CA PHE A 681 -49.10 -43.65 23.25
C PHE A 681 -49.93 -42.46 22.78
N ASP A 682 -49.28 -41.36 22.40
CA ASP A 682 -49.94 -40.15 21.94
C ASP A 682 -49.25 -39.72 20.64
N LEU A 683 -49.71 -40.28 19.51
CA LEU A 683 -49.16 -39.88 18.22
C LEU A 683 -49.60 -38.47 17.87
N GLU A 684 -50.84 -38.10 18.22
CA GLU A 684 -51.29 -36.73 18.03
C GLU A 684 -50.40 -35.76 18.80
N GLY A 685 -49.90 -36.17 19.96
CA GLY A 685 -48.97 -35.32 20.68
C GLY A 685 -47.66 -35.10 19.93
N LEU A 686 -47.13 -36.16 19.31
CA LEU A 686 -45.94 -36.01 18.50
C LEU A 686 -46.19 -35.13 17.29
N TYR A 687 -47.36 -35.27 16.66
CA TYR A 687 -47.71 -34.38 15.57
C TYR A 687 -47.77 -32.93 16.04
N GLU A 688 -48.34 -32.71 17.22
CA GLU A 688 -48.39 -31.38 17.81
C GLU A 688 -46.97 -30.83 18.02
N ALA A 689 -46.09 -31.66 18.57
CA ALA A 689 -44.72 -31.24 18.83
C ALA A 689 -43.98 -30.90 17.53
N ILE A 690 -44.28 -31.63 16.45
CA ILE A 690 -43.63 -31.34 15.18
C ILE A 690 -44.20 -30.09 14.55
N GLU A 691 -45.52 -29.92 14.58
CA GLU A 691 -46.13 -28.72 14.01
C GLU A 691 -45.77 -27.47 14.80
N GLU A 692 -45.35 -27.62 16.06
CA GLU A 692 -44.93 -26.47 16.85
C GLU A 692 -43.60 -25.90 16.39
N CYS A 693 -42.83 -26.63 15.57
CA CYS A 693 -41.52 -26.17 15.11
C CYS A 693 -41.46 -26.05 13.60
N LEU A 694 -42.58 -25.73 12.96
CA LEU A 694 -42.64 -25.50 11.51
C LEU A 694 -43.25 -24.12 11.28
N ILE A 695 -42.40 -23.08 11.18
CA ILE A 695 -42.92 -21.73 11.09
C ILE A 695 -42.44 -21.02 9.82
N ASN A 696 -41.14 -20.78 9.70
CA ASN A 696 -40.66 -19.91 8.61
C ASN A 696 -39.39 -20.37 7.91
N ASP A 697 -38.63 -21.33 8.45
CA ASP A 697 -37.36 -21.71 7.84
C ASP A 697 -37.62 -22.54 6.59
N PRO A 698 -37.10 -22.16 5.43
CA PRO A 698 -37.37 -22.94 4.22
C PRO A 698 -36.70 -24.31 4.21
N TRP A 699 -35.54 -24.45 4.84
CA TRP A 699 -34.86 -25.73 4.88
C TRP A 699 -35.65 -26.76 5.69
N VAL A 700 -36.18 -26.33 6.84
CA VAL A 700 -37.02 -27.20 7.66
C VAL A 700 -38.26 -27.64 6.88
N LEU A 701 -38.88 -26.71 6.17
CA LEU A 701 -40.10 -27.04 5.44
C LEU A 701 -39.82 -27.96 4.26
N LEU A 702 -38.67 -27.77 3.60
CA LEU A 702 -38.28 -28.70 2.54
C LEU A 702 -38.07 -30.10 3.09
N ASN A 703 -37.41 -30.21 4.25
CA ASN A 703 -37.25 -31.51 4.87
C ASN A 703 -38.59 -32.12 5.26
N ALA A 704 -39.55 -31.29 5.69
CA ALA A 704 -40.87 -31.78 6.08
C ALA A 704 -41.63 -32.33 4.88
N SER A 705 -41.62 -31.61 3.76
CA SER A 705 -42.27 -32.11 2.56
C SER A 705 -41.57 -33.36 2.04
N TRP A 706 -40.24 -33.40 2.14
CA TRP A 706 -39.51 -34.62 1.82
C TRP A 706 -39.99 -35.80 2.65
N PHE A 707 -40.18 -35.57 3.96
CA PHE A 707 -40.61 -36.65 4.84
C PHE A 707 -42.04 -37.09 4.52
N ASN A 708 -42.91 -36.14 4.15
CA ASN A 708 -44.26 -36.51 3.76
C ASN A 708 -44.25 -37.36 2.50
N SER A 709 -43.44 -36.99 1.52
CA SER A 709 -43.31 -37.80 0.31
C SER A 709 -42.71 -39.17 0.61
N PHE A 710 -41.80 -39.25 1.59
CA PHE A 710 -41.25 -40.53 1.98
C PHE A 710 -42.30 -41.44 2.59
N LEU A 711 -43.12 -40.90 3.49
CA LEU A 711 -44.21 -41.69 4.04
C LEU A 711 -45.21 -42.10 2.96
N THR A 712 -45.40 -41.24 1.96
CA THR A 712 -46.30 -41.57 0.85
C THR A 712 -45.80 -42.78 0.05
N HIS A 713 -44.49 -42.87 -0.17
CA HIS A 713 -43.93 -43.94 -0.99
C HIS A 713 -43.41 -45.12 -0.18
N ALA A 714 -43.76 -45.21 1.10
CA ALA A 714 -43.38 -46.36 1.91
C ALA A 714 -44.55 -47.31 2.11
N LEU A 715 -45.36 -47.55 1.07
CA LEU A 715 -46.55 -48.40 1.20
C LEU A 715 -47.42 -47.94 2.36
N ARG A 716 -47.50 -46.62 2.54
CA ARG A 716 -48.21 -46.05 3.68
C ARG A 716 -49.00 -44.80 3.30
N MET B 1 -35.36 -33.27 -12.76
CA MET B 1 -35.84 -34.07 -11.64
C MET B 1 -35.61 -33.36 -10.31
N ASP B 2 -36.34 -33.77 -9.29
CA ASP B 2 -36.24 -33.20 -7.94
C ASP B 2 -35.59 -34.20 -7.00
N VAL B 3 -34.77 -33.71 -6.08
CA VAL B 3 -33.95 -34.54 -5.22
C VAL B 3 -34.56 -34.60 -3.82
N ASN B 4 -34.58 -35.80 -3.23
CA ASN B 4 -35.05 -36.02 -1.87
C ASN B 4 -34.12 -37.02 -1.19
N PRO B 5 -33.29 -36.59 -0.24
CA PRO B 5 -32.35 -37.52 0.40
C PRO B 5 -33.00 -38.50 1.37
N THR B 6 -34.06 -38.11 2.08
CA THR B 6 -34.67 -39.01 3.05
C THR B 6 -35.25 -40.26 2.40
N LEU B 7 -35.65 -40.17 1.13
CA LEU B 7 -36.16 -41.33 0.41
C LEU B 7 -35.17 -42.49 0.40
N LEU B 8 -33.89 -42.21 0.63
CA LEU B 8 -32.88 -43.27 0.73
C LEU B 8 -33.29 -44.35 1.73
N PHE B 9 -34.11 -44.01 2.72
CA PHE B 9 -34.50 -44.98 3.73
C PHE B 9 -35.41 -46.07 3.18
N LEU B 10 -35.81 -46.00 1.90
CA LEU B 10 -36.61 -47.07 1.30
C LEU B 10 -35.75 -48.25 0.89
N LYS B 11 -34.50 -48.02 0.50
CA LYS B 11 -33.61 -49.12 0.11
C LYS B 11 -32.80 -49.65 1.28
N VAL B 12 -32.39 -48.78 2.19
CA VAL B 12 -31.57 -49.14 3.34
C VAL B 12 -32.34 -48.74 4.60
N PRO B 13 -32.51 -49.64 5.57
CA PRO B 13 -33.23 -49.28 6.80
C PRO B 13 -32.53 -48.16 7.57
N ALA B 14 -33.24 -47.67 8.60
CA ALA B 14 -32.84 -46.44 9.27
C ALA B 14 -31.56 -46.62 10.08
N GLN B 15 -31.51 -47.66 10.92
CA GLN B 15 -30.37 -47.84 11.82
C GLN B 15 -29.06 -48.01 11.07
N ASN B 16 -29.11 -48.40 9.79
CA ASN B 16 -27.89 -48.51 9.01
C ASN B 16 -27.34 -47.13 8.63
N ALA B 17 -28.19 -46.10 8.59
CA ALA B 17 -27.76 -44.78 8.15
C ALA B 17 -28.39 -43.65 8.96
N ILE B 18 -28.66 -43.88 10.25
CA ILE B 18 -29.33 -42.85 11.04
C ILE B 18 -28.45 -41.63 11.28
N SER B 19 -27.15 -41.71 11.02
CA SER B 19 -26.28 -40.56 11.22
C SER B 19 -26.62 -39.40 10.30
N THR B 20 -27.32 -39.67 9.19
CA THR B 20 -27.74 -38.58 8.30
C THR B 20 -28.79 -37.70 8.96
N THR B 21 -29.61 -38.26 9.84
CA THR B 21 -30.64 -37.48 10.52
C THR B 21 -30.04 -36.47 11.51
N PHE B 22 -28.84 -36.72 12.01
CA PHE B 22 -28.14 -35.78 12.88
C PHE B 22 -27.63 -34.59 12.09
N PRO B 23 -28.25 -33.42 12.18
CA PRO B 23 -27.87 -32.29 11.32
C PRO B 23 -26.51 -31.70 11.67
N TYR B 24 -26.29 -31.39 12.94
CA TYR B 24 -25.13 -30.61 13.36
C TYR B 24 -24.06 -31.50 13.96
N THR B 25 -22.81 -31.06 13.81
CA THR B 25 -21.67 -31.68 14.48
C THR B 25 -21.34 -30.96 15.78
N GLY B 26 -21.19 -29.64 15.72
CA GLY B 26 -20.90 -28.85 16.90
C GLY B 26 -22.14 -28.29 17.55
N ASP B 27 -22.13 -26.99 17.85
CA ASP B 27 -23.23 -26.36 18.55
C ASP B 27 -23.80 -25.20 17.75
N PRO B 28 -25.12 -25.13 17.58
CA PRO B 28 -25.73 -24.02 16.84
C PRO B 28 -25.87 -22.79 17.74
N PRO B 29 -26.15 -21.63 17.16
CA PRO B 29 -26.44 -20.45 18.01
C PRO B 29 -27.66 -20.69 18.88
N TYR B 30 -27.43 -20.65 20.20
CA TYR B 30 -28.48 -20.92 21.18
C TYR B 30 -29.52 -19.80 21.15
N SER B 31 -30.79 -20.19 20.95
CA SER B 31 -31.86 -19.20 20.96
C SER B 31 -31.96 -18.49 22.30
N HIS B 32 -31.79 -19.22 23.40
CA HIS B 32 -31.80 -18.61 24.72
C HIS B 32 -30.39 -18.27 25.19
N GLY B 33 -29.62 -17.57 24.36
CA GLY B 33 -28.35 -17.03 24.84
C GLY B 33 -28.53 -15.89 25.81
N THR B 34 -29.74 -15.35 25.89
CA THR B 34 -30.15 -14.38 26.89
C THR B 34 -31.50 -14.82 27.42
N GLY B 35 -32.17 -13.98 28.21
CA GLY B 35 -33.53 -14.28 28.61
C GLY B 35 -33.75 -14.49 30.09
N THR B 36 -34.52 -13.59 30.70
CA THR B 36 -34.95 -13.71 32.08
C THR B 36 -36.39 -14.17 32.22
N GLY B 37 -37.13 -14.25 31.12
CA GLY B 37 -38.55 -14.59 31.18
C GLY B 37 -38.89 -16.07 31.07
N TYR B 38 -38.13 -16.80 30.25
CA TYR B 38 -38.34 -18.24 30.15
C TYR B 38 -38.08 -18.93 31.48
N THR B 39 -37.19 -18.37 32.30
CA THR B 39 -36.99 -18.88 33.65
C THR B 39 -38.26 -18.76 34.46
N MET B 40 -39.00 -17.66 34.28
CA MET B 40 -40.29 -17.51 34.94
C MET B 40 -41.25 -18.59 34.48
N ASP B 41 -41.23 -18.93 33.19
CA ASP B 41 -42.06 -20.02 32.69
C ASP B 41 -41.67 -21.33 33.35
N THR B 42 -40.37 -21.57 33.55
CA THR B 42 -39.94 -22.80 34.23
C THR B 42 -40.44 -22.82 35.66
N VAL B 43 -40.35 -21.69 36.36
CA VAL B 43 -40.82 -21.61 37.74
C VAL B 43 -42.31 -21.89 37.82
N ASN B 44 -43.09 -21.26 36.94
CA ASN B 44 -44.54 -21.41 36.99
C ASN B 44 -44.97 -22.81 36.56
N ARG B 45 -44.27 -23.45 35.64
CA ARG B 45 -44.60 -24.82 35.28
C ARG B 45 -44.25 -25.77 36.43
N THR B 46 -43.13 -25.55 37.10
CA THR B 46 -42.78 -26.36 38.25
C THR B 46 -43.82 -26.23 39.35
N HIS B 47 -44.30 -25.00 39.60
CA HIS B 47 -45.34 -24.80 40.58
C HIS B 47 -46.73 -25.22 40.08
N GLN B 48 -46.86 -25.46 38.78
CA GLN B 48 -48.12 -26.01 38.25
C GLN B 48 -48.18 -27.51 38.46
N TYR B 49 -47.04 -28.18 38.30
CA TYR B 49 -47.03 -29.63 38.58
C TYR B 49 -47.08 -29.94 40.07
N SER B 50 -47.30 -28.95 40.94
CA SER B 50 -47.28 -29.18 42.38
C SER B 50 -48.38 -28.45 43.13
N GLU B 51 -49.39 -27.92 42.45
CA GLU B 51 -50.44 -27.15 43.12
C GLU B 51 -51.41 -28.04 43.88
N LYS B 52 -51.09 -28.35 45.14
CA LYS B 52 -51.99 -29.14 45.99
C LYS B 52 -52.05 -28.55 47.39
N GLY B 53 -52.09 -27.23 47.48
CA GLY B 53 -52.38 -26.55 48.74
C GLY B 53 -51.48 -26.90 49.90
N LYS B 54 -50.23 -27.26 49.63
CA LYS B 54 -49.27 -27.57 50.68
C LYS B 54 -48.34 -26.40 50.98
N TRP B 55 -48.87 -25.18 50.90
CA TRP B 55 -48.04 -24.00 51.07
C TRP B 55 -47.59 -23.87 52.52
N THR B 56 -46.33 -23.47 52.68
CA THR B 56 -45.79 -23.16 53.99
C THR B 56 -44.82 -22.00 53.82
N THR B 57 -45.00 -20.96 54.63
CA THR B 57 -44.08 -19.84 54.62
C THR B 57 -42.83 -20.24 55.39
N ASN B 58 -41.66 -20.05 54.78
CA ASN B 58 -40.42 -20.44 55.43
C ASN B 58 -40.27 -19.67 56.73
N THR B 59 -39.58 -20.29 57.68
CA THR B 59 -39.41 -19.65 58.98
C THR B 59 -38.25 -18.69 58.99
N GLU B 60 -37.23 -18.93 58.14
CA GLU B 60 -36.04 -18.10 58.13
C GLU B 60 -35.85 -17.25 56.87
N THR B 61 -36.57 -17.56 55.78
CA THR B 61 -36.48 -16.75 54.57
C THR B 61 -37.77 -16.01 54.23
N GLY B 62 -38.90 -16.38 54.83
CA GLY B 62 -40.16 -15.77 54.51
C GLY B 62 -40.69 -16.04 53.11
N ALA B 63 -40.01 -16.90 52.34
CA ALA B 63 -40.42 -17.22 50.98
C ALA B 63 -41.42 -18.38 51.01
N PRO B 64 -42.59 -18.23 50.40
CA PRO B 64 -43.56 -19.33 50.39
C PRO B 64 -43.02 -20.54 49.63
N GLN B 65 -43.36 -21.71 50.13
CA GLN B 65 -42.87 -22.97 49.57
C GLN B 65 -44.01 -23.97 49.50
N LEU B 66 -43.98 -24.81 48.47
CA LEU B 66 -44.95 -25.87 48.29
C LEU B 66 -44.33 -27.21 48.68
N ASN B 67 -45.17 -28.07 49.26
CA ASN B 67 -44.73 -29.37 49.79
C ASN B 67 -45.57 -30.49 49.19
N PRO B 68 -45.55 -30.65 47.87
CA PRO B 68 -46.47 -31.59 47.21
C PRO B 68 -46.11 -33.05 47.39
N ILE B 69 -45.07 -33.36 48.16
CA ILE B 69 -44.68 -34.75 48.35
C ILE B 69 -45.78 -35.49 49.09
N ASP B 70 -45.97 -36.76 48.72
CA ASP B 70 -47.06 -37.62 49.18
C ASP B 70 -48.38 -36.87 49.30
N GLY B 71 -48.67 -36.02 48.31
CA GLY B 71 -49.90 -35.27 48.31
C GLY B 71 -51.02 -36.07 47.68
N PRO B 72 -52.06 -35.38 47.21
CA PRO B 72 -53.20 -36.08 46.60
C PRO B 72 -52.77 -36.84 45.35
N LEU B 73 -53.37 -38.00 45.16
CA LEU B 73 -53.06 -38.81 43.99
C LEU B 73 -53.60 -38.11 42.73
N PRO B 74 -52.93 -38.29 41.60
CA PRO B 74 -53.38 -37.60 40.39
C PRO B 74 -54.61 -38.28 39.78
N GLU B 75 -55.51 -37.46 39.26
CA GLU B 75 -56.68 -37.94 38.55
C GLU B 75 -56.53 -37.86 37.04
N ASP B 76 -55.54 -37.10 36.55
CA ASP B 76 -55.31 -36.91 35.13
C ASP B 76 -54.02 -37.59 34.71
N ASN B 77 -53.90 -37.83 33.41
CA ASN B 77 -52.70 -38.46 32.85
C ASN B 77 -51.58 -37.46 32.57
N GLU B 78 -51.85 -36.16 32.72
CA GLU B 78 -50.85 -35.15 32.43
C GLU B 78 -49.73 -35.21 33.47
N PRO B 79 -48.56 -34.65 33.16
CA PRO B 79 -47.45 -34.71 34.12
C PRO B 79 -47.82 -34.09 35.47
N SER B 80 -47.54 -34.84 36.53
CA SER B 80 -47.86 -34.46 37.89
C SER B 80 -46.67 -34.74 38.80
N GLY B 81 -46.34 -33.78 39.66
CA GLY B 81 -45.19 -33.95 40.53
C GLY B 81 -45.54 -34.40 41.93
N TYR B 82 -46.47 -35.34 42.04
CA TYR B 82 -46.92 -35.87 43.33
C TYR B 82 -46.46 -37.32 43.45
N ALA B 83 -45.44 -37.53 44.29
CA ALA B 83 -44.89 -38.85 44.56
C ALA B 83 -45.09 -39.16 46.04
N GLN B 84 -45.66 -40.31 46.35
CA GLN B 84 -45.90 -40.70 47.73
C GLN B 84 -44.60 -41.17 48.38
N THR B 85 -44.40 -40.75 49.63
CA THR B 85 -43.15 -41.05 50.34
C THR B 85 -42.98 -42.55 50.55
N ASP B 86 -44.03 -43.22 51.01
CA ASP B 86 -43.93 -44.65 51.28
C ASP B 86 -43.56 -45.43 50.01
N CYS B 87 -44.05 -44.99 48.85
CA CYS B 87 -43.70 -45.64 47.59
C CYS B 87 -42.20 -45.54 47.33
N VAL B 88 -41.63 -44.35 47.51
CA VAL B 88 -40.20 -44.15 47.29
C VAL B 88 -39.39 -45.00 48.24
N LEU B 89 -39.76 -44.99 49.53
CA LEU B 89 -39.00 -45.75 50.51
C LEU B 89 -39.12 -47.25 50.27
N GLU B 90 -40.31 -47.70 49.85
CA GLU B 90 -40.51 -49.11 49.55
C GLU B 90 -39.70 -49.55 48.34
N ALA B 91 -39.64 -48.71 47.30
CA ALA B 91 -38.83 -49.04 46.13
C ALA B 91 -37.35 -49.11 46.49
N MET B 92 -36.87 -48.15 47.30
CA MET B 92 -35.46 -48.18 47.71
C MET B 92 -35.16 -49.41 48.57
N ALA B 93 -36.04 -49.71 49.52
CA ALA B 93 -35.86 -50.88 50.36
C ALA B 93 -35.88 -52.16 49.54
N PHE B 94 -36.71 -52.20 48.49
CA PHE B 94 -36.76 -53.38 47.65
C PHE B 94 -35.50 -53.52 46.80
N LEU B 95 -34.92 -52.40 46.36
CA LEU B 95 -33.61 -52.45 45.73
C LEU B 95 -32.59 -53.03 46.68
N GLU B 96 -32.55 -52.52 47.92
CA GLU B 96 -31.60 -53.04 48.90
C GLU B 96 -31.82 -54.52 49.18
N GLU B 97 -33.09 -54.96 49.17
CA GLU B 97 -33.38 -56.38 49.34
C GLU B 97 -32.92 -57.21 48.14
N SER B 98 -32.92 -56.62 46.94
CA SER B 98 -32.39 -57.32 45.78
C SER B 98 -30.87 -57.34 45.76
N HIS B 99 -30.21 -56.37 46.39
CA HIS B 99 -28.75 -56.31 46.48
C HIS B 99 -28.37 -56.07 47.93
N PRO B 100 -27.93 -57.10 48.65
CA PRO B 100 -27.75 -56.97 50.11
C PRO B 100 -26.60 -56.03 50.45
N GLY B 101 -26.91 -55.02 51.27
CA GLY B 101 -25.88 -54.17 51.83
C GLY B 101 -25.03 -53.42 50.83
N ILE B 102 -25.45 -53.35 49.57
CA ILE B 102 -24.70 -52.61 48.56
C ILE B 102 -24.58 -51.15 48.97
N PHE B 103 -25.64 -50.60 49.58
CA PHE B 103 -25.60 -49.22 50.05
C PHE B 103 -24.49 -49.02 51.07
N GLU B 104 -24.20 -50.03 51.88
CA GLU B 104 -23.20 -49.90 52.92
C GLU B 104 -21.78 -49.87 52.33
N ASN B 105 -21.51 -50.71 51.33
CA ASN B 105 -20.22 -50.62 50.64
C ASN B 105 -20.06 -49.28 49.93
N SER B 106 -21.13 -48.81 49.28
CA SER B 106 -21.09 -47.49 48.66
C SER B 106 -20.83 -46.40 49.71
N CYS B 107 -21.42 -46.55 50.90
CA CYS B 107 -21.20 -45.59 51.98
C CYS B 107 -19.77 -45.66 52.48
N LEU B 108 -19.16 -46.85 52.49
CA LEU B 108 -17.76 -46.97 52.90
C LEU B 108 -16.85 -46.24 51.92
N GLU B 109 -17.09 -46.43 50.62
CA GLU B 109 -16.31 -45.67 49.64
C GLU B 109 -16.55 -44.17 49.78
N THR B 110 -17.79 -43.77 50.06
CA THR B 110 -18.09 -42.36 50.24
C THR B 110 -17.39 -41.80 51.48
N MET B 111 -17.27 -42.60 52.53
CA MET B 111 -16.55 -42.16 53.73
C MET B 111 -15.06 -42.01 53.43
N GLU B 112 -14.50 -42.94 52.66
CA GLU B 112 -13.10 -42.80 52.26
C GLU B 112 -12.89 -41.52 51.46
N VAL B 113 -13.84 -41.21 50.57
CA VAL B 113 -13.75 -39.98 49.78
C VAL B 113 -13.83 -38.74 50.68
N VAL B 114 -14.83 -38.68 51.54
CA VAL B 114 -14.99 -37.51 52.40
C VAL B 114 -13.85 -37.37 53.40
N GLN B 115 -13.13 -38.47 53.70
CA GLN B 115 -11.94 -38.34 54.53
C GLN B 115 -10.75 -37.79 53.75
N GLN B 116 -10.52 -38.27 52.52
CA GLN B 116 -9.34 -37.84 51.78
C GLN B 116 -9.53 -36.54 51.02
N THR B 117 -10.76 -36.06 50.85
CA THR B 117 -11.02 -34.98 49.90
C THR B 117 -10.46 -33.64 50.41
N ARG B 118 -9.54 -33.07 49.62
CA ARG B 118 -9.06 -31.70 49.83
C ARG B 118 -10.02 -30.73 49.13
N VAL B 119 -9.63 -29.46 49.01
CA VAL B 119 -10.47 -28.49 48.33
C VAL B 119 -10.17 -28.40 46.83
N ASP B 120 -9.16 -29.11 46.35
CA ASP B 120 -8.85 -29.08 44.92
C ASP B 120 -9.96 -29.73 44.11
N ARG B 121 -10.56 -30.81 44.62
CA ARG B 121 -11.66 -31.46 43.92
C ARG B 121 -12.88 -30.56 43.81
N LEU B 122 -12.84 -29.36 44.39
CA LEU B 122 -13.86 -28.32 44.21
C LEU B 122 -13.53 -27.39 43.06
N THR B 123 -12.28 -27.38 42.58
CA THR B 123 -11.90 -26.57 41.43
C THR B 123 -12.11 -27.28 40.11
N GLN B 124 -12.05 -28.61 40.07
CA GLN B 124 -12.24 -29.33 38.82
C GLN B 124 -13.72 -29.29 38.42
N GLY B 125 -14.08 -28.31 37.60
CA GLY B 125 -15.46 -28.15 37.19
C GLY B 125 -15.61 -26.93 36.31
N ARG B 126 -16.81 -26.75 35.80
CA ARG B 126 -17.13 -25.64 34.91
C ARG B 126 -17.30 -24.37 35.74
N GLN B 127 -17.83 -23.32 35.09
CA GLN B 127 -18.04 -22.04 35.76
C GLN B 127 -18.97 -22.21 36.96
N THR B 128 -18.72 -21.42 38.00
CA THR B 128 -19.51 -21.43 39.22
C THR B 128 -20.13 -20.06 39.45
N TYR B 129 -20.91 -19.95 40.53
CA TYR B 129 -21.56 -18.72 40.92
C TYR B 129 -20.92 -18.18 42.20
N ASP B 130 -20.32 -16.99 42.11
CA ASP B 130 -19.83 -16.28 43.27
C ASP B 130 -20.97 -15.44 43.86
N TRP B 131 -21.34 -15.75 45.10
CA TRP B 131 -22.33 -14.98 45.83
C TRP B 131 -21.77 -13.67 46.35
N THR B 132 -20.44 -13.56 46.46
CA THR B 132 -19.84 -12.32 46.93
C THR B 132 -20.16 -11.17 45.98
N LEU B 133 -20.09 -11.41 44.68
CA LEU B 133 -20.39 -10.40 43.67
C LEU B 133 -21.73 -10.61 43.00
N ASN B 134 -22.50 -11.62 43.43
CA ASN B 134 -23.79 -11.93 42.81
C ASN B 134 -23.62 -12.13 41.31
N ARG B 135 -22.61 -12.91 40.94
CA ARG B 135 -22.24 -13.02 39.55
C ARG B 135 -21.55 -14.36 39.30
N ASN B 136 -21.62 -14.83 38.06
CA ASN B 136 -20.93 -16.05 37.68
C ASN B 136 -19.45 -15.79 37.42
N GLN B 137 -18.61 -16.62 38.01
CA GLN B 137 -17.15 -16.52 37.94
C GLN B 137 -16.60 -17.91 37.78
N PRO B 138 -15.34 -18.04 37.35
CA PRO B 138 -14.71 -19.37 37.31
C PRO B 138 -14.60 -19.97 38.71
N ALA B 139 -14.27 -21.26 38.73
CA ALA B 139 -14.34 -22.02 39.98
C ALA B 139 -13.36 -21.47 41.02
N ALA B 140 -12.07 -21.44 40.68
CA ALA B 140 -11.05 -21.03 41.63
C ALA B 140 -11.21 -19.57 42.05
N THR B 141 -11.69 -18.71 41.14
CA THR B 141 -11.88 -17.31 41.48
C THR B 141 -12.96 -17.13 42.55
N ALA B 142 -14.14 -17.71 42.33
CA ALA B 142 -15.20 -17.63 43.32
C ALA B 142 -14.79 -18.32 44.62
N LEU B 143 -14.00 -19.40 44.51
CA LEU B 143 -13.54 -20.12 45.70
C LEU B 143 -12.61 -19.23 46.53
N ALA B 144 -11.66 -18.57 45.87
CA ALA B 144 -10.74 -17.68 46.58
C ALA B 144 -11.47 -16.47 47.16
N ASN B 145 -12.46 -15.94 46.42
CA ASN B 145 -13.27 -14.85 46.97
C ASN B 145 -13.96 -15.29 48.25
N THR B 146 -14.60 -16.47 48.22
CA THR B 146 -15.29 -16.97 49.41
C THR B 146 -14.30 -17.20 50.55
N ILE B 147 -13.11 -17.72 50.23
CA ILE B 147 -12.11 -17.98 51.25
C ILE B 147 -11.64 -16.69 51.89
N GLU B 148 -11.41 -15.64 51.09
CA GLU B 148 -10.93 -14.39 51.63
C GLU B 148 -12.01 -13.67 52.43
N VAL B 149 -13.27 -13.76 51.99
CA VAL B 149 -14.33 -13.10 52.75
C VAL B 149 -14.63 -13.87 54.03
N PHE B 150 -14.36 -15.18 54.06
CA PHE B 150 -14.48 -15.93 55.30
C PHE B 150 -13.32 -15.65 56.25
N ARG B 151 -12.10 -15.53 55.71
CA ARG B 151 -10.94 -15.18 56.51
C ARG B 151 -11.06 -13.77 57.09
N SER B 152 -11.76 -12.87 56.38
CA SER B 152 -12.02 -11.55 56.94
C SER B 152 -12.86 -11.64 58.21
N ASN B 153 -13.80 -12.59 58.25
CA ASN B 153 -14.58 -12.84 59.46
C ASN B 153 -13.88 -13.92 60.28
N GLY B 154 -14.54 -14.43 61.31
CA GLY B 154 -13.94 -15.43 62.16
C GLY B 154 -14.18 -16.85 61.72
N LEU B 155 -13.89 -17.17 60.46
CA LEU B 155 -14.12 -18.50 59.90
C LEU B 155 -12.86 -18.93 59.16
N THR B 156 -12.03 -19.72 59.83
CA THR B 156 -10.74 -20.13 59.29
C THR B 156 -10.51 -21.63 59.52
N ALA B 157 -11.52 -22.44 59.22
CA ALA B 157 -11.38 -23.88 59.40
C ALA B 157 -10.81 -24.57 58.17
N ASN B 158 -11.05 -24.04 56.98
CA ASN B 158 -10.55 -24.63 55.75
C ASN B 158 -9.03 -24.55 55.63
N GLU B 159 -8.35 -23.88 56.58
CA GLU B 159 -6.90 -23.82 56.55
C GLU B 159 -6.24 -25.19 56.67
N SER B 160 -6.97 -26.19 57.16
CA SER B 160 -6.43 -27.54 57.24
C SER B 160 -6.32 -28.17 55.86
N GLY B 161 -7.12 -27.72 54.90
CA GLY B 161 -7.07 -28.20 53.54
C GLY B 161 -8.15 -29.21 53.18
N ARG B 162 -8.74 -29.87 54.17
CA ARG B 162 -9.79 -30.84 53.91
C ARG B 162 -11.09 -30.12 53.56
N LEU B 163 -11.78 -30.62 52.54
CA LEU B 163 -13.02 -30.00 52.10
C LEU B 163 -14.07 -30.00 53.21
N ILE B 164 -14.05 -31.02 54.07
CA ILE B 164 -15.01 -31.09 55.17
C ILE B 164 -14.85 -29.87 56.09
N ASP B 165 -13.63 -29.36 56.26
CA ASP B 165 -13.46 -28.15 57.04
C ASP B 165 -14.03 -26.92 56.34
N PHE B 166 -13.94 -26.88 55.01
CA PHE B 166 -14.63 -25.83 54.26
C PHE B 166 -16.13 -25.92 54.45
N LEU B 167 -16.66 -27.14 54.53
CA LEU B 167 -18.09 -27.31 54.75
C LEU B 167 -18.47 -26.89 56.17
N LYS B 168 -17.61 -27.18 57.15
CA LYS B 168 -17.83 -26.69 58.51
C LYS B 168 -17.84 -25.17 58.54
N ASP B 169 -16.94 -24.54 57.78
CA ASP B 169 -16.94 -23.09 57.67
C ASP B 169 -18.24 -22.58 57.07
N VAL B 170 -18.71 -23.24 56.01
CA VAL B 170 -20.00 -22.88 55.41
C VAL B 170 -21.12 -22.97 56.44
N MET B 171 -21.10 -24.02 57.26
CA MET B 171 -22.14 -24.20 58.27
C MET B 171 -22.10 -23.07 59.29
N GLU B 172 -20.91 -22.76 59.80
CA GLU B 172 -20.77 -21.69 60.79
C GLU B 172 -21.12 -20.32 60.19
N SER B 173 -20.96 -20.16 58.87
CA SER B 173 -21.18 -18.86 58.26
C SER B 173 -22.64 -18.44 58.28
N MET B 174 -23.56 -19.39 58.08
CA MET B 174 -24.98 -19.06 58.01
C MET B 174 -25.56 -18.62 59.34
N ASP B 175 -24.82 -18.81 60.44
CA ASP B 175 -25.31 -18.49 61.77
C ASP B 175 -25.01 -17.06 62.20
N LYS B 176 -24.15 -16.35 61.50
CA LYS B 176 -23.73 -15.01 61.91
C LYS B 176 -24.72 -13.97 61.40
N GLU B 177 -24.88 -12.91 62.20
CA GLU B 177 -25.87 -11.88 61.87
C GLU B 177 -25.35 -10.93 60.80
N GLU B 178 -24.14 -10.42 60.99
CA GLU B 178 -23.56 -9.43 60.09
C GLU B 178 -22.59 -10.11 59.13
N MET B 179 -22.54 -9.60 57.89
CA MET B 179 -21.63 -10.11 56.87
C MET B 179 -20.95 -8.95 56.16
N GLU B 180 -19.78 -8.58 56.65
CA GLU B 180 -18.99 -7.47 56.10
C GLU B 180 -18.08 -8.01 55.01
N ILE B 181 -18.23 -7.48 53.79
CA ILE B 181 -17.46 -7.94 52.64
C ILE B 181 -16.44 -6.89 52.28
N THR B 182 -15.22 -7.33 52.00
CA THR B 182 -14.14 -6.43 51.62
C THR B 182 -13.77 -6.59 50.14
N LYS B 208 -12.94 0.74 50.67
CA LYS B 208 -14.15 0.93 51.45
C LYS B 208 -15.30 0.08 50.95
N LYS B 209 -15.69 -0.92 51.73
CA LYS B 209 -16.78 -1.80 51.37
C LYS B 209 -17.54 -2.16 52.64
N GLN B 210 -18.87 -2.24 52.52
CA GLN B 210 -19.74 -2.57 53.64
C GLN B 210 -21.00 -3.22 53.08
N ARG B 211 -21.34 -4.40 53.61
CA ARG B 211 -22.31 -5.26 52.93
C ARG B 211 -23.39 -5.89 53.82
N VAL B 212 -24.10 -6.87 53.26
CA VAL B 212 -25.41 -7.30 53.74
C VAL B 212 -25.41 -8.06 55.07
N ASN B 213 -26.62 -8.27 55.59
CA ASN B 213 -26.90 -8.89 56.88
C ASN B 213 -27.02 -10.40 56.73
N LYS B 214 -27.56 -11.05 57.78
CA LYS B 214 -27.71 -12.51 57.78
C LYS B 214 -28.76 -12.98 56.78
N ARG B 215 -29.89 -12.28 56.70
CA ARG B 215 -31.01 -12.73 55.88
C ARG B 215 -30.64 -12.71 54.39
N SER B 216 -30.04 -11.61 53.92
CA SER B 216 -29.59 -11.56 52.54
C SER B 216 -28.49 -12.58 52.26
N TYR B 217 -27.65 -12.86 53.26
CA TYR B 217 -26.65 -13.92 53.09
C TYR B 217 -27.33 -15.28 52.90
N LEU B 218 -28.36 -15.55 53.69
CA LEU B 218 -29.13 -16.79 53.51
C LEU B 218 -29.72 -16.85 52.11
N ILE B 219 -30.27 -15.73 51.63
CA ILE B 219 -30.88 -15.71 50.31
C ILE B 219 -29.85 -15.99 49.22
N ARG B 220 -28.65 -15.42 49.34
CA ARG B 220 -27.61 -15.65 48.34
C ARG B 220 -27.04 -17.06 48.43
N ALA B 221 -26.90 -17.60 49.64
CA ALA B 221 -26.32 -18.92 49.81
C ALA B 221 -27.15 -20.00 49.14
N LEU B 222 -28.46 -19.82 49.07
CA LEU B 222 -29.35 -20.76 48.42
C LEU B 222 -29.66 -20.37 46.98
N THR B 223 -29.09 -19.27 46.50
CA THR B 223 -29.39 -18.79 45.15
C THR B 223 -28.69 -19.66 44.11
N LEU B 224 -29.44 -20.05 43.08
CA LEU B 224 -28.94 -20.82 41.96
C LEU B 224 -29.10 -20.02 40.67
N ASN B 225 -28.33 -20.41 39.65
CA ASN B 225 -28.33 -19.69 38.38
C ASN B 225 -28.15 -20.72 37.26
N THR B 226 -27.92 -20.23 36.05
CA THR B 226 -27.64 -21.09 34.91
C THR B 226 -26.37 -20.65 34.19
N THR B 243 -26.51 -23.63 37.19
CA THR B 243 -25.30 -23.23 37.91
C THR B 243 -25.53 -23.20 39.41
N PRO B 244 -24.81 -24.05 40.14
CA PRO B 244 -24.98 -24.11 41.59
C PRO B 244 -24.24 -22.98 42.29
N GLY B 245 -24.62 -22.76 43.55
CA GLY B 245 -23.92 -21.81 44.39
C GLY B 245 -22.51 -22.29 44.71
N MET B 246 -21.82 -21.48 45.51
CA MET B 246 -20.44 -21.80 45.82
C MET B 246 -20.34 -22.83 46.95
N GLN B 247 -21.26 -22.78 47.91
CA GLN B 247 -21.19 -23.67 49.06
C GLN B 247 -21.61 -25.08 48.69
N ILE B 248 -22.72 -25.21 47.97
CA ILE B 248 -23.36 -26.51 47.71
C ILE B 248 -22.54 -27.44 46.85
N ARG B 249 -21.48 -26.96 46.19
CA ARG B 249 -20.76 -27.80 45.23
C ARG B 249 -20.08 -28.98 45.91
N GLY B 250 -19.49 -28.77 47.09
CA GLY B 250 -18.87 -29.88 47.80
C GLY B 250 -19.87 -30.95 48.20
N PHE B 251 -21.02 -30.51 48.72
CA PHE B 251 -22.03 -31.46 49.17
C PHE B 251 -22.62 -32.24 47.99
N VAL B 252 -22.83 -31.55 46.86
CA VAL B 252 -23.32 -32.27 45.68
C VAL B 252 -22.26 -33.23 45.17
N TYR B 253 -20.97 -32.87 45.30
CA TYR B 253 -19.91 -33.80 44.92
C TYR B 253 -19.95 -35.05 45.80
N PHE B 254 -20.18 -34.88 47.10
CA PHE B 254 -20.25 -36.05 47.99
C PHE B 254 -21.45 -36.93 47.65
N VAL B 255 -22.62 -36.32 47.46
CA VAL B 255 -23.80 -37.10 47.11
C VAL B 255 -23.59 -37.82 45.79
N GLU B 256 -22.92 -37.17 44.84
CA GLU B 256 -22.69 -37.81 43.55
C GLU B 256 -21.63 -38.89 43.63
N THR B 257 -20.66 -38.76 44.53
CA THR B 257 -19.72 -39.87 44.75
C THR B 257 -20.45 -41.09 45.30
N LEU B 258 -21.38 -40.87 46.23
CA LEU B 258 -22.18 -41.99 46.71
C LEU B 258 -23.00 -42.61 45.58
N ALA B 259 -23.66 -41.78 44.78
CA ALA B 259 -24.43 -42.28 43.64
C ALA B 259 -23.55 -43.01 42.64
N ARG B 260 -22.31 -42.58 42.48
CA ARG B 260 -21.37 -43.25 41.60
C ARG B 260 -21.02 -44.64 42.12
N SER B 261 -20.70 -44.72 43.41
CA SER B 261 -20.41 -46.03 44.00
C SER B 261 -21.62 -46.95 43.94
N ILE B 262 -22.82 -46.37 43.89
CA ILE B 262 -24.02 -47.20 43.73
C ILE B 262 -24.17 -47.67 42.29
N CYS B 263 -24.06 -46.75 41.33
CA CYS B 263 -24.33 -47.09 39.93
C CYS B 263 -23.25 -47.98 39.34
N GLU B 264 -22.02 -47.89 39.85
CA GLU B 264 -20.98 -48.80 39.38
C GLU B 264 -21.32 -50.25 39.67
N LYS B 265 -22.06 -50.50 40.75
CA LYS B 265 -22.38 -51.84 41.19
C LYS B 265 -23.77 -52.30 40.72
N LEU B 266 -24.35 -51.61 39.74
CA LEU B 266 -25.61 -52.00 39.13
C LEU B 266 -25.40 -52.20 37.64
N GLU B 267 -25.72 -53.40 37.15
CA GLU B 267 -25.56 -53.67 35.73
C GLU B 267 -26.57 -52.86 34.90
N GLN B 268 -27.77 -52.67 35.43
CA GLN B 268 -28.83 -51.98 34.70
C GLN B 268 -28.61 -50.48 34.59
N SER B 269 -27.62 -49.92 35.29
CA SER B 269 -27.30 -48.50 35.22
C SER B 269 -25.96 -48.33 34.51
N GLY B 270 -26.01 -47.99 33.23
CA GLY B 270 -24.79 -47.83 32.46
C GLY B 270 -24.42 -46.39 32.17
N LEU B 271 -24.66 -45.49 33.13
CA LEU B 271 -24.40 -44.07 32.91
C LEU B 271 -22.92 -43.69 33.12
N PRO B 272 -22.25 -44.10 34.20
CA PRO B 272 -20.88 -43.62 34.42
C PRO B 272 -19.91 -44.02 33.31
N VAL B 273 -20.17 -45.13 32.63
CA VAL B 273 -19.30 -45.61 31.57
C VAL B 273 -19.49 -44.79 30.30
N GLY B 274 -18.58 -44.93 29.35
CA GLY B 274 -18.67 -44.23 28.09
C GLY B 274 -18.19 -45.07 26.92
N GLY B 275 -19.00 -45.17 25.88
CA GLY B 275 -18.62 -45.92 24.70
C GLY B 275 -19.03 -47.38 24.73
N ASN B 276 -18.12 -48.27 24.33
CA ASN B 276 -18.44 -49.66 24.10
C ASN B 276 -19.03 -50.37 25.32
N GLU B 277 -18.79 -49.83 26.52
CA GLU B 277 -19.39 -50.42 27.71
C GLU B 277 -20.91 -50.42 27.60
N LYS B 278 -21.48 -49.28 27.20
CA LYS B 278 -22.91 -49.22 26.94
C LYS B 278 -23.34 -50.25 25.89
N LYS B 279 -22.50 -50.44 24.87
CA LYS B 279 -22.77 -51.50 23.89
C LYS B 279 -22.95 -52.85 24.56
N ALA B 280 -21.99 -53.23 25.40
CA ALA B 280 -22.08 -54.52 26.09
C ALA B 280 -23.32 -54.58 26.99
N LYS B 281 -23.59 -53.50 27.73
CA LYS B 281 -24.74 -53.48 28.64
C LYS B 281 -26.06 -53.49 27.89
N LEU B 282 -26.06 -53.16 26.60
CA LEU B 282 -27.26 -53.32 25.78
C LEU B 282 -27.33 -54.71 25.15
N ALA B 283 -26.18 -55.29 24.80
CA ALA B 283 -26.16 -56.61 24.19
C ALA B 283 -26.41 -57.72 25.19
N ASN B 284 -26.25 -57.45 26.48
CA ASN B 284 -26.48 -58.46 27.50
C ASN B 284 -27.97 -58.60 27.82
N VAL B 285 -28.62 -57.49 28.15
CA VAL B 285 -30.00 -57.53 28.61
C VAL B 285 -30.92 -58.13 27.54
N VAL B 286 -30.57 -57.94 26.27
CA VAL B 286 -31.34 -58.58 25.18
C VAL B 286 -31.43 -60.08 25.43
N ARG B 287 -30.29 -60.72 25.65
CA ARG B 287 -30.29 -62.15 25.93
C ARG B 287 -30.85 -62.45 27.31
N LYS B 288 -30.84 -61.46 28.20
CA LYS B 288 -31.48 -61.64 29.51
C LYS B 288 -33.00 -61.71 29.40
N MET B 289 -33.58 -61.20 28.31
CA MET B 289 -35.03 -61.15 28.17
C MET B 289 -35.56 -62.07 27.07
N MET B 290 -35.00 -62.00 25.87
CA MET B 290 -35.59 -62.72 24.75
C MET B 290 -35.32 -64.22 24.83
N THR B 291 -34.13 -64.60 25.32
CA THR B 291 -33.69 -66.00 25.33
C THR B 291 -34.39 -66.75 26.47
N ASN B 292 -35.67 -67.02 26.26
CA ASN B 292 -36.47 -67.81 27.20
C ASN B 292 -36.82 -69.14 26.55
N SER B 293 -36.41 -70.24 27.20
CA SER B 293 -36.65 -71.57 26.65
C SER B 293 -38.15 -71.87 26.59
N GLN B 294 -38.49 -72.84 25.75
CA GLN B 294 -39.89 -73.21 25.50
C GLN B 294 -40.68 -71.96 25.13
N ASP B 295 -40.32 -71.39 23.99
CA ASP B 295 -40.65 -70.00 23.68
C ASP B 295 -42.15 -69.85 23.47
N THR B 296 -42.83 -69.37 24.53
CA THR B 296 -44.16 -68.80 24.43
C THR B 296 -44.19 -67.35 24.88
N GLU B 297 -43.08 -66.85 25.42
CA GLU B 297 -42.98 -65.49 25.91
C GLU B 297 -42.90 -64.49 24.76
N LEU B 298 -43.61 -63.38 24.93
CA LEU B 298 -43.57 -62.24 24.02
C LEU B 298 -42.75 -61.16 24.67
N SER B 299 -41.66 -60.76 24.02
CA SER B 299 -40.72 -59.78 24.54
C SER B 299 -40.90 -58.50 23.75
N PHE B 300 -41.45 -57.48 24.40
CA PHE B 300 -41.61 -56.16 23.80
C PHE B 300 -40.58 -55.22 24.42
N THR B 301 -40.17 -54.22 23.64
CA THR B 301 -39.17 -53.26 24.07
C THR B 301 -39.70 -51.86 23.79
N ILE B 302 -39.64 -51.01 24.80
CA ILE B 302 -40.05 -49.62 24.68
C ILE B 302 -38.81 -48.75 24.79
N THR B 303 -38.74 -47.75 23.92
CA THR B 303 -37.79 -46.65 24.05
C THR B 303 -38.60 -45.46 24.52
N GLY B 304 -38.36 -45.02 25.75
CA GLY B 304 -39.17 -44.00 26.38
C GLY B 304 -38.36 -42.76 26.73
N ASP B 305 -39.08 -41.77 27.22
CA ASP B 305 -38.50 -40.56 27.76
C ASP B 305 -39.50 -39.99 28.75
N ASN B 306 -39.00 -39.23 29.70
CA ASN B 306 -39.83 -38.64 30.75
C ASN B 306 -39.84 -37.14 30.52
N THR B 307 -41.00 -36.60 30.15
CA THR B 307 -41.09 -35.18 29.83
C THR B 307 -41.01 -34.34 31.09
N LYS B 308 -40.12 -33.35 31.08
CA LYS B 308 -39.94 -32.40 32.19
C LYS B 308 -39.75 -33.14 33.51
N TRP B 309 -39.13 -34.33 33.42
CA TRP B 309 -38.88 -35.15 34.60
C TRP B 309 -37.92 -34.48 35.57
N ASN B 310 -36.94 -33.75 35.06
CA ASN B 310 -35.92 -33.18 35.93
C ASN B 310 -36.49 -32.12 36.86
N GLU B 311 -37.56 -31.43 36.43
CA GLU B 311 -38.23 -30.47 37.27
C GLU B 311 -39.22 -31.12 38.24
N ASN B 312 -39.49 -32.42 38.09
CA ASN B 312 -40.43 -33.12 38.95
C ASN B 312 -39.76 -33.85 40.09
N GLN B 313 -38.45 -34.06 40.03
CA GLN B 313 -37.72 -34.70 41.12
C GLN B 313 -37.67 -33.73 42.30
N ASN B 314 -38.35 -34.08 43.39
CA ASN B 314 -38.48 -33.19 44.53
C ASN B 314 -37.31 -33.39 45.49
N PRO B 315 -36.69 -32.30 45.96
CA PRO B 315 -35.52 -32.45 46.85
C PRO B 315 -35.84 -33.14 48.17
N ARG B 316 -37.07 -33.03 48.66
CA ARG B 316 -37.44 -33.68 49.91
C ARG B 316 -37.49 -35.20 49.75
N MET B 317 -37.92 -35.67 48.57
CA MET B 317 -37.85 -37.09 48.27
C MET B 317 -36.40 -37.57 48.22
N PHE B 318 -35.50 -36.73 47.70
CA PHE B 318 -34.08 -37.05 47.75
C PHE B 318 -33.57 -37.10 49.18
N LEU B 319 -34.02 -36.17 50.02
CA LEU B 319 -33.68 -36.23 51.44
C LEU B 319 -34.11 -37.55 52.05
N ALA B 320 -35.32 -38.00 51.71
CA ALA B 320 -35.83 -39.27 52.25
C ALA B 320 -35.00 -40.46 51.75
N MET B 321 -34.71 -40.50 50.45
CA MET B 321 -33.98 -41.64 49.92
C MET B 321 -32.53 -41.66 50.41
N ILE B 322 -31.92 -40.50 50.62
CA ILE B 322 -30.59 -40.45 51.21
C ILE B 322 -30.65 -40.91 52.65
N THR B 323 -31.66 -40.46 53.40
CA THR B 323 -31.80 -40.87 54.79
C THR B 323 -31.97 -42.38 54.91
N TYR B 324 -32.69 -42.99 53.97
CA TYR B 324 -32.79 -44.45 53.98
C TYR B 324 -31.49 -45.10 53.54
N ILE B 325 -30.76 -44.50 52.61
CA ILE B 325 -29.46 -45.04 52.24
C ILE B 325 -28.48 -44.92 53.40
N THR B 326 -28.57 -43.83 54.16
CA THR B 326 -27.77 -43.67 55.37
C THR B 326 -28.47 -44.26 56.60
N LYS B 327 -28.86 -45.54 56.50
CA LYS B 327 -29.51 -46.22 57.62
C LYS B 327 -28.46 -46.90 58.49
N ASN B 328 -28.50 -46.62 59.79
CA ASN B 328 -27.59 -47.15 60.80
C ASN B 328 -26.15 -46.70 60.63
N GLN B 329 -25.88 -45.80 59.70
CA GLN B 329 -24.55 -45.21 59.59
C GLN B 329 -24.39 -44.16 60.68
N PRO B 330 -23.15 -43.75 60.99
CA PRO B 330 -22.96 -42.72 62.01
C PRO B 330 -23.70 -41.44 61.64
N GLU B 331 -24.20 -40.75 62.66
CA GLU B 331 -25.09 -39.62 62.43
C GLU B 331 -24.39 -38.48 61.71
N TRP B 332 -23.09 -38.27 62.01
CA TRP B 332 -22.37 -37.17 61.38
C TRP B 332 -22.33 -37.34 59.87
N PHE B 333 -22.21 -38.57 59.39
CA PHE B 333 -22.20 -38.82 57.94
C PHE B 333 -23.54 -38.52 57.31
N ARG B 334 -24.63 -38.95 57.96
CA ARG B 334 -25.97 -38.59 57.48
C ARG B 334 -26.14 -37.08 57.45
N ASN B 335 -25.61 -36.38 58.46
CA ASN B 335 -25.71 -34.93 58.51
C ASN B 335 -24.91 -34.28 57.39
N VAL B 336 -23.75 -34.87 57.05
CA VAL B 336 -22.95 -34.34 55.96
C VAL B 336 -23.69 -34.49 54.64
N LEU B 337 -24.20 -35.69 54.36
CA LEU B 337 -24.84 -35.95 53.08
C LEU B 337 -26.22 -35.31 52.96
N SER B 338 -26.86 -34.97 54.08
CA SER B 338 -28.20 -34.38 54.04
C SER B 338 -28.18 -32.88 53.76
N ILE B 339 -27.00 -32.28 53.56
CA ILE B 339 -26.96 -30.83 53.40
C ILE B 339 -27.60 -30.41 52.09
N ALA B 340 -27.17 -31.01 50.97
CA ALA B 340 -27.63 -30.57 49.66
C ALA B 340 -29.14 -30.67 49.46
N PRO B 341 -29.81 -31.78 49.80
CA PRO B 341 -31.27 -31.82 49.60
C PRO B 341 -32.03 -30.79 50.43
N ILE B 342 -31.55 -30.46 51.62
CA ILE B 342 -32.19 -29.41 52.40
C ILE B 342 -31.99 -28.06 51.75
N MET B 343 -30.78 -27.80 51.22
CA MET B 343 -30.53 -26.57 50.50
C MET B 343 -31.40 -26.45 49.26
N PHE B 344 -31.73 -27.58 48.62
CA PHE B 344 -32.62 -27.53 47.46
C PHE B 344 -34.09 -27.49 47.85
N SER B 345 -34.44 -27.91 49.07
CA SER B 345 -35.81 -27.72 49.54
C SER B 345 -36.11 -26.25 49.77
N ASN B 346 -35.15 -25.52 50.33
CA ASN B 346 -35.25 -24.08 50.53
C ASN B 346 -34.13 -23.46 49.69
N LYS B 347 -34.43 -23.23 48.41
CA LYS B 347 -33.46 -22.69 47.46
C LYS B 347 -34.09 -21.53 46.71
N MET B 348 -33.27 -20.55 46.36
CA MET B 348 -33.72 -19.40 45.61
C MET B 348 -33.17 -19.47 44.20
N ALA B 349 -33.96 -18.97 43.25
CA ALA B 349 -33.60 -18.98 41.84
C ALA B 349 -33.27 -17.56 41.40
N ARG B 350 -32.06 -17.39 40.85
CA ARG B 350 -31.68 -16.10 40.31
C ARG B 350 -32.33 -15.90 38.95
N LEU B 351 -32.99 -14.76 38.78
CA LEU B 351 -33.64 -14.41 37.53
C LEU B 351 -32.61 -13.95 36.51
N ILE B 368 -34.26 -3.31 31.95
CA ILE B 368 -34.91 -3.49 33.25
C ILE B 368 -34.29 -4.66 33.99
N PRO B 369 -33.87 -4.44 35.24
CA PRO B 369 -33.43 -5.56 36.07
C PRO B 369 -34.65 -6.32 36.60
N ALA B 370 -34.39 -7.52 37.10
CA ALA B 370 -35.47 -8.30 37.70
C ALA B 370 -35.88 -7.75 39.06
N GLU B 371 -34.94 -7.11 39.75
CA GLU B 371 -35.16 -6.66 41.12
C GLU B 371 -36.24 -5.59 41.22
N MET B 372 -36.55 -4.90 40.13
CA MET B 372 -37.58 -3.87 40.13
C MET B 372 -38.94 -4.40 39.68
N LEU B 373 -39.06 -5.71 39.49
CA LEU B 373 -40.35 -6.30 39.15
C LEU B 373 -41.34 -6.26 40.29
N ALA B 374 -40.89 -5.93 41.49
CA ALA B 374 -41.79 -5.86 42.65
C ALA B 374 -42.65 -4.61 42.63
N SER B 375 -42.08 -3.45 42.28
CA SER B 375 -42.79 -2.17 42.29
C SER B 375 -43.07 -1.72 40.85
N ILE B 376 -44.23 -2.11 40.33
CA ILE B 376 -44.63 -1.78 38.97
C ILE B 376 -46.13 -1.96 38.82
N ASP B 377 -46.72 -1.26 37.86
CA ASP B 377 -48.13 -1.37 37.51
C ASP B 377 -48.28 -2.31 36.32
N LEU B 378 -49.44 -2.96 36.23
CA LEU B 378 -49.67 -3.99 35.22
C LEU B 378 -50.34 -3.40 33.98
N LYS B 379 -49.58 -2.53 33.30
CA LYS B 379 -49.97 -2.04 31.99
C LYS B 379 -48.81 -2.09 31.00
N TYR B 380 -47.58 -2.01 31.51
CA TYR B 380 -46.38 -1.94 30.68
C TYR B 380 -46.04 -3.24 29.95
N PHE B 381 -46.77 -4.33 30.14
CA PHE B 381 -46.41 -5.60 29.54
C PHE B 381 -47.53 -6.09 28.62
N ASN B 382 -47.17 -7.04 27.75
CA ASN B 382 -48.17 -7.70 26.92
C ASN B 382 -49.01 -8.64 27.78
N GLU B 383 -50.05 -9.20 27.15
CA GLU B 383 -50.99 -10.05 27.89
C GLU B 383 -50.31 -11.32 28.41
N SER B 384 -49.56 -12.01 27.56
CA SER B 384 -48.91 -13.26 27.96
C SER B 384 -47.87 -13.01 29.04
N THR B 385 -47.00 -12.01 28.83
CA THR B 385 -46.01 -11.67 29.84
C THR B 385 -46.66 -11.16 31.12
N ARG B 386 -47.78 -10.44 30.99
CA ARG B 386 -48.49 -10.00 32.18
C ARG B 386 -48.95 -11.19 33.01
N LYS B 387 -49.55 -12.20 32.35
CA LYS B 387 -49.98 -13.38 33.09
C LYS B 387 -48.79 -14.13 33.69
N LYS B 388 -47.69 -14.22 32.95
CA LYS B 388 -46.53 -14.94 33.47
C LYS B 388 -45.91 -14.25 34.67
N ILE B 389 -45.95 -12.92 34.71
CA ILE B 389 -45.45 -12.19 35.87
C ILE B 389 -46.45 -12.22 37.02
N GLU B 390 -47.75 -12.28 36.72
CA GLU B 390 -48.77 -12.34 37.75
C GLU B 390 -48.56 -13.53 38.68
N LYS B 391 -48.29 -14.70 38.11
CA LYS B 391 -48.16 -15.92 38.87
C LYS B 391 -46.82 -16.05 39.59
N ILE B 392 -46.00 -15.01 39.64
CA ILE B 392 -44.69 -15.13 40.27
C ILE B 392 -44.43 -13.99 41.25
N ARG B 393 -45.30 -12.98 41.24
CA ARG B 393 -45.10 -11.82 42.11
C ARG B 393 -44.95 -12.20 43.59
N PRO B 394 -45.85 -12.99 44.20
CA PRO B 394 -45.69 -13.28 45.63
C PRO B 394 -44.57 -14.26 45.94
N LEU B 395 -44.00 -14.91 44.93
CA LEU B 395 -42.95 -15.90 45.16
C LEU B 395 -41.58 -15.26 45.26
N LEU B 396 -41.31 -14.24 44.46
CA LEU B 396 -40.00 -13.60 44.45
C LEU B 396 -39.82 -12.75 45.68
N ILE B 397 -38.59 -12.70 46.19
CA ILE B 397 -38.24 -11.85 47.32
C ILE B 397 -36.85 -11.27 47.07
N ASP B 398 -36.72 -9.96 47.25
CA ASP B 398 -35.45 -9.24 47.18
C ASP B 398 -34.69 -9.57 45.88
N GLY B 399 -35.41 -9.55 44.76
CA GLY B 399 -34.80 -9.84 43.48
C GLY B 399 -34.35 -11.28 43.29
N THR B 400 -34.96 -12.21 44.02
CA THR B 400 -34.61 -13.62 43.93
C THR B 400 -35.89 -14.45 43.93
N ALA B 401 -36.00 -15.40 43.00
CA ALA B 401 -37.19 -16.22 42.89
C ALA B 401 -37.13 -17.40 43.87
N SER B 402 -38.30 -17.81 44.33
CA SER B 402 -38.43 -18.93 45.26
C SER B 402 -38.95 -20.16 44.51
N LEU B 403 -38.24 -21.28 44.64
CA LEU B 403 -38.58 -22.52 43.95
C LEU B 403 -38.39 -23.68 44.93
N SER B 404 -39.48 -24.11 45.56
CA SER B 404 -39.42 -25.18 46.55
C SER B 404 -39.26 -26.58 45.94
N PRO B 405 -40.17 -27.03 45.05
CA PRO B 405 -40.13 -28.44 44.64
C PRO B 405 -39.16 -28.70 43.48
N GLY B 406 -38.28 -27.75 43.20
CA GLY B 406 -37.44 -27.82 42.02
C GLY B 406 -36.17 -28.64 42.17
N MET B 407 -35.53 -28.84 41.02
CA MET B 407 -34.23 -29.48 40.89
C MET B 407 -33.70 -29.09 39.52
N MET B 408 -32.45 -28.67 39.45
CA MET B 408 -31.89 -28.13 38.22
C MET B 408 -31.19 -29.22 37.42
N MET B 409 -31.26 -29.09 36.11
CA MET B 409 -30.73 -30.13 35.23
C MET B 409 -29.21 -30.23 35.37
N GLY B 410 -28.73 -31.44 35.62
CA GLY B 410 -27.30 -31.65 35.77
C GLY B 410 -26.80 -31.62 37.19
N MET B 411 -27.64 -31.99 38.16
CA MET B 411 -27.23 -31.99 39.57
C MET B 411 -27.20 -33.38 40.17
N PHE B 412 -28.31 -34.12 40.13
CA PHE B 412 -28.40 -35.43 40.75
C PHE B 412 -28.69 -36.52 39.72
N ASN B 413 -28.06 -36.43 38.54
CA ASN B 413 -28.38 -37.36 37.46
C ASN B 413 -28.10 -38.79 37.86
N MET B 414 -27.01 -39.04 38.58
CA MET B 414 -26.66 -40.41 38.94
C MET B 414 -27.55 -40.95 40.06
N LEU B 415 -27.94 -40.10 41.02
CA LEU B 415 -28.88 -40.56 42.04
C LEU B 415 -30.27 -40.74 41.45
N SER B 416 -30.65 -39.87 40.52
CA SER B 416 -31.89 -40.08 39.77
C SER B 416 -31.85 -41.39 39.00
N THR B 417 -30.68 -41.73 38.43
CA THR B 417 -30.53 -43.01 37.77
C THR B 417 -30.63 -44.16 38.75
N VAL B 418 -30.15 -43.97 39.98
CA VAL B 418 -30.32 -44.98 41.03
C VAL B 418 -31.82 -45.23 41.26
N LEU B 419 -32.59 -44.16 41.42
CA LEU B 419 -34.03 -44.30 41.61
C LEU B 419 -34.68 -44.99 40.42
N GLY B 420 -34.28 -44.63 39.20
CA GLY B 420 -34.84 -45.25 38.03
C GLY B 420 -34.53 -46.74 37.95
N VAL B 421 -33.30 -47.12 38.31
CA VAL B 421 -32.95 -48.53 38.33
C VAL B 421 -33.73 -49.26 39.40
N SER B 422 -34.07 -48.60 40.51
CA SER B 422 -34.94 -49.20 41.50
C SER B 422 -36.31 -49.52 40.91
N ILE B 423 -36.94 -48.51 40.30
CA ILE B 423 -38.26 -48.74 39.71
C ILE B 423 -38.17 -49.71 38.54
N LEU B 424 -36.97 -49.92 38.00
CA LEU B 424 -36.77 -50.95 36.97
C LEU B 424 -36.69 -52.35 37.58
N ASN B 425 -35.85 -52.55 38.59
CA ASN B 425 -35.72 -53.86 39.22
C ASN B 425 -36.98 -54.28 39.96
N LEU B 426 -37.93 -53.36 40.15
CA LEU B 426 -39.16 -53.86 40.76
C LEU B 426 -39.98 -54.81 39.82
N GLY B 427 -39.44 -55.28 38.70
CA GLY B 427 -40.20 -56.15 37.80
C GLY B 427 -39.59 -57.51 37.50
N GLN B 428 -38.68 -58.00 38.34
CA GLN B 428 -38.11 -59.32 38.08
C GLN B 428 -39.03 -60.45 38.56
N LYS B 429 -40.31 -60.38 38.19
CA LYS B 429 -41.36 -61.35 38.45
C LYS B 429 -41.44 -61.82 39.90
N ARG B 430 -40.70 -61.18 40.80
CA ARG B 430 -40.79 -61.49 42.21
C ARG B 430 -41.44 -60.39 43.03
N TYR B 431 -41.40 -59.15 42.56
CA TYR B 431 -42.06 -58.03 43.22
C TYR B 431 -43.31 -57.59 42.48
N THR B 432 -43.60 -58.21 41.35
CA THR B 432 -44.86 -58.02 40.63
C THR B 432 -45.90 -59.06 41.02
N LYS B 433 -45.44 -60.25 41.40
CA LYS B 433 -46.30 -61.36 41.79
C LYS B 433 -47.30 -61.73 40.70
N THR B 434 -46.92 -61.52 39.44
CA THR B 434 -47.81 -61.78 38.31
C THR B 434 -46.98 -62.41 37.21
N THR B 435 -47.57 -62.54 36.02
CA THR B 435 -46.92 -63.21 34.89
C THR B 435 -45.92 -62.28 34.20
N TYR B 436 -46.32 -61.05 33.92
CA TYR B 436 -45.46 -60.13 33.21
C TYR B 436 -44.27 -59.72 34.07
N TRP B 437 -43.12 -59.52 33.42
CA TRP B 437 -41.92 -59.12 34.13
C TRP B 437 -41.04 -58.28 33.22
N TRP B 438 -40.46 -57.22 33.77
CA TRP B 438 -39.67 -56.30 32.98
C TRP B 438 -38.26 -56.15 33.54
N ASP B 439 -37.40 -55.59 32.71
CA ASP B 439 -36.04 -55.21 33.08
C ASP B 439 -35.57 -54.18 32.05
N GLY B 440 -34.70 -53.28 32.47
CA GLY B 440 -34.30 -52.26 31.50
C GLY B 440 -33.05 -51.51 31.91
N LEU B 441 -32.66 -50.60 31.04
CA LEU B 441 -31.51 -49.74 31.24
C LEU B 441 -32.00 -48.32 31.44
N GLN B 442 -31.44 -47.64 32.44
CA GLN B 442 -31.89 -46.31 32.83
C GLN B 442 -30.77 -45.30 32.63
N SER B 443 -31.16 -44.10 32.21
CA SER B 443 -30.32 -42.92 32.19
C SER B 443 -31.03 -41.85 33.01
N SER B 444 -30.54 -40.61 32.92
CA SER B 444 -31.21 -39.52 33.61
C SER B 444 -32.69 -39.45 33.23
N ASP B 445 -32.97 -39.25 31.96
CA ASP B 445 -34.35 -39.16 31.49
C ASP B 445 -34.68 -40.18 30.40
N ASP B 446 -33.75 -40.44 29.48
CA ASP B 446 -33.99 -41.38 28.39
C ASP B 446 -33.71 -42.78 28.90
N PHE B 447 -34.76 -43.52 29.20
CA PHE B 447 -34.65 -44.91 29.62
C PHE B 447 -35.17 -45.83 28.52
N ALA B 448 -34.73 -47.08 28.59
CA ALA B 448 -35.20 -48.13 27.70
C ALA B 448 -35.64 -49.32 28.54
N LEU B 449 -36.76 -49.93 28.18
CA LEU B 449 -37.34 -51.01 28.96
C LEU B 449 -37.64 -52.19 28.05
N ILE B 450 -37.53 -53.40 28.60
CA ILE B 450 -37.97 -54.61 27.92
C ILE B 450 -38.89 -55.35 28.88
N VAL B 451 -40.13 -55.53 28.47
CA VAL B 451 -41.14 -56.25 29.25
C VAL B 451 -41.49 -57.54 28.51
N ASN B 452 -41.43 -58.66 29.22
CA ASN B 452 -41.78 -59.96 28.68
C ASN B 452 -43.05 -60.43 29.36
N ALA B 453 -44.01 -60.92 28.55
CA ALA B 453 -45.27 -61.41 29.06
C ALA B 453 -45.71 -62.60 28.21
N PRO B 454 -46.35 -63.60 28.82
CA PRO B 454 -46.70 -64.82 28.06
C PRO B 454 -47.73 -64.58 26.98
N ASN B 455 -48.53 -63.52 27.07
CA ASN B 455 -49.53 -63.22 26.06
C ASN B 455 -49.57 -61.73 25.80
N HIS B 456 -49.95 -61.38 24.57
CA HIS B 456 -50.02 -59.99 24.12
C HIS B 456 -51.15 -59.20 24.77
N GLU B 457 -51.93 -59.83 25.65
CA GLU B 457 -53.03 -59.18 26.34
C GLU B 457 -52.57 -58.48 27.60
N GLY B 458 -51.63 -59.09 28.33
CA GLY B 458 -51.11 -58.53 29.56
C GLY B 458 -49.89 -57.64 29.45
N ILE B 459 -49.28 -57.53 28.26
CA ILE B 459 -48.10 -56.69 28.11
C ILE B 459 -48.47 -55.23 28.37
N GLN B 460 -49.63 -54.79 27.88
CA GLN B 460 -50.09 -53.45 28.20
C GLN B 460 -50.31 -53.29 29.70
N ALA B 461 -50.70 -54.35 30.39
CA ALA B 461 -50.86 -54.28 31.84
C ALA B 461 -49.51 -54.05 32.53
N GLY B 462 -48.45 -54.73 32.05
CA GLY B 462 -47.13 -54.48 32.61
C GLY B 462 -46.63 -53.07 32.31
N VAL B 463 -46.89 -52.59 31.08
CA VAL B 463 -46.54 -51.21 30.75
C VAL B 463 -47.28 -50.23 31.67
N ASP B 464 -48.55 -50.53 31.95
CA ASP B 464 -49.33 -49.69 32.85
C ASP B 464 -48.77 -49.72 34.27
N ARG B 465 -48.34 -50.90 34.73
CA ARG B 465 -47.69 -51.00 36.04
C ARG B 465 -46.44 -50.14 36.08
N PHE B 466 -45.62 -50.21 35.03
CA PHE B 466 -44.41 -49.40 34.98
C PHE B 466 -44.75 -47.91 35.04
N TYR B 467 -45.72 -47.48 34.24
CA TYR B 467 -46.06 -46.06 34.17
C TYR B 467 -46.67 -45.56 35.48
N ARG B 468 -47.54 -46.37 36.09
CA ARG B 468 -48.17 -45.98 37.35
C ARG B 468 -47.13 -45.89 38.46
N THR B 469 -46.27 -46.90 38.58
CA THR B 469 -45.22 -46.85 39.60
C THR B 469 -44.25 -45.71 39.34
N CYS B 470 -44.01 -45.38 38.07
CA CYS B 470 -43.19 -44.23 37.73
C CYS B 470 -43.83 -42.94 38.23
N LYS B 471 -45.13 -42.77 37.96
CA LYS B 471 -45.85 -41.63 38.50
C LYS B 471 -45.79 -41.60 40.02
N LEU B 472 -45.74 -42.78 40.64
CA LEU B 472 -45.70 -42.85 42.11
C LEU B 472 -44.36 -42.39 42.65
N VAL B 473 -43.29 -42.53 41.87
CA VAL B 473 -41.97 -42.09 42.30
C VAL B 473 -41.55 -40.78 41.65
N GLY B 474 -42.49 -40.09 40.99
CA GLY B 474 -42.18 -38.83 40.33
C GLY B 474 -41.58 -38.94 38.95
N ILE B 475 -41.71 -40.08 38.30
CA ILE B 475 -41.20 -40.29 36.94
C ILE B 475 -42.39 -40.16 36.00
N ASN B 476 -42.58 -38.97 35.43
CA ASN B 476 -43.68 -38.73 34.50
C ASN B 476 -43.25 -39.16 33.10
N MET B 477 -43.72 -40.32 32.66
CA MET B 477 -43.34 -40.85 31.36
C MET B 477 -44.03 -40.06 30.25
N SER B 478 -43.25 -39.62 29.26
CA SER B 478 -43.77 -38.80 28.17
C SER B 478 -44.51 -39.67 27.17
N LYS B 479 -45.82 -39.45 27.04
CA LYS B 479 -46.59 -40.18 26.04
C LYS B 479 -46.28 -39.73 24.61
N LYS B 480 -45.61 -38.59 24.44
CA LYS B 480 -45.20 -38.14 23.11
C LYS B 480 -43.86 -38.75 22.71
N LYS B 481 -42.81 -38.48 23.50
CA LYS B 481 -41.45 -38.87 23.14
C LYS B 481 -41.15 -40.29 23.64
N SER B 482 -41.99 -41.23 23.21
CA SER B 482 -41.83 -42.61 23.61
C SER B 482 -42.53 -43.49 22.58
N TYR B 483 -41.92 -44.64 22.28
CA TYR B 483 -42.53 -45.57 21.33
C TYR B 483 -42.14 -46.99 21.69
N ILE B 484 -43.09 -47.90 21.47
CA ILE B 484 -42.94 -49.32 21.77
C ILE B 484 -42.74 -50.05 20.45
N ASN B 485 -42.03 -51.17 20.51
CA ASN B 485 -41.93 -52.08 19.38
C ASN B 485 -41.58 -53.45 19.94
N ARG B 486 -41.31 -54.40 19.05
CA ARG B 486 -40.90 -55.72 19.51
C ARG B 486 -39.39 -55.74 19.74
N THR B 487 -38.96 -56.67 20.60
CA THR B 487 -37.56 -56.72 21.02
C THR B 487 -36.63 -56.99 19.84
N GLY B 488 -35.61 -56.15 19.69
CA GLY B 488 -34.60 -56.32 18.68
C GLY B 488 -34.22 -55.03 17.97
N THR B 489 -34.89 -53.93 18.33
CA THR B 489 -34.66 -52.65 17.68
C THR B 489 -35.18 -51.56 18.59
N PHE B 490 -34.29 -50.68 19.05
CA PHE B 490 -34.70 -49.63 19.98
C PHE B 490 -33.60 -48.58 20.09
N GLU B 491 -33.84 -47.60 20.96
CA GLU B 491 -32.99 -46.45 21.20
C GLU B 491 -32.80 -46.23 22.69
N PHE B 492 -31.61 -45.78 23.06
CA PHE B 492 -31.31 -45.42 24.45
C PHE B 492 -30.20 -44.38 24.43
N THR B 493 -30.54 -43.12 24.72
CA THR B 493 -29.60 -42.01 24.77
C THR B 493 -28.70 -41.99 23.54
N SER B 494 -29.33 -41.82 22.38
CA SER B 494 -28.67 -41.75 21.08
C SER B 494 -27.91 -43.02 20.73
N PHE B 495 -28.07 -44.10 21.50
CA PHE B 495 -27.57 -45.40 21.11
C PHE B 495 -28.69 -46.15 20.39
N PHE B 496 -28.36 -46.76 19.26
CA PHE B 496 -29.36 -47.44 18.44
C PHE B 496 -29.00 -48.91 18.28
N TYR B 497 -30.01 -49.78 18.44
CA TYR B 497 -29.83 -51.22 18.38
C TYR B 497 -30.80 -51.78 17.36
N ARG B 498 -30.28 -52.42 16.32
CA ARG B 498 -31.08 -53.22 15.37
C ARG B 498 -30.28 -54.48 15.05
N TYR B 499 -30.44 -55.52 15.88
CA TYR B 499 -29.76 -56.80 15.72
C TYR B 499 -28.25 -56.59 15.60
N GLY B 500 -27.80 -55.39 15.95
CA GLY B 500 -26.44 -54.96 15.72
C GLY B 500 -26.24 -53.60 16.36
N PHE B 501 -25.08 -53.00 16.12
CA PHE B 501 -24.71 -51.82 16.89
C PHE B 501 -24.20 -50.68 16.02
N VAL B 502 -24.45 -49.48 16.50
CA VAL B 502 -23.88 -48.22 16.01
C VAL B 502 -23.87 -47.24 17.17
N ALA B 503 -22.75 -46.55 17.36
CA ALA B 503 -22.49 -45.83 18.61
C ALA B 503 -22.51 -44.30 18.46
N ASN B 504 -23.54 -43.76 17.81
CA ASN B 504 -23.65 -42.32 17.58
C ASN B 504 -24.24 -41.60 18.79
N PHE B 505 -23.60 -41.78 19.95
CA PHE B 505 -24.06 -41.08 21.15
C PHE B 505 -23.39 -39.72 21.31
N SER B 506 -22.08 -39.71 21.50
CA SER B 506 -21.28 -38.49 21.51
C SER B 506 -20.54 -38.33 20.20
N MET B 507 -21.19 -38.69 19.09
CA MET B 507 -20.51 -38.69 17.80
C MET B 507 -20.46 -37.28 17.26
N GLU B 508 -20.04 -36.35 18.13
CA GLU B 508 -19.74 -34.99 17.76
C GLU B 508 -18.23 -34.96 17.60
N LEU B 509 -17.76 -35.42 16.44
CA LEU B 509 -16.35 -35.61 16.12
C LEU B 509 -15.54 -34.38 16.53
N PRO B 510 -14.26 -34.53 16.89
CA PRO B 510 -13.58 -33.47 17.64
C PRO B 510 -13.33 -32.22 16.83
N SER B 511 -12.65 -31.26 17.44
CA SER B 511 -12.23 -30.06 16.72
C SER B 511 -11.20 -30.49 15.69
N PHE B 512 -11.65 -30.58 14.43
CA PHE B 512 -10.76 -31.04 13.37
C PHE B 512 -9.53 -30.15 13.27
N GLY B 513 -9.66 -28.88 13.63
CA GLY B 513 -8.56 -27.94 13.53
C GLY B 513 -7.52 -28.19 14.61
N VAL B 514 -6.57 -27.26 14.67
CA VAL B 514 -5.49 -27.35 15.64
C VAL B 514 -6.00 -27.07 17.04
N SER B 515 -5.33 -27.63 18.05
CA SER B 515 -5.64 -27.31 19.43
C SER B 515 -4.88 -26.08 19.93
N GLY B 516 -3.79 -25.72 19.25
CA GLY B 516 -3.14 -24.44 19.43
C GLY B 516 -2.28 -24.22 20.67
N ILE B 517 -1.30 -25.09 20.91
CA ILE B 517 -0.38 -24.85 22.02
C ILE B 517 1.07 -24.94 21.59
N ASN B 518 1.36 -25.70 20.54
CA ASN B 518 2.74 -25.95 20.15
C ASN B 518 2.75 -26.57 18.76
N GLU B 519 3.93 -26.90 18.26
CA GLU B 519 4.00 -27.57 16.96
C GLU B 519 3.92 -29.09 17.11
N SER B 520 4.69 -29.66 18.03
CA SER B 520 4.66 -31.10 18.24
C SER B 520 3.52 -31.50 19.14
N ALA B 521 3.26 -30.69 20.17
CA ALA B 521 2.15 -30.99 21.07
C ALA B 521 0.83 -30.98 20.32
N ASP B 522 0.66 -30.05 19.39
CA ASP B 522 -0.60 -29.98 18.64
C ASP B 522 -0.76 -31.16 17.70
N MET B 523 0.32 -31.57 17.02
CA MET B 523 0.26 -32.71 16.13
C MET B 523 -0.04 -34.00 16.89
N SER B 524 0.67 -34.20 18.01
CA SER B 524 0.40 -35.37 18.84
C SER B 524 -1.01 -35.35 19.39
N ILE B 525 -1.50 -34.17 19.79
CA ILE B 525 -2.88 -34.05 20.29
C ILE B 525 -3.87 -34.44 19.20
N GLY B 526 -3.67 -33.91 17.99
CA GLY B 526 -4.57 -34.23 16.91
C GLY B 526 -4.65 -35.72 16.62
N VAL B 527 -3.48 -36.35 16.45
CA VAL B 527 -3.49 -37.77 16.09
C VAL B 527 -3.98 -38.63 17.26
N THR B 528 -3.67 -38.24 18.50
CA THR B 528 -4.14 -39.00 19.65
C THR B 528 -5.65 -38.89 19.80
N VAL B 529 -6.21 -37.69 19.59
CA VAL B 529 -7.66 -37.54 19.66
C VAL B 529 -8.33 -38.30 18.51
N ILE B 530 -7.69 -38.36 17.35
CA ILE B 530 -8.23 -39.18 16.26
C ILE B 530 -8.29 -40.64 16.67
N LYS B 531 -7.21 -41.15 17.26
CA LYS B 531 -7.20 -42.55 17.69
C LYS B 531 -8.23 -42.79 18.79
N ASN B 532 -8.38 -41.84 19.71
CA ASN B 532 -9.34 -41.97 20.80
C ASN B 532 -10.77 -42.04 20.26
N ASN B 533 -11.13 -41.09 19.39
CA ASN B 533 -12.43 -41.15 18.74
C ASN B 533 -12.55 -42.36 17.84
N MET B 534 -11.44 -43.01 17.48
CA MET B 534 -11.55 -44.23 16.71
C MET B 534 -11.85 -45.43 17.60
N ILE B 535 -11.44 -45.38 18.87
CA ILE B 535 -11.73 -46.45 19.82
C ILE B 535 -12.80 -46.05 20.83
N ASN B 536 -12.79 -44.80 21.30
CA ASN B 536 -13.75 -44.41 22.33
C ASN B 536 -15.08 -44.00 21.72
N ASN B 537 -15.09 -42.91 20.94
CA ASN B 537 -16.31 -42.46 20.25
C ASN B 537 -16.26 -42.92 18.79
N ASP B 538 -16.41 -44.23 18.63
CA ASP B 538 -16.05 -44.99 17.43
C ASP B 538 -16.40 -44.26 16.13
N LEU B 539 -15.38 -44.14 15.26
CA LEU B 539 -15.57 -43.70 13.88
C LEU B 539 -14.85 -44.66 12.95
N GLY B 540 -15.26 -44.65 11.68
CA GLY B 540 -14.68 -45.50 10.68
C GLY B 540 -13.24 -45.13 10.35
N PRO B 541 -12.51 -46.07 9.72
CA PRO B 541 -11.11 -45.79 9.40
C PRO B 541 -10.91 -44.78 8.28
N ALA B 542 -11.73 -44.84 7.22
CA ALA B 542 -11.59 -43.86 6.14
C ALA B 542 -11.93 -42.46 6.63
N THR B 543 -12.93 -42.34 7.50
CA THR B 543 -13.22 -41.04 8.11
C THR B 543 -12.05 -40.57 8.95
N ALA B 544 -11.38 -41.50 9.64
CA ALA B 544 -10.18 -41.13 10.38
C ALA B 544 -9.09 -40.61 9.45
N GLN B 545 -8.92 -41.25 8.29
CA GLN B 545 -7.94 -40.76 7.31
C GLN B 545 -8.27 -39.35 6.85
N MET B 546 -9.54 -39.11 6.50
CA MET B 546 -9.94 -37.79 6.01
C MET B 546 -9.79 -36.73 7.10
N ALA B 547 -10.19 -37.05 8.34
CA ALA B 547 -10.06 -36.09 9.43
C ALA B 547 -8.61 -35.81 9.75
N LEU B 548 -7.75 -36.84 9.65
CA LEU B 548 -6.33 -36.65 9.88
C LEU B 548 -5.72 -35.73 8.83
N GLN B 549 -6.06 -35.94 7.56
CA GLN B 549 -5.47 -35.07 6.53
C GLN B 549 -6.05 -33.66 6.62
N LEU B 550 -7.31 -33.53 7.05
CA LEU B 550 -7.87 -32.20 7.30
C LEU B 550 -7.10 -31.48 8.41
N PHE B 551 -6.83 -32.20 9.52
CA PHE B 551 -6.06 -31.59 10.60
C PHE B 551 -4.64 -31.27 10.16
N ILE B 552 -4.05 -32.11 9.31
CA ILE B 552 -2.70 -31.83 8.82
C ILE B 552 -2.69 -30.59 7.96
N LYS B 553 -3.69 -30.43 7.09
CA LYS B 553 -3.85 -29.20 6.33
C LYS B 553 -3.96 -27.99 7.26
N ASP B 554 -4.79 -28.10 8.30
CA ASP B 554 -4.97 -26.99 9.23
C ASP B 554 -3.67 -26.68 9.98
N TYR B 555 -2.92 -27.72 10.35
CA TYR B 555 -1.68 -27.55 11.10
C TYR B 555 -0.57 -26.99 10.21
N ARG B 556 -0.64 -27.27 8.90
CA ARG B 556 0.32 -26.72 7.97
C ARG B 556 0.03 -25.26 7.68
N TYR B 557 -1.26 -24.90 7.53
CA TYR B 557 -1.61 -23.52 7.27
C TYR B 557 -1.56 -22.63 8.51
N THR B 558 -1.60 -23.23 9.70
CA THR B 558 -1.49 -22.43 10.92
C THR B 558 -0.04 -22.05 11.25
N TYR B 559 0.89 -22.98 11.04
CA TYR B 559 2.28 -22.79 11.47
C TYR B 559 3.22 -22.42 10.33
N ARG B 560 2.69 -22.04 9.17
CA ARG B 560 3.50 -21.61 8.02
C ARG B 560 4.52 -22.67 7.62
N CYS B 561 4.12 -23.94 7.74
CA CYS B 561 5.00 -25.07 7.40
C CYS B 561 4.22 -26.00 6.47
N HIS B 562 4.26 -25.72 5.17
CA HIS B 562 3.53 -26.55 4.23
C HIS B 562 4.34 -27.80 3.87
N ARG B 563 5.46 -27.61 3.16
CA ARG B 563 6.46 -28.65 2.91
C ARG B 563 7.54 -28.03 2.04
N GLY B 564 8.63 -28.78 1.86
CA GLY B 564 9.67 -28.36 0.94
C GLY B 564 9.53 -29.02 -0.41
N ASP B 565 8.34 -29.58 -0.68
CA ASP B 565 8.04 -30.20 -1.95
C ASP B 565 7.09 -29.38 -2.81
N THR B 566 6.33 -28.47 -2.21
CA THR B 566 5.45 -27.58 -2.94
C THR B 566 6.02 -26.18 -2.96
N GLN B 567 5.70 -25.44 -4.03
CA GLN B 567 6.26 -24.11 -4.24
C GLN B 567 5.52 -23.00 -3.51
N ILE B 568 4.34 -23.27 -2.95
CA ILE B 568 3.59 -22.21 -2.28
C ILE B 568 4.41 -21.66 -1.13
N GLN B 569 4.47 -20.33 -1.03
CA GLN B 569 5.40 -19.68 -0.11
C GLN B 569 4.65 -18.70 0.78
N THR B 570 4.67 -18.98 2.08
CA THR B 570 4.19 -18.07 3.11
C THR B 570 5.38 -17.22 3.57
N ARG B 571 5.25 -16.58 4.74
CA ARG B 571 6.33 -15.77 5.29
C ARG B 571 7.56 -16.59 5.67
N ARG B 572 7.58 -17.89 5.35
CA ARG B 572 8.61 -18.78 5.90
C ARG B 572 9.24 -19.76 4.92
N SER B 573 8.65 -20.01 3.74
CA SER B 573 8.99 -21.20 2.97
C SER B 573 10.43 -21.25 2.45
N PHE B 574 11.13 -20.11 2.41
CA PHE B 574 12.49 -20.11 1.87
C PHE B 574 13.42 -20.98 2.71
N GLU B 575 13.44 -20.77 4.02
CA GLU B 575 14.31 -21.54 4.89
C GLU B 575 13.95 -23.02 4.86
N LEU B 576 12.65 -23.34 4.82
CA LEU B 576 12.21 -24.73 4.72
C LEU B 576 12.73 -25.38 3.45
N LYS B 577 12.70 -24.65 2.33
CA LYS B 577 13.14 -25.26 1.07
C LYS B 577 14.66 -25.39 1.01
N LYS B 578 15.40 -24.46 1.60
CA LYS B 578 16.84 -24.65 1.71
C LYS B 578 17.18 -25.84 2.60
N LEU B 579 16.41 -26.01 3.68
CA LEU B 579 16.57 -27.19 4.54
C LEU B 579 16.35 -28.46 3.75
N TRP B 580 15.27 -28.51 2.96
CA TRP B 580 15.04 -29.67 2.11
C TRP B 580 16.20 -29.91 1.16
N GLU B 581 16.76 -28.83 0.60
CA GLU B 581 17.84 -28.99 -0.37
C GLU B 581 19.10 -29.57 0.26
N GLN B 582 19.44 -29.16 1.48
CA GLN B 582 20.67 -29.67 2.07
C GLN B 582 20.51 -31.04 2.72
N THR B 583 19.31 -31.62 2.73
CA THR B 583 19.07 -32.91 3.35
C THR B 583 19.21 -34.05 2.35
N ARG B 584 19.84 -35.15 2.79
CA ARG B 584 20.06 -36.30 1.92
C ARG B 584 18.87 -37.27 1.93
N SER B 585 18.53 -37.81 3.09
CA SER B 585 17.39 -38.72 3.23
C SER B 585 16.17 -37.89 3.63
N LYS B 586 15.25 -37.73 2.69
CA LYS B 586 14.18 -36.74 2.83
C LYS B 586 13.12 -37.16 3.86
N ALA B 587 12.89 -38.46 4.03
CA ALA B 587 11.73 -38.92 4.77
C ALA B 587 11.78 -38.55 6.25
N GLY B 588 12.96 -38.41 6.83
CA GLY B 588 13.09 -38.17 8.26
C GLY B 588 12.65 -36.81 8.74
N LEU B 589 12.38 -35.87 7.83
CA LEU B 589 12.10 -34.51 8.24
C LEU B 589 10.74 -34.39 8.94
N LEU B 590 10.74 -33.64 10.05
CA LEU B 590 9.51 -33.31 10.76
C LEU B 590 8.60 -32.44 9.90
N VAL B 591 7.30 -32.48 10.21
CA VAL B 591 6.35 -31.63 9.50
C VAL B 591 6.62 -30.17 9.82
N SER B 592 7.00 -29.87 11.06
CA SER B 592 7.39 -28.52 11.43
C SER B 592 8.58 -28.05 10.62
N ASP B 593 9.44 -28.98 10.20
CA ASP B 593 10.63 -28.65 9.40
C ASP B 593 10.42 -28.95 7.92
N GLY B 594 9.18 -28.88 7.44
CA GLY B 594 8.91 -29.10 6.04
C GLY B 594 9.14 -30.54 5.62
N GLY B 595 8.45 -31.48 6.25
CA GLY B 595 8.63 -32.87 5.95
C GLY B 595 7.36 -33.57 5.48
N PRO B 596 7.52 -34.75 4.90
CA PRO B 596 6.35 -35.49 4.42
C PRO B 596 5.57 -36.08 5.59
N ASN B 597 4.26 -36.16 5.42
CA ASN B 597 3.40 -36.74 6.43
C ASN B 597 3.23 -38.23 6.15
N LEU B 598 3.83 -39.06 6.99
CA LEU B 598 3.70 -40.51 6.88
C LEU B 598 2.88 -41.09 8.03
N TYR B 599 2.14 -40.24 8.75
CA TYR B 599 1.23 -40.70 9.80
C TYR B 599 0.02 -41.38 9.19
N ASN B 600 -0.22 -42.62 9.58
CA ASN B 600 -1.42 -43.34 9.16
C ASN B 600 -1.97 -44.11 10.36
N ILE B 601 -3.02 -44.90 10.14
CA ILE B 601 -3.68 -45.62 11.22
C ILE B 601 -2.71 -46.55 11.94
N ARG B 602 -1.74 -47.12 11.21
CA ARG B 602 -0.80 -48.04 11.84
C ARG B 602 0.06 -47.34 12.89
N ASN B 603 0.30 -46.04 12.72
CA ASN B 603 1.24 -45.30 13.55
C ASN B 603 0.60 -44.02 14.05
N LEU B 604 -0.69 -44.08 14.36
CA LEU B 604 -1.37 -42.94 14.97
C LEU B 604 -1.03 -42.73 16.44
N HIS B 605 -0.32 -43.68 17.05
CA HIS B 605 0.03 -43.59 18.46
C HIS B 605 1.45 -43.14 18.71
N ILE B 606 2.35 -43.34 17.77
CA ILE B 606 3.76 -42.97 17.96
C ILE B 606 3.89 -41.45 17.84
N PRO B 607 4.62 -40.79 18.74
CA PRO B 607 4.93 -39.37 18.54
C PRO B 607 5.79 -39.19 17.29
N GLU B 608 5.65 -38.01 16.67
CA GLU B 608 6.26 -37.76 15.36
C GLU B 608 7.76 -38.03 15.36
N VAL B 609 8.45 -37.63 16.43
CA VAL B 609 9.90 -37.69 16.43
C VAL B 609 10.40 -39.12 16.28
N CYS B 610 9.86 -40.04 17.09
CA CYS B 610 10.36 -41.41 17.11
C CYS B 610 10.05 -42.16 15.82
N LEU B 611 8.92 -41.87 15.17
CA LEU B 611 8.60 -42.55 13.92
C LEU B 611 9.59 -42.16 12.82
N LYS B 612 9.84 -40.86 12.65
CA LYS B 612 10.81 -40.39 11.69
C LYS B 612 12.24 -40.52 12.19
N TRP B 613 12.43 -40.95 13.44
CA TRP B 613 13.75 -40.92 14.07
C TRP B 613 14.75 -41.80 13.32
N GLU B 614 14.29 -42.93 12.79
CA GLU B 614 15.19 -43.81 12.05
C GLU B 614 15.55 -43.20 10.70
N LEU B 615 14.61 -42.51 10.06
CA LEU B 615 14.78 -42.02 8.70
C LEU B 615 15.40 -40.64 8.64
N MET B 616 15.71 -40.02 9.78
CA MET B 616 16.37 -38.73 9.76
C MET B 616 17.82 -38.87 9.28
N ASP B 617 18.45 -37.74 9.03
CA ASP B 617 19.89 -37.72 8.78
C ASP B 617 20.60 -37.48 10.10
N GLU B 618 21.84 -37.97 10.19
CA GLU B 618 22.55 -37.92 11.46
C GLU B 618 22.76 -36.49 11.93
N ASP B 619 23.16 -35.61 11.01
CA ASP B 619 23.28 -34.19 11.35
C ASP B 619 21.93 -33.61 11.75
N TYR B 620 20.87 -34.05 11.09
CA TYR B 620 19.52 -33.59 11.45
C TYR B 620 19.19 -33.97 12.89
N GLN B 621 19.48 -35.22 13.27
CA GLN B 621 19.24 -35.66 14.64
C GLN B 621 20.07 -34.85 15.62
N GLY B 622 21.37 -34.71 15.35
CA GLY B 622 22.23 -33.99 16.25
C GLY B 622 21.89 -32.52 16.40
N ARG B 623 21.27 -31.93 15.36
CA ARG B 623 20.86 -30.54 15.42
C ARG B 623 19.44 -30.34 15.93
N LEU B 624 18.61 -31.38 15.94
CA LEU B 624 17.20 -31.20 16.30
C LEU B 624 16.96 -31.29 17.80
N CYS B 625 17.39 -32.38 18.42
CA CYS B 625 17.03 -32.69 19.79
C CYS B 625 17.93 -32.05 20.83
N ASN B 626 18.86 -31.20 20.42
CA ASN B 626 19.83 -30.61 21.34
C ASN B 626 19.14 -29.83 22.45
N PRO B 627 19.20 -30.32 23.70
CA PRO B 627 18.52 -29.63 24.80
C PRO B 627 19.19 -28.34 25.22
N LEU B 628 20.43 -28.10 24.78
CA LEU B 628 21.08 -26.81 25.02
C LEU B 628 20.59 -25.83 23.97
N ASN B 629 19.27 -25.74 23.81
CA ASN B 629 18.55 -24.93 22.86
C ASN B 629 17.92 -23.72 23.54
N PRO B 630 17.81 -22.60 22.84
CA PRO B 630 17.28 -21.37 23.46
C PRO B 630 15.76 -21.25 23.47
N PHE B 631 15.02 -22.23 22.97
CA PHE B 631 13.57 -22.11 22.90
C PHE B 631 12.90 -22.70 24.15
N TYR B 657 3.15 -34.34 24.67
CA TYR B 657 4.02 -35.52 24.61
C TYR B 657 5.47 -35.10 24.33
N ASP B 658 6.10 -35.75 23.35
CA ASP B 658 7.50 -35.49 23.07
C ASP B 658 7.67 -34.07 22.51
N ALA B 659 8.61 -33.33 23.10
CA ALA B 659 8.92 -31.99 22.64
C ALA B 659 10.43 -31.87 22.43
N VAL B 660 10.80 -31.08 21.42
CA VAL B 660 12.19 -30.86 21.06
C VAL B 660 12.43 -29.36 20.97
N ALA B 661 13.63 -28.96 20.51
CA ALA B 661 13.94 -27.55 20.36
C ALA B 661 12.88 -26.80 19.57
N THR B 662 12.11 -27.49 18.74
CA THR B 662 10.92 -26.91 18.13
C THR B 662 9.77 -27.02 19.14
N THR B 663 9.87 -26.20 20.18
CA THR B 663 8.84 -26.11 21.23
C THR B 663 8.71 -24.62 21.54
N HIS B 664 7.63 -24.02 21.04
CA HIS B 664 7.56 -22.57 20.92
C HIS B 664 7.46 -21.89 22.28
N SER B 665 6.45 -22.26 23.07
CA SER B 665 6.07 -21.53 24.27
C SER B 665 5.73 -20.08 23.90
N TRP B 666 4.64 -19.95 23.16
CA TRP B 666 4.22 -18.69 22.56
C TRP B 666 3.99 -17.62 23.62
N ILE B 667 3.87 -16.38 23.16
CA ILE B 667 3.70 -15.22 24.05
C ILE B 667 2.26 -15.19 24.54
N PRO B 668 2.01 -15.02 25.84
CA PRO B 668 0.64 -14.96 26.37
C PRO B 668 -0.14 -13.76 25.85
N GLN B 687 -3.35 -12.76 41.54
CA GLN B 687 -1.89 -12.96 41.53
C GLN B 687 -1.39 -13.26 42.94
N MET B 688 -2.22 -13.94 43.73
CA MET B 688 -1.89 -14.20 45.14
C MET B 688 -1.30 -15.58 45.36
N TYR B 689 -2.02 -16.63 44.96
CA TYR B 689 -1.60 -18.00 45.24
C TYR B 689 -0.51 -18.47 44.28
N GLN B 690 -0.74 -18.29 42.98
CA GLN B 690 0.17 -18.82 41.97
C GLN B 690 1.57 -18.20 42.10
N LYS B 691 1.65 -16.96 42.58
CA LYS B 691 2.95 -16.33 42.78
C LYS B 691 3.77 -17.08 43.81
N CYS B 692 3.17 -17.37 44.97
CA CYS B 692 3.83 -18.15 45.99
C CYS B 692 4.20 -19.53 45.48
N CYS B 693 3.27 -20.16 44.73
CA CYS B 693 3.54 -21.51 44.24
C CYS B 693 4.70 -21.52 43.26
N ASN B 694 4.79 -20.51 42.38
CA ASN B 694 5.88 -20.48 41.41
C ASN B 694 7.21 -20.20 42.07
N LEU B 695 7.24 -19.31 43.07
CA LEU B 695 8.49 -19.10 43.81
C LEU B 695 8.93 -20.37 44.53
N PHE B 696 7.97 -21.06 45.17
CA PHE B 696 8.27 -22.33 45.82
C PHE B 696 8.83 -23.35 44.83
N GLU B 697 8.19 -23.47 43.67
CA GLU B 697 8.67 -24.40 42.64
C GLU B 697 10.07 -24.04 42.17
N LYS B 698 10.37 -22.74 42.06
CA LYS B 698 11.73 -22.33 41.72
C LYS B 698 12.70 -22.73 42.83
N PHE B 699 12.23 -22.79 44.07
CA PHE B 699 13.10 -23.26 45.15
C PHE B 699 13.21 -24.79 45.16
N PHE B 700 12.11 -25.49 44.90
CA PHE B 700 12.11 -26.95 44.85
C PHE B 700 11.57 -27.42 43.51
N PRO B 701 12.41 -27.99 42.63
CA PRO B 701 11.88 -28.45 41.34
C PRO B 701 10.87 -29.57 41.48
N SER B 702 11.08 -30.49 42.43
CA SER B 702 10.17 -31.61 42.60
C SER B 702 8.75 -31.17 42.91
N SER B 703 8.57 -29.95 43.43
CA SER B 703 7.25 -29.44 43.73
C SER B 703 6.39 -29.29 42.47
N SER B 704 7.02 -29.25 41.29
CA SER B 704 6.29 -29.16 40.04
C SER B 704 5.91 -30.53 39.48
N TYR B 705 6.42 -31.61 40.08
CA TYR B 705 6.16 -32.97 39.61
C TYR B 705 5.34 -33.79 40.59
N ARG B 706 5.80 -33.90 41.84
CA ARG B 706 5.13 -34.70 42.86
C ARG B 706 4.64 -33.80 43.98
N ARG B 707 3.45 -34.07 44.49
CA ARG B 707 2.90 -33.30 45.60
C ARG B 707 3.84 -33.35 46.79
N PRO B 708 4.37 -32.21 47.24
CA PRO B 708 5.39 -32.22 48.29
C PRO B 708 4.82 -32.63 49.64
N VAL B 709 5.73 -33.05 50.51
CA VAL B 709 5.39 -33.50 51.86
C VAL B 709 6.28 -32.75 52.86
N GLY B 710 5.64 -32.10 53.83
CA GLY B 710 6.37 -31.35 54.84
C GLY B 710 5.48 -30.54 55.76
N ILE B 711 5.78 -30.55 57.06
CA ILE B 711 4.94 -29.86 58.03
C ILE B 711 5.35 -28.42 58.26
N SER B 712 6.59 -28.05 57.92
CA SER B 712 7.04 -26.68 58.12
C SER B 712 6.28 -25.71 57.21
N SER B 713 6.31 -24.43 57.60
CA SER B 713 5.73 -23.40 56.76
C SER B 713 6.55 -23.26 55.48
N MET B 714 5.94 -22.62 54.48
CA MET B 714 6.63 -22.39 53.22
C MET B 714 7.93 -21.62 53.44
N VAL B 715 7.86 -20.55 54.24
CA VAL B 715 9.02 -19.68 54.44
C VAL B 715 10.13 -20.42 55.17
N GLU B 716 9.77 -21.24 56.17
CA GLU B 716 10.79 -21.93 56.95
C GLU B 716 11.58 -22.90 56.08
N ALA B 717 10.92 -23.53 55.10
CA ALA B 717 11.63 -24.42 54.19
C ALA B 717 12.44 -23.63 53.17
N MET B 718 11.87 -22.53 52.65
CA MET B 718 12.55 -21.75 51.63
C MET B 718 13.84 -21.14 52.17
N VAL B 719 13.81 -20.63 53.41
CA VAL B 719 14.99 -20.00 53.99
C VAL B 719 16.11 -21.01 54.17
N SER B 720 15.78 -22.19 54.73
CA SER B 720 16.80 -23.21 54.93
C SER B 720 17.37 -23.68 53.60
N ARG B 721 16.51 -23.88 52.60
CA ARG B 721 17.00 -24.30 51.28
C ARG B 721 17.94 -23.25 50.68
N ALA B 722 17.57 -21.97 50.80
CA ALA B 722 18.43 -20.91 50.29
C ALA B 722 19.78 -20.91 51.01
N ARG B 723 19.77 -21.07 52.33
CA ARG B 723 21.01 -21.04 53.08
C ARG B 723 21.92 -22.21 52.71
N ILE B 724 21.35 -23.42 52.56
CA ILE B 724 22.15 -24.58 52.20
C ILE B 724 22.70 -24.43 50.79
N ASP B 725 21.87 -23.95 49.85
CA ASP B 725 22.34 -23.75 48.49
C ASP B 725 23.48 -22.72 48.45
N ALA B 726 23.33 -21.63 49.21
CA ALA B 726 24.40 -20.65 49.31
C ALA B 726 25.69 -21.28 49.82
N ARG B 727 25.58 -22.08 50.89
CA ARG B 727 26.76 -22.75 51.43
C ARG B 727 27.44 -23.61 50.37
N ILE B 728 26.66 -24.42 49.65
CA ILE B 728 27.27 -25.40 48.76
C ILE B 728 27.88 -24.73 47.53
N ASP B 729 27.18 -23.74 46.94
CA ASP B 729 27.78 -23.08 45.79
C ASP B 729 28.80 -22.01 46.18
N PHE B 730 28.99 -21.77 47.48
CA PHE B 730 30.11 -20.94 47.92
C PHE B 730 31.36 -21.81 48.14
N GLU B 731 31.19 -22.94 48.83
CA GLU B 731 32.35 -23.77 49.17
C GLU B 731 32.91 -24.49 47.94
N SER B 732 32.11 -25.38 47.36
CA SER B 732 32.57 -26.14 46.19
C SER B 732 32.37 -25.35 44.91
N GLY B 733 31.23 -24.69 44.76
CA GLY B 733 30.99 -23.86 43.60
C GLY B 733 31.80 -22.58 43.64
N ARG B 734 31.38 -21.58 42.87
CA ARG B 734 32.08 -20.30 42.80
C ARG B 734 31.07 -19.19 43.00
N ILE B 735 31.22 -18.43 44.09
CA ILE B 735 30.41 -17.24 44.32
C ILE B 735 31.18 -16.31 45.23
N LYS B 736 30.90 -15.01 45.10
CA LYS B 736 31.57 -14.02 45.94
C LYS B 736 31.01 -14.07 47.36
N LYS B 737 31.91 -13.92 48.33
CA LYS B 737 31.52 -13.97 49.74
C LYS B 737 30.53 -12.88 50.10
N GLU B 738 30.62 -11.72 49.45
CA GLU B 738 29.70 -10.62 49.73
C GLU B 738 28.28 -10.94 49.27
N GLU B 739 28.14 -11.58 48.11
CA GLU B 739 26.81 -12.02 47.67
C GLU B 739 26.21 -13.02 48.64
N PHE B 740 27.03 -13.95 49.15
CA PHE B 740 26.61 -14.87 50.19
C PHE B 740 26.13 -14.13 51.43
N ALA B 741 26.92 -13.14 51.87
CA ALA B 741 26.58 -12.39 53.08
C ALA B 741 25.28 -11.63 52.91
N GLU B 742 25.04 -11.07 51.71
CA GLU B 742 23.79 -10.36 51.49
C GLU B 742 22.61 -11.32 51.44
N ILE B 743 22.83 -12.50 50.84
CA ILE B 743 21.80 -13.54 50.86
C ILE B 743 21.39 -13.85 52.30
N MET B 744 22.38 -14.08 53.16
CA MET B 744 22.05 -14.48 54.53
C MET B 744 21.53 -13.32 55.36
N LYS B 745 21.94 -12.09 55.07
CA LYS B 745 21.36 -10.95 55.78
C LYS B 745 19.89 -10.78 55.40
N ILE B 746 19.54 -11.00 54.13
CA ILE B 746 18.13 -10.95 53.76
C ILE B 746 17.37 -12.13 54.39
N CYS B 747 18.02 -13.29 54.50
CA CYS B 747 17.38 -14.43 55.15
C CYS B 747 17.09 -14.16 56.63
N SER B 748 18.05 -13.57 57.34
CA SER B 748 17.82 -13.21 58.74
C SER B 748 16.81 -12.06 58.85
N THR B 749 16.77 -11.17 57.86
CA THR B 749 15.71 -10.16 57.83
C THR B 749 14.34 -10.82 57.75
N ILE B 750 14.21 -11.87 56.95
CA ILE B 750 12.95 -12.62 56.90
C ILE B 750 12.69 -13.32 58.23
N GLU B 751 13.75 -13.89 58.83
CA GLU B 751 13.60 -14.55 60.13
C GLU B 751 13.02 -13.59 61.17
N GLU B 752 13.51 -12.35 61.20
CA GLU B 752 12.92 -11.35 62.07
C GLU B 752 11.56 -10.89 61.58
N LEU B 753 11.28 -11.01 60.28
CA LEU B 753 10.01 -10.55 59.72
C LEU B 753 8.90 -11.58 59.87
N ARG B 754 9.20 -12.88 59.81
CA ARG B 754 8.15 -13.87 59.97
C ARG B 754 7.72 -14.05 61.42
N ARG B 755 8.40 -13.39 62.36
CA ARG B 755 8.03 -13.42 63.77
C ARG B 755 7.03 -12.34 64.14
N GLN B 756 6.84 -11.34 63.28
CA GLN B 756 5.89 -10.26 63.53
C GLN B 756 4.70 -10.38 62.58
N MET C 1 20.43 -15.08 44.18
CA MET C 1 19.88 -14.13 45.13
C MET C 1 18.53 -13.59 44.65
N GLU C 2 18.19 -13.91 43.40
CA GLU C 2 16.93 -13.42 42.83
C GLU C 2 15.73 -14.01 43.56
N ARG C 3 15.76 -15.31 43.84
CA ARG C 3 14.64 -15.98 44.50
C ARG C 3 14.39 -15.40 45.89
N ILE C 4 15.44 -15.27 46.68
CA ILE C 4 15.29 -14.77 48.05
C ILE C 4 14.89 -13.30 48.03
N LYS C 5 15.32 -12.55 47.02
CA LYS C 5 14.88 -11.16 46.90
C LYS C 5 13.40 -11.09 46.59
N GLU C 6 12.91 -12.00 45.73
CA GLU C 6 11.47 -12.07 45.49
C GLU C 6 10.73 -12.41 46.77
N LEU C 7 11.28 -13.34 47.56
CA LEU C 7 10.70 -13.66 48.86
C LEU C 7 10.61 -12.42 49.75
N ARG C 8 11.69 -11.64 49.83
CA ARG C 8 11.68 -10.46 50.68
C ARG C 8 10.65 -9.44 50.22
N ASN C 9 10.68 -9.07 48.94
CA ASN C 9 9.71 -8.07 48.48
C ASN C 9 8.30 -8.62 48.43
N LEU C 10 8.11 -9.93 48.67
CA LEU C 10 6.78 -10.49 48.76
C LEU C 10 6.27 -10.56 50.20
N MET C 11 7.17 -10.76 51.16
CA MET C 11 6.78 -10.89 52.57
C MET C 11 6.48 -9.55 53.24
N SER C 12 6.68 -8.42 52.56
CA SER C 12 6.35 -7.14 53.16
C SER C 12 4.85 -6.84 53.09
N GLN C 13 4.20 -7.26 51.99
CA GLN C 13 2.76 -7.11 51.88
C GLN C 13 2.07 -8.08 52.83
N SER C 14 1.15 -7.55 53.65
CA SER C 14 0.64 -8.30 54.80
C SER C 14 -0.21 -9.50 54.38
N ARG C 15 -1.17 -9.29 53.48
CA ARG C 15 -2.10 -10.35 53.11
C ARG C 15 -1.43 -11.51 52.40
N THR C 16 -0.17 -11.36 51.98
CA THR C 16 0.61 -12.49 51.49
C THR C 16 1.60 -13.02 52.53
N ARG C 17 2.09 -12.14 53.42
CA ARG C 17 2.92 -12.61 54.52
C ARG C 17 2.15 -13.59 55.40
N GLU C 18 0.89 -13.29 55.69
CA GLU C 18 0.09 -14.18 56.53
C GLU C 18 -0.08 -15.55 55.89
N ILE C 19 -0.31 -15.60 54.57
CA ILE C 19 -0.54 -16.87 53.92
C ILE C 19 0.76 -17.64 53.71
N LEU C 20 1.89 -16.95 53.58
CA LEU C 20 3.17 -17.65 53.54
C LEU C 20 3.53 -18.18 54.92
N THR C 21 3.02 -17.53 55.98
CA THR C 21 3.31 -17.99 57.34
C THR C 21 2.47 -19.21 57.72
N LYS C 22 1.16 -19.13 57.50
CA LYS C 22 0.25 -20.13 58.07
C LYS C 22 0.31 -21.45 57.31
N THR C 23 0.01 -21.42 56.00
CA THR C 23 -0.07 -22.64 55.21
C THR C 23 1.26 -23.37 55.15
N THR C 24 1.21 -24.70 55.27
CA THR C 24 2.38 -25.54 55.34
C THR C 24 2.71 -26.13 53.97
N VAL C 25 3.85 -26.84 53.92
CA VAL C 25 4.34 -27.42 52.67
C VAL C 25 3.41 -28.51 52.17
N ASP C 26 2.92 -29.37 53.08
CA ASP C 26 2.05 -30.48 52.70
C ASP C 26 0.91 -30.05 51.81
N HIS C 27 0.49 -28.79 51.90
CA HIS C 27 -0.70 -28.29 51.23
C HIS C 27 -0.42 -27.43 50.01
N MET C 28 0.84 -27.35 49.55
CA MET C 28 1.11 -26.51 48.39
C MET C 28 0.25 -26.94 47.19
N ALA C 29 0.05 -28.26 47.03
CA ALA C 29 -0.78 -28.74 45.93
C ALA C 29 -2.21 -28.24 46.03
N ILE C 30 -2.71 -28.02 47.25
CA ILE C 30 -4.08 -27.51 47.41
C ILE C 30 -4.14 -26.02 47.16
N ILE C 31 -2.98 -25.34 47.10
CA ILE C 31 -2.92 -23.91 46.81
C ILE C 31 -2.38 -23.65 45.42
N LYS C 32 -1.82 -24.66 44.76
CA LYS C 32 -1.39 -24.55 43.37
C LYS C 32 -2.56 -24.49 42.40
N LYS C 33 -3.73 -24.98 42.81
CA LYS C 33 -4.89 -25.08 41.95
C LYS C 33 -5.85 -23.91 42.15
N TYR C 34 -5.31 -22.72 42.43
CA TYR C 34 -6.08 -21.49 42.60
C TYR C 34 -5.67 -20.51 41.50
N THR C 35 -6.41 -20.52 40.40
CA THR C 35 -6.07 -19.76 39.22
C THR C 35 -7.21 -18.81 38.87
N SER C 36 -6.90 -17.80 38.05
CA SER C 36 -7.95 -16.96 37.50
C SER C 36 -8.89 -17.77 36.62
N GLY C 37 -8.32 -18.59 35.72
CA GLY C 37 -9.10 -19.50 34.91
C GLY C 37 -10.00 -18.85 33.88
N ARG C 38 -9.41 -18.06 32.98
CA ARG C 38 -10.16 -17.43 31.90
C ARG C 38 -9.49 -17.56 30.53
N GLN C 39 -8.18 -17.84 30.46
CA GLN C 39 -7.43 -17.85 29.22
C GLN C 39 -7.73 -19.12 28.43
N GLU C 40 -8.99 -19.20 27.97
CA GLU C 40 -9.52 -20.30 27.19
C GLU C 40 -10.29 -19.75 26.01
N LYS C 41 -9.74 -18.71 25.39
CA LYS C 41 -10.41 -17.98 24.31
C LYS C 41 -9.97 -18.56 22.97
N ASN C 42 -10.63 -19.66 22.58
CA ASN C 42 -10.41 -20.30 21.28
C ASN C 42 -8.93 -20.49 21.03
N PRO C 43 -8.28 -21.44 21.71
CA PRO C 43 -6.81 -21.53 21.60
C PRO C 43 -6.31 -21.65 20.17
N SER C 44 -7.08 -22.27 19.28
CA SER C 44 -6.68 -22.33 17.88
C SER C 44 -6.72 -20.96 17.24
N LEU C 45 -7.77 -20.18 17.53
CA LEU C 45 -7.91 -18.87 16.90
C LEU C 45 -6.90 -17.86 17.45
N ARG C 46 -6.73 -17.83 18.77
CA ARG C 46 -5.70 -16.96 19.34
C ARG C 46 -4.31 -17.38 18.86
N MET C 47 -4.07 -18.69 18.74
CA MET C 47 -2.79 -19.17 18.23
C MET C 47 -2.57 -18.68 16.80
N LYS C 48 -3.61 -18.75 15.97
CA LYS C 48 -3.49 -18.31 14.58
C LYS C 48 -3.27 -16.79 14.50
N TRP C 49 -3.96 -16.02 15.35
CA TRP C 49 -3.77 -14.58 15.35
C TRP C 49 -2.37 -14.20 15.79
N MET C 50 -1.79 -14.96 16.73
CA MET C 50 -0.42 -14.66 17.15
C MET C 50 0.59 -15.11 16.10
N MET C 51 0.36 -16.25 15.46
CA MET C 51 1.26 -16.71 14.41
C MET C 51 1.25 -15.75 13.22
N ALA C 52 0.08 -15.19 12.89
CA ALA C 52 0.01 -14.20 11.84
C ALA C 52 0.79 -12.94 12.20
N MET C 53 0.93 -12.66 13.49
CA MET C 53 1.72 -11.52 13.93
C MET C 53 3.21 -11.79 13.74
N LYS C 54 3.97 -10.70 13.74
CA LYS C 54 5.42 -10.77 13.60
C LYS C 54 6.06 -11.15 14.93
N TYR C 55 6.89 -12.19 14.91
CA TYR C 55 7.69 -12.64 16.06
C TYR C 55 6.82 -12.93 17.28
N PRO C 56 6.05 -14.02 17.27
CA PRO C 56 5.23 -14.34 18.46
C PRO C 56 5.94 -15.22 19.48
N ILE C 57 6.99 -15.93 19.06
CA ILE C 57 7.69 -16.85 19.93
C ILE C 57 8.61 -16.08 20.87
N THR C 58 8.59 -16.43 22.15
CA THR C 58 9.50 -15.85 23.13
C THR C 58 10.55 -16.88 23.54
N ALA C 59 11.82 -16.50 23.40
CA ALA C 59 12.95 -17.32 23.80
C ALA C 59 13.77 -16.58 24.85
N ASP C 60 14.89 -17.17 25.24
CA ASP C 60 15.81 -16.58 26.21
C ASP C 60 16.67 -15.53 25.49
N LYS C 61 17.73 -15.08 26.16
CA LYS C 61 18.59 -14.03 25.63
C LYS C 61 19.88 -14.56 24.98
N ARG C 62 20.11 -15.87 25.00
CA ARG C 62 21.37 -16.40 24.47
C ARG C 62 21.36 -16.58 22.95
N ILE C 63 20.25 -16.26 22.27
CA ILE C 63 20.25 -16.33 20.81
C ILE C 63 21.03 -15.18 20.18
N THR C 64 21.30 -14.12 20.96
CA THR C 64 21.97 -12.95 20.40
C THR C 64 23.34 -13.32 19.84
N GLU C 65 24.05 -14.22 20.52
CA GLU C 65 25.37 -14.67 20.11
C GLU C 65 25.33 -16.06 19.48
N MET C 66 24.15 -16.61 19.25
CA MET C 66 24.00 -17.97 18.73
C MET C 66 23.49 -17.99 17.29
N VAL C 67 22.42 -17.27 16.99
CA VAL C 67 21.90 -17.17 15.63
C VAL C 67 22.16 -15.76 15.13
N PRO C 68 22.30 -15.55 13.82
CA PRO C 68 22.47 -14.19 13.32
C PRO C 68 21.16 -13.44 13.30
N GLU C 69 21.25 -12.12 13.21
CA GLU C 69 20.05 -11.30 13.17
C GLU C 69 19.33 -11.43 11.83
N ARG C 70 20.05 -11.27 10.73
CA ARG C 70 19.46 -11.43 9.41
C ARG C 70 19.99 -12.71 8.78
N ASN C 71 19.09 -13.48 8.18
CA ASN C 71 19.42 -14.77 7.60
C ASN C 71 20.08 -14.55 6.24
N GLU C 72 20.19 -15.62 5.46
CA GLU C 72 20.77 -15.53 4.12
C GLU C 72 19.93 -14.70 3.16
N GLN C 73 18.74 -14.25 3.57
CA GLN C 73 17.88 -13.45 2.70
C GLN C 73 17.34 -12.20 3.40
N GLY C 74 18.00 -11.75 4.47
CA GLY C 74 17.61 -10.52 5.11
C GLY C 74 16.28 -10.56 5.83
N GLN C 75 15.89 -11.73 6.35
CA GLN C 75 14.63 -11.86 7.07
C GLN C 75 14.83 -11.56 8.54
N THR C 76 13.95 -10.73 9.10
CA THR C 76 14.04 -10.36 10.51
C THR C 76 13.47 -11.47 11.38
N LEU C 77 14.19 -11.79 12.46
CA LEU C 77 13.74 -12.82 13.38
C LEU C 77 14.02 -12.48 14.85
N TRP C 78 14.21 -11.20 15.18
CA TRP C 78 14.54 -10.78 16.53
C TRP C 78 13.65 -9.62 16.99
N SER C 79 13.96 -9.05 18.14
CA SER C 79 13.25 -7.89 18.68
C SER C 79 14.07 -7.33 19.85
N LYS C 80 13.49 -6.36 20.55
CA LYS C 80 14.10 -5.78 21.73
C LYS C 80 13.00 -5.16 22.59
N MET C 81 13.18 -5.26 23.91
CA MET C 81 12.29 -4.58 24.85
C MET C 81 12.89 -4.60 26.26
N VAL C 89 11.70 -10.44 24.85
CA VAL C 89 12.49 -10.73 23.68
C VAL C 89 11.73 -11.66 22.72
N MET C 90 11.03 -11.05 21.77
CA MET C 90 10.23 -11.78 20.79
C MET C 90 11.11 -12.40 19.72
N VAL C 91 10.58 -13.43 19.06
CA VAL C 91 11.33 -14.20 18.07
C VAL C 91 10.36 -14.70 16.99
N SER C 92 10.79 -14.60 15.73
CA SER C 92 10.00 -15.11 14.61
C SER C 92 10.18 -16.63 14.51
N PRO C 93 9.14 -17.36 14.08
CA PRO C 93 9.28 -18.82 13.99
C PRO C 93 10.33 -19.29 12.98
N LEU C 94 10.64 -18.50 11.96
CA LEU C 94 11.66 -18.92 11.00
C LEU C 94 13.02 -19.10 11.65
N ALA C 95 13.27 -18.40 12.77
CA ALA C 95 14.52 -18.59 13.48
C ALA C 95 14.70 -20.05 13.88
N VAL C 96 13.62 -20.70 14.30
CA VAL C 96 13.70 -22.13 14.61
C VAL C 96 14.27 -22.88 13.41
N THR C 97 13.66 -22.69 12.25
CA THR C 97 14.07 -23.43 11.07
C THR C 97 15.52 -23.13 10.70
N TRP C 98 16.02 -21.93 11.02
CA TRP C 98 17.42 -21.68 10.77
C TRP C 98 18.30 -22.54 11.67
N TRP C 99 18.08 -22.43 12.99
CA TRP C 99 18.87 -23.22 13.93
C TRP C 99 18.74 -24.70 13.66
N ASN C 100 17.63 -25.11 13.05
CA ASN C 100 17.41 -26.49 12.65
C ASN C 100 18.27 -26.90 11.46
N ARG C 101 18.83 -25.95 10.71
CA ARG C 101 19.52 -26.30 9.46
C ARG C 101 21.00 -26.58 9.68
N ASN C 102 21.75 -25.58 10.13
CA ASN C 102 23.18 -25.75 10.41
C ASN C 102 23.50 -24.91 11.64
N GLY C 103 23.56 -25.57 12.79
CA GLY C 103 23.90 -24.92 14.03
C GLY C 103 24.78 -25.82 14.87
N PRO C 104 24.56 -25.84 16.18
CA PRO C 104 25.40 -26.69 17.04
C PRO C 104 25.02 -28.16 16.92
N MET C 105 25.56 -28.83 15.88
CA MET C 105 25.43 -30.27 15.77
C MET C 105 26.14 -30.94 16.95
N THR C 106 25.43 -31.85 17.61
CA THR C 106 25.99 -32.51 18.79
C THR C 106 25.70 -34.01 18.71
N SER C 107 26.45 -34.77 19.50
CA SER C 107 26.31 -36.21 19.62
C SER C 107 25.17 -36.62 20.57
N THR C 108 24.21 -35.72 20.81
CA THR C 108 23.06 -35.92 21.69
C THR C 108 22.10 -37.03 21.19
N VAL C 109 22.52 -37.69 20.11
CA VAL C 109 21.87 -38.87 19.56
C VAL C 109 21.89 -39.98 20.60
N HIS C 110 22.51 -39.72 21.76
CA HIS C 110 22.34 -40.55 22.95
C HIS C 110 20.89 -40.68 23.39
N TYR C 111 19.99 -39.85 22.86
CA TYR C 111 18.57 -39.81 23.24
C TYR C 111 17.90 -41.15 23.51
N PRO C 112 17.96 -42.18 22.64
CA PRO C 112 17.07 -43.34 22.82
C PRO C 112 17.38 -44.23 24.02
N LYS C 113 17.48 -43.63 25.20
CA LYS C 113 17.55 -44.40 26.44
C LYS C 113 16.52 -43.86 27.42
N VAL C 114 16.24 -42.56 27.33
CA VAL C 114 15.20 -41.94 28.14
C VAL C 114 13.83 -42.05 27.46
N TYR C 115 13.80 -42.06 26.14
CA TYR C 115 12.57 -42.21 25.37
C TYR C 115 12.35 -43.64 24.89
N LYS C 116 12.95 -44.62 25.58
CA LYS C 116 12.85 -46.01 25.12
C LYS C 116 11.40 -46.46 25.00
N THR C 117 10.50 -45.92 25.83
CA THR C 117 9.10 -46.36 25.81
C THR C 117 8.42 -46.14 24.46
N TYR C 118 8.96 -45.27 23.60
CA TYR C 118 8.40 -45.03 22.28
C TYR C 118 9.09 -45.84 21.19
N PHE C 119 10.42 -45.91 21.22
CA PHE C 119 11.14 -46.75 20.29
C PHE C 119 10.78 -48.22 20.47
N GLU C 120 10.31 -48.59 21.67
CA GLU C 120 9.76 -49.93 21.87
C GLU C 120 8.58 -50.16 20.93
N LYS C 121 7.63 -49.22 20.88
CA LYS C 121 6.51 -49.35 19.95
C LYS C 121 6.98 -49.34 18.51
N VAL C 122 7.97 -48.49 18.20
CA VAL C 122 8.51 -48.43 16.84
C VAL C 122 9.04 -49.81 16.42
N GLU C 123 9.84 -50.43 17.29
CA GLU C 123 10.40 -51.74 16.98
C GLU C 123 9.32 -52.81 16.91
N ARG C 124 8.27 -52.70 17.74
CA ARG C 124 7.15 -53.62 17.64
C ARG C 124 6.46 -53.49 16.29
N LEU C 125 6.42 -52.28 15.74
CA LEU C 125 5.84 -52.09 14.42
C LEU C 125 6.75 -52.62 13.31
N LYS C 126 8.07 -52.57 13.52
CA LYS C 126 8.99 -53.02 12.47
C LYS C 126 8.75 -54.47 12.09
N HIS C 127 8.95 -55.40 13.03
CA HIS C 127 8.72 -56.81 12.77
C HIS C 127 7.31 -57.26 13.14
N GLY C 128 6.36 -56.34 13.16
CA GLY C 128 4.98 -56.64 13.49
C GLY C 128 4.23 -57.23 12.32
N THR C 129 4.49 -58.51 12.02
CA THR C 129 3.85 -59.16 10.87
C THR C 129 2.34 -59.05 10.94
N PHE C 130 1.73 -58.76 9.80
CA PHE C 130 0.29 -58.54 9.72
C PHE C 130 -0.40 -59.79 9.20
N GLY C 131 -1.71 -59.71 9.03
CA GLY C 131 -2.50 -60.82 8.55
C GLY C 131 -3.73 -60.39 7.78
N PRO C 132 -4.58 -61.34 7.43
CA PRO C 132 -5.80 -61.02 6.67
C PRO C 132 -6.88 -60.41 7.56
N VAL C 133 -7.81 -59.71 6.91
CA VAL C 133 -8.92 -59.06 7.59
C VAL C 133 -10.16 -59.93 7.40
N HIS C 134 -10.38 -60.84 8.34
CA HIS C 134 -11.63 -61.60 8.38
C HIS C 134 -12.66 -60.73 9.11
N PHE C 135 -13.42 -59.95 8.34
CA PHE C 135 -14.46 -59.10 8.90
C PHE C 135 -15.50 -59.95 9.63
N ARG C 136 -16.07 -59.38 10.68
CA ARG C 136 -17.05 -60.08 11.50
C ARG C 136 -17.73 -59.09 12.41
N ASN C 137 -18.91 -59.48 12.91
CA ASN C 137 -19.63 -58.64 13.86
C ASN C 137 -18.93 -58.71 15.20
N GLN C 138 -17.94 -57.85 15.41
CA GLN C 138 -17.14 -57.93 16.63
C GLN C 138 -17.99 -57.49 17.82
N VAL C 139 -18.04 -58.34 18.84
CA VAL C 139 -18.83 -58.09 20.04
C VAL C 139 -17.89 -57.73 21.18
N LYS C 140 -18.30 -56.76 21.99
CA LYS C 140 -17.43 -56.24 23.03
C LYS C 140 -17.30 -57.23 24.18
N ILE C 141 -16.07 -57.53 24.57
CA ILE C 141 -15.76 -58.36 25.73
C ILE C 141 -15.27 -57.44 26.83
N ARG C 142 -16.05 -57.31 27.91
CA ARG C 142 -15.66 -56.45 29.02
C ARG C 142 -14.57 -57.17 29.81
N ARG C 143 -13.31 -56.88 29.49
CA ARG C 143 -12.17 -57.51 30.12
C ARG C 143 -11.48 -56.52 31.05
N ARG C 144 -10.53 -57.03 31.83
CA ARG C 144 -9.68 -56.21 32.68
C ARG C 144 -8.24 -56.41 32.25
N VAL C 145 -7.63 -55.37 31.67
CA VAL C 145 -6.31 -55.48 31.10
C VAL C 145 -5.45 -54.30 31.54
N ASP C 146 -4.14 -54.46 31.38
CA ASP C 146 -3.16 -53.45 31.73
C ASP C 146 -2.79 -52.62 30.51
N ILE C 147 -2.55 -51.33 30.71
CA ILE C 147 -2.15 -50.47 29.60
C ILE C 147 -0.79 -49.85 29.91
N ASN C 148 0.26 -50.65 29.79
CA ASN C 148 1.67 -50.21 29.83
C ASN C 148 2.56 -51.35 29.36
N PRO C 149 3.46 -51.10 28.40
CA PRO C 149 4.35 -52.17 27.95
C PRO C 149 5.69 -52.13 28.67
N GLY C 150 6.17 -53.33 29.04
CA GLY C 150 7.53 -53.52 29.52
C GLY C 150 7.96 -52.59 30.64
N HIS C 151 7.37 -52.71 31.83
CA HIS C 151 7.70 -51.82 32.94
C HIS C 151 8.21 -52.54 34.17
N ALA C 152 8.49 -53.85 34.08
CA ALA C 152 9.01 -54.65 35.18
C ALA C 152 8.07 -54.68 36.39
N ASP C 153 6.79 -54.32 36.19
CA ASP C 153 5.74 -54.46 37.19
C ASP C 153 6.06 -53.72 38.48
N LEU C 154 6.13 -52.39 38.37
CA LEU C 154 6.42 -51.52 39.50
C LEU C 154 5.21 -50.64 39.80
N SER C 155 4.84 -50.58 41.08
CA SER C 155 3.69 -49.78 41.50
C SER C 155 4.02 -48.29 41.46
N ALA C 156 2.97 -47.47 41.44
CA ALA C 156 3.13 -46.04 41.22
C ALA C 156 3.91 -45.35 42.34
N LYS C 157 3.68 -45.76 43.60
CA LYS C 157 4.32 -45.06 44.71
C LYS C 157 5.82 -45.31 44.72
N GLU C 158 6.24 -46.58 44.68
CA GLU C 158 7.66 -46.86 44.68
C GLU C 158 8.32 -46.44 43.38
N ALA C 159 7.54 -46.24 42.33
CA ALA C 159 8.11 -45.79 41.06
C ALA C 159 8.36 -44.30 41.10
N GLN C 160 7.42 -43.51 41.63
CA GLN C 160 7.70 -42.09 41.76
C GLN C 160 8.74 -41.82 42.84
N ASP C 161 8.88 -42.72 43.83
CA ASP C 161 10.02 -42.62 44.73
C ASP C 161 11.33 -42.84 43.98
N VAL C 162 11.38 -43.84 43.10
CA VAL C 162 12.58 -44.02 42.29
C VAL C 162 12.80 -42.81 41.39
N ILE C 163 11.73 -42.20 40.90
CA ILE C 163 11.84 -40.98 40.10
C ILE C 163 12.55 -39.89 40.90
N MET C 164 12.00 -39.56 42.07
CA MET C 164 12.60 -38.55 42.93
C MET C 164 14.06 -38.88 43.24
N GLU C 165 14.37 -40.17 43.41
CA GLU C 165 15.75 -40.55 43.70
C GLU C 165 16.66 -40.28 42.51
N VAL C 166 16.21 -40.61 41.30
CA VAL C 166 17.11 -40.54 40.15
C VAL C 166 17.22 -39.14 39.54
N VAL C 167 16.21 -38.28 39.73
CA VAL C 167 16.20 -36.97 39.08
C VAL C 167 16.48 -35.84 40.05
N PHE C 168 16.03 -35.94 41.30
CA PHE C 168 16.32 -34.93 42.34
C PHE C 168 16.84 -35.60 43.61
N PRO C 169 18.13 -35.96 43.65
CA PRO C 169 18.65 -36.61 44.85
C PRO C 169 18.74 -35.69 46.06
N ASN C 170 18.93 -34.38 45.85
CA ASN C 170 19.09 -33.46 46.98
C ASN C 170 17.80 -33.21 47.75
N GLU C 171 16.67 -33.70 47.26
CA GLU C 171 15.39 -33.56 47.98
C GLU C 171 14.61 -34.87 47.94
N VAL C 172 15.30 -35.99 48.12
CA VAL C 172 14.64 -37.30 48.11
C VAL C 172 13.69 -37.42 49.29
N GLY C 173 12.72 -38.33 49.15
CA GLY C 173 11.77 -38.59 50.23
C GLY C 173 12.45 -39.05 51.50
N ALA C 174 11.66 -39.09 52.57
CA ALA C 174 12.18 -39.36 53.91
C ALA C 174 12.27 -40.84 54.25
N ARG C 175 11.79 -41.74 53.40
CA ARG C 175 11.96 -43.17 53.69
C ARG C 175 13.42 -43.53 53.42
N ILE C 176 14.14 -43.89 54.48
CA ILE C 176 15.59 -44.01 54.42
C ILE C 176 16.01 -45.41 54.88
N LEU C 177 15.15 -46.39 54.64
CA LEU C 177 15.45 -47.76 55.05
C LEU C 177 16.10 -48.53 53.91
N LEU C 183 15.08 -51.16 43.34
CA LEU C 183 16.18 -50.33 43.79
C LEU C 183 17.40 -50.54 42.91
N THR C 184 17.33 -51.56 42.04
CA THR C 184 18.38 -51.78 41.06
C THR C 184 18.17 -50.92 39.81
N ILE C 185 16.91 -50.71 39.42
CA ILE C 185 16.59 -49.76 38.37
C ILE C 185 17.11 -48.38 38.73
N THR C 186 17.09 -48.02 40.01
CA THR C 186 17.68 -46.76 40.45
C THR C 186 19.15 -46.70 40.04
N LYS C 187 19.90 -47.77 40.31
CA LYS C 187 21.30 -47.80 39.94
C LYS C 187 21.47 -47.70 38.42
N GLU C 188 20.69 -48.48 37.67
CA GLU C 188 20.81 -48.48 36.22
C GLU C 188 20.55 -47.10 35.63
N LYS C 189 19.47 -46.45 36.07
CA LYS C 189 19.10 -45.16 35.49
C LYS C 189 20.05 -44.05 35.94
N LYS C 190 20.41 -44.02 37.23
CA LYS C 190 21.37 -43.02 37.69
C LYS C 190 22.73 -43.20 37.04
N GLU C 191 23.05 -44.42 36.60
CA GLU C 191 24.34 -44.65 35.96
C GLU C 191 24.32 -44.25 34.50
N GLU C 192 23.30 -44.67 33.75
CA GLU C 192 23.37 -44.54 32.29
C GLU C 192 23.05 -43.13 31.81
N LEU C 193 22.14 -42.41 32.48
CA LEU C 193 21.79 -41.04 32.09
C LEU C 193 22.25 -40.01 33.13
N GLN C 194 23.44 -40.21 33.69
CA GLN C 194 23.91 -39.34 34.76
C GLN C 194 24.05 -37.89 34.30
N ASP C 195 24.96 -37.63 33.36
CA ASP C 195 25.31 -36.27 32.97
C ASP C 195 24.59 -35.80 31.70
N CYS C 196 23.71 -36.62 31.14
CA CYS C 196 23.04 -36.29 29.88
C CYS C 196 21.58 -35.96 30.11
N LYS C 197 21.32 -35.09 31.10
CA LYS C 197 19.97 -34.64 31.39
C LYS C 197 19.43 -33.75 30.28
N ILE C 198 18.13 -33.85 30.04
CA ILE C 198 17.46 -33.12 28.97
C ILE C 198 16.54 -32.04 29.55
N SER C 199 15.52 -32.46 30.30
CA SER C 199 14.60 -31.57 30.97
C SER C 199 14.02 -32.33 32.15
N PRO C 200 14.54 -32.09 33.38
CA PRO C 200 14.18 -32.91 34.54
C PRO C 200 12.71 -33.28 34.66
N LEU C 201 11.83 -32.31 34.48
CA LEU C 201 10.40 -32.58 34.61
C LEU C 201 9.92 -33.53 33.51
N MET C 202 10.37 -33.30 32.28
CA MET C 202 9.97 -34.18 31.18
C MET C 202 10.60 -35.57 31.33
N VAL C 203 11.82 -35.64 31.86
CA VAL C 203 12.44 -36.92 32.15
C VAL C 203 11.63 -37.68 33.19
N ALA C 204 11.19 -36.98 34.23
CA ALA C 204 10.37 -37.62 35.26
C ALA C 204 9.05 -38.11 34.68
N TYR C 205 8.42 -37.32 33.82
CA TYR C 205 7.19 -37.75 33.17
C TYR C 205 7.43 -38.99 32.32
N MET C 206 8.55 -39.02 31.59
CA MET C 206 8.82 -40.15 30.71
C MET C 206 9.07 -41.42 31.50
N LEU C 207 9.80 -41.31 32.61
CA LEU C 207 10.06 -42.51 33.41
C LEU C 207 8.83 -42.95 34.20
N GLU C 208 7.99 -42.01 34.64
CA GLU C 208 6.73 -42.39 35.27
C GLU C 208 5.77 -43.02 34.27
N ARG C 209 5.88 -42.65 32.99
CA ARG C 209 5.06 -43.29 31.97
C ARG C 209 5.63 -44.66 31.58
N GLU C 210 6.94 -44.83 31.68
CA GLU C 210 7.53 -46.12 31.29
C GLU C 210 7.38 -47.18 32.38
N LEU C 211 7.58 -46.80 33.65
CA LEU C 211 7.76 -47.79 34.70
C LEU C 211 6.50 -48.11 35.50
N VAL C 212 5.48 -47.26 35.46
CA VAL C 212 4.28 -47.46 36.27
C VAL C 212 3.29 -48.33 35.52
N ARG C 213 2.82 -49.39 36.16
CA ARG C 213 1.74 -50.20 35.62
C ARG C 213 0.41 -49.50 35.82
N LYS C 214 -0.59 -49.93 35.05
CA LYS C 214 -1.97 -49.55 35.35
C LYS C 214 -2.89 -50.55 34.68
N THR C 215 -3.68 -51.26 35.46
CA THR C 215 -4.63 -52.25 34.96
C THR C 215 -6.03 -51.77 35.29
N ARG C 216 -6.88 -51.65 34.28
CA ARG C 216 -8.28 -51.30 34.50
C ARG C 216 -9.15 -52.03 33.48
N PHE C 217 -10.45 -51.76 33.57
CA PHE C 217 -11.46 -52.47 32.80
C PHE C 217 -11.70 -51.78 31.46
N LEU C 218 -11.53 -52.55 30.38
CA LEU C 218 -11.67 -52.07 29.02
C LEU C 218 -12.47 -53.07 28.21
N PRO C 219 -13.22 -52.62 27.20
CA PRO C 219 -13.84 -53.56 26.27
C PRO C 219 -12.90 -53.94 25.14
N VAL C 220 -12.52 -55.21 25.09
CA VAL C 220 -11.59 -55.72 24.09
C VAL C 220 -12.26 -56.86 23.35
N ALA C 221 -11.68 -57.24 22.20
CA ALA C 221 -12.20 -58.29 21.36
C ALA C 221 -11.09 -59.24 20.92
N GLY C 222 -10.17 -59.57 21.84
CA GLY C 222 -9.14 -60.54 21.53
C GLY C 222 -7.74 -60.17 21.98
N GLY C 223 -7.53 -58.93 22.42
CA GLY C 223 -6.20 -58.50 22.83
C GLY C 223 -5.89 -58.79 24.28
N THR C 224 -4.83 -59.55 24.53
CA THR C 224 -4.43 -59.89 25.89
C THR C 224 -3.21 -59.11 26.36
N SER C 225 -2.11 -59.19 25.61
CA SER C 225 -0.86 -58.56 26.03
C SER C 225 -0.97 -57.04 25.98
N SER C 226 0.06 -56.37 26.48
CA SER C 226 0.09 -54.91 26.39
C SER C 226 0.33 -54.45 24.97
N VAL C 227 1.12 -55.21 24.21
CA VAL C 227 1.41 -54.83 22.82
C VAL C 227 0.17 -54.99 21.95
N TYR C 228 -0.73 -55.91 22.30
CA TYR C 228 -1.97 -56.12 21.56
C TYR C 228 -3.02 -55.06 21.84
N ILE C 229 -2.82 -54.21 22.86
CA ILE C 229 -3.81 -53.22 23.26
C ILE C 229 -3.40 -51.80 22.84
N GLU C 230 -2.11 -51.48 22.92
CA GLU C 230 -1.65 -50.15 22.55
C GLU C 230 -1.91 -49.82 21.08
N VAL C 231 -2.23 -50.82 20.26
CA VAL C 231 -2.49 -50.63 18.84
C VAL C 231 -3.94 -51.00 18.56
N LEU C 232 -4.81 -50.77 19.55
CA LEU C 232 -6.21 -51.21 19.44
C LEU C 232 -6.95 -50.53 18.30
N HIS C 233 -6.51 -49.34 17.89
CA HIS C 233 -7.19 -48.66 16.79
C HIS C 233 -6.98 -49.37 15.46
N LEU C 234 -5.92 -50.17 15.34
CA LEU C 234 -5.69 -50.97 14.14
C LEU C 234 -6.40 -52.32 14.23
N THR C 235 -6.43 -52.93 15.41
CA THR C 235 -7.00 -54.27 15.56
C THR C 235 -8.52 -54.24 15.55
N GLN C 236 -9.12 -53.49 16.48
CA GLN C 236 -10.55 -53.55 16.72
C GLN C 236 -11.26 -52.32 16.15
N GLY C 237 -12.49 -52.53 15.70
CA GLY C 237 -13.36 -51.46 15.27
C GLY C 237 -14.81 -51.78 15.54
N THR C 238 -15.73 -51.15 14.80
CA THR C 238 -17.14 -51.40 15.01
C THR C 238 -17.53 -52.82 14.59
N CYS C 239 -17.16 -53.20 13.37
CA CYS C 239 -17.54 -54.51 12.84
C CYS C 239 -16.39 -55.17 12.08
N TRP C 240 -15.14 -54.91 12.47
CA TRP C 240 -14.01 -55.51 11.79
C TRP C 240 -13.00 -56.03 12.80
N GLU C 241 -11.99 -56.74 12.27
CA GLU C 241 -10.96 -57.37 13.08
C GLU C 241 -9.77 -57.67 12.19
N GLN C 242 -8.57 -57.49 12.74
CA GLN C 242 -7.32 -57.73 12.01
C GLN C 242 -6.38 -58.54 12.88
N MET C 243 -6.04 -59.74 12.41
CA MET C 243 -5.05 -60.58 13.09
C MET C 243 -3.67 -59.95 12.92
N TYR C 244 -3.14 -59.35 13.99
CA TYR C 244 -1.86 -58.67 13.94
C TYR C 244 -0.99 -59.13 15.11
N THR C 245 0.17 -59.71 14.81
CA THR C 245 1.10 -60.16 15.83
C THR C 245 2.31 -59.23 15.82
N PRO C 246 2.52 -58.42 16.87
CA PRO C 246 3.61 -57.42 16.82
C PRO C 246 5.01 -57.98 17.05
N GLY C 247 5.31 -59.15 16.46
CA GLY C 247 6.62 -59.79 16.55
C GLY C 247 7.40 -59.67 17.84
N GLY C 248 6.72 -59.63 18.98
CA GLY C 248 7.43 -59.46 20.23
C GLY C 248 6.56 -59.85 21.42
N GLU C 249 7.04 -59.49 22.60
CA GLU C 249 6.36 -59.75 23.86
C GLU C 249 7.10 -59.02 24.97
N VAL C 250 6.41 -58.83 26.10
CA VAL C 250 6.94 -58.04 27.19
C VAL C 250 7.12 -58.90 28.44
N ARG C 251 7.59 -58.28 29.52
CA ARG C 251 7.80 -58.96 30.79
C ARG C 251 6.54 -59.01 31.63
N ASN C 252 5.69 -58.00 31.55
CA ASN C 252 4.54 -57.87 32.42
C ASN C 252 3.38 -58.80 32.09
N ASP C 253 3.52 -59.68 31.10
CA ASP C 253 2.54 -60.72 30.85
C ASP C 253 3.07 -62.11 31.20
N ASP C 254 4.32 -62.22 31.62
CA ASP C 254 4.87 -63.49 32.08
C ASP C 254 5.66 -63.34 33.37
N VAL C 255 5.42 -62.29 34.14
CA VAL C 255 5.99 -62.11 35.47
C VAL C 255 5.01 -62.50 36.56
N ASP C 256 3.75 -62.05 36.44
CA ASP C 256 2.73 -62.44 37.41
C ASP C 256 2.48 -63.94 37.40
N GLN C 257 2.76 -64.59 36.27
CA GLN C 257 2.65 -66.05 36.21
C GLN C 257 3.63 -66.74 37.14
N SER C 258 4.81 -66.16 37.36
CA SER C 258 5.75 -66.73 38.30
C SER C 258 5.20 -66.69 39.72
N LEU C 259 4.59 -65.56 40.11
CA LEU C 259 3.95 -65.48 41.42
C LEU C 259 2.78 -66.46 41.53
N ILE C 260 2.03 -66.63 40.44
CA ILE C 260 0.92 -67.58 40.47
C ILE C 260 1.43 -68.98 40.73
N ILE C 261 2.50 -69.37 40.03
CA ILE C 261 3.09 -70.70 40.23
C ILE C 261 3.63 -70.84 41.66
N ALA C 262 4.26 -69.78 42.17
CA ALA C 262 4.77 -69.82 43.54
C ALA C 262 3.64 -70.04 44.53
N ALA C 263 2.53 -69.33 44.36
CA ALA C 263 1.41 -69.49 45.27
C ALA C 263 0.78 -70.88 45.15
N ARG C 264 0.65 -71.39 43.92
CA ARG C 264 0.11 -72.75 43.75
C ARG C 264 0.97 -73.77 44.47
N ASN C 265 2.29 -73.73 44.24
CA ASN C 265 3.17 -74.69 44.89
C ASN C 265 3.19 -74.51 46.40
N ILE C 266 3.15 -73.27 46.88
CA ILE C 266 3.18 -73.03 48.32
C ILE C 266 1.94 -73.58 48.99
N VAL C 267 0.77 -73.40 48.37
CA VAL C 267 -0.46 -73.93 48.95
C VAL C 267 -0.48 -75.45 48.86
N ARG C 268 -0.03 -76.01 47.74
CA ARG C 268 0.03 -77.47 47.60
C ARG C 268 0.96 -78.10 48.62
N ARG C 269 2.01 -77.38 49.03
CA ARG C 269 2.91 -77.89 50.05
C ARG C 269 2.34 -77.69 51.45
N ALA C 270 1.67 -76.54 51.68
CA ALA C 270 1.14 -76.26 53.00
C ALA C 270 -0.06 -77.12 53.35
N ALA C 271 -0.79 -77.63 52.34
CA ALA C 271 -1.91 -78.51 52.64
C ALA C 271 -1.47 -79.78 53.35
N VAL C 272 -0.24 -80.23 53.11
CA VAL C 272 0.29 -81.41 53.79
C VAL C 272 0.86 -81.05 55.16
N SER C 273 1.25 -79.79 55.36
CA SER C 273 1.86 -79.35 56.61
C SER C 273 0.93 -79.57 57.79
N ALA C 274 1.52 -79.86 58.95
CA ALA C 274 0.74 -80.01 60.17
C ALA C 274 0.09 -78.68 60.56
N ASP C 275 0.84 -77.58 60.46
CA ASP C 275 0.30 -76.23 60.63
C ASP C 275 0.36 -75.53 59.27
N PRO C 276 -0.67 -75.67 58.43
CA PRO C 276 -0.58 -75.08 57.09
C PRO C 276 -0.41 -73.58 57.08
N LEU C 277 -1.04 -72.88 58.03
CA LEU C 277 -0.97 -71.41 58.05
C LEU C 277 0.44 -70.92 58.34
N ALA C 278 1.04 -71.40 59.43
CA ALA C 278 2.36 -70.96 59.83
C ALA C 278 3.42 -71.39 58.81
N SER C 279 3.34 -72.63 58.33
CA SER C 279 4.28 -73.10 57.32
C SER C 279 4.16 -72.28 56.03
N LEU C 280 2.93 -72.00 55.59
CA LEU C 280 2.74 -71.23 54.37
C LEU C 280 3.30 -69.82 54.54
N LEU C 281 3.07 -69.20 55.70
CA LEU C 281 3.59 -67.86 55.93
C LEU C 281 5.11 -67.85 56.00
N GLU C 282 5.69 -68.84 56.69
CA GLU C 282 7.15 -68.94 56.78
C GLU C 282 7.78 -69.18 55.41
N MET C 283 7.06 -69.88 54.52
CA MET C 283 7.57 -70.04 53.16
C MET C 283 7.46 -68.73 52.38
N CYS C 284 6.31 -68.06 52.49
CA CYS C 284 6.12 -66.81 51.76
C CYS C 284 7.13 -65.76 52.19
N HIS C 285 7.55 -65.78 53.46
CA HIS C 285 8.56 -64.83 53.93
C HIS C 285 9.94 -65.19 53.37
N SER C 286 10.23 -66.48 53.23
CA SER C 286 11.54 -66.97 52.83
C SER C 286 11.61 -67.29 51.34
N THR C 287 10.82 -66.60 50.51
CA THR C 287 10.78 -66.84 49.08
C THR C 287 11.16 -65.59 48.33
N GLN C 288 12.02 -65.73 47.32
CA GLN C 288 12.41 -64.65 46.44
C GLN C 288 11.86 -64.92 45.05
N ILE C 289 11.30 -63.88 44.42
CA ILE C 289 10.83 -63.96 43.04
C ILE C 289 11.50 -62.85 42.24
N GLY C 290 12.30 -63.23 41.25
CA GLY C 290 13.07 -62.30 40.44
C GLY C 290 13.63 -61.10 41.18
N GLY C 291 14.57 -61.33 42.09
CA GLY C 291 15.20 -60.23 42.79
C GLY C 291 14.34 -59.49 43.80
N THR C 292 13.17 -60.02 44.16
CA THR C 292 12.24 -59.32 45.04
C THR C 292 11.75 -60.25 46.15
N ARG C 293 10.87 -59.70 46.99
CA ARG C 293 10.28 -60.42 48.10
C ARG C 293 8.78 -60.60 47.86
N MET C 294 8.26 -61.76 48.27
CA MET C 294 6.88 -62.12 47.95
C MET C 294 5.86 -61.25 48.65
N VAL C 295 6.14 -60.82 49.90
CA VAL C 295 5.14 -60.11 50.68
C VAL C 295 4.80 -58.76 50.04
N ASP C 296 5.81 -58.02 49.59
CA ASP C 296 5.55 -56.71 48.98
C ASP C 296 4.84 -56.87 47.64
N ILE C 297 5.21 -57.88 46.86
CA ILE C 297 4.53 -58.14 45.60
C ILE C 297 3.06 -58.40 45.84
N LEU C 298 2.75 -59.31 46.77
CA LEU C 298 1.35 -59.59 47.11
C LEU C 298 0.63 -58.36 47.63
N ARG C 299 1.34 -57.49 48.36
CA ARG C 299 0.71 -56.27 48.85
C ARG C 299 0.40 -55.30 47.73
N GLN C 300 1.16 -55.35 46.62
CA GLN C 300 1.00 -54.38 45.54
C GLN C 300 0.60 -54.99 44.20
N ASN C 301 0.53 -56.32 44.06
CA ASN C 301 0.19 -56.87 42.75
C ASN C 301 -1.32 -57.11 42.65
N PRO C 302 -2.00 -56.56 41.64
CA PRO C 302 -3.43 -56.82 41.43
C PRO C 302 -3.69 -58.01 40.51
N THR C 303 -3.16 -59.17 40.87
CA THR C 303 -3.40 -60.40 40.13
C THR C 303 -4.46 -61.22 40.85
N GLU C 304 -5.39 -61.79 40.08
CA GLU C 304 -6.53 -62.52 40.63
C GLU C 304 -6.37 -64.00 40.34
N GLU C 305 -6.08 -64.78 41.39
CA GLU C 305 -6.01 -66.23 41.30
C GLU C 305 -6.23 -66.79 42.70
N GLN C 306 -6.84 -67.98 42.76
CA GLN C 306 -7.24 -68.58 44.02
C GLN C 306 -6.08 -68.61 45.03
N ALA C 307 -4.95 -69.20 44.64
CA ALA C 307 -3.81 -69.30 45.55
C ALA C 307 -3.29 -67.91 45.93
N VAL C 308 -3.27 -66.99 44.97
CA VAL C 308 -2.83 -65.62 45.27
C VAL C 308 -3.77 -64.98 46.28
N ASP C 309 -5.07 -65.19 46.12
CA ASP C 309 -6.03 -64.66 47.08
C ASP C 309 -5.88 -65.31 48.45
N ILE C 310 -5.51 -66.59 48.50
CA ILE C 310 -5.24 -67.24 49.77
C ILE C 310 -4.04 -66.61 50.47
N CYS C 311 -2.98 -66.36 49.70
CA CYS C 311 -1.79 -65.72 50.27
C CYS C 311 -2.12 -64.31 50.77
N LYS C 312 -2.90 -63.55 50.00
CA LYS C 312 -3.34 -62.24 50.45
C LYS C 312 -4.18 -62.33 51.73
N ALA C 313 -5.11 -63.28 51.77
CA ALA C 313 -5.94 -63.46 52.97
C ALA C 313 -5.11 -63.85 54.18
N ALA C 314 -4.00 -64.56 53.95
CA ALA C 314 -3.13 -64.94 55.05
C ALA C 314 -2.58 -63.73 55.80
N MET C 315 -2.51 -62.57 55.13
CA MET C 315 -2.06 -61.34 55.75
C MET C 315 -3.19 -60.33 55.93
N GLY C 316 -4.44 -60.80 55.91
CA GLY C 316 -5.58 -59.95 56.19
C GLY C 316 -5.88 -58.87 55.18
N LEU C 317 -5.80 -59.20 53.89
CA LEU C 317 -6.04 -58.23 52.83
C LEU C 317 -7.43 -58.42 52.21
N ARG C 318 -8.05 -57.30 51.84
CA ARG C 318 -9.34 -57.36 51.17
C ARG C 318 -9.18 -57.89 49.75
N ILE C 319 -10.07 -58.79 49.36
CA ILE C 319 -10.16 -59.32 48.01
C ILE C 319 -11.64 -59.41 47.63
N SER C 320 -11.90 -59.91 46.42
CA SER C 320 -13.26 -59.87 45.89
C SER C 320 -14.17 -60.81 46.69
N SER C 321 -15.46 -60.74 46.38
CA SER C 321 -16.48 -61.62 46.94
C SER C 321 -16.42 -63.00 46.32
N SER C 322 -15.30 -63.33 45.67
CA SER C 322 -15.08 -64.59 44.97
C SER C 322 -15.69 -65.80 45.69
N PHE C 323 -16.80 -66.29 45.14
CA PHE C 323 -17.44 -67.54 45.53
C PHE C 323 -16.82 -68.71 44.77
N SER C 324 -15.49 -68.85 44.91
CA SER C 324 -14.73 -69.74 44.05
C SER C 324 -15.20 -71.18 44.19
N PHE C 325 -15.33 -71.85 43.04
CA PHE C 325 -15.78 -73.24 42.98
C PHE C 325 -15.20 -73.91 41.74
N GLY C 326 -14.47 -74.99 41.94
CA GLY C 326 -13.89 -75.73 40.83
C GLY C 326 -12.95 -74.93 39.97
N GLY C 327 -12.25 -73.96 40.55
CA GLY C 327 -11.40 -73.08 39.79
C GLY C 327 -12.12 -71.93 39.12
N PHE C 328 -13.45 -71.88 39.21
CA PHE C 328 -14.25 -70.82 38.62
C PHE C 328 -14.59 -69.82 39.72
N THR C 329 -14.22 -68.56 39.52
CA THR C 329 -14.51 -67.51 40.50
C THR C 329 -15.88 -66.91 40.22
N PHE C 330 -16.73 -66.89 41.24
CA PHE C 330 -18.10 -66.42 41.10
C PHE C 330 -18.23 -65.01 41.65
N LYS C 331 -19.16 -64.25 41.06
CA LYS C 331 -19.47 -62.91 41.53
C LYS C 331 -20.98 -62.77 41.58
N ARG C 332 -21.50 -62.26 42.69
CA ARG C 332 -22.95 -62.13 42.82
C ARG C 332 -23.42 -60.87 42.12
N THR C 333 -24.49 -61.01 41.32
CA THR C 333 -25.12 -59.90 40.61
C THR C 333 -26.37 -59.39 41.32
N SER C 334 -27.20 -60.30 41.84
CA SER C 334 -28.41 -59.93 42.57
C SER C 334 -28.89 -61.17 43.32
N GLY C 335 -29.77 -60.94 44.28
CA GLY C 335 -30.36 -62.04 45.03
C GLY C 335 -29.72 -62.23 46.38
N SER C 336 -30.51 -62.69 47.33
CA SER C 336 -30.10 -62.99 48.69
C SER C 336 -30.05 -64.50 48.89
N SER C 337 -29.80 -64.92 50.13
CA SER C 337 -29.67 -66.35 50.40
C SER C 337 -30.00 -66.65 51.86
N ILE C 338 -30.25 -67.92 52.13
CA ILE C 338 -30.53 -68.43 53.47
C ILE C 338 -29.98 -69.85 53.56
N LYS C 339 -29.33 -70.17 54.68
CA LYS C 339 -28.61 -71.43 54.83
C LYS C 339 -29.53 -72.64 54.69
N ARG C 340 -30.45 -72.80 55.64
CA ARG C 340 -31.54 -73.79 55.59
C ARG C 340 -31.01 -75.19 55.24
N GLU C 341 -30.24 -75.77 56.17
CA GLU C 341 -29.69 -77.09 55.97
C GLU C 341 -30.78 -78.09 55.61
N GLU C 342 -30.44 -79.09 54.81
CA GLU C 342 -31.44 -80.04 54.34
C GLU C 342 -30.79 -81.37 54.01
N GLU C 343 -31.57 -82.44 54.19
CA GLU C 343 -31.14 -83.80 53.90
C GLU C 343 -31.57 -84.19 52.50
N LEU C 344 -30.77 -85.03 51.85
CA LEU C 344 -31.07 -85.47 50.49
C LEU C 344 -30.61 -86.90 50.29
N LEU C 345 -31.30 -87.60 49.38
CA LEU C 345 -30.98 -88.97 49.04
C LEU C 345 -30.33 -88.98 47.67
N THR C 346 -29.34 -89.86 47.48
CA THR C 346 -28.59 -89.88 46.24
C THR C 346 -29.18 -90.88 45.26
N GLY C 347 -28.54 -91.00 44.10
CA GLY C 347 -28.88 -92.01 43.13
C GLY C 347 -28.34 -93.39 43.47
N ASN C 348 -27.61 -93.50 44.58
CA ASN C 348 -27.09 -94.77 45.07
C ASN C 348 -27.54 -95.02 46.51
N LEU C 349 -28.70 -94.47 46.89
CA LEU C 349 -29.31 -94.71 48.20
C LEU C 349 -28.36 -94.34 49.34
N GLN C 350 -28.02 -93.05 49.39
CA GLN C 350 -27.04 -92.54 50.34
C GLN C 350 -27.52 -91.21 50.89
N THR C 351 -27.59 -91.08 52.21
CA THR C 351 -28.01 -89.84 52.84
C THR C 351 -26.88 -88.81 52.79
N LEU C 352 -27.25 -87.56 52.49
CA LEU C 352 -26.29 -86.47 52.41
C LEU C 352 -26.92 -85.21 52.98
N LYS C 353 -26.31 -84.66 54.02
CA LYS C 353 -26.69 -83.33 54.50
C LYS C 353 -26.00 -82.26 53.68
N ILE C 354 -26.74 -81.19 53.38
CA ILE C 354 -26.28 -80.19 52.42
C ILE C 354 -26.86 -78.84 52.79
N ARG C 355 -26.22 -77.78 52.31
CA ARG C 355 -26.68 -76.41 52.56
C ARG C 355 -27.50 -75.99 51.34
N VAL C 356 -28.81 -76.17 51.42
CA VAL C 356 -29.68 -75.89 50.28
C VAL C 356 -29.78 -74.38 50.11
N HIS C 357 -29.25 -73.87 49.00
CA HIS C 357 -29.33 -72.45 48.70
C HIS C 357 -30.77 -72.11 48.32
N ASP C 358 -31.50 -71.51 49.25
CA ASP C 358 -32.87 -71.10 49.00
C ASP C 358 -32.91 -69.68 48.48
N GLY C 359 -34.07 -69.29 47.95
CA GLY C 359 -34.23 -67.95 47.42
C GLY C 359 -33.84 -67.86 45.96
N TYR C 360 -33.98 -66.64 45.45
CA TYR C 360 -33.66 -66.34 44.06
C TYR C 360 -32.28 -65.69 44.00
N GLU C 361 -31.45 -66.14 43.06
CA GLU C 361 -30.07 -65.68 43.01
C GLU C 361 -29.64 -65.48 41.57
N GLU C 362 -28.67 -64.58 41.39
CA GLU C 362 -28.11 -64.25 40.08
C GLU C 362 -26.60 -64.15 40.23
N PHE C 363 -25.86 -64.89 39.41
CA PHE C 363 -24.42 -64.97 39.55
C PHE C 363 -23.77 -64.85 38.17
N THR C 364 -22.51 -64.44 38.17
CA THR C 364 -21.67 -64.45 36.98
C THR C 364 -20.39 -65.18 37.34
N MET C 365 -20.11 -66.28 36.66
CA MET C 365 -18.91 -67.06 36.96
C MET C 365 -17.89 -66.82 35.85
N VAL C 366 -16.71 -66.36 36.26
CA VAL C 366 -15.57 -66.16 35.38
C VAL C 366 -14.61 -67.31 35.60
N GLY C 367 -14.17 -67.94 34.52
CA GLY C 367 -13.26 -69.06 34.58
C GLY C 367 -11.94 -68.77 33.88
N LYS C 368 -11.09 -69.78 33.86
CA LYS C 368 -9.81 -69.67 33.17
C LYS C 368 -10.00 -69.49 31.68
N ARG C 369 -10.80 -70.37 31.07
CA ARG C 369 -11.00 -70.36 29.61
C ARG C 369 -12.48 -70.29 29.23
N ALA C 370 -13.37 -70.05 30.19
CA ALA C 370 -14.79 -69.99 29.89
C ALA C 370 -15.48 -69.16 30.95
N THR C 371 -16.60 -68.53 30.56
CA THR C 371 -17.39 -67.72 31.48
C THR C 371 -18.87 -67.96 31.23
N ALA C 372 -19.68 -67.52 32.20
CA ALA C 372 -21.12 -67.75 32.10
C ALA C 372 -21.87 -66.82 33.04
N ILE C 373 -23.15 -66.63 32.70
CA ILE C 373 -24.10 -65.87 33.50
C ILE C 373 -25.23 -66.81 33.89
N LEU C 374 -25.54 -66.87 35.19
CA LEU C 374 -26.52 -67.81 35.72
C LEU C 374 -27.59 -67.06 36.50
N ARG C 375 -28.84 -67.48 36.32
CA ARG C 375 -29.96 -67.06 37.14
C ARG C 375 -30.60 -68.33 37.68
N LYS C 376 -30.59 -68.50 39.01
CA LYS C 376 -30.92 -69.78 39.62
C LYS C 376 -31.88 -69.58 40.78
N ALA C 377 -32.87 -70.46 40.86
CA ALA C 377 -33.81 -70.52 41.97
C ALA C 377 -33.39 -71.60 42.95
N THR C 378 -34.21 -71.84 43.97
CA THR C 378 -33.88 -72.83 44.99
C THR C 378 -33.86 -74.22 44.39
N ARG C 379 -32.66 -74.80 44.29
CA ARG C 379 -32.45 -76.14 43.73
C ARG C 379 -33.06 -76.29 42.34
N ARG C 380 -33.12 -75.19 41.59
CA ARG C 380 -33.68 -75.19 40.23
C ARG C 380 -32.95 -74.14 39.41
N LEU C 381 -32.43 -74.55 38.26
CA LEU C 381 -31.71 -73.67 37.35
C LEU C 381 -32.67 -73.04 36.36
N VAL C 382 -32.74 -71.70 36.37
CA VAL C 382 -33.65 -70.95 35.51
C VAL C 382 -32.99 -70.68 34.16
N GLN C 383 -31.85 -69.98 34.18
CA GLN C 383 -31.21 -69.53 32.95
C GLN C 383 -29.69 -69.62 33.09
N LEU C 384 -29.02 -69.93 31.99
CA LEU C 384 -27.57 -70.07 32.00
C LEU C 384 -27.01 -69.82 30.60
N ILE C 385 -26.15 -68.81 30.50
CA ILE C 385 -25.52 -68.42 29.23
C ILE C 385 -24.02 -68.67 29.36
N VAL C 386 -23.49 -69.56 28.52
CA VAL C 386 -22.11 -70.02 28.65
C VAL C 386 -21.34 -69.69 27.38
N SER C 387 -20.04 -69.44 27.53
CA SER C 387 -19.13 -69.33 26.39
C SER C 387 -17.72 -69.74 26.80
N GLY C 388 -17.11 -70.62 26.00
CA GLY C 388 -15.75 -71.06 26.21
C GLY C 388 -15.00 -71.14 24.89
N ARG C 389 -13.79 -71.69 24.93
CA ARG C 389 -12.96 -71.80 23.73
C ARG C 389 -12.98 -73.22 23.17
N ASP C 390 -12.63 -74.21 23.99
CA ASP C 390 -12.61 -75.60 23.58
C ASP C 390 -13.95 -76.29 23.90
N GLU C 391 -14.23 -77.35 23.15
CA GLU C 391 -15.42 -78.15 23.41
C GLU C 391 -15.41 -78.72 24.83
N GLN C 392 -14.28 -79.29 25.24
CA GLN C 392 -14.17 -79.81 26.59
C GLN C 392 -14.16 -78.70 27.65
N SER C 393 -13.70 -77.50 27.29
CA SER C 393 -13.69 -76.40 28.26
C SER C 393 -15.12 -75.98 28.59
N VAL C 394 -15.97 -75.78 27.57
CA VAL C 394 -17.35 -75.47 27.84
C VAL C 394 -18.05 -76.66 28.48
N ALA C 395 -17.58 -77.88 28.19
CA ALA C 395 -18.13 -79.05 28.87
C ALA C 395 -17.86 -79.00 30.37
N GLU C 396 -16.62 -78.69 30.76
CA GLU C 396 -16.30 -78.58 32.19
C GLU C 396 -17.07 -77.43 32.84
N ALA C 397 -17.20 -76.31 32.11
CA ALA C 397 -17.99 -75.20 32.64
C ALA C 397 -19.42 -75.61 32.91
N ILE C 398 -20.02 -76.36 31.98
CA ILE C 398 -21.40 -76.78 32.17
C ILE C 398 -21.49 -77.82 33.28
N ILE C 399 -20.43 -78.61 33.48
CA ILE C 399 -20.44 -79.60 34.55
C ILE C 399 -20.44 -78.90 35.91
N VAL C 400 -19.54 -77.93 36.10
CA VAL C 400 -19.52 -77.25 37.39
C VAL C 400 -20.80 -76.43 37.59
N ALA C 401 -21.38 -75.91 36.50
CA ALA C 401 -22.64 -75.21 36.59
C ALA C 401 -23.76 -76.14 37.08
N MET C 402 -23.87 -77.32 36.48
CA MET C 402 -24.88 -78.28 36.90
C MET C 402 -24.66 -78.75 38.33
N VAL C 403 -23.39 -78.87 38.74
CA VAL C 403 -23.10 -79.27 40.11
C VAL C 403 -23.61 -78.20 41.08
N PHE C 404 -23.33 -76.92 40.78
CA PHE C 404 -23.83 -75.86 41.65
C PHE C 404 -25.34 -75.67 41.53
N SER C 405 -25.95 -76.16 40.46
CA SER C 405 -27.40 -75.97 40.28
C SER C 405 -28.19 -76.60 41.41
N GLN C 406 -27.67 -77.67 42.02
CA GLN C 406 -28.30 -78.37 43.14
C GLN C 406 -29.69 -78.91 42.81
N GLU C 407 -30.02 -79.08 41.53
CA GLU C 407 -31.33 -79.62 41.21
C GLU C 407 -31.43 -81.07 41.65
N ASP C 408 -32.66 -81.54 41.81
CA ASP C 408 -32.90 -82.95 42.07
C ASP C 408 -32.57 -83.81 40.86
N CYS C 409 -32.63 -83.22 39.66
CA CYS C 409 -32.32 -83.96 38.44
C CYS C 409 -30.90 -84.49 38.46
N MET C 410 -29.94 -83.64 38.80
CA MET C 410 -28.55 -84.10 38.89
C MET C 410 -28.32 -84.96 40.12
N ILE C 411 -29.13 -84.81 41.16
CA ILE C 411 -29.05 -85.70 42.32
C ILE C 411 -29.40 -87.13 41.91
N LYS C 412 -30.43 -87.31 41.09
CA LYS C 412 -30.80 -88.65 40.65
C LYS C 412 -29.74 -89.30 39.77
N ALA C 413 -28.89 -88.50 39.11
CA ALA C 413 -27.96 -89.03 38.11
C ALA C 413 -26.62 -89.47 38.71
N VAL C 414 -26.55 -89.64 40.03
CA VAL C 414 -25.33 -90.07 40.70
C VAL C 414 -25.27 -91.60 40.69
N ARG C 415 -24.15 -92.15 40.22
CA ARG C 415 -23.95 -93.58 40.13
C ARG C 415 -22.60 -93.95 40.73
N GLY C 416 -22.61 -94.76 41.77
CA GLY C 416 -21.41 -95.26 42.41
C GLY C 416 -21.17 -94.63 43.77
N ASP C 417 -20.26 -95.26 44.51
CA ASP C 417 -19.91 -94.81 45.85
C ASP C 417 -19.18 -93.48 45.79
N LEU C 418 -19.53 -92.60 46.74
CA LEU C 418 -18.97 -91.24 46.80
C LEU C 418 -17.89 -91.18 47.87
N ASN C 419 -16.67 -91.53 47.48
CA ASN C 419 -15.50 -91.45 48.37
C ASN C 419 -14.35 -90.85 47.55
N PHE C 420 -14.23 -89.52 47.59
CA PHE C 420 -13.16 -88.79 46.91
C PHE C 420 -12.32 -88.10 47.97
N VAL C 421 -11.01 -88.23 47.87
CA VAL C 421 -10.13 -87.89 48.99
C VAL C 421 -9.17 -86.77 48.62
N ASN C 422 -8.83 -85.99 49.64
CA ASN C 422 -7.81 -84.95 49.58
C ASN C 422 -6.43 -85.60 49.54
N ARG C 423 -5.42 -84.81 49.16
CA ARG C 423 -4.05 -85.31 49.19
C ARG C 423 -3.61 -85.71 50.59
N ALA C 424 -4.24 -85.16 51.63
CA ALA C 424 -4.02 -85.59 53.00
C ALA C 424 -5.01 -86.65 53.46
N ASN C 425 -5.67 -87.34 52.51
CA ASN C 425 -6.63 -88.40 52.82
C ASN C 425 -7.76 -87.86 53.70
N GLN C 426 -8.52 -86.92 53.13
CA GLN C 426 -9.58 -86.24 53.85
C GLN C 426 -10.89 -86.33 53.08
N ARG C 427 -11.98 -86.30 53.84
CA ARG C 427 -13.32 -86.30 53.27
C ARG C 427 -13.60 -84.96 52.60
N LEU C 428 -13.83 -84.98 51.30
CA LEU C 428 -14.19 -83.76 50.61
C LEU C 428 -15.65 -83.45 50.89
N ASN C 429 -15.99 -82.16 50.87
CA ASN C 429 -17.37 -81.76 51.10
C ASN C 429 -18.25 -82.36 50.02
N PRO C 430 -19.56 -82.53 50.30
CA PRO C 430 -20.42 -83.25 49.34
C PRO C 430 -20.44 -82.61 47.96
N MET C 431 -20.51 -81.28 47.90
CA MET C 431 -20.56 -80.58 46.61
C MET C 431 -19.33 -80.90 45.78
N HIS C 432 -18.14 -80.76 46.38
CA HIS C 432 -16.91 -81.02 45.67
C HIS C 432 -16.77 -82.49 45.31
N GLN C 433 -17.36 -83.38 46.12
CA GLN C 433 -17.38 -84.80 45.77
C GLN C 433 -18.18 -85.03 44.50
N LEU C 434 -19.37 -84.43 44.42
CA LEU C 434 -20.17 -84.53 43.20
C LEU C 434 -19.43 -83.98 42.00
N LEU C 435 -18.80 -82.80 42.17
CA LEU C 435 -18.10 -82.18 41.05
C LEU C 435 -16.95 -83.06 40.58
N ARG C 436 -16.15 -83.57 41.52
CA ARG C 436 -14.99 -84.38 41.15
C ARG C 436 -15.42 -85.70 40.52
N HIS C 437 -16.59 -86.24 40.90
CA HIS C 437 -17.09 -87.41 40.21
C HIS C 437 -17.50 -87.06 38.79
N PHE C 438 -18.25 -85.98 38.62
CA PHE C 438 -18.75 -85.61 37.30
C PHE C 438 -17.63 -85.19 36.35
N GLN C 439 -16.49 -84.74 36.88
CA GLN C 439 -15.45 -84.22 36.01
C GLN C 439 -14.82 -85.30 35.14
N LYS C 440 -14.80 -86.55 35.62
CA LYS C 440 -14.19 -87.62 34.83
C LYS C 440 -15.19 -88.22 33.85
N ASP C 441 -16.35 -88.67 34.36
CA ASP C 441 -17.42 -89.22 33.53
C ASP C 441 -18.71 -88.49 33.88
N ALA C 442 -19.19 -87.67 32.96
CA ALA C 442 -20.42 -86.91 33.17
C ALA C 442 -21.53 -87.29 32.20
N LYS C 443 -21.30 -88.25 31.32
CA LYS C 443 -22.27 -88.66 30.30
C LYS C 443 -23.53 -89.28 30.90
N VAL C 444 -23.62 -89.41 32.22
CA VAL C 444 -24.81 -89.97 32.85
C VAL C 444 -25.88 -88.90 33.01
N LEU C 445 -25.48 -87.68 33.36
CA LEU C 445 -26.44 -86.60 33.62
C LEU C 445 -26.98 -85.98 32.33
N PHE C 446 -26.17 -85.91 31.27
CA PHE C 446 -26.60 -85.28 30.03
C PHE C 446 -27.85 -85.92 29.47
N GLN C 447 -27.81 -87.23 29.20
CA GLN C 447 -28.96 -87.94 28.70
C GLN C 447 -30.07 -88.09 29.73
N ASN C 448 -29.84 -87.61 30.96
CA ASN C 448 -30.82 -87.69 32.03
C ASN C 448 -31.25 -86.31 32.50
N TRP C 449 -30.76 -85.24 31.84
CA TRP C 449 -31.06 -83.88 32.24
C TRP C 449 -32.42 -83.44 31.68
N GLY C 450 -32.56 -83.46 30.36
CA GLY C 450 -33.79 -83.01 29.71
C GLY C 450 -33.52 -82.13 28.51
N ILE C 451 -34.32 -82.33 27.45
CA ILE C 451 -34.14 -81.63 26.19
C ILE C 451 -35.35 -80.74 25.94
N GLU C 452 -35.13 -79.64 25.21
CA GLU C 452 -36.15 -78.64 24.98
C GLU C 452 -35.96 -77.99 23.61
N HIS C 453 -37.01 -77.34 23.14
CA HIS C 453 -36.99 -76.65 21.86
C HIS C 453 -36.58 -75.19 22.08
N ILE C 454 -35.67 -74.70 21.23
CA ILE C 454 -35.25 -73.30 21.24
C ILE C 454 -35.50 -72.72 19.86
N ASP C 455 -35.16 -71.44 19.65
CA ASP C 455 -35.48 -70.76 18.40
C ASP C 455 -34.27 -70.34 17.57
N ASN C 456 -33.05 -70.57 18.06
CA ASN C 456 -31.82 -70.24 17.31
C ASN C 456 -31.81 -68.74 16.95
N VAL C 457 -31.73 -67.92 17.98
CA VAL C 457 -31.83 -66.47 17.83
C VAL C 457 -30.56 -65.80 18.34
N MET C 458 -30.13 -64.77 17.63
CA MET C 458 -29.11 -63.82 18.10
C MET C 458 -27.81 -64.52 18.49
N GLY C 459 -27.38 -65.46 17.66
CA GLY C 459 -26.15 -66.19 17.91
C GLY C 459 -26.14 -66.93 19.23
N MET C 460 -27.27 -67.52 19.61
CA MET C 460 -27.40 -68.29 20.84
C MET C 460 -27.89 -69.68 20.45
N ILE C 461 -26.98 -70.65 20.52
CA ILE C 461 -27.27 -72.02 20.11
C ILE C 461 -27.39 -72.90 21.34
N GLY C 462 -27.85 -74.13 21.12
CA GLY C 462 -27.94 -75.11 22.18
C GLY C 462 -26.94 -76.22 21.96
N VAL C 463 -26.68 -77.02 22.99
CA VAL C 463 -25.71 -78.11 22.90
C VAL C 463 -26.44 -79.43 23.18
N LEU C 464 -25.91 -80.50 22.61
CA LEU C 464 -26.47 -81.83 22.74
C LEU C 464 -25.57 -82.71 23.62
N PRO C 465 -26.11 -83.79 24.19
CA PRO C 465 -25.29 -84.66 25.05
C PRO C 465 -24.11 -85.30 24.34
N ASP C 466 -24.18 -85.47 23.01
CA ASP C 466 -23.10 -86.11 22.24
C ASP C 466 -22.05 -85.11 21.75
N MET C 467 -21.87 -83.99 22.47
CA MET C 467 -20.93 -82.94 22.09
C MET C 467 -21.25 -82.41 20.69
N THR C 468 -22.51 -81.98 20.50
CA THR C 468 -22.96 -81.50 19.20
C THR C 468 -23.78 -80.22 19.37
N PRO C 469 -23.45 -79.16 18.64
CA PRO C 469 -24.31 -77.97 18.66
C PRO C 469 -25.60 -78.24 17.90
N SER C 470 -26.66 -77.53 18.31
CA SER C 470 -27.95 -77.68 17.65
C SER C 470 -28.64 -76.33 17.56
N THR C 471 -29.50 -76.19 16.55
CA THR C 471 -30.13 -74.92 16.24
C THR C 471 -31.42 -74.70 17.02
N GLU C 472 -32.32 -75.68 17.00
CA GLU C 472 -33.63 -75.52 17.62
C GLU C 472 -33.86 -76.44 18.81
N MET C 473 -32.84 -77.21 19.22
CA MET C 473 -32.96 -78.12 20.35
C MET C 473 -31.76 -77.94 21.26
N SER C 474 -31.99 -78.01 22.57
CA SER C 474 -30.90 -77.83 23.53
C SER C 474 -31.23 -78.60 24.81
N MET C 475 -30.29 -78.59 25.75
CA MET C 475 -30.56 -79.09 27.08
C MET C 475 -31.51 -78.16 27.81
N ARG C 476 -32.08 -78.66 28.90
CA ARG C 476 -33.09 -77.90 29.65
C ARG C 476 -32.52 -76.64 30.27
N GLY C 477 -32.88 -75.48 29.71
CA GLY C 477 -32.45 -74.20 30.25
C GLY C 477 -31.04 -73.77 29.90
N ILE C 478 -30.50 -74.21 28.77
CA ILE C 478 -29.11 -73.91 28.42
C ILE C 478 -29.05 -73.01 27.20
N ARG C 479 -28.00 -72.18 27.14
CA ARG C 479 -27.72 -71.30 26.02
C ARG C 479 -26.22 -71.21 25.79
N VAL C 480 -25.78 -71.46 24.56
CA VAL C 480 -24.39 -71.32 24.16
C VAL C 480 -24.23 -70.02 23.37
N SER C 481 -23.37 -69.13 23.84
CA SER C 481 -23.18 -67.83 23.20
C SER C 481 -22.11 -67.91 22.12
N LYS C 482 -22.37 -67.22 21.00
CA LYS C 482 -21.40 -67.08 19.93
C LYS C 482 -20.47 -65.91 20.18
N MET C 483 -19.19 -66.09 19.81
CA MET C 483 -18.17 -65.04 19.91
C MET C 483 -18.00 -64.51 21.34
N GLY C 484 -18.23 -65.35 22.35
CA GLY C 484 -17.98 -64.97 23.71
C GLY C 484 -19.10 -64.35 24.53
N VAL C 485 -19.18 -64.77 25.78
CA VAL C 485 -20.06 -64.17 26.78
C VAL C 485 -19.39 -62.95 27.39
N ASP C 486 -20.16 -61.89 27.62
CA ASP C 486 -19.61 -60.69 28.25
C ASP C 486 -19.23 -61.00 29.69
N GLU C 487 -17.96 -60.73 30.02
CA GLU C 487 -17.46 -60.88 31.38
C GLU C 487 -17.61 -59.59 32.17
N TYR C 488 -17.87 -59.72 33.46
CA TYR C 488 -17.88 -58.57 34.36
C TYR C 488 -17.09 -58.92 35.61
N SER C 489 -16.02 -58.15 35.85
CA SER C 489 -15.15 -58.33 37.01
C SER C 489 -15.44 -57.15 37.93
N SER C 490 -16.43 -57.33 38.80
CA SER C 490 -16.85 -56.27 39.71
C SER C 490 -15.84 -56.12 40.84
N THR C 491 -15.55 -54.87 41.19
CA THR C 491 -14.58 -54.55 42.23
C THR C 491 -15.29 -54.45 43.58
N GLU C 492 -14.97 -55.38 44.48
CA GLU C 492 -15.48 -55.39 45.84
C GLU C 492 -14.35 -55.84 46.76
N ARG C 493 -14.15 -55.14 47.88
CA ARG C 493 -13.05 -55.44 48.79
C ARG C 493 -13.56 -55.45 50.23
N VAL C 494 -13.45 -56.62 50.87
CA VAL C 494 -13.92 -56.82 52.24
C VAL C 494 -12.88 -57.65 52.99
N VAL C 495 -12.88 -57.51 54.33
CA VAL C 495 -11.91 -58.22 55.16
C VAL C 495 -12.21 -59.72 55.16
N VAL C 496 -11.16 -60.52 55.36
CA VAL C 496 -11.25 -61.97 55.36
C VAL C 496 -11.07 -62.51 56.78
N SER C 497 -11.45 -63.79 56.96
CA SER C 497 -11.32 -64.50 58.23
C SER C 497 -10.65 -65.86 57.97
N ILE C 498 -9.33 -65.86 57.84
CA ILE C 498 -8.58 -67.08 57.55
C ILE C 498 -8.51 -67.96 58.80
N ASP C 499 -8.58 -69.28 58.60
CA ASP C 499 -8.37 -70.26 59.66
C ASP C 499 -7.00 -70.91 59.49
N ARG C 500 -6.72 -71.93 60.31
CA ARG C 500 -5.44 -72.62 60.27
C ARG C 500 -5.31 -73.59 59.11
N PHE C 501 -6.39 -73.93 58.42
CA PHE C 501 -6.35 -74.94 57.37
C PHE C 501 -6.60 -74.36 55.99
N LEU C 502 -6.32 -73.07 55.80
CA LEU C 502 -6.35 -72.41 54.49
C LEU C 502 -7.73 -72.46 53.85
N ARG C 503 -8.77 -72.31 54.68
CA ARG C 503 -10.13 -72.12 54.20
C ARG C 503 -10.60 -70.76 54.71
N VAL C 504 -10.92 -69.87 53.80
CA VAL C 504 -11.26 -68.49 54.12
C VAL C 504 -12.76 -68.28 54.10
N ARG C 505 -13.26 -67.58 55.10
CA ARG C 505 -14.67 -67.21 55.15
C ARG C 505 -14.76 -65.70 55.22
N ASP C 506 -15.88 -65.18 54.71
CA ASP C 506 -16.12 -63.74 54.62
C ASP C 506 -16.67 -63.11 55.90
N GLN C 507 -16.45 -63.75 57.05
CA GLN C 507 -16.84 -63.22 58.35
C GLN C 507 -18.35 -63.20 58.58
N ARG C 508 -19.15 -63.47 57.56
CA ARG C 508 -20.59 -63.55 57.78
C ARG C 508 -21.09 -64.99 57.80
N GLY C 509 -20.30 -65.93 57.29
CA GLY C 509 -20.64 -67.33 57.31
C GLY C 509 -20.55 -68.05 55.98
N ASN C 510 -19.96 -67.41 54.98
CA ASN C 510 -19.73 -68.05 53.68
C ASN C 510 -18.30 -68.56 53.61
N VAL C 511 -18.13 -69.86 53.35
CA VAL C 511 -16.80 -70.36 53.06
C VAL C 511 -16.42 -69.82 51.69
N LEU C 512 -15.40 -68.97 51.63
CA LEU C 512 -15.05 -68.36 50.37
C LEU C 512 -14.29 -69.33 49.47
N LEU C 513 -13.12 -69.77 49.91
CA LEU C 513 -12.28 -70.64 49.09
C LEU C 513 -11.55 -71.65 49.97
N SER C 514 -11.00 -72.65 49.30
CA SER C 514 -10.26 -73.74 49.94
C SER C 514 -9.31 -74.29 48.90
N PRO C 515 -8.22 -74.96 49.32
CA PRO C 515 -7.24 -75.45 48.35
C PRO C 515 -7.74 -76.60 47.47
N GLU C 516 -8.86 -77.24 47.81
CA GLU C 516 -9.35 -78.37 47.03
C GLU C 516 -9.40 -78.12 45.53
N GLU C 517 -9.40 -76.86 45.08
CA GLU C 517 -9.38 -76.53 43.64
C GLU C 517 -8.29 -75.49 43.37
N VAL C 518 -7.07 -75.95 43.12
CA VAL C 518 -5.96 -75.03 42.89
C VAL C 518 -5.20 -75.36 41.60
N SER C 519 -4.95 -76.64 41.34
CA SER C 519 -3.92 -77.07 40.42
C SER C 519 -4.49 -77.47 39.06
N GLU C 520 -4.04 -76.78 38.01
CA GLU C 520 -4.28 -77.20 36.63
C GLU C 520 -3.07 -77.07 35.72
N THR C 521 -2.08 -76.22 36.03
CA THR C 521 -0.95 -75.99 35.13
C THR C 521 0.33 -75.82 35.95
N GLN C 522 1.25 -76.78 35.81
CA GLN C 522 2.51 -76.78 36.53
C GLN C 522 3.57 -75.99 35.77
N GLY C 523 3.24 -74.73 35.48
CA GLY C 523 4.13 -73.80 34.79
C GLY C 523 5.59 -73.92 35.16
N THR C 524 6.46 -73.96 34.15
CA THR C 524 7.89 -74.21 34.39
C THR C 524 8.67 -72.93 34.72
N GLU C 525 8.16 -72.18 35.70
CA GLU C 525 8.90 -71.12 36.40
C GLU C 525 9.69 -70.23 35.44
N LYS C 526 8.95 -69.54 34.56
CA LYS C 526 9.58 -68.65 33.61
C LYS C 526 9.85 -67.29 34.26
N TRP C 537 10.87 -76.69 51.30
CA TRP C 537 11.45 -76.17 50.06
C TRP C 537 12.37 -77.21 49.40
N GLU C 538 11.76 -78.30 48.95
CA GLU C 538 12.48 -79.43 48.36
C GLU C 538 11.86 -79.81 47.02
N ILE C 539 11.29 -78.83 46.33
CA ILE C 539 10.65 -79.04 45.04
C ILE C 539 11.65 -78.90 43.88
N ASN C 540 12.76 -78.20 44.08
CA ASN C 540 13.78 -78.11 43.05
C ASN C 540 14.69 -79.34 43.17
N GLY C 541 15.70 -79.41 42.31
CA GLY C 541 16.57 -80.56 42.27
C GLY C 541 17.30 -80.81 43.58
N PRO C 542 17.76 -82.05 43.78
CA PRO C 542 18.45 -82.37 45.03
C PRO C 542 19.73 -81.57 45.23
N GLU C 543 20.33 -81.06 44.14
CA GLU C 543 21.44 -80.14 44.29
C GLU C 543 21.01 -78.93 45.10
N SER C 544 19.76 -78.48 44.89
CA SER C 544 19.27 -77.34 45.64
C SER C 544 19.01 -77.71 47.08
N VAL C 545 18.63 -78.97 47.35
CA VAL C 545 18.43 -79.40 48.72
C VAL C 545 19.75 -79.35 49.47
N LEU C 546 20.81 -79.86 48.86
CA LEU C 546 22.14 -79.83 49.47
C LEU C 546 22.61 -78.41 49.70
N VAL C 547 22.60 -77.59 48.64
CA VAL C 547 23.15 -76.24 48.75
C VAL C 547 22.32 -75.40 49.72
N ASN C 548 21.01 -75.63 49.76
CA ASN C 548 20.15 -74.86 50.65
C ASN C 548 20.35 -75.26 52.10
N THR C 549 20.55 -76.56 52.36
CA THR C 549 20.87 -76.98 53.72
C THR C 549 22.18 -76.35 54.19
N TYR C 550 23.22 -76.41 53.35
CA TYR C 550 24.50 -75.86 53.76
C TYR C 550 24.45 -74.33 53.88
N GLN C 551 23.71 -73.68 52.99
CA GLN C 551 23.58 -72.22 53.06
C GLN C 551 22.81 -71.79 54.29
N TRP C 552 21.76 -72.53 54.67
CA TRP C 552 21.05 -72.20 55.89
C TRP C 552 21.94 -72.43 57.12
N ILE C 553 22.77 -73.46 57.08
CA ILE C 553 23.71 -73.69 58.18
C ILE C 553 24.69 -72.52 58.30
N ILE C 554 25.23 -72.07 57.16
CA ILE C 554 26.19 -70.96 57.18
C ILE C 554 25.52 -69.65 57.57
N ARG C 555 24.25 -69.45 57.18
CA ARG C 555 23.58 -68.19 57.44
C ARG C 555 23.40 -67.96 58.94
N ASN C 556 22.68 -68.85 59.60
CA ASN C 556 22.50 -68.79 61.06
C ASN C 556 23.57 -69.61 61.77
N TRP C 557 24.83 -69.39 61.38
CA TRP C 557 25.92 -70.19 61.94
C TRP C 557 26.25 -69.77 63.37
N GLU C 558 26.14 -68.48 63.68
CA GLU C 558 26.53 -68.00 65.01
C GLU C 558 25.66 -68.58 66.11
N THR C 559 24.37 -68.81 65.84
CA THR C 559 23.51 -69.41 66.85
C THR C 559 23.66 -70.93 66.87
N VAL C 560 24.02 -71.53 65.74
CA VAL C 560 24.26 -72.98 65.71
C VAL C 560 25.51 -73.30 66.52
N LYS C 561 26.51 -72.43 66.47
CA LYS C 561 27.77 -72.69 67.18
C LYS C 561 27.55 -72.95 68.66
N ILE C 562 26.58 -72.27 69.27
CA ILE C 562 26.33 -72.48 70.70
C ILE C 562 25.21 -73.49 70.86
N GLN C 563 24.32 -73.57 69.86
CA GLN C 563 23.29 -74.61 69.89
C GLN C 563 23.86 -75.98 69.56
N TRP C 564 25.04 -76.05 68.94
CA TRP C 564 25.74 -77.32 68.81
C TRP C 564 26.37 -77.73 70.14
N SER C 565 26.78 -76.76 70.95
CA SER C 565 27.35 -77.04 72.26
C SER C 565 26.26 -77.32 73.29
N GLN C 566 25.20 -76.51 73.29
CA GLN C 566 24.11 -76.62 74.25
C GLN C 566 22.92 -77.29 73.59
N ASN C 567 22.38 -78.32 74.26
CA ASN C 567 21.27 -79.17 73.83
C ASN C 567 21.31 -79.42 72.32
N PRO C 568 22.31 -80.13 71.81
CA PRO C 568 22.34 -80.41 70.36
C PRO C 568 21.28 -81.40 69.91
N THR C 569 20.58 -82.05 70.84
CA THR C 569 19.51 -82.96 70.44
C THR C 569 18.35 -82.20 69.81
N MET C 570 18.11 -80.95 70.25
CA MET C 570 17.11 -80.11 69.61
C MET C 570 17.62 -79.53 68.31
N LEU C 571 18.93 -79.27 68.21
CA LEU C 571 19.48 -78.76 66.96
C LEU C 571 19.40 -79.82 65.87
N TYR C 572 19.66 -81.09 66.22
CA TYR C 572 19.57 -82.16 65.24
C TYR C 572 18.14 -82.36 64.81
N ASN C 573 17.22 -82.45 65.77
CA ASN C 573 15.81 -82.66 65.46
C ASN C 573 15.12 -81.40 64.94
N LYS C 574 15.88 -80.35 64.64
CA LYS C 574 15.32 -79.22 63.92
C LYS C 574 14.74 -79.71 62.61
N MET C 575 13.45 -79.48 62.39
CA MET C 575 12.84 -80.06 61.21
C MET C 575 13.24 -79.35 59.92
N GLU C 576 14.19 -78.42 60.03
CA GLU C 576 14.80 -77.80 58.87
C GLU C 576 15.79 -78.73 58.18
N PHE C 577 16.21 -79.79 58.85
CA PHE C 577 17.10 -80.79 58.27
C PHE C 577 16.33 -81.93 57.61
N GLU C 578 15.04 -82.04 57.88
CA GLU C 578 14.23 -83.13 57.34
C GLU C 578 14.32 -83.28 55.82
N PRO C 579 14.30 -82.20 55.02
CA PRO C 579 14.49 -82.41 53.58
C PRO C 579 15.83 -83.02 53.24
N PHE C 580 16.90 -82.64 53.94
CA PHE C 580 18.19 -83.27 53.72
C PHE C 580 18.31 -84.60 54.46
N GLN C 581 17.69 -84.72 55.63
CA GLN C 581 17.70 -85.99 56.35
C GLN C 581 17.04 -87.10 55.56
N SER C 582 16.17 -86.76 54.60
CA SER C 582 15.52 -87.74 53.76
C SER C 582 16.31 -88.07 52.50
N LEU C 583 17.37 -87.31 52.22
CA LEU C 583 18.19 -87.56 51.03
C LEU C 583 19.25 -88.61 51.29
N VAL C 584 19.85 -88.60 52.47
CA VAL C 584 20.78 -89.67 52.85
C VAL C 584 20.03 -91.00 52.85
N PRO C 585 20.61 -92.08 52.33
CA PRO C 585 19.85 -93.33 52.23
C PRO C 585 19.29 -93.77 53.58
N LYS C 586 18.05 -94.25 53.55
CA LYS C 586 17.30 -94.58 54.75
C LYS C 586 17.84 -95.78 55.51
N ALA C 587 18.87 -96.47 54.99
CA ALA C 587 19.35 -97.69 55.62
C ALA C 587 20.46 -97.44 56.63
N ILE C 588 21.44 -96.60 56.28
CA ILE C 588 22.65 -96.42 57.08
C ILE C 588 22.60 -95.04 57.72
N ARG C 589 21.38 -94.56 57.97
CA ARG C 589 21.19 -93.24 58.56
C ARG C 589 21.67 -93.20 60.01
N GLY C 590 21.22 -94.17 60.81
CA GLY C 590 21.56 -94.17 62.23
C GLY C 590 23.03 -94.38 62.52
N GLN C 591 23.70 -95.19 61.70
CA GLN C 591 25.14 -95.37 61.89
C GLN C 591 25.89 -94.07 61.67
N TYR C 592 25.56 -93.36 60.58
CA TYR C 592 26.15 -92.05 60.34
C TYR C 592 25.84 -91.09 61.48
N SER C 593 24.61 -91.10 61.98
CA SER C 593 24.24 -90.19 63.06
C SER C 593 25.04 -90.46 64.32
N GLY C 594 25.12 -91.73 64.74
CA GLY C 594 25.91 -92.06 65.91
C GLY C 594 27.38 -91.72 65.75
N PHE C 595 27.92 -91.97 64.54
CA PHE C 595 29.32 -91.68 64.29
C PHE C 595 29.60 -90.19 64.40
N VAL C 596 28.78 -89.36 63.76
CA VAL C 596 29.02 -87.92 63.80
C VAL C 596 28.75 -87.37 65.21
N ARG C 597 27.79 -87.93 65.94
CA ARG C 597 27.53 -87.43 67.29
C ARG C 597 28.65 -87.79 68.25
N THR C 598 29.22 -88.99 68.13
CA THR C 598 30.33 -89.32 69.01
C THR C 598 31.58 -88.54 68.63
N LEU C 599 31.75 -88.20 67.35
CA LEU C 599 32.86 -87.31 66.98
C LEU C 599 32.65 -85.91 67.56
N PHE C 600 31.41 -85.42 67.54
CA PHE C 600 31.12 -84.12 68.14
C PHE C 600 31.38 -84.13 69.64
N GLN C 601 31.02 -85.22 70.31
CA GLN C 601 31.28 -85.32 71.74
C GLN C 601 32.77 -85.38 72.04
N GLN C 602 33.54 -86.08 71.20
CA GLN C 602 34.99 -86.08 71.35
C GLN C 602 35.54 -84.67 71.19
N MET C 603 35.00 -83.89 70.24
CA MET C 603 35.42 -82.51 70.11
C MET C 603 35.03 -81.68 71.32
N ARG C 604 33.89 -81.99 71.95
CA ARG C 604 33.45 -81.26 73.12
C ARG C 604 34.35 -81.55 74.33
N ASP C 605 34.83 -82.78 74.46
CA ASP C 605 35.65 -83.13 75.61
C ASP C 605 37.03 -82.50 75.54
N VAL C 606 37.80 -82.81 74.49
CA VAL C 606 39.16 -82.29 74.32
C VAL C 606 39.05 -80.86 73.78
N LEU C 607 39.15 -79.88 74.68
CA LEU C 607 38.97 -78.49 74.31
C LEU C 607 40.08 -78.01 73.39
N GLY C 608 39.72 -77.09 72.48
CA GLY C 608 40.66 -76.49 71.56
C GLY C 608 41.01 -77.32 70.34
N THR C 609 40.87 -78.65 70.41
CA THR C 609 41.25 -79.53 69.30
C THR C 609 40.01 -79.84 68.44
N PHE C 610 39.61 -78.85 67.66
CA PHE C 610 38.49 -79.02 66.74
C PHE C 610 38.58 -77.97 65.65
N ASP C 611 38.25 -78.37 64.42
CA ASP C 611 38.21 -77.46 63.28
C ASP C 611 36.77 -77.31 62.81
N THR C 612 36.36 -76.06 62.58
CA THR C 612 34.99 -75.77 62.16
C THR C 612 34.67 -76.37 60.81
N THR C 613 35.68 -76.53 59.94
CA THR C 613 35.45 -77.08 58.61
C THR C 613 34.81 -78.46 58.69
N GLN C 614 35.35 -79.35 59.53
CA GLN C 614 34.78 -80.68 59.67
C GLN C 614 33.41 -80.62 60.32
N ILE C 615 33.17 -79.63 61.18
CA ILE C 615 31.87 -79.48 61.82
C ILE C 615 30.80 -79.18 60.77
N ILE C 616 31.05 -78.19 59.91
CA ILE C 616 30.09 -77.92 58.84
C ILE C 616 30.04 -79.09 57.86
N LYS C 617 31.14 -79.81 57.71
CA LYS C 617 31.22 -80.91 56.76
C LYS C 617 30.35 -82.10 57.18
N LEU C 618 30.22 -82.33 58.48
CA LEU C 618 29.55 -83.52 58.99
C LEU C 618 28.32 -83.25 59.86
N LEU C 619 27.95 -81.98 60.09
CA LEU C 619 26.88 -81.71 61.04
C LEU C 619 25.51 -82.21 60.59
N PRO C 620 24.98 -81.82 59.40
CA PRO C 620 23.55 -82.06 59.13
C PRO C 620 23.17 -83.53 59.09
N PHE C 621 24.15 -84.43 59.24
CA PHE C 621 23.85 -85.85 59.37
C PHE C 621 23.44 -86.25 60.78
N ALA C 622 23.72 -85.41 61.77
CA ALA C 622 23.40 -85.76 63.15
C ALA C 622 21.92 -85.68 63.45
N ALA C 623 21.11 -85.23 62.48
CA ALA C 623 19.67 -85.12 62.68
C ALA C 623 18.98 -86.47 62.78
N ALA C 624 19.65 -87.54 62.36
CA ALA C 624 19.04 -88.85 62.33
C ALA C 624 19.03 -89.49 63.73
N PRO C 625 18.05 -90.34 64.01
CA PRO C 625 18.10 -91.14 65.24
C PRO C 625 19.27 -92.09 65.20
N PRO C 626 20.26 -91.89 66.06
CA PRO C 626 21.52 -92.64 65.94
C PRO C 626 21.35 -94.10 66.30
N LYS C 627 22.24 -94.92 65.75
CA LYS C 627 22.37 -96.31 66.15
C LYS C 627 23.85 -96.55 66.41
N GLN C 628 24.16 -97.15 67.57
CA GLN C 628 25.54 -97.25 67.98
C GLN C 628 26.24 -98.32 67.16
N SER C 629 26.77 -97.91 66.01
CA SER C 629 27.47 -98.83 65.13
C SER C 629 28.89 -99.02 65.63
N ARG C 630 29.28 -100.27 65.89
CA ARG C 630 30.63 -100.54 66.33
C ARG C 630 31.57 -100.50 65.13
N MET C 631 31.54 -99.38 64.41
CA MET C 631 32.30 -99.20 63.18
C MET C 631 32.39 -97.70 62.93
N GLN C 632 33.27 -97.32 62.01
CA GLN C 632 33.47 -95.92 61.67
C GLN C 632 33.30 -95.72 60.18
N PHE C 633 33.61 -94.52 59.69
CA PHE C 633 33.45 -94.22 58.26
C PHE C 633 34.51 -93.22 57.84
N SER C 634 34.74 -93.18 56.53
CA SER C 634 35.57 -92.15 55.92
C SER C 634 34.86 -91.41 54.79
N SER C 635 33.75 -91.93 54.29
CA SER C 635 33.00 -91.28 53.22
C SER C 635 31.52 -91.50 53.46
N LEU C 636 30.72 -90.51 53.06
CA LEU C 636 29.27 -90.59 53.17
C LEU C 636 28.66 -90.31 51.81
N THR C 637 27.53 -90.97 51.53
CA THR C 637 26.97 -90.99 50.19
C THR C 637 25.61 -90.31 50.16
N VAL C 638 25.30 -89.69 49.02
CA VAL C 638 23.99 -89.11 48.77
C VAL C 638 23.58 -89.45 47.34
N ASN C 639 22.34 -89.90 47.17
CA ASN C 639 21.83 -90.27 45.85
C ASN C 639 21.12 -89.07 45.23
N VAL C 640 21.72 -88.52 44.19
CA VAL C 640 21.13 -87.43 43.42
C VAL C 640 20.85 -87.97 42.03
N ARG C 641 19.58 -87.82 41.60
CA ARG C 641 19.13 -88.28 40.29
C ARG C 641 19.54 -89.73 40.05
N GLY C 642 19.40 -90.55 41.09
CA GLY C 642 19.92 -91.90 41.00
C GLY C 642 21.36 -91.99 41.45
N SER C 643 22.25 -91.37 40.68
CA SER C 643 23.68 -91.54 40.85
C SER C 643 24.14 -91.10 42.24
N GLY C 644 25.12 -91.83 42.78
CA GLY C 644 25.64 -91.54 44.11
C GLY C 644 26.86 -90.63 44.09
N MET C 645 26.85 -89.63 44.98
CA MET C 645 27.95 -88.70 45.17
C MET C 645 28.49 -88.86 46.58
N ARG C 646 29.82 -88.83 46.72
CA ARG C 646 30.45 -89.04 48.02
C ARG C 646 30.96 -87.72 48.59
N ILE C 647 31.17 -87.75 49.91
CA ILE C 647 31.83 -86.67 50.63
C ILE C 647 32.77 -87.31 51.65
N LEU C 648 34.04 -86.91 51.64
CA LEU C 648 35.05 -87.51 52.50
C LEU C 648 34.86 -87.04 53.94
N VAL C 649 35.79 -87.40 54.81
CA VAL C 649 35.82 -86.89 56.18
C VAL C 649 37.02 -86.01 56.46
N ARG C 650 38.00 -85.95 55.55
CA ARG C 650 39.16 -85.09 55.72
C ARG C 650 39.42 -84.37 54.40
N GLY C 651 39.60 -83.06 54.46
CA GLY C 651 39.88 -82.28 53.27
C GLY C 651 38.62 -82.00 52.45
N ASN C 652 38.86 -81.69 51.18
CA ASN C 652 37.80 -81.28 50.28
C ASN C 652 37.32 -82.43 49.40
N SER C 653 36.12 -82.27 48.86
CA SER C 653 35.49 -83.22 47.98
C SER C 653 34.68 -82.45 46.94
N PRO C 654 34.35 -83.08 45.81
CA PRO C 654 33.48 -82.38 44.85
C PRO C 654 32.12 -82.04 45.42
N ALA C 655 31.65 -82.77 46.42
CA ALA C 655 30.41 -82.43 47.10
C ALA C 655 30.62 -81.38 48.18
N PHE C 656 31.82 -81.33 48.77
CA PHE C 656 32.16 -80.35 49.81
C PHE C 656 33.59 -79.91 49.52
N ASN C 657 33.73 -78.81 48.78
CA ASN C 657 35.03 -78.30 48.36
C ASN C 657 35.20 -76.93 49.01
N TYR C 658 35.99 -76.88 50.09
CA TYR C 658 36.24 -75.64 50.81
C TYR C 658 37.68 -75.22 50.56
N ASN C 659 37.85 -74.08 49.90
CA ASN C 659 39.19 -73.56 49.64
C ASN C 659 39.83 -73.09 50.94
N LYS C 660 41.13 -73.32 51.06
CA LYS C 660 41.85 -72.99 52.28
C LYS C 660 42.01 -71.49 52.45
N THR C 661 42.41 -70.80 51.38
CA THR C 661 42.66 -69.35 51.46
C THR C 661 41.40 -68.52 51.20
N THR C 662 40.62 -68.89 50.17
CA THR C 662 39.43 -68.12 49.82
C THR C 662 38.35 -68.17 50.90
N LYS C 663 38.35 -69.20 51.76
CA LYS C 663 37.36 -69.40 52.80
C LYS C 663 35.95 -69.53 52.24
N ARG C 664 35.82 -69.69 50.92
CA ARG C 664 34.52 -69.88 50.29
C ARG C 664 34.24 -71.37 50.14
N LEU C 665 33.00 -71.75 50.33
CA LEU C 665 32.60 -73.15 50.29
C LEU C 665 32.00 -73.45 48.92
N THR C 666 32.52 -74.49 48.26
CA THR C 666 32.08 -74.90 46.94
C THR C 666 31.30 -76.20 47.07
N ILE C 667 30.02 -76.15 46.72
CA ILE C 667 29.14 -77.32 46.72
C ILE C 667 28.75 -77.57 45.28
N LEU C 668 29.46 -78.49 44.62
CA LEU C 668 29.24 -78.81 43.21
C LEU C 668 29.39 -77.58 42.33
N GLY C 669 30.46 -76.81 42.57
CA GLY C 669 30.74 -75.63 41.78
C GLY C 669 29.97 -74.42 42.25
N LYS C 670 28.80 -74.66 42.84
CA LYS C 670 27.91 -73.61 43.26
C LYS C 670 28.39 -72.97 44.56
N ASP C 671 28.37 -71.65 44.61
CA ASP C 671 28.83 -70.93 45.79
C ASP C 671 27.83 -71.08 46.94
N ALA C 672 28.37 -71.13 48.15
CA ALA C 672 27.53 -71.31 49.35
C ALA C 672 28.20 -70.57 50.50
N GLY C 673 27.77 -69.32 50.72
CA GLY C 673 28.18 -68.54 51.87
C GLY C 673 29.66 -68.27 52.03
N THR C 674 30.01 -67.61 53.13
CA THR C 674 31.39 -67.31 53.51
C THR C 674 31.38 -66.87 54.96
N LEU C 675 32.51 -67.11 55.65
CA LEU C 675 32.62 -66.74 57.06
C LEU C 675 34.02 -66.28 57.40
N GLY C 693 20.09 -46.46 55.72
CA GLY C 693 20.13 -45.02 55.88
C GLY C 693 20.56 -44.58 57.25
N PHE C 694 19.80 -43.67 57.86
CA PHE C 694 20.18 -43.10 59.16
C PHE C 694 18.92 -42.95 60.01
N LEU C 695 19.06 -42.28 61.15
CA LEU C 695 17.97 -42.09 62.10
C LEU C 695 17.86 -40.64 62.52
N ILE C 696 16.65 -40.24 62.90
CA ILE C 696 16.37 -38.88 63.33
C ILE C 696 16.65 -38.76 64.83
N LEU C 697 17.41 -37.73 65.21
CA LEU C 697 17.68 -37.45 66.62
C LEU C 697 16.82 -36.32 67.17
N GLY C 698 16.05 -35.65 66.32
CA GLY C 698 15.24 -34.54 66.74
C GLY C 698 15.16 -33.50 65.64
N LYS C 699 14.68 -32.31 66.02
CA LYS C 699 14.44 -31.24 65.07
C LYS C 699 15.77 -30.61 64.66
N GLU C 700 15.69 -29.50 63.93
CA GLU C 700 16.89 -28.78 63.56
C GLU C 700 17.56 -28.25 64.82
N ASP C 701 18.82 -28.62 65.01
CA ASP C 701 19.57 -28.22 66.20
C ASP C 701 20.85 -27.54 65.75
N ARG C 702 20.98 -26.26 66.08
CA ARG C 702 22.09 -25.43 65.61
C ARG C 702 23.43 -25.84 66.19
N ARG C 703 23.46 -26.85 67.07
CA ARG C 703 24.74 -27.26 67.64
C ARG C 703 25.65 -27.80 66.56
N TYR C 704 25.31 -28.94 65.96
CA TYR C 704 26.25 -29.66 65.11
C TYR C 704 26.34 -29.02 63.73
N GLY C 705 26.81 -27.78 63.73
CA GLY C 705 27.07 -27.05 62.51
C GLY C 705 25.83 -26.56 61.81
N PRO C 706 26.02 -26.01 60.61
CA PRO C 706 24.89 -25.51 59.83
C PRO C 706 24.21 -26.67 59.11
N ALA C 707 23.08 -26.35 58.47
CA ALA C 707 22.31 -27.37 57.78
C ALA C 707 23.07 -27.88 56.55
N LEU C 708 22.88 -29.17 56.26
CA LEU C 708 23.50 -29.83 55.14
C LEU C 708 22.43 -30.23 54.11
N SER C 709 22.89 -30.45 52.88
CA SER C 709 22.06 -31.09 51.87
C SER C 709 22.14 -32.60 52.03
N ILE C 710 21.31 -33.31 51.26
CA ILE C 710 21.26 -34.78 51.35
C ILE C 710 22.34 -35.30 50.43
N ASN C 711 23.59 -35.24 50.93
CA ASN C 711 24.73 -35.93 50.34
C ASN C 711 25.70 -36.08 51.50
N GLU C 712 25.72 -37.26 52.12
CA GLU C 712 26.41 -37.47 53.40
C GLU C 712 27.32 -38.69 53.29
N LEU C 713 28.52 -38.46 52.76
CA LEU C 713 29.58 -39.44 52.75
C LEU C 713 30.88 -38.94 53.36
N SER C 714 31.08 -37.63 53.45
CA SER C 714 32.30 -37.11 54.07
C SER C 714 32.21 -36.97 55.57
N ASN C 715 31.01 -36.92 56.14
CA ASN C 715 30.88 -36.93 57.59
C ASN C 715 30.86 -38.35 58.15
N LEU C 716 30.96 -39.35 57.27
CA LEU C 716 31.11 -40.75 57.67
C LEU C 716 32.58 -41.04 57.96
N ALA C 717 33.05 -40.54 59.09
CA ALA C 717 34.44 -40.79 59.48
C ALA C 717 34.54 -41.95 60.46
N LYS C 718 33.76 -41.90 61.54
CA LYS C 718 33.59 -43.01 62.48
C LYS C 718 32.17 -42.92 63.01
N GLY C 719 31.48 -41.83 62.66
CA GLY C 719 30.15 -41.54 63.16
C GLY C 719 30.05 -40.10 63.61
N GLU C 720 29.08 -39.37 63.05
CA GLU C 720 28.95 -37.95 63.30
C GLU C 720 27.47 -37.57 63.23
N LYS C 721 27.04 -36.71 64.14
CA LYS C 721 25.68 -36.17 64.10
C LYS C 721 25.66 -34.92 63.22
N ALA C 722 24.58 -34.77 62.45
CA ALA C 722 24.45 -33.60 61.60
C ALA C 722 22.99 -33.34 61.30
N ASN C 723 22.60 -32.07 61.25
CA ASN C 723 21.23 -31.71 60.91
C ASN C 723 21.12 -31.45 59.41
N VAL C 724 20.17 -32.10 58.77
CA VAL C 724 20.01 -32.07 57.32
C VAL C 724 18.55 -31.85 56.98
N LEU C 725 18.30 -31.14 55.88
CA LEU C 725 16.95 -30.93 55.39
C LEU C 725 16.52 -32.15 54.58
N ILE C 726 15.55 -32.88 55.10
CA ILE C 726 15.05 -34.10 54.45
C ILE C 726 13.79 -33.76 53.67
N GLY C 727 13.66 -34.37 52.49
CA GLY C 727 12.49 -34.12 51.66
C GLY C 727 12.43 -32.66 51.25
N GLN C 728 11.24 -32.09 51.34
CA GLN C 728 11.00 -30.67 51.07
C GLN C 728 10.40 -29.97 52.28
N GLY C 729 10.69 -30.49 53.48
CA GLY C 729 10.15 -29.93 54.71
C GLY C 729 11.18 -29.23 55.55
N ASP C 730 11.32 -29.66 56.81
CA ASP C 730 12.22 -29.02 57.76
C ASP C 730 13.52 -29.81 57.88
N VAL C 731 14.34 -29.42 58.83
CA VAL C 731 15.64 -30.04 59.08
C VAL C 731 15.53 -30.97 60.28
N VAL C 732 16.13 -32.15 60.18
CA VAL C 732 16.17 -33.12 61.26
C VAL C 732 17.61 -33.55 61.48
N LEU C 733 17.93 -33.89 62.73
CA LEU C 733 19.24 -34.42 63.02
C LEU C 733 19.37 -35.85 62.50
N VAL C 734 20.61 -36.27 62.31
CA VAL C 734 20.90 -37.57 61.73
C VAL C 734 22.18 -38.12 62.35
N MET C 735 22.14 -39.40 62.73
CA MET C 735 23.28 -40.14 63.24
C MET C 735 23.44 -41.42 62.43
N LYS C 736 24.34 -42.31 62.84
CA LYS C 736 24.58 -43.56 62.13
C LYS C 736 23.51 -44.58 62.51
N ARG C 737 23.75 -45.84 62.14
CA ARG C 737 22.84 -46.94 62.44
C ARG C 737 23.60 -48.07 63.13
N LYS C 738 22.83 -48.88 63.88
CA LYS C 738 23.37 -50.09 64.49
C LYS C 738 22.45 -51.30 64.36
N ARG C 739 21.22 -51.13 63.88
CA ARG C 739 20.28 -52.23 63.74
C ARG C 739 19.51 -52.03 62.43
N ASP C 740 18.72 -53.04 62.06
CA ASP C 740 18.07 -53.09 60.76
C ASP C 740 16.58 -52.78 60.80
N SER C 741 15.85 -53.42 61.71
CA SER C 741 14.40 -53.26 61.87
C SER C 741 13.67 -53.62 60.57
N SER C 742 13.79 -54.89 60.19
CA SER C 742 13.16 -55.43 59.01
C SER C 742 11.82 -56.10 59.37
N ILE C 743 11.24 -56.80 58.40
CA ILE C 743 9.94 -57.46 58.58
C ILE C 743 10.21 -58.90 59.00
N LEU C 744 11.45 -59.20 59.39
CA LEU C 744 11.87 -60.55 59.71
C LEU C 744 11.42 -60.99 61.10
N THR C 745 12.02 -62.07 61.61
CA THR C 745 11.58 -62.73 62.83
C THR C 745 11.40 -61.78 64.01
N ASP C 746 12.01 -60.59 63.97
CA ASP C 746 11.78 -59.60 65.01
C ASP C 746 10.30 -59.33 65.24
N SER C 747 9.49 -59.42 64.19
CA SER C 747 8.04 -59.28 64.35
C SER C 747 7.43 -60.47 65.06
N GLN C 748 8.08 -61.63 64.99
CA GLN C 748 7.61 -62.86 65.60
C GLN C 748 8.06 -63.02 67.05
N THR C 749 8.96 -62.17 67.52
CA THR C 749 9.40 -62.21 68.91
C THR C 749 8.26 -61.86 69.87
N ALA C 750 7.21 -61.20 69.38
CA ALA C 750 6.06 -60.88 70.22
C ALA C 750 5.49 -62.13 70.87
N THR C 751 5.44 -63.23 70.11
CA THR C 751 4.91 -64.49 70.62
C THR C 751 5.69 -65.02 71.82
N LYS C 752 6.83 -64.42 72.14
CA LYS C 752 7.58 -64.83 73.32
C LYS C 752 7.22 -64.04 74.56
N ARG C 753 6.68 -62.82 74.41
CA ARG C 753 6.16 -62.09 75.55
C ARG C 753 4.65 -61.96 75.58
N ILE C 754 3.98 -62.16 74.45
CA ILE C 754 2.53 -62.32 74.44
C ILE C 754 2.24 -63.81 74.47
N ARG C 755 1.08 -64.18 75.00
CA ARG C 755 0.68 -65.59 75.12
C ARG C 755 1.71 -66.41 75.90
N MET C 756 2.20 -65.83 77.00
CA MET C 756 3.22 -66.47 77.83
C MET C 756 2.71 -67.82 78.37
N MET D 1 -23.58 -90.78 98.43
CA MET D 1 -22.78 -90.94 97.22
C MET D 1 -22.03 -89.68 96.84
N GLU D 2 -22.76 -88.56 96.78
CA GLU D 2 -22.18 -87.32 96.25
C GLU D 2 -20.99 -86.86 97.08
N ASP D 3 -21.12 -86.88 98.41
CA ASP D 3 -20.01 -86.44 99.25
C ASP D 3 -18.78 -87.32 99.03
N PHE D 4 -18.99 -88.62 98.90
CA PHE D 4 -17.87 -89.52 98.60
C PHE D 4 -17.26 -89.21 97.25
N VAL D 5 -18.11 -88.90 96.26
CA VAL D 5 -17.61 -88.55 94.93
C VAL D 5 -16.71 -87.32 95.01
N ARG D 6 -17.15 -86.30 95.75
CA ARG D 6 -16.30 -85.14 95.95
C ARG D 6 -15.12 -85.42 96.87
N GLN D 7 -15.11 -86.56 97.56
CA GLN D 7 -14.01 -86.89 98.45
C GLN D 7 -12.85 -87.56 97.72
N CYS D 8 -13.13 -88.58 96.92
CA CYS D 8 -12.09 -89.36 96.26
C CYS D 8 -11.66 -88.77 94.92
N PHE D 9 -12.00 -87.52 94.65
CA PHE D 9 -11.60 -86.86 93.41
C PHE D 9 -11.22 -85.42 93.71
N ASN D 10 -10.31 -84.89 92.89
CA ASN D 10 -9.96 -83.49 92.98
C ASN D 10 -11.08 -82.62 92.42
N PRO D 11 -11.28 -81.42 92.97
CA PRO D 11 -12.38 -80.57 92.51
C PRO D 11 -12.29 -80.17 91.04
N MET D 12 -11.15 -80.38 90.38
CA MET D 12 -11.05 -80.04 88.97
C MET D 12 -11.79 -81.07 88.11
N ILE D 13 -11.59 -82.37 88.38
CA ILE D 13 -12.36 -83.40 87.71
C ILE D 13 -13.83 -83.27 88.07
N VAL D 14 -14.13 -82.86 89.31
CA VAL D 14 -15.50 -82.62 89.72
C VAL D 14 -16.12 -81.51 88.88
N GLU D 15 -15.37 -80.41 88.70
CA GLU D 15 -15.87 -79.30 87.88
C GLU D 15 -16.05 -79.73 86.43
N LEU D 16 -15.15 -80.56 85.91
CA LEU D 16 -15.28 -81.03 84.53
C LEU D 16 -16.53 -81.87 84.36
N ALA D 17 -16.76 -82.82 85.27
CA ALA D 17 -17.97 -83.64 85.19
C ALA D 17 -19.23 -82.82 85.43
N GLU D 18 -19.17 -81.81 86.30
CA GLU D 18 -20.32 -80.96 86.55
C GLU D 18 -20.67 -80.14 85.31
N LYS D 19 -19.66 -79.60 84.63
CA LYS D 19 -19.92 -78.92 83.36
C LYS D 19 -20.47 -79.88 82.32
N ALA D 20 -19.92 -81.09 82.24
CA ALA D 20 -20.40 -82.08 81.29
C ALA D 20 -21.82 -82.56 81.61
N MET D 21 -22.28 -82.38 82.85
CA MET D 21 -23.65 -82.76 83.19
C MET D 21 -24.66 -81.65 82.93
N LYS D 22 -24.24 -80.38 82.95
CA LYS D 22 -25.12 -79.28 82.57
C LYS D 22 -25.24 -79.13 81.06
N GLU D 23 -24.69 -80.07 80.28
CA GLU D 23 -24.74 -79.94 78.84
C GLU D 23 -26.14 -80.21 78.31
N TYR D 24 -26.78 -81.26 78.80
CA TYR D 24 -28.14 -81.63 78.42
C TYR D 24 -29.06 -81.70 79.62
N GLY D 25 -28.86 -80.78 80.57
CA GLY D 25 -29.70 -80.72 81.74
C GLY D 25 -29.59 -81.93 82.64
N GLU D 26 -28.53 -82.72 82.49
CA GLU D 26 -28.38 -83.94 83.28
C GLU D 26 -28.01 -83.57 84.71
N ASP D 27 -29.03 -83.41 85.56
CA ASP D 27 -28.79 -83.02 86.94
C ASP D 27 -28.08 -84.15 87.67
N LEU D 28 -27.05 -83.79 88.44
CA LEU D 28 -26.27 -84.79 89.15
C LEU D 28 -27.02 -85.38 90.33
N LYS D 29 -28.10 -84.72 90.78
CA LYS D 29 -28.86 -85.21 91.91
C LYS D 29 -29.58 -86.52 91.60
N ILE D 30 -30.00 -86.71 90.35
CA ILE D 30 -30.70 -87.92 89.95
C ILE D 30 -29.77 -88.93 89.31
N GLU D 31 -28.96 -88.49 88.34
CA GLU D 31 -28.03 -89.37 87.64
C GLU D 31 -26.70 -89.46 88.38
N THR D 32 -26.75 -89.81 89.67
CA THR D 32 -25.55 -89.89 90.48
C THR D 32 -24.61 -90.97 89.98
N ASN D 33 -25.18 -92.10 89.51
CA ASN D 33 -24.36 -93.16 88.96
C ASN D 33 -23.62 -92.69 87.72
N LYS D 34 -24.27 -91.88 86.88
CA LYS D 34 -23.57 -91.30 85.74
C LYS D 34 -22.48 -90.34 86.22
N PHE D 35 -22.70 -89.63 87.32
CA PHE D 35 -21.66 -88.79 87.90
C PHE D 35 -20.42 -89.64 88.21
N ALA D 36 -20.61 -90.74 88.93
CA ALA D 36 -19.49 -91.60 89.29
C ALA D 36 -18.81 -92.17 88.04
N ALA D 37 -19.61 -92.63 87.07
CA ALA D 37 -19.04 -93.23 85.88
C ALA D 37 -18.23 -92.22 85.07
N ILE D 38 -18.73 -91.00 84.95
CA ILE D 38 -18.04 -89.98 84.16
C ILE D 38 -16.76 -89.55 84.87
N CYS D 39 -16.81 -89.36 86.19
CA CYS D 39 -15.58 -89.03 86.92
C CYS D 39 -14.55 -90.13 86.78
N THR D 40 -14.98 -91.39 86.88
CA THR D 40 -14.06 -92.51 86.70
C THR D 40 -13.47 -92.51 85.30
N HIS D 41 -14.29 -92.30 84.28
CA HIS D 41 -13.81 -92.26 82.91
C HIS D 41 -12.74 -91.18 82.73
N LEU D 42 -13.01 -89.98 83.26
CA LEU D 42 -12.07 -88.88 83.08
C LEU D 42 -10.75 -89.15 83.81
N GLU D 43 -10.81 -89.64 85.05
CA GLU D 43 -9.57 -89.92 85.77
C GLU D 43 -8.79 -91.07 85.14
N VAL D 44 -9.50 -92.06 84.60
CA VAL D 44 -8.82 -93.15 83.89
C VAL D 44 -8.10 -92.61 82.67
N CYS D 45 -8.78 -91.77 81.89
CA CYS D 45 -8.13 -91.17 80.73
C CYS D 45 -6.91 -90.35 81.13
N PHE D 46 -7.02 -89.58 82.23
CA PHE D 46 -5.89 -88.76 82.66
C PHE D 46 -4.70 -89.60 83.07
N MET D 47 -4.90 -90.52 84.02
CA MET D 47 -3.80 -91.36 84.47
C MET D 47 -3.31 -92.31 83.38
N TYR D 48 -4.09 -92.53 82.33
CA TYR D 48 -3.62 -93.27 81.17
C TYR D 48 -2.68 -92.42 80.32
N SER D 49 -3.03 -91.15 80.11
CA SER D 49 -2.24 -90.30 79.21
C SER D 49 -1.06 -89.61 79.88
N ASP D 50 -1.08 -89.46 81.20
CA ASP D 50 -0.04 -88.69 81.89
C ASP D 50 1.29 -89.42 81.88
N PHE D 51 2.37 -88.62 81.90
CA PHE D 51 3.72 -89.11 82.13
C PHE D 51 4.21 -90.03 81.02
N HIS D 52 3.75 -89.80 79.79
CA HIS D 52 4.12 -90.64 78.66
C HIS D 52 4.63 -89.74 77.54
N PHE D 53 5.93 -89.83 77.25
CA PHE D 53 6.58 -89.06 76.20
C PHE D 53 7.14 -89.98 75.12
N ILE D 54 7.55 -89.37 74.00
CA ILE D 54 8.14 -90.09 72.87
C ILE D 54 9.61 -89.73 72.77
N ASN D 55 10.48 -90.74 72.89
CA ASN D 55 11.92 -90.50 72.84
C ASN D 55 12.32 -89.96 71.46
N GLU D 56 13.58 -89.53 71.36
CA GLU D 56 14.11 -89.05 70.08
C GLU D 56 14.06 -90.14 69.01
N GLN D 57 14.19 -91.40 69.40
CA GLN D 57 14.08 -92.51 68.46
C GLN D 57 12.64 -93.02 68.44
N GLY D 58 12.42 -94.16 67.79
CA GLY D 58 11.08 -94.70 67.67
C GLY D 58 10.66 -95.57 68.83
N GLU D 59 10.63 -95.01 70.02
CA GLU D 59 10.14 -95.72 71.19
C GLU D 59 9.51 -94.71 72.15
N SER D 60 8.65 -95.21 73.03
CA SER D 60 7.97 -94.40 74.02
C SER D 60 8.69 -94.52 75.36
N ILE D 61 8.71 -93.42 76.11
CA ILE D 61 9.34 -93.39 77.43
C ILE D 61 8.47 -92.56 78.38
N VAL D 62 8.79 -92.65 79.66
CA VAL D 62 8.07 -91.94 80.70
C VAL D 62 8.99 -90.95 81.39
N VAL D 63 8.39 -89.90 81.94
CA VAL D 63 9.10 -88.89 82.73
C VAL D 63 8.13 -88.45 83.81
N GLU D 64 8.64 -87.73 84.82
CA GLU D 64 7.80 -87.36 85.96
C GLU D 64 8.58 -86.41 86.85
N LEU D 65 7.85 -85.79 87.77
CA LEU D 65 8.34 -84.83 88.76
C LEU D 65 9.05 -83.63 88.14
N ASP D 66 8.96 -83.44 86.83
CA ASP D 66 9.66 -82.30 86.23
C ASP D 66 8.99 -81.90 84.94
N ASP D 67 8.98 -80.60 84.68
CA ASP D 67 8.49 -80.06 83.41
C ASP D 67 9.32 -80.63 82.26
N PRO D 68 8.77 -80.62 81.04
CA PRO D 68 9.48 -81.21 79.89
C PRO D 68 10.74 -80.41 79.57
N ASN D 69 11.89 -81.07 79.69
CA ASN D 69 13.17 -80.41 79.47
C ASN D 69 13.52 -80.29 77.99
N ALA D 70 13.70 -81.42 77.32
CA ALA D 70 14.02 -81.43 75.90
C ALA D 70 12.95 -82.10 75.03
N LEU D 71 12.02 -82.85 75.62
CA LEU D 71 10.91 -83.42 74.87
C LEU D 71 9.60 -82.93 75.43
N LEU D 72 8.77 -82.33 74.57
CA LEU D 72 7.48 -81.81 74.97
C LEU D 72 6.33 -82.53 74.29
N LYS D 73 6.61 -83.40 73.32
CA LYS D 73 5.59 -84.16 72.61
C LYS D 73 4.91 -85.10 73.61
N HIS D 74 3.70 -84.75 74.03
CA HIS D 74 3.02 -85.45 75.13
C HIS D 74 2.53 -86.84 74.76
N ARG D 75 2.73 -87.31 73.52
CA ARG D 75 2.45 -88.69 73.14
C ARG D 75 0.96 -89.00 73.17
N PHE D 76 0.16 -88.07 73.70
CA PHE D 76 -1.27 -88.25 73.86
C PHE D 76 -1.93 -86.90 74.02
N GLU D 77 -3.02 -86.68 73.28
CA GLU D 77 -3.81 -85.46 73.38
C GLU D 77 -5.16 -85.79 74.01
N ILE D 78 -5.50 -85.08 75.09
CA ILE D 78 -6.75 -85.32 75.80
C ILE D 78 -7.89 -84.72 74.99
N ILE D 79 -9.00 -85.45 74.86
CA ILE D 79 -10.09 -85.08 73.97
C ILE D 79 -11.39 -84.81 74.73
N GLU D 80 -11.81 -85.76 75.58
CA GLU D 80 -13.16 -85.68 76.14
C GLU D 80 -13.29 -84.54 77.15
N GLY D 81 -12.20 -84.13 77.78
CA GLY D 81 -12.29 -83.09 78.80
C GLY D 81 -12.77 -81.75 78.28
N ARG D 82 -12.80 -81.55 76.97
CA ARG D 82 -13.16 -80.27 76.38
C ARG D 82 -14.64 -80.26 76.02
N ASP D 83 -15.12 -79.11 75.56
CA ASP D 83 -16.51 -78.97 75.15
C ASP D 83 -16.75 -79.69 73.83
N ARG D 84 -18.03 -79.86 73.48
CA ARG D 84 -18.39 -80.55 72.25
C ARG D 84 -17.75 -79.90 71.03
N THR D 85 -17.93 -78.58 70.88
CA THR D 85 -17.40 -77.89 69.72
C THR D 85 -15.87 -77.97 69.70
N MET D 86 -15.25 -77.69 70.84
CA MET D 86 -13.80 -77.76 70.94
C MET D 86 -13.30 -79.19 70.71
N ALA D 87 -14.03 -80.18 71.22
CA ALA D 87 -13.63 -81.57 71.02
C ALA D 87 -13.63 -81.92 69.54
N TRP D 88 -14.72 -81.63 68.84
CA TRP D 88 -14.77 -81.93 67.41
C TRP D 88 -13.74 -81.13 66.62
N THR D 89 -13.46 -79.89 67.05
CA THR D 89 -12.45 -79.09 66.36
C THR D 89 -11.08 -79.76 66.50
N VAL D 90 -10.73 -80.20 67.71
CA VAL D 90 -9.45 -80.87 67.92
C VAL D 90 -9.40 -82.18 67.13
N VAL D 91 -10.52 -82.91 67.11
CA VAL D 91 -10.58 -84.16 66.36
C VAL D 91 -10.32 -83.92 64.89
N ASN D 92 -10.99 -82.92 64.32
CA ASN D 92 -10.78 -82.60 62.90
C ASN D 92 -9.35 -82.16 62.65
N SER D 93 -8.79 -81.36 63.56
CA SER D 93 -7.41 -80.90 63.39
C SER D 93 -6.44 -82.08 63.34
N ILE D 94 -6.54 -82.99 64.31
CA ILE D 94 -5.57 -84.09 64.34
C ILE D 94 -5.83 -85.08 63.21
N CYS D 95 -7.09 -85.25 62.79
CA CYS D 95 -7.39 -86.15 61.69
C CYS D 95 -6.86 -85.62 60.37
N ASN D 96 -7.00 -84.31 60.15
CA ASN D 96 -6.43 -83.69 58.96
C ASN D 96 -4.92 -83.69 58.99
N THR D 97 -4.33 -83.56 60.19
CA THR D 97 -2.88 -83.59 60.31
C THR D 97 -2.31 -84.98 60.06
N THR D 98 -3.05 -86.03 60.45
CA THR D 98 -2.54 -87.40 60.30
C THR D 98 -3.07 -88.13 59.09
N GLY D 99 -4.21 -87.71 58.53
CA GLY D 99 -4.77 -88.40 57.38
C GLY D 99 -5.60 -89.62 57.71
N ALA D 100 -6.06 -89.75 58.95
CA ALA D 100 -6.88 -90.87 59.36
C ALA D 100 -8.34 -90.48 59.27
N GLU D 101 -9.17 -91.41 58.76
CA GLU D 101 -10.59 -91.13 58.64
C GLU D 101 -11.21 -90.90 60.01
N LYS D 102 -11.83 -89.74 60.18
CA LYS D 102 -12.42 -89.42 61.47
C LYS D 102 -13.66 -90.27 61.70
N PRO D 103 -13.83 -90.84 62.88
CA PRO D 103 -15.07 -91.57 63.17
C PRO D 103 -16.17 -90.59 63.52
N LYS D 104 -17.40 -90.92 63.12
CA LYS D 104 -18.51 -90.03 63.39
C LYS D 104 -18.86 -90.01 64.88
N PHE D 105 -18.57 -91.09 65.59
CA PHE D 105 -18.78 -91.12 67.03
C PHE D 105 -17.53 -90.57 67.73
N LEU D 106 -17.76 -89.73 68.72
CA LEU D 106 -16.71 -88.96 69.38
C LEU D 106 -15.77 -89.85 70.17
N PRO D 107 -14.51 -90.00 69.79
CA PRO D 107 -13.56 -90.78 70.58
C PRO D 107 -13.00 -89.94 71.72
N ASP D 108 -12.29 -90.62 72.62
CA ASP D 108 -11.80 -89.98 73.83
C ASP D 108 -10.30 -89.75 73.88
N LEU D 109 -9.53 -90.43 73.02
CA LEU D 109 -8.08 -90.24 73.01
C LEU D 109 -7.54 -90.60 71.64
N TYR D 110 -6.36 -90.04 71.34
CA TYR D 110 -5.63 -90.33 70.13
C TYR D 110 -4.17 -90.57 70.46
N ASP D 111 -3.59 -91.61 69.88
CA ASP D 111 -2.20 -91.99 70.08
C ASP D 111 -1.33 -91.42 68.96
N TYR D 112 -0.07 -91.17 69.28
CA TYR D 112 0.90 -90.68 68.31
C TYR D 112 1.79 -91.79 67.76
N LYS D 113 2.16 -92.75 68.60
CA LYS D 113 3.03 -93.84 68.15
C LYS D 113 2.34 -94.68 67.08
N GLU D 114 1.26 -95.36 67.48
CA GLU D 114 0.50 -96.17 66.52
C GLU D 114 -0.34 -95.33 65.58
N ASN D 115 -0.50 -94.03 65.87
CA ASN D 115 -1.31 -93.13 65.06
C ASN D 115 -2.73 -93.67 64.90
N ARG D 116 -3.23 -94.26 65.99
CA ARG D 116 -4.55 -94.88 66.01
C ARG D 116 -5.43 -94.14 67.02
N PHE D 117 -6.74 -94.30 66.85
CA PHE D 117 -7.71 -93.67 67.74
C PHE D 117 -8.14 -94.69 68.78
N ILE D 118 -7.55 -94.59 69.96
CA ILE D 118 -7.87 -95.47 71.09
C ILE D 118 -8.99 -94.83 71.89
N GLU D 119 -10.06 -95.57 72.13
CA GLU D 119 -11.11 -95.13 73.04
C GLU D 119 -11.27 -96.16 74.15
N ILE D 120 -11.36 -95.67 75.39
CA ILE D 120 -11.33 -96.51 76.59
C ILE D 120 -12.68 -96.43 77.28
N GLY D 121 -13.14 -97.58 77.77
CA GLY D 121 -14.42 -97.70 78.45
C GLY D 121 -14.33 -98.44 79.78
N VAL D 122 -14.88 -97.84 80.83
CA VAL D 122 -14.88 -98.42 82.17
C VAL D 122 -16.24 -99.06 82.39
N THR D 123 -16.25 -100.37 82.65
CA THR D 123 -17.50 -101.10 82.79
C THR D 123 -17.56 -101.89 84.09
N ARG D 124 -18.79 -102.21 84.49
CA ARG D 124 -19.06 -103.05 85.65
C ARG D 124 -19.36 -104.50 85.28
N ARG D 125 -19.92 -104.74 84.10
CA ARG D 125 -20.34 -106.07 83.69
C ARG D 125 -19.11 -106.87 83.23
N GLU D 126 -19.35 -108.05 82.67
CA GLU D 126 -18.28 -108.83 82.07
C GLU D 126 -17.63 -108.03 80.95
N VAL D 127 -16.31 -107.98 80.94
CA VAL D 127 -15.61 -107.14 79.97
C VAL D 127 -15.86 -107.64 78.55
N HIS D 128 -16.16 -108.94 78.41
CA HIS D 128 -16.39 -109.51 77.09
C HIS D 128 -17.63 -108.89 76.44
N ILE D 129 -18.71 -108.75 77.20
CA ILE D 129 -19.94 -108.20 76.65
C ILE D 129 -19.78 -106.74 76.27
N TYR D 130 -19.08 -105.97 77.11
CA TYR D 130 -18.84 -104.56 76.80
C TYR D 130 -17.97 -104.42 75.56
N TYR D 131 -16.95 -105.29 75.44
CA TYR D 131 -16.10 -105.26 74.24
C TYR D 131 -16.90 -105.63 72.99
N LEU D 132 -17.78 -106.62 73.11
CA LEU D 132 -18.60 -107.01 71.97
C LEU D 132 -19.53 -105.87 71.56
N GLU D 133 -20.08 -105.14 72.52
CA GLU D 133 -20.98 -104.04 72.19
C GLU D 133 -20.21 -102.88 71.56
N LYS D 134 -19.03 -102.55 72.09
CA LYS D 134 -18.20 -101.51 71.48
C LYS D 134 -17.73 -101.91 70.08
N ALA D 135 -17.53 -103.22 69.84
CA ALA D 135 -17.14 -103.65 68.51
C ALA D 135 -18.30 -103.62 67.53
N ASN D 136 -19.50 -103.99 67.97
CA ASN D 136 -20.67 -103.91 67.11
C ASN D 136 -21.09 -102.47 66.84
N LYS D 137 -20.75 -101.54 67.74
CA LYS D 137 -21.04 -100.13 67.47
C LYS D 137 -19.98 -99.51 66.57
N ILE D 138 -18.73 -99.92 66.71
CA ILE D 138 -17.62 -99.40 65.92
C ILE D 138 -16.94 -100.62 65.29
N LYS D 139 -17.22 -100.87 64.00
CA LYS D 139 -16.67 -102.03 63.33
C LYS D 139 -16.18 -101.64 61.94
N SER D 140 -15.36 -102.53 61.37
CA SER D 140 -14.84 -102.44 60.00
C SER D 140 -13.93 -101.23 59.82
N GLU D 141 -13.67 -100.49 60.90
CA GLU D 141 -12.81 -99.32 60.88
C GLU D 141 -11.66 -99.51 61.87
N ASN D 142 -10.51 -98.95 61.53
CA ASN D 142 -9.31 -99.02 62.38
C ASN D 142 -9.47 -98.06 63.55
N THR D 143 -10.17 -98.52 64.58
CA THR D 143 -10.39 -97.74 65.80
C THR D 143 -10.16 -98.68 66.98
N HIS D 144 -9.13 -98.38 67.78
CA HIS D 144 -8.74 -99.27 68.87
C HIS D 144 -9.66 -99.09 70.07
N ILE D 145 -10.08 -100.22 70.65
CA ILE D 145 -10.96 -100.24 71.82
C ILE D 145 -10.17 -100.79 73.00
N HIS D 146 -10.32 -100.15 74.16
CA HIS D 146 -9.64 -100.58 75.38
C HIS D 146 -10.63 -100.48 76.52
N ILE D 147 -10.90 -101.59 77.20
CA ILE D 147 -11.94 -101.66 78.22
C ILE D 147 -11.32 -102.08 79.54
N PHE D 148 -11.65 -101.33 80.59
CA PHE D 148 -11.20 -101.64 81.95
C PHE D 148 -12.42 -101.94 82.82
N SER D 149 -12.15 -102.67 83.91
CA SER D 149 -13.18 -103.00 84.89
C SER D 149 -12.60 -102.84 86.29
N PHE D 150 -13.49 -102.88 87.28
CA PHE D 150 -13.08 -102.78 88.67
C PHE D 150 -12.57 -104.11 89.23
N THR D 151 -12.97 -105.23 88.62
CA THR D 151 -12.58 -106.55 89.10
C THR D 151 -11.09 -106.83 88.90
N GLY D 152 -10.40 -106.02 88.09
CA GLY D 152 -9.00 -106.21 87.79
C GLY D 152 -8.74 -106.66 86.37
N GLU D 153 -9.74 -107.24 85.71
CA GLU D 153 -9.57 -107.65 84.32
C GLU D 153 -9.50 -106.43 83.41
N GLU D 154 -9.09 -106.67 82.16
CA GLU D 154 -8.89 -105.63 81.19
C GLU D 154 -8.83 -106.28 79.81
N MET D 155 -9.44 -105.64 78.82
CA MET D 155 -9.52 -106.21 77.49
C MET D 155 -9.24 -105.11 76.47
N ALA D 156 -8.14 -105.22 75.75
CA ALA D 156 -7.80 -104.29 74.69
C ALA D 156 -8.03 -104.97 73.33
N THR D 157 -7.84 -104.19 72.27
CA THR D 157 -8.08 -104.69 70.93
C THR D 157 -6.87 -105.49 70.46
N LYS D 158 -7.13 -106.75 70.09
CA LYS D 158 -6.13 -107.64 69.50
C LYS D 158 -4.91 -107.82 70.41
N ALA D 159 -5.17 -108.00 71.71
CA ALA D 159 -4.14 -108.23 72.72
C ALA D 159 -3.07 -107.15 72.74
N ASP D 160 -3.38 -105.95 72.24
CA ASP D 160 -2.43 -104.85 72.22
C ASP D 160 -2.75 -103.94 73.39
N TYR D 161 -2.36 -104.38 74.58
CA TYR D 161 -2.47 -103.56 75.79
C TYR D 161 -1.38 -102.50 75.68
N THR D 162 -1.66 -101.48 74.88
CA THR D 162 -0.64 -100.55 74.41
C THR D 162 -0.23 -99.59 75.51
N LEU D 163 0.40 -100.13 76.55
CA LEU D 163 0.97 -99.32 77.64
C LEU D 163 1.91 -100.22 78.43
N ASP D 164 2.58 -99.61 79.41
CA ASP D 164 3.43 -100.36 80.33
C ASP D 164 2.57 -101.25 81.22
N GLU D 165 3.25 -102.18 81.90
CA GLU D 165 2.55 -103.06 82.82
C GLU D 165 2.13 -102.30 84.07
N GLU D 166 3.06 -101.57 84.67
CA GLU D 166 2.78 -100.82 85.90
C GLU D 166 1.89 -99.62 85.63
N SER D 167 2.09 -98.94 84.51
CA SER D 167 1.31 -97.73 84.23
C SER D 167 -0.17 -98.04 84.07
N ARG D 168 -0.51 -99.25 83.62
CA ARG D 168 -1.88 -99.71 83.48
C ARG D 168 -2.37 -100.39 84.77
N ALA D 169 -1.47 -101.11 85.44
CA ALA D 169 -1.83 -101.74 86.70
C ALA D 169 -2.16 -100.71 87.77
N ARG D 170 -1.58 -99.52 87.70
CA ARG D 170 -1.94 -98.45 88.62
C ARG D 170 -3.40 -98.06 88.44
N ILE D 171 -3.87 -97.98 87.19
CA ILE D 171 -5.26 -97.69 86.91
C ILE D 171 -6.15 -98.83 87.40
N LYS D 172 -5.74 -100.08 87.14
CA LYS D 172 -6.49 -101.23 87.64
C LYS D 172 -6.63 -101.17 89.16
N THR D 173 -5.54 -100.83 89.85
CA THR D 173 -5.55 -100.76 91.31
C THR D 173 -6.48 -99.64 91.79
N ARG D 174 -6.46 -98.49 91.12
CA ARG D 174 -7.37 -97.42 91.49
C ARG D 174 -8.82 -97.86 91.32
N LEU D 175 -9.13 -98.55 90.22
CA LEU D 175 -10.49 -99.05 90.01
C LEU D 175 -10.89 -100.04 91.09
N PHE D 176 -9.99 -100.97 91.45
CA PHE D 176 -10.32 -101.97 92.46
C PHE D 176 -10.47 -101.34 93.84
N THR D 177 -9.63 -100.37 94.18
CA THR D 177 -9.76 -99.69 95.46
C THR D 177 -11.05 -98.89 95.53
N ILE D 178 -11.45 -98.27 94.43
CA ILE D 178 -12.75 -97.59 94.39
C ILE D 178 -13.87 -98.60 94.59
N ARG D 179 -13.75 -99.77 93.96
CA ARG D 179 -14.71 -100.85 94.17
C ARG D 179 -14.84 -101.18 95.64
N GLN D 180 -13.71 -101.47 96.29
CA GLN D 180 -13.74 -101.84 97.71
C GLN D 180 -14.28 -100.71 98.58
N GLU D 181 -13.90 -99.47 98.28
CA GLU D 181 -14.34 -98.34 99.10
C GLU D 181 -15.85 -98.17 99.02
N MET D 182 -16.41 -98.22 97.81
CA MET D 182 -17.87 -98.13 97.72
C MET D 182 -18.54 -99.42 98.15
N ALA D 183 -17.80 -100.52 98.28
CA ALA D 183 -18.40 -101.74 98.80
C ALA D 183 -18.61 -101.64 100.31
N ASN D 184 -17.55 -101.33 101.05
CA ASN D 184 -17.71 -101.20 102.51
C ASN D 184 -18.50 -99.96 102.88
N ARG D 185 -18.72 -99.04 101.94
CA ARG D 185 -19.67 -97.95 102.11
C ARG D 185 -21.07 -98.35 101.70
N GLY D 186 -21.28 -99.59 101.31
CA GLY D 186 -22.59 -100.04 100.85
C GLY D 186 -23.03 -99.41 99.56
N LEU D 187 -22.10 -98.85 98.78
CA LEU D 187 -22.41 -98.10 97.57
C LEU D 187 -22.04 -98.87 96.31
N TRP D 188 -22.26 -100.19 96.31
CA TRP D 188 -22.21 -100.97 95.09
C TRP D 188 -23.58 -101.04 94.44
N ASP D 189 -24.40 -100.00 94.65
CA ASP D 189 -25.73 -99.95 94.06
C ASP D 189 -25.68 -99.88 92.54
N SER D 190 -24.66 -99.24 91.98
CA SER D 190 -24.57 -98.98 90.55
C SER D 190 -24.16 -100.19 89.74
N PHE D 191 -24.22 -101.38 90.34
CA PHE D 191 -23.85 -102.60 89.63
C PHE D 191 -24.86 -102.94 88.54
N ARG D 192 -26.15 -102.74 88.80
CA ARG D 192 -27.19 -103.08 87.84
C ARG D 192 -27.61 -101.91 86.95
N GLN D 193 -27.09 -100.70 87.19
CA GLN D 193 -27.53 -99.50 86.50
C GLN D 193 -26.55 -99.06 85.40
N SER D 194 -25.27 -98.88 85.76
CA SER D 194 -24.24 -98.57 84.78
C SER D 194 -23.92 -99.74 83.86
N GLU D 195 -24.67 -100.83 83.99
CA GLU D 195 -24.54 -102.03 83.18
C GLU D 195 -25.42 -101.93 81.92
N ARG D 196 -25.30 -100.81 81.20
CA ARG D 196 -26.14 -100.57 80.04
C ARG D 196 -25.42 -99.92 78.87
N GLY D 197 -24.11 -99.70 78.95
CA GLY D 197 -23.44 -98.86 77.98
C GLY D 197 -23.72 -97.40 78.27
N GLU D 198 -24.99 -97.01 78.14
CA GLU D 198 -25.44 -95.71 78.62
C GLU D 198 -25.46 -95.77 80.14
N GLU D 199 -24.44 -95.16 80.76
CA GLU D 199 -24.13 -95.35 82.17
C GLU D 199 -24.98 -94.50 83.11
N THR D 200 -26.12 -93.99 82.66
CA THR D 200 -26.88 -93.02 83.43
C THR D 200 -28.16 -93.55 84.05
N ILE D 201 -28.76 -94.61 83.49
CA ILE D 201 -30.12 -94.96 83.84
C ILE D 201 -30.24 -95.26 85.34
N GLU D 202 -31.38 -94.89 85.92
CA GLU D 202 -31.70 -95.22 87.30
C GLU D 202 -32.82 -96.25 87.34
N GLU D 203 -32.98 -96.86 88.51
CA GLU D 203 -34.01 -97.88 88.70
C GLU D 203 -35.39 -97.25 88.58
N ARG D 204 -36.12 -97.60 87.53
CA ARG D 204 -37.49 -97.15 87.36
C ARG D 204 -38.43 -98.23 87.93
N PHE D 205 -39.35 -97.82 88.79
CA PHE D 205 -40.28 -98.74 89.41
C PHE D 205 -41.63 -98.60 88.71
N GLU D 206 -42.04 -99.66 88.01
CA GLU D 206 -43.26 -99.67 87.22
C GLU D 206 -44.46 -100.02 88.11
N ILE D 207 -45.63 -99.57 87.67
CA ILE D 207 -46.91 -99.96 88.28
C ILE D 207 -47.78 -100.47 87.13
N THR D 208 -47.72 -101.77 86.88
CA THR D 208 -48.43 -102.39 85.76
C THR D 208 -49.78 -102.91 86.27
N GLY D 209 -50.45 -103.72 85.45
CA GLY D 209 -51.74 -104.27 85.83
C GLY D 209 -51.67 -105.12 87.10
N THR D 210 -52.87 -105.41 87.62
CA THR D 210 -53.10 -106.15 88.85
C THR D 210 -52.61 -105.37 90.07
N MET D 211 -51.95 -104.24 89.83
CA MET D 211 -51.58 -103.29 90.87
C MET D 211 -52.12 -101.90 90.58
N ARG D 212 -51.90 -101.39 89.37
CA ARG D 212 -52.52 -100.13 88.99
C ARG D 212 -54.04 -100.24 88.98
N ARG D 213 -54.58 -101.43 88.73
CA ARG D 213 -56.02 -101.62 88.85
C ARG D 213 -56.49 -101.40 90.27
N LEU D 214 -55.64 -101.68 91.26
CA LEU D 214 -55.93 -101.34 92.64
C LEU D 214 -55.58 -99.89 92.96
N ALA D 215 -54.52 -99.38 92.34
CA ALA D 215 -54.14 -97.97 92.54
C ALA D 215 -55.24 -97.03 92.08
N ASP D 216 -55.92 -97.38 90.99
CA ASP D 216 -57.00 -96.55 90.48
C ASP D 216 -58.18 -96.51 91.43
N GLN D 217 -58.30 -97.49 92.32
CA GLN D 217 -59.37 -97.55 93.31
C GLN D 217 -59.01 -96.85 94.62
N SER D 218 -57.80 -96.30 94.73
CA SER D 218 -57.32 -95.69 95.96
C SER D 218 -57.46 -94.18 95.99
N LEU D 219 -57.94 -93.57 94.92
CA LEU D 219 -58.11 -92.12 94.83
C LEU D 219 -59.43 -91.65 95.44
N PRO D 220 -59.51 -90.37 95.81
CA PRO D 220 -60.77 -89.81 96.32
C PRO D 220 -61.87 -89.89 95.28
N PRO D 221 -63.15 -89.76 95.69
CA PRO D 221 -64.27 -90.06 94.77
C PRO D 221 -64.52 -89.00 93.71
N ASN D 222 -63.49 -88.63 92.96
CA ASN D 222 -63.68 -87.71 91.85
C ASN D 222 -62.91 -88.10 90.59
N PHE D 223 -62.02 -89.10 90.66
CA PHE D 223 -61.14 -89.45 89.57
C PHE D 223 -61.21 -90.96 89.34
N SER D 224 -60.55 -91.42 88.29
CA SER D 224 -60.50 -92.85 88.04
C SER D 224 -59.08 -93.36 87.87
N CYS D 225 -58.21 -92.61 87.20
CA CYS D 225 -56.81 -92.98 87.05
C CYS D 225 -55.97 -92.15 88.03
N LEU D 226 -55.05 -92.80 88.73
CA LEU D 226 -54.23 -92.09 89.70
C LEU D 226 -53.32 -91.07 89.04
N GLU D 227 -53.06 -91.20 87.73
CA GLU D 227 -52.29 -90.19 87.02
C GLU D 227 -53.06 -88.87 86.97
N ASN D 228 -54.38 -88.94 86.75
CA ASN D 228 -55.21 -87.74 86.81
C ASN D 228 -55.11 -87.08 88.17
N PHE D 229 -55.17 -87.87 89.24
CA PHE D 229 -55.07 -87.31 90.59
C PHE D 229 -53.68 -86.73 90.84
N ARG D 230 -52.65 -87.37 90.30
CA ARG D 230 -51.29 -86.87 90.49
C ARG D 230 -51.11 -85.53 89.78
N ALA D 231 -51.62 -85.41 88.56
CA ALA D 231 -51.57 -84.12 87.87
C ALA D 231 -52.44 -83.08 88.56
N TYR D 232 -53.55 -83.50 89.16
CA TYR D 232 -54.41 -82.56 89.89
C TYR D 232 -53.73 -82.04 91.14
N VAL D 233 -52.96 -82.90 91.81
CA VAL D 233 -52.22 -82.46 93.00
C VAL D 233 -51.04 -81.59 92.59
N ASP D 234 -50.39 -81.93 91.47
CA ASP D 234 -49.26 -81.14 90.99
C ASP D 234 -49.66 -79.69 90.77
N GLY D 235 -50.84 -79.46 90.20
CA GLY D 235 -51.34 -78.10 90.07
C GLY D 235 -52.39 -77.79 91.11
N PHE D 236 -51.99 -77.08 92.17
CA PHE D 236 -52.90 -76.70 93.23
C PHE D 236 -52.79 -75.20 93.51
N GLU D 237 -53.91 -74.62 93.93
CA GLU D 237 -54.01 -73.19 94.19
C GLU D 237 -54.44 -72.98 95.64
N PRO D 238 -53.55 -72.54 96.53
CA PRO D 238 -53.97 -72.25 97.91
C PRO D 238 -54.85 -71.02 98.01
N ASN D 239 -56.11 -71.14 97.60
CA ASN D 239 -57.01 -69.99 97.56
C ASN D 239 -57.76 -69.76 98.86
N GLY D 240 -57.79 -70.73 99.76
CA GLY D 240 -58.57 -70.57 100.97
C GLY D 240 -59.86 -71.38 100.96
N TYR D 241 -59.81 -72.60 100.43
CA TYR D 241 -60.98 -73.47 100.44
C TYR D 241 -61.45 -73.77 101.87
N ILE D 242 -60.54 -73.66 102.85
CA ILE D 242 -60.89 -73.92 104.24
C ILE D 242 -62.00 -72.98 104.69
N GLU D 243 -61.93 -71.71 104.28
CA GLU D 243 -62.92 -70.74 104.72
C GLU D 243 -64.31 -71.08 104.19
N GLY D 244 -64.38 -71.49 102.92
CA GLY D 244 -65.65 -71.92 102.36
C GLY D 244 -66.19 -73.18 103.02
N LYS D 245 -65.31 -74.15 103.27
CA LYS D 245 -65.73 -75.37 103.95
C LYS D 245 -66.25 -75.08 105.35
N LEU D 246 -65.64 -74.11 106.04
CA LEU D 246 -66.10 -73.73 107.37
C LEU D 246 -67.45 -73.03 107.30
N SER D 247 -67.58 -72.04 106.42
CA SER D 247 -68.85 -71.32 106.29
C SER D 247 -69.98 -72.24 105.85
N GLN D 248 -69.65 -73.33 105.15
CA GLN D 248 -70.69 -74.27 104.76
C GLN D 248 -71.10 -75.20 105.90
N MET D 249 -70.18 -75.52 106.81
CA MET D 249 -70.48 -76.41 107.92
C MET D 249 -71.27 -75.69 109.00
N SER D 250 -72.08 -76.45 109.73
CA SER D 250 -72.96 -75.87 110.74
C SER D 250 -72.14 -75.30 111.90
N LYS D 251 -72.69 -74.25 112.52
CA LYS D 251 -72.03 -73.60 113.65
C LYS D 251 -72.14 -74.37 114.95
N GLU D 252 -73.01 -75.38 115.05
CA GLU D 252 -73.11 -76.11 116.31
C GLU D 252 -71.97 -77.07 116.54
N VAL D 253 -71.26 -77.48 115.49
CA VAL D 253 -70.06 -78.31 115.67
C VAL D 253 -68.98 -77.38 116.19
N ASN D 254 -68.77 -77.39 117.50
CA ASN D 254 -67.86 -76.44 118.14
C ASN D 254 -67.41 -77.00 119.47
N ALA D 255 -66.24 -76.56 119.91
CA ALA D 255 -65.73 -76.92 121.22
C ALA D 255 -66.00 -75.80 122.23
N LYS D 256 -67.27 -75.69 122.60
CA LYS D 256 -67.67 -74.68 123.58
C LYS D 256 -67.12 -75.06 124.95
N ILE D 257 -66.23 -74.23 125.48
CA ILE D 257 -65.64 -74.50 126.79
C ILE D 257 -66.71 -74.29 127.85
N GLU D 258 -67.01 -75.34 128.60
CA GLU D 258 -67.87 -75.18 129.77
C GLU D 258 -67.00 -74.87 130.98
N PRO D 259 -67.25 -73.78 131.70
CA PRO D 259 -66.36 -73.38 132.78
C PRO D 259 -66.26 -74.42 133.88
N PHE D 260 -65.12 -74.41 134.56
CA PHE D 260 -64.84 -75.33 135.66
C PHE D 260 -64.43 -74.46 136.85
N LEU D 261 -65.39 -74.16 137.71
CA LEU D 261 -65.17 -73.40 138.92
C LEU D 261 -65.27 -74.33 140.13
N LYS D 262 -64.93 -73.80 141.30
CA LYS D 262 -64.90 -74.63 142.50
C LYS D 262 -66.27 -75.12 142.95
N THR D 263 -67.34 -74.68 142.29
CA THR D 263 -68.69 -75.14 142.56
C THR D 263 -69.14 -76.26 141.62
N THR D 264 -68.62 -76.26 140.39
CA THR D 264 -69.05 -77.25 139.41
C THR D 264 -68.72 -78.70 139.75
N PRO D 265 -67.57 -79.05 140.32
CA PRO D 265 -67.23 -80.48 140.50
C PRO D 265 -68.21 -81.14 141.46
N ARG D 266 -68.92 -82.14 140.97
CA ARG D 266 -69.82 -82.96 141.77
C ARG D 266 -69.13 -84.27 142.16
N PRO D 267 -69.47 -84.82 143.32
CA PRO D 267 -68.82 -86.07 143.75
C PRO D 267 -69.06 -87.21 142.78
N ILE D 268 -68.12 -88.16 142.79
CA ILE D 268 -68.12 -89.25 141.82
C ILE D 268 -69.28 -90.21 142.10
N ARG D 269 -69.93 -90.66 141.03
CA ARG D 269 -70.91 -91.74 141.15
C ARG D 269 -70.23 -93.01 141.64
N LEU D 270 -70.88 -93.70 142.57
CA LEU D 270 -70.27 -94.86 143.19
C LEU D 270 -71.09 -96.11 142.90
N PRO D 271 -70.45 -97.25 142.66
CA PRO D 271 -71.20 -98.48 142.40
C PRO D 271 -71.93 -98.94 143.65
N ASP D 272 -73.07 -99.60 143.44
CA ASP D 272 -73.88 -100.12 144.52
C ASP D 272 -74.19 -101.60 144.28
N GLY D 273 -74.23 -102.37 145.37
CA GLY D 273 -74.55 -103.77 145.30
C GLY D 273 -73.88 -104.57 146.41
N PRO D 274 -73.41 -105.77 146.09
CA PRO D 274 -72.77 -106.60 147.10
C PRO D 274 -71.41 -106.05 147.45
N PRO D 275 -70.96 -106.21 148.70
CA PRO D 275 -69.62 -105.72 149.07
C PRO D 275 -68.54 -106.51 148.35
N CYS D 276 -67.49 -105.80 147.98
CA CYS D 276 -66.38 -106.41 147.26
C CYS D 276 -65.57 -107.30 148.18
N PHE D 277 -65.30 -108.53 147.75
CA PHE D 277 -64.52 -109.45 148.55
C PHE D 277 -63.05 -109.27 148.22
N GLN D 278 -62.21 -110.18 148.71
CA GLN D 278 -60.76 -110.09 148.58
C GLN D 278 -60.26 -111.12 147.58
N ARG D 279 -59.52 -110.67 146.56
CA ARG D 279 -58.94 -111.54 145.55
C ARG D 279 -57.42 -111.58 145.61
N SER D 280 -56.80 -111.03 146.66
CA SER D 280 -55.36 -111.00 146.76
C SER D 280 -54.80 -112.43 146.84
N LYS D 281 -53.52 -112.56 146.48
CA LYS D 281 -52.89 -113.87 146.41
C LYS D 281 -52.72 -114.50 147.79
N PHE D 282 -52.38 -113.70 148.79
CA PHE D 282 -52.19 -114.22 150.14
C PHE D 282 -52.76 -113.23 151.15
N LEU D 283 -52.92 -113.72 152.39
CA LEU D 283 -53.52 -112.91 153.44
C LEU D 283 -52.54 -111.83 153.89
N LEU D 284 -53.06 -110.61 154.07
CA LEU D 284 -52.21 -109.46 154.39
C LEU D 284 -52.12 -109.18 155.90
N MET D 285 -53.25 -108.86 156.53
CA MET D 285 -53.22 -108.40 157.92
C MET D 285 -53.56 -109.48 158.92
N ASP D 286 -54.37 -110.47 158.52
CA ASP D 286 -54.88 -111.46 159.46
C ASP D 286 -53.91 -112.59 159.69
N ALA D 287 -53.03 -112.87 158.73
CA ALA D 287 -52.07 -113.95 158.87
C ALA D 287 -51.14 -113.69 160.04
N LEU D 288 -50.76 -114.76 160.73
CA LEU D 288 -49.86 -114.68 161.87
C LEU D 288 -48.64 -115.55 161.61
N LYS D 289 -47.55 -115.22 162.30
CA LYS D 289 -46.24 -115.78 162.06
C LYS D 289 -45.95 -116.89 163.06
N LEU D 290 -45.11 -117.83 162.65
CA LEU D 290 -44.68 -118.96 163.49
C LEU D 290 -43.17 -118.82 163.60
N SER D 291 -42.73 -118.13 164.65
CA SER D 291 -41.34 -117.70 164.75
C SER D 291 -40.39 -118.82 165.18
N ILE D 292 -39.19 -118.78 164.61
CA ILE D 292 -38.06 -119.63 165.01
C ILE D 292 -36.82 -118.74 165.07
N GLU D 293 -36.41 -118.35 166.27
CA GLU D 293 -35.24 -117.48 166.43
C GLU D 293 -33.94 -118.27 166.24
N ASP D 294 -33.78 -118.79 165.01
CA ASP D 294 -32.68 -119.68 164.68
C ASP D 294 -31.75 -119.00 163.68
N PRO D 295 -30.48 -118.80 164.03
CA PRO D 295 -29.49 -118.27 163.08
C PRO D 295 -28.93 -119.35 162.16
N SER D 296 -29.74 -119.78 161.19
CA SER D 296 -29.30 -120.82 160.28
C SER D 296 -28.34 -120.31 159.22
N HIS D 297 -28.09 -119.00 159.17
CA HIS D 297 -27.14 -118.39 158.23
C HIS D 297 -27.50 -118.65 156.77
N GLU D 298 -28.74 -119.07 156.51
CA GLU D 298 -29.23 -119.30 155.16
C GLU D 298 -28.28 -120.18 154.35
N GLY D 299 -27.78 -121.25 154.98
CA GLY D 299 -26.93 -122.18 154.29
C GLY D 299 -27.75 -123.01 153.32
N GLU D 300 -28.34 -122.33 152.33
CA GLU D 300 -29.40 -122.87 151.49
C GLU D 300 -30.49 -123.50 152.34
N GLY D 301 -31.00 -122.73 153.30
CA GLY D 301 -32.03 -123.22 154.19
C GLY D 301 -33.26 -123.75 153.46
N ILE D 302 -33.38 -125.06 153.45
CA ILE D 302 -34.46 -125.79 152.78
C ILE D 302 -35.79 -125.42 153.40
N PRO D 303 -36.73 -124.81 152.65
CA PRO D 303 -37.96 -124.33 153.29
C PRO D 303 -38.83 -125.42 153.86
N LEU D 304 -38.56 -126.69 153.54
CA LEU D 304 -39.39 -127.78 154.06
C LEU D 304 -39.00 -128.09 155.49
N TYR D 305 -37.72 -128.29 155.76
CA TYR D 305 -37.32 -128.52 157.15
C TYR D 305 -37.52 -127.26 157.97
N ASP D 306 -37.39 -126.09 157.33
CA ASP D 306 -37.76 -124.84 157.99
C ASP D 306 -39.21 -124.89 158.45
N ALA D 307 -40.10 -125.42 157.60
CA ALA D 307 -41.51 -125.51 157.97
C ALA D 307 -41.76 -126.58 159.02
N ILE D 308 -41.02 -127.68 159.01
CA ILE D 308 -41.27 -128.71 160.01
C ILE D 308 -40.80 -128.24 161.38
N LYS D 309 -39.70 -127.47 161.45
CA LYS D 309 -39.36 -126.90 162.74
C LYS D 309 -40.18 -125.66 163.07
N CYS D 310 -40.89 -125.08 162.09
CA CYS D 310 -41.99 -124.18 162.42
C CYS D 310 -43.07 -124.92 163.19
N MET D 311 -43.53 -126.05 162.64
CA MET D 311 -44.58 -126.84 163.27
C MET D 311 -44.15 -127.35 164.63
N ARG D 312 -42.87 -127.65 164.81
CA ARG D 312 -42.35 -128.10 166.10
C ARG D 312 -42.54 -127.07 167.22
N THR D 313 -42.95 -125.84 166.89
CA THR D 313 -43.05 -124.78 167.88
C THR D 313 -44.45 -124.53 168.42
N PHE D 314 -45.48 -125.19 167.88
CA PHE D 314 -46.85 -124.89 168.29
C PHE D 314 -47.56 -126.14 168.77
N PHE D 315 -48.36 -125.98 169.82
CA PHE D 315 -49.17 -127.05 170.40
C PHE D 315 -50.58 -126.54 170.63
N GLY D 316 -51.55 -127.44 170.49
CA GLY D 316 -52.95 -127.06 170.61
C GLY D 316 -53.70 -127.15 169.29
N TRP D 317 -53.34 -128.14 168.48
CA TRP D 317 -54.04 -128.39 167.21
C TRP D 317 -55.37 -129.04 167.53
N LYS D 318 -56.46 -128.27 167.47
CA LYS D 318 -57.79 -128.84 167.66
C LYS D 318 -58.21 -129.63 166.42
N GLU D 319 -59.25 -130.45 166.60
CA GLU D 319 -59.85 -131.14 165.47
C GLU D 319 -60.45 -130.11 164.51
N PRO D 320 -60.19 -130.22 163.20
CA PRO D 320 -60.70 -129.22 162.24
C PRO D 320 -62.20 -128.97 162.29
N TYR D 321 -62.60 -127.75 162.67
CA TYR D 321 -64.02 -127.40 162.84
C TYR D 321 -64.36 -126.38 161.76
N ILE D 322 -65.04 -126.83 160.70
CA ILE D 322 -65.35 -125.97 159.57
C ILE D 322 -66.36 -124.90 159.98
N VAL D 323 -66.06 -123.64 159.65
CA VAL D 323 -66.91 -122.50 159.99
C VAL D 323 -67.60 -121.94 158.76
N LYS D 324 -66.84 -121.47 157.78
CA LYS D 324 -67.37 -120.80 156.59
C LYS D 324 -67.09 -121.64 155.35
N PRO D 325 -68.09 -122.05 154.61
CA PRO D 325 -67.87 -122.84 153.40
C PRO D 325 -67.52 -121.96 152.21
N HIS D 326 -67.31 -122.59 151.06
CA HIS D 326 -67.07 -121.88 149.82
C HIS D 326 -68.36 -121.49 149.11
N GLU D 327 -69.50 -121.99 149.58
CA GLU D 327 -70.84 -121.72 149.06
C GLU D 327 -71.11 -122.32 147.69
N LYS D 328 -70.07 -122.82 147.01
CA LYS D 328 -70.28 -123.37 145.67
C LYS D 328 -69.36 -124.55 145.35
N GLY D 329 -68.90 -125.28 146.37
CA GLY D 329 -67.96 -126.35 146.11
C GLY D 329 -68.01 -127.43 147.15
N ILE D 330 -67.13 -128.43 146.98
CA ILE D 330 -67.01 -129.52 147.93
C ILE D 330 -66.22 -129.02 149.12
N ASN D 331 -66.92 -128.50 150.12
CA ASN D 331 -66.25 -127.89 151.27
C ASN D 331 -65.43 -128.87 152.10
N PRO D 332 -65.89 -130.09 152.42
CA PRO D 332 -65.06 -130.99 153.22
C PRO D 332 -63.75 -131.39 152.56
N ASN D 333 -63.65 -131.28 151.22
CA ASN D 333 -62.39 -131.63 150.55
C ASN D 333 -61.24 -130.76 151.05
N TYR D 334 -61.52 -129.52 151.44
CA TYR D 334 -60.46 -128.66 151.98
C TYR D 334 -59.90 -129.22 153.28
N LEU D 335 -60.77 -129.61 154.21
CA LEU D 335 -60.29 -130.17 155.46
C LEU D 335 -59.64 -131.54 155.26
N LEU D 336 -60.12 -132.31 154.28
CA LEU D 336 -59.44 -133.56 153.94
C LEU D 336 -58.03 -133.29 153.40
N SER D 337 -57.88 -132.24 152.58
CA SER D 337 -56.56 -131.86 152.11
C SER D 337 -55.66 -131.43 153.27
N TRP D 338 -56.24 -130.73 154.25
CA TRP D 338 -55.47 -130.35 155.44
C TRP D 338 -55.01 -131.57 156.23
N LYS D 339 -55.92 -132.53 156.42
CA LYS D 339 -55.56 -133.78 157.08
C LYS D 339 -54.46 -134.51 156.32
N GLN D 340 -54.55 -134.52 154.99
CA GLN D 340 -53.50 -135.14 154.18
C GLN D 340 -52.17 -134.41 154.35
N VAL D 341 -52.21 -133.09 154.42
CA VAL D 341 -51.00 -132.31 154.67
C VAL D 341 -50.34 -132.75 155.97
N LEU D 342 -51.13 -132.77 157.05
CA LEU D 342 -50.57 -133.16 158.35
C LEU D 342 -50.08 -134.60 158.34
N ALA D 343 -50.80 -135.49 157.65
CA ALA D 343 -50.39 -136.89 157.57
C ALA D 343 -49.06 -137.02 156.84
N GLU D 344 -48.99 -136.55 155.60
CA GLU D 344 -47.74 -136.61 154.84
C GLU D 344 -46.61 -135.87 155.53
N LEU D 345 -46.92 -134.92 156.41
CA LEU D 345 -45.88 -134.29 157.22
C LEU D 345 -45.39 -135.25 158.30
N GLN D 346 -46.30 -135.91 158.99
CA GLN D 346 -45.90 -136.80 160.09
C GLN D 346 -45.60 -138.22 159.64
N ASP D 347 -45.74 -138.52 158.34
CA ASP D 347 -45.39 -139.81 157.79
C ASP D 347 -44.04 -139.81 157.08
N ILE D 348 -43.17 -138.85 157.40
CA ILE D 348 -41.86 -138.80 156.75
C ILE D 348 -40.86 -139.73 157.42
N GLU D 349 -40.98 -139.92 158.74
CA GLU D 349 -40.07 -140.79 159.48
C GLU D 349 -40.18 -142.25 159.06
N ASN D 350 -41.22 -142.63 158.33
CA ASN D 350 -41.38 -143.98 157.79
C ASN D 350 -40.66 -144.18 156.46
N GLU D 351 -40.10 -143.12 155.87
CA GLU D 351 -39.48 -143.21 154.56
C GLU D 351 -38.00 -143.57 154.60
N GLU D 352 -37.36 -143.47 155.76
CA GLU D 352 -35.95 -143.82 156.00
C GLU D 352 -35.01 -142.89 155.26
N LYS D 353 -35.55 -142.01 154.42
CA LYS D 353 -34.76 -141.08 153.62
C LYS D 353 -35.57 -139.81 153.46
N ILE D 354 -34.96 -138.66 153.75
CA ILE D 354 -35.67 -137.40 153.71
C ILE D 354 -35.53 -136.79 152.32
N PRO D 355 -36.63 -136.40 151.67
CA PRO D 355 -36.60 -136.11 150.23
C PRO D 355 -36.30 -134.67 149.84
N ARG D 356 -36.26 -133.74 150.81
CA ARG D 356 -36.07 -132.30 150.60
C ARG D 356 -37.31 -131.65 149.98
N THR D 357 -38.28 -132.47 149.57
CA THR D 357 -39.48 -131.98 148.89
C THR D 357 -40.55 -133.05 149.02
N LYS D 358 -41.70 -132.69 149.58
CA LYS D 358 -42.76 -133.66 149.84
C LYS D 358 -43.72 -133.64 148.66
N ASN D 359 -43.75 -134.75 147.90
CA ASN D 359 -44.67 -134.90 146.78
C ASN D 359 -45.99 -135.43 147.31
N MET D 360 -47.00 -134.56 147.37
CA MET D 360 -48.31 -134.95 147.85
C MET D 360 -48.93 -136.01 146.93
N LYS D 361 -49.61 -136.98 147.54
CA LYS D 361 -50.26 -138.03 146.76
C LYS D 361 -51.48 -137.49 146.02
N LYS D 362 -51.77 -138.12 144.88
CA LYS D 362 -52.87 -137.73 144.01
C LYS D 362 -54.21 -138.20 144.60
N THR D 363 -54.57 -137.61 145.73
CA THR D 363 -55.82 -137.96 146.38
C THR D 363 -56.99 -137.28 145.69
N SER D 364 -58.16 -137.93 145.75
CA SER D 364 -59.32 -137.45 145.03
C SER D 364 -59.77 -136.08 145.53
N GLN D 365 -59.64 -135.85 146.84
CA GLN D 365 -59.94 -134.53 147.39
C GLN D 365 -59.00 -133.49 146.81
N LEU D 366 -57.71 -133.84 146.67
CA LEU D 366 -56.76 -132.93 146.05
C LEU D 366 -56.96 -132.86 144.54
N LYS D 367 -57.43 -133.96 143.93
CA LYS D 367 -57.80 -133.91 142.51
C LYS D 367 -58.86 -132.86 142.26
N TRP D 368 -59.87 -132.80 143.13
CA TRP D 368 -60.88 -131.75 143.01
C TRP D 368 -60.33 -130.39 143.41
N ALA D 369 -59.42 -130.36 144.39
CA ALA D 369 -58.84 -129.10 144.85
C ALA D 369 -58.04 -128.38 143.77
N LEU D 370 -57.54 -129.10 142.77
CA LEU D 370 -56.77 -128.49 141.69
C LEU D 370 -57.56 -128.39 140.39
N GLY D 371 -58.81 -128.86 140.38
CA GLY D 371 -59.68 -128.68 139.23
C GLY D 371 -59.22 -129.36 137.97
N GLU D 372 -58.74 -130.61 138.08
CA GLU D 372 -58.26 -131.32 136.90
C GLU D 372 -59.08 -132.58 136.65
N ASN D 373 -60.40 -132.47 136.73
CA ASN D 373 -61.28 -133.60 136.44
C ASN D 373 -62.34 -133.20 135.41
N SER D 395 -70.28 -116.48 128.73
CA SER D 395 -69.31 -115.39 128.66
C SER D 395 -69.99 -114.05 128.94
N ASP D 396 -70.80 -114.00 129.99
CA ASP D 396 -71.58 -112.80 130.29
C ASP D 396 -70.75 -111.79 131.06
N GLU D 397 -71.25 -110.56 131.08
CA GLU D 397 -70.49 -109.43 131.61
C GLU D 397 -70.42 -109.49 133.14
N PRO D 398 -69.40 -108.89 133.74
CA PRO D 398 -69.21 -108.98 135.18
C PRO D 398 -70.29 -108.24 135.95
N GLU D 399 -70.36 -108.53 137.24
CA GLU D 399 -71.32 -107.93 138.16
C GLU D 399 -70.68 -106.80 138.95
N LEU D 400 -71.53 -105.90 139.44
CA LEU D 400 -71.11 -104.70 140.15
C LEU D 400 -71.04 -104.97 141.65
N ARG D 401 -69.83 -104.93 142.20
CA ARG D 401 -69.61 -105.15 143.62
C ARG D 401 -69.33 -103.81 144.31
N SER D 402 -70.09 -103.53 145.38
CA SER D 402 -69.97 -102.26 146.07
C SER D 402 -68.75 -102.25 147.00
N LEU D 403 -68.42 -101.07 147.49
CA LEU D 403 -67.28 -100.90 148.38
C LEU D 403 -67.56 -101.49 149.75
N SER D 404 -66.52 -102.06 150.37
CA SER D 404 -66.57 -102.61 151.71
C SER D 404 -65.82 -101.71 152.67
N SER D 405 -65.90 -102.05 153.96
CA SER D 405 -65.35 -101.21 155.01
C SER D 405 -63.95 -101.61 155.45
N TRP D 406 -63.44 -102.77 155.01
CA TRP D 406 -62.21 -103.31 155.58
C TRP D 406 -60.95 -102.93 154.82
N ILE D 407 -61.07 -102.53 153.56
CA ILE D 407 -59.87 -102.25 152.75
C ILE D 407 -59.12 -101.06 153.34
N GLN D 408 -59.85 -100.09 153.91
CA GLN D 408 -59.19 -98.96 154.55
C GLN D 408 -58.33 -99.43 155.72
N ASN D 409 -58.84 -100.36 156.53
CA ASN D 409 -58.07 -100.85 157.67
C ASN D 409 -56.90 -101.71 157.21
N GLU D 410 -57.09 -102.50 156.14
CA GLU D 410 -55.98 -103.26 155.57
C GLU D 410 -54.86 -102.32 155.14
N PHE D 411 -55.21 -101.24 154.44
CA PHE D 411 -54.20 -100.29 154.02
C PHE D 411 -53.56 -99.58 155.20
N ASN D 412 -54.34 -99.28 156.24
CA ASN D 412 -53.79 -98.66 157.43
C ASN D 412 -52.74 -99.54 158.08
N LYS D 413 -53.06 -100.83 158.26
CA LYS D 413 -52.08 -101.75 158.82
C LYS D 413 -50.92 -102.00 157.87
N ALA D 414 -51.11 -101.76 156.58
CA ALA D 414 -49.98 -101.82 155.65
C ALA D 414 -49.02 -100.66 155.90
N CYS D 415 -49.54 -99.52 156.34
CA CYS D 415 -48.72 -98.35 156.65
C CYS D 415 -48.16 -98.37 158.07
N GLU D 416 -48.58 -99.31 158.91
CA GLU D 416 -48.13 -99.31 160.30
C GLU D 416 -46.78 -100.00 160.42
N LEU D 417 -46.09 -99.70 161.51
CA LEU D 417 -44.75 -100.22 161.75
C LEU D 417 -44.80 -101.53 162.55
N THR D 418 -43.77 -102.36 162.33
CA THR D 418 -43.64 -103.65 162.99
C THR D 418 -42.35 -103.67 163.81
N ASP D 419 -42.01 -104.84 164.35
CA ASP D 419 -40.84 -104.98 165.22
C ASP D 419 -39.59 -105.40 164.47
N SER D 420 -39.70 -105.90 163.24
CA SER D 420 -38.60 -106.46 162.50
C SER D 420 -38.16 -105.53 161.37
N THR D 421 -37.13 -105.95 160.64
CA THR D 421 -36.45 -105.12 159.65
C THR D 421 -36.73 -105.55 158.21
N TRP D 422 -36.59 -106.84 157.91
CA TRP D 422 -36.99 -107.45 156.64
C TRP D 422 -36.14 -107.03 155.45
N ILE D 423 -35.00 -106.37 155.66
CA ILE D 423 -34.22 -105.82 154.55
C ILE D 423 -32.78 -106.31 154.65
N GLU D 424 -32.21 -106.66 153.49
CA GLU D 424 -30.80 -106.98 153.34
C GLU D 424 -30.19 -106.03 152.31
N LEU D 425 -29.78 -104.86 152.78
CA LEU D 425 -29.24 -103.81 151.91
C LEU D 425 -27.71 -103.89 151.88
N ASP D 426 -27.18 -104.24 150.71
CA ASP D 426 -25.75 -104.48 150.56
C ASP D 426 -24.97 -103.16 150.61
N GLU D 427 -23.64 -103.29 150.67
CA GLU D 427 -22.75 -102.15 150.87
C GLU D 427 -22.66 -101.31 149.59
N ILE D 428 -22.11 -100.10 149.75
CA ILE D 428 -21.87 -99.17 148.65
C ILE D 428 -20.59 -98.40 148.96
N GLY D 429 -20.01 -97.80 147.92
CA GLY D 429 -18.69 -97.18 147.99
C GLY D 429 -18.47 -96.08 149.02
N GLU D 430 -17.26 -95.52 149.03
CA GLU D 430 -16.79 -94.56 150.03
C GLU D 430 -17.51 -93.22 150.05
N ASP D 431 -18.49 -92.96 149.18
CA ASP D 431 -19.20 -91.68 149.22
C ASP D 431 -18.26 -90.48 149.02
N VAL D 432 -17.88 -90.19 147.79
CA VAL D 432 -17.11 -88.98 147.53
C VAL D 432 -18.01 -87.77 147.79
N ALA D 433 -17.43 -86.57 147.77
CA ALA D 433 -18.03 -85.44 148.49
C ALA D 433 -19.28 -84.86 147.82
N PRO D 434 -19.23 -84.37 146.57
CA PRO D 434 -20.27 -83.42 146.12
C PRO D 434 -21.73 -83.80 146.34
N ILE D 435 -22.15 -84.94 145.82
CA ILE D 435 -23.56 -85.33 145.90
C ILE D 435 -23.78 -86.68 146.53
N GLU D 436 -22.78 -87.56 146.54
CA GLU D 436 -22.94 -88.87 147.15
C GLU D 436 -23.22 -88.74 148.64
N TYR D 437 -22.69 -87.69 149.28
CA TYR D 437 -23.13 -87.36 150.63
C TYR D 437 -24.63 -87.05 150.66
N ILE D 438 -25.10 -86.24 149.70
CA ILE D 438 -26.52 -85.89 149.63
C ILE D 438 -27.36 -87.13 149.30
N ALA D 439 -26.94 -87.90 148.30
CA ALA D 439 -27.66 -89.11 147.93
C ALA D 439 -27.76 -90.06 149.12
N SER D 440 -26.67 -90.23 149.86
CA SER D 440 -26.70 -91.05 151.07
C SER D 440 -27.67 -90.49 152.09
N MET D 441 -27.43 -89.26 152.55
CA MET D 441 -28.28 -88.68 153.58
C MET D 441 -29.74 -88.58 153.15
N ARG D 442 -30.06 -88.85 151.88
CA ARG D 442 -31.45 -89.07 151.48
C ARG D 442 -31.86 -90.54 151.62
N ARG D 443 -31.07 -91.44 151.02
CA ARG D 443 -31.48 -92.85 150.95
C ARG D 443 -31.46 -93.52 152.31
N ASN D 444 -30.47 -93.21 153.15
CA ASN D 444 -30.39 -93.83 154.47
C ASN D 444 -31.48 -93.31 155.39
N TYR D 445 -31.82 -92.02 155.28
CA TYR D 445 -32.97 -91.49 156.01
C TYR D 445 -34.24 -92.23 155.60
N PHE D 446 -34.45 -92.40 154.29
CA PHE D 446 -35.62 -93.13 153.81
C PHE D 446 -35.62 -94.57 154.31
N THR D 447 -34.46 -95.22 154.26
CA THR D 447 -34.36 -96.61 154.69
C THR D 447 -34.69 -96.75 156.17
N ALA D 448 -34.10 -95.89 157.00
CA ALA D 448 -34.40 -95.94 158.43
C ALA D 448 -35.86 -95.66 158.72
N GLU D 449 -36.51 -94.82 157.90
CA GLU D 449 -37.93 -94.56 158.09
C GLU D 449 -38.84 -95.61 157.44
N VAL D 450 -38.30 -96.53 156.64
CA VAL D 450 -39.15 -97.43 155.87
C VAL D 450 -38.86 -98.90 156.18
N SER D 451 -37.64 -99.20 156.63
CA SER D 451 -37.20 -100.58 156.79
C SER D 451 -38.19 -101.42 157.58
N HIS D 452 -38.60 -100.93 158.76
CA HIS D 452 -39.45 -101.70 159.66
C HIS D 452 -40.93 -101.67 159.28
N CYS D 453 -41.28 -101.24 158.07
CA CYS D 453 -42.68 -101.09 157.70
C CYS D 453 -43.32 -102.44 157.39
N ARG D 454 -44.65 -102.49 157.55
CA ARG D 454 -45.40 -103.71 157.26
C ARG D 454 -45.40 -104.00 155.76
N ALA D 455 -45.40 -102.95 154.93
CA ALA D 455 -45.31 -103.16 153.49
C ALA D 455 -44.01 -103.85 153.10
N THR D 456 -42.93 -103.60 153.84
CA THR D 456 -41.68 -104.35 153.61
C THR D 456 -41.89 -105.84 153.88
N GLU D 457 -42.59 -106.17 154.96
CA GLU D 457 -42.93 -107.57 155.23
C GLU D 457 -43.75 -108.15 154.09
N TYR D 458 -44.73 -107.41 153.57
CA TYR D 458 -45.53 -107.90 152.45
C TYR D 458 -44.65 -108.14 151.22
N ILE D 459 -43.75 -107.21 150.91
CA ILE D 459 -42.89 -107.34 149.75
C ILE D 459 -42.04 -108.59 149.87
N MET D 460 -41.35 -108.75 151.01
CA MET D 460 -40.48 -109.91 151.18
C MET D 460 -41.27 -111.21 151.18
N LYS D 461 -42.48 -111.20 151.76
CA LYS D 461 -43.33 -112.37 151.74
C LYS D 461 -43.65 -112.78 150.31
N GLY D 462 -44.14 -111.83 149.51
CA GLY D 462 -44.41 -112.14 148.11
C GLY D 462 -43.19 -112.62 147.37
N VAL D 463 -42.05 -111.98 147.61
CA VAL D 463 -40.79 -112.38 146.98
C VAL D 463 -40.49 -113.83 147.27
N TYR D 464 -40.48 -114.21 148.54
CA TYR D 464 -40.12 -115.57 148.91
C TYR D 464 -41.10 -116.58 148.34
N ILE D 465 -42.41 -116.31 148.49
CA ILE D 465 -43.41 -117.25 148.01
C ILE D 465 -43.28 -117.47 146.51
N ASN D 466 -43.21 -116.37 145.74
CA ASN D 466 -43.14 -116.51 144.28
C ASN D 466 -41.82 -117.12 143.83
N THR D 467 -40.72 -116.80 144.52
CA THR D 467 -39.42 -117.37 144.16
C THR D 467 -39.42 -118.88 144.34
N ALA D 468 -39.89 -119.33 145.51
CA ALA D 468 -39.96 -120.78 145.74
C ALA D 468 -40.92 -121.45 144.76
N LEU D 469 -42.06 -120.80 144.48
CA LEU D 469 -43.02 -121.37 143.54
C LEU D 469 -42.40 -121.57 142.17
N LEU D 470 -41.74 -120.53 141.65
CA LEU D 470 -41.14 -120.65 140.32
C LEU D 470 -40.02 -121.67 140.30
N ASN D 471 -39.09 -121.58 141.24
CA ASN D 471 -37.96 -122.50 141.24
C ASN D 471 -38.39 -123.95 141.44
N ALA D 472 -39.54 -124.18 142.08
CA ALA D 472 -40.10 -125.53 142.19
C ALA D 472 -40.84 -125.95 140.93
N SER D 473 -41.43 -124.99 140.20
CA SER D 473 -42.24 -125.29 139.02
C SER D 473 -41.45 -125.95 137.89
N CYS D 474 -40.13 -126.06 137.99
CA CYS D 474 -39.33 -126.69 136.94
C CYS D 474 -39.12 -128.17 137.18
N ALA D 475 -38.66 -128.55 138.38
CA ALA D 475 -38.33 -129.95 138.65
C ALA D 475 -39.54 -130.80 138.96
N ALA D 476 -40.66 -130.17 139.31
CA ALA D 476 -41.90 -130.88 139.63
C ALA D 476 -42.90 -130.81 138.48
N MET D 477 -42.42 -130.95 137.25
CA MET D 477 -43.25 -130.72 136.06
C MET D 477 -44.46 -131.64 135.98
N ASP D 478 -44.53 -132.68 136.81
CA ASP D 478 -45.66 -133.60 136.75
C ASP D 478 -46.34 -133.75 138.10
N ASP D 479 -45.56 -133.66 139.19
CA ASP D 479 -46.04 -134.01 140.52
C ASP D 479 -46.19 -132.75 141.38
N PHE D 480 -47.03 -132.87 142.40
CA PHE D 480 -47.29 -131.76 143.31
C PHE D 480 -46.16 -131.62 144.34
N GLN D 481 -45.64 -130.40 144.48
CA GLN D 481 -44.65 -130.08 145.49
C GLN D 481 -45.29 -129.20 146.54
N LEU D 482 -44.81 -129.33 147.79
CA LEU D 482 -45.32 -128.54 148.91
C LEU D 482 -44.38 -127.38 149.19
N ILE D 483 -44.90 -126.16 149.07
CA ILE D 483 -44.11 -124.94 149.24
C ILE D 483 -44.62 -124.16 150.44
N PRO D 484 -43.84 -124.04 151.51
CA PRO D 484 -44.27 -123.26 152.68
C PRO D 484 -44.19 -121.77 152.42
N MET D 485 -45.18 -121.04 152.95
CA MET D 485 -45.18 -119.59 152.84
C MET D 485 -44.25 -119.02 153.91
N ILE D 486 -42.96 -118.98 153.57
CA ILE D 486 -41.90 -118.63 154.51
C ILE D 486 -41.44 -117.21 154.27
N SER D 487 -41.23 -116.47 155.34
CA SER D 487 -40.54 -115.19 155.31
C SER D 487 -39.41 -115.21 156.31
N LYS D 488 -38.55 -114.21 156.25
CA LYS D 488 -37.46 -114.07 157.22
C LYS D 488 -37.40 -112.62 157.68
N CYS D 489 -36.93 -112.43 158.90
CA CYS D 489 -36.88 -111.11 159.50
C CYS D 489 -35.84 -111.11 160.61
N ARG D 490 -35.81 -110.03 161.38
CA ARG D 490 -34.85 -109.88 162.48
C ARG D 490 -35.51 -109.02 163.54
N THR D 491 -35.82 -109.62 164.69
CA THR D 491 -36.39 -108.86 165.78
C THR D 491 -35.37 -107.86 166.32
N LYS D 492 -35.84 -106.95 167.17
CA LYS D 492 -34.97 -105.85 167.61
C LYS D 492 -33.80 -106.35 168.45
N GLU D 493 -33.87 -107.56 169.00
CA GLU D 493 -32.71 -108.12 169.68
C GLU D 493 -31.59 -108.50 168.71
N GLY D 494 -31.83 -108.41 167.40
CA GLY D 494 -30.79 -108.60 166.40
C GLY D 494 -30.35 -110.02 166.14
N ARG D 495 -31.30 -110.93 165.98
CA ARG D 495 -31.00 -112.32 165.64
C ARG D 495 -31.96 -112.77 164.55
N ARG D 496 -31.42 -113.44 163.53
CA ARG D 496 -32.21 -113.81 162.36
C ARG D 496 -33.32 -114.77 162.75
N LYS D 497 -34.53 -114.50 162.27
CA LYS D 497 -35.73 -115.23 162.64
C LYS D 497 -36.48 -115.66 161.38
N THR D 498 -37.04 -116.85 161.42
CA THR D 498 -37.79 -117.43 160.31
C THR D 498 -39.27 -117.50 160.66
N ASN D 499 -40.13 -117.04 159.75
CA ASN D 499 -41.56 -116.97 159.97
C ASN D 499 -42.28 -117.84 158.95
N LEU D 500 -43.36 -118.48 159.38
CA LEU D 500 -44.21 -119.27 158.50
C LEU D 500 -45.63 -118.73 158.57
N TYR D 501 -46.23 -118.48 157.40
CA TYR D 501 -47.60 -117.98 157.31
C TYR D 501 -48.59 -119.09 156.98
N GLY D 502 -48.14 -120.14 156.31
CA GLY D 502 -49.01 -121.20 155.88
C GLY D 502 -48.34 -121.98 154.76
N PHE D 503 -49.14 -122.81 154.10
CA PHE D 503 -48.64 -123.68 153.06
C PHE D 503 -49.36 -123.43 151.74
N ILE D 504 -48.71 -123.90 150.68
CA ILE D 504 -49.20 -123.76 149.31
C ILE D 504 -48.94 -125.08 148.60
N ILE D 505 -49.97 -125.63 147.98
CA ILE D 505 -49.88 -126.87 147.21
C ILE D 505 -49.93 -126.52 145.74
N LYS D 506 -48.93 -126.97 144.99
CA LYS D 506 -48.81 -126.69 143.57
C LYS D 506 -49.52 -127.78 142.77
N GLY D 507 -50.17 -127.38 141.68
CA GLY D 507 -50.75 -128.32 140.75
C GLY D 507 -49.72 -128.87 139.78
N ARG D 508 -50.20 -129.30 138.61
CA ARG D 508 -49.32 -129.77 137.56
C ARG D 508 -48.73 -128.56 136.83
N SER D 509 -47.45 -128.65 136.46
CA SER D 509 -46.75 -127.49 135.95
C SER D 509 -46.21 -127.66 134.54
N HIS D 510 -47.04 -128.16 133.61
CA HIS D 510 -46.66 -128.16 132.20
C HIS D 510 -46.74 -126.74 131.66
N LEU D 511 -45.78 -125.89 132.04
CA LEU D 511 -45.80 -124.47 131.70
C LEU D 511 -44.97 -124.29 130.44
N ARG D 512 -45.64 -124.36 129.29
CA ARG D 512 -44.97 -124.18 128.00
C ARG D 512 -44.69 -122.71 127.71
N ASN D 513 -45.71 -121.86 127.80
CA ASN D 513 -45.56 -120.43 127.55
C ASN D 513 -45.56 -119.65 128.87
N ASP D 514 -45.48 -118.32 128.75
CA ASP D 514 -45.46 -117.46 129.92
C ASP D 514 -46.85 -117.10 130.43
N THR D 515 -47.87 -117.26 129.59
CA THR D 515 -49.25 -117.08 130.01
C THR D 515 -49.87 -118.36 130.54
N ASP D 516 -49.11 -119.46 130.55
CA ASP D 516 -49.64 -120.75 130.98
C ASP D 516 -49.95 -120.73 132.47
N VAL D 517 -51.16 -121.17 132.80
CA VAL D 517 -51.69 -121.14 134.17
C VAL D 517 -51.42 -122.47 134.85
N VAL D 518 -50.97 -122.39 136.10
CA VAL D 518 -50.84 -123.52 137.00
C VAL D 518 -51.70 -123.22 138.23
N ASN D 519 -52.55 -124.18 138.59
CA ASN D 519 -53.45 -124.01 139.72
C ASN D 519 -52.73 -124.35 141.02
N PHE D 520 -53.21 -123.77 142.11
CA PHE D 520 -52.61 -123.98 143.42
C PHE D 520 -53.67 -123.79 144.50
N VAL D 521 -53.34 -124.31 145.69
CA VAL D 521 -54.22 -124.23 146.86
C VAL D 521 -53.45 -123.57 147.98
N SER D 522 -54.03 -122.51 148.55
CA SER D 522 -53.39 -121.75 149.63
C SER D 522 -54.11 -122.03 150.95
N MET D 523 -53.33 -122.35 151.98
CA MET D 523 -53.84 -122.57 153.33
C MET D 523 -53.03 -121.71 154.30
N GLU D 524 -53.64 -120.63 154.81
CA GLU D 524 -52.91 -119.66 155.62
C GLU D 524 -53.45 -119.60 157.04
N PHE D 525 -52.53 -119.45 157.99
CA PHE D 525 -52.88 -119.27 159.40
C PHE D 525 -53.42 -117.86 159.62
N SER D 526 -54.27 -117.71 160.64
CA SER D 526 -54.79 -116.40 160.99
C SER D 526 -55.40 -116.44 162.38
N LEU D 527 -55.78 -115.26 162.87
CA LEU D 527 -56.42 -115.11 164.16
C LEU D 527 -57.70 -114.27 164.07
N THR D 528 -58.26 -114.12 162.87
CA THR D 528 -59.43 -113.29 162.64
C THR D 528 -60.65 -114.18 162.49
N ASP D 529 -61.68 -113.87 163.26
CA ASP D 529 -62.92 -114.64 163.20
C ASP D 529 -63.66 -114.30 161.91
N PRO D 530 -63.98 -115.27 161.06
CA PRO D 530 -64.75 -114.95 159.84
C PRO D 530 -66.15 -114.44 160.14
N ARG D 531 -66.68 -114.73 161.33
CA ARG D 531 -68.00 -114.25 161.71
C ARG D 531 -68.04 -112.73 161.90
N LEU D 532 -66.89 -112.07 161.96
CA LEU D 532 -66.87 -110.61 162.08
C LEU D 532 -67.26 -109.96 160.75
N GLU D 533 -66.52 -110.28 159.69
CA GLU D 533 -66.80 -109.76 158.35
C GLU D 533 -66.82 -110.92 157.37
N PRO D 534 -67.96 -111.63 157.27
CA PRO D 534 -67.99 -112.84 156.43
C PRO D 534 -68.01 -112.55 154.95
N HIS D 535 -68.51 -111.38 154.53
CA HIS D 535 -68.61 -111.08 153.10
C HIS D 535 -67.23 -110.97 152.46
N LYS D 536 -66.21 -110.63 153.26
CA LYS D 536 -64.86 -110.46 152.72
C LYS D 536 -64.28 -111.79 152.23
N TRP D 537 -64.59 -112.87 152.92
CA TRP D 537 -64.02 -114.20 152.60
C TRP D 537 -65.00 -115.00 151.76
N GLU D 538 -65.21 -114.52 150.52
CA GLU D 538 -66.13 -115.21 149.63
C GLU D 538 -65.46 -116.38 148.92
N LYS D 539 -64.23 -116.21 148.47
CA LYS D 539 -63.47 -117.29 147.85
C LYS D 539 -62.71 -118.14 148.86
N TYR D 540 -63.02 -118.01 150.15
CA TYR D 540 -62.26 -118.67 151.20
C TYR D 540 -63.16 -119.57 152.04
N CYS D 541 -62.59 -120.68 152.49
CA CYS D 541 -63.21 -121.60 153.43
C CYS D 541 -62.40 -121.56 154.72
N VAL D 542 -63.10 -121.36 155.84
CA VAL D 542 -62.46 -121.14 157.13
C VAL D 542 -62.57 -122.41 157.98
N LEU D 543 -61.45 -122.84 158.55
CA LEU D 543 -61.42 -124.00 159.43
C LEU D 543 -60.81 -123.55 160.76
N GLU D 544 -61.63 -123.57 161.82
CA GLU D 544 -61.12 -123.40 163.17
C GLU D 544 -60.20 -124.58 163.49
N ILE D 545 -58.90 -124.33 163.60
CA ILE D 545 -57.92 -125.41 163.64
C ILE D 545 -57.30 -125.59 165.02
N GLY D 546 -57.40 -124.61 165.91
CA GLY D 546 -56.90 -124.80 167.26
C GLY D 546 -56.96 -123.51 168.05
N ASP D 547 -56.16 -123.46 169.10
CA ASP D 547 -56.01 -122.30 169.96
C ASP D 547 -54.54 -122.17 170.34
N MET D 548 -54.06 -120.93 170.43
CA MET D 548 -52.67 -120.67 170.74
C MET D 548 -52.56 -119.76 171.95
N LEU D 549 -51.41 -119.82 172.60
CA LEU D 549 -51.10 -118.86 173.65
C LEU D 549 -50.93 -117.49 173.03
N LEU D 550 -51.67 -116.51 173.54
CA LEU D 550 -51.65 -115.17 172.99
C LEU D 550 -51.53 -114.18 174.13
N ARG D 551 -50.47 -113.37 174.10
CA ARG D 551 -50.24 -112.35 175.11
C ARG D 551 -50.93 -111.07 174.68
N SER D 552 -51.53 -110.37 175.65
CA SER D 552 -52.31 -109.18 175.38
C SER D 552 -52.10 -108.20 176.53
N ALA D 553 -52.95 -107.18 176.59
CA ALA D 553 -52.91 -106.25 177.71
C ALA D 553 -53.23 -106.93 179.03
N ILE D 554 -53.92 -108.07 178.99
CA ILE D 554 -54.23 -108.85 180.20
C ILE D 554 -53.74 -110.28 179.94
N GLY D 555 -52.49 -110.55 180.29
CA GLY D 555 -51.94 -111.90 180.26
C GLY D 555 -52.19 -112.65 178.97
N GLN D 556 -52.51 -113.93 179.12
CA GLN D 556 -52.86 -114.82 178.02
C GLN D 556 -54.38 -114.90 177.86
N MET D 557 -54.81 -115.22 176.64
CA MET D 557 -56.24 -115.34 176.36
C MET D 557 -56.58 -116.67 175.71
N SER D 558 -55.61 -117.24 174.99
CA SER D 558 -55.79 -118.50 174.25
C SER D 558 -56.96 -118.40 173.27
N ARG D 559 -56.81 -117.48 172.32
CA ARG D 559 -57.83 -117.24 171.30
C ARG D 559 -57.73 -118.27 170.18
N PRO D 560 -58.84 -118.56 169.50
CA PRO D 560 -58.83 -119.62 168.47
C PRO D 560 -58.04 -119.22 167.24
N MET D 561 -57.29 -120.18 166.72
CA MET D 561 -56.50 -120.00 165.50
C MET D 561 -57.26 -120.58 164.31
N PHE D 562 -57.38 -119.79 163.26
CA PHE D 562 -58.14 -120.16 162.07
C PHE D 562 -57.20 -120.46 160.91
N LEU D 563 -57.72 -121.21 159.95
CA LEU D 563 -57.01 -121.51 158.71
C LEU D 563 -57.93 -121.12 157.56
N TYR D 564 -57.50 -120.14 156.78
CA TYR D 564 -58.23 -119.72 155.59
C TYR D 564 -57.67 -120.46 154.39
N VAL D 565 -58.53 -121.15 153.65
CA VAL D 565 -58.12 -121.98 152.52
C VAL D 565 -58.83 -121.48 151.27
N ARG D 566 -58.08 -121.31 150.18
CA ARG D 566 -58.69 -120.99 148.90
C ARG D 566 -57.97 -121.73 147.78
N THR D 567 -58.67 -121.83 146.65
CA THR D 567 -58.11 -122.38 145.42
C THR D 567 -57.96 -121.23 144.43
N ASN D 568 -56.80 -121.16 143.78
CA ASN D 568 -56.54 -120.08 142.85
C ASN D 568 -55.60 -120.58 141.76
N GLY D 569 -55.21 -119.67 140.87
CA GLY D 569 -54.29 -119.98 139.81
C GLY D 569 -53.29 -118.87 139.62
N THR D 570 -52.13 -119.23 139.08
CA THR D 570 -51.08 -118.28 138.79
C THR D 570 -50.45 -118.63 137.45
N SER D 571 -49.64 -117.73 136.92
CA SER D 571 -48.87 -118.03 135.72
C SER D 571 -47.46 -117.46 135.90
N LYS D 572 -46.64 -117.61 134.87
CA LYS D 572 -45.25 -117.19 134.97
C LYS D 572 -45.14 -115.69 135.14
N ILE D 573 -45.93 -114.93 134.37
CA ILE D 573 -45.94 -113.47 134.53
C ILE D 573 -46.56 -113.09 135.87
N LYS D 574 -47.59 -113.82 136.30
CA LYS D 574 -48.21 -113.54 137.59
C LYS D 574 -47.21 -113.67 138.73
N MET D 575 -46.25 -114.57 138.61
CA MET D 575 -45.22 -114.71 139.63
C MET D 575 -44.11 -113.67 139.47
N LYS D 576 -43.64 -113.44 138.23
CA LYS D 576 -42.52 -112.52 138.04
C LYS D 576 -42.92 -111.08 138.36
N TRP D 577 -44.16 -110.68 138.08
CA TRP D 577 -44.67 -109.38 138.54
C TRP D 577 -45.22 -109.59 139.94
N GLY D 578 -44.34 -109.47 140.93
CA GLY D 578 -44.68 -109.82 142.29
C GLY D 578 -43.53 -110.45 143.06
N MET D 579 -42.61 -111.10 142.34
CA MET D 579 -41.34 -111.45 142.94
C MET D 579 -40.29 -110.36 142.79
N GLU D 580 -40.54 -109.37 141.94
CA GLU D 580 -39.74 -108.15 141.86
C GLU D 580 -40.46 -106.98 142.49
N MET D 581 -41.20 -107.24 143.58
CA MET D 581 -41.97 -106.23 144.29
C MET D 581 -41.09 -105.24 145.03
N ARG D 582 -39.79 -105.52 145.17
CA ARG D 582 -38.89 -104.59 145.83
C ARG D 582 -38.83 -103.24 145.13
N ARG D 583 -39.25 -103.19 143.86
CA ARG D 583 -39.40 -101.93 143.15
C ARG D 583 -40.24 -100.93 143.94
N CYS D 584 -41.17 -101.43 144.75
CA CYS D 584 -42.05 -100.56 145.54
C CYS D 584 -41.24 -99.63 146.43
N LEU D 585 -40.03 -100.03 146.81
CA LEU D 585 -39.15 -99.12 147.52
C LEU D 585 -38.59 -98.07 146.56
N LEU D 586 -37.99 -98.52 145.46
CA LEU D 586 -37.47 -97.60 144.44
C LEU D 586 -38.53 -96.60 144.02
N GLN D 587 -39.67 -97.11 143.53
CA GLN D 587 -40.77 -96.23 143.13
C GLN D 587 -41.15 -95.28 144.24
N SER D 588 -41.06 -95.72 145.49
CA SER D 588 -41.27 -94.81 146.62
C SER D 588 -40.17 -93.76 146.67
N LEU D 589 -38.92 -94.22 146.80
CA LEU D 589 -37.82 -93.29 147.06
C LEU D 589 -37.77 -92.19 146.01
N GLN D 590 -37.78 -92.57 144.73
CA GLN D 590 -37.74 -91.56 143.67
C GLN D 590 -38.93 -90.61 143.78
N GLN D 591 -40.13 -91.14 144.01
CA GLN D 591 -41.30 -90.27 144.13
C GLN D 591 -41.32 -89.55 145.47
N ILE D 592 -40.46 -89.94 146.41
CA ILE D 592 -40.09 -89.05 147.50
C ILE D 592 -39.02 -88.07 147.03
N GLU D 593 -37.95 -88.60 146.43
CA GLU D 593 -36.84 -87.75 145.97
C GLU D 593 -37.32 -86.74 144.96
N SER D 594 -38.27 -87.13 144.10
CA SER D 594 -38.88 -86.18 143.17
C SER D 594 -39.42 -84.96 143.92
N MET D 595 -40.19 -85.20 144.98
CA MET D 595 -40.68 -84.08 145.78
C MET D 595 -39.54 -83.29 146.40
N ILE D 596 -38.43 -83.96 146.73
CA ILE D 596 -37.29 -83.26 147.30
C ILE D 596 -36.48 -82.54 146.24
N GLU D 597 -36.81 -82.71 144.96
CA GLU D 597 -36.17 -81.93 143.90
C GLU D 597 -37.07 -80.79 143.43
N ALA D 598 -38.27 -81.12 142.93
CA ALA D 598 -39.14 -80.11 142.34
C ALA D 598 -39.48 -79.02 143.36
N GLU D 599 -40.08 -79.41 144.48
CA GLU D 599 -40.42 -78.43 145.51
C GLU D 599 -39.18 -77.75 146.07
N SER D 600 -38.01 -78.34 145.88
CA SER D 600 -36.76 -77.73 146.33
C SER D 600 -35.98 -77.09 145.19
N SER D 601 -36.49 -77.22 143.95
CA SER D 601 -35.87 -76.53 142.82
C SER D 601 -35.97 -75.03 142.98
N VAL D 602 -36.95 -74.53 143.73
CA VAL D 602 -37.09 -73.09 143.96
C VAL D 602 -36.23 -72.78 145.16
N LYS D 603 -34.93 -72.66 144.90
CA LYS D 603 -33.91 -72.36 145.91
C LYS D 603 -32.59 -72.12 145.20
N GLU D 604 -31.86 -71.09 145.63
CA GLU D 604 -30.49 -70.92 145.16
C GLU D 604 -29.62 -72.07 145.63
N LYS D 605 -29.56 -72.29 146.95
CA LYS D 605 -28.96 -73.47 147.55
C LYS D 605 -30.10 -74.39 147.99
N ASP D 606 -30.16 -75.58 147.41
CA ASP D 606 -31.34 -76.43 147.52
C ASP D 606 -31.65 -76.80 148.97
N MET D 607 -32.93 -76.75 149.30
CA MET D 607 -33.46 -77.22 150.59
C MET D 607 -33.62 -78.74 150.51
N THR D 608 -32.69 -79.46 151.13
CA THR D 608 -32.70 -80.92 151.09
C THR D 608 -32.79 -81.56 152.47
N LYS D 609 -32.05 -81.06 153.46
CA LYS D 609 -32.11 -81.64 154.80
C LYS D 609 -33.29 -81.13 155.59
N GLU D 610 -33.80 -79.93 155.30
CA GLU D 610 -34.99 -79.46 155.99
C GLU D 610 -36.23 -80.23 155.58
N PHE D 611 -36.15 -81.01 154.50
CA PHE D 611 -37.23 -81.92 154.15
C PHE D 611 -37.45 -82.95 155.25
N PHE D 612 -36.38 -83.62 155.68
CA PHE D 612 -36.41 -84.49 156.84
C PHE D 612 -35.94 -83.72 158.08
N GLU D 613 -35.78 -84.43 159.19
CA GLU D 613 -35.07 -83.96 160.38
C GLU D 613 -35.68 -82.70 160.98
N ASN D 614 -36.79 -82.21 160.40
CA ASN D 614 -37.49 -81.03 160.89
C ASN D 614 -38.97 -81.40 160.98
N LYS D 615 -39.36 -81.94 162.13
CA LYS D 615 -40.75 -82.37 162.34
C LYS D 615 -41.73 -81.21 162.34
N SER D 616 -41.26 -79.96 162.37
CA SER D 616 -42.15 -78.82 162.29
C SER D 616 -42.90 -78.80 160.96
N GLU D 617 -42.29 -79.30 159.89
CA GLU D 617 -42.97 -79.44 158.61
C GLU D 617 -43.95 -80.60 158.70
N THR D 618 -45.25 -80.31 158.65
CA THR D 618 -46.30 -81.31 158.81
C THR D 618 -46.99 -81.56 157.48
N TRP D 619 -47.48 -82.78 157.31
CA TRP D 619 -48.12 -83.18 156.05
C TRP D 619 -49.52 -83.71 156.26
N PRO D 620 -50.53 -83.17 155.58
CA PRO D 620 -51.89 -83.72 155.67
C PRO D 620 -51.97 -85.05 154.93
N ILE D 621 -52.27 -86.12 155.65
CA ILE D 621 -52.29 -87.46 155.06
C ILE D 621 -53.53 -88.24 155.47
N GLY D 622 -54.27 -87.75 156.46
CA GLY D 622 -55.35 -88.52 157.03
C GLY D 622 -56.56 -87.65 157.37
N GLU D 623 -57.73 -88.31 157.39
CA GLU D 623 -58.97 -87.68 157.80
C GLU D 623 -59.74 -88.70 158.65
N SER D 624 -59.43 -88.74 159.95
CA SER D 624 -60.23 -89.50 160.90
C SER D 624 -61.43 -88.71 161.43
N PRO D 625 -61.24 -87.50 162.05
CA PRO D 625 -62.36 -86.80 162.69
C PRO D 625 -63.06 -85.85 161.72
N LYS D 626 -63.34 -86.33 160.51
CA LYS D 626 -63.86 -85.50 159.42
C LYS D 626 -62.97 -84.27 159.23
N GLY D 627 -61.70 -84.39 159.61
CA GLY D 627 -60.76 -83.29 159.56
C GLY D 627 -59.34 -83.77 159.32
N VAL D 628 -58.53 -82.86 158.78
CA VAL D 628 -57.14 -83.16 158.43
C VAL D 628 -56.33 -83.45 159.68
N GLU D 629 -55.75 -84.64 159.76
CA GLU D 629 -54.84 -85.06 160.82
C GLU D 629 -53.44 -85.12 160.21
N ASP D 630 -52.69 -84.03 160.34
CA ASP D 630 -51.36 -83.95 159.74
C ASP D 630 -50.34 -84.76 160.54
N GLY D 631 -49.47 -85.47 159.81
CA GLY D 631 -48.43 -86.29 160.38
C GLY D 631 -47.03 -85.89 159.96
N SER D 632 -46.06 -86.67 160.44
CA SER D 632 -44.64 -86.47 160.17
C SER D 632 -44.26 -87.09 158.82
N ILE D 633 -42.94 -87.22 158.57
CA ILE D 633 -42.45 -87.56 157.25
C ILE D 633 -42.45 -89.08 157.04
N GLY D 634 -42.12 -89.84 158.08
CA GLY D 634 -42.10 -91.28 157.96
C GLY D 634 -43.44 -91.86 157.60
N LYS D 635 -44.52 -91.24 158.06
CA LYS D 635 -45.85 -91.64 157.62
C LYS D 635 -45.98 -91.49 156.10
N VAL D 636 -45.43 -90.41 155.54
CA VAL D 636 -45.48 -90.22 154.09
C VAL D 636 -44.66 -91.28 153.37
N CYS D 637 -43.46 -91.58 153.89
CA CYS D 637 -42.63 -92.59 153.27
C CYS D 637 -43.33 -93.95 153.24
N ARG D 638 -43.83 -94.38 154.39
CA ARG D 638 -44.54 -95.65 154.46
C ARG D 638 -45.83 -95.62 153.65
N THR D 639 -46.45 -94.44 153.53
CA THR D 639 -47.68 -94.31 152.74
C THR D 639 -47.41 -94.55 151.26
N LEU D 640 -46.35 -93.94 150.73
CA LEU D 640 -46.01 -94.17 149.33
C LEU D 640 -45.57 -95.61 149.09
N LEU D 641 -44.83 -96.19 150.04
CA LEU D 641 -44.45 -97.59 149.91
C LEU D 641 -45.69 -98.48 149.86
N ALA D 642 -46.63 -98.26 150.79
CA ALA D 642 -47.86 -99.06 150.81
C ALA D 642 -48.71 -98.82 149.57
N LYS D 643 -48.71 -97.60 149.04
CA LYS D 643 -49.41 -97.35 147.79
C LYS D 643 -48.85 -98.23 146.68
N SER D 644 -47.53 -98.23 146.51
CA SER D 644 -46.93 -99.06 145.48
C SER D 644 -47.19 -100.55 145.73
N VAL D 645 -47.14 -100.96 146.99
CA VAL D 645 -47.34 -102.37 147.33
C VAL D 645 -48.75 -102.81 146.97
N PHE D 646 -49.76 -102.04 147.40
CA PHE D 646 -51.13 -102.41 147.10
C PHE D 646 -51.44 -102.31 145.62
N ASN D 647 -50.83 -101.35 144.92
CA ASN D 647 -50.98 -101.32 143.46
C ASN D 647 -50.38 -102.56 142.82
N SER D 648 -49.30 -103.09 143.39
CA SER D 648 -48.63 -104.26 142.82
C SER D 648 -49.38 -105.55 143.11
N LEU D 649 -49.84 -105.76 144.35
CA LEU D 649 -50.46 -107.02 144.70
C LEU D 649 -51.90 -107.10 144.21
N TYR D 650 -52.66 -106.02 144.37
CA TYR D 650 -54.01 -105.92 143.82
C TYR D 650 -53.98 -105.45 142.37
N ALA D 651 -52.88 -105.69 141.66
CA ALA D 651 -52.68 -105.23 140.29
C ALA D 651 -53.86 -105.59 139.42
N SER D 652 -54.49 -104.57 138.85
CA SER D 652 -55.67 -104.73 138.03
C SER D 652 -55.66 -103.64 136.97
N PRO D 653 -56.03 -103.98 135.73
CA PRO D 653 -56.17 -102.94 134.70
C PRO D 653 -57.21 -101.89 135.07
N GLN D 654 -58.14 -102.22 135.97
CA GLN D 654 -59.09 -101.22 136.46
C GLN D 654 -58.38 -100.09 137.17
N LEU D 655 -57.40 -100.40 138.01
CA LEU D 655 -56.60 -99.36 138.66
C LEU D 655 -55.82 -98.54 137.63
N GLU D 656 -55.28 -99.22 136.61
CA GLU D 656 -54.57 -98.51 135.54
C GLU D 656 -55.48 -97.47 134.88
N GLY D 657 -56.67 -97.90 134.45
CA GLY D 657 -57.59 -96.97 133.82
C GLY D 657 -58.04 -95.86 134.75
N PHE D 658 -58.31 -96.20 136.02
CA PHE D 658 -58.76 -95.20 136.97
C PHE D 658 -57.69 -94.13 137.19
N SER D 659 -56.44 -94.56 137.39
CA SER D 659 -55.36 -93.58 137.56
C SER D 659 -55.19 -92.74 136.31
N ALA D 660 -55.22 -93.38 135.14
CA ALA D 660 -55.02 -92.64 133.89
C ALA D 660 -56.09 -91.58 133.68
N GLU D 661 -57.34 -91.90 134.03
CA GLU D 661 -58.44 -90.96 133.82
C GLU D 661 -58.62 -89.98 134.97
N SER D 662 -58.15 -90.31 136.17
CA SER D 662 -58.25 -89.41 137.32
C SER D 662 -57.10 -88.42 137.39
N ARG D 663 -55.96 -88.73 136.76
CA ARG D 663 -54.87 -87.75 136.69
C ARG D 663 -55.35 -86.46 136.06
N LYS D 664 -56.22 -86.56 135.04
CA LYS D 664 -56.73 -85.36 134.37
C LYS D 664 -57.63 -84.54 135.28
N LEU D 665 -58.54 -85.20 135.99
CA LEU D 665 -59.42 -84.47 136.90
C LEU D 665 -58.62 -83.83 138.02
N LEU D 666 -57.61 -84.53 138.53
CA LEU D 666 -56.73 -83.95 139.54
C LEU D 666 -56.01 -82.72 138.99
N LEU D 667 -55.53 -82.79 137.75
CA LEU D 667 -54.84 -81.65 137.16
C LEU D 667 -55.78 -80.47 136.97
N VAL D 668 -57.03 -80.74 136.57
CA VAL D 668 -58.02 -79.67 136.42
C VAL D 668 -58.31 -79.02 137.76
N VAL D 669 -58.48 -79.83 138.81
CA VAL D 669 -58.74 -79.28 140.14
C VAL D 669 -57.56 -78.43 140.61
N GLN D 670 -56.34 -78.90 140.34
CA GLN D 670 -55.16 -78.15 140.77
C GLN D 670 -55.03 -76.84 140.00
N ALA D 671 -55.33 -76.85 138.70
CA ALA D 671 -55.35 -75.62 137.92
C ALA D 671 -56.41 -74.67 138.44
N LEU D 672 -57.54 -75.19 138.92
CA LEU D 672 -58.54 -74.34 139.56
C LEU D 672 -58.01 -73.74 140.85
N ARG D 673 -57.23 -74.53 141.62
CA ARG D 673 -56.65 -74.02 142.85
C ARG D 673 -55.59 -72.96 142.58
N ASP D 674 -54.88 -73.06 141.45
CA ASP D 674 -53.90 -72.07 141.05
C ASP D 674 -54.50 -70.81 140.47
N ASN D 675 -55.83 -70.69 140.47
CA ASN D 675 -56.53 -69.50 139.98
C ASN D 675 -56.19 -69.22 138.52
N LEU D 676 -56.45 -70.23 137.68
CA LEU D 676 -56.21 -70.12 136.24
C LEU D 676 -57.47 -70.32 135.41
N GLU D 677 -58.65 -70.07 136.02
CA GLU D 677 -59.99 -70.12 135.41
C GLU D 677 -60.12 -71.17 134.32
N PRO D 678 -60.01 -72.46 134.65
CA PRO D 678 -60.05 -73.51 133.64
C PRO D 678 -61.47 -73.76 133.13
N GLY D 679 -61.57 -74.72 132.21
CA GLY D 679 -62.85 -75.12 131.64
C GLY D 679 -62.71 -76.49 130.98
N THR D 680 -63.86 -77.07 130.66
CA THR D 680 -63.90 -78.38 130.02
C THR D 680 -64.79 -78.38 128.79
N PHE D 681 -65.02 -79.55 128.19
CA PHE D 681 -65.96 -79.71 127.07
C PHE D 681 -67.16 -80.56 127.46
N ASP D 682 -66.90 -81.80 127.88
CA ASP D 682 -67.94 -82.75 128.29
C ASP D 682 -67.45 -83.36 129.60
N LEU D 683 -67.75 -82.70 130.73
CA LEU D 683 -67.34 -83.23 132.03
C LEU D 683 -68.08 -84.52 132.35
N GLU D 684 -69.35 -84.61 131.95
CA GLU D 684 -70.09 -85.87 132.09
C GLU D 684 -69.42 -87.00 131.33
N GLY D 685 -68.75 -86.69 130.21
CA GLY D 685 -68.03 -87.72 129.50
C GLY D 685 -66.89 -88.30 130.32
N LEU D 686 -66.13 -87.44 131.00
CA LEU D 686 -65.08 -87.91 131.88
C LEU D 686 -65.65 -88.71 133.04
N TYR D 687 -66.78 -88.25 133.60
CA TYR D 687 -67.41 -88.99 134.70
C TYR D 687 -67.84 -90.38 134.24
N GLU D 688 -68.49 -90.47 133.08
CA GLU D 688 -68.90 -91.78 132.57
C GLU D 688 -67.70 -92.67 132.29
N ALA D 689 -66.66 -92.12 131.67
CA ALA D 689 -65.48 -92.92 131.36
C ALA D 689 -64.81 -93.45 132.62
N ILE D 690 -64.84 -92.66 133.71
CA ILE D 690 -64.22 -93.11 134.95
C ILE D 690 -65.10 -94.15 135.63
N GLU D 691 -66.40 -93.89 135.71
CA GLU D 691 -67.30 -94.83 136.38
C GLU D 691 -67.49 -96.14 135.62
N GLU D 692 -67.22 -96.17 134.31
CA GLU D 692 -67.31 -97.43 133.59
C GLU D 692 -66.22 -98.42 133.96
N CYS D 693 -65.16 -97.98 134.65
CA CYS D 693 -64.06 -98.86 135.04
C CYS D 693 -63.96 -98.94 136.55
N LEU D 694 -65.09 -98.82 137.24
CA LEU D 694 -65.21 -98.97 138.69
C LEU D 694 -66.27 -100.06 138.89
N ILE D 695 -65.83 -101.32 138.96
CA ILE D 695 -66.77 -102.43 138.98
C ILE D 695 -66.59 -103.30 140.22
N ASN D 696 -65.43 -103.94 140.37
CA ASN D 696 -65.29 -104.96 141.39
C ASN D 696 -64.00 -104.92 142.20
N ASP D 697 -62.97 -104.20 141.77
CA ASP D 697 -61.72 -104.21 142.52
C ASP D 697 -61.84 -103.33 143.76
N PRO D 698 -61.56 -103.86 144.96
CA PRO D 698 -61.68 -103.02 146.16
C PRO D 698 -60.65 -101.91 146.25
N TRP D 699 -59.46 -102.13 145.69
CA TRP D 699 -58.41 -101.11 145.72
C TRP D 699 -58.81 -99.89 144.88
N VAL D 700 -59.40 -100.13 143.71
CA VAL D 700 -59.92 -99.04 142.89
C VAL D 700 -61.00 -98.27 143.66
N LEU D 701 -61.86 -98.99 144.37
CA LEU D 701 -62.94 -98.34 145.11
C LEU D 701 -62.41 -97.51 146.27
N LEU D 702 -61.35 -98.00 146.93
CA LEU D 702 -60.72 -97.21 147.98
C LEU D 702 -60.10 -95.94 147.41
N ASN D 703 -59.44 -96.05 146.25
CA ASN D 703 -58.91 -94.85 145.60
C ASN D 703 -60.02 -93.89 145.22
N ALA D 704 -61.18 -94.41 144.81
CA ALA D 704 -62.30 -93.56 144.44
C ALA D 704 -62.85 -92.82 145.65
N SER D 705 -63.01 -93.51 146.78
CA SER D 705 -63.48 -92.83 147.99
C SER D 705 -62.46 -91.81 148.48
N TRP D 706 -61.17 -92.14 148.38
CA TRP D 706 -60.13 -91.17 148.68
C TRP D 706 -60.27 -89.91 147.83
N PHE D 707 -60.49 -90.11 146.53
CA PHE D 707 -60.57 -88.98 145.62
C PHE D 707 -61.82 -88.14 145.89
N ASN D 708 -62.94 -88.78 146.23
CA ASN D 708 -64.13 -88.04 146.60
C ASN D 708 -63.91 -87.21 147.86
N SER D 709 -63.25 -87.81 148.87
CA SER D 709 -62.95 -87.05 150.08
C SER D 709 -62.00 -85.89 149.79
N PHE D 710 -61.06 -86.09 148.86
CA PHE D 710 -60.16 -84.99 148.49
C PHE D 710 -60.92 -83.87 147.78
N LEU D 711 -61.81 -84.22 146.85
CA LEU D 711 -62.63 -83.22 146.18
C LEU D 711 -63.52 -82.48 147.18
N THR D 712 -63.92 -83.16 148.27
CA THR D 712 -64.69 -82.50 149.31
C THR D 712 -63.90 -81.33 149.91
N HIS D 713 -62.58 -81.45 149.96
CA HIS D 713 -61.69 -80.44 150.52
C HIS D 713 -61.22 -79.43 149.47
N ALA D 714 -61.93 -79.32 148.36
CA ALA D 714 -61.59 -78.41 147.27
C ALA D 714 -62.32 -77.08 147.40
N LEU D 715 -62.23 -76.46 148.58
CA LEU D 715 -62.89 -75.18 148.88
C LEU D 715 -64.40 -75.25 148.67
N ARG D 716 -65.00 -76.37 149.07
CA ARG D 716 -66.44 -76.59 148.93
C ARG D 716 -66.95 -77.26 150.20
N MET E 1 -57.26 -94.04 163.00
CA MET E 1 -57.42 -93.04 161.94
C MET E 1 -57.31 -93.70 160.56
N ASP E 2 -57.81 -93.01 159.55
CA ASP E 2 -57.77 -93.51 158.17
C ASP E 2 -56.78 -92.70 157.35
N VAL E 3 -56.06 -93.39 156.47
CA VAL E 3 -54.96 -92.80 155.71
C VAL E 3 -55.43 -92.55 154.28
N ASN E 4 -55.06 -91.39 153.74
CA ASN E 4 -55.35 -91.04 152.36
C ASN E 4 -54.14 -90.37 151.74
N PRO E 5 -53.44 -91.04 150.82
CA PRO E 5 -52.23 -90.44 150.25
C PRO E 5 -52.53 -89.26 149.34
N THR E 6 -53.67 -89.27 148.64
CA THR E 6 -53.98 -88.19 147.71
C THR E 6 -54.13 -86.84 148.43
N LEU E 7 -54.54 -86.87 149.70
CA LEU E 7 -54.63 -85.64 150.48
C LEU E 7 -53.30 -84.91 150.54
N LEU E 8 -52.19 -85.62 150.30
CA LEU E 8 -50.87 -85.01 150.22
C LEU E 8 -50.85 -83.81 149.28
N PHE E 9 -51.77 -83.76 148.31
CA PHE E 9 -51.80 -82.68 147.35
C PHE E 9 -52.23 -81.34 147.97
N LEU E 10 -52.61 -81.29 149.24
CA LEU E 10 -52.93 -80.00 149.84
C LEU E 10 -51.69 -79.21 150.22
N LYS E 11 -50.60 -79.89 150.59
CA LYS E 11 -49.35 -79.19 150.89
C LYS E 11 -48.47 -79.06 149.66
N VAL E 12 -48.49 -80.05 148.77
CA VAL E 12 -47.68 -80.06 147.57
C VAL E 12 -48.62 -80.11 146.36
N PRO E 13 -48.51 -79.18 145.43
CA PRO E 13 -49.36 -79.25 144.23
C PRO E 13 -49.04 -80.49 143.41
N ALA E 14 -49.88 -80.73 142.39
CA ALA E 14 -49.84 -82.01 141.69
C ALA E 14 -48.56 -82.19 140.90
N GLN E 15 -48.18 -81.20 140.10
CA GLN E 15 -47.04 -81.35 139.20
C GLN E 15 -45.72 -81.58 139.94
N ASN E 16 -45.63 -81.19 141.21
CA ASN E 16 -44.41 -81.44 141.98
C ASN E 16 -44.27 -82.90 142.41
N ALA E 17 -45.38 -83.63 142.51
CA ALA E 17 -45.34 -85.00 143.02
C ALA E 17 -46.27 -85.92 142.23
N ILE E 18 -46.46 -85.66 140.94
CA ILE E 18 -47.40 -86.44 140.14
C ILE E 18 -46.94 -87.87 139.92
N SER E 19 -45.69 -88.19 140.23
CA SER E 19 -45.17 -89.54 140.02
C SER E 19 -45.92 -90.58 140.85
N THR E 20 -46.63 -90.17 141.90
CA THR E 20 -47.43 -91.12 142.66
C THR E 20 -48.58 -91.68 141.83
N THR E 21 -49.09 -90.89 140.88
CA THR E 21 -50.20 -91.34 140.05
C THR E 21 -49.82 -92.51 139.15
N PHE E 22 -48.53 -92.69 138.85
CA PHE E 22 -48.06 -93.81 138.05
C PHE E 22 -48.11 -95.10 138.88
N PRO E 23 -49.08 -95.98 138.61
CA PRO E 23 -49.25 -97.17 139.46
C PRO E 23 -48.15 -98.22 139.28
N TYR E 24 -47.89 -98.62 138.04
CA TYR E 24 -47.06 -99.78 137.76
C TYR E 24 -45.67 -99.36 137.27
N THR E 25 -44.69 -100.22 137.56
CA THR E 25 -43.34 -100.06 137.04
C THR E 25 -43.15 -100.84 135.74
N GLY E 26 -43.46 -102.13 135.75
CA GLY E 26 -43.32 -102.94 134.56
C GLY E 26 -44.61 -103.07 133.78
N ASP E 27 -44.97 -104.29 133.41
CA ASP E 27 -46.17 -104.54 132.63
C ASP E 27 -47.07 -105.52 133.37
N PRO E 28 -48.35 -105.20 133.53
CA PRO E 28 -49.25 -106.12 134.21
C PRO E 28 -49.74 -107.19 133.24
N PRO E 29 -50.28 -108.30 133.75
CA PRO E 29 -50.90 -109.29 132.85
C PRO E 29 -52.10 -108.69 132.14
N TYR E 30 -52.01 -108.62 130.81
CA TYR E 30 -53.09 -108.05 130.00
C TYR E 30 -54.32 -108.93 130.09
N SER E 31 -55.43 -108.34 130.53
CA SER E 31 -56.70 -109.07 130.56
C SER E 31 -57.11 -109.54 129.18
N HIS E 32 -56.81 -108.74 128.16
CA HIS E 32 -57.11 -109.09 126.77
C HIS E 32 -55.96 -109.86 126.11
N GLY E 33 -55.52 -110.94 126.77
CA GLY E 33 -54.57 -111.84 126.15
C GLY E 33 -55.16 -112.66 125.01
N THR E 34 -56.48 -112.65 124.87
CA THR E 34 -57.17 -113.24 123.73
C THR E 34 -58.19 -112.25 123.20
N GLY E 35 -59.07 -112.70 122.30
CA GLY E 35 -60.15 -111.84 121.85
C GLY E 35 -60.20 -111.49 120.38
N THR E 36 -61.26 -111.94 119.71
CA THR E 36 -61.57 -111.58 118.34
C THR E 36 -62.67 -110.53 118.26
N GLY E 37 -63.23 -110.13 119.40
CA GLY E 37 -64.35 -109.22 119.43
C GLY E 37 -63.97 -107.76 119.43
N TYR E 38 -62.84 -107.42 120.07
CA TYR E 38 -62.37 -106.04 120.00
C TYR E 38 -62.09 -105.64 118.56
N THR E 39 -61.60 -106.58 117.75
CA THR E 39 -61.33 -106.30 116.34
C THR E 39 -62.63 -106.05 115.57
N MET E 40 -63.67 -106.85 115.81
CA MET E 40 -64.94 -106.64 115.14
C MET E 40 -65.58 -105.32 115.55
N ASP E 41 -65.53 -105.00 116.84
CA ASP E 41 -66.04 -103.71 117.29
C ASP E 41 -65.26 -102.56 116.66
N THR E 42 -63.93 -102.71 116.53
CA THR E 42 -63.14 -101.68 115.87
C THR E 42 -63.54 -101.52 114.42
N VAL E 43 -63.77 -102.63 113.72
CA VAL E 43 -64.18 -102.56 112.32
C VAL E 43 -65.51 -101.81 112.20
N ASN E 44 -66.47 -102.16 113.04
CA ASN E 44 -67.79 -101.53 112.94
C ASN E 44 -67.73 -100.07 113.37
N ARG E 45 -66.87 -99.72 114.32
CA ARG E 45 -66.71 -98.32 114.70
C ARG E 45 -66.04 -97.51 113.61
N THR E 46 -65.01 -98.07 112.96
CA THR E 46 -64.35 -97.37 111.87
C THR E 46 -65.32 -97.14 110.72
N HIS E 47 -66.13 -98.13 110.38
CA HIS E 47 -67.13 -97.93 109.35
C HIS E 47 -68.33 -97.13 109.84
N GLN E 48 -68.43 -96.88 111.15
CA GLN E 48 -69.50 -96.03 111.68
C GLN E 48 -69.16 -94.55 111.53
N TYR E 49 -67.91 -94.16 111.78
CA TYR E 49 -67.51 -92.78 111.60
C TYR E 49 -67.31 -92.40 110.14
N SER E 50 -67.64 -93.31 109.21
CA SER E 50 -67.41 -93.07 107.80
C SER E 50 -68.55 -93.56 106.91
N GLU E 51 -69.70 -93.91 107.47
CA GLU E 51 -70.81 -94.45 106.68
C GLU E 51 -71.51 -93.35 105.89
N LYS E 52 -71.05 -93.09 104.68
CA LYS E 52 -71.69 -92.10 103.81
C LYS E 52 -71.80 -92.61 102.38
N GLY E 53 -72.18 -93.88 102.22
CA GLY E 53 -72.56 -94.41 100.91
C GLY E 53 -71.51 -94.33 99.82
N LYS E 54 -70.23 -94.40 100.19
CA LYS E 54 -69.13 -94.39 99.21
C LYS E 54 -68.65 -95.79 98.88
N TRP E 55 -69.57 -96.74 98.83
CA TRP E 55 -69.24 -98.14 98.63
C TRP E 55 -68.73 -98.40 97.22
N THR E 56 -67.69 -99.23 97.11
CA THR E 56 -67.16 -99.65 95.83
C THR E 56 -66.65 -101.08 95.94
N THR E 57 -67.06 -101.92 94.99
CA THR E 57 -66.57 -103.30 94.93
C THR E 57 -65.21 -103.35 94.25
N ASN E 58 -64.25 -104.01 94.90
CA ASN E 58 -62.88 -104.10 94.40
C ASN E 58 -62.83 -104.82 93.05
N THR E 59 -61.80 -104.51 92.26
CA THR E 59 -61.66 -105.09 90.93
C THR E 59 -60.96 -106.45 90.94
N GLU E 60 -60.03 -106.67 91.85
CA GLU E 60 -59.26 -107.92 91.89
C GLU E 60 -59.49 -108.77 93.13
N THR E 61 -60.09 -108.22 94.19
CA THR E 61 -60.38 -109.01 95.37
C THR E 61 -61.87 -109.21 95.62
N GLY E 62 -62.74 -108.42 94.97
CA GLY E 62 -64.15 -108.52 95.21
C GLY E 62 -64.59 -108.09 96.59
N ALA E 63 -63.69 -107.54 97.39
CA ALA E 63 -63.98 -107.14 98.76
C ALA E 63 -64.54 -105.71 98.76
N PRO E 64 -65.69 -105.50 99.39
CA PRO E 64 -66.28 -104.15 99.43
C PRO E 64 -65.37 -103.17 100.17
N GLN E 65 -65.39 -101.93 99.70
CA GLN E 65 -64.55 -100.88 100.26
C GLN E 65 -65.36 -99.61 100.42
N LEU E 66 -65.04 -98.84 101.45
CA LEU E 66 -65.66 -97.54 101.67
C LEU E 66 -64.67 -96.43 101.31
N ASN E 67 -65.18 -95.36 100.71
CA ASN E 67 -64.36 -94.25 100.23
C ASN E 67 -64.89 -92.93 100.77
N PRO E 68 -64.96 -92.78 102.10
CA PRO E 68 -65.64 -91.62 102.69
C PRO E 68 -64.86 -90.32 102.59
N ILE E 69 -63.71 -90.31 101.91
CA ILE E 69 -62.91 -89.10 101.81
C ILE E 69 -63.69 -88.02 101.05
N ASP E 70 -63.47 -86.76 101.46
CA ASP E 70 -64.20 -85.58 101.00
C ASP E 70 -65.70 -85.83 100.87
N GLY E 71 -66.27 -86.49 101.86
CA GLY E 71 -67.69 -86.77 101.89
C GLY E 71 -68.50 -85.65 102.53
N PRO E 72 -69.70 -85.98 103.00
CA PRO E 72 -70.58 -84.97 103.61
C PRO E 72 -69.99 -84.35 104.87
N LEU E 73 -70.27 -83.07 105.05
CA LEU E 73 -69.82 -82.34 106.22
C LEU E 73 -70.53 -82.84 107.47
N PRO E 74 -69.87 -82.82 108.62
CA PRO E 74 -70.51 -83.29 109.86
C PRO E 74 -71.49 -82.28 110.42
N GLU E 75 -72.61 -82.79 110.93
CA GLU E 75 -73.60 -81.97 111.61
C GLU E 75 -73.54 -82.10 113.13
N ASP E 76 -72.89 -83.14 113.64
CA ASP E 76 -72.83 -83.43 115.07
C ASP E 76 -71.42 -83.22 115.60
N ASN E 77 -71.32 -83.13 116.92
CA ASN E 77 -70.04 -82.99 117.60
C ASN E 77 -69.31 -84.30 117.76
N GLU E 78 -69.94 -85.43 117.41
CA GLU E 78 -69.34 -86.74 117.57
C GLU E 78 -68.18 -86.92 116.58
N PRO E 79 -67.28 -87.86 116.86
CA PRO E 79 -66.16 -88.11 115.94
C PRO E 79 -66.65 -88.49 114.55
N SER E 80 -66.05 -87.87 113.54
CA SER E 80 -66.43 -88.07 112.14
C SER E 80 -65.19 -88.28 111.29
N GLY E 81 -65.22 -89.31 110.45
CA GLY E 81 -64.08 -89.65 109.63
C GLY E 81 -64.17 -89.17 108.18
N TYR E 82 -64.66 -87.95 107.99
CA TYR E 82 -64.80 -87.36 106.66
C TYR E 82 -63.82 -86.21 106.55
N ALA E 83 -62.77 -86.40 105.75
CA ALA E 83 -61.76 -85.38 105.53
C ALA E 83 -61.83 -84.95 104.07
N GLN E 84 -61.99 -83.66 103.85
CA GLN E 84 -62.10 -83.13 102.50
C GLN E 84 -60.71 -83.05 101.86
N THR E 85 -60.64 -83.44 100.59
CA THR E 85 -59.35 -83.51 99.90
C THR E 85 -58.71 -82.12 99.78
N ASP E 86 -59.51 -81.14 99.35
CA ASP E 86 -58.97 -79.80 99.16
C ASP E 86 -58.44 -79.21 100.47
N CYS E 87 -59.09 -79.54 101.59
CA CYS E 87 -58.61 -79.06 102.88
C CYS E 87 -57.21 -79.58 103.18
N VAL E 88 -57.01 -80.89 102.99
CA VAL E 88 -55.70 -81.50 103.26
C VAL E 88 -54.64 -80.91 102.35
N LEU E 89 -54.96 -80.79 101.06
CA LEU E 89 -53.96 -80.28 100.12
C LEU E 89 -53.63 -78.81 100.41
N GLU E 90 -54.63 -78.02 100.79
CA GLU E 90 -54.40 -76.62 101.12
C GLU E 90 -53.54 -76.49 102.38
N ALA E 91 -53.80 -77.33 103.39
CA ALA E 91 -52.97 -77.31 104.58
C ALA E 91 -51.52 -77.70 104.27
N MET E 92 -51.34 -78.70 103.41
CA MET E 92 -50.00 -79.13 103.02
C MET E 92 -49.26 -78.02 102.29
N ALA E 93 -49.94 -77.38 101.32
CA ALA E 93 -49.32 -76.29 100.57
C ALA E 93 -48.98 -75.12 101.48
N PHE E 94 -49.82 -74.84 102.48
CA PHE E 94 -49.52 -73.74 103.38
C PHE E 94 -48.36 -74.09 104.32
N LEU E 95 -48.22 -75.36 104.70
CA LEU E 95 -47.02 -75.78 105.40
C LEU E 95 -45.78 -75.55 104.55
N GLU E 96 -45.81 -75.97 103.29
CA GLU E 96 -44.66 -75.76 102.42
C GLU E 96 -44.36 -74.28 102.26
N GLU E 97 -45.40 -73.44 102.26
CA GLU E 97 -45.18 -72.00 102.26
C GLU E 97 -44.52 -71.54 103.55
N SER E 98 -44.79 -72.23 104.66
CA SER E 98 -44.13 -71.91 105.91
C SER E 98 -42.69 -72.43 105.98
N HIS E 99 -42.39 -73.52 105.28
CA HIS E 99 -41.04 -74.09 105.26
C HIS E 99 -40.58 -74.41 103.84
N PRO E 100 -39.71 -73.58 103.27
CA PRO E 100 -39.36 -73.73 101.85
C PRO E 100 -38.53 -74.98 101.59
N GLY E 101 -39.00 -75.80 100.66
CA GLY E 101 -38.24 -76.92 100.14
C GLY E 101 -37.80 -77.98 101.12
N ILE E 102 -38.38 -77.98 102.32
CA ILE E 102 -38.07 -79.02 103.29
C ILE E 102 -38.47 -80.40 102.76
N PHE E 103 -39.63 -80.46 102.08
CA PHE E 103 -40.10 -81.71 101.50
C PHE E 103 -39.12 -82.23 100.46
N GLU E 104 -38.48 -81.33 99.72
CA GLU E 104 -37.59 -81.74 98.64
C GLU E 104 -36.28 -82.30 99.19
N ASN E 105 -35.73 -81.66 100.23
CA ASN E 105 -34.55 -82.22 100.89
C ASN E 105 -34.87 -83.57 101.52
N SER E 106 -36.03 -83.69 102.15
CA SER E 106 -36.43 -84.97 102.72
C SER E 106 -36.56 -86.04 101.64
N CYS E 107 -37.10 -85.67 100.47
CA CYS E 107 -37.24 -86.64 99.39
C CYS E 107 -35.88 -87.05 98.82
N LEU E 108 -34.94 -86.12 98.73
CA LEU E 108 -33.60 -86.47 98.23
C LEU E 108 -32.90 -87.40 99.21
N GLU E 109 -32.97 -87.08 100.51
CA GLU E 109 -32.37 -87.96 101.52
C GLU E 109 -33.02 -89.34 101.49
N THR E 110 -34.34 -89.39 101.31
CA THR E 110 -35.03 -90.66 101.22
C THR E 110 -34.63 -91.42 99.96
N MET E 111 -34.34 -90.71 98.86
CA MET E 111 -33.90 -91.40 97.65
C MET E 111 -32.54 -92.04 97.86
N GLU E 112 -31.60 -91.32 98.48
CA GLU E 112 -30.32 -91.93 98.78
C GLU E 112 -30.49 -93.11 99.74
N VAL E 113 -31.43 -93.00 100.68
CA VAL E 113 -31.72 -94.09 101.61
C VAL E 113 -32.19 -95.33 100.85
N VAL E 114 -33.19 -95.17 99.98
CA VAL E 114 -33.70 -96.31 99.21
C VAL E 114 -32.64 -96.83 98.25
N GLN E 115 -31.62 -96.01 97.94
CA GLN E 115 -30.51 -96.52 97.14
C GLN E 115 -29.61 -97.42 97.99
N GLN E 116 -29.29 -97.01 99.22
CA GLN E 116 -28.38 -97.78 100.05
C GLN E 116 -29.05 -98.88 100.84
N THR E 117 -30.37 -98.86 100.99
CA THR E 117 -31.05 -99.77 101.91
C THR E 117 -31.03 -101.19 101.36
N ARG E 118 -30.43 -102.11 102.11
CA ARG E 118 -30.51 -103.53 101.80
C ARG E 118 -31.79 -104.09 102.41
N VAL E 119 -31.92 -105.43 102.43
CA VAL E 119 -33.11 -106.06 103.00
C VAL E 119 -32.95 -106.36 104.50
N ASP E 120 -31.78 -106.11 105.07
CA ASP E 120 -31.60 -106.38 106.50
C ASP E 120 -32.46 -105.47 107.36
N ARG E 121 -32.64 -104.21 106.93
CA ARG E 121 -33.52 -103.31 107.65
C ARG E 121 -34.97 -103.76 107.61
N LEU E 122 -35.28 -104.84 106.90
CA LEU E 122 -36.58 -105.48 106.92
C LEU E 122 -36.67 -106.58 107.97
N THR E 123 -35.52 -107.02 108.51
CA THR E 123 -35.50 -107.97 109.60
C THR E 123 -35.58 -107.30 110.96
N GLN E 124 -35.12 -106.05 111.05
CA GLN E 124 -35.17 -105.31 112.31
C GLN E 124 -36.60 -104.90 112.64
N GLY E 125 -37.30 -105.72 113.42
CA GLY E 125 -38.67 -105.40 113.77
C GLY E 125 -39.26 -106.49 114.63
N ARG E 126 -40.46 -106.22 115.12
CA ARG E 126 -41.16 -107.15 116.00
C ARG E 126 -41.78 -108.25 115.13
N GLN E 127 -42.65 -109.06 115.72
CA GLN E 127 -43.28 -110.13 114.97
C GLN E 127 -44.11 -109.55 113.82
N THR E 128 -44.11 -110.26 112.71
CA THR E 128 -44.85 -109.92 111.50
C THR E 128 -45.80 -111.07 111.18
N TYR E 129 -46.56 -110.91 110.10
CA TYR E 129 -47.49 -111.94 109.65
C TYR E 129 -46.89 -112.57 108.40
N ASP E 130 -46.53 -113.85 108.49
CA ASP E 130 -46.11 -114.61 107.34
C ASP E 130 -47.34 -115.22 106.69
N TRP E 131 -47.60 -114.81 105.45
CA TRP E 131 -48.68 -115.38 104.65
C TRP E 131 -48.34 -116.75 104.11
N THR E 132 -47.05 -117.11 104.09
CA THR E 132 -46.65 -118.43 103.58
C THR E 132 -47.28 -119.54 104.41
N LEU E 133 -47.26 -119.41 105.73
CA LEU E 133 -47.87 -120.38 106.62
C LEU E 133 -49.16 -119.88 107.25
N ASN E 134 -49.63 -118.68 106.85
CA ASN E 134 -50.84 -118.08 107.41
C ASN E 134 -50.73 -117.98 108.94
N ARG E 135 -49.60 -117.45 109.40
CA ARG E 135 -49.34 -117.41 110.83
C ARG E 135 -48.39 -116.26 111.13
N ASN E 136 -48.42 -115.78 112.37
CA ASN E 136 -47.49 -114.75 112.81
C ASN E 136 -46.14 -115.38 113.16
N GLN E 137 -45.08 -114.80 112.61
CA GLN E 137 -43.73 -115.30 112.79
C GLN E 137 -42.78 -114.12 112.93
N PRO E 138 -41.57 -114.33 113.44
CA PRO E 138 -40.59 -113.25 113.49
C PRO E 138 -40.22 -112.77 112.09
N ALA E 139 -39.52 -111.64 112.05
CA ALA E 139 -39.25 -110.95 110.78
C ALA E 139 -38.42 -111.82 109.84
N ALA E 140 -37.26 -112.28 110.32
CA ALA E 140 -36.36 -113.04 109.46
C ALA E 140 -37.00 -114.33 108.98
N THR E 141 -37.87 -114.94 109.81
CA THR E 141 -38.54 -116.17 109.40
C THR E 141 -39.44 -115.94 108.20
N ALA E 142 -40.33 -114.95 108.29
CA ALA E 142 -41.21 -114.63 107.17
C ALA E 142 -40.42 -114.15 105.96
N LEU E 143 -39.32 -113.42 106.19
CA LEU E 143 -38.52 -112.94 105.07
C LEU E 143 -37.87 -114.10 104.31
N ALA E 144 -37.27 -115.04 105.05
CA ALA E 144 -36.68 -116.22 104.40
C ALA E 144 -37.74 -117.08 103.75
N ASN E 145 -38.92 -117.17 104.36
CA ASN E 145 -40.04 -117.89 103.76
C ASN E 145 -40.39 -117.28 102.41
N THR E 146 -40.53 -115.96 102.36
CA THR E 146 -40.89 -115.29 101.12
C THR E 146 -39.78 -115.43 100.08
N ILE E 147 -38.53 -115.33 100.50
CA ILE E 147 -37.41 -115.46 99.55
C ILE E 147 -37.36 -116.87 98.96
N GLU E 148 -37.51 -117.89 99.81
CA GLU E 148 -37.42 -119.26 99.30
C GLU E 148 -38.63 -119.61 98.45
N VAL E 149 -39.82 -119.11 98.80
CA VAL E 149 -40.98 -119.40 97.97
C VAL E 149 -40.90 -118.63 96.66
N PHE E 150 -40.19 -117.50 96.64
CA PHE E 150 -39.98 -116.79 95.38
C PHE E 150 -38.96 -117.53 94.52
N ARG E 151 -37.91 -118.08 95.13
CA ARG E 151 -36.97 -118.89 94.37
C ARG E 151 -37.63 -120.15 93.85
N SER E 152 -38.61 -120.69 94.58
CA SER E 152 -39.41 -121.80 94.07
C SER E 152 -40.18 -121.38 92.82
N ASN E 153 -40.67 -120.15 92.80
CA ASN E 153 -41.33 -119.59 91.63
C ASN E 153 -40.28 -118.90 90.76
N GLY E 154 -40.72 -118.16 89.74
CA GLY E 154 -39.79 -117.49 88.86
C GLY E 154 -39.43 -116.10 89.33
N LEU E 155 -39.05 -115.95 90.59
CA LEU E 155 -38.73 -114.65 91.18
C LEU E 155 -37.41 -114.76 91.94
N THR E 156 -36.32 -114.33 91.30
CA THR E 156 -34.97 -114.45 91.84
C THR E 156 -34.21 -113.14 91.66
N ALA E 157 -34.87 -112.03 92.01
CA ALA E 157 -34.26 -110.71 91.90
C ALA E 157 -33.50 -110.30 93.15
N ASN E 158 -33.85 -110.86 94.32
CA ASN E 158 -33.18 -110.47 95.56
C ASN E 158 -31.72 -110.86 95.59
N GLU E 159 -31.21 -111.59 94.59
CA GLU E 159 -29.80 -111.90 94.55
C GLU E 159 -28.94 -110.65 94.43
N SER E 160 -29.52 -109.55 93.95
CA SER E 160 -28.78 -108.29 93.90
C SER E 160 -28.62 -107.68 95.29
N GLY E 161 -29.56 -107.92 96.19
CA GLY E 161 -29.47 -107.49 97.57
C GLY E 161 -30.21 -106.21 97.91
N ARG E 162 -30.50 -105.36 96.93
CA ARG E 162 -31.17 -104.10 97.20
C ARG E 162 -32.66 -104.34 97.46
N LEU E 163 -33.19 -103.64 98.47
CA LEU E 163 -34.59 -103.81 98.84
C LEU E 163 -35.53 -103.43 97.71
N ILE E 164 -35.11 -102.48 96.85
CA ILE E 164 -35.94 -102.10 95.71
C ILE E 164 -36.15 -103.29 94.79
N ASP E 165 -35.16 -104.17 94.68
CA ASP E 165 -35.34 -105.38 93.88
C ASP E 165 -36.31 -106.34 94.54
N PHE E 166 -36.33 -106.40 95.88
CA PHE E 166 -37.36 -107.17 96.57
C PHE E 166 -38.74 -106.59 96.29
N LEU E 167 -38.85 -105.27 96.19
CA LEU E 167 -40.13 -104.65 95.88
C LEU E 167 -40.54 -104.96 94.44
N LYS E 168 -39.58 -104.97 93.52
CA LYS E 168 -39.85 -105.41 92.15
C LYS E 168 -40.34 -106.85 92.13
N ASP E 169 -39.74 -107.70 92.98
CA ASP E 169 -40.21 -109.07 93.10
C ASP E 169 -41.65 -109.13 93.60
N VAL E 170 -41.96 -108.34 94.62
CA VAL E 170 -43.34 -108.29 95.12
C VAL E 170 -44.30 -107.88 94.02
N MET E 171 -43.91 -106.87 93.23
CA MET E 171 -44.77 -106.39 92.16
C MET E 171 -45.00 -107.46 91.11
N GLU E 172 -43.91 -108.12 90.68
CA GLU E 172 -44.05 -109.19 89.69
C GLU E 172 -44.83 -110.38 90.26
N SER E 173 -44.77 -110.58 91.58
CA SER E 173 -45.45 -111.70 92.19
C SER E 173 -46.96 -111.47 92.20
N MET E 174 -47.38 -110.22 92.42
CA MET E 174 -48.81 -109.95 92.46
C MET E 174 -49.48 -110.13 91.11
N ASP E 175 -48.71 -110.21 90.02
CA ASP E 175 -49.26 -110.35 88.68
C ASP E 175 -49.43 -111.81 88.28
N LYS E 176 -48.82 -112.73 89.02
CA LYS E 176 -48.82 -114.14 88.66
C LYS E 176 -50.07 -114.82 89.21
N GLU E 177 -50.60 -115.78 88.44
CA GLU E 177 -51.82 -116.47 88.85
C GLU E 177 -51.52 -117.57 89.86
N GLU E 178 -50.54 -118.42 89.56
CA GLU E 178 -50.21 -119.55 90.41
C GLU E 178 -49.03 -119.21 91.30
N MET E 179 -49.08 -119.71 92.54
CA MET E 179 -47.99 -119.52 93.51
C MET E 179 -47.79 -120.89 94.17
N GLU E 180 -46.86 -121.67 93.63
CA GLU E 180 -46.60 -123.01 94.12
C GLU E 180 -45.61 -122.94 95.28
N ILE E 181 -46.02 -123.45 96.44
CA ILE E 181 -45.26 -123.34 97.68
C ILE E 181 -44.68 -124.71 98.01
N THR E 182 -43.41 -124.71 98.43
CA THR E 182 -42.73 -125.94 98.80
C THR E 182 -42.53 -126.02 100.31
N LYS E 208 -44.43 -132.09 100.63
CA LYS E 208 -45.64 -132.04 99.82
C LYS E 208 -46.46 -130.80 100.17
N LYS E 209 -46.46 -129.80 99.28
CA LYS E 209 -47.21 -128.58 99.48
C LYS E 209 -47.66 -128.04 98.13
N GLN E 210 -48.91 -127.56 98.07
CA GLN E 210 -49.44 -126.93 96.87
C GLN E 210 -50.61 -126.05 97.28
N ARG E 211 -50.60 -124.77 96.87
CA ARG E 211 -51.51 -123.81 97.49
C ARG E 211 -52.23 -122.90 96.49
N VAL E 212 -52.82 -121.83 97.03
CA VAL E 212 -53.91 -121.06 96.42
C VAL E 212 -53.51 -120.23 95.21
N ASN E 213 -54.51 -119.66 94.54
CA ASN E 213 -54.41 -118.95 93.28
C ASN E 213 -54.05 -117.48 93.48
N LYS E 214 -54.23 -116.68 92.41
CA LYS E 214 -53.84 -115.27 92.42
C LYS E 214 -54.71 -114.43 93.35
N ARG E 215 -56.03 -114.64 93.34
CA ARG E 215 -56.92 -113.77 94.11
C ARG E 215 -56.66 -113.92 95.60
N SER E 216 -56.59 -115.16 96.08
CA SER E 216 -56.29 -115.38 97.49
C SER E 216 -54.91 -114.86 97.84
N TYR E 217 -53.96 -114.93 96.90
CA TYR E 217 -52.63 -114.36 97.13
C TYR E 217 -52.71 -112.85 97.34
N LEU E 218 -53.47 -112.16 96.48
CA LEU E 218 -53.67 -110.73 96.65
C LEU E 218 -54.32 -110.41 97.99
N ILE E 219 -55.32 -111.20 98.37
CA ILE E 219 -55.99 -110.99 99.66
C ILE E 219 -55.01 -111.18 100.81
N ARG E 220 -54.12 -112.16 100.68
CA ARG E 220 -53.14 -112.44 101.73
C ARG E 220 -52.11 -111.33 101.84
N ALA E 221 -51.72 -110.74 100.72
CA ALA E 221 -50.72 -109.67 100.76
C ALA E 221 -51.22 -108.46 101.55
N LEU E 222 -52.53 -108.24 101.55
CA LEU E 222 -53.16 -107.13 102.25
C LEU E 222 -53.71 -107.53 103.62
N THR E 223 -53.54 -108.78 104.03
CA THR E 223 -54.12 -109.26 105.28
C THR E 223 -53.38 -108.70 106.48
N LEU E 224 -54.14 -108.19 107.46
CA LEU E 224 -53.58 -107.66 108.69
C LEU E 224 -54.09 -108.48 109.89
N ASN E 225 -53.30 -108.46 110.96
CA ASN E 225 -53.61 -109.23 112.17
C ASN E 225 -53.09 -108.46 113.38
N THR E 226 -53.04 -109.14 114.53
CA THR E 226 -52.45 -108.56 115.73
C THR E 226 -51.40 -109.50 116.32
N THR E 243 -50.86 -106.07 113.04
CA THR E 243 -49.73 -106.75 112.40
C THR E 243 -49.85 -106.65 110.88
N PRO E 244 -48.88 -105.99 110.25
CA PRO E 244 -48.92 -105.83 108.79
C PRO E 244 -48.43 -107.08 108.08
N GLY E 245 -48.78 -107.15 106.79
CA GLY E 245 -48.27 -108.20 105.93
C GLY E 245 -46.77 -108.06 105.72
N MET E 246 -46.23 -108.97 104.91
CA MET E 246 -44.79 -108.96 104.68
C MET E 246 -44.39 -107.95 103.61
N GLN E 247 -45.23 -107.76 102.60
CA GLN E 247 -44.87 -106.86 101.50
C GLN E 247 -44.88 -105.40 101.94
N ILE E 248 -45.93 -104.99 102.65
CA ILE E 248 -46.13 -103.59 102.99
C ILE E 248 -45.04 -103.04 103.89
N ARG E 249 -44.21 -103.91 104.48
CA ARG E 249 -43.22 -103.46 105.45
C ARG E 249 -42.17 -102.55 104.82
N GLY E 250 -41.71 -102.89 103.62
CA GLY E 250 -40.72 -102.06 102.96
C GLY E 250 -41.24 -100.69 102.62
N PHE E 251 -42.43 -100.62 102.03
CA PHE E 251 -42.99 -99.33 101.62
C PHE E 251 -43.37 -98.48 102.83
N VAL E 252 -43.89 -99.10 103.90
CA VAL E 252 -44.19 -98.33 105.10
C VAL E 252 -42.90 -97.85 105.75
N TYR E 253 -41.83 -98.65 105.68
CA TYR E 253 -40.54 -98.21 106.19
C TYR E 253 -40.02 -97.02 105.40
N PHE E 254 -40.21 -97.03 104.08
CA PHE E 254 -39.76 -95.91 103.25
C PHE E 254 -40.56 -94.65 103.56
N VAL E 255 -41.88 -94.78 103.66
CA VAL E 255 -42.71 -93.62 103.98
C VAL E 255 -42.34 -93.07 105.36
N GLU E 256 -42.05 -93.95 106.31
CA GLU E 256 -41.70 -93.48 107.65
C GLU E 256 -40.31 -92.87 107.69
N THR E 257 -39.37 -93.34 106.87
CA THR E 257 -38.07 -92.68 106.76
C THR E 257 -38.23 -91.28 106.17
N LEU E 258 -39.10 -91.14 105.17
CA LEU E 258 -39.39 -89.81 104.65
C LEU E 258 -39.98 -88.92 105.74
N ALA E 259 -40.95 -89.44 106.49
CA ALA E 259 -41.53 -88.68 107.59
C ALA E 259 -40.48 -88.35 108.65
N ARG E 260 -39.49 -89.23 108.83
CA ARG E 260 -38.40 -88.96 109.77
C ARG E 260 -37.58 -87.76 109.32
N SER E 261 -37.15 -87.77 108.06
CA SER E 261 -36.41 -86.65 107.51
C SER E 261 -37.25 -85.38 107.48
N ILE E 262 -38.57 -85.50 107.43
CA ILE E 262 -39.45 -84.34 107.48
C ILE E 262 -39.52 -83.78 108.90
N CYS E 263 -39.80 -84.65 109.87
CA CYS E 263 -40.01 -84.21 111.25
C CYS E 263 -38.72 -83.73 111.91
N GLU E 264 -37.57 -84.24 111.48
CA GLU E 264 -36.31 -83.75 112.04
C GLU E 264 -36.13 -82.27 111.75
N LYS E 265 -36.65 -81.80 110.62
CA LYS E 265 -36.52 -80.41 110.20
C LYS E 265 -37.76 -79.60 110.54
N LEU E 266 -38.58 -80.08 111.47
CA LEU E 266 -39.77 -79.37 111.95
C LEU E 266 -39.63 -79.14 113.44
N GLU E 267 -39.71 -77.89 113.86
CA GLU E 267 -39.56 -77.57 115.27
C GLU E 267 -40.74 -78.09 116.10
N GLN E 268 -41.95 -77.99 115.57
CA GLN E 268 -43.15 -78.39 116.32
C GLN E 268 -43.36 -79.90 116.36
N SER E 269 -42.57 -80.68 115.63
CA SER E 269 -42.71 -82.14 115.62
C SER E 269 -41.51 -82.75 116.35
N GLY E 270 -41.72 -83.10 117.62
CA GLY E 270 -40.66 -83.66 118.43
C GLY E 270 -40.77 -85.15 118.68
N LEU E 271 -41.24 -85.91 117.71
CA LEU E 271 -41.41 -87.35 117.90
C LEU E 271 -40.11 -88.14 117.77
N PRO E 272 -39.28 -87.93 116.74
CA PRO E 272 -38.09 -88.78 116.56
C PRO E 272 -37.11 -88.72 117.73
N VAL E 273 -37.10 -87.62 118.49
CA VAL E 273 -36.15 -87.49 119.59
C VAL E 273 -36.62 -88.37 120.75
N GLY E 274 -35.75 -88.59 121.73
CA GLY E 274 -36.11 -89.39 122.88
C GLY E 274 -35.51 -88.92 124.17
N GLY E 275 -36.35 -88.72 125.18
CA GLY E 275 -35.88 -88.30 126.49
C GLY E 275 -35.80 -86.81 126.66
N ASN E 276 -34.70 -86.35 127.27
CA ASN E 276 -34.58 -84.95 127.68
C ASN E 276 -34.73 -83.97 126.52
N GLU E 277 -34.52 -84.43 125.29
CA GLU E 277 -34.70 -83.55 124.14
C GLU E 277 -36.11 -82.99 124.11
N LYS E 278 -37.10 -83.86 124.31
CA LYS E 278 -38.49 -83.40 124.36
C LYS E 278 -38.65 -82.29 125.40
N LYS E 279 -37.95 -82.42 126.53
CA LYS E 279 -37.97 -81.39 127.56
C LYS E 279 -37.73 -80.00 126.98
N ALA E 280 -36.65 -79.84 126.21
CA ALA E 280 -36.34 -78.53 125.67
C ALA E 280 -37.49 -78.00 124.81
N LYS E 281 -38.04 -78.86 123.95
CA LYS E 281 -39.11 -78.42 123.06
C LYS E 281 -40.38 -78.05 123.84
N LEU E 282 -40.45 -78.42 125.11
CA LEU E 282 -41.53 -77.99 125.99
C LEU E 282 -41.23 -76.65 126.66
N ALA E 283 -39.97 -76.39 127.01
CA ALA E 283 -39.61 -75.15 127.70
C ALA E 283 -39.53 -73.96 126.76
N ASN E 284 -39.39 -74.18 125.46
CA ASN E 284 -39.24 -73.08 124.51
C ASN E 284 -40.58 -72.49 124.09
N VAL E 285 -41.49 -73.33 123.58
CA VAL E 285 -42.69 -72.86 122.90
C VAL E 285 -43.57 -71.98 123.80
N VAL E 286 -43.56 -72.23 125.11
CA VAL E 286 -44.30 -71.36 126.03
C VAL E 286 -43.91 -69.91 125.82
N ARG E 287 -42.61 -69.62 125.82
CA ARG E 287 -42.15 -68.25 125.64
C ARG E 287 -42.41 -67.72 124.23
N LYS E 288 -42.70 -68.60 123.27
CA LYS E 288 -43.14 -68.12 121.96
C LYS E 288 -44.49 -67.46 122.02
N MET E 289 -45.28 -67.73 123.06
CA MET E 289 -46.65 -67.25 123.17
C MET E 289 -46.83 -66.27 124.32
N MET E 290 -46.41 -66.64 125.52
CA MET E 290 -46.72 -65.83 126.70
C MET E 290 -45.89 -64.55 126.76
N THR E 291 -44.63 -64.62 126.33
CA THR E 291 -43.70 -63.49 126.49
C THR E 291 -44.02 -62.41 125.46
N ASN E 292 -45.15 -61.75 125.67
CA ASN E 292 -45.55 -60.59 124.87
C ASN E 292 -45.54 -59.36 125.76
N SER E 293 -44.73 -58.38 125.40
CA SER E 293 -44.61 -57.16 126.20
C SER E 293 -45.91 -56.36 126.19
N GLN E 294 -46.05 -55.50 127.19
CA GLN E 294 -47.25 -54.66 127.37
C GLN E 294 -48.51 -55.52 127.34
N ASP E 295 -48.64 -56.34 128.39
CA ASP E 295 -49.51 -57.51 128.34
C ASP E 295 -50.98 -57.12 128.19
N THR E 296 -51.48 -57.24 126.96
CA THR E 296 -52.91 -57.25 126.69
C THR E 296 -53.33 -58.57 126.07
N GLU E 297 -52.38 -59.41 125.66
CA GLU E 297 -52.69 -60.72 125.12
C GLU E 297 -52.98 -61.69 126.25
N LEU E 298 -54.02 -62.49 126.08
CA LEU E 298 -54.38 -63.55 127.01
C LEU E 298 -54.01 -64.88 126.38
N SER E 299 -53.13 -65.62 127.05
CA SER E 299 -52.57 -66.87 126.54
C SER E 299 -53.18 -68.03 127.33
N PHE E 300 -53.98 -68.84 126.65
CA PHE E 300 -54.54 -70.05 127.23
C PHE E 300 -53.80 -71.26 126.67
N THR E 301 -53.72 -72.32 127.46
CA THR E 301 -53.04 -73.53 127.05
C THR E 301 -53.94 -74.73 127.31
N ILE E 302 -54.12 -75.56 126.30
CA ILE E 302 -54.92 -76.77 126.41
C ILE E 302 -54.02 -77.98 126.20
N THR E 303 -54.27 -79.02 127.00
CA THR E 303 -53.72 -80.35 126.76
C THR E 303 -54.87 -81.19 126.21
N GLY E 304 -54.77 -81.59 124.94
CA GLY E 304 -55.85 -82.25 124.26
C GLY E 304 -55.49 -83.66 123.85
N ASP E 305 -56.49 -84.34 123.29
CA ASP E 305 -56.31 -85.68 122.74
C ASP E 305 -57.36 -85.91 121.67
N ASN E 306 -57.04 -86.81 120.75
CA ASN E 306 -57.90 -87.15 119.62
C ASN E 306 -58.40 -88.57 119.85
N THR E 307 -59.70 -88.72 120.08
CA THR E 307 -60.24 -90.04 120.38
C THR E 307 -60.30 -90.90 119.13
N LYS E 308 -59.75 -92.11 119.25
CA LYS E 308 -59.81 -93.11 118.17
C LYS E 308 -59.36 -92.51 116.84
N TRP E 309 -58.37 -91.63 116.93
CA TRP E 309 -57.80 -90.99 115.74
C TRP E 309 -57.21 -92.02 114.80
N ASN E 310 -56.70 -93.12 115.34
CA ASN E 310 -56.06 -94.14 114.50
C ASN E 310 -57.07 -94.80 113.56
N GLU E 311 -58.34 -94.86 113.95
CA GLU E 311 -59.36 -95.43 113.07
C GLU E 311 -59.88 -94.45 112.03
N ASN E 312 -59.55 -93.17 112.15
CA ASN E 312 -60.06 -92.16 111.22
C ASN E 312 -59.07 -91.80 110.13
N GLN E 313 -57.80 -92.18 110.27
CA GLN E 313 -56.81 -91.87 109.25
C GLN E 313 -57.06 -92.69 107.99
N ASN E 314 -57.45 -92.01 106.93
CA ASN E 314 -57.76 -92.70 105.70
C ASN E 314 -56.49 -92.81 104.86
N PRO E 315 -56.18 -94.00 104.33
CA PRO E 315 -54.93 -94.16 103.57
C PRO E 315 -54.87 -93.30 102.33
N ARG E 316 -56.01 -92.95 101.75
CA ARG E 316 -56.04 -92.11 100.56
C ARG E 316 -55.63 -90.68 100.85
N MET E 317 -55.97 -90.16 102.04
CA MET E 317 -55.50 -88.83 102.42
C MET E 317 -53.98 -88.81 102.58
N PHE E 318 -53.41 -89.87 103.16
CA PHE E 318 -51.96 -89.98 103.24
C PHE E 318 -51.35 -90.11 101.85
N LEU E 319 -52.01 -90.86 100.96
CA LEU E 319 -51.57 -90.94 99.58
C LEU E 319 -51.52 -89.56 98.94
N ALA E 320 -52.54 -88.74 99.20
CA ALA E 320 -52.59 -87.40 98.64
C ALA E 320 -51.45 -86.54 99.17
N MET E 321 -51.22 -86.57 100.49
CA MET E 321 -50.16 -85.73 101.03
C MET E 321 -48.78 -86.20 100.59
N ILE E 322 -48.60 -87.51 100.39
CA ILE E 322 -47.34 -88.02 99.86
C ILE E 322 -47.16 -87.57 98.42
N THR E 323 -48.21 -87.67 97.61
CA THR E 323 -48.14 -87.23 96.22
C THR E 323 -47.82 -85.75 96.12
N TYR E 324 -48.34 -84.95 97.04
CA TYR E 324 -47.95 -83.53 97.06
C TYR E 324 -46.51 -83.36 97.51
N ILE E 325 -46.04 -84.23 98.42
CA ILE E 325 -44.63 -84.19 98.78
C ILE E 325 -43.75 -84.62 97.61
N THR E 326 -44.25 -85.50 96.74
CA THR E 326 -43.53 -85.89 95.54
C THR E 326 -43.78 -84.88 94.41
N LYS E 327 -43.49 -83.62 94.73
CA LYS E 327 -43.67 -82.52 93.80
C LYS E 327 -42.39 -82.35 92.98
N ASN E 328 -42.53 -82.46 91.65
CA ASN E 328 -41.45 -82.29 90.69
C ASN E 328 -40.33 -83.32 90.86
N GLN E 329 -40.50 -84.30 91.73
CA GLN E 329 -39.55 -85.38 91.88
C GLN E 329 -39.74 -86.42 90.77
N PRO E 330 -38.76 -87.29 90.54
CA PRO E 330 -38.91 -88.32 89.50
C PRO E 330 -40.12 -89.20 89.75
N GLU E 331 -40.77 -89.62 88.65
CA GLU E 331 -42.05 -90.30 88.75
C GLU E 331 -41.92 -91.67 89.42
N TRP E 332 -40.83 -92.39 89.16
CA TRP E 332 -40.66 -93.70 89.76
C TRP E 332 -40.61 -93.61 91.28
N PHE E 333 -40.03 -92.55 91.81
CA PHE E 333 -40.00 -92.34 93.26
C PHE E 333 -41.39 -92.08 93.80
N ARG E 334 -42.18 -91.26 93.10
CA ARG E 334 -43.57 -91.05 93.48
C ARG E 334 -44.32 -92.37 93.51
N ASN E 335 -44.06 -93.25 92.53
CA ASN E 335 -44.71 -94.55 92.52
C ASN E 335 -44.24 -95.43 93.66
N VAL E 336 -42.95 -95.33 94.01
CA VAL E 336 -42.41 -96.17 95.08
C VAL E 336 -43.02 -95.80 96.42
N LEU E 337 -43.01 -94.51 96.76
CA LEU E 337 -43.51 -94.13 98.07
C LEU E 337 -45.02 -94.20 98.18
N SER E 338 -45.73 -94.17 97.05
CA SER E 338 -47.19 -94.21 97.05
C SER E 338 -47.74 -95.63 97.13
N ILE E 339 -46.88 -96.65 97.19
CA ILE E 339 -47.36 -98.04 97.18
C ILE E 339 -48.12 -98.35 98.47
N ALA E 340 -47.50 -98.06 99.62
CA ALA E 340 -48.08 -98.46 100.90
C ALA E 340 -49.46 -97.85 101.15
N PRO E 341 -49.71 -96.55 100.92
CA PRO E 341 -51.08 -96.05 101.12
C PRO E 341 -52.09 -96.70 100.20
N ILE E 342 -51.69 -97.08 98.98
CA ILE E 342 -52.60 -97.80 98.10
C ILE E 342 -52.88 -99.20 98.64
N MET E 343 -51.85 -99.85 99.18
CA MET E 343 -52.05 -101.16 99.80
C MET E 343 -52.98 -101.07 101.00
N PHE E 344 -52.94 -99.95 101.71
CA PHE E 344 -53.82 -99.75 102.86
C PHE E 344 -55.22 -99.27 102.46
N SER E 345 -55.37 -98.72 101.26
CA SER E 345 -56.71 -98.38 100.79
C SER E 345 -57.54 -99.64 100.54
N ASN E 346 -56.90 -100.68 100.01
CA ASN E 346 -57.54 -101.98 99.79
C ASN E 346 -56.80 -102.95 100.70
N LYS E 347 -57.24 -103.05 101.95
CA LYS E 347 -56.58 -103.90 102.92
C LYS E 347 -57.59 -104.78 103.64
N MET E 348 -57.13 -105.99 103.98
CA MET E 348 -57.94 -106.97 104.68
C MET E 348 -57.44 -107.14 106.10
N ALA E 349 -58.37 -107.35 107.01
CA ALA E 349 -58.10 -107.57 108.42
C ALA E 349 -58.44 -109.01 108.76
N ARG E 350 -57.45 -109.74 109.26
CA ARG E 350 -57.68 -111.09 109.75
C ARG E 350 -58.31 -111.04 111.13
N LEU E 351 -59.40 -111.78 111.32
CA LEU E 351 -60.05 -111.81 112.62
C LEU E 351 -59.26 -112.64 113.61
N GLY E 352 -58.92 -113.88 113.24
CA GLY E 352 -57.99 -114.65 114.03
C GLY E 352 -58.47 -116.03 114.47
N LYS E 353 -58.24 -116.33 115.74
CA LYS E 353 -58.57 -117.66 116.27
C LYS E 353 -60.06 -117.94 116.15
N GLY E 354 -60.90 -116.99 116.57
CA GLY E 354 -62.33 -117.16 116.48
C GLY E 354 -63.00 -117.31 117.83
N TYR E 355 -64.02 -118.17 117.90
CA TYR E 355 -64.80 -118.38 119.11
C TYR E 355 -64.75 -119.84 119.52
N MET E 356 -65.26 -120.11 120.72
CA MET E 356 -65.28 -121.44 121.29
C MET E 356 -66.51 -121.57 122.16
N PHE E 357 -67.18 -122.73 122.10
CA PHE E 357 -68.40 -122.96 122.84
C PHE E 357 -68.29 -124.22 123.69
N GLU E 358 -68.92 -124.15 124.86
CA GLU E 358 -68.82 -125.17 125.89
C GLU E 358 -70.23 -125.49 126.39
N SER E 359 -70.59 -126.77 126.35
CA SER E 359 -71.91 -127.21 126.80
C SER E 359 -71.84 -127.52 128.30
N LYS E 360 -72.63 -126.78 129.08
CA LYS E 360 -72.66 -127.01 130.52
C LYS E 360 -73.35 -128.33 130.87
N SER E 361 -74.22 -128.83 129.99
CA SER E 361 -74.93 -130.07 130.23
C SER E 361 -74.18 -131.28 129.68
N MET E 362 -73.83 -131.24 128.39
CA MET E 362 -73.15 -132.36 127.75
C MET E 362 -71.66 -132.43 128.09
N LYS E 363 -71.10 -131.38 128.67
CA LYS E 363 -69.68 -131.32 129.04
C LYS E 363 -68.78 -131.60 127.84
N LEU E 364 -68.94 -130.78 126.80
CA LEU E 364 -68.11 -130.88 125.61
C LEU E 364 -67.83 -129.48 125.09
N ARG E 365 -66.65 -129.31 124.52
CA ARG E 365 -66.25 -128.02 123.98
C ARG E 365 -65.80 -128.18 122.54
N THR E 366 -66.13 -127.17 121.72
CA THR E 366 -65.69 -127.14 120.34
C THR E 366 -65.57 -125.70 119.90
N GLN E 367 -64.56 -125.40 119.10
CA GLN E 367 -64.33 -124.04 118.62
C GLN E 367 -64.91 -123.88 117.23
N ILE E 368 -65.38 -122.67 116.96
CA ILE E 368 -65.79 -122.24 115.63
C ILE E 368 -64.82 -121.15 115.18
N PRO E 369 -64.17 -121.29 114.03
CA PRO E 369 -63.30 -120.22 113.54
C PRO E 369 -64.14 -119.09 112.94
N ALA E 370 -63.45 -118.00 112.63
CA ALA E 370 -64.13 -116.86 112.01
C ALA E 370 -64.60 -117.21 110.60
N GLU E 371 -63.94 -118.18 109.96
CA GLU E 371 -64.25 -118.52 108.58
C GLU E 371 -65.66 -119.08 108.41
N MET E 372 -66.25 -119.63 109.48
CA MET E 372 -67.60 -120.17 109.43
C MET E 372 -68.64 -119.19 109.96
N LEU E 373 -68.24 -117.95 110.29
CA LEU E 373 -69.20 -116.97 110.74
C LEU E 373 -70.12 -116.49 109.63
N ALA E 374 -69.79 -116.78 108.37
CA ALA E 374 -70.67 -116.40 107.27
C ALA E 374 -71.85 -117.37 107.18
N SER E 375 -71.58 -118.66 107.31
CA SER E 375 -72.59 -119.72 107.26
C SER E 375 -72.73 -120.28 108.66
N ILE E 376 -73.63 -119.69 109.45
CA ILE E 376 -73.82 -120.08 110.84
C ILE E 376 -75.16 -119.55 111.29
N ASP E 377 -75.73 -120.15 112.33
CA ASP E 377 -77.00 -119.70 112.87
C ASP E 377 -76.75 -118.73 114.03
N LEU E 378 -77.58 -117.72 114.12
CA LEU E 378 -77.43 -116.67 115.14
C LEU E 378 -78.38 -116.91 116.31
N LYS E 379 -78.15 -118.03 117.00
CA LYS E 379 -78.84 -118.30 118.25
C LYS E 379 -77.83 -118.73 119.29
N TYR E 380 -76.71 -119.30 118.84
CA TYR E 380 -75.65 -119.75 119.73
C TYR E 380 -74.92 -118.60 120.41
N PHE E 381 -75.27 -117.36 120.11
CA PHE E 381 -74.52 -116.21 120.59
C PHE E 381 -75.39 -115.35 121.49
N ASN E 382 -74.72 -114.50 122.28
CA ASN E 382 -75.41 -113.52 123.10
C ASN E 382 -75.95 -112.40 122.24
N GLU E 383 -76.70 -111.49 122.88
CA GLU E 383 -77.31 -110.39 122.15
C GLU E 383 -76.27 -109.45 121.56
N SER E 384 -75.28 -109.06 122.36
CA SER E 384 -74.27 -108.11 121.90
C SER E 384 -73.44 -108.68 120.75
N THR E 385 -72.94 -109.91 120.91
CA THR E 385 -72.16 -110.52 119.84
C THR E 385 -73.01 -110.76 118.60
N ARG E 386 -74.28 -111.12 118.79
CA ARG E 386 -75.16 -111.32 117.65
C ARG E 386 -75.32 -110.03 116.86
N LYS E 387 -75.59 -108.91 117.53
CA LYS E 387 -75.73 -107.64 116.82
C LYS E 387 -74.43 -107.21 116.17
N LYS E 388 -73.30 -107.41 116.87
CA LYS E 388 -72.01 -107.01 116.33
C LYS E 388 -71.64 -107.83 115.10
N ILE E 389 -72.06 -109.09 115.04
CA ILE E 389 -71.82 -109.89 113.84
C ILE E 389 -72.83 -109.55 112.75
N GLU E 390 -74.07 -109.23 113.12
CA GLU E 390 -75.07 -108.86 112.12
C GLU E 390 -74.64 -107.62 111.35
N LYS E 391 -74.20 -106.58 112.05
CA LYS E 391 -73.83 -105.34 111.37
C LYS E 391 -72.46 -105.40 110.70
N ILE E 392 -71.86 -106.59 110.60
CA ILE E 392 -70.53 -106.74 110.00
C ILE E 392 -70.57 -107.88 108.98
N ARG E 393 -71.68 -108.62 108.96
CA ARG E 393 -71.81 -109.79 108.07
C ARG E 393 -71.54 -109.49 106.60
N PRO E 394 -72.14 -108.47 105.97
CA PRO E 394 -71.95 -108.32 104.51
C PRO E 394 -70.56 -107.84 104.10
N LEU E 395 -69.70 -107.46 105.05
CA LEU E 395 -68.39 -106.93 104.69
C LEU E 395 -67.36 -108.04 104.49
N LEU E 396 -67.46 -109.12 105.26
CA LEU E 396 -66.46 -110.18 105.22
C LEU E 396 -66.59 -111.01 103.94
N ILE E 397 -65.44 -111.47 103.45
CA ILE E 397 -65.37 -112.36 102.29
C ILE E 397 -64.28 -113.40 102.56
N ASP E 398 -64.61 -114.66 102.32
CA ASP E 398 -63.66 -115.78 102.43
C ASP E 398 -62.94 -115.78 103.78
N GLY E 399 -63.70 -115.54 104.85
CA GLY E 399 -63.11 -115.55 106.18
C GLY E 399 -62.15 -114.43 106.45
N THR E 400 -62.24 -113.32 105.73
CA THR E 400 -61.33 -112.19 105.89
C THR E 400 -62.13 -110.90 105.82
N ALA E 401 -61.87 -109.99 106.76
CA ALA E 401 -62.61 -108.74 106.79
C ALA E 401 -62.00 -107.73 105.82
N SER E 402 -62.86 -106.89 105.27
CA SER E 402 -62.45 -105.82 104.36
C SER E 402 -62.51 -104.49 105.09
N LEU E 403 -61.40 -103.73 105.08
CA LEU E 403 -61.38 -102.46 105.82
C LEU E 403 -60.67 -101.41 104.97
N SER E 404 -61.44 -100.61 104.24
CA SER E 404 -60.87 -99.58 103.40
C SER E 404 -60.39 -98.36 104.19
N PRO E 405 -61.25 -97.70 105.01
CA PRO E 405 -60.85 -96.42 105.60
C PRO E 405 -60.04 -96.58 106.89
N GLY E 406 -59.51 -97.78 107.14
CA GLY E 406 -58.85 -98.05 108.39
C GLY E 406 -57.40 -97.61 108.41
N MET E 407 -56.84 -97.66 109.63
CA MET E 407 -55.43 -97.36 109.85
C MET E 407 -55.05 -97.93 111.20
N MET E 408 -53.94 -98.65 111.26
CA MET E 408 -53.53 -99.34 112.47
C MET E 408 -52.48 -98.54 113.24
N MET E 409 -52.54 -98.63 114.56
CA MET E 409 -51.66 -97.84 115.41
C MET E 409 -50.22 -98.29 115.26
N GLY E 410 -49.33 -97.33 115.04
CA GLY E 410 -47.92 -97.63 114.89
C GLY E 410 -47.44 -97.81 113.47
N MET E 411 -48.09 -97.15 112.50
CA MET E 411 -47.70 -97.25 111.10
C MET E 411 -47.23 -95.92 110.55
N PHE E 412 -48.03 -94.86 110.65
CA PHE E 412 -47.72 -93.55 110.09
C PHE E 412 -47.66 -92.49 111.20
N ASN E 413 -47.08 -92.84 112.34
CA ASN E 413 -47.13 -91.94 113.50
C ASN E 413 -46.47 -90.61 113.20
N MET E 414 -45.32 -90.62 112.55
CA MET E 414 -44.61 -89.38 112.26
C MET E 414 -45.24 -88.62 111.11
N LEU E 415 -45.81 -89.31 110.12
CA LEU E 415 -46.54 -88.60 109.07
C LEU E 415 -47.86 -88.05 109.61
N SER E 416 -48.50 -88.78 110.52
CA SER E 416 -49.65 -88.23 111.23
C SER E 416 -49.24 -86.97 111.99
N THR E 417 -48.05 -86.99 112.58
CA THR E 417 -47.52 -85.79 113.22
C THR E 417 -47.27 -84.68 112.20
N VAL E 418 -46.86 -85.04 110.98
CA VAL E 418 -46.71 -84.04 109.93
C VAL E 418 -48.04 -83.34 109.68
N LEU E 419 -49.11 -84.13 109.52
CA LEU E 419 -50.44 -83.54 109.30
C LEU E 419 -50.87 -82.66 110.48
N GLY E 420 -50.67 -83.16 111.70
CA GLY E 420 -51.06 -82.39 112.88
C GLY E 420 -50.27 -81.09 113.03
N VAL E 421 -48.96 -81.16 112.81
CA VAL E 421 -48.13 -79.95 112.88
C VAL E 421 -48.49 -79.00 111.75
N SER E 422 -48.95 -79.51 110.60
CA SER E 422 -49.42 -78.64 109.55
C SER E 422 -50.62 -77.83 110.02
N ILE E 423 -51.65 -78.53 110.52
CA ILE E 423 -52.84 -77.80 110.96
C ILE E 423 -52.55 -76.97 112.22
N LEU E 424 -51.47 -77.27 112.93
CA LEU E 424 -51.06 -76.43 114.05
C LEU E 424 -50.42 -75.13 113.55
N ASN E 425 -49.44 -75.24 112.66
CA ASN E 425 -48.78 -74.07 112.09
C ASN E 425 -49.71 -73.25 111.21
N LEU E 426 -50.88 -73.79 110.87
CA LEU E 426 -51.90 -73.03 110.14
C LEU E 426 -52.57 -71.95 111.00
N GLY E 427 -52.00 -71.63 112.16
CA GLY E 427 -52.57 -70.67 113.08
C GLY E 427 -51.70 -69.45 113.35
N GLN E 428 -50.78 -69.15 112.44
CA GLN E 428 -49.94 -67.98 112.61
C GLN E 428 -50.72 -66.71 112.27
N LYS E 429 -50.27 -65.58 112.83
CA LYS E 429 -50.97 -64.34 112.50
C LYS E 429 -50.80 -63.92 111.04
N ARG E 430 -50.18 -64.77 110.21
CA ARG E 430 -50.10 -64.55 108.78
C ARG E 430 -51.05 -65.47 108.01
N TYR E 431 -51.44 -66.59 108.59
CA TYR E 431 -52.43 -67.48 107.99
C TYR E 431 -53.79 -67.40 108.68
N THR E 432 -53.92 -66.64 109.77
CA THR E 432 -55.22 -66.40 110.38
C THR E 432 -55.85 -65.09 109.93
N LYS E 433 -55.03 -64.05 109.69
CA LYS E 433 -55.53 -62.73 109.31
C LYS E 433 -56.56 -62.22 110.32
N THR E 434 -56.43 -62.64 111.56
CA THR E 434 -57.38 -62.32 112.62
C THR E 434 -56.60 -62.01 113.89
N THR E 435 -57.31 -61.87 115.01
CA THR E 435 -56.67 -61.48 116.26
C THR E 435 -55.98 -62.66 116.94
N TYR E 436 -56.70 -63.77 117.12
CA TYR E 436 -56.15 -64.92 117.82
C TYR E 436 -55.12 -65.65 116.96
N TRP E 437 -54.12 -66.22 117.62
CA TRP E 437 -53.09 -66.99 116.93
C TRP E 437 -52.60 -68.07 117.88
N TRP E 438 -52.38 -69.27 117.35
CA TRP E 438 -52.01 -70.40 118.19
C TRP E 438 -50.70 -71.02 117.71
N ASP E 439 -50.15 -71.87 118.57
CA ASP E 439 -49.01 -72.70 118.23
C ASP E 439 -48.98 -73.87 119.20
N GLY E 440 -48.48 -75.00 118.73
CA GLY E 440 -48.46 -76.16 119.61
C GLY E 440 -47.57 -77.25 119.05
N LEU E 441 -47.47 -78.32 119.84
CA LEU E 441 -46.71 -79.50 119.47
C LEU E 441 -47.66 -80.68 119.25
N GLN E 442 -47.43 -81.42 118.19
CA GLN E 442 -48.31 -82.51 117.78
C GLN E 442 -47.57 -83.84 117.85
N SER E 443 -48.30 -84.88 118.23
CA SER E 443 -47.90 -86.27 118.09
C SER E 443 -48.99 -86.98 117.31
N SER E 444 -48.95 -88.31 117.29
CA SER E 444 -50.01 -89.08 116.66
C SER E 444 -51.38 -88.65 117.18
N ASP E 445 -51.58 -88.73 118.49
CA ASP E 445 -52.82 -88.34 119.14
C ASP E 445 -52.65 -87.28 120.21
N ASP E 446 -51.56 -87.33 120.98
CA ASP E 446 -51.33 -86.42 122.10
C ASP E 446 -50.70 -85.12 121.59
N PHE E 447 -51.51 -84.07 121.48
CA PHE E 447 -51.03 -82.75 121.14
C PHE E 447 -51.16 -81.81 122.34
N ALA E 448 -50.38 -80.75 122.32
CA ALA E 448 -50.48 -79.66 123.29
C ALA E 448 -50.57 -78.36 122.52
N LEU E 449 -51.46 -77.46 122.94
CA LEU E 449 -51.71 -76.23 122.20
C LEU E 449 -51.69 -75.03 123.13
N ILE E 450 -51.21 -73.90 122.60
CA ILE E 450 -51.29 -72.61 123.27
C ILE E 450 -51.91 -71.62 122.28
N VAL E 451 -53.06 -71.05 122.65
CA VAL E 451 -53.75 -70.07 121.83
C VAL E 451 -53.71 -68.72 122.56
N ASN E 452 -53.32 -67.67 121.84
CA ASN E 452 -53.30 -66.32 122.37
C ASN E 452 -54.35 -65.48 121.67
N ALA E 453 -55.14 -64.76 122.46
CA ALA E 453 -56.20 -63.90 121.97
C ALA E 453 -56.26 -62.66 122.84
N PRO E 454 -56.60 -61.50 122.27
CA PRO E 454 -56.55 -60.25 123.06
C PRO E 454 -57.53 -60.21 124.22
N ASN E 455 -58.62 -60.98 124.17
CA ASN E 455 -59.56 -61.04 125.28
C ASN E 455 -60.02 -62.47 125.46
N HIS E 456 -60.41 -62.81 126.69
CA HIS E 456 -60.80 -64.18 127.00
C HIS E 456 -62.13 -64.59 126.37
N GLU E 457 -62.81 -63.68 125.66
CA GLU E 457 -64.06 -63.99 124.99
C GLU E 457 -63.83 -64.55 123.58
N GLY E 458 -62.81 -64.07 122.89
CA GLY E 458 -62.51 -64.50 121.55
C GLY E 458 -61.61 -65.72 121.46
N ILE E 459 -61.08 -66.17 122.60
CA ILE E 459 -60.25 -67.38 122.60
C ILE E 459 -61.07 -68.58 122.16
N GLN E 460 -62.32 -68.65 122.59
CA GLN E 460 -63.19 -69.74 122.14
C GLN E 460 -63.39 -69.70 120.63
N ALA E 461 -63.33 -68.52 120.01
CA ALA E 461 -63.41 -68.46 118.54
C ALA E 461 -62.21 -69.14 117.90
N GLY E 462 -61.02 -68.92 118.45
CA GLY E 462 -59.85 -69.62 117.95
C GLY E 462 -59.92 -71.11 118.21
N VAL E 463 -60.43 -71.50 119.38
CA VAL E 463 -60.66 -72.91 119.68
C VAL E 463 -61.62 -73.52 118.67
N ASP E 464 -62.66 -72.77 118.30
CA ASP E 464 -63.61 -73.25 117.30
C ASP E 464 -62.95 -73.42 115.94
N ARG E 465 -62.11 -72.46 115.55
CA ARG E 465 -61.37 -72.60 114.29
C ARG E 465 -60.49 -73.84 114.31
N PHE E 466 -59.77 -74.05 115.41
CA PHE E 466 -58.90 -75.23 115.53
C PHE E 466 -59.71 -76.51 115.43
N TYR E 467 -60.80 -76.60 116.18
CA TYR E 467 -61.58 -77.83 116.23
C TYR E 467 -62.25 -78.11 114.88
N ARG E 468 -62.77 -77.06 114.22
CA ARG E 468 -63.40 -77.24 112.92
C ARG E 468 -62.38 -77.67 111.87
N THR E 469 -61.22 -77.00 111.81
CA THR E 469 -60.20 -77.40 110.85
C THR E 469 -59.69 -78.80 111.16
N CYS E 470 -59.66 -79.19 112.43
CA CYS E 470 -59.30 -80.55 112.79
C CYS E 470 -60.32 -81.54 112.23
N LYS E 471 -61.61 -81.24 112.41
CA LYS E 471 -62.65 -82.07 111.82
C LYS E 471 -62.52 -82.14 110.29
N LEU E 472 -62.02 -81.07 109.67
CA LEU E 472 -61.93 -81.05 108.21
C LEU E 472 -60.87 -81.99 107.67
N VAL E 473 -59.82 -82.26 108.44
CA VAL E 473 -58.78 -83.18 108.02
C VAL E 473 -58.90 -84.53 108.72
N GLY E 474 -60.02 -84.79 109.39
CA GLY E 474 -60.20 -86.04 110.09
C GLY E 474 -59.62 -86.08 111.49
N ILE E 475 -59.37 -84.92 112.10
CA ILE E 475 -58.81 -84.86 113.45
C ILE E 475 -60.02 -84.68 114.38
N ASN E 476 -60.54 -85.79 114.89
CA ASN E 476 -61.65 -85.73 115.83
C ASN E 476 -61.06 -85.56 117.22
N MET E 477 -61.11 -84.33 117.72
CA MET E 477 -60.53 -84.03 119.02
C MET E 477 -61.39 -84.63 120.13
N SER E 478 -60.75 -85.35 121.05
CA SER E 478 -61.48 -86.05 122.11
C SER E 478 -61.92 -85.04 123.15
N LYS E 479 -63.24 -84.87 123.27
CA LYS E 479 -63.78 -83.99 124.30
C LYS E 479 -63.66 -84.55 125.71
N LYS E 480 -63.30 -85.83 125.84
CA LYS E 480 -63.12 -86.41 127.17
C LYS E 480 -61.72 -86.12 127.70
N LYS E 481 -60.69 -86.61 127.00
CA LYS E 481 -59.30 -86.55 127.47
C LYS E 481 -58.64 -85.24 127.03
N SER E 482 -59.23 -84.12 127.45
CA SER E 482 -58.70 -82.81 127.10
C SER E 482 -59.13 -81.80 128.16
N TYR E 483 -58.22 -80.88 128.49
CA TYR E 483 -58.52 -79.87 129.49
C TYR E 483 -57.75 -78.58 129.19
N ILE E 484 -58.40 -77.45 129.47
CA ILE E 484 -57.87 -76.13 129.23
C ILE E 484 -57.48 -75.51 130.57
N ASN E 485 -56.49 -74.62 130.53
CA ASN E 485 -56.14 -73.79 131.67
C ASN E 485 -55.39 -72.57 131.13
N ARG E 486 -54.86 -71.76 132.03
CA ARG E 486 -54.05 -70.64 131.58
C ARG E 486 -52.61 -71.11 131.34
N THR E 487 -51.91 -70.37 130.49
CA THR E 487 -50.58 -70.78 130.05
C THR E 487 -49.59 -70.81 131.21
N GLY E 488 -48.90 -71.94 131.35
CA GLY E 488 -47.89 -72.09 132.38
C GLY E 488 -47.96 -73.45 133.07
N THR E 489 -48.91 -74.28 132.67
CA THR E 489 -49.12 -75.58 133.31
C THR E 489 -49.93 -76.46 132.38
N PHE E 490 -49.34 -77.58 131.95
CA PHE E 490 -50.03 -78.47 131.02
C PHE E 490 -49.29 -79.80 130.95
N GLU E 491 -49.77 -80.67 130.05
CA GLU E 491 -49.26 -82.01 129.83
C GLU E 491 -49.04 -82.25 128.35
N PHE E 492 -48.01 -83.04 128.04
CA PHE E 492 -47.70 -83.42 126.67
C PHE E 492 -47.05 -84.79 126.72
N THR E 493 -47.80 -85.82 126.30
CA THR E 493 -47.34 -87.21 126.29
C THR E 493 -46.70 -87.60 127.63
N SER E 494 -47.53 -87.53 128.67
CA SER E 494 -47.14 -87.84 130.05
C SER E 494 -46.01 -86.95 130.56
N PHE E 495 -45.70 -85.87 129.84
CA PHE E 495 -44.77 -84.86 130.31
C PHE E 495 -45.57 -83.76 131.01
N PHE E 496 -45.06 -83.29 132.14
CA PHE E 496 -45.79 -82.33 132.97
C PHE E 496 -44.99 -81.04 133.07
N TYR E 497 -45.67 -79.90 132.87
CA TYR E 497 -45.02 -78.59 132.94
C TYR E 497 -45.79 -77.72 133.91
N ARG E 498 -45.14 -77.33 135.00
CA ARG E 498 -45.59 -76.26 135.90
C ARG E 498 -44.32 -75.50 136.29
N TYR E 499 -43.95 -74.50 135.48
CA TYR E 499 -42.75 -73.69 135.72
C TYR E 499 -41.50 -74.54 135.89
N GLY E 500 -41.57 -75.82 135.52
CA GLY E 500 -40.54 -76.77 135.86
C GLY E 500 -40.74 -78.07 135.12
N PHE E 501 -39.94 -79.07 135.51
CA PHE E 501 -39.82 -80.28 134.71
C PHE E 501 -39.97 -81.54 135.54
N VAL E 502 -40.54 -82.57 134.91
CA VAL E 502 -40.50 -83.94 135.39
C VAL E 502 -40.73 -84.86 134.20
N ALA E 503 -39.86 -85.85 134.03
CA ALA E 503 -39.81 -86.66 132.80
C ALA E 503 -40.20 -88.10 133.02
N ASN E 504 -41.28 -88.35 133.76
CA ASN E 504 -41.71 -89.73 134.01
C ASN E 504 -42.60 -90.27 132.89
N PHE E 505 -42.13 -90.18 131.65
CA PHE E 505 -42.89 -90.74 130.54
C PHE E 505 -42.52 -92.20 130.29
N SER E 506 -41.25 -92.45 130.00
CA SER E 506 -40.73 -93.81 129.87
C SER E 506 -40.02 -94.25 131.14
N MET E 507 -40.57 -93.83 132.28
CA MET E 507 -39.97 -94.11 133.59
C MET E 507 -40.35 -95.51 134.06
N GLU E 508 -40.21 -96.48 133.16
CA GLU E 508 -40.38 -97.89 133.50
C GLU E 508 -38.98 -98.48 133.69
N LEU E 509 -38.39 -98.20 134.85
CA LEU E 509 -37.03 -98.62 135.18
C LEU E 509 -36.85 -100.11 134.88
N PRO E 510 -35.65 -100.55 134.48
CA PRO E 510 -35.53 -101.87 133.86
C PRO E 510 -35.66 -103.02 134.84
N SER E 511 -35.49 -104.24 134.33
CA SER E 511 -35.36 -105.42 135.19
C SER E 511 -34.06 -105.29 135.95
N PHE E 512 -34.15 -104.89 137.22
CA PHE E 512 -32.97 -104.60 138.02
C PHE E 512 -32.03 -105.79 138.13
N GLY E 513 -32.54 -107.01 138.02
CA GLY E 513 -31.74 -108.19 138.28
C GLY E 513 -30.65 -108.43 137.23
N VAL E 514 -30.00 -109.58 137.40
CA VAL E 514 -28.88 -109.94 136.54
C VAL E 514 -29.37 -110.36 135.15
N SER E 515 -28.52 -110.15 134.15
CA SER E 515 -28.78 -110.61 132.79
C SER E 515 -28.26 -112.02 132.52
N GLY E 516 -27.32 -112.51 133.32
CA GLY E 516 -26.94 -113.92 133.31
C GLY E 516 -26.05 -114.38 132.18
N ILE E 517 -24.90 -113.74 131.98
CA ILE E 517 -23.93 -114.20 130.99
C ILE E 517 -22.52 -114.37 131.54
N ASN E 518 -22.13 -113.69 132.61
CA ASN E 518 -20.76 -113.71 133.10
C ASN E 518 -20.73 -113.16 134.52
N GLU E 519 -19.55 -113.12 135.11
CA GLU E 519 -19.39 -112.55 136.44
C GLU E 519 -19.14 -111.06 136.38
N SER E 520 -18.21 -110.61 135.54
CA SER E 520 -17.93 -109.20 135.36
C SER E 520 -18.84 -108.55 134.32
N ALA E 521 -19.11 -109.26 133.22
CA ALA E 521 -19.94 -108.71 132.16
C ALA E 521 -21.35 -108.42 132.65
N ASP E 522 -21.91 -109.29 133.49
CA ASP E 522 -23.26 -109.06 133.98
C ASP E 522 -23.32 -107.85 134.90
N MET E 523 -22.32 -107.69 135.75
CA MET E 523 -22.24 -106.51 136.61
C MET E 523 -22.11 -105.25 135.78
N SER E 524 -21.27 -105.31 134.73
CA SER E 524 -21.13 -104.16 133.83
C SER E 524 -22.46 -103.85 133.15
N ILE E 525 -23.21 -104.87 132.75
CA ILE E 525 -24.52 -104.65 132.13
C ILE E 525 -25.44 -103.93 133.10
N GLY E 526 -25.50 -104.42 134.34
CA GLY E 526 -26.36 -103.80 135.33
C GLY E 526 -26.00 -102.34 135.57
N VAL E 527 -24.72 -102.06 135.83
CA VAL E 527 -24.33 -100.70 136.15
C VAL E 527 -24.44 -99.79 134.94
N THR E 528 -24.22 -100.31 133.73
CA THR E 528 -24.36 -99.50 132.52
C THR E 528 -25.81 -99.11 132.29
N VAL E 529 -26.74 -100.06 132.47
CA VAL E 529 -28.14 -99.73 132.30
C VAL E 529 -28.59 -98.75 133.40
N ILE E 530 -28.03 -98.89 134.60
CA ILE E 530 -28.31 -97.91 135.67
C ILE E 530 -27.86 -96.51 135.26
N LYS E 531 -26.65 -96.40 134.72
CA LYS E 531 -26.16 -95.08 134.30
C LYS E 531 -27.03 -94.51 133.18
N ASN E 532 -27.45 -95.37 132.24
CA ASN E 532 -28.29 -94.93 131.14
C ASN E 532 -29.61 -94.37 131.67
N ASN E 533 -30.28 -95.14 132.54
CA ASN E 533 -31.50 -94.64 133.16
C ASN E 533 -31.25 -93.46 134.09
N MET E 534 -30.01 -93.22 134.51
CA MET E 534 -29.79 -92.04 135.35
C MET E 534 -29.67 -90.77 134.51
N ILE E 535 -29.21 -90.88 133.27
CA ILE E 535 -29.11 -89.72 132.40
C ILE E 535 -30.22 -89.72 131.34
N ASN E 536 -30.57 -90.88 130.80
CA ASN E 536 -31.57 -90.92 129.73
C ASN E 536 -32.99 -90.89 130.28
N ASN E 537 -33.37 -91.92 131.05
CA ASN E 537 -34.70 -91.99 131.67
C ASN E 537 -34.60 -91.53 133.13
N ASP E 538 -34.39 -90.22 133.28
CA ASP E 538 -33.91 -89.59 134.51
C ASP E 538 -34.54 -90.17 135.77
N LEU E 539 -33.68 -90.57 136.70
CA LEU E 539 -34.05 -90.96 138.05
C LEU E 539 -33.19 -90.20 139.05
N GLY E 540 -33.68 -90.13 140.29
CA GLY E 540 -32.95 -89.46 141.33
C GLY E 540 -31.67 -90.20 141.70
N PRO E 541 -30.73 -89.50 142.34
CA PRO E 541 -29.47 -90.16 142.71
C PRO E 541 -29.61 -91.17 143.83
N ALA E 542 -30.42 -90.87 144.86
CA ALA E 542 -30.62 -91.83 145.93
C ALA E 542 -31.34 -93.08 145.44
N THR E 543 -32.29 -92.90 144.52
CA THR E 543 -32.93 -94.05 143.88
C THR E 543 -31.92 -94.87 143.10
N ALA E 544 -30.96 -94.21 142.45
CA ALA E 544 -29.89 -94.93 141.78
C ALA E 544 -29.06 -95.72 142.78
N GLN E 545 -28.79 -95.14 143.95
CA GLN E 545 -28.07 -95.87 145.00
C GLN E 545 -28.83 -97.11 145.43
N MET E 546 -30.14 -96.96 145.67
CA MET E 546 -30.95 -98.09 146.12
C MET E 546 -31.03 -99.17 145.06
N ALA E 547 -31.19 -98.78 143.79
CA ALA E 547 -31.25 -99.76 142.70
C ALA E 547 -29.91 -100.47 142.54
N LEU E 548 -28.80 -99.74 142.71
CA LEU E 548 -27.49 -100.35 142.62
C LEU E 548 -27.27 -101.38 143.72
N GLN E 549 -27.62 -101.04 144.96
CA GLN E 549 -27.41 -101.99 146.04
C GLN E 549 -28.39 -103.17 145.95
N LEU E 550 -29.59 -102.93 145.43
CA LEU E 550 -30.49 -104.04 145.15
C LEU E 550 -29.90 -104.98 144.10
N PHE E 551 -29.34 -104.41 143.03
CA PHE E 551 -28.68 -105.24 142.03
C PHE E 551 -27.48 -105.96 142.61
N ILE E 552 -26.78 -105.34 143.57
CA ILE E 552 -25.66 -106.02 144.21
C ILE E 552 -26.14 -107.22 145.00
N LYS E 553 -27.24 -107.07 145.74
CA LYS E 553 -27.87 -108.19 146.42
C LYS E 553 -28.22 -109.31 145.45
N ASP E 554 -28.89 -108.95 144.35
CA ASP E 554 -29.30 -109.95 143.36
C ASP E 554 -28.10 -110.62 142.71
N TYR E 555 -27.04 -109.85 142.46
CA TYR E 555 -25.83 -110.37 141.81
C TYR E 555 -25.03 -111.26 142.74
N ARG E 556 -25.10 -111.00 144.05
CA ARG E 556 -24.40 -111.84 145.01
C ARG E 556 -25.14 -113.15 145.26
N TYR E 557 -26.46 -113.09 145.46
CA TYR E 557 -27.18 -114.34 145.71
C TYR E 557 -27.52 -115.11 144.44
N THR E 558 -27.39 -114.49 143.26
CA THR E 558 -27.61 -115.21 142.01
C THR E 558 -26.42 -116.10 141.67
N TYR E 559 -25.21 -115.64 141.94
CA TYR E 559 -23.99 -116.36 141.61
C TYR E 559 -23.42 -117.11 142.80
N ARG E 560 -24.18 -117.20 143.89
CA ARG E 560 -23.76 -117.89 145.12
C ARG E 560 -22.42 -117.36 145.62
N CYS E 561 -22.19 -116.05 145.43
CA CYS E 561 -20.95 -115.40 145.86
C CYS E 561 -21.33 -114.14 146.61
N HIS E 562 -21.55 -114.27 147.91
CA HIS E 562 -21.95 -113.11 148.71
C HIS E 562 -20.73 -112.27 149.09
N ARG E 563 -19.86 -112.84 149.93
CA ARG E 563 -18.57 -112.26 150.29
C ARG E 563 -17.91 -113.21 151.27
N GLY E 564 -16.64 -112.94 151.57
CA GLY E 564 -15.93 -113.71 152.56
C GLY E 564 -15.92 -113.03 153.92
N ASP E 565 -16.83 -112.07 154.11
CA ASP E 565 -16.92 -111.34 155.37
C ASP E 565 -18.14 -111.72 156.22
N THR E 566 -19.17 -112.32 155.62
CA THR E 566 -20.35 -112.76 156.34
C THR E 566 -20.36 -114.28 156.44
N GLN E 567 -21.04 -114.79 157.47
CA GLN E 567 -21.03 -116.22 157.78
C GLN E 567 -21.93 -117.06 156.89
N ILE E 568 -22.81 -116.45 156.09
CA ILE E 568 -23.70 -117.22 155.24
C ILE E 568 -22.89 -118.05 154.26
N GLN E 569 -23.26 -119.32 154.10
CA GLN E 569 -22.46 -120.28 153.34
C GLN E 569 -23.31 -120.97 152.29
N THR E 570 -22.96 -120.77 151.03
CA THR E 570 -23.52 -121.51 149.91
C THR E 570 -22.64 -122.72 149.64
N ARG E 571 -22.83 -123.37 148.48
CA ARG E 571 -21.94 -124.47 148.09
C ARG E 571 -20.53 -123.97 147.73
N ARG E 572 -20.24 -122.69 147.95
CA ARG E 572 -19.03 -122.07 147.42
C ARG E 572 -18.26 -121.24 148.43
N SER E 573 -18.86 -120.87 149.58
CA SER E 573 -18.28 -119.84 150.44
C SER E 573 -16.94 -120.26 151.03
N PHE E 574 -16.65 -121.56 151.06
CA PHE E 574 -15.39 -122.05 151.60
C PHE E 574 -14.21 -121.52 150.79
N GLU E 575 -14.28 -121.67 149.47
CA GLU E 575 -13.22 -121.18 148.60
C GLU E 575 -13.08 -119.66 148.68
N LEU E 576 -14.22 -118.97 148.74
CA LEU E 576 -14.21 -117.51 148.84
C LEU E 576 -13.50 -117.06 150.12
N LYS E 577 -13.77 -117.73 151.23
CA LYS E 577 -13.16 -117.29 152.49
C LYS E 577 -11.70 -117.70 152.60
N LYS E 578 -11.31 -118.84 152.01
CA LYS E 578 -9.88 -119.15 151.95
C LYS E 578 -9.13 -118.12 151.12
N LEU E 579 -9.72 -117.70 149.99
CA LEU E 579 -9.13 -116.63 149.20
C LEU E 579 -9.05 -115.33 150.01
N TRP E 580 -10.13 -114.99 150.71
CA TRP E 580 -10.13 -113.79 151.55
C TRP E 580 -9.00 -113.83 152.57
N GLU E 581 -8.79 -114.98 153.21
CA GLU E 581 -7.74 -115.08 154.22
C GLU E 581 -6.37 -114.94 153.58
N GLN E 582 -6.18 -115.50 152.39
CA GLN E 582 -4.87 -115.45 151.75
C GLN E 582 -4.58 -114.13 151.04
N THR E 583 -5.52 -113.17 151.03
CA THR E 583 -5.34 -111.91 150.33
C THR E 583 -4.77 -110.85 151.26
N ARG E 584 -3.82 -110.07 150.75
CA ARG E 584 -3.17 -109.01 151.51
C ARG E 584 -3.92 -107.68 151.40
N SER E 585 -4.06 -107.16 150.19
CA SER E 585 -4.79 -105.93 149.94
C SER E 585 -6.23 -106.28 149.60
N LYS E 586 -7.14 -105.99 150.53
CA LYS E 586 -8.50 -106.53 150.44
C LYS E 586 -9.32 -105.88 149.33
N ALA E 587 -9.06 -104.60 149.03
CA ALA E 587 -9.95 -103.85 148.15
C ALA E 587 -9.92 -104.37 146.72
N GLY E 588 -8.81 -104.96 146.29
CA GLY E 588 -8.69 -105.39 144.91
C GLY E 588 -9.54 -106.57 144.51
N LEU E 589 -10.16 -107.26 145.47
CA LEU E 589 -10.92 -108.46 145.14
C LEU E 589 -12.21 -108.11 144.43
N LEU E 590 -12.49 -108.82 143.33
CA LEU E 590 -13.77 -108.65 142.65
C LEU E 590 -14.92 -109.08 143.55
N VAL E 591 -16.09 -108.49 143.29
CA VAL E 591 -17.28 -108.86 144.07
C VAL E 591 -17.69 -110.29 143.76
N SER E 592 -17.56 -110.71 142.50
CA SER E 592 -17.86 -112.10 142.14
C SER E 592 -16.97 -113.07 142.90
N ASP E 593 -15.77 -112.64 143.27
CA ASP E 593 -14.82 -113.47 144.02
C ASP E 593 -14.79 -113.10 145.49
N GLY E 594 -15.91 -112.64 146.04
CA GLY E 594 -16.02 -112.29 147.44
C GLY E 594 -15.27 -111.02 147.80
N GLY E 595 -15.60 -109.92 147.12
CA GLY E 595 -14.99 -108.64 147.39
C GLY E 595 -16.02 -107.60 147.77
N PRO E 596 -15.57 -106.49 148.35
CA PRO E 596 -16.52 -105.44 148.74
C PRO E 596 -17.02 -104.67 147.52
N ASN E 597 -18.27 -104.22 147.61
CA ASN E 597 -18.87 -103.42 146.56
C ASN E 597 -18.60 -101.95 146.87
N LEU E 598 -17.72 -101.32 146.09
CA LEU E 598 -17.41 -99.91 146.21
C LEU E 598 -17.90 -99.13 145.00
N TYR E 599 -18.78 -99.73 144.20
CA TYR E 599 -19.38 -99.04 143.06
C TYR E 599 -20.33 -97.95 143.55
N ASN E 600 -20.10 -96.72 143.14
CA ASN E 600 -21.01 -95.62 143.45
C ASN E 600 -21.10 -94.73 142.21
N ILE E 601 -21.83 -93.61 142.35
CA ILE E 601 -22.08 -92.71 141.23
C ILE E 601 -20.76 -92.20 140.63
N ARG E 602 -19.73 -92.03 141.46
CA ARG E 602 -18.47 -91.51 140.96
C ARG E 602 -17.83 -92.43 139.93
N ASN E 603 -18.04 -93.74 140.05
CA ASN E 603 -17.37 -94.72 139.19
C ASN E 603 -18.36 -95.74 138.66
N LEU E 604 -19.59 -95.30 138.35
CA LEU E 604 -20.56 -96.21 137.75
C LEU E 604 -20.24 -96.53 136.30
N HIS E 605 -19.29 -95.85 135.68
CA HIS E 605 -18.93 -96.08 134.29
C HIS E 605 -17.68 -96.93 134.13
N ILE E 606 -16.79 -96.94 135.12
CA ILE E 606 -15.57 -97.74 135.03
C ILE E 606 -15.91 -99.20 135.30
N PRO E 607 -15.40 -100.13 134.50
CA PRO E 607 -15.57 -101.56 134.83
C PRO E 607 -14.87 -101.91 136.14
N GLU E 608 -15.42 -102.92 136.81
CA GLU E 608 -14.95 -103.29 138.15
C GLU E 608 -13.46 -103.63 138.14
N VAL E 609 -13.00 -104.31 137.09
CA VAL E 609 -11.62 -104.81 137.06
C VAL E 609 -10.63 -103.66 137.13
N CYS E 610 -10.83 -102.64 136.28
CA CYS E 610 -9.86 -101.54 136.21
C CYS E 610 -9.85 -100.69 137.46
N LEU E 611 -11.01 -100.55 138.13
CA LEU E 611 -11.06 -99.76 139.35
C LEU E 611 -10.24 -100.42 140.47
N LYS E 612 -10.46 -101.71 140.70
CA LYS E 612 -9.72 -102.45 141.71
C LYS E 612 -8.33 -102.88 141.24
N TRP E 613 -7.98 -102.59 139.99
CA TRP E 613 -6.76 -103.13 139.41
C TRP E 613 -5.51 -102.68 140.17
N GLU E 614 -5.52 -101.46 140.70
CA GLU E 614 -4.38 -100.99 141.47
C GLU E 614 -4.30 -101.68 142.82
N LEU E 615 -5.44 -101.94 143.45
CA LEU E 615 -5.49 -102.44 144.82
C LEU E 615 -5.41 -103.95 144.93
N MET E 616 -5.32 -104.67 143.82
CA MET E 616 -5.16 -106.10 143.86
C MET E 616 -3.76 -106.47 144.35
N ASP E 617 -3.56 -107.75 144.62
CA ASP E 617 -2.23 -108.27 144.88
C ASP E 617 -1.63 -108.76 143.57
N GLU E 618 -0.30 -108.73 143.48
CA GLU E 618 0.34 -109.04 142.21
C GLU E 618 0.00 -110.46 141.77
N ASP E 619 0.07 -111.41 142.71
CA ASP E 619 -0.35 -112.78 142.40
C ASP E 619 -1.82 -112.83 142.01
N TYR E 620 -2.64 -112.01 142.65
CA TYR E 620 -4.06 -111.93 142.32
C TYR E 620 -4.25 -111.51 140.86
N GLN E 621 -3.54 -110.47 140.43
CA GLN E 621 -3.62 -110.03 139.04
C GLN E 621 -3.12 -111.12 138.10
N GLY E 622 -1.96 -111.69 138.41
CA GLY E 622 -1.38 -112.71 137.54
C GLY E 622 -2.25 -113.95 137.42
N ARG E 623 -3.07 -114.22 138.45
CA ARG E 623 -3.97 -115.37 138.41
C ARG E 623 -5.35 -115.03 137.85
N LEU E 624 -5.72 -113.75 137.81
CA LEU E 624 -7.06 -113.39 137.37
C LEU E 624 -7.09 -113.21 135.85
N CYS E 625 -6.18 -112.42 135.30
CA CYS E 625 -6.23 -112.02 133.90
C CYS E 625 -5.57 -113.04 132.98
N ASN E 626 -5.13 -114.18 133.51
CA ASN E 626 -4.46 -115.21 132.73
C ASN E 626 -5.38 -115.72 131.62
N PRO E 627 -5.03 -115.52 130.34
CA PRO E 627 -5.94 -115.92 129.26
C PRO E 627 -6.08 -117.43 129.08
N LEU E 628 -5.24 -118.23 129.72
CA LEU E 628 -5.40 -119.68 129.69
C LEU E 628 -6.44 -120.16 130.70
N HIS E 664 -18.35 -116.63 130.51
CA HIS E 664 -17.87 -117.96 130.18
C HIS E 664 -18.90 -118.71 129.35
N SER E 665 -18.66 -120.00 129.11
CA SER E 665 -19.53 -120.81 128.28
C SER E 665 -20.49 -121.61 129.15
N TRP E 666 -21.74 -121.73 128.69
CA TRP E 666 -22.82 -122.36 129.45
C TRP E 666 -23.51 -123.37 128.54
N ILE E 667 -23.15 -124.63 128.67
CA ILE E 667 -23.71 -125.69 127.83
C ILE E 667 -25.23 -125.77 128.07
N PRO E 668 -26.06 -125.45 127.07
CA PRO E 668 -27.52 -125.46 127.24
C PRO E 668 -28.11 -126.87 127.12
N LEU E 683 -40.34 -122.97 102.46
CA LEU E 683 -39.82 -123.03 103.82
C LEU E 683 -38.96 -124.26 104.03
N GLU E 684 -37.87 -124.13 104.77
CA GLU E 684 -37.04 -125.31 104.98
C GLU E 684 -36.36 -125.07 106.32
N ASP E 685 -35.23 -125.75 106.62
CA ASP E 685 -34.68 -125.76 107.99
C ASP E 685 -34.04 -124.40 108.36
N GLU E 686 -33.77 -124.23 109.65
CA GLU E 686 -32.98 -123.09 110.09
C GLU E 686 -31.48 -123.25 109.78
N GLN E 687 -31.02 -124.46 109.52
CA GLN E 687 -29.58 -124.71 109.46
C GLN E 687 -29.06 -124.39 108.07
N MET E 688 -29.70 -123.46 107.37
CA MET E 688 -29.32 -123.12 106.00
C MET E 688 -28.45 -121.87 105.95
N TYR E 689 -28.94 -120.74 106.46
CA TYR E 689 -28.21 -119.48 106.36
C TYR E 689 -27.14 -119.37 107.44
N GLN E 690 -27.56 -119.53 108.71
CA GLN E 690 -26.63 -119.31 109.81
C GLN E 690 -25.48 -120.31 109.80
N LYS E 691 -25.71 -121.51 109.28
CA LYS E 691 -24.63 -122.49 109.16
C LYS E 691 -23.55 -121.97 108.21
N CYS E 692 -23.96 -121.48 107.03
CA CYS E 692 -23.00 -120.92 106.09
C CYS E 692 -22.27 -119.73 106.71
N CYS E 693 -23.01 -118.86 107.40
CA CYS E 693 -22.39 -117.68 107.99
C CYS E 693 -21.38 -118.04 109.07
N ASN E 694 -21.69 -119.02 109.92
CA ASN E 694 -20.78 -119.40 111.00
C ASN E 694 -19.56 -120.13 110.45
N LEU E 695 -19.74 -120.98 109.44
CA LEU E 695 -18.57 -121.60 108.80
C LEU E 695 -17.69 -120.55 108.16
N PHE E 696 -18.31 -119.56 107.49
CA PHE E 696 -17.56 -118.45 106.92
C PHE E 696 -16.77 -117.70 107.99
N GLU E 697 -17.43 -117.40 109.12
CA GLU E 697 -16.77 -116.68 110.20
C GLU E 697 -15.58 -117.47 110.74
N LYS E 698 -15.71 -118.80 110.84
CA LYS E 698 -14.56 -119.61 111.22
C LYS E 698 -13.48 -119.57 110.15
N PHE E 699 -13.86 -119.38 108.88
CA PHE E 699 -12.86 -119.24 107.83
C PHE E 699 -12.24 -117.84 107.82
N PHE E 700 -13.06 -116.80 108.00
CA PHE E 700 -12.58 -115.42 108.05
C PHE E 700 -13.03 -114.76 109.34
N PRO E 701 -12.13 -114.47 110.27
CA PRO E 701 -12.54 -113.85 111.54
C PRO E 701 -13.12 -112.45 111.38
N SER E 702 -12.61 -111.67 110.43
CA SER E 702 -13.05 -110.29 110.26
C SER E 702 -14.56 -110.16 110.04
N SER E 703 -15.22 -111.24 109.61
CA SER E 703 -16.65 -111.21 109.39
C SER E 703 -17.44 -110.95 110.68
N SER E 704 -16.82 -111.16 111.85
CA SER E 704 -17.52 -110.92 113.10
C SER E 704 -17.39 -109.48 113.59
N TYR E 705 -16.53 -108.66 112.99
CA TYR E 705 -16.35 -107.27 113.37
C TYR E 705 -16.77 -106.32 112.26
N ARG E 706 -16.21 -106.49 111.06
CA ARG E 706 -16.50 -105.63 109.91
C ARG E 706 -17.20 -106.45 108.83
N ARG E 707 -18.22 -105.85 108.22
CA ARG E 707 -18.90 -106.48 107.10
C ARG E 707 -17.90 -106.74 105.97
N PRO E 708 -17.67 -107.99 105.58
CA PRO E 708 -16.62 -108.25 104.59
C PRO E 708 -16.98 -107.69 103.22
N VAL E 709 -15.95 -107.46 102.41
CA VAL E 709 -16.10 -106.89 101.08
C VAL E 709 -15.34 -107.74 100.09
N GLY E 710 -16.05 -108.17 99.03
CA GLY E 710 -15.45 -108.99 97.99
C GLY E 710 -16.48 -109.50 97.00
N ILE E 711 -16.14 -109.46 95.71
CA ILE E 711 -17.11 -109.86 94.69
C ILE E 711 -17.09 -111.36 94.42
N SER E 712 -16.04 -112.06 94.82
CA SER E 712 -15.98 -113.50 94.57
C SER E 712 -17.04 -114.22 95.39
N SER E 713 -17.39 -115.42 94.94
CA SER E 713 -18.34 -116.24 95.66
C SER E 713 -17.75 -116.69 96.99
N MET E 714 -18.63 -117.15 97.89
CA MET E 714 -18.19 -117.64 99.19
C MET E 714 -17.20 -118.79 99.01
N VAL E 715 -17.54 -119.75 98.14
CA VAL E 715 -16.69 -120.92 97.96
C VAL E 715 -15.36 -120.54 97.33
N GLU E 716 -15.38 -119.62 96.37
CA GLU E 716 -14.15 -119.25 95.68
C GLU E 716 -13.14 -118.64 96.64
N ALA E 717 -13.62 -117.89 97.63
CA ALA E 717 -12.74 -117.34 98.65
C ALA E 717 -12.34 -118.39 99.67
N MET E 718 -13.28 -119.23 100.10
CA MET E 718 -12.99 -120.21 101.14
C MET E 718 -11.98 -121.26 100.67
N VAL E 719 -12.09 -121.71 99.42
CA VAL E 719 -11.15 -122.72 98.92
C VAL E 719 -9.74 -122.15 98.88
N SER E 720 -9.61 -120.93 98.36
CA SER E 720 -8.31 -120.28 98.32
C SER E 720 -7.75 -120.09 99.72
N ARG E 721 -8.60 -119.69 100.67
CA ARG E 721 -8.16 -119.52 102.04
C ARG E 721 -7.67 -120.85 102.63
N ALA E 722 -8.40 -121.93 102.37
CA ALA E 722 -8.00 -123.24 102.87
C ALA E 722 -6.65 -123.65 102.31
N ARG E 723 -6.45 -123.47 101.00
CA ARG E 723 -5.18 -123.86 100.39
C ARG E 723 -4.03 -123.01 100.91
N ILE E 724 -4.24 -121.70 101.07
CA ILE E 724 -3.16 -120.84 101.58
C ILE E 724 -2.84 -121.20 103.03
N ASP E 725 -3.87 -121.46 103.85
CA ASP E 725 -3.63 -121.86 105.23
C ASP E 725 -2.86 -123.17 105.30
N ALA E 726 -3.22 -124.14 104.45
CA ALA E 726 -2.48 -125.39 104.38
C ALA E 726 -1.02 -125.12 104.02
N ARG E 727 -0.79 -124.30 102.99
CA ARG E 727 0.57 -123.97 102.59
C ARG E 727 1.37 -123.37 103.75
N ILE E 728 0.78 -122.40 104.45
CA ILE E 728 1.56 -121.64 105.43
C ILE E 728 1.84 -122.48 106.67
N ASP E 729 0.85 -123.24 107.16
CA ASP E 729 1.14 -124.07 108.32
C ASP E 729 1.81 -125.39 107.96
N PHE E 730 2.02 -125.66 106.66
CA PHE E 730 2.81 -126.80 106.22
C PHE E 730 4.28 -126.43 106.07
N GLU E 731 4.58 -125.31 105.43
CA GLU E 731 5.96 -124.97 105.11
C GLU E 731 6.75 -124.58 106.35
N SER E 732 6.37 -123.47 106.99
CA SER E 732 7.11 -123.03 108.17
C SER E 732 6.66 -123.77 109.42
N GLY E 733 5.36 -123.95 109.59
CA GLY E 733 4.84 -124.70 110.72
C GLY E 733 5.06 -126.18 110.56
N ARG E 734 4.27 -126.97 111.29
CA ARG E 734 4.36 -128.43 111.25
C ARG E 734 2.96 -128.98 111.05
N ILE E 735 2.76 -129.68 109.93
CA ILE E 735 1.50 -130.35 109.64
C ILE E 735 1.82 -131.56 108.76
N LYS E 736 0.96 -132.57 108.82
CA LYS E 736 1.23 -133.79 108.10
C LYS E 736 1.05 -133.56 106.59
N LYS E 737 2.04 -134.04 105.82
CA LYS E 737 1.99 -133.87 104.38
C LYS E 737 0.84 -134.66 103.74
N GLU E 738 0.52 -135.82 104.28
CA GLU E 738 -0.60 -136.60 103.74
C GLU E 738 -1.93 -135.90 104.01
N GLU E 739 -2.08 -135.32 105.20
CA GLU E 739 -3.26 -134.52 105.50
C GLU E 739 -3.33 -133.32 104.59
N PHE E 740 -2.19 -132.69 104.31
CA PHE E 740 -2.13 -131.58 103.35
C PHE E 740 -2.64 -132.01 101.98
N ALA E 741 -2.14 -133.16 101.49
CA ALA E 741 -2.53 -133.63 100.16
C ALA E 741 -4.02 -133.96 100.12
N GLU E 742 -4.55 -134.55 101.20
CA GLU E 742 -5.98 -134.88 101.20
C GLU E 742 -6.82 -133.61 101.31
N ILE E 743 -6.36 -132.62 102.08
CA ILE E 743 -7.05 -131.33 102.11
C ILE E 743 -7.16 -130.77 100.70
N MET E 744 -6.06 -130.78 99.95
CA MET E 744 -6.11 -130.18 98.62
C MET E 744 -6.90 -131.05 97.65
N LYS E 745 -6.93 -132.37 97.87
CA LYS E 745 -7.77 -133.23 97.03
C LYS E 745 -9.25 -132.98 97.28
N ILE E 746 -9.63 -132.75 98.54
CA ILE E 746 -11.03 -132.42 98.84
C ILE E 746 -11.36 -131.03 98.30
N CYS E 747 -10.39 -130.11 98.33
CA CYS E 747 -10.60 -128.80 97.74
C CYS E 747 -10.84 -128.89 96.23
N SER E 748 -10.07 -129.73 95.54
CA SER E 748 -10.32 -129.94 94.11
C SER E 748 -11.65 -130.65 93.87
N THR E 749 -12.06 -131.52 94.81
CA THR E 749 -13.41 -132.09 94.74
C THR E 749 -14.46 -130.99 94.80
N ILE E 750 -14.24 -129.99 95.67
CA ILE E 750 -15.13 -128.83 95.72
C ILE E 750 -15.09 -128.06 94.42
N GLU E 751 -13.89 -127.93 93.83
CA GLU E 751 -13.76 -127.27 92.53
C GLU E 751 -14.62 -127.94 91.47
N GLU E 752 -14.60 -129.27 91.42
CA GLU E 752 -15.45 -129.99 90.47
C GLU E 752 -16.92 -129.95 90.86
N LEU E 753 -17.23 -129.78 92.15
CA LEU E 753 -18.62 -129.76 92.59
C LEU E 753 -19.26 -128.38 92.38
N ARG E 754 -18.47 -127.31 92.41
CA ARG E 754 -18.97 -125.96 92.24
C ARG E 754 -19.34 -125.65 90.80
N ARG E 755 -19.11 -126.57 89.87
CA ARG E 755 -19.51 -126.37 88.48
C ARG E 755 -20.95 -126.76 88.22
N GLN E 756 -21.57 -127.51 89.13
CA GLN E 756 -22.97 -127.90 89.00
C GLN E 756 -23.82 -127.17 90.03
N MET F 1 -9.19 -129.40 109.76
CA MET F 1 -9.86 -130.19 108.73
C MET F 1 -11.37 -130.14 108.93
N GLU F 2 -11.80 -129.57 110.06
CA GLU F 2 -13.23 -129.45 110.32
C GLU F 2 -13.90 -128.59 109.26
N ARG F 3 -13.26 -127.48 108.90
CA ARG F 3 -13.83 -126.57 107.93
C ARG F 3 -14.04 -127.24 106.58
N ILE F 4 -13.02 -127.94 106.09
CA ILE F 4 -13.11 -128.55 104.77
C ILE F 4 -14.08 -129.72 104.76
N LYS F 5 -14.18 -130.47 105.86
CA LYS F 5 -15.14 -131.56 105.92
C LYS F 5 -16.57 -131.04 105.95
N GLU F 6 -16.82 -129.99 106.75
CA GLU F 6 -18.15 -129.38 106.76
C GLU F 6 -18.49 -128.80 105.40
N LEU F 7 -17.52 -128.14 104.75
CA LEU F 7 -17.73 -127.62 103.41
C LEU F 7 -18.11 -128.73 102.43
N ARG F 8 -17.38 -129.84 102.45
CA ARG F 8 -17.67 -130.92 101.51
C ARG F 8 -19.05 -131.51 101.76
N ASN F 9 -19.33 -131.94 102.99
CA ASN F 9 -20.63 -132.54 103.25
C ASN F 9 -21.77 -131.53 103.20
N LEU F 10 -21.47 -130.24 103.08
CA LEU F 10 -22.47 -129.20 102.91
C LEU F 10 -22.71 -128.83 101.46
N MET F 11 -21.68 -128.94 100.61
CA MET F 11 -21.75 -128.58 99.20
C MET F 11 -22.41 -129.64 98.34
N SER F 12 -22.76 -130.79 98.90
CA SER F 12 -23.46 -131.82 98.13
C SER F 12 -24.96 -131.55 98.08
N GLN F 13 -25.53 -131.00 99.14
CA GLN F 13 -26.95 -130.67 99.16
C GLN F 13 -27.24 -129.51 98.22
N SER F 14 -28.22 -129.69 97.34
CA SER F 14 -28.43 -128.76 96.24
C SER F 14 -28.90 -127.40 96.75
N ARG F 15 -29.90 -127.39 97.65
CA ARG F 15 -30.47 -126.14 98.14
C ARG F 15 -29.47 -125.32 98.94
N THR F 16 -28.35 -125.91 99.36
CA THR F 16 -27.25 -125.16 99.97
C THR F 16 -26.08 -124.95 99.02
N ARG F 17 -25.84 -125.88 98.09
CA ARG F 17 -24.81 -125.67 97.08
C ARG F 17 -25.10 -124.43 96.24
N GLU F 18 -26.37 -124.26 95.84
CA GLU F 18 -26.74 -123.09 95.05
C GLU F 18 -26.47 -121.79 95.82
N ILE F 19 -26.79 -121.78 97.11
CA ILE F 19 -26.65 -120.55 97.89
C ILE F 19 -25.18 -120.30 98.23
N LEU F 20 -24.37 -121.36 98.35
CA LEU F 20 -22.94 -121.15 98.52
C LEU F 20 -22.29 -120.66 97.24
N THR F 21 -22.88 -120.99 96.09
CA THR F 21 -22.33 -120.53 94.82
C THR F 21 -22.71 -119.09 94.52
N LYS F 22 -23.99 -118.75 94.61
CA LYS F 22 -24.45 -117.47 94.06
C LYS F 22 -24.06 -116.27 94.92
N THR F 23 -24.48 -116.25 96.17
CA THR F 23 -24.22 -115.09 97.02
C THR F 23 -22.72 -114.90 97.22
N THR F 24 -22.27 -113.65 97.11
CA THR F 24 -20.86 -113.30 97.19
C THR F 24 -20.51 -112.77 98.57
N VAL F 25 -19.22 -112.48 98.76
CA VAL F 25 -18.72 -112.02 100.06
C VAL F 25 -19.35 -110.68 100.43
N ASP F 26 -19.48 -109.77 99.45
CA ASP F 26 -20.11 -108.47 99.66
C ASP F 26 -21.46 -108.60 100.35
N HIS F 27 -22.11 -109.76 100.23
CA HIS F 27 -23.48 -109.96 100.69
C HIS F 27 -23.55 -110.69 102.02
N MET F 28 -22.42 -110.95 102.67
CA MET F 28 -22.45 -111.68 103.94
C MET F 28 -23.35 -110.99 104.94
N ALA F 29 -23.25 -109.67 105.05
CA ALA F 29 -24.08 -108.94 106.01
C ALA F 29 -25.56 -109.09 105.72
N ILE F 30 -25.93 -109.26 104.45
CA ILE F 30 -27.35 -109.41 104.12
C ILE F 30 -27.85 -110.82 104.40
N ILE F 31 -26.96 -111.79 104.61
CA ILE F 31 -27.37 -113.16 104.87
C ILE F 31 -27.13 -113.59 106.32
N LYS F 32 -26.37 -112.81 107.10
CA LYS F 32 -26.15 -113.16 108.49
C LYS F 32 -27.40 -112.98 109.35
N LYS F 33 -28.35 -112.17 108.90
CA LYS F 33 -29.55 -111.85 109.68
C LYS F 33 -30.74 -112.73 109.30
N TYR F 34 -30.50 -113.99 108.95
CA TYR F 34 -31.57 -114.94 108.63
C TYR F 34 -31.54 -116.04 109.68
N THR F 35 -32.24 -115.83 110.78
CA THR F 35 -32.25 -116.74 111.92
C THR F 35 -33.69 -117.09 112.28
N SER F 36 -33.86 -118.18 113.04
CA SER F 36 -35.17 -118.47 113.62
C SER F 36 -35.56 -117.38 114.61
N GLY F 37 -34.67 -117.07 115.54
CA GLY F 37 -34.86 -115.95 116.46
C GLY F 37 -35.97 -116.10 117.47
N ARG F 38 -35.92 -117.14 118.31
CA ARG F 38 -36.93 -117.33 119.35
C ARG F 38 -36.35 -117.64 120.73
N GLN F 39 -35.13 -118.16 120.82
CA GLN F 39 -34.56 -118.64 122.08
C GLN F 39 -34.06 -117.48 122.95
N GLU F 40 -35.00 -116.63 123.35
CA GLU F 40 -34.71 -115.48 124.20
C GLU F 40 -35.78 -115.34 125.27
N LYS F 41 -36.20 -116.47 125.85
CA LYS F 41 -37.31 -116.51 126.80
C LYS F 41 -36.77 -116.38 128.21
N ASN F 42 -36.66 -115.14 128.68
CA ASN F 42 -36.24 -114.76 130.03
C ASN F 42 -34.91 -115.37 130.43
N PRO F 43 -33.80 -114.87 129.88
CA PRO F 43 -32.48 -115.47 130.17
C PRO F 43 -32.10 -115.46 131.64
N SER F 44 -32.62 -114.52 132.43
CA SER F 44 -32.29 -114.47 133.86
C SER F 44 -32.78 -115.71 134.60
N LEU F 45 -33.96 -116.21 134.22
CA LEU F 45 -34.50 -117.38 134.91
C LEU F 45 -33.68 -118.62 134.60
N ARG F 46 -33.28 -118.79 133.33
CA ARG F 46 -32.37 -119.87 132.99
C ARG F 46 -31.04 -119.71 133.71
N MET F 47 -30.59 -118.45 133.88
CA MET F 47 -29.36 -118.21 134.62
C MET F 47 -29.46 -118.72 136.05
N LYS F 48 -30.58 -118.42 136.72
CA LYS F 48 -30.77 -118.87 138.09
C LYS F 48 -30.90 -120.39 138.16
N TRP F 49 -31.63 -121.00 137.22
CA TRP F 49 -31.78 -122.45 137.22
C TRP F 49 -30.47 -123.16 136.95
N MET F 50 -29.59 -122.58 136.12
CA MET F 50 -28.31 -123.20 135.87
C MET F 50 -27.36 -123.03 137.06
N MET F 51 -27.37 -121.84 137.68
CA MET F 51 -26.50 -121.62 138.83
C MET F 51 -26.90 -122.46 140.03
N ALA F 52 -28.21 -122.66 140.24
CA ALA F 52 -28.63 -123.53 141.32
C ALA F 52 -28.22 -124.98 141.07
N MET F 53 -28.10 -125.37 139.81
CA MET F 53 -27.64 -126.71 139.48
C MET F 53 -26.13 -126.84 139.69
N LYS F 54 -25.68 -128.09 139.82
CA LYS F 54 -24.27 -128.40 139.96
C LYS F 54 -23.58 -128.42 138.60
N TYR F 55 -22.48 -127.68 138.49
CA TYR F 55 -21.60 -127.56 137.32
C TYR F 55 -22.34 -127.08 136.08
N PRO F 56 -22.73 -125.81 136.01
CA PRO F 56 -23.37 -125.31 134.79
C PRO F 56 -22.35 -124.81 133.77
N ILE F 57 -21.15 -124.49 134.26
CA ILE F 57 -20.10 -123.91 133.43
C ILE F 57 -19.44 -125.02 132.62
N THR F 58 -19.23 -124.77 131.34
CA THR F 58 -18.45 -125.67 130.50
C THR F 58 -17.13 -124.99 130.17
N ALA F 59 -16.04 -125.68 130.46
CA ALA F 59 -14.69 -125.20 130.17
C ALA F 59 -14.06 -126.17 129.18
N ASP F 60 -12.78 -125.99 128.89
CA ASP F 60 -12.13 -126.86 127.94
C ASP F 60 -11.84 -128.21 128.59
N LYS F 61 -11.13 -129.08 127.87
CA LYS F 61 -10.82 -130.41 128.35
C LYS F 61 -9.37 -130.55 128.80
N ARG F 62 -8.56 -129.50 128.67
CA ARG F 62 -7.16 -129.54 129.07
C ARG F 62 -6.99 -129.31 130.56
N ILE F 63 -8.08 -129.15 131.31
CA ILE F 63 -8.02 -128.98 132.76
C ILE F 63 -7.62 -130.26 133.49
N THR F 64 -7.61 -131.39 132.79
CA THR F 64 -7.36 -132.68 133.45
C THR F 64 -6.03 -132.67 134.20
N GLU F 65 -5.00 -132.05 133.63
CA GLU F 65 -3.69 -131.98 134.25
C GLU F 65 -3.39 -130.61 134.84
N MET F 66 -4.37 -129.71 134.89
CA MET F 66 -4.17 -128.34 135.38
C MET F 66 -4.84 -128.11 136.72
N VAL F 67 -6.12 -128.44 136.86
CA VAL F 67 -6.81 -128.28 138.13
C VAL F 67 -7.08 -129.67 138.70
N PRO F 68 -7.16 -129.82 140.02
CA PRO F 68 -7.46 -131.13 140.59
C PRO F 68 -8.93 -131.48 140.44
N GLU F 69 -9.22 -132.78 140.57
CA GLU F 69 -10.60 -133.24 140.48
C GLU F 69 -11.40 -132.83 141.71
N ARG F 70 -10.89 -133.14 142.88
CA ARG F 70 -11.49 -132.73 144.14
C ARG F 70 -10.62 -131.66 144.80
N ASN F 71 -11.27 -130.65 145.37
CA ASN F 71 -10.57 -129.53 145.96
C ASN F 71 -10.01 -129.92 147.32
N GLU F 72 -9.58 -128.94 148.11
CA GLU F 72 -9.06 -129.19 149.44
C GLU F 72 -10.10 -129.74 150.40
N GLN F 73 -11.36 -129.85 149.99
CA GLN F 73 -12.43 -130.36 150.86
C GLN F 73 -13.30 -131.38 150.15
N GLY F 74 -12.78 -132.01 149.10
CA GLY F 74 -13.51 -133.07 148.42
C GLY F 74 -14.74 -132.63 147.66
N GLN F 75 -14.76 -131.40 147.17
CA GLN F 75 -15.89 -130.90 146.40
C GLN F 75 -15.66 -131.22 144.94
N THR F 76 -16.67 -131.79 144.29
CA THR F 76 -16.56 -132.19 142.90
C THR F 76 -16.72 -130.99 141.97
N LEU F 77 -15.90 -130.95 140.92
CA LEU F 77 -15.97 -129.88 139.94
C LEU F 77 -15.74 -130.38 138.50
N TRP F 78 -15.97 -131.66 138.24
CA TRP F 78 -15.75 -132.25 136.92
C TRP F 78 -16.94 -133.03 136.39
N SER F 79 -16.74 -133.75 135.30
CA SER F 79 -17.74 -134.61 134.69
C SER F 79 -17.11 -135.55 133.67
N VAL F 89 -17.85 -131.36 129.23
CA VAL F 89 -17.20 -131.29 130.53
C VAL F 89 -17.71 -130.10 131.34
N MET F 90 -18.71 -130.36 132.18
CA MET F 90 -19.28 -129.31 133.01
C MET F 90 -18.35 -128.99 134.18
N VAL F 91 -18.51 -127.79 134.72
CA VAL F 91 -17.62 -127.28 135.76
C VAL F 91 -18.42 -126.40 136.72
N SER F 92 -18.18 -126.57 138.02
CA SER F 92 -18.80 -125.75 139.04
C SER F 92 -18.05 -124.42 139.18
N PRO F 93 -18.75 -123.34 139.51
CA PRO F 93 -18.07 -122.04 139.66
C PRO F 93 -16.99 -122.04 140.72
N LEU F 94 -17.04 -122.96 141.68
CA LEU F 94 -15.96 -123.04 142.66
C LEU F 94 -14.64 -123.38 141.99
N ALA F 95 -14.68 -124.10 140.86
CA ALA F 95 -13.45 -124.33 140.12
C ALA F 95 -12.86 -123.02 139.62
N VAL F 96 -13.71 -122.11 139.12
CA VAL F 96 -13.27 -120.78 138.73
C VAL F 96 -12.64 -120.08 139.94
N THR F 97 -13.36 -120.05 141.06
CA THR F 97 -12.87 -119.34 142.24
C THR F 97 -11.56 -119.95 142.77
N TRP F 98 -11.38 -121.26 142.59
CA TRP F 98 -10.12 -121.89 142.96
C TRP F 98 -9.00 -121.42 142.05
N TRP F 99 -9.19 -121.58 140.73
CA TRP F 99 -8.21 -121.07 139.79
C TRP F 99 -7.99 -119.58 140.00
N ASN F 100 -9.00 -118.88 140.51
CA ASN F 100 -8.86 -117.48 140.88
C ASN F 100 -8.03 -117.30 142.13
N ARG F 101 -7.85 -118.36 142.94
CA ARG F 101 -7.17 -118.22 144.22
C ARG F 101 -5.68 -118.51 144.11
N ASN F 102 -5.32 -119.73 143.74
CA ASN F 102 -3.91 -120.10 143.56
C ASN F 102 -3.79 -121.07 142.38
N GLY F 103 -3.38 -120.54 141.24
CA GLY F 103 -3.17 -121.35 140.06
C GLY F 103 -1.94 -120.92 139.29
N PRO F 104 -2.00 -120.98 137.95
CA PRO F 104 -0.86 -120.62 137.10
C PRO F 104 -0.62 -119.12 136.98
N MET F 105 0.08 -118.58 137.97
CA MET F 105 0.49 -117.18 137.93
C MET F 105 1.41 -116.92 136.73
N THR F 106 1.06 -115.90 135.94
CA THR F 106 1.86 -115.49 134.80
C THR F 106 1.96 -113.97 134.82
N SER F 107 2.95 -113.46 134.09
CA SER F 107 3.19 -112.02 133.98
C SER F 107 2.29 -111.33 132.95
N THR F 108 1.15 -111.94 132.58
CA THR F 108 0.22 -111.34 131.61
C THR F 108 -0.44 -110.05 132.15
N VAL F 109 0.03 -109.63 133.32
CA VAL F 109 -0.32 -108.37 133.96
C VAL F 109 0.11 -107.22 133.05
N HIS F 110 0.76 -107.57 131.93
CA HIS F 110 0.97 -106.65 130.81
C HIS F 110 -0.33 -106.07 130.26
N TYR F 111 -1.49 -106.57 130.71
CA TYR F 111 -2.83 -106.16 130.27
C TYR F 111 -2.98 -104.69 129.89
N PRO F 112 -2.56 -103.70 130.75
CA PRO F 112 -2.92 -102.31 130.47
C PRO F 112 -2.26 -101.72 129.24
N LYS F 113 -2.42 -102.38 128.10
CA LYS F 113 -1.98 -101.82 126.82
C LYS F 113 -3.16 -101.85 125.85
N VAL F 114 -4.03 -102.84 126.00
CA VAL F 114 -5.26 -102.90 125.21
C VAL F 114 -6.41 -102.16 125.89
N TYR F 115 -6.42 -102.09 127.23
CA TYR F 115 -7.47 -101.42 127.98
C TYR F 115 -7.09 -99.99 128.38
N LYS F 116 -6.17 -99.34 127.66
CA LYS F 116 -5.71 -98.01 128.04
C LYS F 116 -6.87 -97.02 128.15
N THR F 117 -7.91 -97.20 127.32
CA THR F 117 -9.05 -96.30 127.36
C THR F 117 -9.76 -96.30 128.70
N TYR F 118 -9.53 -97.32 129.53
CA TYR F 118 -10.13 -97.39 130.86
C TYR F 118 -9.19 -96.85 131.93
N PHE F 119 -7.90 -97.17 131.86
CA PHE F 119 -6.94 -96.63 132.82
C PHE F 119 -6.83 -95.11 132.67
N GLU F 120 -7.10 -94.58 131.48
CA GLU F 120 -7.20 -93.13 131.33
C GLU F 120 -8.31 -92.58 132.22
N LYS F 121 -9.49 -93.20 132.17
CA LYS F 121 -10.59 -92.77 133.04
C LYS F 121 -10.24 -92.95 134.51
N VAL F 122 -9.56 -94.04 134.84
CA VAL F 122 -9.15 -94.29 136.22
C VAL F 122 -8.25 -93.15 136.72
N GLU F 123 -7.25 -92.78 135.92
CA GLU F 123 -6.36 -91.70 136.32
C GLU F 123 -7.07 -90.35 136.35
N ARG F 124 -8.03 -90.14 135.44
CA ARG F 124 -8.82 -88.90 135.50
C ARG F 124 -9.63 -88.83 136.78
N LEU F 125 -10.09 -89.98 137.27
CA LEU F 125 -10.82 -90.02 138.53
C LEU F 125 -9.88 -89.87 139.73
N LYS F 126 -8.62 -90.32 139.58
CA LYS F 126 -7.67 -90.24 140.67
C LYS F 126 -7.48 -88.81 141.14
N HIS F 127 -6.98 -87.94 140.26
CA HIS F 127 -6.80 -86.53 140.56
C HIS F 127 -8.00 -85.70 140.13
N GLY F 128 -9.18 -86.31 140.04
CA GLY F 128 -10.35 -85.59 139.59
C GLY F 128 -10.95 -84.72 140.67
N THR F 129 -10.28 -83.61 140.98
CA THR F 129 -10.75 -82.69 142.01
C THR F 129 -12.15 -82.21 141.70
N PHE F 130 -12.99 -82.16 142.73
CA PHE F 130 -14.39 -81.81 142.59
C PHE F 130 -14.63 -80.36 142.98
N GLY F 131 -15.91 -79.97 142.99
CA GLY F 131 -16.32 -78.64 143.35
C GLY F 131 -17.67 -78.67 144.01
N PRO F 132 -18.27 -77.51 144.23
CA PRO F 132 -19.56 -77.46 144.92
C PRO F 132 -20.71 -77.90 144.02
N VAL F 133 -21.81 -78.27 144.67
CA VAL F 133 -23.04 -78.64 143.98
C VAL F 133 -23.90 -77.39 143.97
N HIS F 134 -23.76 -76.62 142.89
CA HIS F 134 -24.56 -75.41 142.70
C HIS F 134 -25.93 -75.83 142.16
N PHE F 135 -26.84 -76.08 143.09
CA PHE F 135 -28.21 -76.39 142.73
C PHE F 135 -28.85 -75.19 142.04
N ARG F 136 -29.72 -75.49 141.07
CA ARG F 136 -30.41 -74.46 140.31
C ARG F 136 -31.49 -75.15 139.49
N ASN F 137 -32.47 -74.37 139.04
CA ASN F 137 -33.45 -74.95 138.15
C ASN F 137 -32.75 -75.12 136.81
N GLN F 138 -32.05 -76.24 136.64
CA GLN F 138 -31.20 -76.43 135.49
C GLN F 138 -32.01 -76.62 134.22
N VAL F 139 -31.69 -75.85 133.19
CA VAL F 139 -32.34 -75.93 131.90
C VAL F 139 -31.37 -76.60 130.94
N LYS F 140 -31.90 -77.51 130.12
CA LYS F 140 -31.09 -78.34 129.26
C LYS F 140 -30.56 -77.54 128.07
N ILE F 141 -29.26 -77.66 127.81
CA ILE F 141 -28.63 -77.05 126.64
C ILE F 141 -28.44 -78.15 125.61
N ARG F 142 -29.19 -78.09 124.52
CA ARG F 142 -29.11 -79.09 123.46
C ARG F 142 -27.85 -78.84 122.64
N ARG F 143 -26.77 -79.54 122.98
CA ARG F 143 -25.50 -79.37 122.28
C ARG F 143 -25.21 -80.60 121.43
N ARG F 144 -24.17 -80.48 120.61
CA ARG F 144 -23.69 -81.58 119.77
C ARG F 144 -22.25 -81.87 120.18
N VAL F 145 -22.02 -83.01 120.82
CA VAL F 145 -20.73 -83.32 121.41
C VAL F 145 -20.31 -84.75 121.06
N ASP F 146 -19.03 -85.02 121.26
CA ASP F 146 -18.45 -86.33 121.00
C ASP F 146 -18.38 -87.14 122.30
N ILE F 147 -18.63 -88.44 122.20
CA ILE F 147 -18.54 -89.31 123.36
C ILE F 147 -17.55 -90.45 123.10
N ASN F 148 -16.26 -90.14 123.21
CA ASN F 148 -15.17 -91.11 123.16
C ASN F 148 -13.91 -90.40 123.64
N PRO F 149 -13.16 -90.97 124.59
CA PRO F 149 -11.97 -90.27 125.10
C PRO F 149 -10.68 -90.66 124.38
N GLY F 150 -9.86 -89.64 124.14
CA GLY F 150 -8.50 -89.80 123.67
C GLY F 150 -8.32 -90.67 122.45
N HIS F 151 -8.79 -90.22 121.29
CA HIS F 151 -8.69 -90.99 120.06
C HIS F 151 -7.92 -90.27 118.97
N ALA F 152 -7.29 -89.14 119.28
CA ALA F 152 -6.48 -88.37 118.34
C ALA F 152 -7.28 -87.89 117.13
N ASP F 153 -8.61 -87.88 117.26
CA ASP F 153 -9.52 -87.35 116.24
C ASP F 153 -9.30 -88.05 114.89
N LEU F 154 -9.56 -89.36 114.90
CA LEU F 154 -9.43 -90.19 113.71
C LEU F 154 -10.81 -90.74 113.36
N SER F 155 -11.18 -90.65 112.09
CA SER F 155 -12.50 -91.09 111.67
C SER F 155 -12.59 -92.61 111.67
N ALA F 156 -13.83 -93.10 111.72
CA ALA F 156 -14.07 -94.54 111.81
C ALA F 156 -13.58 -95.25 110.55
N LYS F 157 -13.69 -94.58 109.40
CA LYS F 157 -13.32 -95.19 108.13
C LYS F 157 -11.83 -95.49 108.07
N GLU F 158 -10.99 -94.48 108.34
CA GLU F 158 -9.55 -94.69 108.36
C GLU F 158 -9.07 -95.46 109.59
N ALA F 159 -9.91 -95.58 110.62
CA ALA F 159 -9.52 -96.30 111.84
C ALA F 159 -9.79 -97.80 111.78
N GLN F 160 -10.94 -98.22 111.25
CA GLN F 160 -11.22 -99.66 111.21
C GLN F 160 -10.32 -100.38 110.22
N ASP F 161 -9.80 -99.69 109.20
CA ASP F 161 -8.78 -100.27 108.35
C ASP F 161 -7.51 -100.57 109.13
N VAL F 162 -7.08 -99.63 109.98
CA VAL F 162 -5.93 -99.87 110.85
C VAL F 162 -6.21 -101.01 111.81
N ILE F 163 -7.46 -101.10 112.30
CA ILE F 163 -7.84 -102.22 113.17
C ILE F 163 -7.64 -103.55 112.44
N MET F 164 -8.26 -103.67 111.26
CA MET F 164 -8.13 -104.88 110.45
C MET F 164 -6.66 -105.22 110.20
N GLU F 165 -5.83 -104.21 109.95
CA GLU F 165 -4.42 -104.47 109.70
C GLU F 165 -3.70 -104.96 110.96
N VAL F 166 -3.98 -104.34 112.10
CA VAL F 166 -3.17 -104.62 113.28
C VAL F 166 -3.59 -105.89 114.02
N VAL F 167 -4.83 -106.35 113.88
CA VAL F 167 -5.27 -107.52 114.65
C VAL F 167 -5.31 -108.78 113.78
N PHE F 168 -5.73 -108.69 112.53
CA PHE F 168 -5.62 -109.78 111.56
C PHE F 168 -5.10 -109.23 110.24
N PRO F 169 -3.79 -109.02 110.13
CA PRO F 169 -3.24 -108.40 108.91
C PRO F 169 -3.41 -109.22 107.65
N ASN F 170 -3.50 -110.55 107.77
CA ASN F 170 -3.58 -111.40 106.59
C ASN F 170 -4.89 -111.26 105.83
N GLU F 171 -5.85 -110.48 106.32
CA GLU F 171 -7.09 -110.20 105.59
C GLU F 171 -7.39 -108.71 105.62
N VAL F 172 -6.35 -107.88 105.49
CA VAL F 172 -6.53 -106.44 105.46
C VAL F 172 -7.27 -106.01 104.20
N GLY F 173 -7.86 -104.83 104.26
CA GLY F 173 -8.54 -104.28 103.11
C GLY F 173 -7.62 -104.10 101.91
N ALA F 174 -8.24 -103.77 100.78
CA ALA F 174 -7.56 -103.70 99.49
C ALA F 174 -6.87 -102.36 99.25
N ARG F 175 -7.02 -101.39 100.15
CA ARG F 175 -6.35 -100.11 99.99
C ARG F 175 -4.86 -100.29 100.29
N ILE F 176 -4.04 -100.10 99.27
CA ILE F 176 -2.63 -100.45 99.31
C ILE F 176 -1.82 -99.21 98.95
N LEU F 177 -2.37 -98.03 99.28
CA LEU F 177 -1.74 -96.76 98.96
C LEU F 177 -0.84 -96.24 100.08
N THR F 178 -0.26 -97.14 100.87
CA THR F 178 0.68 -96.79 101.95
C THR F 178 0.07 -95.82 102.96
N LEU F 183 -0.04 -93.96 110.38
CA LEU F 183 0.65 -95.18 109.96
C LEU F 183 1.76 -95.51 110.96
N THR F 184 2.02 -94.56 111.87
CA THR F 184 2.95 -94.79 112.97
C THR F 184 2.26 -95.47 114.14
N ILE F 185 0.99 -95.15 114.37
CA ILE F 185 0.19 -95.88 115.35
C ILE F 185 0.18 -97.37 115.02
N THR F 186 0.14 -97.70 113.73
CA THR F 186 0.23 -99.09 113.31
C THR F 186 1.54 -99.71 113.79
N LYS F 187 2.65 -99.00 113.61
CA LYS F 187 3.94 -99.52 114.06
C LYS F 187 3.95 -99.74 115.57
N GLU F 188 3.48 -98.74 116.34
CA GLU F 188 3.48 -98.85 117.79
C GLU F 188 2.65 -100.04 118.25
N LYS F 189 1.42 -100.17 117.72
CA LYS F 189 0.53 -101.22 118.19
C LYS F 189 0.97 -102.59 117.73
N LYS F 190 1.40 -102.72 116.47
CA LYS F 190 1.91 -104.00 115.98
C LYS F 190 3.17 -104.42 116.72
N GLU F 191 3.93 -103.46 117.26
CA GLU F 191 5.14 -103.80 117.99
C GLU F 191 4.85 -104.21 119.43
N GLU F 192 4.02 -103.43 120.14
CA GLU F 192 3.91 -103.61 121.58
C GLU F 192 3.05 -104.81 121.97
N LEU F 193 2.02 -105.14 121.20
CA LEU F 193 1.18 -106.30 121.48
C LEU F 193 1.42 -107.40 120.44
N GLN F 194 2.68 -107.58 120.05
CA GLN F 194 3.02 -108.51 118.97
C GLN F 194 2.62 -109.94 119.32
N ASP F 195 3.24 -110.50 120.35
CA ASP F 195 3.04 -111.91 120.69
C ASP F 195 2.06 -112.11 121.84
N CYS F 196 1.48 -111.03 122.37
CA CYS F 196 0.62 -111.10 123.55
C CYS F 196 -0.85 -111.02 123.17
N LYS F 197 -1.28 -111.93 122.30
CA LYS F 197 -2.70 -111.97 121.91
C LYS F 197 -3.56 -112.44 123.08
N ILE F 198 -4.72 -111.81 123.24
CA ILE F 198 -5.63 -112.12 124.34
C ILE F 198 -6.94 -112.67 123.81
N SER F 199 -7.68 -111.83 123.06
CA SER F 199 -8.95 -112.21 122.46
C SER F 199 -9.20 -111.34 121.24
N PRO F 200 -8.92 -111.84 120.04
CA PRO F 200 -8.96 -111.00 118.82
C PRO F 200 -10.17 -110.09 118.71
N LEU F 201 -11.37 -110.64 118.89
CA LEU F 201 -12.58 -109.85 118.74
C LEU F 201 -12.70 -108.81 119.85
N MET F 202 -12.39 -109.20 121.09
CA MET F 202 -12.47 -108.24 122.19
C MET F 202 -11.39 -107.18 122.07
N VAL F 203 -10.19 -107.55 121.61
CA VAL F 203 -9.14 -106.56 121.37
C VAL F 203 -9.57 -105.56 120.30
N ALA F 204 -10.16 -106.06 119.21
CA ALA F 204 -10.63 -105.16 118.15
C ALA F 204 -11.74 -104.25 118.65
N TYR F 205 -12.65 -104.79 119.46
CA TYR F 205 -13.72 -103.96 120.04
C TYR F 205 -13.13 -102.89 120.94
N MET F 206 -12.12 -103.24 121.73
CA MET F 206 -11.51 -102.28 122.65
C MET F 206 -10.79 -101.18 121.86
N LEU F 207 -10.16 -101.55 120.74
CA LEU F 207 -9.51 -100.53 119.92
C LEU F 207 -10.52 -99.68 119.18
N GLU F 208 -11.68 -100.25 118.83
CA GLU F 208 -12.75 -99.44 118.26
C GLU F 208 -13.31 -98.47 119.29
N ARG F 209 -13.25 -98.82 120.57
CA ARG F 209 -13.68 -97.88 121.60
C ARG F 209 -12.60 -96.85 121.92
N GLU F 210 -11.32 -97.20 121.74
CA GLU F 210 -10.26 -96.24 122.05
C GLU F 210 -10.03 -95.24 120.93
N LEU F 211 -10.01 -95.71 119.67
CA LEU F 211 -9.54 -94.89 118.57
C LEU F 211 -10.63 -94.24 117.74
N VAL F 212 -11.86 -94.75 117.80
CA VAL F 212 -12.94 -94.24 116.95
C VAL F 212 -13.64 -93.09 117.66
N ARG F 213 -13.81 -91.97 116.96
CA ARG F 213 -14.60 -90.87 117.46
C ARG F 213 -16.09 -91.20 117.34
N LYS F 214 -16.91 -90.46 118.09
CA LYS F 214 -18.36 -90.55 117.93
C LYS F 214 -18.96 -89.26 118.43
N THR F 215 -19.58 -88.50 117.53
CA THR F 215 -20.22 -87.23 117.86
C THR F 215 -21.72 -87.33 117.56
N ARG F 216 -22.54 -87.05 118.57
CA ARG F 216 -23.98 -86.98 118.36
C ARG F 216 -24.55 -85.87 119.24
N PHE F 217 -25.86 -85.69 119.14
CA PHE F 217 -26.57 -84.58 119.79
C PHE F 217 -27.06 -85.04 121.17
N LEU F 218 -26.65 -84.32 122.20
CA LEU F 218 -26.97 -84.66 123.58
C LEU F 218 -27.39 -83.41 124.35
N PRO F 219 -28.24 -83.56 125.37
CA PRO F 219 -28.51 -82.44 126.28
C PRO F 219 -27.46 -82.35 127.38
N VAL F 220 -26.68 -81.27 127.35
CA VAL F 220 -25.60 -81.04 128.29
C VAL F 220 -25.85 -79.67 128.94
N ALA F 221 -25.12 -79.41 130.02
CA ALA F 221 -25.26 -78.15 130.75
C ALA F 221 -23.90 -77.56 131.09
N GLY F 222 -22.95 -77.62 130.16
CA GLY F 222 -21.66 -76.99 130.36
C GLY F 222 -20.45 -77.81 129.98
N GLY F 223 -20.65 -79.09 129.68
CA GLY F 223 -19.54 -79.96 129.32
C GLY F 223 -19.24 -79.95 127.83
N THR F 224 -17.99 -79.60 127.49
CA THR F 224 -17.56 -79.54 126.10
C THR F 224 -16.67 -80.72 125.72
N SER F 225 -15.62 -80.97 126.49
CA SER F 225 -14.64 -81.99 126.16
C SER F 225 -15.26 -83.39 126.22
N SER F 226 -14.49 -84.39 125.80
CA SER F 226 -14.97 -85.76 125.87
C SER F 226 -15.02 -86.27 127.31
N VAL F 227 -14.07 -85.84 128.14
CA VAL F 227 -14.04 -86.28 129.53
C VAL F 227 -15.19 -85.66 130.32
N TYR F 228 -15.65 -84.47 129.92
CA TYR F 228 -16.75 -83.82 130.61
C TYR F 228 -18.10 -84.44 130.31
N ILE F 229 -18.17 -85.38 129.36
CA ILE F 229 -19.43 -85.99 128.96
C ILE F 229 -19.56 -87.41 129.50
N GLU F 230 -18.46 -88.17 129.55
CA GLU F 230 -18.51 -89.53 130.06
C GLU F 230 -18.89 -89.59 131.53
N VAL F 231 -18.85 -88.46 132.25
CA VAL F 231 -19.17 -88.43 133.67
C VAL F 231 -20.41 -87.58 133.87
N LEU F 232 -21.29 -87.55 132.85
CA LEU F 232 -22.44 -86.67 132.89
C LEU F 232 -23.41 -87.05 134.00
N HIS F 233 -23.42 -88.30 134.43
CA HIS F 233 -24.31 -88.71 135.51
C HIS F 233 -23.90 -88.11 136.85
N LEU F 234 -22.63 -87.75 137.01
CA LEU F 234 -22.17 -87.06 138.21
C LEU F 234 -22.32 -85.55 138.07
N THR F 235 -22.04 -85.03 136.88
CA THR F 235 -22.09 -83.58 136.67
C THR F 235 -23.53 -83.11 136.53
N GLN F 236 -24.28 -83.70 135.60
CA GLN F 236 -25.62 -83.24 135.25
C GLN F 236 -26.68 -84.15 135.85
N GLY F 237 -27.81 -83.55 136.20
CA GLY F 237 -28.97 -84.31 136.64
C GLY F 237 -30.26 -83.63 136.27
N THR F 238 -31.34 -83.95 136.99
CA THR F 238 -32.63 -83.34 136.69
C THR F 238 -32.63 -81.85 137.05
N CYS F 239 -32.26 -81.52 138.28
CA CYS F 239 -32.27 -80.12 138.72
C CYS F 239 -31.05 -79.78 139.56
N TRP F 240 -29.93 -80.46 139.33
CA TRP F 240 -28.69 -80.17 140.05
C TRP F 240 -27.53 -80.19 139.06
N GLU F 241 -26.37 -79.80 139.57
CA GLU F 241 -25.17 -79.72 138.74
C GLU F 241 -23.96 -79.71 139.66
N GLN F 242 -22.89 -80.38 139.23
CA GLN F 242 -21.68 -80.52 140.02
C GLN F 242 -20.46 -80.16 139.18
N MET F 243 -19.74 -79.11 139.59
CA MET F 243 -18.50 -78.72 138.94
C MET F 243 -17.44 -79.77 139.25
N TYR F 244 -17.02 -80.52 138.23
CA TYR F 244 -16.09 -81.63 138.41
C TYR F 244 -14.92 -81.43 137.45
N THR F 245 -13.72 -81.40 138.00
CA THR F 245 -12.52 -81.17 137.21
C THR F 245 -11.78 -82.50 137.04
N PRO F 246 -11.71 -83.03 135.81
CA PRO F 246 -11.09 -84.35 135.62
C PRO F 246 -9.58 -84.31 135.74
N GLY F 247 -9.03 -85.43 136.22
CA GLY F 247 -7.60 -85.58 136.46
C GLY F 247 -6.72 -85.08 135.33
N GLY F 248 -7.16 -85.24 134.08
CA GLY F 248 -6.32 -84.85 132.97
C GLY F 248 -7.15 -84.49 131.76
N GLU F 249 -6.47 -84.33 130.64
CA GLU F 249 -7.11 -83.91 129.40
C GLU F 249 -6.84 -84.90 128.28
N VAL F 250 -7.65 -84.78 127.23
CA VAL F 250 -7.63 -85.68 126.07
C VAL F 250 -7.24 -84.84 124.86
N ARG F 251 -7.19 -85.46 123.68
CA ARG F 251 -6.80 -84.73 122.49
C ARG F 251 -7.97 -83.98 121.85
N ASN F 252 -9.18 -84.52 121.91
CA ASN F 252 -10.27 -83.91 121.16
C ASN F 252 -10.79 -82.63 121.79
N ASP F 253 -10.22 -82.17 122.90
CA ASP F 253 -10.52 -80.85 123.42
C ASP F 253 -9.33 -79.91 123.36
N ASP F 254 -8.14 -80.40 122.94
CA ASP F 254 -7.01 -79.51 122.74
C ASP F 254 -6.24 -79.82 121.47
N VAL F 255 -6.83 -80.59 120.55
CA VAL F 255 -6.30 -80.75 119.20
C VAL F 255 -7.11 -79.92 118.21
N ASP F 256 -8.44 -80.02 118.28
CA ASP F 256 -9.27 -79.20 117.41
C ASP F 256 -9.17 -77.73 117.77
N GLN F 257 -8.85 -77.40 119.03
CA GLN F 257 -8.58 -76.01 119.35
C GLN F 257 -7.31 -75.53 118.67
N SER F 258 -6.31 -76.41 118.58
CA SER F 258 -5.09 -76.10 117.86
C SER F 258 -5.36 -75.95 116.37
N LEU F 259 -6.21 -76.83 115.81
CA LEU F 259 -6.60 -76.70 114.41
C LEU F 259 -7.36 -75.39 114.17
N ILE F 260 -8.22 -75.00 115.12
CA ILE F 260 -8.93 -73.73 114.99
C ILE F 260 -7.96 -72.56 114.99
N ILE F 261 -6.99 -72.58 115.91
CA ILE F 261 -5.99 -71.51 115.96
C ILE F 261 -5.20 -71.47 114.66
N ALA F 262 -4.84 -72.64 114.12
CA ALA F 262 -4.13 -72.72 112.86
C ALA F 262 -4.96 -72.12 111.73
N ALA F 263 -6.25 -72.43 111.68
CA ALA F 263 -7.11 -71.90 110.64
C ALA F 263 -7.27 -70.39 110.78
N ARG F 264 -7.39 -69.90 112.02
CA ARG F 264 -7.46 -68.46 112.26
C ARG F 264 -6.22 -67.76 111.73
N ASN F 265 -5.04 -68.26 112.08
CA ASN F 265 -3.81 -67.63 111.61
C ASN F 265 -3.68 -67.72 110.08
N ILE F 266 -4.06 -68.87 109.51
CA ILE F 266 -3.96 -69.05 108.07
C ILE F 266 -4.87 -68.09 107.34
N VAL F 267 -6.10 -67.90 107.83
CA VAL F 267 -7.03 -66.97 107.18
C VAL F 267 -6.55 -65.54 107.36
N ARG F 268 -6.06 -65.20 108.56
CA ARG F 268 -5.56 -63.85 108.80
C ARG F 268 -4.38 -63.51 107.90
N ARG F 269 -3.56 -64.51 107.55
CA ARG F 269 -2.45 -64.26 106.65
C ARG F 269 -2.89 -64.27 105.19
N ALA F 270 -3.81 -65.16 104.81
CA ALA F 270 -4.25 -65.29 103.43
C ALA F 270 -5.15 -64.14 102.99
N ALA F 271 -5.82 -63.46 103.92
CA ALA F 271 -6.66 -62.34 103.55
C ALA F 271 -5.85 -61.22 102.91
N VAL F 272 -4.57 -61.12 103.23
CA VAL F 272 -3.72 -60.09 102.66
C VAL F 272 -3.23 -60.47 101.26
N SER F 273 -3.19 -61.75 100.94
CA SER F 273 -2.71 -62.20 99.64
C SER F 273 -3.56 -61.63 98.51
N ALA F 274 -2.91 -61.37 97.37
CA ALA F 274 -3.62 -60.90 96.19
C ALA F 274 -4.56 -61.96 95.65
N ASP F 275 -4.11 -63.22 95.64
CA ASP F 275 -4.97 -64.35 95.30
C ASP F 275 -5.21 -65.17 96.56
N PRO F 276 -6.19 -64.78 97.39
CA PRO F 276 -6.38 -65.50 98.66
C PRO F 276 -6.75 -66.96 98.50
N LEU F 277 -7.54 -67.32 97.48
CA LEU F 277 -8.00 -68.69 97.35
C LEU F 277 -6.84 -69.65 97.06
N ALA F 278 -6.04 -69.32 96.04
CA ALA F 278 -4.94 -70.20 95.65
C ALA F 278 -3.88 -70.25 96.75
N SER F 279 -3.57 -69.11 97.36
CA SER F 279 -2.60 -69.09 98.45
C SER F 279 -3.09 -69.93 99.63
N LEU F 280 -4.38 -69.79 99.98
CA LEU F 280 -4.93 -70.56 101.09
C LEU F 280 -4.92 -72.05 100.78
N LEU F 281 -5.20 -72.43 99.53
CA LEU F 281 -5.17 -73.84 99.16
C LEU F 281 -3.75 -74.40 99.24
N GLU F 282 -2.77 -73.64 98.75
CA GLU F 282 -1.39 -74.08 98.84
C GLU F 282 -0.92 -74.15 100.29
N MET F 283 -1.48 -73.31 101.17
CA MET F 283 -1.13 -73.38 102.58
C MET F 283 -1.76 -74.59 103.25
N CYS F 284 -3.06 -74.79 103.03
CA CYS F 284 -3.75 -75.93 103.64
C CYS F 284 -3.19 -77.26 103.17
N HIS F 285 -2.76 -77.33 101.90
CA HIS F 285 -2.13 -78.55 101.41
C HIS F 285 -0.76 -78.76 102.03
N SER F 286 -0.03 -77.67 102.27
CA SER F 286 1.35 -77.74 102.76
C SER F 286 1.44 -77.55 104.28
N THR F 287 0.41 -77.92 105.01
CA THR F 287 0.40 -77.81 106.47
C THR F 287 0.19 -79.19 107.07
N GLN F 288 1.02 -79.55 108.03
CA GLN F 288 0.89 -80.81 108.76
C GLN F 288 0.59 -80.49 110.22
N ILE F 289 -0.33 -81.27 110.81
CA ILE F 289 -0.66 -81.16 112.23
C ILE F 289 -0.44 -82.52 112.87
N GLY F 290 0.50 -82.57 113.81
CA GLY F 290 0.90 -83.78 114.49
C GLY F 290 0.94 -85.05 113.68
N GLY F 291 1.86 -85.15 112.72
CA GLY F 291 2.00 -86.37 111.94
C GLY F 291 0.92 -86.65 110.94
N THR F 292 0.04 -85.69 110.64
CA THR F 292 -1.11 -85.94 109.78
C THR F 292 -1.20 -84.84 108.72
N ARG F 293 -2.23 -84.93 107.88
CA ARG F 293 -2.49 -83.94 106.84
C ARG F 293 -3.77 -83.20 107.17
N MET F 294 -3.75 -81.89 106.92
CA MET F 294 -4.89 -81.04 107.30
C MET F 294 -6.11 -81.32 106.43
N VAL F 295 -5.89 -81.64 105.15
CA VAL F 295 -7.01 -81.83 104.23
C VAL F 295 -7.86 -83.03 104.65
N ASP F 296 -7.23 -84.14 105.02
CA ASP F 296 -8.00 -85.31 105.45
C ASP F 296 -8.70 -85.05 106.77
N ILE F 297 -8.05 -84.32 107.68
CA ILE F 297 -8.70 -83.96 108.93
C ILE F 297 -9.97 -83.16 108.66
N LEU F 298 -9.85 -82.11 107.83
CA LEU F 298 -11.02 -81.33 107.46
C LEU F 298 -12.08 -82.17 106.78
N ARG F 299 -11.66 -83.17 106.00
CA ARG F 299 -12.63 -84.06 105.37
C ARG F 299 -13.34 -84.93 106.40
N GLN F 300 -12.71 -85.21 107.53
CA GLN F 300 -13.28 -86.11 108.53
C GLN F 300 -13.49 -85.48 109.90
N ASN F 301 -13.06 -84.24 110.13
CA ASN F 301 -13.26 -83.68 111.48
C ASN F 301 -14.56 -82.88 111.51
N PRO F 302 -15.47 -83.16 112.46
CA PRO F 302 -16.71 -82.37 112.60
C PRO F 302 -16.57 -81.22 113.58
N THR F 303 -15.63 -80.31 113.31
CA THR F 303 -15.43 -79.11 114.10
C THR F 303 -16.12 -77.92 113.46
N GLU F 304 -16.77 -77.09 114.28
CA GLU F 304 -17.56 -75.96 113.82
C GLU F 304 -16.82 -74.68 114.18
N GLU F 305 -16.24 -74.01 113.18
CA GLU F 305 -15.62 -72.71 113.39
C GLU F 305 -15.54 -71.98 112.06
N GLN F 306 -15.67 -70.64 112.14
CA GLN F 306 -15.73 -69.80 110.95
C GLN F 306 -14.56 -70.05 110.01
N ALA F 307 -13.32 -69.91 110.53
CA ALA F 307 -12.15 -70.16 109.70
C ALA F 307 -12.08 -71.62 109.25
N VAL F 308 -12.45 -72.53 110.14
CA VAL F 308 -12.46 -73.96 109.79
C VAL F 308 -13.47 -74.22 108.70
N ASP F 309 -14.66 -73.62 108.80
CA ASP F 309 -15.67 -73.79 107.75
C ASP F 309 -15.24 -73.16 106.44
N ILE F 310 -14.49 -72.05 106.50
CA ILE F 310 -13.97 -71.46 105.26
C ILE F 310 -12.97 -72.39 104.59
N CYS F 311 -12.09 -73.01 105.37
CA CYS F 311 -11.17 -73.99 104.79
C CYS F 311 -11.93 -75.17 104.18
N LYS F 312 -12.96 -75.64 104.90
CA LYS F 312 -13.83 -76.70 104.37
C LYS F 312 -14.41 -76.30 103.03
N ALA F 313 -14.90 -75.05 102.93
CA ALA F 313 -15.42 -74.55 101.68
C ALA F 313 -14.33 -74.49 100.62
N ALA F 314 -13.09 -74.21 101.04
CA ALA F 314 -11.97 -74.18 100.13
C ALA F 314 -11.70 -75.56 99.53
N MET F 315 -12.10 -76.63 100.21
CA MET F 315 -11.89 -77.95 99.62
C MET F 315 -13.19 -78.59 99.14
N GLY F 316 -14.22 -77.78 98.90
CA GLY F 316 -15.46 -78.27 98.29
C GLY F 316 -16.26 -79.24 99.13
N LEU F 317 -16.31 -79.02 100.44
CA LEU F 317 -17.09 -79.85 101.35
C LEU F 317 -18.34 -79.10 101.79
N ARG F 318 -19.43 -79.84 101.96
CA ARG F 318 -20.66 -79.23 102.46
C ARG F 318 -20.50 -78.83 103.92
N ILE F 319 -21.01 -77.64 104.25
CA ILE F 319 -21.00 -77.13 105.62
C ILE F 319 -22.38 -76.55 105.92
N SER F 320 -22.53 -76.06 107.15
CA SER F 320 -23.85 -75.69 107.63
C SER F 320 -24.39 -74.46 106.90
N SER F 321 -25.68 -74.21 107.13
CA SER F 321 -26.37 -73.00 106.69
C SER F 321 -26.01 -71.77 107.52
N SER F 322 -24.92 -71.84 108.30
CA SER F 322 -24.49 -70.77 109.19
C SER F 322 -24.63 -69.38 108.58
N PHE F 323 -25.59 -68.61 109.07
CA PHE F 323 -25.76 -67.21 108.75
C PHE F 323 -24.91 -66.37 109.70
N SER F 324 -23.61 -66.68 109.76
CA SER F 324 -22.75 -66.14 110.80
C SER F 324 -22.58 -64.63 110.69
N PHE F 325 -22.68 -63.95 111.83
CA PHE F 325 -22.44 -62.51 111.90
C PHE F 325 -22.00 -62.14 113.31
N GLY F 326 -20.88 -61.42 113.40
CA GLY F 326 -20.33 -61.02 114.68
C GLY F 326 -19.88 -62.16 115.54
N GLY F 327 -19.43 -63.25 114.93
CA GLY F 327 -19.06 -64.45 115.66
C GLY F 327 -20.21 -65.33 116.07
N PHE F 328 -21.44 -64.92 115.78
CA PHE F 328 -22.64 -65.67 116.15
C PHE F 328 -23.14 -66.43 114.93
N THR F 329 -23.27 -67.75 115.06
CA THR F 329 -23.79 -68.59 114.00
C THR F 329 -25.31 -68.64 114.10
N PHE F 330 -25.98 -68.30 113.00
CA PHE F 330 -27.44 -68.20 112.97
C PHE F 330 -28.04 -69.40 112.26
N LYS F 331 -29.29 -69.72 112.64
CA LYS F 331 -30.04 -70.79 111.99
C LYS F 331 -31.45 -70.30 111.71
N ARG F 332 -31.91 -70.49 110.46
CA ARG F 332 -33.23 -70.07 110.03
C ARG F 332 -34.29 -71.11 110.37
N THR F 333 -35.42 -70.64 110.89
CA THR F 333 -36.58 -71.49 111.14
C THR F 333 -37.65 -71.36 110.05
N SER F 334 -37.94 -70.13 109.62
CA SER F 334 -38.91 -69.90 108.55
C SER F 334 -38.79 -68.46 108.08
N GLY F 335 -39.34 -68.20 106.89
CA GLY F 335 -39.41 -66.88 106.31
C GLY F 335 -38.31 -66.62 105.29
N SER F 336 -38.64 -65.84 104.26
CA SER F 336 -37.69 -65.46 103.22
C SER F 336 -37.36 -63.97 103.34
N SER F 337 -36.53 -63.49 102.41
CA SER F 337 -36.08 -62.10 102.45
C SER F 337 -35.57 -61.70 101.07
N ILE F 338 -35.41 -60.38 100.89
CA ILE F 338 -34.86 -59.80 99.68
C ILE F 338 -34.05 -58.57 100.09
N LYS F 339 -32.88 -58.38 99.44
CA LYS F 339 -31.93 -57.36 99.87
C LYS F 339 -32.55 -55.97 99.87
N ARG F 340 -33.06 -55.52 98.73
CA ARG F 340 -33.78 -54.25 98.64
C ARG F 340 -32.93 -53.10 99.21
N GLU F 341 -31.84 -52.82 98.49
CA GLU F 341 -30.89 -51.81 98.92
C GLU F 341 -31.59 -50.48 99.23
N GLU F 342 -31.03 -49.77 100.21
CA GLU F 342 -31.60 -48.51 100.67
C GLU F 342 -30.50 -47.66 101.30
N GLU F 343 -30.62 -46.35 101.15
CA GLU F 343 -29.68 -45.41 101.73
C GLU F 343 -30.20 -44.89 103.06
N LEU F 344 -29.28 -44.64 103.98
CA LEU F 344 -29.63 -44.11 105.29
C LEU F 344 -28.53 -43.19 105.78
N LEU F 345 -28.90 -42.25 106.64
CA LEU F 345 -27.98 -41.25 107.18
C LEU F 345 -27.62 -41.59 108.62
N THR F 346 -26.36 -41.38 108.97
CA THR F 346 -25.84 -41.71 110.28
C THR F 346 -25.81 -40.46 111.18
N GLY F 347 -25.32 -40.65 112.39
CA GLY F 347 -25.04 -39.58 113.32
C GLY F 347 -23.74 -38.85 113.05
N ASN F 348 -23.02 -39.26 112.01
CA ASN F 348 -21.77 -38.63 111.59
C ASN F 348 -21.85 -38.15 110.14
N LEU F 349 -23.07 -37.85 109.68
CA LEU F 349 -23.29 -37.25 108.37
C LEU F 349 -22.70 -38.12 107.26
N GLN F 350 -23.20 -39.36 107.18
CA GLN F 350 -22.65 -40.32 106.22
C GLN F 350 -23.79 -41.15 105.62
N THR F 351 -23.90 -41.11 104.29
CA THR F 351 -24.89 -41.91 103.59
C THR F 351 -24.37 -43.33 103.44
N LEU F 352 -25.26 -44.31 103.62
CA LEU F 352 -24.88 -45.71 103.49
C LEU F 352 -26.01 -46.48 102.82
N LYS F 353 -25.70 -47.08 101.66
CA LYS F 353 -26.60 -48.04 101.04
C LYS F 353 -26.37 -49.42 101.64
N ILE F 354 -27.46 -50.15 101.85
CA ILE F 354 -27.44 -51.40 102.61
C ILE F 354 -28.52 -52.32 102.08
N ARG F 355 -28.35 -53.62 102.34
CA ARG F 355 -29.27 -54.67 101.88
C ARG F 355 -30.26 -54.98 103.01
N VAL F 356 -31.42 -54.33 102.93
CA VAL F 356 -32.45 -54.39 103.96
C VAL F 356 -33.18 -55.73 103.88
N HIS F 357 -33.02 -56.57 104.89
CA HIS F 357 -33.71 -57.85 104.95
C HIS F 357 -35.20 -57.62 105.20
N ASP F 358 -36.01 -57.79 104.16
CA ASP F 358 -37.45 -57.63 104.26
C ASP F 358 -38.13 -58.97 104.60
N GLY F 359 -39.39 -58.87 105.00
CA GLY F 359 -40.18 -60.03 105.37
C GLY F 359 -40.08 -60.39 106.84
N TYR F 360 -40.82 -61.43 107.20
CA TYR F 360 -40.86 -61.94 108.56
C TYR F 360 -40.02 -63.20 108.66
N GLU F 361 -39.18 -63.27 109.68
CA GLU F 361 -38.22 -64.35 109.83
C GLU F 361 -38.05 -64.71 111.30
N GLU F 362 -37.59 -65.93 111.53
CA GLU F 362 -37.34 -66.46 112.87
C GLU F 362 -35.98 -67.14 112.85
N PHE F 363 -35.11 -66.76 113.78
CA PHE F 363 -33.73 -67.22 113.79
C PHE F 363 -33.34 -67.66 115.20
N THR F 364 -32.32 -68.52 115.24
CA THR F 364 -31.70 -68.92 116.49
C THR F 364 -30.21 -68.63 116.35
N MET F 365 -29.68 -67.74 117.19
CA MET F 365 -28.28 -67.35 117.11
C MET F 365 -27.52 -67.94 118.29
N VAL F 366 -26.50 -68.74 117.99
CA VAL F 366 -25.60 -69.32 118.97
C VAL F 366 -24.31 -68.51 118.92
N GLY F 367 -23.83 -68.09 120.10
CA GLY F 367 -22.64 -67.28 120.19
C GLY F 367 -21.52 -68.01 120.89
N LYS F 368 -20.41 -67.26 121.07
CA LYS F 368 -19.24 -67.83 121.74
C LYS F 368 -19.55 -68.19 123.18
N ARG F 369 -20.07 -67.23 123.94
CA ARG F 369 -20.31 -67.40 125.37
C ARG F 369 -21.73 -67.06 125.77
N ALA F 370 -22.64 -66.90 124.80
CA ALA F 370 -24.03 -66.56 125.05
C ALA F 370 -24.85 -67.01 123.85
N THR F 371 -26.14 -67.27 124.08
CA THR F 371 -27.02 -67.70 123.01
C THR F 371 -28.35 -66.98 123.11
N ALA F 372 -29.12 -67.00 122.03
CA ALA F 372 -30.39 -66.30 122.01
C ALA F 372 -31.25 -66.80 120.86
N ILE F 373 -32.56 -66.57 121.00
CA ILE F 373 -33.55 -66.86 119.98
C ILE F 373 -34.22 -65.56 119.59
N LEU F 374 -34.29 -65.28 118.29
CA LEU F 374 -34.76 -64.01 117.76
C LEU F 374 -35.94 -64.24 116.82
N ARG F 375 -36.92 -63.35 116.90
CA ARG F 375 -38.01 -63.25 115.96
C ARG F 375 -38.00 -61.84 115.40
N LYS F 376 -37.82 -61.72 114.08
CA LYS F 376 -37.49 -60.46 113.44
C LYS F 376 -38.46 -60.18 112.30
N ALA F 377 -38.96 -58.95 112.23
CA ALA F 377 -39.79 -58.50 111.13
C ALA F 377 -38.95 -57.67 110.17
N THR F 378 -39.61 -57.16 109.13
CA THR F 378 -38.95 -56.33 108.13
C THR F 378 -38.58 -54.98 108.76
N ARG F 379 -37.27 -54.72 108.86
CA ARG F 379 -36.76 -53.48 109.45
C ARG F 379 -37.25 -53.27 110.87
N ARG F 380 -37.57 -54.35 111.58
CA ARG F 380 -38.09 -54.24 112.94
C ARG F 380 -37.75 -55.50 113.73
N LEU F 381 -37.18 -55.31 114.91
CA LEU F 381 -36.89 -56.42 115.81
C LEU F 381 -38.11 -56.64 116.69
N VAL F 382 -38.71 -57.83 116.59
CA VAL F 382 -39.94 -58.12 117.31
C VAL F 382 -39.61 -58.63 118.71
N GLN F 383 -38.89 -59.75 118.79
CA GLN F 383 -38.67 -60.39 120.07
C GLN F 383 -37.29 -61.02 120.10
N LEU F 384 -36.69 -61.05 121.29
CA LEU F 384 -35.35 -61.60 121.46
C LEU F 384 -35.18 -62.10 122.89
N ILE F 385 -34.92 -63.39 123.02
CA ILE F 385 -34.73 -64.04 124.33
C ILE F 385 -33.29 -64.51 124.42
N VAL F 386 -32.55 -63.96 125.39
CA VAL F 386 -31.11 -64.19 125.48
C VAL F 386 -30.76 -64.84 126.82
N SER F 387 -29.70 -65.66 126.80
CA SER F 387 -29.10 -66.17 128.02
C SER F 387 -27.62 -66.40 127.76
N GLY F 388 -26.78 -65.90 128.66
CA GLY F 388 -25.35 -66.08 128.50
C GLY F 388 -24.62 -66.40 129.78
N ARG F 389 -23.29 -66.40 129.74
CA ARG F 389 -22.47 -66.72 130.90
C ARG F 389 -21.92 -65.47 131.56
N ASP F 390 -21.21 -64.62 130.82
CA ASP F 390 -20.67 -63.39 131.37
C ASP F 390 -21.64 -62.24 131.15
N GLU F 391 -21.58 -61.25 132.04
CA GLU F 391 -22.36 -60.04 131.86
C GLU F 391 -21.97 -59.32 130.57
N GLN F 392 -20.66 -59.19 130.34
CA GLN F 392 -20.20 -58.58 129.11
C GLN F 392 -20.52 -59.45 127.90
N SER F 393 -20.64 -60.76 128.10
CA SER F 393 -21.00 -61.65 127.00
C SER F 393 -22.45 -61.42 126.55
N VAL F 394 -23.38 -61.33 127.51
CA VAL F 394 -24.76 -61.02 127.13
C VAL F 394 -24.84 -59.59 126.59
N ALA F 395 -23.96 -58.70 127.05
CA ALA F 395 -23.89 -57.37 126.46
C ALA F 395 -23.49 -57.43 124.99
N GLU F 396 -22.46 -58.21 124.68
CA GLU F 396 -22.02 -58.37 123.29
C GLU F 396 -23.11 -58.99 122.43
N ALA F 397 -23.81 -59.99 122.97
CA ALA F 397 -24.91 -60.61 122.25
C ALA F 397 -26.01 -59.60 121.96
N ILE F 398 -26.34 -58.76 122.93
CA ILE F 398 -27.40 -57.78 122.71
C ILE F 398 -26.93 -56.71 121.72
N ILE F 399 -25.63 -56.43 121.70
CA ILE F 399 -25.11 -55.45 120.74
C ILE F 399 -25.23 -55.98 119.31
N VAL F 400 -24.79 -57.22 119.07
CA VAL F 400 -24.91 -57.75 117.72
C VAL F 400 -26.38 -57.92 117.33
N ALA F 401 -27.24 -58.21 118.31
CA ALA F 401 -28.67 -58.28 118.03
C ALA F 401 -29.21 -56.92 117.58
N MET F 402 -28.86 -55.86 118.31
CA MET F 402 -29.31 -54.52 117.94
C MET F 402 -28.77 -54.12 116.57
N VAL F 403 -27.55 -54.55 116.25
CA VAL F 403 -26.98 -54.27 114.93
C VAL F 403 -27.81 -54.94 113.84
N PHE F 404 -28.15 -56.21 114.03
CA PHE F 404 -28.95 -56.92 113.04
C PHE F 404 -30.40 -56.46 113.01
N SER F 405 -30.86 -55.76 114.06
CA SER F 405 -32.26 -55.35 114.13
C SER F 405 -32.66 -54.44 112.97
N GLN F 406 -31.72 -53.64 112.46
CA GLN F 406 -31.95 -52.73 111.32
C GLN F 406 -33.06 -51.71 111.58
N GLU F 407 -33.38 -51.47 112.85
CA GLU F 407 -34.38 -50.45 113.19
C GLU F 407 -33.83 -49.05 112.89
N ASP F 408 -34.75 -48.09 112.81
CA ASP F 408 -34.32 -46.70 112.70
C ASP F 408 -33.68 -46.22 114.00
N CYS F 409 -34.06 -46.81 115.13
CA CYS F 409 -33.49 -46.41 116.42
C CYS F 409 -31.99 -46.63 116.46
N MET F 410 -31.55 -47.82 116.02
CA MET F 410 -30.11 -48.09 115.99
C MET F 410 -29.41 -47.28 114.91
N ILE F 411 -30.13 -46.86 113.87
CA ILE F 411 -29.57 -45.92 112.90
C ILE F 411 -29.24 -44.59 113.57
N LYS F 412 -30.14 -44.11 114.43
CA LYS F 412 -29.92 -42.83 115.12
C LYS F 412 -28.73 -42.86 116.07
N ALA F 413 -28.31 -44.03 116.53
CA ALA F 413 -27.35 -44.16 117.63
C ALA F 413 -25.89 -44.12 117.18
N VAL F 414 -25.58 -43.64 115.98
CA VAL F 414 -24.20 -43.59 115.52
C VAL F 414 -23.53 -42.34 116.07
N ARG F 415 -22.41 -42.52 116.76
CA ARG F 415 -21.66 -41.43 117.37
C ARG F 415 -20.17 -41.61 117.13
N GLY F 416 -19.55 -40.64 116.46
CA GLY F 416 -18.12 -40.65 116.25
C GLY F 416 -17.74 -40.94 114.81
N ASP F 417 -16.46 -40.70 114.52
CA ASP F 417 -15.95 -40.92 113.17
C ASP F 417 -15.98 -42.39 112.81
N LEU F 418 -16.38 -42.67 111.58
CA LEU F 418 -16.54 -44.04 111.08
C LEU F 418 -15.36 -44.37 110.18
N ASN F 419 -14.27 -44.84 110.78
CA ASN F 419 -13.07 -45.22 110.02
C ASN F 419 -12.56 -46.58 110.51
N PHE F 420 -13.08 -47.66 109.93
CA PHE F 420 -12.59 -49.00 110.19
C PHE F 420 -12.20 -49.67 108.88
N VAL F 421 -10.99 -50.20 108.83
CA VAL F 421 -10.37 -50.67 107.59
C VAL F 421 -9.97 -52.13 107.78
N ASN F 422 -9.98 -52.89 106.69
CA ASN F 422 -9.48 -54.25 106.74
C ASN F 422 -7.97 -54.25 106.93
N ARG F 423 -7.44 -55.38 107.41
CA ARG F 423 -6.00 -55.52 107.54
C ARG F 423 -5.27 -55.44 106.21
N ALA F 424 -5.95 -55.76 105.11
CA ALA F 424 -5.41 -55.54 103.77
C ALA F 424 -5.84 -54.20 103.19
N ASN F 425 -6.31 -53.28 104.03
CA ASN F 425 -6.71 -51.93 103.63
C ASN F 425 -7.78 -51.98 102.53
N GLN F 426 -8.93 -52.55 102.88
CA GLN F 426 -10.04 -52.71 101.96
C GLN F 426 -11.34 -52.21 102.58
N ARG F 427 -12.25 -51.77 101.72
CA ARG F 427 -13.54 -51.25 102.15
C ARG F 427 -14.40 -52.38 102.70
N LEU F 428 -14.76 -52.27 103.98
CA LEU F 428 -15.62 -53.26 104.61
C LEU F 428 -17.07 -53.03 104.21
N ASN F 429 -17.84 -54.13 104.17
CA ASN F 429 -19.26 -54.03 103.87
C ASN F 429 -19.94 -53.22 104.97
N PRO F 430 -21.12 -52.65 104.68
CA PRO F 430 -21.73 -51.72 105.66
C PRO F 430 -21.93 -52.29 107.05
N MET F 431 -22.36 -53.55 107.15
CA MET F 431 -22.67 -54.17 108.43
C MET F 431 -21.46 -54.26 109.35
N HIS F 432 -20.33 -54.76 108.84
CA HIS F 432 -19.15 -54.97 109.67
C HIS F 432 -18.58 -53.67 110.19
N GLN F 433 -18.74 -52.58 109.43
CA GLN F 433 -18.30 -51.26 109.89
C GLN F 433 -19.08 -50.85 111.13
N LEU F 434 -20.40 -51.07 111.13
CA LEU F 434 -21.19 -50.85 112.33
C LEU F 434 -20.69 -51.71 113.47
N LEU F 435 -20.39 -52.98 113.18
CA LEU F 435 -19.98 -53.91 114.24
C LEU F 435 -18.74 -53.43 114.97
N ARG F 436 -17.71 -53.01 114.24
CA ARG F 436 -16.46 -52.64 114.91
C ARG F 436 -16.59 -51.40 115.79
N HIS F 437 -17.40 -50.41 115.39
CA HIS F 437 -17.61 -49.28 116.30
C HIS F 437 -18.45 -49.70 117.50
N PHE F 438 -19.54 -50.43 117.26
CA PHE F 438 -20.45 -50.74 118.36
C PHE F 438 -19.78 -51.62 119.41
N GLN F 439 -18.79 -52.41 119.02
CA GLN F 439 -18.18 -53.31 120.00
C GLN F 439 -17.35 -52.55 121.03
N LYS F 440 -16.77 -51.42 120.66
CA LYS F 440 -15.90 -50.69 121.57
C LYS F 440 -16.67 -49.74 122.48
N ASP F 441 -17.43 -48.80 121.89
CA ASP F 441 -18.25 -47.87 122.64
C ASP F 441 -19.67 -47.91 122.07
N ALA F 442 -20.58 -48.51 122.83
CA ALA F 442 -21.99 -48.60 122.45
C ALA F 442 -22.90 -47.91 123.45
N LYS F 443 -22.35 -47.22 124.44
CA LYS F 443 -23.11 -46.64 125.54
C LYS F 443 -24.10 -45.57 125.10
N VAL F 444 -24.13 -45.24 123.81
CA VAL F 444 -25.13 -44.30 123.31
C VAL F 444 -26.42 -45.03 123.00
N LEU F 445 -26.32 -46.23 122.44
CA LEU F 445 -27.52 -46.97 122.06
C LEU F 445 -28.19 -47.55 123.30
N PHE F 446 -27.41 -47.87 124.33
CA PHE F 446 -28.00 -48.33 125.58
C PHE F 446 -28.97 -47.28 126.11
N GLN F 447 -28.47 -46.06 126.30
CA GLN F 447 -29.29 -44.93 126.72
C GLN F 447 -30.24 -44.45 125.62
N ASN F 448 -30.19 -45.05 124.43
CA ASN F 448 -30.97 -44.60 123.30
C ASN F 448 -32.01 -45.58 122.77
N TRP F 449 -32.16 -46.77 123.36
CA TRP F 449 -33.10 -47.71 122.76
C TRP F 449 -34.55 -47.47 123.21
N GLY F 450 -34.83 -47.63 124.49
CA GLY F 450 -36.19 -47.52 124.98
C GLY F 450 -36.58 -48.67 125.90
N ILE F 451 -37.33 -48.38 126.96
CA ILE F 451 -37.70 -49.38 127.96
C ILE F 451 -39.22 -49.58 127.96
N GLU F 452 -39.61 -50.76 128.43
CA GLU F 452 -41.00 -51.20 128.44
C GLU F 452 -41.24 -52.04 129.70
N HIS F 453 -42.51 -52.19 130.05
CA HIS F 453 -42.92 -52.93 131.24
C HIS F 453 -43.15 -54.40 130.94
N ILE F 454 -42.71 -55.25 131.87
CA ILE F 454 -42.90 -56.69 131.80
C ILE F 454 -43.71 -57.14 133.01
N ASP F 455 -43.95 -58.44 133.12
CA ASP F 455 -44.79 -58.99 134.19
C ASP F 455 -44.02 -59.86 135.17
N ASN F 456 -42.71 -60.04 134.99
CA ASN F 456 -41.88 -60.85 135.88
C ASN F 456 -42.41 -62.29 135.97
N VAL F 457 -42.34 -62.96 134.82
CA VAL F 457 -42.90 -64.30 134.66
C VAL F 457 -41.82 -65.28 134.26
N MET F 458 -41.91 -66.51 134.79
CA MET F 458 -41.18 -67.67 134.29
C MET F 458 -39.66 -67.46 134.25
N GLY F 459 -39.12 -66.85 135.32
CA GLY F 459 -37.69 -66.64 135.37
C GLY F 459 -37.16 -65.82 134.22
N MET F 460 -37.91 -64.80 133.80
CA MET F 460 -37.54 -63.92 132.70
C MET F 460 -37.45 -62.50 133.24
N ILE F 461 -36.24 -62.00 133.37
CA ILE F 461 -35.99 -60.68 133.93
C ILE F 461 -35.65 -59.72 132.79
N GLY F 462 -35.61 -58.44 133.11
CA GLY F 462 -35.28 -57.44 132.13
C GLY F 462 -33.92 -56.82 132.37
N VAL F 463 -33.37 -56.17 131.36
CA VAL F 463 -32.05 -55.55 131.47
C VAL F 463 -32.18 -54.05 131.22
N LEU F 464 -31.28 -53.30 131.83
CA LEU F 464 -31.21 -51.86 131.76
C LEU F 464 -30.01 -51.43 130.91
N PRO F 465 -29.96 -50.18 130.46
CA PRO F 465 -28.85 -49.77 129.58
C PRO F 465 -27.47 -49.96 130.20
N ASP F 466 -27.36 -49.96 131.53
CA ASP F 466 -26.09 -50.18 132.19
C ASP F 466 -25.81 -51.65 132.47
N MET F 467 -26.43 -52.56 131.72
CA MET F 467 -26.29 -54.01 131.93
C MET F 467 -26.64 -54.38 133.36
N THR F 468 -27.86 -54.02 133.76
CA THR F 468 -28.33 -54.23 135.12
C THR F 468 -29.74 -54.84 135.05
N PRO F 469 -30.00 -55.92 135.77
CA PRO F 469 -31.34 -56.50 135.76
C PRO F 469 -32.37 -55.63 136.47
N SER F 470 -33.62 -55.76 136.03
CA SER F 470 -34.74 -55.02 136.59
C SER F 470 -35.94 -55.96 136.64
N THR F 471 -36.87 -55.65 137.56
CA THR F 471 -37.96 -56.58 137.84
C THR F 471 -39.11 -56.40 136.86
N GLU F 472 -39.56 -55.17 136.64
CA GLU F 472 -40.72 -54.91 135.79
C GLU F 472 -40.37 -54.10 134.54
N MET F 473 -39.09 -53.84 134.27
CA MET F 473 -38.69 -53.03 133.14
C MET F 473 -37.59 -53.72 132.35
N SER F 474 -37.65 -53.58 131.02
CA SER F 474 -36.67 -54.17 130.12
C SER F 474 -36.58 -53.31 128.86
N MET F 475 -35.69 -53.70 127.96
CA MET F 475 -35.67 -53.05 126.65
C MET F 475 -36.89 -53.44 125.84
N ARG F 476 -37.18 -52.67 124.80
CA ARG F 476 -38.37 -52.89 123.98
C ARG F 476 -38.24 -54.20 123.22
N GLY F 477 -39.02 -55.21 123.61
CA GLY F 477 -39.00 -56.49 122.94
C GLY F 477 -37.86 -57.39 123.34
N ILE F 478 -37.30 -57.19 124.54
CA ILE F 478 -36.15 -57.96 125.00
C ILE F 478 -36.58 -58.81 126.18
N ARG F 479 -35.92 -59.97 126.32
CA ARG F 479 -36.13 -60.82 127.47
C ARG F 479 -34.79 -61.48 127.83
N VAL F 480 -34.42 -61.37 129.09
CA VAL F 480 -33.22 -61.99 129.62
C VAL F 480 -33.64 -63.25 130.35
N SER F 481 -33.13 -64.39 129.91
CA SER F 481 -33.45 -65.67 130.51
C SER F 481 -32.52 -65.90 131.70
N LYS F 482 -33.05 -66.55 132.72
CA LYS F 482 -32.24 -66.89 133.89
C LYS F 482 -31.39 -68.12 133.57
N MET F 483 -30.51 -67.92 132.58
CA MET F 483 -29.58 -68.94 132.10
C MET F 483 -30.31 -70.18 131.62
N GLY F 484 -31.51 -69.99 131.06
CA GLY F 484 -32.30 -71.10 130.54
C GLY F 484 -32.83 -70.94 129.13
N VAL F 485 -32.05 -70.38 128.21
CA VAL F 485 -32.43 -70.36 126.81
C VAL F 485 -32.09 -71.69 126.17
N ASP F 486 -33.04 -72.26 125.44
CA ASP F 486 -32.81 -73.50 124.71
C ASP F 486 -31.95 -73.24 123.48
N GLU F 487 -30.84 -73.95 123.36
CA GLU F 487 -30.00 -73.88 122.18
C GLU F 487 -30.41 -74.97 121.20
N TYR F 488 -30.30 -74.66 119.90
CA TYR F 488 -30.61 -75.61 118.85
C TYR F 488 -29.49 -75.62 117.82
N SER F 489 -28.81 -76.75 117.71
CA SER F 489 -27.73 -76.94 116.74
C SER F 489 -28.19 -77.99 115.72
N SER F 490 -28.91 -77.54 114.71
CA SER F 490 -29.42 -78.44 113.67
C SER F 490 -28.34 -78.78 112.67
N THR F 491 -28.29 -80.04 112.25
CA THR F 491 -27.32 -80.50 111.27
C THR F 491 -27.91 -80.37 109.87
N GLU F 492 -27.34 -79.46 109.08
CA GLU F 492 -27.71 -79.25 107.68
C GLU F 492 -26.43 -78.98 106.91
N ARG F 493 -26.28 -79.61 105.74
CA ARG F 493 -25.07 -79.49 104.95
C ARG F 493 -25.42 -79.21 103.51
N VAL F 494 -24.96 -78.05 103.01
CA VAL F 494 -25.27 -77.58 101.68
C VAL F 494 -23.97 -77.07 101.04
N VAL F 495 -23.93 -77.08 99.71
CA VAL F 495 -22.72 -76.68 99.00
C VAL F 495 -22.49 -75.19 99.16
N VAL F 496 -21.24 -74.79 99.07
CA VAL F 496 -20.83 -73.39 99.21
C VAL F 496 -20.44 -72.86 97.83
N SER F 497 -20.34 -71.53 97.73
CA SER F 497 -19.96 -70.84 96.50
C SER F 497 -18.82 -69.89 96.86
N ILE F 498 -17.62 -70.44 96.97
CA ILE F 498 -16.46 -69.64 97.34
C ILE F 498 -16.05 -68.76 96.16
N ASP F 499 -15.63 -67.53 96.45
CA ASP F 499 -15.09 -66.63 95.46
C ASP F 499 -13.57 -66.52 95.64
N ARG F 500 -12.96 -65.61 94.90
CA ARG F 500 -11.52 -65.43 94.97
C ARG F 500 -11.08 -64.70 96.23
N PHE F 501 -12.01 -64.11 96.98
CA PHE F 501 -11.68 -63.25 98.11
C PHE F 501 -12.15 -63.84 99.44
N LEU F 502 -12.31 -65.17 99.50
CA LEU F 502 -12.59 -65.89 100.75
C LEU F 502 -13.91 -65.48 101.38
N ARG F 503 -14.92 -65.19 100.56
CA ARG F 503 -16.27 -64.93 101.03
C ARG F 503 -17.20 -65.96 100.41
N VAL F 504 -17.89 -66.73 101.25
CA VAL F 504 -18.77 -67.80 100.79
C VAL F 504 -20.19 -67.28 100.82
N ARG F 505 -20.92 -67.52 99.74
CA ARG F 505 -22.29 -67.06 99.60
C ARG F 505 -23.21 -68.24 99.33
N ASP F 506 -24.49 -68.05 99.64
CA ASP F 506 -25.49 -69.06 99.36
C ASP F 506 -25.91 -68.98 97.90
N GLN F 507 -26.51 -70.06 97.41
CA GLN F 507 -26.99 -70.11 96.04
C GLN F 507 -28.02 -69.03 95.71
N ARG F 508 -28.53 -68.29 96.70
CA ARG F 508 -29.45 -67.19 96.42
C ARG F 508 -28.79 -65.81 96.50
N GLY F 509 -27.70 -65.68 97.25
CA GLY F 509 -26.98 -64.42 97.29
C GLY F 509 -26.75 -63.82 98.67
N ASN F 510 -27.09 -64.54 99.73
CA ASN F 510 -26.80 -64.09 101.09
C ASN F 510 -25.50 -64.75 101.57
N VAL F 511 -24.56 -63.92 102.00
CA VAL F 511 -23.24 -64.36 102.44
C VAL F 511 -23.35 -65.14 103.75
N LEU F 512 -22.88 -66.40 103.72
CA LEU F 512 -22.89 -67.23 104.92
C LEU F 512 -21.77 -66.82 105.86
N LEU F 513 -20.53 -66.87 105.38
CA LEU F 513 -19.37 -66.59 106.21
C LEU F 513 -18.42 -65.70 105.43
N SER F 514 -17.59 -64.97 106.16
CA SER F 514 -16.66 -64.01 105.57
C SER F 514 -15.59 -63.69 106.59
N PRO F 515 -14.42 -63.21 106.15
CA PRO F 515 -13.41 -62.76 107.11
C PRO F 515 -13.86 -61.46 107.77
N GLU F 516 -12.99 -60.83 108.56
CA GLU F 516 -13.30 -59.60 109.29
C GLU F 516 -14.24 -59.94 110.45
N GLU F 517 -14.70 -61.19 110.49
CA GLU F 517 -15.60 -61.69 111.53
C GLU F 517 -15.05 -62.96 112.18
N VAL F 518 -13.75 -63.22 112.06
CA VAL F 518 -13.19 -64.45 112.60
C VAL F 518 -11.96 -64.18 113.44
N SER F 519 -11.74 -62.92 113.81
CA SER F 519 -10.46 -62.51 114.37
C SER F 519 -10.55 -62.27 115.87
N GLU F 520 -9.41 -62.47 116.53
CA GLU F 520 -9.19 -62.13 117.94
C GLU F 520 -7.79 -62.56 118.33
N THR F 521 -7.37 -62.25 119.55
CA THR F 521 -6.04 -62.64 120.02
C THR F 521 -6.19 -63.97 120.74
N GLN F 522 -5.69 -65.04 120.11
CA GLN F 522 -5.81 -66.39 120.64
C GLN F 522 -4.66 -66.71 121.59
N GLY F 523 -4.86 -67.78 122.36
CA GLY F 523 -3.83 -68.26 123.26
C GLY F 523 -2.82 -69.10 122.51
N THR F 524 -2.08 -69.91 123.27
CA THR F 524 -1.03 -70.74 122.70
C THR F 524 -1.62 -72.06 122.20
N GLU F 525 -1.23 -72.46 121.00
CA GLU F 525 -1.63 -73.76 120.48
C GLU F 525 -1.09 -74.86 121.39
N LYS F 526 -1.86 -75.93 121.53
CA LYS F 526 -1.47 -77.00 122.44
C LYS F 526 -0.30 -77.81 121.88
N LEU F 527 -0.51 -78.45 120.73
CA LEU F 527 0.50 -79.29 120.12
C LEU F 527 1.07 -78.63 118.88
N THR F 528 2.27 -79.06 118.51
CA THR F 528 3.01 -78.40 117.44
C THR F 528 2.36 -78.65 116.08
N ILE F 529 2.67 -77.76 115.14
CA ILE F 529 2.12 -77.80 113.79
C ILE F 529 3.17 -77.22 112.85
N THR F 530 3.41 -77.88 111.72
CA THR F 530 4.43 -77.43 110.77
C THR F 530 3.79 -76.95 109.48
N TYR F 531 4.45 -75.98 108.85
CA TYR F 531 3.97 -75.37 107.62
C TYR F 531 4.96 -75.63 106.49
N SER F 532 4.47 -75.50 105.26
CA SER F 532 5.30 -75.44 104.07
C SER F 532 4.75 -74.39 103.11
N SER F 533 4.32 -73.26 103.66
CA SER F 533 3.63 -72.23 102.90
C SER F 533 4.59 -71.27 102.21
N SER F 534 5.72 -70.96 102.84
CA SER F 534 6.68 -69.93 102.45
C SER F 534 6.10 -68.53 102.63
N MET F 535 4.84 -68.41 103.01
CA MET F 535 4.27 -67.15 103.48
C MET F 535 3.91 -67.21 104.96
N MET F 536 4.02 -68.39 105.58
CA MET F 536 3.79 -68.57 106.99
C MET F 536 5.07 -68.91 107.75
N TRP F 537 6.23 -68.80 107.10
CA TRP F 537 7.49 -69.13 107.73
C TRP F 537 8.09 -67.94 108.49
N GLU F 538 7.23 -67.03 108.97
CA GLU F 538 7.71 -65.88 109.72
C GLU F 538 6.87 -65.62 110.95
N ILE F 539 6.03 -66.59 111.34
CA ILE F 539 5.24 -66.49 112.56
C ILE F 539 5.87 -67.26 113.71
N ASN F 540 6.70 -68.27 113.41
CA ASN F 540 7.40 -69.05 114.43
C ASN F 540 8.72 -68.43 114.83
N GLY F 541 9.23 -67.48 114.03
CA GLY F 541 10.47 -66.81 114.32
C GLY F 541 11.44 -66.83 113.15
N PRO F 542 12.34 -65.84 113.12
CA PRO F 542 13.33 -65.78 112.03
C PRO F 542 14.30 -66.94 112.01
N GLU F 543 14.51 -67.63 113.13
CA GLU F 543 15.34 -68.84 113.11
C GLU F 543 14.77 -69.89 112.17
N SER F 544 13.44 -69.96 112.06
CA SER F 544 12.82 -70.98 111.22
C SER F 544 12.97 -70.68 109.73
N VAL F 545 13.12 -69.40 109.36
CA VAL F 545 13.19 -69.08 107.93
C VAL F 545 14.41 -69.73 107.28
N LEU F 546 15.56 -69.70 107.95
CA LEU F 546 16.77 -70.31 107.39
C LEU F 546 16.57 -71.81 107.17
N VAL F 547 16.18 -72.53 108.22
CA VAL F 547 16.09 -73.97 108.14
C VAL F 547 15.01 -74.38 107.15
N ASN F 548 13.88 -73.67 107.13
CA ASN F 548 12.80 -74.04 106.23
C ASN F 548 13.12 -73.70 104.78
N THR F 549 13.79 -72.57 104.55
CA THR F 549 14.22 -72.22 103.21
C THR F 549 15.19 -73.28 102.66
N TYR F 550 16.19 -73.65 103.45
CA TYR F 550 17.15 -74.63 102.96
C TYR F 550 16.49 -76.01 102.79
N GLN F 551 15.58 -76.37 103.69
CA GLN F 551 14.87 -77.63 103.55
C GLN F 551 13.98 -77.64 102.31
N TRP F 552 13.32 -76.52 102.00
CA TRP F 552 12.51 -76.45 100.80
C TRP F 552 13.38 -76.51 99.55
N ILE F 553 14.57 -75.92 99.60
CA ILE F 553 15.49 -76.01 98.47
C ILE F 553 15.92 -77.46 98.24
N ILE F 554 16.29 -78.15 99.31
CA ILE F 554 16.73 -79.54 99.19
C ILE F 554 15.57 -80.44 98.80
N ARG F 555 14.37 -80.13 99.28
CA ARG F 555 13.20 -80.96 99.03
C ARG F 555 12.85 -80.97 97.55
N ASN F 556 12.60 -79.80 96.97
CA ASN F 556 12.36 -79.70 95.53
C ASN F 556 13.66 -79.45 94.77
N TRP F 557 14.70 -80.21 95.10
CA TRP F 557 16.00 -80.01 94.47
C TRP F 557 16.05 -80.55 93.05
N GLU F 558 15.34 -81.65 92.76
CA GLU F 558 15.44 -82.27 91.45
C GLU F 558 14.96 -81.34 90.35
N THR F 559 13.93 -80.54 90.64
CA THR F 559 13.45 -79.57 89.66
C THR F 559 14.25 -78.27 89.70
N VAL F 560 14.80 -77.91 90.85
CA VAL F 560 15.62 -76.69 90.94
C VAL F 560 16.93 -76.86 90.17
N LYS F 561 17.49 -78.07 90.17
CA LYS F 561 18.79 -78.31 89.54
C LYS F 561 18.78 -77.90 88.06
N ILE F 562 17.68 -78.16 87.37
CA ILE F 562 17.60 -77.83 85.95
C ILE F 562 16.82 -76.53 85.73
N GLN F 563 15.94 -76.19 86.67
CA GLN F 563 15.25 -74.91 86.58
C GLN F 563 16.20 -73.75 86.88
N TRP F 564 17.33 -74.05 87.52
CA TRP F 564 18.45 -73.13 87.63
C TRP F 564 19.23 -73.03 86.33
N SER F 565 19.22 -74.09 85.51
CA SER F 565 19.92 -74.06 84.23
C SER F 565 19.14 -73.28 83.18
N GLN F 566 17.84 -73.53 83.08
CA GLN F 566 16.99 -72.88 82.09
C GLN F 566 16.16 -71.80 82.77
N ASN F 567 16.19 -70.59 82.19
CA ASN F 567 15.54 -69.39 82.70
C ASN F 567 15.56 -69.31 84.22
N PRO F 568 16.73 -69.19 84.85
CA PRO F 568 16.77 -69.04 86.30
C PRO F 568 16.34 -67.68 86.79
N THR F 569 16.14 -66.71 85.89
CA THR F 569 15.68 -65.39 86.31
C THR F 569 14.27 -65.45 86.88
N MET F 570 13.45 -66.37 86.38
CA MET F 570 12.13 -66.60 86.98
C MET F 570 12.24 -67.42 88.27
N LEU F 571 13.25 -68.29 88.35
CA LEU F 571 13.45 -69.09 89.56
C LEU F 571 13.89 -68.22 90.74
N TYR F 572 14.73 -67.22 90.49
CA TYR F 572 15.20 -66.35 91.57
C TYR F 572 14.04 -65.57 92.19
N ASN F 573 13.18 -65.02 91.34
CA ASN F 573 12.03 -64.23 91.77
C ASN F 573 10.90 -65.08 92.31
N LYS F 574 11.16 -66.37 92.58
CA LYS F 574 10.20 -67.22 93.27
C LYS F 574 9.78 -66.59 94.58
N MET F 575 8.48 -66.40 94.76
CA MET F 575 8.00 -65.67 95.93
C MET F 575 8.13 -66.46 97.22
N GLU F 576 8.75 -67.64 97.16
CA GLU F 576 9.06 -68.40 98.36
C GLU F 576 10.27 -67.85 99.11
N PHE F 577 11.07 -67.00 98.47
CA PHE F 577 12.25 -66.43 99.11
C PHE F 577 11.97 -65.09 99.78
N GLU F 578 10.84 -64.46 99.48
CA GLU F 578 10.54 -63.13 100.03
C GLU F 578 10.64 -63.04 101.54
N PRO F 579 10.15 -64.00 102.34
CA PRO F 579 10.37 -63.89 103.79
C PRO F 579 11.85 -63.97 104.16
N PHE F 580 12.61 -64.81 103.46
CA PHE F 580 14.05 -64.88 103.71
C PHE F 580 14.79 -63.74 103.03
N GLN F 581 14.32 -63.33 101.84
CA GLN F 581 14.93 -62.20 101.15
C GLN F 581 14.78 -60.90 101.95
N SER F 582 13.82 -60.83 102.87
CA SER F 582 13.59 -59.64 103.68
C SER F 582 14.40 -59.63 104.97
N LEU F 583 15.03 -60.74 105.35
CA LEU F 583 15.83 -60.78 106.56
C LEU F 583 17.25 -60.31 106.33
N VAL F 584 17.84 -60.67 105.20
CA VAL F 584 19.15 -60.11 104.85
C VAL F 584 19.00 -58.59 104.75
N PRO F 585 19.94 -57.79 105.25
CA PRO F 585 19.72 -56.34 105.33
C PRO F 585 19.33 -55.75 103.97
N LYS F 586 18.36 -54.85 104.01
CA LYS F 586 17.77 -54.27 102.80
C LYS F 586 18.73 -53.37 102.05
N ALA F 587 19.94 -53.14 102.56
CA ALA F 587 20.91 -52.25 101.94
C ALA F 587 21.78 -52.97 100.94
N ILE F 588 22.27 -54.17 101.29
CA ILE F 588 23.26 -54.89 100.52
C ILE F 588 22.64 -56.13 99.88
N ARG F 589 21.33 -56.11 99.68
CA ARG F 589 20.65 -57.26 99.10
C ARG F 589 21.02 -57.44 97.64
N GLY F 590 20.92 -56.36 96.86
CA GLY F 590 21.20 -56.44 95.44
C GLY F 590 22.64 -56.76 95.11
N GLN F 591 23.58 -56.27 95.94
CA GLN F 591 24.99 -56.60 95.73
C GLN F 591 25.22 -58.10 95.90
N TYR F 592 24.66 -58.68 96.96
CA TYR F 592 24.75 -60.12 97.16
C TYR F 592 24.12 -60.87 95.99
N SER F 593 22.98 -60.39 95.50
CA SER F 593 22.31 -61.05 94.38
C SER F 593 23.18 -61.03 93.13
N GLY F 594 23.74 -59.86 92.80
CA GLY F 594 24.61 -59.77 91.64
C GLY F 594 25.84 -60.65 91.77
N PHE F 595 26.42 -60.72 92.97
CA PHE F 595 27.60 -61.56 93.17
C PHE F 595 27.26 -63.03 92.96
N VAL F 596 26.17 -63.50 93.58
CA VAL F 596 25.85 -64.92 93.44
C VAL F 596 25.42 -65.24 92.00
N ARG F 597 24.78 -64.30 91.31
CA ARG F 597 24.36 -64.56 89.94
C ARG F 597 25.57 -64.60 89.00
N THR F 598 26.55 -63.73 89.21
CA THR F 598 27.74 -63.81 88.35
C THR F 598 28.57 -65.05 88.66
N LEU F 599 28.58 -65.51 89.91
CA LEU F 599 29.23 -66.79 90.20
C LEU F 599 28.50 -67.95 89.53
N PHE F 600 27.17 -67.92 89.55
CA PHE F 600 26.41 -68.96 88.88
C PHE F 600 26.64 -68.95 87.37
N GLN F 601 26.74 -67.76 86.77
CA GLN F 601 27.05 -67.68 85.35
C GLN F 601 28.45 -68.19 85.05
N GLN F 602 29.40 -67.89 85.93
CA GLN F 602 30.75 -68.46 85.77
C GLN F 602 30.71 -69.98 85.81
N MET F 603 29.88 -70.54 86.71
CA MET F 603 29.74 -71.99 86.78
C MET F 603 29.05 -72.54 85.53
N ARG F 604 28.11 -71.79 84.95
CA ARG F 604 27.44 -72.26 83.74
C ARG F 604 28.37 -72.23 82.54
N ASP F 605 29.21 -71.20 82.45
CA ASP F 605 30.13 -71.07 81.32
C ASP F 605 31.26 -72.09 81.41
N VAL F 606 32.02 -72.05 82.50
CA VAL F 606 33.11 -73.01 82.70
C VAL F 606 32.47 -74.31 83.13
N LEU F 607 32.23 -75.20 82.17
CA LEU F 607 31.51 -76.44 82.42
C LEU F 607 32.31 -77.37 83.32
N GLY F 608 31.59 -78.13 84.15
CA GLY F 608 32.18 -79.07 85.05
C GLY F 608 32.76 -78.48 86.32
N THR F 609 33.08 -77.19 86.33
CA THR F 609 33.71 -76.56 87.50
C THR F 609 32.62 -75.93 88.38
N PHE F 610 31.88 -76.81 89.05
CA PHE F 610 30.87 -76.37 90.01
C PHE F 610 30.56 -77.51 90.97
N ASP F 611 30.39 -77.17 92.23
CA ASP F 611 29.99 -78.11 93.27
C ASP F 611 28.60 -77.74 93.78
N THR F 612 27.75 -78.76 93.93
CA THR F 612 26.37 -78.52 94.34
C THR F 612 26.30 -77.86 95.71
N THR F 613 27.29 -78.11 96.57
CA THR F 613 27.28 -77.53 97.91
C THR F 613 27.26 -76.01 97.85
N GLN F 614 28.13 -75.39 97.05
CA GLN F 614 28.15 -73.94 96.96
C GLN F 614 26.89 -73.40 96.30
N ILE F 615 26.31 -74.15 95.36
CA ILE F 615 25.09 -73.69 94.70
C ILE F 615 23.94 -73.61 95.70
N ILE F 616 23.73 -74.69 96.47
CA ILE F 616 22.70 -74.65 97.50
C ILE F 616 23.05 -73.62 98.57
N LYS F 617 24.34 -73.41 98.79
CA LYS F 617 24.81 -72.49 99.83
C LYS F 617 24.53 -71.04 99.46
N LEU F 618 24.55 -70.71 98.17
CA LEU F 618 24.46 -69.33 97.73
C LEU F 618 23.22 -69.01 96.91
N LEU F 619 22.33 -69.97 96.66
CA LEU F 619 21.19 -69.68 95.79
C LEU F 619 20.20 -68.69 96.42
N PRO F 620 19.66 -68.94 97.62
CA PRO F 620 18.52 -68.12 98.09
C PRO F 620 18.84 -66.64 98.28
N PHE F 621 20.11 -66.26 98.08
CA PHE F 621 20.48 -64.85 98.09
C PHE F 621 20.17 -64.15 96.78
N ALA F 622 19.92 -64.90 95.70
CA ALA F 622 19.71 -64.36 94.37
C ALA F 622 18.33 -63.72 94.18
N ALA F 623 17.47 -63.76 95.19
CA ALA F 623 16.13 -63.19 95.05
C ALA F 623 16.12 -61.68 94.93
N ALA F 624 17.24 -61.01 95.22
CA ALA F 624 17.25 -59.55 95.16
C ALA F 624 17.47 -59.04 93.74
N PRO F 625 16.92 -57.87 93.42
CA PRO F 625 17.28 -57.18 92.18
C PRO F 625 18.73 -56.74 92.22
N PRO F 626 19.57 -57.22 91.30
CA PRO F 626 21.02 -57.03 91.46
C PRO F 626 21.43 -55.57 91.34
N LYS F 627 22.56 -55.25 91.96
CA LYS F 627 23.21 -53.95 91.88
C LYS F 627 24.70 -54.11 91.64
N GLN F 628 25.27 -53.27 90.79
CA GLN F 628 26.65 -53.42 90.33
C GLN F 628 27.65 -53.07 91.44
N SER F 629 27.98 -54.06 92.27
CA SER F 629 29.00 -53.91 93.29
C SER F 629 30.37 -54.22 92.69
N ARG F 630 31.29 -53.26 92.76
CA ARG F 630 32.66 -53.48 92.28
C ARG F 630 33.47 -54.23 93.34
N MET F 631 32.95 -55.39 93.73
CA MET F 631 33.54 -56.14 94.82
C MET F 631 33.06 -57.58 94.77
N GLN F 632 33.70 -58.42 95.56
CA GLN F 632 33.39 -59.84 95.71
C GLN F 632 33.13 -60.09 97.19
N PHE F 633 32.92 -61.35 97.55
CA PHE F 633 32.59 -61.63 98.94
C PHE F 633 33.10 -63.01 99.35
N SER F 634 33.26 -63.17 100.66
CA SER F 634 33.50 -64.47 101.26
C SER F 634 32.53 -64.78 102.38
N SER F 635 31.79 -63.80 102.89
CA SER F 635 30.82 -64.00 103.94
C SER F 635 29.63 -63.09 103.69
N LEU F 636 28.45 -63.59 104.05
CA LEU F 636 27.20 -62.88 103.91
C LEU F 636 26.46 -62.88 105.23
N THR F 637 25.68 -61.82 105.47
CA THR F 637 25.11 -61.53 106.78
C THR F 637 23.60 -61.65 106.77
N VAL F 638 23.05 -62.03 107.93
CA VAL F 638 21.61 -62.06 108.15
C VAL F 638 21.32 -61.48 109.54
N ASN F 639 20.34 -60.59 109.62
CA ASN F 639 19.98 -59.94 110.87
C ASN F 639 18.86 -60.75 111.53
N VAL F 640 19.17 -61.43 112.63
CA VAL F 640 18.20 -62.16 113.41
C VAL F 640 18.15 -61.52 114.80
N ARG F 641 16.95 -61.06 115.19
CA ARG F 641 16.73 -60.45 116.50
C ARG F 641 17.79 -59.39 116.82
N GLY F 642 18.09 -58.56 115.84
CA GLY F 642 19.19 -57.64 116.01
C GLY F 642 20.51 -58.24 115.57
N SER F 643 20.96 -59.26 116.30
CA SER F 643 22.30 -59.81 116.10
C SER F 643 22.51 -60.31 114.69
N GLY F 644 23.71 -60.07 114.16
CA GLY F 644 24.06 -60.51 112.82
C GLY F 644 24.77 -61.84 112.84
N MET F 645 24.33 -62.76 111.98
CA MET F 645 24.95 -64.06 111.83
C MET F 645 25.46 -64.22 110.41
N ARG F 646 26.65 -64.78 110.26
CA ARG F 646 27.31 -64.88 108.96
C ARG F 646 27.22 -66.29 108.39
N ILE F 647 27.42 -66.36 107.08
CA ILE F 647 27.55 -67.62 106.34
C ILE F 647 28.66 -67.42 105.31
N LEU F 648 29.61 -68.35 105.27
CA LEU F 648 30.75 -68.23 104.38
C LEU F 648 30.32 -68.47 102.93
N VAL F 649 31.30 -68.47 102.03
CA VAL F 649 31.09 -68.89 100.65
C VAL F 649 31.86 -70.16 100.33
N ARG F 650 32.75 -70.59 101.22
CA ARG F 650 33.54 -71.80 101.04
C ARG F 650 33.50 -72.58 102.35
N GLY F 651 33.20 -73.88 102.25
CA GLY F 651 33.15 -74.69 103.44
C GLY F 651 31.88 -74.48 104.24
N ASN F 652 31.96 -74.83 105.52
CA ASN F 652 30.81 -74.79 106.41
C ASN F 652 30.80 -73.54 107.28
N SER F 653 29.63 -73.22 107.80
CA SER F 653 29.38 -72.10 108.67
C SER F 653 28.34 -72.51 109.70
N PRO F 654 28.23 -71.80 110.82
CA PRO F 654 27.17 -72.14 111.77
C PRO F 654 25.77 -72.02 111.19
N ALA F 655 25.60 -71.19 110.15
CA ALA F 655 24.32 -71.12 109.45
C ALA F 655 24.19 -72.21 108.39
N PHE F 656 25.31 -72.67 107.82
CA PHE F 656 25.31 -73.68 106.77
C PHE F 656 26.46 -74.67 107.03
N ASN F 657 26.14 -75.78 107.69
CA ASN F 657 27.13 -76.79 108.06
C ASN F 657 26.78 -78.09 107.33
N TYR F 658 27.50 -78.37 106.25
CA TYR F 658 27.32 -79.58 105.46
C TYR F 658 28.54 -80.49 105.66
N ASN F 659 28.33 -81.63 106.29
CA ASN F 659 29.41 -82.61 106.44
C ASN F 659 29.71 -83.26 105.09
N LYS F 660 30.99 -83.53 104.84
CA LYS F 660 31.39 -84.11 103.56
C LYS F 660 30.93 -85.56 103.45
N THR F 661 31.13 -86.35 104.50
CA THR F 661 30.77 -87.76 104.50
C THR F 661 29.33 -87.99 104.92
N THR F 662 28.87 -87.32 105.98
CA THR F 662 27.51 -87.53 106.45
C THR F 662 26.47 -87.06 105.44
N LYS F 663 26.83 -86.10 104.58
CA LYS F 663 25.97 -85.56 103.54
C LYS F 663 24.68 -84.94 104.08
N ARG F 664 24.59 -84.74 105.40
CA ARG F 664 23.45 -84.10 106.02
C ARG F 664 23.74 -82.62 106.24
N LEU F 665 22.73 -81.78 106.06
CA LEU F 665 22.89 -80.34 106.19
C LEU F 665 22.40 -79.89 107.56
N THR F 666 23.25 -79.16 108.27
CA THR F 666 22.97 -78.64 109.60
C THR F 666 22.73 -77.14 109.52
N ILE F 667 21.53 -76.70 109.87
CA ILE F 667 21.17 -75.29 109.89
C ILE F 667 20.88 -74.93 111.34
N LEU F 668 21.87 -74.36 112.03
CA LEU F 668 21.76 -73.97 113.44
C LEU F 668 21.39 -75.17 114.31
N GLY F 669 22.08 -76.28 114.09
CA GLY F 669 21.86 -77.48 114.89
C GLY F 669 20.71 -78.33 114.37
N LYS F 670 19.73 -77.70 113.74
CA LYS F 670 18.56 -78.41 113.24
C LYS F 670 18.89 -79.13 111.95
N ASP F 671 18.44 -80.38 111.86
CA ASP F 671 18.71 -81.19 110.68
C ASP F 671 17.90 -80.68 109.50
N ALA F 672 18.49 -80.75 108.31
CA ALA F 672 17.85 -80.24 107.11
C ALA F 672 18.26 -81.11 105.91
N GLY F 673 17.44 -82.10 105.58
CA GLY F 673 17.64 -82.90 104.38
C GLY F 673 18.95 -83.66 104.35
N THR F 674 19.24 -84.31 103.21
CA THR F 674 20.49 -85.05 103.04
C THR F 674 20.69 -85.31 101.55
N LEU F 675 21.95 -85.45 101.15
CA LEU F 675 22.29 -85.67 99.75
C LEU F 675 23.46 -86.63 99.62
N GLY F 693 2.46 -99.23 98.62
CA GLY F 693 2.09 -100.62 98.45
C GLY F 693 2.45 -101.19 97.09
N PHE F 694 1.49 -101.84 96.45
CA PHE F 694 1.75 -102.50 95.17
C PHE F 694 0.55 -102.30 94.26
N LEU F 695 0.53 -103.02 93.13
CA LEU F 695 -0.51 -102.85 92.13
C LEU F 695 -1.08 -104.19 91.68
N ILE F 696 -2.34 -104.16 91.24
CA ILE F 696 -3.06 -105.34 90.76
C ILE F 696 -2.80 -105.51 89.27
N LEU F 697 -2.45 -106.71 88.85
CA LEU F 697 -2.24 -107.01 87.44
C LEU F 697 -3.41 -107.73 86.79
N GLY F 698 -4.39 -108.18 87.58
CA GLY F 698 -5.52 -108.92 87.07
C GLY F 698 -5.91 -110.01 88.04
N LYS F 699 -6.74 -110.94 87.56
CA LYS F 699 -7.28 -112.01 88.39
C LYS F 699 -6.20 -113.06 88.64
N GLU F 700 -6.61 -114.18 89.24
CA GLU F 700 -5.71 -115.29 89.49
C GLU F 700 -5.23 -115.92 88.19
N ASP F 701 -3.91 -116.04 88.04
CA ASP F 701 -3.29 -116.66 86.88
C ASP F 701 -2.35 -117.75 87.40
N ARG F 702 -2.57 -118.99 86.96
CA ARG F 702 -1.86 -120.13 87.55
C ARG F 702 -0.35 -120.09 87.31
N ARG F 703 0.15 -119.13 86.53
CA ARG F 703 1.58 -119.09 86.26
C ARG F 703 2.39 -118.84 87.52
N TYR F 704 2.23 -117.67 88.13
CA TYR F 704 3.19 -117.17 89.11
C TYR F 704 2.99 -117.80 90.48
N GLY F 705 3.13 -119.13 90.52
CA GLY F 705 3.12 -119.86 91.77
C GLY F 705 1.75 -119.91 92.43
N PRO F 706 1.70 -120.46 93.64
CA PRO F 706 0.45 -120.52 94.38
C PRO F 706 0.19 -119.21 95.11
N ALA F 707 -1.00 -119.10 95.69
CA ALA F 707 -1.38 -117.89 96.39
C ALA F 707 -0.59 -117.71 97.68
N LEU F 708 -0.34 -116.45 98.03
CA LEU F 708 0.40 -116.08 99.23
C LEU F 708 -0.52 -115.35 100.20
N SER F 709 -0.09 -115.31 101.47
CA SER F 709 -0.71 -114.48 102.48
C SER F 709 -0.14 -113.07 102.42
N ILE F 710 -0.72 -112.17 103.20
CA ILE F 710 -0.28 -110.77 103.21
C ILE F 710 0.86 -110.70 104.22
N ASN F 711 2.03 -111.17 103.77
CA ASN F 711 3.29 -110.94 104.45
C ASN F 711 4.36 -111.13 103.37
N GLU F 712 4.86 -110.03 102.83
CA GLU F 712 5.72 -110.06 101.65
C GLU F 712 6.97 -109.25 101.88
N LEU F 713 7.69 -109.59 102.95
CA LEU F 713 9.02 -109.04 103.20
C LEU F 713 10.12 -109.91 102.63
N SER F 714 9.85 -111.18 102.37
CA SER F 714 10.84 -112.06 101.76
C SER F 714 10.79 -112.08 100.23
N ASN F 715 9.69 -111.65 99.63
CA ASN F 715 9.64 -111.54 98.17
C ASN F 715 10.22 -110.23 97.66
N LEU F 716 10.72 -109.38 98.56
CA LEU F 716 11.43 -108.16 98.18
C LEU F 716 12.87 -108.52 97.84
N ALA F 717 13.04 -109.12 96.65
CA ALA F 717 14.37 -109.52 96.21
C ALA F 717 14.99 -108.47 95.27
N LYS F 718 14.32 -108.19 94.15
CA LYS F 718 14.67 -107.11 93.25
C LYS F 718 13.40 -106.51 92.63
N GLY F 719 12.26 -107.17 92.87
CA GLY F 719 10.98 -106.78 92.29
C GLY F 719 10.34 -107.90 91.49
N GLU F 720 9.55 -108.73 92.17
CA GLU F 720 8.92 -109.89 91.57
C GLU F 720 7.41 -109.77 91.68
N LYS F 721 6.69 -110.23 90.65
CA LYS F 721 5.24 -110.30 90.69
C LYS F 721 4.81 -111.61 91.34
N ALA F 722 3.73 -111.54 92.12
CA ALA F 722 3.24 -112.70 92.84
C ALA F 722 1.74 -112.55 93.08
N ASN F 723 1.03 -113.68 93.07
CA ASN F 723 -0.41 -113.68 93.33
C ASN F 723 -0.66 -113.87 94.82
N VAL F 724 -1.45 -112.97 95.40
CA VAL F 724 -1.69 -112.94 96.83
C VAL F 724 -3.19 -112.73 97.08
N LEU F 725 -3.66 -113.28 98.19
CA LEU F 725 -5.06 -113.11 98.61
C LEU F 725 -5.21 -111.78 99.30
N ILE F 726 -5.97 -110.86 98.68
CA ILE F 726 -6.24 -109.55 99.24
C ILE F 726 -7.63 -109.58 99.87
N GLY F 727 -7.75 -108.92 101.02
CA GLY F 727 -9.04 -108.89 101.70
C GLY F 727 -9.49 -110.28 102.09
N GLN F 728 -10.79 -110.54 101.87
CA GLN F 728 -11.39 -111.83 102.14
C GLN F 728 -12.04 -112.41 100.89
N GLY F 729 -11.53 -112.02 99.72
CA GLY F 729 -12.10 -112.47 98.46
C GLY F 729 -11.19 -113.42 97.70
N ASP F 730 -10.85 -113.06 96.47
CA ASP F 730 -10.05 -113.90 95.59
C ASP F 730 -8.59 -113.45 95.60
N VAL F 731 -7.80 -114.02 94.71
CA VAL F 731 -6.36 -113.76 94.61
C VAL F 731 -6.10 -112.82 93.45
N VAL F 732 -5.22 -111.84 93.67
CA VAL F 732 -4.84 -110.89 92.64
C VAL F 732 -3.32 -110.86 92.51
N LEU F 733 -2.84 -110.58 91.30
CA LEU F 733 -1.42 -110.43 91.08
C LEU F 733 -0.93 -109.11 91.66
N VAL F 734 0.39 -109.06 91.91
CA VAL F 734 1.03 -107.94 92.59
C VAL F 734 2.42 -107.73 92.02
N MET F 735 2.75 -106.47 91.71
CA MET F 735 4.10 -106.10 91.27
C MET F 735 4.65 -104.96 92.11
N LYS F 736 5.82 -104.45 91.77
CA LYS F 736 6.46 -103.36 92.52
C LYS F 736 5.89 -102.00 92.11
N ARG F 737 6.55 -100.93 92.54
CA ARG F 737 6.17 -99.56 92.21
C ARG F 737 7.38 -98.82 91.65
N LYS F 738 7.12 -97.72 90.93
CA LYS F 738 8.18 -96.89 90.39
C LYS F 738 8.02 -95.40 90.67
N ARG F 739 6.85 -94.93 91.09
CA ARG F 739 6.63 -93.52 91.37
C ARG F 739 5.60 -93.40 92.48
N ASP F 740 5.34 -92.15 92.90
CA ASP F 740 4.54 -91.86 94.08
C ASP F 740 3.10 -91.48 93.71
N SER F 741 2.91 -90.54 92.79
CA SER F 741 1.58 -90.13 92.31
C SER F 741 0.71 -89.61 93.46
N SER F 742 1.12 -88.47 94.00
CA SER F 742 0.46 -87.86 95.14
C SER F 742 -0.61 -86.86 94.68
N ILE F 743 -1.11 -86.06 95.61
CA ILE F 743 -2.19 -85.10 95.39
C ILE F 743 -1.58 -83.76 94.98
N LEU F 744 -0.32 -83.78 94.58
CA LEU F 744 0.43 -82.59 94.23
C LEU F 744 0.01 -82.05 92.87
N THR F 745 0.85 -81.20 92.27
CA THR F 745 0.46 -80.44 91.08
C THR F 745 -0.16 -81.28 89.98
N ASP F 746 -0.02 -82.61 90.03
CA ASP F 746 -0.71 -83.48 89.07
C ASP F 746 -2.20 -83.17 88.98
N SER F 747 -2.83 -82.77 90.09
CA SER F 747 -4.22 -82.36 90.03
C SER F 747 -4.36 -80.98 89.38
N GLN F 748 -3.30 -80.17 89.44
CA GLN F 748 -3.30 -78.84 88.88
C GLN F 748 -2.83 -78.82 87.43
N THR F 749 -2.23 -79.90 86.94
CA THR F 749 -1.80 -79.97 85.55
C THR F 749 -2.96 -80.04 84.58
N ALA F 750 -4.13 -80.50 85.03
CA ALA F 750 -5.30 -80.53 84.15
C ALA F 750 -5.60 -79.14 83.62
N THR F 751 -5.49 -78.13 84.48
CA THR F 751 -5.74 -76.75 84.09
C THR F 751 -4.78 -76.26 83.02
N LYS F 752 -3.73 -77.03 82.71
CA LYS F 752 -2.81 -76.67 81.65
C LYS F 752 -3.20 -77.28 80.30
N ARG F 753 -3.99 -78.35 80.30
CA ARG F 753 -4.50 -78.90 79.05
C ARG F 753 -6.00 -78.70 78.87
N ILE F 754 -6.73 -78.39 79.93
CA ILE F 754 -8.12 -77.97 79.82
C ILE F 754 -8.18 -76.44 79.77
N ARG F 755 -9.28 -75.93 79.21
CA ARG F 755 -9.51 -74.50 79.04
C ARG F 755 -8.41 -73.86 78.20
N MET F 756 -7.97 -74.59 77.19
CA MET F 756 -6.90 -74.13 76.29
C MET F 756 -7.28 -72.85 75.56
N MET G 1 8.18 48.25 -53.81
CA MET G 1 7.70 49.61 -53.99
C MET G 1 7.30 49.85 -55.44
N GLU G 2 8.20 49.51 -56.36
CA GLU G 2 8.00 49.81 -57.77
C GLU G 2 6.75 49.14 -58.33
N ASP G 3 6.60 47.84 -58.06
CA ASP G 3 5.46 47.09 -58.59
C ASP G 3 4.13 47.63 -58.07
N PHE G 4 4.07 47.92 -56.77
CA PHE G 4 2.84 48.47 -56.21
C PHE G 4 2.51 49.83 -56.81
N VAL G 5 3.53 50.68 -57.01
CA VAL G 5 3.31 51.97 -57.64
C VAL G 5 2.77 51.78 -59.05
N ARG G 6 3.30 50.81 -59.78
CA ARG G 6 2.77 50.51 -61.11
C ARG G 6 1.39 49.86 -61.06
N GLN G 7 0.95 49.38 -59.89
CA GLN G 7 -0.35 48.73 -59.79
C GLN G 7 -1.49 49.70 -59.52
N CYS G 8 -1.33 50.59 -58.53
CA CYS G 8 -2.42 51.46 -58.07
C CYS G 8 -2.53 52.75 -58.87
N PHE G 9 -1.89 52.84 -60.04
CA PHE G 9 -1.95 54.02 -60.89
C PHE G 9 -2.10 53.60 -62.34
N ASN G 10 -2.72 54.46 -63.13
CA ASN G 10 -2.69 54.25 -64.56
C ASN G 10 -1.30 54.62 -65.06
N PRO G 11 -0.80 53.91 -66.08
CA PRO G 11 0.57 54.15 -66.55
C PRO G 11 0.83 55.53 -67.10
N MET G 12 -0.17 56.40 -67.27
CA MET G 12 0.11 57.73 -67.78
C MET G 12 0.80 58.59 -66.74
N ILE G 13 0.30 58.59 -65.50
CA ILE G 13 1.00 59.28 -64.42
C ILE G 13 2.36 58.63 -64.18
N VAL G 14 2.44 57.31 -64.34
CA VAL G 14 3.70 56.61 -64.17
C VAL G 14 4.72 57.08 -65.20
N GLU G 15 4.31 57.16 -66.47
CA GLU G 15 5.19 57.63 -67.52
C GLU G 15 5.57 59.09 -67.33
N LEU G 16 4.64 59.91 -66.85
CA LEU G 16 4.94 61.31 -66.58
C LEU G 16 6.01 61.44 -65.50
N ALA G 17 5.87 60.66 -64.41
CA ALA G 17 6.89 60.68 -63.37
C ALA G 17 8.21 60.12 -63.88
N GLU G 18 8.16 59.14 -64.78
CA GLU G 18 9.38 58.61 -65.39
C GLU G 18 10.08 59.68 -66.22
N LYS G 19 9.31 60.47 -66.96
CA LYS G 19 9.88 61.59 -67.70
C LYS G 19 10.52 62.60 -66.75
N ALA G 20 9.82 62.91 -65.66
CA ALA G 20 10.37 63.83 -64.66
C ALA G 20 11.60 63.24 -63.95
N MET G 21 11.79 61.92 -64.03
CA MET G 21 12.96 61.29 -63.45
C MET G 21 14.16 61.27 -64.38
N LYS G 22 13.95 61.33 -65.69
CA LYS G 22 15.05 61.45 -66.64
C LYS G 22 15.62 62.86 -66.71
N GLU G 23 15.19 63.77 -65.84
CA GLU G 23 15.68 65.15 -65.90
C GLU G 23 17.13 65.23 -65.44
N TYR G 24 17.44 64.60 -64.31
CA TYR G 24 18.79 64.62 -63.75
C TYR G 24 19.31 63.22 -63.52
N GLY G 25 19.03 62.31 -64.45
CA GLY G 25 19.52 60.95 -64.34
C GLY G 25 18.99 60.17 -63.16
N GLU G 26 17.87 60.59 -62.58
CA GLU G 26 17.32 59.93 -61.41
C GLU G 26 16.70 58.58 -61.78
N ASP G 27 17.50 57.52 -61.66
CA ASP G 27 17.02 56.19 -62.02
C ASP G 27 15.95 55.74 -61.02
N LEU G 28 14.85 55.20 -61.55
CA LEU G 28 13.74 54.81 -60.69
C LEU G 28 14.01 53.54 -59.89
N LYS G 29 15.00 52.74 -60.28
CA LYS G 29 15.28 51.51 -59.55
C LYS G 29 15.80 51.79 -58.15
N ILE G 30 16.55 52.88 -57.98
CA ILE G 30 17.13 53.24 -56.68
C ILE G 30 16.27 54.27 -55.96
N GLU G 31 15.89 55.33 -56.65
CA GLU G 31 15.11 56.41 -56.04
C GLU G 31 13.61 56.12 -56.09
N THR G 32 13.25 54.93 -55.59
CA THR G 32 11.85 54.51 -55.61
C THR G 32 10.97 55.40 -54.74
N ASN G 33 11.52 55.91 -53.62
CA ASN G 33 10.76 56.81 -52.77
C ASN G 33 10.38 58.08 -53.52
N LYS G 34 11.30 58.60 -54.33
CA LYS G 34 10.97 59.74 -55.18
C LYS G 34 9.92 59.37 -56.22
N PHE G 35 9.97 58.13 -56.71
CA PHE G 35 8.94 57.65 -57.64
C PHE G 35 7.56 57.75 -57.01
N ALA G 36 7.41 57.18 -55.81
CA ALA G 36 6.11 57.22 -55.13
C ALA G 36 5.69 58.65 -54.83
N ALA G 37 6.61 59.47 -54.33
CA ALA G 37 6.27 60.84 -53.95
C ALA G 37 5.84 61.66 -55.15
N ILE G 38 6.54 61.52 -56.29
CA ILE G 38 6.22 62.30 -57.47
C ILE G 38 4.90 61.83 -58.08
N CYS G 39 4.70 60.51 -58.16
CA CYS G 39 3.42 60.01 -58.67
C CYS G 39 2.26 60.50 -57.82
N THR G 40 2.41 60.45 -56.50
CA THR G 40 1.37 60.95 -55.62
C THR G 40 1.15 62.45 -55.81
N HIS G 41 2.22 63.22 -55.93
CA HIS G 41 2.11 64.67 -56.16
C HIS G 41 1.30 64.96 -57.41
N LEU G 42 1.63 64.29 -58.52
CA LEU G 42 0.95 64.55 -59.77
C LEU G 42 -0.51 64.13 -59.72
N GLU G 43 -0.78 62.96 -59.13
CA GLU G 43 -2.17 62.52 -59.02
C GLU G 43 -2.97 63.40 -58.08
N VAL G 44 -2.34 63.94 -57.03
CA VAL G 44 -3.02 64.87 -56.14
C VAL G 44 -3.42 66.13 -56.89
N CYS G 45 -2.49 66.70 -57.66
CA CYS G 45 -2.83 67.87 -58.45
C CYS G 45 -3.97 67.57 -59.42
N PHE G 46 -3.92 66.41 -60.06
CA PHE G 46 -4.94 66.06 -61.04
C PHE G 46 -6.31 65.90 -60.38
N MET G 47 -6.40 65.07 -59.34
CA MET G 47 -7.67 64.87 -58.64
C MET G 47 -8.14 66.14 -57.94
N TYR G 48 -7.24 67.10 -57.72
CA TYR G 48 -7.66 68.40 -57.20
C TYR G 48 -8.32 69.23 -58.29
N SER G 49 -7.78 69.20 -59.51
CA SER G 49 -8.29 70.06 -60.56
C SER G 49 -9.50 69.49 -61.27
N ASP G 50 -9.75 68.18 -61.16
CA ASP G 50 -10.80 67.55 -61.95
C ASP G 50 -12.19 68.00 -61.50
N PHE G 51 -13.10 68.06 -62.48
CA PHE G 51 -14.55 68.16 -62.23
C PHE G 51 -14.94 69.45 -61.52
N HIS G 52 -14.19 70.53 -61.76
CA HIS G 52 -14.49 71.84 -61.18
C HIS G 52 -14.52 72.86 -62.31
N PHE G 53 -15.70 73.36 -62.64
CA PHE G 53 -15.84 74.34 -63.71
C PHE G 53 -16.35 75.65 -63.13
N ILE G 54 -16.23 76.71 -63.92
CA ILE G 54 -16.69 78.05 -63.52
C ILE G 54 -17.85 78.44 -64.43
N ASN G 55 -19.01 78.70 -63.81
CA ASN G 55 -20.20 79.03 -64.57
C ASN G 55 -20.01 80.33 -65.35
N GLU G 56 -20.96 80.62 -66.24
CA GLU G 56 -20.91 81.87 -66.99
C GLU G 56 -20.94 83.07 -66.06
N GLN G 57 -21.59 82.95 -64.91
CA GLN G 57 -21.61 84.01 -63.92
C GLN G 57 -20.50 83.76 -62.90
N GLY G 58 -20.49 84.52 -61.81
CA GLY G 58 -19.45 84.42 -60.81
C GLY G 58 -19.68 83.38 -59.73
N GLU G 59 -19.79 82.11 -60.14
CA GLU G 59 -19.89 81.02 -59.18
C GLU G 59 -19.23 79.78 -59.76
N SER G 60 -18.83 78.88 -58.87
CA SER G 60 -18.18 77.62 -59.25
C SER G 60 -19.19 76.49 -59.17
N ILE G 61 -19.02 75.51 -60.06
CA ILE G 61 -19.89 74.34 -60.09
C ILE G 61 -19.04 73.10 -60.37
N VAL G 62 -19.66 71.94 -60.19
CA VAL G 62 -19.01 70.65 -60.41
C VAL G 62 -19.73 69.92 -61.54
N VAL G 63 -19.01 69.00 -62.18
CA VAL G 63 -19.56 68.17 -63.23
C VAL G 63 -18.91 66.80 -63.12
N GLU G 64 -19.52 65.81 -63.76
CA GLU G 64 -19.06 64.43 -63.69
C GLU G 64 -18.48 63.92 -65.00
N LEU G 65 -19.10 64.27 -66.13
CA LEU G 65 -18.69 63.75 -67.43
C LEU G 65 -17.47 64.53 -67.93
N ASP G 66 -17.14 64.33 -69.21
CA ASP G 66 -16.00 65.02 -69.82
C ASP G 66 -16.31 65.17 -71.30
N ASP G 67 -16.87 66.32 -71.65
CA ASP G 67 -17.11 66.72 -73.03
C ASP G 67 -17.16 68.24 -73.03
N PRO G 68 -16.31 68.90 -73.80
CA PRO G 68 -16.24 70.36 -73.73
C PRO G 68 -17.47 71.07 -74.28
N ASN G 69 -18.35 71.47 -73.37
CA ASN G 69 -19.58 72.18 -73.72
C ASN G 69 -19.24 73.66 -73.89
N ALA G 70 -20.28 74.51 -73.92
CA ALA G 70 -20.09 75.95 -74.02
C ALA G 70 -19.28 76.51 -72.86
N LEU G 71 -19.04 75.72 -71.82
CA LEU G 71 -18.21 76.12 -70.69
C LEU G 71 -17.01 75.17 -70.64
N LEU G 72 -15.81 75.73 -70.81
CA LEU G 72 -14.59 74.94 -70.80
C LEU G 72 -13.57 75.39 -69.78
N LYS G 73 -13.71 76.57 -69.20
CA LYS G 73 -12.72 77.06 -68.24
C LYS G 73 -12.78 76.19 -67.00
N HIS G 74 -11.77 75.33 -66.87
CA HIS G 74 -11.63 74.28 -65.86
C HIS G 74 -11.36 74.81 -64.48
N ARG G 75 -11.38 76.13 -64.24
CA ARG G 75 -11.29 76.68 -62.89
C ARG G 75 -9.87 76.47 -62.36
N PHE G 76 -9.06 75.71 -63.10
CA PHE G 76 -7.71 75.35 -62.69
C PHE G 76 -6.90 75.03 -63.94
N GLU G 77 -5.70 75.57 -64.02
CA GLU G 77 -4.76 75.29 -65.08
C GLU G 77 -3.61 74.50 -64.50
N ILE G 78 -3.36 73.32 -65.07
CA ILE G 78 -2.32 72.42 -64.59
C ILE G 78 -0.98 72.87 -65.15
N ILE G 79 0.04 72.92 -64.29
CA ILE G 79 1.37 73.40 -64.64
C ILE G 79 2.41 72.31 -64.44
N GLU G 80 2.37 71.64 -63.27
CA GLU G 80 3.44 70.71 -62.89
C GLU G 80 3.48 69.50 -63.81
N GLY G 81 2.36 69.13 -64.42
CA GLY G 81 2.33 67.98 -65.31
C GLY G 81 3.14 68.15 -66.58
N ARG G 82 3.55 69.38 -66.91
CA ARG G 82 4.27 69.65 -68.14
C ARG G 82 5.77 69.65 -67.89
N ASP G 83 6.53 69.80 -68.98
CA ASP G 83 7.98 69.90 -68.87
C ASP G 83 8.36 71.27 -68.33
N ARG G 84 9.63 71.40 -67.94
CA ARG G 84 10.13 72.65 -67.36
C ARG G 84 9.92 73.82 -68.32
N THR G 85 10.33 73.66 -69.58
CA THR G 85 10.24 74.76 -70.54
C THR G 85 8.79 75.17 -70.77
N MET G 86 7.91 74.19 -71.03
CA MET G 86 6.50 74.51 -71.21
C MET G 86 5.89 75.09 -69.94
N ALA G 87 6.32 74.59 -68.78
CA ALA G 87 5.81 75.12 -67.52
C ALA G 87 6.15 76.60 -67.38
N TRP G 88 7.42 76.96 -67.58
CA TRP G 88 7.79 78.37 -67.49
C TRP G 88 7.11 79.22 -68.57
N THR G 89 6.92 78.65 -69.76
CA THR G 89 6.21 79.38 -70.81
C THR G 89 4.79 79.71 -70.37
N VAL G 90 4.10 78.72 -69.81
CA VAL G 90 2.73 78.95 -69.33
C VAL G 90 2.74 79.93 -68.17
N VAL G 91 3.74 79.85 -67.29
CA VAL G 91 3.81 80.77 -66.15
C VAL G 91 3.95 82.21 -66.63
N ASN G 92 4.87 82.45 -67.57
CA ASN G 92 5.05 83.81 -68.07
C ASN G 92 3.80 84.29 -68.80
N SER G 93 3.19 83.42 -69.61
CA SER G 93 1.98 83.81 -70.34
C SER G 93 0.87 84.22 -69.38
N ILE G 94 0.59 83.37 -68.37
CA ILE G 94 -0.54 83.64 -67.47
C ILE G 94 -0.25 84.80 -66.53
N CYS G 95 1.02 84.99 -66.14
CA CYS G 95 1.36 86.14 -65.33
C CYS G 95 1.21 87.43 -66.11
N ASN G 96 1.60 87.42 -67.40
CA ASN G 96 1.44 88.62 -68.22
C ASN G 96 -0.02 88.90 -68.49
N THR G 97 -0.83 87.84 -68.67
CA THR G 97 -2.25 88.05 -68.92
C THR G 97 -2.98 88.50 -67.66
N THR G 98 -2.51 88.08 -66.49
CA THR G 98 -3.16 88.40 -65.22
C THR G 98 -2.49 89.54 -64.47
N GLY G 99 -1.21 89.81 -64.74
CA GLY G 99 -0.55 90.91 -64.07
C GLY G 99 -0.02 90.59 -62.70
N ALA G 100 0.14 89.32 -62.36
CA ALA G 100 0.66 88.91 -61.06
C ALA G 100 2.17 88.68 -61.16
N GLU G 101 2.90 89.15 -60.16
CA GLU G 101 4.34 88.96 -60.16
C GLU G 101 4.66 87.48 -60.08
N LYS G 102 5.46 87.00 -61.04
CA LYS G 102 5.75 85.58 -61.12
C LYS G 102 6.61 85.14 -59.94
N PRO G 103 6.28 84.00 -59.32
CA PRO G 103 7.12 83.49 -58.23
C PRO G 103 8.34 82.78 -58.77
N LYS G 104 9.45 82.91 -58.02
CA LYS G 104 10.69 82.29 -58.46
C LYS G 104 10.64 80.77 -58.36
N PHE G 105 9.87 80.24 -57.44
CA PHE G 105 9.69 78.80 -57.33
C PHE G 105 8.51 78.35 -58.17
N LEU G 106 8.70 77.25 -58.89
CA LEU G 106 7.75 76.77 -59.89
C LEU G 106 6.47 76.32 -59.21
N PRO G 107 5.32 76.96 -59.46
CA PRO G 107 4.06 76.51 -58.85
C PRO G 107 3.48 75.32 -59.61
N ASP G 108 2.47 74.71 -59.00
CA ASP G 108 1.93 73.46 -59.52
C ASP G 108 0.54 73.56 -60.11
N LEU G 109 -0.22 74.62 -59.81
CA LEU G 109 -1.57 74.79 -60.33
C LEU G 109 -1.91 76.27 -60.31
N TYR G 110 -2.88 76.66 -61.12
CA TYR G 110 -3.34 78.05 -61.13
C TYR G 110 -4.85 78.14 -61.08
N ASP G 111 -5.36 79.02 -60.23
CA ASP G 111 -6.80 79.27 -60.09
C ASP G 111 -7.18 80.52 -60.89
N TYR G 112 -8.41 80.52 -61.39
CA TYR G 112 -8.96 81.65 -62.13
C TYR G 112 -9.89 82.52 -61.30
N LYS G 113 -10.69 81.92 -60.41
CA LYS G 113 -11.62 82.70 -59.60
C LYS G 113 -10.87 83.61 -58.62
N GLU G 114 -10.11 83.01 -57.70
CA GLU G 114 -9.32 83.77 -56.74
C GLU G 114 -8.08 84.42 -57.37
N ASN G 115 -7.77 84.09 -58.62
CA ASN G 115 -6.58 84.60 -59.30
C ASN G 115 -5.31 84.28 -58.52
N ARG G 116 -5.25 83.09 -57.96
CA ARG G 116 -4.14 82.69 -57.11
C ARG G 116 -3.38 81.52 -57.71
N PHE G 117 -2.12 81.36 -57.30
CA PHE G 117 -1.27 80.26 -57.73
C PHE G 117 -1.27 79.21 -56.64
N ILE G 118 -2.06 78.16 -56.83
CA ILE G 118 -2.17 77.09 -55.84
C ILE G 118 -1.08 76.05 -56.08
N GLU G 119 -0.29 75.78 -55.04
CA GLU G 119 0.67 74.69 -55.05
C GLU G 119 0.37 73.77 -53.87
N ILE G 120 0.40 72.46 -54.15
CA ILE G 120 -0.01 71.44 -53.19
C ILE G 120 1.21 70.60 -52.83
N GLY G 121 1.31 70.27 -51.54
CA GLY G 121 2.41 69.46 -51.03
C GLY G 121 1.94 68.30 -50.20
N VAL G 122 2.40 67.10 -50.53
CA VAL G 122 2.02 65.88 -49.82
C VAL G 122 3.15 65.50 -48.88
N THR G 123 2.84 65.40 -47.58
CA THR G 123 3.84 65.09 -46.58
C THR G 123 3.37 63.91 -45.74
N ARG G 124 4.31 63.26 -45.07
CA ARG G 124 4.01 62.15 -44.17
C ARG G 124 3.95 62.58 -42.71
N ARG G 125 4.74 63.57 -42.31
CA ARG G 125 4.79 64.02 -40.93
C ARG G 125 3.64 65.00 -40.66
N GLU G 126 3.70 65.66 -39.51
CA GLU G 126 2.70 66.66 -39.15
C GLU G 126 2.66 67.79 -40.18
N VAL G 127 1.44 68.16 -40.60
CA VAL G 127 1.27 69.15 -41.65
C VAL G 127 1.76 70.53 -41.21
N HIS G 128 1.77 70.79 -39.89
CA HIS G 128 2.20 72.10 -39.42
C HIS G 128 3.66 72.36 -39.75
N ILE G 129 4.52 71.36 -39.57
CA ILE G 129 5.94 71.56 -39.82
C ILE G 129 6.21 71.78 -41.30
N TYR G 130 5.55 71.01 -42.17
CA TYR G 130 5.75 71.18 -43.60
C TYR G 130 5.20 72.53 -44.07
N TYR G 131 4.06 72.95 -43.55
CA TYR G 131 3.51 74.25 -43.91
C TYR G 131 4.41 75.37 -43.43
N LEU G 132 4.95 75.26 -42.22
CA LEU G 132 5.86 76.28 -41.71
C LEU G 132 7.14 76.34 -42.54
N GLU G 133 7.63 75.20 -43.02
CA GLU G 133 8.83 75.21 -43.85
C GLU G 133 8.53 75.85 -45.21
N LYS G 134 7.38 75.51 -45.80
CA LYS G 134 6.98 76.15 -47.05
C LYS G 134 6.79 77.65 -46.88
N ALA G 135 6.33 78.09 -45.70
CA ALA G 135 6.14 79.51 -45.45
C ALA G 135 7.46 80.22 -45.21
N ASN G 136 8.39 79.60 -44.48
CA ASN G 136 9.69 80.21 -44.25
C ASN G 136 10.51 80.27 -45.54
N LYS G 137 10.25 79.35 -46.47
CA LYS G 137 10.91 79.44 -47.77
C LYS G 137 10.19 80.41 -48.70
N ILE G 138 8.86 80.43 -48.65
CA ILE G 138 8.03 81.29 -49.50
C ILE G 138 7.09 82.07 -48.60
N LYS G 139 7.40 83.35 -48.36
CA LYS G 139 6.57 84.19 -47.50
C LYS G 139 6.39 85.55 -48.14
N SER G 140 5.44 86.32 -47.58
CA SER G 140 5.14 87.71 -47.94
C SER G 140 4.60 87.88 -49.35
N GLU G 141 4.32 86.80 -50.06
CA GLU G 141 3.77 86.88 -51.41
C GLU G 141 2.42 86.18 -51.44
N ASN G 142 1.50 86.73 -52.25
CA ASN G 142 0.15 86.19 -52.39
C ASN G 142 0.18 84.94 -53.28
N THR G 143 0.54 83.82 -52.65
CA THR G 143 0.56 82.52 -53.31
C THR G 143 -0.02 81.51 -52.34
N HIS G 144 -1.15 80.92 -52.70
CA HIS G 144 -1.86 80.04 -51.79
C HIS G 144 -1.16 78.69 -51.69
N ILE G 145 -1.02 78.19 -50.47
CA ILE G 145 -0.34 76.93 -50.18
C ILE G 145 -1.38 75.94 -49.68
N HIS G 146 -1.29 74.69 -50.15
CA HIS G 146 -2.22 73.65 -49.72
C HIS G 146 -1.45 72.37 -49.48
N ILE G 147 -1.49 71.86 -48.25
CA ILE G 147 -0.69 70.70 -47.85
C ILE G 147 -1.61 69.59 -47.38
N PHE G 148 -1.39 68.39 -47.90
CA PHE G 148 -2.11 67.19 -47.50
C PHE G 148 -1.16 66.17 -46.88
N SER G 149 -1.74 65.27 -46.10
CA SER G 149 -1.00 64.18 -45.48
C SER G 149 -1.79 62.89 -45.65
N PHE G 150 -1.13 61.77 -45.37
CA PHE G 150 -1.79 60.47 -45.47
C PHE G 150 -2.63 60.15 -44.24
N THR G 151 -2.35 60.80 -43.10
CA THR G 151 -3.11 60.54 -41.89
C THR G 151 -4.54 61.07 -41.96
N GLY G 152 -4.88 61.86 -42.98
CA GLY G 152 -6.18 62.45 -43.11
C GLY G 152 -6.21 63.95 -42.90
N GLU G 153 -5.16 64.51 -42.29
CA GLU G 153 -5.08 65.93 -42.02
C GLU G 153 -4.95 66.72 -43.31
N GLU G 154 -5.10 68.04 -43.19
CA GLU G 154 -5.14 68.96 -44.32
C GLU G 154 -4.90 70.37 -43.80
N MET G 155 -4.08 71.14 -44.50
CA MET G 155 -3.72 72.49 -44.03
C MET G 155 -3.66 73.45 -45.21
N ALA G 156 -4.57 74.43 -45.21
CA ALA G 156 -4.56 75.53 -46.16
C ALA G 156 -4.19 76.83 -45.44
N THR G 157 -4.02 77.89 -46.24
CA THR G 157 -3.64 79.20 -45.73
C THR G 157 -4.87 79.97 -45.27
N LYS G 158 -4.86 80.42 -44.00
CA LYS G 158 -5.92 81.27 -43.45
C LYS G 158 -7.29 80.61 -43.54
N ALA G 159 -7.36 79.33 -43.19
CA ALA G 159 -8.60 78.56 -43.18
C ALA G 159 -9.31 78.59 -44.53
N ASP G 160 -8.57 78.87 -45.61
CA ASP G 160 -9.16 78.92 -46.94
C ASP G 160 -8.92 77.58 -47.64
N TYR G 161 -9.66 76.58 -47.17
CA TYR G 161 -9.67 75.27 -47.83
C TYR G 161 -10.51 75.43 -49.09
N THR G 162 -9.88 76.01 -50.11
CA THR G 162 -10.57 76.56 -51.28
C THR G 162 -11.02 75.44 -52.22
N LEU G 163 -11.99 74.67 -51.73
CA LEU G 163 -12.63 73.63 -52.54
C LEU G 163 -13.91 73.20 -51.83
N ASP G 164 -14.66 72.32 -52.49
CA ASP G 164 -15.83 71.71 -51.88
C ASP G 164 -15.38 70.75 -50.77
N GLU G 165 -16.34 70.35 -49.94
CA GLU G 165 -16.00 69.44 -48.84
C GLU G 165 -15.72 68.04 -49.36
N GLU G 166 -16.63 67.49 -50.16
CA GLU G 166 -16.43 66.14 -50.68
C GLU G 166 -15.33 66.10 -51.73
N SER G 167 -15.28 67.13 -52.58
CA SER G 167 -14.29 67.16 -53.65
C SER G 167 -12.88 67.20 -53.12
N ARG G 168 -12.69 67.76 -51.91
CA ARG G 168 -11.39 67.80 -51.26
C ARG G 168 -11.14 66.57 -50.38
N ALA G 169 -12.18 66.08 -49.69
CA ALA G 169 -12.04 64.89 -48.86
C ALA G 169 -11.76 63.64 -49.68
N ARG G 170 -12.17 63.61 -50.95
CA ARG G 170 -11.89 62.46 -51.80
C ARG G 170 -10.39 62.22 -51.93
N ILE G 171 -9.61 63.30 -52.06
CA ILE G 171 -8.16 63.16 -52.12
C ILE G 171 -7.61 62.59 -50.81
N LYS G 172 -8.14 63.07 -49.67
CA LYS G 172 -7.74 62.52 -48.38
C LYS G 172 -7.98 61.02 -48.34
N THR G 173 -9.13 60.57 -48.83
CA THR G 173 -9.47 59.16 -48.80
C THR G 173 -8.53 58.35 -49.69
N ARG G 174 -8.23 58.86 -50.88
CA ARG G 174 -7.29 58.17 -51.76
C ARG G 174 -5.91 58.06 -51.12
N LEU G 175 -5.44 59.15 -50.50
CA LEU G 175 -4.15 59.11 -49.82
C LEU G 175 -4.15 58.08 -48.70
N PHE G 176 -5.23 58.03 -47.91
CA PHE G 176 -5.29 57.10 -46.79
C PHE G 176 -5.34 55.65 -47.26
N THR G 177 -6.08 55.38 -48.34
CA THR G 177 -6.13 54.02 -48.86
C THR G 177 -4.78 53.59 -49.43
N ILE G 178 -4.07 54.52 -50.09
CA ILE G 178 -2.72 54.21 -50.55
C ILE G 178 -1.81 53.92 -49.36
N ARG G 179 -1.97 54.70 -48.29
CA ARG G 179 -1.23 54.46 -47.05
C ARG G 179 -1.45 53.03 -46.57
N GLN G 180 -2.71 52.62 -46.44
CA GLN G 180 -2.99 51.27 -45.95
C GLN G 180 -2.41 50.21 -46.88
N GLU G 181 -2.53 50.43 -48.20
CA GLU G 181 -2.04 49.44 -49.16
C GLU G 181 -0.55 49.24 -49.03
N MET G 182 0.22 50.34 -48.99
CA MET G 182 1.66 50.17 -48.80
C MET G 182 2.02 49.78 -47.37
N ALA G 183 1.08 49.92 -46.42
CA ALA G 183 1.35 49.47 -45.06
C ALA G 183 1.31 47.96 -44.96
N ASN G 184 0.19 47.35 -45.36
CA ASN G 184 0.11 45.89 -45.28
C ASN G 184 1.01 45.20 -46.31
N ARG G 185 1.58 45.95 -47.25
CA ARG G 185 2.63 45.46 -48.13
C ARG G 185 4.01 45.62 -47.53
N GLY G 186 4.11 46.11 -46.29
CA GLY G 186 5.41 46.35 -45.68
C GLY G 186 6.21 47.44 -46.32
N LEU G 187 5.57 48.35 -47.05
CA LEU G 187 6.24 49.37 -47.85
C LEU G 187 6.12 50.76 -47.23
N TRP G 188 6.22 50.85 -45.90
CA TRP G 188 6.32 52.14 -45.23
C TRP G 188 7.76 52.58 -45.01
N ASP G 189 8.68 52.20 -45.91
CA ASP G 189 10.08 52.56 -45.74
C ASP G 189 10.31 54.07 -45.81
N SER G 190 9.51 54.79 -46.60
CA SER G 190 9.75 56.19 -46.91
C SER G 190 9.34 57.15 -45.77
N PHE G 191 9.15 56.67 -44.55
CA PHE G 191 8.76 57.55 -43.45
C PHE G 191 9.89 58.51 -43.06
N ARG G 192 11.13 58.03 -43.05
CA ARG G 192 12.26 58.85 -42.63
C ARG G 192 12.95 59.55 -43.80
N GLN G 193 12.54 59.28 -45.03
CA GLN G 193 13.22 59.76 -46.23
C GLN G 193 12.50 60.94 -46.88
N SER G 194 11.21 60.79 -47.17
CA SER G 194 10.43 61.92 -47.68
C SER G 194 10.19 62.99 -46.64
N GLU G 195 10.75 62.83 -45.45
CA GLU G 195 10.68 63.79 -44.35
C GLU G 195 11.79 64.82 -44.43
N ARG G 196 11.93 65.45 -45.59
CA ARG G 196 13.01 66.39 -45.84
C ARG G 196 12.59 67.63 -46.60
N GLY G 197 11.30 67.80 -46.91
CA GLY G 197 10.90 68.81 -47.87
C GLY G 197 11.19 68.32 -49.26
N GLU G 198 12.48 68.12 -49.56
CA GLU G 198 12.90 67.42 -50.77
C GLU G 198 12.56 65.94 -50.57
N GLU G 199 11.48 65.49 -51.22
CA GLU G 199 10.84 64.21 -50.95
C GLU G 199 11.53 63.03 -51.64
N THR G 200 12.79 63.16 -52.03
CA THR G 200 13.45 62.17 -52.87
C THR G 200 14.48 61.31 -52.14
N ILE G 201 15.03 61.76 -51.02
CA ILE G 201 16.24 61.14 -50.48
C ILE G 201 16.01 59.66 -50.20
N GLU G 202 17.09 58.89 -50.34
CA GLU G 202 17.12 57.47 -50.01
C GLU G 202 17.90 57.26 -48.72
N GLU G 203 17.79 56.06 -48.16
CA GLU G 203 18.49 55.75 -46.91
C GLU G 203 20.00 55.83 -47.14
N ARG G 204 20.63 56.84 -46.54
CA ARG G 204 22.08 56.96 -46.61
C ARG G 204 22.70 56.33 -45.37
N PHE G 205 23.67 55.44 -45.58
CA PHE G 205 24.36 54.75 -44.50
C PHE G 205 25.70 55.41 -44.27
N GLU G 206 25.85 56.05 -43.11
CA GLU G 206 27.08 56.75 -42.77
C GLU G 206 28.08 55.78 -42.17
N ILE G 207 29.36 56.11 -42.32
CA ILE G 207 30.46 55.40 -41.65
C ILE G 207 31.28 56.48 -40.97
N THR G 208 30.94 56.78 -39.72
CA THR G 208 31.58 57.85 -38.96
C THR G 208 32.73 57.26 -38.15
N GLY G 209 33.27 58.05 -37.22
CA GLY G 209 34.34 57.59 -36.38
C GLY G 209 33.95 56.40 -35.53
N THR G 210 34.98 55.77 -34.95
CA THR G 210 34.89 54.58 -34.11
C THR G 210 34.44 53.36 -34.91
N MET G 211 34.05 53.57 -36.17
CA MET G 211 33.79 52.49 -37.11
C MET G 211 34.67 52.62 -38.35
N ARG G 212 34.73 53.83 -38.93
CA ARG G 212 35.70 54.08 -39.99
C ARG G 212 37.12 53.89 -39.47
N ARG G 213 37.33 54.11 -38.17
CA ARG G 213 38.64 53.84 -37.58
C ARG G 213 39.00 52.36 -37.66
N LEU G 214 38.02 51.46 -37.57
CA LEU G 214 38.24 50.05 -37.80
C LEU G 214 38.15 49.67 -39.27
N ALA G 215 37.28 50.36 -40.03
CA ALA G 215 37.19 50.11 -41.47
C ALA G 215 38.51 50.43 -42.16
N ASP G 216 39.16 51.52 -41.76
CA ASP G 216 40.45 51.86 -42.31
C ASP G 216 41.54 50.89 -41.88
N GLN G 217 41.34 50.18 -40.76
CA GLN G 217 42.27 49.18 -40.27
C GLN G 217 41.99 47.79 -40.80
N SER G 218 40.95 47.61 -41.61
CA SER G 218 40.55 46.29 -42.09
C SER G 218 41.04 46.00 -43.51
N LEU G 219 41.75 46.93 -44.13
CA LEU G 219 42.23 46.75 -45.49
C LEU G 219 43.54 45.95 -45.51
N PRO G 220 43.88 45.35 -46.65
CA PRO G 220 45.15 44.60 -46.76
C PRO G 220 46.34 45.51 -46.49
N PRO G 221 47.52 44.91 -46.20
CA PRO G 221 48.66 45.72 -45.73
C PRO G 221 49.32 46.56 -46.81
N ASN G 222 48.54 47.38 -47.52
CA ASN G 222 49.12 48.29 -48.50
C ASN G 222 48.52 49.69 -48.46
N PHE G 223 47.42 49.90 -47.73
CA PHE G 223 46.70 51.15 -47.73
C PHE G 223 46.39 51.56 -46.31
N SER G 224 45.84 52.74 -46.16
CA SER G 224 45.43 53.15 -44.82
C SER G 224 43.99 53.66 -44.76
N CYS G 225 43.52 54.36 -45.78
CA CYS G 225 42.15 54.86 -45.83
C CYS G 225 41.32 53.92 -46.70
N LEU G 226 40.13 53.58 -46.21
CA LEU G 226 39.26 52.65 -46.95
C LEU G 226 38.79 53.23 -48.27
N GLU G 227 38.81 54.54 -48.44
CA GLU G 227 38.44 55.13 -49.72
C GLU G 227 39.45 54.80 -50.80
N ASN G 228 40.74 54.80 -50.46
CA ASN G 228 41.77 54.38 -51.42
C ASN G 228 41.51 52.95 -51.87
N PHE G 229 41.23 52.05 -50.92
CA PHE G 229 40.98 50.66 -51.28
C PHE G 229 39.70 50.50 -52.08
N ARG G 230 38.67 51.29 -51.77
CA ARG G 230 37.43 51.20 -52.52
C ARG G 230 37.62 51.65 -53.96
N ALA G 231 38.35 52.75 -54.16
CA ALA G 231 38.65 53.19 -55.52
C ALA G 231 39.54 52.18 -56.24
N TYR G 232 40.42 51.51 -55.51
CA TYR G 232 41.27 50.48 -56.11
C TYR G 232 40.44 49.27 -56.52
N VAL G 233 39.42 48.93 -55.74
CA VAL G 233 38.57 47.79 -56.10
C VAL G 233 37.66 48.13 -57.27
N ASP G 234 37.13 49.35 -57.30
CA ASP G 234 36.28 49.75 -58.41
C ASP G 234 37.04 49.68 -59.73
N GLY G 235 38.29 50.16 -59.74
CA GLY G 235 39.13 50.03 -60.91
C GLY G 235 40.14 48.92 -60.76
N PHE G 236 39.86 47.77 -61.36
CA PHE G 236 40.76 46.62 -61.31
C PHE G 236 41.02 46.11 -62.71
N GLU G 237 42.22 45.56 -62.90
CA GLU G 237 42.68 45.09 -64.21
C GLU G 237 43.02 43.61 -64.15
N PRO G 238 42.22 42.74 -64.78
CA PRO G 238 42.58 41.32 -64.86
C PRO G 238 43.75 41.11 -65.81
N ASN G 239 44.98 41.37 -65.33
CA ASN G 239 46.16 41.37 -66.16
C ASN G 239 46.80 40.00 -66.34
N GLY G 240 46.43 39.01 -65.52
CA GLY G 240 47.06 37.71 -65.59
C GLY G 240 48.04 37.55 -64.45
N TYR G 241 47.65 38.08 -63.29
CA TYR G 241 48.48 38.01 -62.10
C TYR G 241 48.70 36.57 -61.64
N ILE G 242 47.77 35.68 -61.96
CA ILE G 242 47.86 34.29 -61.53
C ILE G 242 49.11 33.62 -62.08
N GLU G 243 49.40 33.83 -63.36
CA GLU G 243 50.54 33.17 -63.99
C GLU G 243 51.86 33.65 -63.38
N GLY G 244 51.98 34.95 -63.11
CA GLY G 244 53.18 35.45 -62.46
C GLY G 244 53.32 34.90 -61.05
N LYS G 245 52.22 34.87 -60.29
CA LYS G 245 52.27 34.30 -58.94
C LYS G 245 52.67 32.83 -58.96
N LEU G 246 52.21 32.09 -59.97
CA LEU G 246 52.60 30.68 -60.10
C LEU G 246 54.08 30.54 -60.46
N SER G 247 54.53 31.32 -61.44
CA SER G 247 55.95 31.26 -61.82
C SER G 247 56.85 31.67 -60.66
N GLN G 248 56.35 32.49 -59.74
CA GLN G 248 57.13 32.84 -58.56
C GLN G 248 57.10 31.74 -57.50
N MET G 249 56.02 30.97 -57.43
CA MET G 249 55.90 29.97 -56.37
C MET G 249 56.80 28.76 -56.63
N SER G 250 57.24 28.15 -55.54
CA SER G 250 58.17 27.02 -55.59
C SER G 250 57.51 25.78 -56.18
N LYS G 251 58.34 24.92 -56.78
CA LYS G 251 57.86 23.68 -57.36
C LYS G 251 57.49 22.63 -56.31
N GLU G 252 57.88 22.83 -55.05
CA GLU G 252 57.58 21.84 -54.02
C GLU G 252 56.14 21.86 -53.55
N VAL G 253 55.44 22.99 -53.70
CA VAL G 253 54.02 23.05 -53.38
C VAL G 253 53.28 22.33 -54.51
N ASN G 254 52.94 21.07 -54.28
CA ASN G 254 52.36 20.26 -55.35
C ASN G 254 51.58 19.10 -54.74
N ALA G 255 50.57 18.65 -55.49
CA ALA G 255 49.78 17.48 -55.13
C ALA G 255 50.30 16.29 -55.92
N LYS G 256 51.44 15.76 -55.49
CA LYS G 256 52.01 14.60 -56.17
C LYS G 256 51.13 13.38 -55.91
N ILE G 257 50.52 12.85 -56.97
CA ILE G 257 49.64 11.70 -56.84
C ILE G 257 50.47 10.46 -56.56
N GLU G 258 50.18 9.80 -55.43
CA GLU G 258 50.77 8.50 -55.15
C GLU G 258 49.84 7.42 -55.68
N PRO G 259 50.32 6.52 -56.55
CA PRO G 259 49.44 5.51 -57.13
C PRO G 259 48.88 4.57 -56.06
N PHE G 260 47.74 3.97 -56.38
CA PHE G 260 47.04 3.06 -55.48
C PHE G 260 46.85 1.72 -56.19
N LEU G 261 47.77 0.79 -55.95
CA LEU G 261 47.66 -0.57 -56.43
C LEU G 261 47.40 -1.50 -55.25
N LYS G 262 47.09 -2.76 -55.55
CA LYS G 262 46.74 -3.70 -54.49
C LYS G 262 47.92 -4.09 -53.61
N THR G 263 49.13 -3.61 -53.89
CA THR G 263 50.27 -3.93 -53.04
C THR G 263 50.54 -2.88 -51.98
N THR G 264 50.19 -1.62 -52.24
CA THR G 264 50.45 -0.53 -51.30
C THR G 264 49.66 -0.63 -49.99
N PRO G 265 48.36 -1.03 -49.98
CA PRO G 265 47.61 -1.00 -48.70
C PRO G 265 48.12 -2.03 -47.71
N ARG G 266 48.67 -1.56 -46.60
CA ARG G 266 49.13 -2.36 -45.47
C ARG G 266 48.15 -2.28 -44.30
N PRO G 267 48.05 -3.36 -43.53
CA PRO G 267 47.10 -3.40 -42.40
C PRO G 267 47.35 -2.33 -41.34
N ILE G 268 46.30 -2.08 -40.55
CA ILE G 268 46.28 -0.99 -39.58
C ILE G 268 47.27 -1.25 -38.46
N ARG G 269 47.99 -0.21 -38.05
CA ARG G 269 48.79 -0.26 -36.84
C ARG G 269 47.88 -0.41 -35.63
N LEU G 270 48.25 -1.30 -34.70
CA LEU G 270 47.34 -1.59 -33.60
C LEU G 270 47.97 -1.25 -32.25
N PRO G 271 47.18 -0.73 -31.31
CA PRO G 271 47.71 -0.42 -29.98
C PRO G 271 48.02 -1.69 -29.19
N ASP G 272 49.00 -1.57 -28.29
CA ASP G 272 49.42 -2.66 -27.42
C ASP G 272 49.43 -2.20 -25.98
N GLY G 273 49.09 -3.11 -25.07
CA GLY G 273 49.05 -2.83 -23.65
C GLY G 273 48.06 -3.70 -22.90
N PRO G 274 47.36 -3.12 -21.93
CA PRO G 274 46.39 -3.90 -21.16
C PRO G 274 45.17 -4.24 -22.00
N PRO G 275 44.57 -5.41 -21.77
CA PRO G 275 43.38 -5.78 -22.54
C PRO G 275 42.21 -4.86 -22.20
N CYS G 276 41.40 -4.55 -23.22
CA CYS G 276 40.26 -3.66 -23.05
C CYS G 276 39.14 -4.36 -22.29
N PHE G 277 38.63 -3.67 -21.26
CA PHE G 277 37.53 -4.18 -20.45
C PHE G 277 36.19 -3.70 -21.02
N GLN G 278 35.12 -3.88 -20.25
CA GLN G 278 33.77 -3.56 -20.67
C GLN G 278 33.27 -2.31 -19.96
N ARG G 279 32.80 -1.35 -20.75
CA ARG G 279 32.22 -0.10 -20.24
C ARG G 279 30.72 -0.02 -20.49
N SER G 280 30.09 -1.11 -20.93
CA SER G 280 28.68 -1.08 -21.27
C SER G 280 27.83 -0.73 -20.06
N LYS G 281 26.64 -0.18 -20.35
CA LYS G 281 25.75 0.26 -19.27
C LYS G 281 25.17 -0.92 -18.50
N PHE G 282 24.85 -2.01 -19.21
CA PHE G 282 24.28 -3.20 -18.60
C PHE G 282 24.89 -4.44 -19.22
N LEU G 283 24.69 -5.59 -18.58
CA LEU G 283 25.24 -6.84 -19.08
C LEU G 283 24.49 -7.29 -20.32
N LEU G 284 25.24 -7.76 -21.31
CA LEU G 284 24.67 -8.15 -22.59
C LEU G 284 24.40 -9.65 -22.64
N MET G 285 25.44 -10.47 -22.52
CA MET G 285 25.32 -11.92 -22.70
C MET G 285 25.22 -12.67 -21.38
N ASP G 286 25.77 -12.12 -20.30
CA ASP G 286 25.92 -12.82 -19.04
C ASP G 286 24.69 -12.76 -18.16
N ALA G 287 23.88 -11.71 -18.28
CA ALA G 287 22.71 -11.56 -17.42
C ALA G 287 21.71 -12.70 -17.64
N LEU G 288 21.04 -13.09 -16.55
CA LEU G 288 20.05 -14.15 -16.58
C LEU G 288 18.71 -13.64 -16.08
N LYS G 289 17.65 -14.33 -16.52
CA LYS G 289 16.28 -13.90 -16.35
C LYS G 289 15.59 -14.63 -15.19
N LEU G 290 14.60 -13.97 -14.61
CA LEU G 290 13.76 -14.54 -13.56
C LEU G 290 12.32 -14.47 -14.06
N SER G 291 11.89 -15.52 -14.74
CA SER G 291 10.61 -15.53 -15.42
C SER G 291 9.47 -15.79 -14.43
N ILE G 292 8.30 -15.23 -14.74
CA ILE G 292 7.09 -15.48 -13.97
C ILE G 292 5.93 -15.93 -14.85
N GLU G 293 6.14 -16.12 -16.16
CA GLU G 293 5.15 -16.51 -17.14
C GLU G 293 3.74 -16.13 -16.75
N ASP G 294 3.51 -14.83 -16.53
CA ASP G 294 2.25 -14.36 -15.99
C ASP G 294 1.57 -13.42 -16.97
N PRO G 295 0.35 -13.71 -17.42
CA PRO G 295 -0.41 -12.75 -18.23
C PRO G 295 -1.06 -11.69 -17.34
N SER G 296 -0.22 -10.79 -16.82
CA SER G 296 -0.68 -9.74 -15.93
C SER G 296 -1.43 -8.63 -16.65
N HIS G 297 -1.57 -8.75 -17.97
CA HIS G 297 -2.29 -7.79 -18.82
C HIS G 297 -1.67 -6.41 -18.81
N GLU G 298 -0.45 -6.26 -18.28
CA GLU G 298 0.30 -5.00 -18.29
C GLU G 298 -0.56 -3.82 -17.86
N GLY G 299 -1.38 -4.02 -16.84
CA GLY G 299 -2.18 -2.92 -16.34
C GLY G 299 -1.31 -1.90 -15.62
N GLU G 300 -0.33 -1.36 -16.34
CA GLU G 300 0.76 -0.59 -15.76
C GLU G 300 1.35 -1.35 -14.57
N GLY G 301 1.75 -2.60 -14.85
CA GLY G 301 2.30 -3.48 -13.84
C GLY G 301 3.41 -2.83 -13.04
N ILE G 302 3.12 -2.59 -11.76
CA ILE G 302 4.00 -1.87 -10.84
C ILE G 302 5.36 -2.56 -10.82
N PRO G 303 6.42 -1.88 -11.27
CA PRO G 303 7.71 -2.56 -11.46
C PRO G 303 8.35 -3.08 -10.20
N LEU G 304 7.87 -2.67 -9.02
CA LEU G 304 8.48 -3.15 -7.79
C LEU G 304 7.93 -4.50 -7.37
N TYR G 305 6.61 -4.64 -7.29
CA TYR G 305 6.02 -5.89 -6.83
C TYR G 305 6.22 -7.02 -7.84
N ASP G 306 6.26 -6.69 -9.13
CA ASP G 306 6.67 -7.67 -10.12
C ASP G 306 8.07 -8.18 -9.83
N ALA G 307 8.96 -7.30 -9.37
CA ALA G 307 10.32 -7.72 -9.04
C ALA G 307 10.36 -8.58 -7.79
N ILE G 308 9.50 -8.30 -6.81
CA ILE G 308 9.52 -9.14 -5.61
C ILE G 308 8.94 -10.52 -5.90
N LYS G 309 7.96 -10.61 -6.81
CA LYS G 309 7.53 -11.95 -7.20
C LYS G 309 8.47 -12.60 -8.21
N CYS G 310 9.36 -11.83 -8.85
CA CYS G 310 10.53 -12.43 -9.50
C CYS G 310 11.41 -13.11 -8.46
N MET G 311 11.75 -12.38 -7.41
CA MET G 311 12.61 -12.93 -6.35
C MET G 311 11.98 -14.13 -5.69
N ARG G 312 10.65 -14.14 -5.53
CA ARG G 312 9.94 -15.27 -4.95
C ARG G 312 10.09 -16.56 -5.77
N THR G 313 10.66 -16.49 -6.97
CA THR G 313 10.81 -17.65 -7.84
C THR G 313 12.18 -18.30 -7.73
N PHE G 314 13.10 -17.71 -6.96
CA PHE G 314 14.47 -18.23 -6.87
C PHE G 314 14.81 -18.55 -5.42
N PHE G 315 15.48 -19.69 -5.24
CA PHE G 315 15.96 -20.14 -3.93
C PHE G 315 17.37 -20.66 -4.07
N GLY G 316 18.15 -20.52 -3.00
CA GLY G 316 19.53 -20.91 -3.03
C GLY G 316 20.49 -19.73 -2.94
N TRP G 317 20.12 -18.72 -2.16
CA TRP G 317 21.01 -17.59 -1.92
C TRP G 317 22.06 -18.05 -0.93
N LYS G 318 23.28 -18.32 -1.43
CA LYS G 318 24.35 -18.61 -0.50
C LYS G 318 24.77 -17.31 0.20
N GLU G 319 25.57 -17.45 1.25
CA GLU G 319 26.12 -16.26 1.89
C GLU G 319 26.94 -15.48 0.87
N PRO G 320 26.74 -14.16 0.74
CA PRO G 320 27.49 -13.39 -0.25
C PRO G 320 28.99 -13.60 -0.10
N TYR G 321 29.58 -14.24 -1.09
CA TYR G 321 30.97 -14.68 -1.05
C TYR G 321 31.69 -13.84 -2.10
N ILE G 322 32.35 -12.77 -1.63
CA ILE G 322 32.99 -11.82 -2.53
C ILE G 322 34.19 -12.49 -3.19
N VAL G 323 34.27 -12.38 -4.51
CA VAL G 323 35.35 -12.99 -5.29
C VAL G 323 36.32 -11.94 -5.80
N LYS G 324 35.85 -10.99 -6.61
CA LYS G 324 36.76 -10.04 -7.22
C LYS G 324 36.47 -8.63 -6.72
N PRO G 325 37.43 -7.95 -6.09
CA PRO G 325 37.21 -6.58 -5.61
C PRO G 325 37.41 -5.58 -6.74
N HIS G 326 37.32 -4.30 -6.37
CA HIS G 326 37.57 -3.21 -7.29
C HIS G 326 39.05 -2.88 -7.44
N GLU G 327 39.91 -3.48 -6.61
CA GLU G 327 41.36 -3.29 -6.59
C GLU G 327 41.73 -1.90 -6.10
N LYS G 328 40.73 -1.03 -5.93
CA LYS G 328 40.90 0.34 -5.46
C LYS G 328 39.53 0.88 -5.08
N GLY G 329 39.42 1.49 -3.91
CA GLY G 329 38.12 1.86 -3.39
C GLY G 329 37.61 0.82 -2.41
N ILE G 330 36.74 1.26 -1.50
CA ILE G 330 36.27 0.41 -0.41
C ILE G 330 35.35 -0.65 -1.00
N ASN G 331 35.81 -1.90 -0.98
CA ASN G 331 35.13 -3.05 -1.58
C ASN G 331 33.99 -3.62 -0.74
N PRO G 332 34.14 -3.79 0.58
CA PRO G 332 33.03 -4.35 1.38
C PRO G 332 31.76 -3.52 1.35
N ASN G 333 31.86 -2.22 1.02
CA ASN G 333 30.67 -1.40 0.93
C ASN G 333 29.69 -1.94 -0.11
N TYR G 334 30.19 -2.60 -1.15
CA TYR G 334 29.31 -3.20 -2.15
C TYR G 334 28.44 -4.29 -1.54
N LEU G 335 29.05 -5.21 -0.78
CA LEU G 335 28.26 -6.28 -0.17
C LEU G 335 27.35 -5.75 0.92
N LEU G 336 27.77 -4.71 1.63
CA LEU G 336 26.87 -4.08 2.60
C LEU G 336 25.67 -3.45 1.90
N SER G 337 25.89 -2.81 0.75
CA SER G 337 24.79 -2.27 -0.03
C SER G 337 23.85 -3.36 -0.53
N TRP G 338 24.40 -4.51 -0.93
CA TRP G 338 23.56 -5.62 -1.37
C TRP G 338 22.72 -6.16 -0.22
N LYS G 339 23.33 -6.33 0.95
CA LYS G 339 22.57 -6.75 2.13
C LYS G 339 21.48 -5.75 2.48
N GLN G 340 21.78 -4.45 2.36
CA GLN G 340 20.75 -3.44 2.60
C GLN G 340 19.62 -3.56 1.58
N VAL G 341 19.95 -3.84 0.33
CA VAL G 341 18.94 -4.07 -0.70
C VAL G 341 18.00 -5.19 -0.28
N LEU G 342 18.59 -6.33 0.11
CA LEU G 342 17.77 -7.47 0.52
C LEU G 342 16.95 -7.15 1.78
N ALA G 343 17.53 -6.37 2.70
CA ALA G 343 16.82 -5.99 3.91
C ALA G 343 15.60 -5.14 3.59
N GLU G 344 15.79 -4.01 2.91
CA GLU G 344 14.68 -3.17 2.50
C GLU G 344 13.69 -3.91 1.60
N LEU G 345 14.13 -5.00 0.95
CA LEU G 345 13.20 -5.84 0.22
C LEU G 345 12.31 -6.62 1.19
N GLN G 346 12.92 -7.23 2.20
CA GLN G 346 12.17 -8.03 3.16
C GLN G 346 11.62 -7.20 4.32
N ASP G 347 11.87 -5.89 4.34
CA ASP G 347 11.29 -5.02 5.36
C ASP G 347 10.09 -4.26 4.83
N ILE G 348 9.48 -4.73 3.74
CA ILE G 348 8.26 -4.09 3.22
C ILE G 348 7.03 -4.66 3.91
N GLU G 349 7.05 -5.95 4.24
CA GLU G 349 5.93 -6.54 4.95
C GLU G 349 5.84 -6.00 6.36
N ASN G 350 6.89 -5.33 6.84
CA ASN G 350 6.90 -4.64 8.13
C ASN G 350 6.35 -3.23 8.02
N GLU G 351 6.12 -2.74 6.80
CA GLU G 351 5.59 -1.40 6.58
C GLU G 351 4.07 -1.45 6.54
N GLU G 352 3.43 -0.61 7.35
CA GLU G 352 1.98 -0.55 7.36
C GLU G 352 1.40 -0.05 6.05
N LYS G 353 2.24 0.47 5.14
CA LYS G 353 1.76 1.04 3.88
C LYS G 353 2.84 0.84 2.83
N ILE G 354 2.46 0.33 1.66
CA ILE G 354 3.42 0.04 0.60
C ILE G 354 3.56 1.28 -0.29
N PRO G 355 4.78 1.76 -0.53
CA PRO G 355 4.95 3.10 -1.10
C PRO G 355 5.02 3.20 -2.63
N ARG G 356 5.06 2.07 -3.35
CA ARG G 356 5.24 2.02 -4.80
C ARG G 356 6.66 2.36 -5.21
N THR G 357 7.47 2.80 -4.25
CA THR G 357 8.85 3.24 -4.50
C THR G 357 9.60 3.13 -3.18
N LYS G 358 10.69 2.36 -3.18
CA LYS G 358 11.45 2.13 -1.95
C LYS G 358 12.59 3.14 -1.88
N ASN G 359 12.49 4.06 -0.92
CA ASN G 359 13.53 5.04 -0.66
C ASN G 359 14.54 4.41 0.28
N MET G 360 15.70 4.04 -0.26
CA MET G 360 16.73 3.45 0.58
C MET G 360 17.15 4.45 1.64
N LYS G 361 17.41 3.95 2.84
CA LYS G 361 17.84 4.83 3.91
C LYS G 361 19.22 5.39 3.60
N LYS G 362 19.50 6.58 4.13
CA LYS G 362 20.74 7.26 3.81
C LYS G 362 21.91 6.55 4.49
N THR G 363 22.17 5.31 4.08
CA THR G 363 23.24 4.53 4.68
C THR G 363 24.59 4.95 4.11
N SER G 364 25.62 4.82 4.94
CA SER G 364 26.95 5.28 4.56
C SER G 364 27.52 4.47 3.40
N GLN G 365 27.23 3.15 3.35
CA GLN G 365 27.70 2.34 2.24
C GLN G 365 27.12 2.81 0.92
N LEU G 366 25.82 3.12 0.90
CA LEU G 366 25.20 3.60 -0.32
C LEU G 366 25.62 5.03 -0.65
N LYS G 367 25.85 5.87 0.37
CA LYS G 367 26.40 7.19 0.12
C LYS G 367 27.77 7.10 -0.53
N TRP G 368 28.62 6.17 -0.07
CA TRP G 368 29.93 5.98 -0.69
C TRP G 368 29.78 5.42 -2.10
N ALA G 369 28.80 4.54 -2.31
CA ALA G 369 28.57 4.01 -3.65
C ALA G 369 28.15 5.11 -4.61
N LEU G 370 27.57 6.20 -4.10
CA LEU G 370 27.16 7.34 -4.91
C LEU G 370 28.10 8.53 -4.74
N GLY G 371 29.12 8.40 -3.91
CA GLY G 371 30.17 9.41 -3.77
C GLY G 371 29.71 10.76 -3.26
N GLU G 372 28.82 10.77 -2.28
CA GLU G 372 28.35 12.04 -1.72
C GLU G 372 28.65 12.15 -0.23
N SER G 395 43.19 14.97 -14.61
CA SER G 395 43.27 15.90 -15.73
C SER G 395 44.10 15.33 -16.87
N ASP G 396 44.85 14.27 -16.58
CA ASP G 396 45.78 13.71 -17.54
C ASP G 396 45.05 13.02 -18.69
N GLU G 397 45.82 12.65 -19.71
CA GLU G 397 45.29 12.01 -20.90
C GLU G 397 45.06 10.51 -20.66
N PRO G 398 44.18 9.88 -21.44
CA PRO G 398 43.87 8.46 -21.21
C PRO G 398 45.03 7.56 -21.57
N GLU G 399 44.91 6.31 -21.15
CA GLU G 399 45.89 5.27 -21.38
C GLU G 399 45.47 4.40 -22.58
N LEU G 400 46.47 3.72 -23.16
CA LEU G 400 46.25 2.90 -24.34
C LEU G 400 45.89 1.48 -23.89
N ARG G 401 44.65 1.08 -24.15
CA ARG G 401 44.16 -0.25 -23.79
C ARG G 401 44.10 -1.11 -25.04
N SER G 402 44.74 -2.28 -24.99
CA SER G 402 44.82 -3.14 -26.15
C SER G 402 43.50 -3.90 -26.35
N LEU G 403 43.38 -4.52 -27.52
CA LEU G 403 42.18 -5.28 -27.86
C LEU G 403 42.08 -6.56 -27.03
N SER G 404 40.86 -6.92 -26.67
CA SER G 404 40.57 -8.15 -25.95
C SER G 404 39.85 -9.13 -26.87
N SER G 405 39.65 -10.34 -26.36
CA SER G 405 39.11 -11.44 -27.16
C SER G 405 37.60 -11.60 -27.06
N TRP G 406 36.94 -10.89 -26.14
CA TRP G 406 35.56 -11.20 -25.80
C TRP G 406 34.53 -10.39 -26.59
N ILE G 407 34.91 -9.25 -27.17
CA ILE G 407 33.93 -8.41 -27.84
C ILE G 407 33.36 -9.12 -29.06
N GLN G 408 34.19 -9.91 -29.75
CA GLN G 408 33.70 -10.69 -30.89
C GLN G 408 32.65 -11.70 -30.44
N ASN G 409 32.89 -12.37 -29.31
CA ASN G 409 31.92 -13.35 -28.83
C ASN G 409 30.64 -12.69 -28.35
N GLU G 410 30.76 -11.53 -27.70
CA GLU G 410 29.57 -10.77 -27.31
C GLU G 410 28.73 -10.42 -28.52
N PHE G 411 29.38 -9.93 -29.59
CA PHE G 411 28.65 -9.59 -30.81
C PHE G 411 28.06 -10.84 -31.46
N ASN G 412 28.78 -11.97 -31.41
CA ASN G 412 28.26 -13.20 -31.99
C ASN G 412 26.97 -13.64 -31.29
N LYS G 413 27.00 -13.67 -29.96
CA LYS G 413 25.79 -14.05 -29.22
C LYS G 413 24.70 -13.00 -29.31
N ALA G 414 25.04 -11.75 -29.62
CA ALA G 414 24.02 -10.73 -29.84
C ALA G 414 23.25 -10.96 -31.13
N CYS G 415 23.89 -11.57 -32.14
CA CYS G 415 23.24 -11.81 -33.41
C CYS G 415 22.41 -13.09 -33.44
N GLU G 416 22.46 -13.91 -32.40
CA GLU G 416 21.75 -15.17 -32.43
C GLU G 416 20.28 -14.97 -32.06
N LEU G 417 19.47 -15.95 -32.42
CA LEU G 417 18.02 -15.89 -32.19
C LEU G 417 17.70 -16.46 -30.82
N THR G 418 16.60 -15.99 -30.24
CA THR G 418 16.20 -16.35 -28.89
C THR G 418 14.86 -17.07 -28.89
N ASP G 419 14.34 -17.31 -27.70
CA ASP G 419 13.07 -18.00 -27.51
C ASP G 419 11.90 -17.03 -27.46
N SER G 420 12.17 -15.75 -27.28
CA SER G 420 11.16 -14.71 -27.08
C SER G 420 11.07 -13.81 -28.31
N THR G 421 10.16 -12.84 -28.24
CA THR G 421 9.81 -11.98 -29.37
C THR G 421 10.25 -10.53 -29.20
N TRP G 422 9.96 -9.91 -28.05
CA TRP G 422 10.45 -8.60 -27.63
C TRP G 422 9.90 -7.42 -28.41
N ILE G 423 8.92 -7.62 -29.29
CA ILE G 423 8.41 -6.54 -30.12
C ILE G 423 6.89 -6.48 -30.01
N GLU G 424 6.34 -5.27 -29.92
CA GLU G 424 4.92 -5.01 -30.03
C GLU G 424 4.73 -4.07 -31.23
N LEU G 425 4.64 -4.67 -32.41
CA LEU G 425 4.56 -3.92 -33.66
C LEU G 425 3.09 -3.70 -34.01
N ASP G 426 2.65 -2.44 -33.94
CA ASP G 426 1.24 -2.12 -34.12
C ASP G 426 0.83 -2.27 -35.58
N GLU G 427 -0.48 -2.21 -35.80
CA GLU G 427 -1.07 -2.47 -37.11
C GLU G 427 -0.80 -1.31 -38.07
N ILE G 428 -1.06 -1.57 -39.35
CA ILE G 428 -0.95 -0.58 -40.41
C ILE G 428 -2.08 -0.85 -41.41
N GLY G 429 -2.44 0.19 -42.15
CA GLY G 429 -3.61 0.17 -43.01
C GLY G 429 -3.68 -0.85 -44.12
N GLU G 430 -4.77 -0.79 -44.88
CA GLU G 430 -5.04 -1.75 -45.94
C GLU G 430 -4.01 -1.65 -47.05
N ASP G 431 -3.37 -2.79 -47.36
CA ASP G 431 -2.36 -2.84 -48.41
C ASP G 431 -2.95 -2.46 -49.77
N VAL G 432 -3.03 -1.16 -50.02
CA VAL G 432 -3.38 -0.56 -51.30
C VAL G 432 -2.20 -0.72 -52.26
N ALA G 433 -2.28 -0.03 -53.40
CA ALA G 433 -1.57 -0.20 -54.67
C ALA G 433 -0.13 -0.70 -54.53
N PRO G 434 0.38 -1.41 -55.56
CA PRO G 434 1.53 -2.32 -55.36
C PRO G 434 2.69 -1.81 -54.53
N ILE G 435 3.16 -0.56 -54.70
CA ILE G 435 4.33 -0.14 -53.92
C ILE G 435 4.13 -0.40 -52.43
N GLU G 436 2.88 -0.33 -51.95
CA GLU G 436 2.63 -0.69 -50.56
C GLU G 436 2.70 -2.20 -50.35
N TYR G 437 2.32 -2.99 -51.36
CA TYR G 437 2.59 -4.43 -51.31
C TYR G 437 4.08 -4.68 -51.14
N ILE G 438 4.91 -3.94 -51.87
CA ILE G 438 6.36 -4.11 -51.76
C ILE G 438 6.81 -3.71 -50.36
N ALA G 439 6.34 -2.56 -49.88
CA ALA G 439 6.72 -2.09 -48.54
C ALA G 439 6.35 -3.12 -47.48
N SER G 440 5.14 -3.66 -47.53
CA SER G 440 4.72 -4.68 -46.58
C SER G 440 5.57 -5.93 -46.71
N MET G 441 5.52 -6.58 -47.87
CA MET G 441 6.24 -7.83 -48.07
C MET G 441 7.74 -7.68 -47.90
N ARG G 442 8.25 -6.45 -47.76
CA ARG G 442 9.61 -6.25 -47.29
C ARG G 442 9.68 -6.15 -45.76
N ARG G 443 8.83 -5.31 -45.15
CA ARG G 443 8.95 -5.06 -43.72
C ARG G 443 8.61 -6.31 -42.90
N ASN G 444 7.58 -7.06 -43.31
CA ASN G 444 7.23 -8.27 -42.56
C ASN G 444 8.26 -9.37 -42.79
N TYR G 445 8.80 -9.46 -44.01
CA TYR G 445 9.91 -10.39 -44.26
C TYR G 445 11.10 -10.08 -43.35
N PHE G 446 11.46 -8.80 -43.26
CA PHE G 446 12.55 -8.40 -42.37
C PHE G 446 12.22 -8.73 -40.92
N THR G 447 10.97 -8.46 -40.51
CA THR G 447 10.57 -8.69 -39.13
C THR G 447 10.64 -10.17 -38.75
N ALA G 448 10.14 -11.05 -39.63
CA ALA G 448 10.16 -12.48 -39.33
C ALA G 448 11.57 -12.99 -39.10
N GLU G 449 12.56 -12.43 -39.80
CA GLU G 449 13.95 -12.79 -39.57
C GLU G 449 14.59 -12.00 -38.43
N VAL G 450 13.89 -11.01 -37.88
CA VAL G 450 14.51 -10.09 -36.91
C VAL G 450 13.74 -10.07 -35.59
N SER G 451 12.45 -10.41 -35.63
CA SER G 451 11.59 -10.23 -34.45
C SER G 451 12.21 -10.86 -33.21
N HIS G 452 12.61 -12.13 -33.30
CA HIS G 452 13.11 -12.89 -32.16
C HIS G 452 14.59 -12.62 -31.85
N CYS G 453 15.20 -11.55 -32.35
CA CYS G 453 16.64 -11.37 -32.19
C CYS G 453 17.00 -10.93 -30.77
N ARG G 454 18.24 -11.27 -30.37
CA ARG G 454 18.73 -10.92 -29.04
C ARG G 454 19.05 -9.44 -28.91
N ALA G 455 19.52 -8.81 -29.98
CA ALA G 455 19.77 -7.37 -29.94
C ALA G 455 18.48 -6.60 -29.70
N THR G 456 17.36 -7.12 -30.18
CA THR G 456 16.06 -6.53 -29.86
C THR G 456 15.80 -6.61 -28.36
N GLU G 457 16.16 -7.74 -27.73
CA GLU G 457 16.08 -7.85 -26.29
C GLU G 457 16.92 -6.78 -25.61
N TYR G 458 18.13 -6.55 -26.12
CA TYR G 458 18.98 -5.50 -25.55
C TYR G 458 18.30 -4.14 -25.65
N ILE G 459 17.70 -3.85 -26.82
CA ILE G 459 17.04 -2.57 -27.03
C ILE G 459 15.90 -2.38 -26.04
N MET G 460 15.03 -3.40 -25.93
CA MET G 460 13.88 -3.28 -25.02
C MET G 460 14.34 -3.15 -23.57
N LYS G 461 15.41 -3.86 -23.21
CA LYS G 461 15.97 -3.76 -21.87
C LYS G 461 16.44 -2.34 -21.58
N GLY G 462 17.24 -1.77 -22.49
CA GLY G 462 17.68 -0.40 -22.33
C GLY G 462 16.53 0.58 -22.26
N VAL G 463 15.51 0.39 -23.10
CA VAL G 463 14.34 1.25 -23.09
C VAL G 463 13.70 1.27 -21.71
N TYR G 464 13.40 0.07 -21.17
CA TYR G 464 12.71 0.01 -19.89
C TYR G 464 13.57 0.60 -18.77
N ILE G 465 14.85 0.23 -18.73
CA ILE G 465 15.72 0.73 -17.67
C ILE G 465 15.80 2.24 -17.70
N ASN G 466 16.04 2.82 -18.89
CA ASN G 466 16.17 4.26 -18.99
C ASN G 466 14.86 4.99 -18.71
N THR G 467 13.72 4.40 -19.10
CA THR G 467 12.44 5.03 -18.85
C THR G 467 12.17 5.13 -17.34
N ALA G 468 12.34 4.00 -16.64
CA ALA G 468 12.14 4.04 -15.19
C ALA G 468 13.15 4.96 -14.52
N LEU G 469 14.41 4.92 -14.97
CA LEU G 469 15.45 5.76 -14.40
C LEU G 469 15.11 7.23 -14.55
N LEU G 470 14.65 7.65 -15.73
CA LEU G 470 14.30 9.04 -15.95
C LEU G 470 13.12 9.46 -15.10
N ASN G 471 12.05 8.64 -15.10
CA ASN G 471 10.87 9.02 -14.31
C ASN G 471 11.21 9.11 -12.83
N ALA G 472 12.20 8.34 -12.37
CA ALA G 472 12.63 8.49 -10.99
C ALA G 472 13.54 9.71 -10.81
N SER G 473 14.39 9.99 -11.80
CA SER G 473 15.25 11.16 -11.68
C SER G 473 14.44 12.44 -11.70
N CYS G 474 13.17 12.35 -12.07
CA CYS G 474 12.25 13.48 -11.98
C CYS G 474 11.48 13.45 -10.67
N ALA G 475 10.88 12.30 -10.31
CA ALA G 475 10.05 12.24 -9.12
C ALA G 475 10.83 12.00 -7.84
N ALA G 476 12.05 11.48 -7.92
CA ALA G 476 12.89 11.19 -6.75
C ALA G 476 14.01 12.21 -6.58
N MET G 477 13.71 13.50 -6.77
CA MET G 477 14.74 14.54 -6.84
C MET G 477 15.63 14.62 -5.61
N ASP G 478 15.31 13.92 -4.52
CA ASP G 478 16.15 14.02 -3.33
C ASP G 478 16.63 12.66 -2.81
N ASP G 479 15.82 11.63 -2.95
CA ASP G 479 16.06 10.35 -2.28
C ASP G 479 16.46 9.26 -3.26
N PHE G 480 17.11 8.23 -2.72
CA PHE G 480 17.56 7.09 -3.50
C PHE G 480 16.39 6.17 -3.79
N GLN G 481 16.21 5.81 -5.06
CA GLN G 481 15.16 4.90 -5.48
C GLN G 481 15.77 3.58 -5.95
N LEU G 482 15.00 2.50 -5.77
CA LEU G 482 15.39 1.18 -6.23
C LEU G 482 14.69 0.88 -7.54
N ILE G 483 15.46 0.65 -8.60
CA ILE G 483 14.89 0.47 -9.93
C ILE G 483 15.19 -0.95 -10.41
N PRO G 484 14.18 -1.80 -10.57
CA PRO G 484 14.44 -3.14 -11.10
C PRO G 484 14.68 -3.07 -12.60
N MET G 485 15.66 -3.83 -13.06
CA MET G 485 15.96 -3.92 -14.49
C MET G 485 14.97 -4.90 -15.11
N ILE G 486 13.80 -4.39 -15.47
CA ILE G 486 12.68 -5.22 -15.90
C ILE G 486 12.58 -5.20 -17.42
N SER G 487 12.39 -6.38 -18.00
CA SER G 487 11.98 -6.52 -19.39
C SER G 487 10.77 -7.44 -19.44
N LYS G 488 10.13 -7.47 -20.61
CA LYS G 488 9.05 -8.42 -20.84
C LYS G 488 9.25 -9.04 -22.21
N CYS G 489 8.74 -10.26 -22.37
CA CYS G 489 8.93 -11.00 -23.60
C CYS G 489 7.82 -12.04 -23.73
N ARG G 490 7.94 -12.90 -24.73
CA ARG G 490 6.91 -13.91 -24.99
C ARG G 490 7.56 -15.10 -25.66
N THR G 491 7.67 -16.22 -24.94
CA THR G 491 8.25 -17.42 -25.51
C THR G 491 7.35 -18.01 -26.59
N LYS G 492 7.89 -18.99 -27.32
CA LYS G 492 7.19 -19.55 -28.47
C LYS G 492 5.93 -20.32 -28.07
N GLU G 493 5.79 -20.72 -26.80
CA GLU G 493 4.52 -21.30 -26.40
C GLU G 493 3.40 -20.26 -26.33
N GLY G 494 3.72 -18.98 -26.54
CA GLY G 494 2.72 -17.93 -26.63
C GLY G 494 2.10 -17.51 -25.31
N ARG G 495 2.94 -17.27 -24.30
CA ARG G 495 2.46 -16.81 -23.01
C ARG G 495 3.35 -15.66 -22.55
N ARG G 496 2.73 -14.56 -22.11
CA ARG G 496 3.47 -13.36 -21.73
C ARG G 496 4.34 -13.63 -20.51
N LYS G 497 5.59 -13.17 -20.57
CA LYS G 497 6.58 -13.46 -19.56
C LYS G 497 7.25 -12.17 -19.12
N THR G 498 7.52 -12.05 -17.82
CA THR G 498 8.22 -10.90 -17.25
C THR G 498 9.59 -11.36 -16.78
N ASN G 499 10.64 -10.63 -17.16
CA ASN G 499 12.01 -11.02 -16.87
C ASN G 499 12.69 -9.94 -16.03
N LEU G 500 13.54 -10.38 -15.11
CA LEU G 500 14.32 -9.50 -14.25
C LEU G 500 15.80 -9.79 -14.44
N TYR G 501 16.58 -8.74 -14.68
CA TYR G 501 18.02 -8.87 -14.87
C TYR G 501 18.82 -8.50 -13.62
N GLY G 502 18.29 -7.61 -12.79
CA GLY G 502 18.99 -7.14 -11.62
C GLY G 502 18.40 -5.83 -11.17
N PHE G 503 19.14 -5.15 -10.29
CA PHE G 503 18.67 -3.90 -9.69
C PHE G 503 19.65 -2.77 -9.98
N ILE G 504 19.14 -1.54 -9.85
CA ILE G 504 19.92 -0.33 -10.06
C ILE G 504 19.52 0.67 -8.99
N ILE G 505 20.51 1.21 -8.30
CA ILE G 505 20.29 2.20 -7.25
C ILE G 505 20.71 3.57 -7.76
N LYS G 506 19.80 4.53 -7.64
CA LYS G 506 20.01 5.90 -8.09
C LYS G 506 20.56 6.76 -6.96
N GLY G 507 21.46 7.69 -7.29
CA GLY G 507 21.93 8.67 -6.35
C GLY G 507 21.01 9.86 -6.24
N ARG G 508 21.56 11.00 -5.84
CA ARG G 508 20.79 12.23 -5.80
C ARG G 508 20.68 12.83 -7.20
N SER G 509 19.50 13.37 -7.49
CA SER G 509 19.17 13.82 -8.84
C SER G 509 18.85 15.31 -8.89
N HIS G 510 19.72 16.16 -8.34
CA HIS G 510 19.54 17.60 -8.52
C HIS G 510 19.83 17.92 -9.97
N LEU G 511 18.93 17.50 -10.86
CA LEU G 511 19.09 17.60 -12.30
C LEU G 511 18.31 18.82 -12.78
N ARG G 512 18.98 19.98 -12.80
CA ARG G 512 18.34 21.18 -13.33
C ARG G 512 18.35 21.20 -14.85
N ASN G 513 19.54 21.03 -15.44
CA ASN G 513 19.73 21.00 -16.88
C ASN G 513 20.00 19.58 -17.36
N ASP G 514 20.28 19.46 -18.66
CA ASP G 514 20.53 18.17 -19.28
C ASP G 514 21.98 17.72 -19.14
N THR G 515 22.89 18.62 -18.79
CA THR G 515 24.29 18.24 -18.58
C THR G 515 24.58 17.81 -17.15
N ASP G 516 23.60 17.85 -16.26
CA ASP G 516 23.82 17.44 -14.89
C ASP G 516 24.01 15.92 -14.82
N VAL G 517 25.07 15.49 -14.14
CA VAL G 517 25.42 14.07 -14.05
C VAL G 517 24.79 13.49 -12.78
N VAL G 518 24.18 12.32 -12.91
CA VAL G 518 23.67 11.55 -11.78
C VAL G 518 24.32 10.18 -11.77
N ASN G 519 24.90 9.82 -10.63
CA ASN G 519 25.58 8.53 -10.48
C ASN G 519 24.58 7.44 -10.14
N PHE G 520 24.96 6.20 -10.45
CA PHE G 520 24.12 5.04 -10.17
C PHE G 520 25.00 3.82 -9.96
N VAL G 521 24.40 2.81 -9.32
CA VAL G 521 25.08 1.56 -9.01
C VAL G 521 24.27 0.41 -9.60
N SER G 522 24.92 -0.44 -10.39
CA SER G 522 24.28 -1.55 -11.07
C SER G 522 24.67 -2.87 -10.40
N MET G 523 23.68 -3.70 -10.10
CA MET G 523 23.88 -5.03 -9.53
C MET G 523 23.12 -6.02 -10.40
N GLU G 524 23.83 -6.80 -11.21
CA GLU G 524 23.20 -7.66 -12.20
C GLU G 524 23.50 -9.13 -11.93
N PHE G 525 22.49 -9.97 -12.15
CA PHE G 525 22.67 -11.42 -12.06
C PHE G 525 23.44 -11.92 -13.27
N SER G 526 24.15 -13.02 -13.07
CA SER G 526 24.90 -13.63 -14.18
C SER G 526 25.27 -15.06 -13.79
N LEU G 527 25.85 -15.77 -14.76
CA LEU G 527 26.32 -17.13 -14.56
C LEU G 527 27.75 -17.32 -15.08
N THR G 528 28.49 -16.23 -15.25
CA THR G 528 29.83 -16.26 -15.80
C THR G 528 30.87 -16.08 -14.70
N ASP G 529 31.81 -17.01 -14.64
CA ASP G 529 32.89 -16.92 -13.65
C ASP G 529 33.90 -15.87 -14.11
N PRO G 530 34.17 -14.84 -13.31
CA PRO G 530 35.20 -13.86 -13.71
C PRO G 530 36.60 -14.43 -13.73
N ARG G 531 36.84 -15.56 -13.05
CA ARG G 531 38.19 -16.12 -13.02
C ARG G 531 38.67 -16.60 -14.37
N LEU G 532 37.76 -16.79 -15.34
CA LEU G 532 38.21 -17.12 -16.70
C LEU G 532 38.73 -15.88 -17.42
N GLU G 533 37.93 -14.82 -17.48
CA GLU G 533 38.30 -13.57 -18.14
C GLU G 533 38.11 -12.42 -17.17
N PRO G 534 39.08 -12.20 -16.27
CA PRO G 534 38.93 -11.14 -15.26
C PRO G 534 39.11 -9.74 -15.81
N HIS G 535 39.81 -9.59 -16.94
CA HIS G 535 40.12 -8.26 -17.46
C HIS G 535 38.86 -7.51 -17.85
N LYS G 536 37.79 -8.22 -18.23
CA LYS G 536 36.59 -7.54 -18.68
C LYS G 536 35.92 -6.76 -17.55
N TRP G 537 35.97 -7.30 -16.34
CA TRP G 537 35.30 -6.70 -15.19
C TRP G 537 36.31 -5.88 -14.39
N GLU G 538 36.80 -4.82 -15.03
CA GLU G 538 37.80 -3.98 -14.37
C GLU G 538 37.15 -2.94 -13.47
N LYS G 539 36.07 -2.29 -13.94
CA LYS G 539 35.30 -1.38 -13.12
C LYS G 539 34.19 -2.09 -12.35
N TYR G 540 34.27 -3.42 -12.23
CA TYR G 540 33.23 -4.25 -11.65
C TYR G 540 33.78 -5.01 -10.46
N CYS G 541 32.92 -5.21 -9.47
CA CYS G 541 33.20 -6.05 -8.31
C CYS G 541 32.28 -7.26 -8.37
N VAL G 542 32.87 -8.46 -8.33
CA VAL G 542 32.14 -9.69 -8.54
C VAL G 542 31.92 -10.37 -7.20
N LEU G 543 30.66 -10.72 -6.93
CA LEU G 543 30.23 -11.40 -5.70
C LEU G 543 29.52 -12.69 -6.07
N GLU G 544 30.10 -13.83 -5.68
CA GLU G 544 29.39 -15.10 -5.77
C GLU G 544 28.17 -15.03 -4.86
N ILE G 545 26.97 -15.01 -5.44
CA ILE G 545 25.78 -14.65 -4.68
C ILE G 545 24.86 -15.83 -4.38
N GLY G 546 24.99 -16.96 -5.08
CA GLY G 546 24.17 -18.10 -4.70
C GLY G 546 24.34 -19.26 -5.67
N ASP G 547 23.33 -20.13 -5.67
CA ASP G 547 23.26 -21.27 -6.58
C ASP G 547 21.82 -21.45 -7.02
N MET G 548 21.63 -21.80 -8.29
CA MET G 548 20.30 -22.01 -8.84
C MET G 548 20.23 -23.37 -9.51
N LEU G 549 19.00 -23.89 -9.62
CA LEU G 549 18.76 -25.09 -10.41
C LEU G 549 18.95 -24.76 -11.89
N LEU G 550 19.86 -25.47 -12.56
CA LEU G 550 20.13 -25.23 -13.97
C LEU G 550 20.32 -26.58 -14.65
N ARG G 551 19.49 -26.85 -15.66
CA ARG G 551 19.62 -28.09 -16.42
C ARG G 551 20.58 -27.89 -17.58
N SER G 552 21.34 -28.93 -17.89
CA SER G 552 22.41 -28.83 -18.88
C SER G 552 22.42 -30.13 -19.69
N ALA G 553 23.53 -30.36 -20.41
CA ALA G 553 23.66 -31.58 -21.21
C ALA G 553 23.60 -32.85 -20.37
N ILE G 554 23.86 -32.77 -19.06
CA ILE G 554 23.76 -33.91 -18.16
C ILE G 554 22.86 -33.47 -17.01
N GLY G 555 21.55 -33.68 -17.17
CA GLY G 555 20.59 -33.39 -16.12
C GLY G 555 20.75 -32.00 -15.56
N GLN G 556 20.65 -31.89 -14.24
CA GLN G 556 20.89 -30.63 -13.55
C GLN G 556 22.31 -30.60 -13.03
N MET G 557 22.84 -29.39 -12.86
CA MET G 557 24.20 -29.22 -12.37
C MET G 557 24.27 -28.29 -11.17
N SER G 558 23.31 -27.38 -11.06
CA SER G 558 23.26 -26.39 -9.99
C SER G 558 24.55 -25.56 -9.97
N ARG G 559 24.76 -24.82 -11.05
CA ARG G 559 25.95 -24.00 -11.18
C ARG G 559 25.78 -22.71 -10.38
N PRO G 560 26.88 -22.12 -9.90
CA PRO G 560 26.76 -20.95 -9.04
C PRO G 560 26.30 -19.73 -9.80
N MET G 561 25.41 -18.97 -9.17
CA MET G 561 24.88 -17.72 -9.69
C MET G 561 25.69 -16.56 -9.12
N PHE G 562 26.20 -15.71 -10.01
CA PHE G 562 27.11 -14.64 -9.68
C PHE G 562 26.39 -13.29 -9.77
N LEU G 563 26.96 -12.30 -9.11
CA LEU G 563 26.45 -10.93 -9.15
C LEU G 563 27.57 -9.99 -9.55
N TYR G 564 27.42 -9.34 -10.71
CA TYR G 564 28.37 -8.33 -11.16
C TYR G 564 27.85 -6.96 -10.75
N VAL G 565 28.66 -6.23 -9.99
CA VAL G 565 28.29 -4.92 -9.46
C VAL G 565 29.30 -3.89 -9.95
N ARG G 566 28.79 -2.76 -10.44
CA ARG G 566 29.67 -1.66 -10.80
C ARG G 566 29.03 -0.32 -10.41
N THR G 567 29.88 0.69 -10.33
CA THR G 567 29.46 2.07 -10.11
C THR G 567 29.71 2.83 -11.41
N ASN G 568 28.71 3.61 -11.84
CA ASN G 568 28.83 4.36 -13.09
C ASN G 568 27.98 5.62 -12.98
N GLY G 569 27.91 6.38 -14.05
CA GLY G 569 27.10 7.58 -14.08
C GLY G 569 26.36 7.71 -15.39
N THR G 570 25.23 8.41 -15.33
CA THR G 570 24.43 8.69 -16.51
C THR G 570 23.85 10.09 -16.36
N SER G 571 23.29 10.61 -17.45
CA SER G 571 22.59 11.89 -17.43
C SER G 571 21.35 11.77 -18.31
N LYS G 572 20.61 12.87 -18.44
CA LYS G 572 19.34 12.84 -19.17
C LYS G 572 19.55 12.50 -20.64
N ILE G 573 20.57 13.10 -21.27
CA ILE G 573 20.87 12.76 -22.66
C ILE G 573 21.38 11.33 -22.76
N LYS G 574 22.20 10.91 -21.79
CA LYS G 574 22.71 9.54 -21.78
C LYS G 574 21.57 8.53 -21.68
N MET G 575 20.48 8.90 -21.00
CA MET G 575 19.32 8.02 -20.91
C MET G 575 18.47 8.09 -22.16
N LYS G 576 18.25 9.29 -22.71
CA LYS G 576 17.40 9.39 -23.90
C LYS G 576 18.04 8.71 -25.10
N TRP G 577 19.37 8.68 -25.17
CA TRP G 577 20.02 7.83 -26.16
C TRP G 577 20.11 6.45 -25.55
N GLY G 578 19.03 5.68 -25.71
CA GLY G 578 18.89 4.42 -25.01
C GLY G 578 17.44 4.14 -24.62
N MET G 579 16.64 5.18 -24.44
CA MET G 579 15.20 4.99 -24.42
C MET G 579 14.59 5.13 -25.81
N GLU G 580 15.32 5.70 -26.76
CA GLU G 580 14.93 5.74 -28.16
C GLU G 580 15.79 4.79 -29.00
N MET G 581 16.21 3.68 -28.41
CA MET G 581 17.05 2.71 -29.11
C MET G 581 16.30 1.94 -30.18
N ARG G 582 14.97 2.00 -30.19
CA ARG G 582 14.20 1.28 -31.20
C ARG G 582 14.54 1.74 -32.61
N ARG G 583 15.14 2.94 -32.76
CA ARG G 583 15.64 3.38 -34.06
C ARG G 583 16.56 2.36 -34.69
N CYS G 584 17.25 1.56 -33.87
CA CYS G 584 18.15 0.54 -34.41
C CYS G 584 17.43 -0.43 -35.34
N LEU G 585 16.11 -0.57 -35.19
CA LEU G 585 15.35 -1.32 -36.18
C LEU G 585 15.19 -0.51 -37.46
N LEU G 586 14.69 0.72 -37.34
CA LEU G 586 14.52 1.60 -38.50
C LEU G 586 15.81 1.72 -39.30
N GLN G 587 16.89 2.17 -38.64
CA GLN G 587 18.18 2.28 -39.32
C GLN G 587 18.57 0.97 -39.99
N SER G 588 18.20 -0.16 -39.38
CA SER G 588 18.42 -1.45 -40.03
C SER G 588 17.56 -1.57 -41.28
N LEU G 589 16.24 -1.44 -41.13
CA LEU G 589 15.33 -1.74 -42.23
C LEU G 589 15.71 -0.97 -43.48
N GLN G 590 15.83 0.36 -43.38
CA GLN G 590 16.18 1.15 -44.55
C GLN G 590 17.55 0.74 -45.09
N GLN G 591 18.52 0.49 -44.21
CA GLN G 591 19.84 0.11 -44.70
C GLN G 591 19.86 -1.33 -45.21
N ILE G 592 18.80 -2.09 -44.93
CA ILE G 592 18.52 -3.28 -45.75
C ILE G 592 17.78 -2.86 -47.01
N GLU G 593 16.70 -2.09 -46.85
CA GLU G 593 15.88 -1.67 -47.98
C GLU G 593 16.70 -0.92 -49.01
N SER G 594 17.67 -0.12 -48.56
CA SER G 594 18.58 0.55 -49.48
C SER G 594 19.19 -0.43 -50.47
N MET G 595 19.78 -1.51 -49.95
CA MET G 595 20.36 -2.52 -50.84
C MET G 595 19.32 -3.13 -51.75
N ILE G 596 18.07 -3.24 -51.28
CA ILE G 596 17.01 -3.82 -52.11
C ILE G 596 16.46 -2.81 -53.12
N GLU G 597 16.91 -1.55 -53.07
CA GLU G 597 16.53 -0.58 -54.08
C GLU G 597 17.65 -0.38 -55.11
N ALA G 598 18.83 0.01 -54.66
CA ALA G 598 19.91 0.36 -55.57
C ALA G 598 20.26 -0.82 -56.50
N GLU G 599 20.63 -1.96 -55.90
CA GLU G 599 20.94 -3.12 -56.72
C GLU G 599 19.75 -3.58 -57.54
N SER G 600 18.54 -3.18 -57.15
CA SER G 600 17.33 -3.53 -57.91
C SER G 600 16.81 -2.36 -58.72
N SER G 601 17.42 -1.18 -58.61
CA SER G 601 17.01 -0.06 -59.46
C SER G 601 17.29 -0.36 -60.93
N VAL G 602 18.30 -1.18 -61.19
CA VAL G 602 18.62 -1.58 -62.57
C VAL G 602 17.80 -2.84 -62.85
N LYS G 603 16.52 -2.61 -63.19
CA LYS G 603 15.59 -3.71 -63.44
C LYS G 603 14.32 -3.13 -64.04
N GLU G 604 13.81 -3.78 -65.08
CA GLU G 604 12.48 -3.45 -65.59
C GLU G 604 11.40 -3.79 -64.56
N LYS G 605 11.34 -5.06 -64.16
CA LYS G 605 10.53 -5.49 -63.03
C LYS G 605 11.47 -5.72 -61.86
N ASP G 606 11.28 -4.94 -60.80
CA ASP G 606 12.27 -4.85 -59.74
C ASP G 606 12.52 -6.20 -59.10
N MET G 607 13.79 -6.50 -58.83
CA MET G 607 14.16 -7.67 -58.06
C MET G 607 13.96 -7.31 -56.60
N THR G 608 12.82 -7.72 -56.07
CA THR G 608 12.42 -7.45 -54.69
C THR G 608 12.17 -8.71 -53.90
N LYS G 609 11.48 -9.68 -54.49
CA LYS G 609 11.22 -10.95 -53.84
C LYS G 609 12.40 -11.90 -54.01
N GLU G 610 13.19 -11.75 -55.07
CA GLU G 610 14.39 -12.57 -55.26
C GLU G 610 15.50 -12.19 -54.29
N PHE G 611 15.41 -11.01 -53.67
CA PHE G 611 16.35 -10.65 -52.61
C PHE G 611 16.22 -11.61 -51.44
N PHE G 612 14.99 -11.82 -50.97
CA PHE G 612 14.65 -12.86 -50.01
C PHE G 612 14.19 -14.09 -50.78
N GLU G 613 13.64 -15.06 -50.06
CA GLU G 613 12.87 -16.16 -50.65
C GLU G 613 13.67 -17.02 -51.63
N ASN G 614 14.97 -16.73 -51.77
CA ASN G 614 15.86 -17.51 -52.64
C ASN G 614 17.07 -17.86 -51.80
N LYS G 615 16.97 -18.97 -51.06
CA LYS G 615 18.06 -19.38 -50.18
C LYS G 615 19.30 -19.80 -50.95
N SER G 616 19.20 -20.03 -52.27
CA SER G 616 20.39 -20.27 -53.07
C SER G 616 21.27 -19.04 -53.12
N GLU G 617 20.67 -17.85 -53.04
CA GLU G 617 21.43 -16.60 -52.96
C GLU G 617 22.01 -16.47 -51.55
N THR G 618 23.32 -16.60 -51.43
CA THR G 618 24.02 -16.54 -50.15
C THR G 618 24.83 -15.26 -50.07
N TRP G 619 25.05 -14.78 -48.85
CA TRP G 619 25.76 -13.53 -48.64
C TRP G 619 27.01 -13.76 -47.79
N PRO G 620 28.19 -13.37 -48.25
CA PRO G 620 29.40 -13.54 -47.43
C PRO G 620 29.39 -12.57 -46.27
N ILE G 621 29.34 -13.11 -45.05
CA ILE G 621 29.25 -12.29 -43.86
C ILE G 621 30.22 -12.74 -42.77
N GLY G 622 30.78 -13.94 -42.90
CA GLY G 622 31.61 -14.48 -41.85
C GLY G 622 32.76 -15.29 -42.39
N GLU G 623 33.84 -15.36 -41.61
CA GLU G 623 34.98 -16.22 -41.91
C GLU G 623 35.43 -16.79 -40.58
N SER G 624 34.81 -17.90 -40.17
CA SER G 624 35.26 -18.66 -39.01
C SER G 624 36.39 -19.63 -39.34
N PRO G 625 36.22 -20.58 -40.33
CA PRO G 625 37.24 -21.61 -40.57
C PRO G 625 38.28 -21.15 -41.58
N LYS G 626 38.79 -19.93 -41.40
CA LYS G 626 39.67 -19.28 -42.37
C LYS G 626 39.09 -19.31 -43.78
N GLY G 627 37.76 -19.34 -43.87
CA GLY G 627 37.09 -19.38 -45.17
C GLY G 627 35.78 -18.65 -45.09
N VAL G 628 35.34 -18.14 -46.23
CA VAL G 628 34.12 -17.35 -46.29
C VAL G 628 32.93 -18.23 -45.93
N GLU G 629 32.20 -17.85 -44.90
CA GLU G 629 30.98 -18.53 -44.48
C GLU G 629 29.81 -17.64 -44.87
N ASP G 630 29.30 -17.88 -46.08
CA ASP G 630 28.17 -17.11 -46.59
C ASP G 630 26.88 -17.59 -45.93
N GLY G 631 26.03 -16.64 -45.55
CA GLY G 631 24.76 -16.94 -44.92
C GLY G 631 23.59 -16.41 -45.71
N SER G 632 22.40 -16.61 -45.15
CA SER G 632 21.17 -16.14 -45.77
C SER G 632 21.00 -14.66 -45.42
N ILE G 633 19.82 -14.12 -45.71
CA ILE G 633 19.65 -12.67 -45.55
C ILE G 633 19.32 -12.34 -44.11
N GLY G 634 18.56 -13.20 -43.42
CA GLY G 634 18.24 -12.94 -42.03
C GLY G 634 19.45 -12.83 -41.14
N LYS G 635 20.50 -13.59 -41.43
CA LYS G 635 21.77 -13.39 -40.72
C LYS G 635 22.28 -11.97 -40.94
N VAL G 636 22.15 -11.45 -42.16
CA VAL G 636 22.56 -10.08 -42.44
C VAL G 636 21.69 -9.10 -41.67
N CYS G 637 20.39 -9.37 -41.61
CA CYS G 637 19.46 -8.51 -40.90
C CYS G 637 19.83 -8.41 -39.42
N ARG G 638 20.02 -9.56 -38.77
CA ARG G 638 20.42 -9.54 -37.36
C ARG G 638 21.81 -8.94 -37.19
N THR G 639 22.69 -9.11 -38.17
CA THR G 639 24.03 -8.54 -38.07
C THR G 639 23.98 -7.02 -38.09
N LEU G 640 23.21 -6.44 -39.02
CA LEU G 640 23.08 -4.99 -39.07
C LEU G 640 22.35 -4.45 -37.86
N LEU G 641 21.33 -5.19 -37.38
CA LEU G 641 20.62 -4.78 -36.17
C LEU G 641 21.57 -4.74 -34.98
N ALA G 642 22.37 -5.79 -34.80
CA ALA G 642 23.34 -5.82 -33.71
C ALA G 642 24.41 -4.76 -33.90
N LYS G 643 24.77 -4.46 -35.14
CA LYS G 643 25.69 -3.36 -35.41
C LYS G 643 25.14 -2.05 -34.87
N SER G 644 23.88 -1.74 -35.21
CA SER G 644 23.27 -0.51 -34.71
C SER G 644 23.16 -0.52 -33.19
N VAL G 645 22.83 -1.68 -32.61
CA VAL G 645 22.69 -1.78 -31.15
C VAL G 645 24.02 -1.50 -30.47
N PHE G 646 25.09 -2.14 -30.96
CA PHE G 646 26.41 -1.96 -30.37
C PHE G 646 26.90 -0.54 -30.58
N ASN G 647 26.58 0.06 -31.73
CA ASN G 647 26.91 1.46 -31.95
C ASN G 647 26.17 2.37 -30.99
N SER G 648 24.94 2.00 -30.62
CA SER G 648 24.15 2.84 -29.74
C SER G 648 24.60 2.75 -28.29
N LEU G 649 24.80 1.53 -27.78
CA LEU G 649 25.15 1.41 -26.36
C LEU G 649 26.65 1.63 -26.14
N TYR G 650 27.50 1.10 -27.02
CA TYR G 650 28.93 1.38 -26.98
C TYR G 650 29.28 2.68 -27.68
N ALA G 651 28.31 3.60 -27.79
CA ALA G 651 28.49 4.86 -28.47
C ALA G 651 29.73 5.60 -27.98
N SER G 652 30.64 5.90 -28.90
CA SER G 652 31.87 6.56 -28.55
C SER G 652 32.26 7.45 -29.71
N PRO G 653 32.72 8.67 -29.45
CA PRO G 653 33.23 9.52 -30.54
C PRO G 653 34.42 8.90 -31.25
N GLN G 654 35.16 7.98 -30.61
CA GLN G 654 36.22 7.26 -31.30
C GLN G 654 35.64 6.41 -32.42
N LEU G 655 34.51 5.74 -32.17
CA LEU G 655 33.84 4.98 -33.23
C LEU G 655 33.36 5.91 -34.34
N GLU G 656 32.83 7.07 -33.97
CA GLU G 656 32.41 8.05 -34.95
C GLU G 656 33.57 8.43 -35.87
N GLY G 657 34.69 8.84 -35.29
CA GLY G 657 35.84 9.21 -36.09
C GLY G 657 36.38 8.06 -36.91
N PHE G 658 36.43 6.86 -36.34
CA PHE G 658 36.94 5.71 -37.07
C PHE G 658 36.09 5.40 -38.29
N SER G 659 34.77 5.38 -38.12
CA SER G 659 33.89 5.13 -39.27
C SER G 659 34.04 6.23 -40.32
N ALA G 660 34.04 7.49 -39.87
CA ALA G 660 34.14 8.60 -40.80
C ALA G 660 35.43 8.57 -41.61
N GLU G 661 36.55 8.21 -40.97
CA GLU G 661 37.84 8.20 -41.64
C GLU G 661 38.13 6.90 -42.39
N SER G 662 37.48 5.80 -42.02
CA SER G 662 37.66 4.53 -42.72
C SER G 662 36.77 4.42 -43.95
N ARG G 663 35.67 5.18 -43.98
CA ARG G 663 34.85 5.22 -45.19
C ARG G 663 35.67 5.61 -46.41
N LYS G 664 36.64 6.53 -46.24
CA LYS G 664 37.43 6.98 -47.37
C LYS G 664 38.31 5.87 -47.92
N LEU G 665 39.03 5.16 -47.04
CA LEU G 665 39.89 4.07 -47.50
C LEU G 665 39.06 2.93 -48.08
N LEU G 666 37.89 2.66 -47.49
CA LEU G 666 36.99 1.66 -48.05
C LEU G 666 36.56 2.04 -49.46
N LEU G 667 36.22 3.31 -49.68
CA LEU G 667 35.80 3.74 -51.00
C LEU G 667 36.95 3.64 -52.00
N VAL G 668 38.16 3.97 -51.57
CA VAL G 668 39.31 3.86 -52.47
C VAL G 668 39.55 2.40 -52.86
N VAL G 669 39.48 1.49 -51.89
CA VAL G 669 39.70 0.08 -52.17
C VAL G 669 38.61 -0.46 -53.10
N GLN G 670 37.35 -0.09 -52.86
CA GLN G 670 36.28 -0.61 -53.71
C GLN G 670 36.36 -0.04 -55.12
N ALA G 671 36.67 1.25 -55.25
CA ALA G 671 36.89 1.82 -56.58
C ALA G 671 38.05 1.13 -57.28
N LEU G 672 39.07 0.70 -56.53
CA LEU G 672 40.13 -0.11 -57.11
C LEU G 672 39.60 -1.46 -57.57
N ARG G 673 38.64 -2.02 -56.84
CA ARG G 673 38.05 -3.30 -57.25
C ARG G 673 37.27 -3.16 -58.54
N ASP G 674 36.71 -1.98 -58.81
CA ASP G 674 36.04 -1.70 -60.07
C ASP G 674 37.02 -1.43 -61.21
N ASN G 675 38.32 -1.58 -60.96
CA ASN G 675 39.37 -1.40 -61.97
C ASN G 675 39.33 0.01 -62.57
N LEU G 676 39.43 1.01 -61.68
CA LEU G 676 39.45 2.40 -62.10
C LEU G 676 40.73 3.11 -61.68
N GLU G 677 41.79 2.33 -61.39
CA GLU G 677 43.13 2.77 -61.01
C GLU G 677 43.12 4.06 -60.20
N PRO G 678 42.52 4.08 -59.03
CA PRO G 678 42.43 5.31 -58.24
C PRO G 678 43.79 5.61 -57.60
N GLY G 679 43.82 6.70 -56.85
CA GLY G 679 45.04 7.12 -56.18
C GLY G 679 44.75 8.09 -55.06
N THR G 680 45.77 8.33 -54.24
CA THR G 680 45.67 9.24 -53.11
C THR G 680 46.78 10.27 -53.16
N PHE G 681 46.91 11.09 -52.11
CA PHE G 681 48.02 12.03 -51.98
C PHE G 681 48.93 11.68 -50.83
N ASP G 682 48.39 11.58 -49.61
CA ASP G 682 49.17 11.26 -48.41
C ASP G 682 48.41 10.17 -47.66
N LEU G 683 48.69 8.91 -48.01
CA LEU G 683 48.06 7.79 -47.33
C LEU G 683 48.54 7.69 -45.88
N GLU G 684 49.80 8.04 -45.64
CA GLU G 684 50.29 8.12 -44.26
C GLU G 684 49.49 9.12 -43.44
N GLY G 685 48.98 10.18 -44.08
CA GLY G 685 48.13 11.12 -43.37
C GLY G 685 46.83 10.48 -42.92
N LEU G 686 46.23 9.65 -43.79
CA LEU G 686 45.04 8.92 -43.40
C LEU G 686 45.34 7.94 -42.27
N TYR G 687 46.51 7.29 -42.33
CA TYR G 687 46.91 6.39 -41.25
C TYR G 687 47.05 7.14 -39.93
N GLU G 688 47.67 8.33 -39.96
CA GLU G 688 47.81 9.14 -38.76
C GLU G 688 46.43 9.52 -38.21
N ALA G 689 45.53 9.97 -39.09
CA ALA G 689 44.21 10.40 -38.64
C ALA G 689 43.41 9.24 -38.07
N ILE G 690 43.59 8.03 -38.61
CA ILE G 690 42.85 6.88 -38.10
C ILE G 690 43.44 6.40 -36.78
N GLU G 691 44.76 6.27 -36.69
CA GLU G 691 45.39 5.81 -35.46
C GLU G 691 45.27 6.83 -34.31
N GLU G 692 45.04 8.10 -34.63
CA GLU G 692 44.87 9.09 -33.56
C GLU G 692 43.55 8.90 -32.79
N CYS G 693 42.61 8.13 -33.32
CA CYS G 693 41.32 7.92 -32.67
C CYS G 693 41.09 6.44 -32.34
N LEU G 694 42.15 5.71 -32.04
CA LEU G 694 42.09 4.31 -31.62
C LEU G 694 42.78 4.20 -30.27
N ILE G 695 42.01 4.29 -29.19
CA ILE G 695 42.62 4.37 -27.86
C ILE G 695 42.15 3.23 -26.95
N ASN G 696 40.86 3.22 -26.61
CA ASN G 696 40.41 2.31 -25.57
C ASN G 696 39.09 1.58 -25.83
N ASP G 697 38.29 1.99 -26.81
CA ASP G 697 36.98 1.38 -27.00
C ASP G 697 37.14 0.01 -27.68
N PRO G 698 36.62 -1.06 -27.08
CA PRO G 698 36.76 -2.39 -27.72
C PRO G 698 35.95 -2.53 -29.00
N TRP G 699 34.82 -1.84 -29.11
CA TRP G 699 33.99 -1.92 -30.32
C TRP G 699 34.74 -1.35 -31.53
N VAL G 700 35.42 -0.21 -31.34
CA VAL G 700 36.24 0.36 -32.40
C VAL G 700 37.32 -0.63 -32.82
N LEU G 701 37.93 -1.31 -31.84
CA LEU G 701 39.00 -2.25 -32.15
C LEU G 701 38.48 -3.46 -32.92
N LEU G 702 37.28 -3.92 -32.57
CA LEU G 702 36.66 -5.00 -33.32
C LEU G 702 36.37 -4.59 -34.76
N ASN G 703 35.85 -3.37 -34.95
CA ASN G 703 35.64 -2.89 -36.32
C ASN G 703 36.96 -2.76 -37.07
N ALA G 704 38.02 -2.37 -36.39
CA ALA G 704 39.33 -2.23 -37.03
C ALA G 704 39.87 -3.58 -37.47
N SER G 705 39.78 -4.59 -36.61
CA SER G 705 40.23 -5.92 -37.00
C SER G 705 39.38 -6.48 -38.13
N TRP G 706 38.06 -6.23 -38.10
CA TRP G 706 37.19 -6.59 -39.20
C TRP G 706 37.67 -5.96 -40.51
N PHE G 707 38.01 -4.67 -40.46
CA PHE G 707 38.41 -3.96 -41.66
C PHE G 707 39.74 -4.49 -42.19
N ASN G 708 40.67 -4.81 -41.29
CA ASN G 708 41.94 -5.41 -41.71
C ASN G 708 41.73 -6.78 -42.34
N SER G 709 40.86 -7.61 -41.75
CA SER G 709 40.56 -8.91 -42.34
C SER G 709 39.90 -8.76 -43.70
N PHE G 710 39.08 -7.72 -43.89
CA PHE G 710 38.51 -7.47 -45.20
C PHE G 710 39.58 -7.08 -46.21
N LEU G 711 40.51 -6.22 -45.81
CA LEU G 711 41.60 -5.84 -46.70
C LEU G 711 42.47 -7.04 -47.07
N THR G 712 42.65 -7.99 -46.13
CA THR G 712 43.41 -9.20 -46.44
C THR G 712 42.74 -10.03 -47.52
N HIS G 713 41.40 -10.10 -47.49
CA HIS G 713 40.63 -10.91 -48.43
C HIS G 713 40.10 -10.12 -49.62
N ALA G 714 40.64 -8.93 -49.87
CA ALA G 714 40.23 -8.13 -51.02
C ALA G 714 41.18 -8.33 -52.19
N LEU G 715 41.47 -9.59 -52.50
CA LEU G 715 42.44 -9.94 -53.55
C LEU G 715 43.77 -9.25 -53.27
N ARG G 716 44.16 -9.23 -52.00
CA ARG G 716 45.34 -8.54 -51.50
C ARG G 716 45.19 -7.03 -51.71
N MET H 1 30.31 -20.03 -35.45
CA MET H 1 30.95 -19.25 -36.51
C MET H 1 31.15 -17.81 -36.06
N ASP H 2 32.04 -17.09 -36.73
CA ASP H 2 32.34 -15.70 -36.41
C ASP H 2 31.78 -14.79 -37.51
N VAL H 3 31.23 -13.65 -37.09
CA VAL H 3 30.52 -12.74 -37.97
C VAL H 3 31.37 -11.51 -38.23
N ASN H 4 31.38 -11.05 -39.49
CA ASN H 4 32.05 -9.82 -39.87
C ASN H 4 31.17 -9.07 -40.86
N PRO H 5 30.57 -7.95 -40.45
CA PRO H 5 29.65 -7.24 -41.35
C PRO H 5 30.35 -6.56 -42.52
N THR H 6 31.58 -6.06 -42.33
CA THR H 6 32.25 -5.37 -43.43
C THR H 6 32.50 -6.31 -44.60
N LEU H 7 32.67 -7.61 -44.33
CA LEU H 7 32.83 -8.59 -45.40
C LEU H 7 31.64 -8.59 -46.36
N LEU H 8 30.50 -8.06 -45.94
CA LEU H 8 29.36 -7.92 -46.83
C LEU H 8 29.73 -7.18 -48.11
N PHE H 9 30.75 -6.33 -48.06
CA PHE H 9 31.18 -5.58 -49.23
C PHE H 9 31.84 -6.44 -50.30
N LEU H 10 32.02 -7.74 -50.05
CA LEU H 10 32.57 -8.60 -51.09
C LEU H 10 31.53 -8.96 -52.13
N LYS H 11 30.25 -9.05 -51.75
CA LYS H 11 29.19 -9.32 -52.71
C LYS H 11 28.56 -8.04 -53.26
N VAL H 12 28.45 -6.99 -52.46
CA VAL H 12 27.81 -5.74 -52.85
C VAL H 12 28.84 -4.63 -52.71
N PRO H 13 29.05 -3.81 -53.74
CA PRO H 13 30.00 -2.70 -53.64
C PRO H 13 29.59 -1.69 -52.57
N ALA H 14 30.50 -0.75 -52.31
CA ALA H 14 30.37 0.13 -51.16
C ALA H 14 29.21 1.11 -51.32
N GLN H 15 29.15 1.81 -52.46
CA GLN H 15 28.16 2.87 -52.65
C GLN H 15 26.72 2.35 -52.58
N ASN H 16 26.51 1.05 -52.81
CA ASN H 16 25.16 0.50 -52.69
C ASN H 16 24.72 0.33 -51.24
N ALA H 17 25.66 0.23 -50.30
CA ALA H 17 25.31 -0.03 -48.90
C ALA H 17 26.17 0.79 -47.94
N ILE H 18 26.57 2.00 -48.33
CA ILE H 18 27.41 2.83 -47.49
C ILE H 18 26.69 3.32 -46.24
N SER H 19 25.36 3.15 -46.18
CA SER H 19 24.60 3.61 -45.02
C SER H 19 24.99 2.87 -43.75
N THR H 20 25.61 1.69 -43.87
CA THR H 20 26.11 1.00 -42.69
C THR H 20 27.26 1.76 -42.04
N THR H 21 28.05 2.48 -42.84
CA THR H 21 29.17 3.26 -42.29
C THR H 21 28.69 4.41 -41.42
N PHE H 22 27.47 4.88 -41.61
CA PHE H 22 26.91 5.90 -40.73
C PHE H 22 26.60 5.26 -39.39
N PRO H 23 27.38 5.51 -38.34
CA PRO H 23 27.18 4.78 -37.08
C PRO H 23 25.89 5.17 -36.37
N TYR H 24 25.68 6.47 -36.17
CA TYR H 24 24.62 6.97 -35.32
C TYR H 24 23.46 7.52 -36.16
N THR H 25 22.27 7.47 -35.58
CA THR H 25 21.08 8.07 -36.16
C THR H 25 20.89 9.51 -35.68
N GLY H 26 20.91 9.72 -34.36
CA GLY H 26 20.76 11.03 -33.79
C GLY H 26 22.09 11.71 -33.50
N ASP H 27 22.23 12.24 -32.28
CA ASP H 27 23.44 12.96 -31.89
C ASP H 27 24.04 12.30 -30.66
N PRO H 28 25.33 11.99 -30.67
CA PRO H 28 25.96 11.36 -29.50
C PRO H 28 26.33 12.40 -28.47
N PRO H 29 26.56 11.98 -27.22
CA PRO H 29 27.09 12.90 -26.20
C PRO H 29 28.50 13.36 -26.55
N TYR H 30 28.67 14.66 -26.69
CA TYR H 30 29.98 15.22 -27.03
C TYR H 30 30.96 14.97 -25.89
N SER H 31 32.07 14.30 -26.19
CA SER H 31 33.10 14.06 -25.18
C SER H 31 33.64 15.37 -24.63
N HIS H 32 33.79 16.37 -25.49
CA HIS H 32 34.24 17.70 -25.09
C HIS H 32 33.06 18.60 -24.74
N GLY H 33 32.18 18.10 -23.87
CA GLY H 33 31.09 18.91 -23.34
C GLY H 33 31.54 20.02 -22.41
N THR H 34 32.81 20.02 -22.01
CA THR H 34 33.38 21.14 -21.27
C THR H 34 34.70 21.51 -21.94
N GLY H 35 35.45 22.42 -21.32
CA GLY H 35 36.75 22.75 -21.87
C GLY H 35 36.85 24.18 -22.36
N THR H 36 37.70 24.97 -21.73
CA THR H 36 37.98 26.32 -22.16
C THR H 36 39.29 26.41 -22.94
N GLY H 37 40.03 25.32 -23.05
CA GLY H 37 41.33 25.28 -23.67
C GLY H 37 41.38 25.05 -25.17
N TYR H 38 40.41 24.28 -25.69
CA TYR H 38 40.36 24.06 -27.15
C TYR H 38 40.23 25.37 -27.91
N THR H 39 39.58 26.38 -27.32
CA THR H 39 39.52 27.68 -27.98
C THR H 39 40.90 28.29 -28.14
N MET H 40 41.75 28.17 -27.12
CA MET H 40 43.12 28.66 -27.22
C MET H 40 43.90 27.90 -28.28
N ASP H 41 43.71 26.58 -28.33
CA ASP H 41 44.38 25.78 -29.36
C ASP H 41 43.93 26.22 -30.75
N THR H 42 42.64 26.52 -30.92
CA THR H 42 42.15 27.00 -32.21
C THR H 42 42.77 28.36 -32.56
N VAL H 43 42.88 29.25 -31.57
CA VAL H 43 43.49 30.56 -31.81
C VAL H 43 44.91 30.39 -32.31
N ASN H 44 45.69 29.55 -31.62
CA ASN H 44 47.08 29.35 -32.01
C ASN H 44 47.20 28.60 -33.33
N ARG H 45 46.24 27.73 -33.65
CA ARG H 45 46.27 27.05 -34.95
C ARG H 45 46.00 28.03 -36.08
N THR H 46 45.03 28.93 -35.89
CA THR H 46 44.75 29.93 -36.91
C THR H 46 45.94 30.88 -37.09
N HIS H 47 46.56 31.28 -35.99
CA HIS H 47 47.75 32.12 -36.09
C HIS H 47 49.00 31.36 -36.50
N GLN H 48 48.94 30.03 -36.55
CA GLN H 48 50.07 29.24 -37.04
C GLN H 48 50.10 29.20 -38.57
N TYR H 49 48.94 29.04 -39.20
CA TYR H 49 48.86 29.08 -40.65
C TYR H 49 48.90 30.50 -41.21
N SER H 50 49.15 31.51 -40.36
CA SER H 50 49.11 32.90 -40.79
C SER H 50 50.24 33.75 -40.20
N GLU H 51 51.25 33.14 -39.58
CA GLU H 51 52.36 33.85 -38.94
C GLU H 51 53.31 34.38 -40.00
N LYS H 52 53.08 35.59 -40.47
CA LYS H 52 54.00 36.21 -41.42
C LYS H 52 54.27 37.66 -41.05
N GLY H 53 54.47 37.93 -39.77
CA GLY H 53 54.96 39.23 -39.33
C GLY H 53 54.12 40.39 -39.79
N LYS H 54 52.82 40.19 -39.96
CA LYS H 54 51.91 41.24 -40.39
C LYS H 54 51.19 41.88 -39.20
N TRP H 55 51.88 41.97 -38.07
CA TRP H 55 51.29 42.44 -36.83
C TRP H 55 51.05 43.95 -36.89
N THR H 56 49.91 44.37 -36.33
CA THR H 56 49.58 45.77 -36.18
C THR H 56 48.82 45.94 -34.87
N THR H 57 49.23 46.92 -34.08
CA THR H 57 48.53 47.22 -32.84
C THR H 57 47.27 47.99 -33.18
N ASN H 58 46.12 47.51 -32.72
CA ASN H 58 44.86 48.16 -33.03
C ASN H 58 44.82 49.56 -32.42
N THR H 59 44.11 50.46 -33.10
CA THR H 59 44.01 51.83 -32.65
C THR H 59 42.86 52.06 -31.68
N GLU H 60 41.78 51.28 -31.79
CA GLU H 60 40.61 51.46 -30.94
C GLU H 60 40.34 50.30 -29.99
N THR H 61 40.94 49.13 -30.24
CA THR H 61 40.82 48.02 -29.32
C THR H 61 42.13 47.63 -28.66
N GLY H 62 43.26 48.11 -29.17
CA GLY H 62 44.57 47.78 -28.63
C GLY H 62 44.98 46.33 -28.77
N ALA H 63 44.19 45.52 -29.44
CA ALA H 63 44.46 44.09 -29.60
C ALA H 63 45.34 43.85 -30.82
N PRO H 64 46.46 43.15 -30.68
CA PRO H 64 47.31 42.87 -31.84
C PRO H 64 46.58 42.02 -32.86
N GLN H 65 46.87 42.27 -34.14
CA GLN H 65 46.18 41.63 -35.23
C GLN H 65 47.18 41.19 -36.31
N LEU H 66 46.87 40.08 -36.96
CA LEU H 66 47.68 39.56 -38.06
C LEU H 66 47.00 39.85 -39.40
N ASN H 67 47.80 40.14 -40.40
CA ASN H 67 47.31 40.53 -41.73
C ASN H 67 47.95 39.65 -42.80
N PRO H 68 47.75 38.34 -42.74
CA PRO H 68 48.49 37.44 -43.63
C PRO H 68 48.06 37.47 -45.08
N ILE H 69 47.09 38.32 -45.43
CA ILE H 69 46.63 38.43 -46.81
C ILE H 69 47.77 39.00 -47.66
N ASP H 70 47.87 38.51 -48.90
CA ASP H 70 48.95 38.82 -49.84
C ASP H 70 50.32 38.89 -49.17
N GLY H 71 50.61 37.95 -48.27
CA GLY H 71 51.88 37.90 -47.62
C GLY H 71 52.90 37.12 -48.41
N PRO H 72 53.96 36.65 -47.76
CA PRO H 72 55.00 35.90 -48.46
C PRO H 72 54.45 34.58 -49.00
N LEU H 73 54.96 34.19 -50.17
CA LEU H 73 54.55 32.93 -50.77
C LEU H 73 55.08 31.78 -49.93
N PRO H 74 54.34 30.67 -49.87
CA PRO H 74 54.77 29.54 -49.03
C PRO H 74 55.90 28.74 -49.66
N GLU H 75 56.81 28.28 -48.82
CA GLU H 75 57.89 27.39 -49.22
C GLU H 75 57.59 25.94 -48.87
N ASP H 76 56.63 25.69 -48.00
CA ASP H 76 56.29 24.35 -47.52
C ASP H 76 54.95 23.91 -48.07
N ASN H 77 54.73 22.60 -48.04
CA ASN H 77 53.48 22.01 -48.50
C ASN H 77 52.38 22.05 -47.43
N GLU H 78 52.71 22.46 -46.21
CA GLU H 78 51.74 22.48 -45.13
C GLU H 78 50.68 23.56 -45.37
N PRO H 79 49.53 23.45 -44.71
CA PRO H 79 48.47 24.45 -44.90
C PRO H 79 48.95 25.86 -44.56
N SER H 80 48.65 26.79 -45.46
CA SER H 80 49.08 28.19 -45.34
C SER H 80 47.90 29.11 -45.64
N GLY H 81 47.71 30.12 -44.78
CA GLY H 81 46.61 31.04 -44.94
C GLY H 81 47.00 32.35 -45.59
N TYR H 82 47.83 32.29 -46.62
CA TYR H 82 48.33 33.46 -47.32
C TYR H 82 47.72 33.50 -48.72
N ALA H 83 46.78 34.41 -48.94
CA ALA H 83 46.12 34.57 -50.22
C ALA H 83 46.43 35.96 -50.77
N GLN H 84 46.89 36.01 -52.00
CA GLN H 84 47.21 37.29 -52.64
C GLN H 84 45.93 37.98 -53.08
N THR H 85 45.87 39.30 -52.88
CA THR H 85 44.66 40.05 -53.20
C THR H 85 44.34 39.98 -54.68
N ASP H 86 45.37 40.18 -55.52
CA ASP H 86 45.19 40.19 -56.96
C ASP H 86 44.62 38.87 -57.46
N CYS H 87 45.03 37.75 -56.85
CA CYS H 87 44.50 36.45 -57.25
C CYS H 87 43.00 36.37 -57.03
N VAL H 88 42.55 36.76 -55.84
CA VAL H 88 41.12 36.70 -55.51
C VAL H 88 40.33 37.63 -56.42
N LEU H 89 40.83 38.86 -56.59
CA LEU H 89 40.10 39.83 -57.40
C LEU H 89 40.04 39.40 -58.87
N GLU H 90 41.13 38.81 -59.39
CA GLU H 90 41.12 38.33 -60.75
C GLU H 90 40.14 37.16 -60.92
N ALA H 91 40.10 36.26 -59.94
CA ALA H 91 39.14 35.15 -60.01
C ALA H 91 37.71 35.67 -59.98
N MET H 92 37.42 36.65 -59.14
CA MET H 92 36.06 37.20 -59.06
C MET H 92 35.68 37.89 -60.37
N ALA H 93 36.57 38.74 -60.89
CA ALA H 93 36.28 39.44 -62.13
C ALA H 93 36.11 38.47 -63.30
N PHE H 94 36.90 37.40 -63.32
CA PHE H 94 36.78 36.44 -64.39
C PHE H 94 35.52 35.59 -64.27
N LEU H 95 35.06 35.33 -63.03
CA LEU H 95 33.74 34.74 -62.87
C LEU H 95 32.67 35.65 -63.45
N GLU H 96 32.71 36.94 -63.09
CA GLU H 96 31.70 37.85 -63.64
C GLU H 96 31.77 37.92 -65.15
N GLU H 97 32.96 37.81 -65.72
CA GLU H 97 33.07 37.72 -67.18
C GLU H 97 32.47 36.41 -67.68
N SER H 98 32.52 35.35 -66.87
CA SER H 98 31.87 34.09 -67.20
C SER H 98 30.37 34.14 -66.97
N HIS H 99 29.90 35.00 -66.07
CA HIS H 99 28.46 35.15 -65.79
C HIS H 99 28.11 36.63 -65.80
N PRO H 100 27.52 37.12 -66.89
CA PRO H 100 27.34 38.57 -67.06
C PRO H 100 26.32 39.16 -66.09
N GLY H 101 26.74 40.20 -65.38
CA GLY H 101 25.84 41.02 -64.58
C GLY H 101 25.09 40.31 -63.48
N ILE H 102 25.53 39.12 -63.09
CA ILE H 102 24.88 38.38 -62.01
C ILE H 102 24.92 39.17 -60.71
N PHE H 103 26.05 39.84 -60.45
CA PHE H 103 26.19 40.62 -59.22
C PHE H 103 25.18 41.75 -59.15
N GLU H 104 24.82 42.34 -60.28
CA GLU H 104 23.92 43.50 -60.24
C GLU H 104 22.49 43.08 -59.92
N ASN H 105 22.01 41.98 -60.51
CA ASN H 105 20.69 41.47 -60.16
C ASN H 105 20.65 41.00 -58.71
N SER H 106 21.71 40.32 -58.25
CA SER H 106 21.76 39.92 -56.86
C SER H 106 21.74 41.12 -55.93
N CYS H 107 22.45 42.19 -56.29
CA CYS H 107 22.46 43.39 -55.46
C CYS H 107 21.10 44.07 -55.45
N LEU H 108 20.39 44.05 -56.58
CA LEU H 108 19.04 44.63 -56.62
C LEU H 108 18.10 43.85 -55.71
N GLU H 109 18.14 42.52 -55.79
CA GLU H 109 17.31 41.72 -54.91
C GLU H 109 17.66 41.97 -53.44
N THR H 110 18.96 42.08 -53.15
CA THR H 110 19.40 42.31 -51.77
C THR H 110 18.98 43.68 -51.27
N MET H 111 19.01 44.70 -52.13
CA MET H 111 18.58 46.03 -51.71
C MET H 111 17.07 46.07 -51.46
N GLU H 112 16.28 45.43 -52.32
CA GLU H 112 14.86 45.35 -52.03
C GLU H 112 14.60 44.64 -50.71
N VAL H 113 15.39 43.59 -50.43
CA VAL H 113 15.27 42.87 -49.16
C VAL H 113 15.57 43.80 -47.99
N VAL H 114 16.71 44.49 -48.04
CA VAL H 114 17.09 45.39 -46.95
C VAL H 114 16.12 46.56 -46.83
N GLN H 115 15.37 46.88 -47.89
CA GLN H 115 14.32 47.88 -47.75
C GLN H 115 13.11 47.33 -47.00
N GLN H 116 12.69 46.10 -47.33
CA GLN H 116 11.49 45.55 -46.71
C GLN H 116 11.75 44.89 -45.36
N THR H 117 13.01 44.57 -45.04
CA THR H 117 13.29 43.75 -43.86
C THR H 117 13.06 44.55 -42.59
N ARG H 118 12.15 44.06 -41.74
CA ARG H 118 11.94 44.60 -40.40
C ARG H 118 12.95 43.97 -39.45
N VAL H 119 12.76 44.14 -38.14
CA VAL H 119 13.66 43.56 -37.15
C VAL H 119 13.23 42.16 -36.71
N ASP H 120 12.07 41.68 -37.17
CA ASP H 120 11.61 40.36 -36.76
C ASP H 120 12.51 39.25 -37.30
N ARG H 121 13.04 39.44 -38.51
CA ARG H 121 13.93 38.46 -39.13
C ARG H 121 15.24 38.31 -38.35
N LEU H 122 15.41 39.09 -37.29
CA LEU H 122 16.55 38.97 -36.39
C LEU H 122 16.29 38.02 -35.23
N THR H 123 15.04 37.64 -34.98
CA THR H 123 14.71 36.66 -33.95
C THR H 123 14.78 35.23 -34.45
N GLN H 124 14.58 35.01 -35.75
CA GLN H 124 14.63 33.68 -36.34
C GLN H 124 16.06 33.17 -36.43
N GLY H 125 16.50 32.42 -35.42
CA GLY H 125 17.85 31.89 -35.42
C GLY H 125 18.10 31.10 -34.15
N ARG H 126 19.27 30.48 -34.09
CA ARG H 126 19.66 29.67 -32.94
C ARG H 126 20.12 30.60 -31.82
N GLN H 127 20.71 30.03 -30.78
CA GLN H 127 21.16 30.82 -29.64
C GLN H 127 22.20 31.86 -30.06
N THR H 128 22.14 33.01 -29.42
CA THR H 128 23.04 34.13 -29.67
C THR H 128 23.80 34.48 -28.39
N TYR H 129 24.67 35.47 -28.50
CA TYR H 129 25.44 35.97 -27.38
C TYR H 129 24.92 37.36 -27.02
N ASP H 130 24.34 37.49 -25.82
CA ASP H 130 23.94 38.79 -25.30
C ASP H 130 25.12 39.39 -24.56
N TRP H 131 25.59 40.55 -25.03
CA TRP H 131 26.62 41.31 -24.35
C TRP H 131 26.10 42.05 -23.13
N THR H 132 24.78 42.27 -23.05
CA THR H 132 24.21 42.95 -21.88
C THR H 132 24.48 42.18 -20.61
N LEU H 133 24.27 40.86 -20.63
CA LEU H 133 24.53 39.99 -19.49
C LEU H 133 25.77 39.13 -19.68
N ASN H 134 26.50 39.29 -20.77
CA ASN H 134 27.71 38.51 -21.05
C ASN H 134 27.42 37.00 -21.03
N ARG H 135 26.37 36.59 -21.74
CA ARG H 135 25.98 35.19 -21.68
C ARG H 135 25.27 34.78 -22.97
N ASN H 136 25.27 33.48 -23.24
CA ASN H 136 24.52 32.95 -24.37
C ASN H 136 23.05 32.85 -24.00
N GLN H 137 22.20 33.40 -24.84
CA GLN H 137 20.76 33.48 -24.58
C GLN H 137 20.01 33.24 -25.89
N PRO H 138 18.72 32.94 -25.81
CA PRO H 138 17.91 32.86 -27.03
C PRO H 138 17.84 34.21 -27.73
N ALA H 139 17.35 34.18 -28.97
CA ALA H 139 17.42 35.35 -29.84
C ALA H 139 16.60 36.51 -29.31
N ALA H 140 15.30 36.31 -29.10
CA ALA H 140 14.42 37.41 -28.73
C ALA H 140 14.77 38.01 -27.38
N THR H 141 15.26 37.20 -26.45
CA THR H 141 15.63 37.72 -25.14
C THR H 141 16.79 38.71 -25.25
N ALA H 142 17.88 38.31 -25.92
CA ALA H 142 19.00 39.22 -26.13
C ALA H 142 18.61 40.41 -26.98
N LEU H 143 17.71 40.22 -27.94
CA LEU H 143 17.28 41.33 -28.78
C LEU H 143 16.53 42.38 -27.97
N ALA H 144 15.59 41.94 -27.13
CA ALA H 144 14.87 42.87 -26.28
C ALA H 144 15.79 43.53 -25.26
N ASN H 145 16.77 42.78 -24.75
CA ASN H 145 17.77 43.35 -23.85
C ASN H 145 18.50 44.50 -24.53
N THR H 146 19.00 44.25 -25.75
CA THR H 146 19.74 45.28 -26.46
C THR H 146 18.85 46.47 -26.80
N ILE H 147 17.60 46.22 -27.19
CA ILE H 147 16.69 47.30 -27.54
C ILE H 147 16.40 48.17 -26.32
N GLU H 148 16.13 47.54 -25.18
CA GLU H 148 15.79 48.31 -23.99
C GLU H 148 17.01 49.05 -23.44
N VAL H 149 18.20 48.45 -23.53
CA VAL H 149 19.38 49.16 -23.04
C VAL H 149 19.77 50.28 -24.00
N PHE H 150 19.41 50.18 -25.28
CA PHE H 150 19.63 51.29 -26.20
C PHE H 150 18.63 52.41 -25.93
N ARG H 151 17.38 52.06 -25.65
CA ARG H 151 16.39 53.06 -25.29
C ARG H 151 16.75 53.74 -23.97
N SER H 152 17.45 53.03 -23.08
CA SER H 152 17.93 53.67 -21.86
C SER H 152 18.89 54.81 -22.18
N ASN H 153 19.70 54.65 -23.22
CA ASN H 153 20.55 55.72 -23.71
C ASN H 153 19.79 56.50 -24.79
N GLY H 154 20.49 57.37 -25.51
CA GLY H 154 19.87 58.20 -26.52
C GLY H 154 19.81 57.57 -27.90
N LEU H 155 19.25 56.36 -27.99
CA LEU H 155 19.21 55.60 -29.23
C LEU H 155 17.78 55.11 -29.46
N THR H 156 17.03 55.81 -30.29
CA THR H 156 15.61 55.53 -30.53
C THR H 156 15.30 55.56 -32.02
N ALA H 157 16.14 54.91 -32.83
CA ALA H 157 15.89 54.86 -34.26
C ALA H 157 15.07 53.65 -34.67
N ASN H 158 15.18 52.54 -33.94
CA ASN H 158 14.44 51.32 -34.27
C ASN H 158 12.94 51.45 -34.09
N GLU H 159 12.45 52.57 -33.56
CA GLU H 159 11.01 52.77 -33.40
C GLU H 159 10.27 52.77 -34.73
N SER H 160 10.97 53.03 -35.84
CA SER H 160 10.33 52.99 -37.15
C SER H 160 10.02 51.56 -37.58
N GLY H 161 10.78 50.58 -37.07
CA GLY H 161 10.57 49.19 -37.38
C GLY H 161 11.54 48.63 -38.41
N ARG H 162 12.15 49.49 -39.21
CA ARG H 162 13.10 49.04 -40.23
C ARG H 162 14.42 48.64 -39.59
N LEU H 163 14.95 47.50 -40.05
CA LEU H 163 16.21 47.00 -39.50
C LEU H 163 17.36 47.97 -39.72
N ILE H 164 17.31 48.75 -40.81
CA ILE H 164 18.36 49.73 -41.09
C ILE H 164 18.44 50.76 -39.97
N ASP H 165 17.30 51.12 -39.36
CA ASP H 165 17.34 52.07 -38.24
C ASP H 165 17.96 51.44 -37.01
N PHE H 166 17.71 50.15 -36.77
CA PHE H 166 18.40 49.46 -35.68
C PHE H 166 19.90 49.42 -35.91
N LEU H 167 20.32 49.24 -37.16
CA LEU H 167 21.75 49.23 -37.46
C LEU H 167 22.35 50.63 -37.33
N LYS H 168 21.59 51.66 -37.69
CA LYS H 168 22.03 53.03 -37.44
C LYS H 168 22.21 53.29 -35.95
N ASP H 169 21.30 52.76 -35.13
CA ASP H 169 21.49 52.84 -33.68
C ASP H 169 22.76 52.12 -33.24
N VAL H 170 22.98 50.92 -33.77
CA VAL H 170 24.21 50.18 -33.45
C VAL H 170 25.43 51.02 -33.80
N MET H 171 25.40 51.69 -34.96
CA MET H 171 26.52 52.51 -35.40
C MET H 171 26.73 53.70 -34.45
N GLU H 172 25.65 54.39 -34.10
CA GLU H 172 25.77 55.53 -33.18
C GLU H 172 26.23 55.09 -31.80
N SER H 173 25.99 53.83 -31.43
CA SER H 173 26.34 53.37 -30.09
C SER H 173 27.85 53.32 -29.88
N MET H 174 28.60 52.95 -30.91
CA MET H 174 30.04 52.77 -30.78
C MET H 174 30.81 54.07 -30.57
N ASP H 175 30.20 55.23 -30.81
CA ASP H 175 30.94 56.49 -30.73
C ASP H 175 30.93 57.13 -29.33
N LYS H 176 30.04 56.69 -28.45
CA LYS H 176 29.91 57.32 -27.13
C LYS H 176 30.87 56.70 -26.13
N GLU H 177 31.36 57.53 -25.20
CA GLU H 177 32.31 57.07 -24.20
C GLU H 177 31.63 56.29 -23.09
N GLU H 178 30.49 56.77 -22.60
CA GLU H 178 29.82 56.16 -21.47
C GLU H 178 28.79 55.15 -21.95
N MET H 179 28.64 54.06 -21.20
CA MET H 179 27.69 53.00 -21.51
C MET H 179 26.96 52.64 -20.21
N GLU H 180 25.83 53.29 -19.97
CA GLU H 180 25.06 53.09 -18.76
C GLU H 180 24.06 51.96 -18.97
N ILE H 181 24.18 50.90 -18.17
CA ILE H 181 23.33 49.72 -18.26
C ILE H 181 22.41 49.69 -17.06
N THR H 182 21.14 49.41 -17.29
CA THR H 182 20.15 49.33 -16.22
C THR H 182 19.70 47.90 -15.98
N LYS H 208 19.48 48.34 -9.49
CA LYS H 208 20.70 49.15 -9.50
C LYS H 208 21.79 48.53 -10.36
N LYS H 209 22.09 49.18 -11.49
CA LYS H 209 23.13 48.72 -12.40
C LYS H 209 23.82 49.92 -13.01
N GLN H 210 25.14 49.84 -13.14
CA GLN H 210 25.96 50.87 -13.77
C GLN H 210 27.24 50.21 -14.24
N ARG H 211 27.59 50.42 -15.51
CA ARG H 211 28.58 49.53 -16.13
C ARG H 211 29.68 50.22 -16.92
N VAL H 212 30.39 49.43 -17.72
CA VAL H 212 31.71 49.71 -18.26
C VAL H 212 31.70 50.80 -19.34
N ASN H 213 32.91 51.21 -19.75
CA ASN H 213 33.13 52.33 -20.64
C ASN H 213 32.97 51.92 -22.10
N LYS H 214 33.45 52.78 -23.01
CA LYS H 214 33.26 52.56 -24.44
C LYS H 214 34.08 51.38 -24.96
N ARG H 215 35.34 51.26 -24.52
CA ARG H 215 36.21 50.24 -25.11
C ARG H 215 35.70 48.83 -24.84
N SER H 216 35.33 48.54 -23.60
CA SER H 216 34.81 47.22 -23.28
C SER H 216 33.52 46.92 -24.02
N TYR H 217 32.69 47.95 -24.25
CA TYR H 217 31.50 47.78 -25.06
C TYR H 217 31.85 47.41 -26.49
N LEU H 218 32.84 48.11 -27.07
CA LEU H 218 33.30 47.77 -28.41
C LEU H 218 33.83 46.34 -28.48
N ILE H 219 34.61 45.94 -27.48
CA ILE H 219 35.19 44.60 -27.46
C ILE H 219 34.09 43.55 -27.36
N ARG H 220 33.06 43.82 -26.55
CA ARG H 220 31.98 42.85 -26.41
C ARG H 220 31.13 42.78 -27.67
N ALA H 221 30.97 43.91 -28.38
CA ALA H 221 30.19 43.91 -29.61
C ALA H 221 30.85 43.02 -30.67
N LEU H 222 32.17 42.88 -30.63
CA LEU H 222 32.92 42.05 -31.54
C LEU H 222 33.22 40.67 -30.96
N THR H 223 32.74 40.38 -29.75
CA THR H 223 33.06 39.13 -29.08
C THR H 223 32.32 37.94 -29.69
N LEU H 224 33.06 36.85 -29.89
CA LEU H 224 32.52 35.61 -30.42
C LEU H 224 32.68 34.51 -29.38
N ASN H 225 31.83 33.48 -29.49
CA ASN H 225 31.81 32.39 -28.54
C ASN H 225 31.41 31.11 -29.28
N THR H 226 31.10 30.06 -28.53
CA THR H 226 30.61 28.81 -29.10
C THR H 226 29.29 28.39 -28.44
N THR H 243 29.53 31.01 -31.92
CA THR H 243 28.40 31.87 -31.56
C THR H 243 28.73 33.34 -31.79
N PRO H 244 27.99 33.97 -32.69
CA PRO H 244 28.24 35.38 -33.00
C PRO H 244 27.61 36.30 -31.96
N GLY H 245 28.09 37.54 -31.97
CA GLY H 245 27.52 38.58 -31.13
C GLY H 245 26.12 38.97 -31.57
N MET H 246 25.56 39.94 -30.84
CA MET H 246 24.20 40.37 -31.13
C MET H 246 24.15 41.39 -32.27
N GLN H 247 25.16 42.25 -32.36
CA GLN H 247 25.17 43.29 -33.38
C GLN H 247 25.43 42.71 -34.76
N ILE H 248 26.41 41.82 -34.86
CA ILE H 248 26.86 41.29 -36.15
C ILE H 248 25.78 40.49 -36.87
N ARG H 249 24.70 40.15 -36.18
CA ARG H 249 23.71 39.24 -36.74
C ARG H 249 22.98 39.85 -37.93
N GLY H 250 22.61 41.13 -37.85
CA GLY H 250 21.91 41.76 -38.95
C GLY H 250 22.77 41.85 -40.21
N PHE H 251 24.01 42.31 -40.06
CA PHE H 251 24.90 42.45 -41.21
C PHE H 251 25.28 41.09 -41.79
N VAL H 252 25.47 40.09 -40.94
CA VAL H 252 25.75 38.76 -41.47
C VAL H 252 24.53 38.21 -42.19
N TYR H 253 23.32 38.55 -41.73
CA TYR H 253 22.12 38.14 -42.45
C TYR H 253 22.06 38.81 -43.83
N PHE H 254 22.43 40.09 -43.90
CA PHE H 254 22.41 40.77 -45.20
C PHE H 254 23.43 40.17 -46.17
N VAL H 255 24.66 39.97 -45.70
CA VAL H 255 25.70 39.40 -46.55
C VAL H 255 25.30 38.00 -47.00
N GLU H 256 24.70 37.21 -46.11
CA GLU H 256 24.33 35.85 -46.49
C GLU H 256 23.09 35.82 -47.39
N THR H 257 22.17 36.77 -47.26
CA THR H 257 21.08 36.84 -48.23
C THR H 257 21.63 37.15 -49.61
N LEU H 258 22.61 38.06 -49.69
CA LEU H 258 23.26 38.32 -50.96
C LEU H 258 23.93 37.06 -51.51
N ALA H 259 24.67 36.34 -50.65
CA ALA H 259 25.33 35.12 -51.07
C ALA H 259 24.32 34.06 -51.52
N ARG H 260 23.16 34.01 -50.89
CA ARG H 260 22.12 33.06 -51.28
C ARG H 260 21.57 33.39 -52.66
N SER H 261 21.19 34.64 -52.88
CA SER H 261 20.70 35.05 -54.19
C SER H 261 21.77 34.92 -55.28
N ILE H 262 23.05 34.97 -54.90
CA ILE H 262 24.12 34.73 -55.87
C ILE H 262 24.23 33.25 -56.18
N CYS H 263 24.22 32.41 -55.14
CA CYS H 263 24.41 30.98 -55.33
C CYS H 263 23.22 30.36 -56.07
N GLU H 264 22.05 30.97 -55.97
CA GLU H 264 20.91 30.49 -56.77
C GLU H 264 21.20 30.59 -58.26
N LYS H 265 22.01 31.58 -58.65
CA LYS H 265 22.32 31.83 -60.05
C LYS H 265 23.63 31.18 -60.49
N LEU H 266 24.13 30.23 -59.68
CA LEU H 266 25.33 29.48 -59.99
C LEU H 266 25.01 27.99 -59.98
N GLU H 267 25.28 27.29 -61.08
CA GLU H 267 25.01 25.86 -61.14
C GLU H 267 25.93 25.08 -60.20
N GLN H 268 27.19 25.50 -60.11
CA GLN H 268 28.18 24.78 -59.31
C GLN H 268 28.03 25.02 -57.81
N SER H 269 27.17 25.94 -57.41
CA SER H 269 26.90 26.20 -55.99
C SER H 269 25.47 25.77 -55.71
N GLY H 270 25.31 24.59 -55.12
CA GLY H 270 23.99 24.03 -54.84
C GLY H 270 23.58 24.12 -53.38
N LEU H 271 23.90 25.25 -52.74
CA LEU H 271 23.66 25.41 -51.31
C LEU H 271 22.20 25.73 -50.93
N PRO H 272 21.52 26.69 -51.57
CA PRO H 272 20.17 27.05 -51.08
C PRO H 272 19.16 25.92 -51.17
N VAL H 273 19.34 24.98 -52.11
CA VAL H 273 18.41 23.88 -52.29
C VAL H 273 18.64 22.81 -51.22
N GLY H 274 17.69 21.88 -51.11
CA GLY H 274 17.81 20.78 -50.17
C GLY H 274 17.25 19.48 -50.73
N GLY H 275 18.02 18.41 -50.68
CA GLY H 275 17.58 17.11 -51.14
C GLY H 275 17.88 16.76 -52.59
N ASN H 276 16.86 16.19 -53.27
CA ASN H 276 17.02 15.57 -54.59
C ASN H 276 17.57 16.50 -55.66
N GLU H 277 17.46 17.82 -55.45
CA GLU H 277 18.04 18.76 -56.40
C GLU H 277 19.53 18.48 -56.58
N LYS H 278 20.23 18.24 -55.47
CA LYS H 278 21.64 17.87 -55.52
C LYS H 278 21.85 16.62 -56.38
N LYS H 279 20.94 15.65 -56.26
CA LYS H 279 20.99 14.47 -57.13
C LYS H 279 21.05 14.88 -58.59
N ALA H 280 20.10 15.73 -59.01
CA ALA H 280 20.08 16.17 -60.40
C ALA H 280 21.36 16.90 -60.77
N LYS H 281 21.84 17.79 -59.90
CA LYS H 281 23.05 18.56 -60.18
C LYS H 281 24.30 17.70 -60.22
N LEU H 282 24.25 16.48 -59.67
CA LEU H 282 25.38 15.57 -59.84
C LEU H 282 25.26 14.77 -61.13
N ALA H 283 24.03 14.38 -61.47
CA ALA H 283 23.82 13.55 -62.67
C ALA H 283 23.99 14.36 -63.94
N ASN H 284 23.92 15.69 -63.86
CA ASN H 284 24.19 16.50 -65.04
C ASN H 284 25.69 16.68 -65.23
N VAL H 285 26.37 17.17 -64.20
CA VAL H 285 27.79 17.50 -64.31
C VAL H 285 28.60 16.25 -64.63
N VAL H 286 28.16 15.07 -64.17
CA VAL H 286 28.85 13.85 -64.60
C VAL H 286 28.87 13.75 -66.12
N ARG H 287 27.70 13.89 -66.76
CA ARG H 287 27.61 13.79 -68.21
C ARG H 287 28.27 14.96 -68.93
N LYS H 288 28.55 16.05 -68.22
CA LYS H 288 29.26 17.17 -68.87
C LYS H 288 30.69 16.84 -69.27
N MET H 289 31.31 15.79 -68.74
CA MET H 289 32.75 15.62 -68.93
C MET H 289 33.17 14.44 -69.79
N MET H 290 32.75 13.21 -69.49
CA MET H 290 33.35 12.05 -70.14
C MET H 290 32.88 11.84 -71.57
N THR H 291 31.61 12.14 -71.87
CA THR H 291 31.07 11.77 -73.18
C THR H 291 31.58 12.64 -74.31
N ASN H 292 32.85 12.44 -74.68
CA ASN H 292 33.50 13.11 -75.80
C ASN H 292 33.75 12.06 -76.87
N SER H 293 33.24 12.30 -78.09
CA SER H 293 33.33 11.33 -79.16
C SER H 293 34.77 11.01 -79.52
N GLN H 294 34.93 9.88 -80.22
CA GLN H 294 36.25 9.35 -80.56
C GLN H 294 37.10 9.20 -79.30
N ASP H 295 36.64 8.28 -78.45
CA ASP H 295 36.99 8.27 -77.03
C ASP H 295 38.47 7.99 -76.86
N THR H 296 39.24 9.06 -76.70
CA THR H 296 40.60 9.01 -76.20
C THR H 296 40.83 9.87 -74.97
N GLU H 297 39.83 10.66 -74.57
CA GLU H 297 39.99 11.58 -73.44
C GLU H 297 39.98 10.82 -72.11
N LEU H 298 40.85 11.25 -71.20
CA LEU H 298 40.93 10.68 -69.86
C LEU H 298 40.30 11.65 -68.86
N SER H 299 39.23 11.20 -68.21
CA SER H 299 38.47 11.99 -67.24
C SER H 299 38.69 11.41 -65.85
N PHE H 300 39.37 12.15 -64.99
CA PHE H 300 39.57 11.77 -63.59
C PHE H 300 38.69 12.62 -62.70
N THR H 301 38.28 12.04 -61.57
CA THR H 301 37.41 12.72 -60.62
C THR H 301 37.98 12.57 -59.21
N ILE H 302 38.08 13.69 -58.49
CA ILE H 302 38.53 13.67 -57.11
C ILE H 302 37.37 14.09 -56.22
N THR H 303 37.23 13.40 -55.09
CA THR H 303 36.35 13.81 -53.99
C THR H 303 37.24 14.35 -52.89
N GLY H 304 37.12 15.64 -52.61
CA GLY H 304 38.00 16.32 -51.69
C GLY H 304 37.28 16.87 -50.47
N ASP H 305 38.09 17.42 -49.58
CA ASP H 305 37.65 18.13 -48.40
C ASP H 305 38.75 19.11 -48.05
N ASN H 306 38.41 20.17 -47.34
CA ASN H 306 39.34 21.23 -47.04
C ASN H 306 39.71 21.19 -45.56
N THR H 307 40.96 20.85 -45.27
CA THR H 307 41.39 20.76 -43.89
C THR H 307 41.55 22.15 -43.30
N LYS H 308 40.94 22.36 -42.14
CA LYS H 308 41.05 23.62 -41.40
C LYS H 308 40.76 24.82 -42.30
N TRP H 309 39.80 24.64 -43.20
CA TRP H 309 39.39 25.71 -44.12
C TRP H 309 38.89 26.92 -43.36
N ASN H 310 38.22 26.69 -42.23
CA ASN H 310 37.60 27.76 -41.48
C ASN H 310 38.64 28.72 -40.91
N GLU H 311 39.85 28.22 -40.64
CA GLU H 311 40.93 29.04 -40.11
C GLU H 311 41.66 29.84 -41.19
N ASN H 312 41.40 29.57 -42.47
CA ASN H 312 42.08 30.26 -43.56
C ASN H 312 41.27 31.38 -44.20
N GLN H 313 39.96 31.42 -43.97
CA GLN H 313 39.12 32.48 -44.53
C GLN H 313 39.44 33.81 -43.85
N ASN H 314 40.04 34.74 -44.61
CA ASN H 314 40.44 36.02 -44.03
C ASN H 314 39.31 37.03 -44.20
N PRO H 315 38.92 37.76 -43.14
CA PRO H 315 37.83 38.72 -43.27
C PRO H 315 38.12 39.87 -44.22
N ARG H 316 39.38 40.25 -44.37
CA ARG H 316 39.74 41.34 -45.28
C ARG H 316 39.59 40.92 -46.73
N MET H 317 39.87 39.65 -47.04
CA MET H 317 39.60 39.14 -48.38
C MET H 317 38.11 39.15 -48.67
N PHE H 318 37.29 38.84 -47.66
CA PHE H 318 35.85 38.96 -47.81
C PHE H 318 35.43 40.41 -48.04
N LEU H 319 36.07 41.34 -47.34
CA LEU H 319 35.82 42.75 -47.60
C LEU H 319 36.11 43.10 -49.05
N ALA H 320 37.23 42.59 -49.57
CA ALA H 320 37.60 42.86 -50.96
C ALA H 320 36.59 42.28 -51.94
N MET H 321 36.19 41.03 -51.72
CA MET H 321 35.27 40.40 -52.66
C MET H 321 33.88 41.02 -52.58
N ILE H 322 33.45 41.46 -51.40
CA ILE H 322 32.18 42.19 -51.30
C ILE H 322 32.28 43.53 -52.00
N THR H 323 33.38 44.26 -51.78
CA THR H 323 33.56 45.56 -52.43
C THR H 323 33.55 45.42 -53.95
N TYR H 324 34.12 44.32 -54.46
CA TYR H 324 34.02 44.09 -55.90
C TYR H 324 32.60 43.71 -56.29
N ILE H 325 31.89 42.98 -55.42
CA ILE H 325 30.48 42.71 -55.69
C ILE H 325 29.66 44.00 -55.64
N THR H 326 30.08 44.95 -54.80
CA THR H 326 29.46 46.28 -54.76
C THR H 326 30.08 47.17 -55.84
N LYS H 327 30.04 46.67 -57.06
CA LYS H 327 30.60 47.35 -58.22
C LYS H 327 29.54 48.25 -58.82
N ASN H 328 29.82 49.55 -58.87
CA ASN H 328 28.96 50.58 -59.45
C ASN H 328 27.61 50.69 -58.74
N GLN H 329 27.42 50.01 -57.63
CA GLN H 329 26.21 50.11 -56.85
C GLN H 329 26.22 51.39 -56.00
N PRO H 330 25.07 51.81 -55.49
CA PRO H 330 25.03 53.03 -54.66
C PRO H 330 25.95 52.92 -53.45
N GLU H 331 26.51 54.08 -53.07
CA GLU H 331 27.58 54.10 -52.07
C GLU H 331 27.11 53.60 -50.71
N TRP H 332 25.89 53.97 -50.31
CA TRP H 332 25.39 53.54 -49.00
C TRP H 332 25.25 52.02 -48.95
N PHE H 333 24.88 51.40 -50.08
CA PHE H 333 24.74 49.95 -50.13
C PHE H 333 26.10 49.27 -49.99
N ARG H 334 27.12 49.79 -50.68
CA ARG H 334 28.48 49.29 -50.52
C ARG H 334 28.93 49.41 -49.08
N ASN H 335 28.60 50.52 -48.41
CA ASN H 335 28.98 50.69 -47.02
C ASN H 335 28.23 49.71 -46.12
N VAL H 336 26.96 49.43 -46.45
CA VAL H 336 26.15 48.53 -45.63
C VAL H 336 26.71 47.12 -45.68
N LEU H 337 26.95 46.61 -46.90
CA LEU H 337 27.35 45.21 -47.03
C LEU H 337 28.79 44.97 -46.59
N SER H 338 29.62 46.01 -46.56
CA SER H 338 31.02 45.88 -46.18
C SER H 338 31.24 45.87 -44.67
N ILE H 339 30.17 45.96 -43.87
CA ILE H 339 30.32 46.07 -42.42
C ILE H 339 30.86 44.77 -41.82
N ALA H 340 30.24 43.64 -42.18
CA ALA H 340 30.57 42.37 -41.54
C ALA H 340 32.04 41.97 -41.67
N PRO H 341 32.68 42.05 -42.84
CA PRO H 341 34.11 41.72 -42.89
C PRO H 341 34.96 42.63 -42.02
N ILE H 342 34.56 43.89 -41.88
CA ILE H 342 35.28 44.81 -41.00
C ILE H 342 35.11 44.40 -39.54
N MET H 343 33.90 44.01 -39.14
CA MET H 343 33.68 43.54 -37.78
C MET H 343 34.46 42.26 -37.50
N PHE H 344 34.65 41.42 -38.52
CA PHE H 344 35.43 40.21 -38.33
C PHE H 344 36.93 40.45 -38.42
N SER H 345 37.34 41.57 -39.01
CA SER H 345 38.76 41.93 -38.99
C SER H 345 39.21 42.27 -37.57
N ASN H 346 38.37 42.95 -36.81
CA ASN H 346 38.63 43.27 -35.41
C ASN H 346 37.58 42.55 -34.57
N LYS H 347 37.85 41.29 -34.23
CA LYS H 347 36.93 40.49 -33.43
C LYS H 347 37.70 39.83 -32.31
N MET H 348 37.07 39.75 -31.14
CA MET H 348 37.66 39.14 -29.97
C MET H 348 36.94 37.84 -29.64
N ALA H 349 37.69 36.89 -29.11
CA ALA H 349 37.15 35.59 -28.74
C ALA H 349 37.08 35.50 -27.23
N ARG H 350 35.87 35.29 -26.72
CA ARG H 350 35.67 35.01 -25.31
C ARG H 350 35.95 33.53 -25.07
N LEU H 351 36.81 33.24 -24.10
CA LEU H 351 37.13 31.84 -23.84
C LEU H 351 35.99 31.15 -23.10
N GLY H 352 35.36 31.85 -22.17
CA GLY H 352 34.19 31.32 -21.49
C GLY H 352 34.31 31.29 -19.98
N LYS H 353 33.99 30.14 -19.38
CA LYS H 353 34.07 30.02 -17.93
C LYS H 353 35.51 30.06 -17.46
N GLY H 354 36.35 29.21 -18.00
CA GLY H 354 37.74 29.13 -17.59
C GLY H 354 38.14 27.72 -17.19
N TYR H 355 39.09 27.61 -16.27
CA TYR H 355 39.56 26.32 -15.78
C TYR H 355 39.14 26.14 -14.32
N MET H 356 39.30 24.90 -13.83
CA MET H 356 38.88 24.56 -12.49
C MET H 356 39.90 23.61 -11.87
N PHE H 357 40.14 23.77 -10.58
CA PHE H 357 41.10 22.93 -9.85
C PHE H 357 40.42 22.20 -8.70
N THR H 366 38.98 24.62 -6.94
CA THR H 366 38.48 25.96 -7.23
C THR H 366 38.65 26.30 -8.70
N GLN H 367 37.71 27.05 -9.26
CA GLN H 367 37.73 27.41 -10.68
C GLN H 367 38.36 28.78 -10.88
N ILE H 368 38.82 29.01 -12.10
CA ILE H 368 39.49 30.27 -12.45
C ILE H 368 38.93 30.81 -13.76
N PRO H 369 38.49 32.06 -13.80
CA PRO H 369 38.07 32.66 -15.06
C PRO H 369 39.27 33.04 -15.92
N ALA H 370 38.98 33.40 -17.16
CA ALA H 370 40.03 33.83 -18.08
C ALA H 370 40.63 35.17 -17.66
N GLU H 371 39.86 36.00 -16.94
CA GLU H 371 40.30 37.35 -16.61
C GLU H 371 41.52 37.37 -15.71
N MET H 372 41.80 36.29 -14.98
CA MET H 372 42.94 36.22 -14.09
C MET H 372 44.17 35.57 -14.71
N LEU H 373 44.11 35.24 -16.01
CA LEU H 373 45.24 34.66 -16.72
C LEU H 373 46.35 35.67 -17.01
N ALA H 374 46.10 36.96 -16.82
CA ALA H 374 47.14 37.96 -17.10
C ALA H 374 48.23 37.97 -16.03
N SER H 375 47.84 37.93 -14.75
CA SER H 375 48.78 37.93 -13.65
C SER H 375 48.75 36.54 -13.01
N ILE H 376 49.60 35.64 -13.52
CA ILE H 376 49.62 34.27 -13.04
C ILE H 376 50.93 33.62 -13.44
N ASP H 377 51.36 32.62 -12.67
CA ASP H 377 52.56 31.85 -12.93
C ASP H 377 52.24 30.51 -13.58
N LEU H 378 53.15 30.04 -14.43
CA LEU H 378 52.97 28.80 -15.17
C LEU H 378 53.71 27.65 -14.46
N LYS H 379 53.23 27.35 -13.26
CA LYS H 379 53.69 26.15 -12.55
C LYS H 379 52.48 25.39 -12.04
N TYR H 380 51.37 26.12 -11.82
CA TYR H 380 50.12 25.53 -11.37
C TYR H 380 49.44 24.74 -12.48
N PHE H 381 50.03 24.72 -13.67
CA PHE H 381 49.46 24.12 -14.87
C PHE H 381 50.35 22.98 -15.36
N ASN H 382 49.78 22.15 -16.23
CA ASN H 382 50.55 21.10 -16.86
C ASN H 382 51.49 21.69 -17.91
N GLU H 383 52.32 20.82 -18.49
CA GLU H 383 53.30 21.25 -19.48
C GLU H 383 52.60 21.76 -20.75
N SER H 384 51.58 21.03 -21.21
CA SER H 384 50.87 21.41 -22.43
C SER H 384 50.20 22.77 -22.27
N THR H 385 49.52 22.97 -21.13
CA THR H 385 48.91 24.26 -20.86
C THR H 385 49.96 25.36 -20.76
N ARG H 386 51.14 25.03 -20.21
CA ARG H 386 52.22 26.00 -20.13
C ARG H 386 52.64 26.48 -21.53
N LYS H 387 52.87 25.55 -22.45
CA LYS H 387 53.26 25.92 -23.80
C LYS H 387 52.15 26.66 -24.54
N LYS H 388 50.90 26.19 -24.39
CA LYS H 388 49.78 26.81 -25.09
C LYS H 388 49.50 28.21 -24.60
N ILE H 389 49.71 28.49 -23.30
CA ILE H 389 49.51 29.84 -22.81
C ILE H 389 50.73 30.71 -23.16
N GLU H 390 51.93 30.13 -23.19
CA GLU H 390 53.10 30.90 -23.59
C GLU H 390 52.93 31.45 -25.00
N LYS H 391 52.51 30.61 -25.94
CA LYS H 391 52.38 31.10 -27.31
C LYS H 391 51.09 31.89 -27.57
N ILE H 392 50.31 32.22 -26.54
CA ILE H 392 49.04 32.91 -26.77
C ILE H 392 48.88 34.13 -25.85
N ARG H 393 49.79 34.27 -24.89
CA ARG H 393 49.70 35.36 -23.91
C ARG H 393 49.55 36.77 -24.49
N PRO H 394 50.39 37.23 -25.43
CA PRO H 394 50.32 38.65 -25.81
C PRO H 394 49.09 39.01 -26.63
N LEU H 395 48.28 38.04 -27.07
CA LEU H 395 47.13 38.37 -27.90
C LEU H 395 45.91 38.76 -27.09
N LEU H 396 45.72 38.16 -25.92
CA LEU H 396 44.50 38.41 -25.15
C LEU H 396 44.53 39.80 -24.51
N ILE H 397 43.35 40.40 -24.41
CA ILE H 397 43.16 41.69 -23.75
C ILE H 397 41.86 41.63 -22.96
N ASP H 398 41.90 42.07 -21.71
CA ASP H 398 40.73 42.16 -20.83
C ASP H 398 39.97 40.82 -20.80
N GLY H 399 40.73 39.74 -20.63
CA GLY H 399 40.13 38.41 -20.58
C GLY H 399 39.53 37.93 -21.87
N THR H 400 39.97 38.47 -23.01
CA THR H 400 39.45 38.09 -24.31
C THR H 400 40.61 38.00 -25.29
N ALA H 401 40.68 36.92 -26.07
CA ALA H 401 41.77 36.73 -27.01
C ALA H 401 41.51 37.51 -28.29
N SER H 402 42.59 37.90 -28.96
CA SER H 402 42.49 38.65 -30.21
C SER H 402 42.73 37.72 -31.39
N LEU H 403 41.79 37.71 -32.33
CA LEU H 403 41.84 36.84 -33.49
C LEU H 403 41.39 37.64 -34.71
N SER H 404 42.35 38.21 -35.44
CA SER H 404 42.06 38.99 -36.63
C SER H 404 41.75 38.11 -37.84
N PRO H 405 42.64 37.18 -38.23
CA PRO H 405 42.42 36.48 -39.51
C PRO H 405 41.48 35.30 -39.35
N GLY H 406 40.75 35.27 -38.24
CA GLY H 406 39.91 34.13 -37.95
C GLY H 406 38.56 34.18 -38.63
N MET H 407 37.87 33.05 -38.56
CA MET H 407 36.52 32.89 -39.07
C MET H 407 35.95 31.65 -38.42
N MET H 408 34.72 31.73 -37.92
CA MET H 408 34.12 30.62 -37.20
C MET H 408 33.24 29.83 -38.16
N MET H 409 33.21 28.51 -37.97
CA MET H 409 32.48 27.65 -38.88
C MET H 409 30.97 27.93 -38.78
N GLY H 410 30.35 28.16 -39.93
CA GLY H 410 28.93 28.44 -39.98
C GLY H 410 28.55 29.91 -40.02
N MET H 411 29.40 30.77 -40.58
CA MET H 411 29.10 32.20 -40.67
C MET H 411 28.94 32.65 -42.12
N PHE H 412 29.96 32.43 -42.96
CA PHE H 412 29.95 32.84 -44.36
C PHE H 412 30.07 31.63 -45.28
N ASN H 413 29.35 30.55 -44.93
CA ASN H 413 29.50 29.29 -45.65
C ASN H 413 29.16 29.47 -47.13
N MET H 414 28.13 30.26 -47.42
CA MET H 414 27.67 30.42 -48.79
C MET H 414 28.61 31.33 -49.57
N LEU H 415 29.19 32.35 -48.94
CA LEU H 415 30.17 33.17 -49.63
C LEU H 415 31.49 32.43 -49.82
N SER H 416 31.87 31.59 -48.83
CA SER H 416 33.02 30.71 -49.03
C SER H 416 32.78 29.76 -50.20
N THR H 417 31.55 29.26 -50.33
CA THR H 417 31.20 28.44 -51.48
C THR H 417 31.24 29.24 -52.77
N VAL H 418 30.87 30.53 -52.72
CA VAL H 418 31.01 31.40 -53.88
C VAL H 418 32.46 31.45 -54.34
N LEU H 419 33.38 31.68 -53.39
CA LEU H 419 34.80 31.71 -53.72
C LEU H 419 35.27 30.37 -54.29
N GLY H 420 34.81 29.27 -53.69
CA GLY H 420 35.20 27.96 -54.19
C GLY H 420 34.70 27.71 -55.60
N VAL H 421 33.46 28.10 -55.89
CA VAL H 421 32.91 27.96 -57.24
C VAL H 421 33.67 28.87 -58.20
N SER H 422 34.14 30.02 -57.74
CA SER H 422 34.98 30.88 -58.58
C SER H 422 36.26 30.17 -58.99
N ILE H 423 36.99 29.66 -58.00
CA ILE H 423 38.24 28.98 -58.32
C ILE H 423 37.99 27.66 -59.05
N LEU H 424 36.76 27.15 -59.02
CA LEU H 424 36.40 25.99 -59.83
C LEU H 424 36.21 26.39 -61.29
N ASN H 425 35.40 27.42 -61.52
CA ASN H 425 35.17 27.94 -62.87
C ASN H 425 36.41 28.54 -63.48
N LEU H 426 37.45 28.77 -62.68
CA LEU H 426 38.70 29.25 -63.28
C LEU H 426 39.43 28.18 -64.11
N GLY H 427 38.86 27.02 -64.41
CA GLY H 427 39.56 26.02 -65.19
C GLY H 427 38.84 25.53 -66.44
N GLN H 428 37.85 26.29 -66.93
CA GLN H 428 37.13 25.90 -68.14
C GLN H 428 37.86 26.26 -69.42
N LYS H 429 39.14 25.85 -69.52
CA LYS H 429 40.03 26.02 -70.67
C LYS H 429 40.07 27.44 -71.22
N ARG H 430 39.48 28.40 -70.50
CA ARG H 430 39.60 29.80 -70.85
C ARG H 430 40.50 30.57 -69.91
N TYR H 431 40.67 30.09 -68.68
CA TYR H 431 41.62 30.67 -67.75
C TYR H 431 42.84 29.79 -67.56
N THR H 432 42.83 28.58 -68.14
CA THR H 432 44.01 27.72 -68.21
C THR H 432 44.72 27.81 -69.55
N LYS H 433 44.00 28.02 -70.64
CA LYS H 433 44.56 28.13 -71.99
C LYS H 433 45.42 26.92 -72.35
N THR H 434 45.07 25.74 -71.83
CA THR H 434 45.86 24.54 -72.05
C THR H 434 44.92 23.39 -72.35
N THR H 435 45.45 22.16 -72.37
CA THR H 435 44.66 20.99 -72.74
C THR H 435 43.76 20.53 -71.59
N TYR H 436 44.32 20.43 -70.39
CA TYR H 436 43.53 19.96 -69.26
C TYR H 436 42.50 21.01 -68.87
N TRP H 437 41.33 20.54 -68.45
CA TRP H 437 40.27 21.46 -68.03
C TRP H 437 39.41 20.77 -66.98
N TRP H 438 39.02 21.52 -65.96
CA TRP H 438 38.25 20.94 -64.87
C TRP H 438 36.93 21.67 -64.68
N ASP H 439 36.04 21.01 -63.95
CA ASP H 439 34.79 21.60 -63.48
C ASP H 439 34.30 20.78 -62.31
N GLY H 440 33.61 21.42 -61.39
CA GLY H 440 33.17 20.67 -60.22
C GLY H 440 32.12 21.43 -59.43
N LEU H 441 31.67 20.78 -58.36
CA LEU H 441 30.71 21.36 -57.44
C LEU H 441 31.37 21.64 -56.11
N GLN H 442 31.10 22.81 -55.56
CA GLN H 442 31.76 23.29 -54.35
C GLN H 442 30.74 23.45 -53.23
N SER H 443 31.18 23.16 -52.01
CA SER H 443 30.49 23.50 -50.79
C SER H 443 31.46 24.29 -49.90
N SER H 444 31.06 24.48 -48.64
CA SER H 444 31.93 25.14 -47.68
C SER H 444 33.29 24.45 -47.64
N ASP H 445 33.30 23.16 -47.33
CA ASP H 445 34.54 22.39 -47.24
C ASP H 445 34.57 21.18 -48.18
N ASP H 446 33.45 20.48 -48.34
CA ASP H 446 33.40 19.28 -49.17
C ASP H 446 33.16 19.68 -50.62
N PHE H 447 34.22 19.66 -51.43
CA PHE H 447 34.12 19.91 -52.85
C PHE H 447 34.38 18.63 -53.64
N ALA H 448 33.86 18.59 -54.86
CA ALA H 448 34.11 17.51 -55.80
C ALA H 448 34.53 18.10 -57.13
N LEU H 449 35.55 17.50 -57.75
CA LEU H 449 36.11 18.03 -58.99
C LEU H 449 36.24 16.93 -60.03
N ILE H 450 36.06 17.29 -61.30
CA ILE H 450 36.34 16.41 -62.43
C ILE H 450 37.28 17.15 -63.37
N VAL H 451 38.46 16.59 -63.60
CA VAL H 451 39.45 17.15 -64.52
C VAL H 451 39.60 16.20 -65.69
N ASN H 452 39.50 16.74 -66.91
CA ASN H 452 39.66 15.98 -68.13
C ASN H 452 40.93 16.43 -68.84
N ALA H 453 41.72 15.46 -69.29
CA ALA H 453 42.96 15.71 -70.00
C ALA H 453 43.12 14.66 -71.10
N PRO H 454 43.68 15.03 -72.24
CA PRO H 454 43.79 14.08 -73.36
C PRO H 454 44.76 12.95 -73.11
N ASN H 455 45.74 13.12 -72.23
CA ASN H 455 46.72 12.09 -71.95
C ASN H 455 47.04 12.07 -70.46
N HIS H 456 47.49 10.89 -69.99
CA HIS H 456 47.77 10.65 -68.59
C HIS H 456 48.95 11.45 -68.04
N GLU H 457 49.62 12.26 -68.84
CA GLU H 457 50.73 13.05 -68.34
C GLU H 457 50.26 14.37 -67.73
N GLY H 458 49.24 14.99 -68.33
CA GLY H 458 48.74 16.27 -67.89
C GLY H 458 47.63 16.25 -66.85
N ILE H 459 47.09 15.08 -66.52
CA ILE H 459 46.04 15.02 -65.51
C ILE H 459 46.59 15.43 -64.15
N GLN H 460 47.76 14.89 -63.79
CA GLN H 460 48.43 15.31 -62.56
C GLN H 460 48.84 16.77 -62.63
N ALA H 461 49.17 17.27 -63.83
CA ALA H 461 49.50 18.69 -63.98
C ALA H 461 48.29 19.57 -63.70
N GLY H 462 47.12 19.16 -64.16
CA GLY H 462 45.90 19.90 -63.83
C GLY H 462 45.58 19.85 -62.36
N VAL H 463 45.80 18.69 -61.73
CA VAL H 463 45.63 18.58 -60.28
C VAL H 463 46.59 19.54 -59.57
N ASP H 464 47.83 19.63 -60.07
CA ASP H 464 48.80 20.55 -59.48
C ASP H 464 48.38 22.00 -59.65
N ARG H 465 47.86 22.36 -60.83
CA ARG H 465 47.34 23.70 -61.03
C ARG H 465 46.20 24.01 -60.06
N PHE H 466 45.29 23.06 -59.89
CA PHE H 466 44.19 23.26 -58.94
C PHE H 466 44.72 23.50 -57.54
N TYR H 467 45.67 22.69 -57.10
CA TYR H 467 46.20 22.81 -55.74
C TYR H 467 46.95 24.13 -55.57
N ARG H 468 47.71 24.54 -56.59
CA ARG H 468 48.45 25.79 -56.53
C ARG H 468 47.50 26.98 -56.46
N THR H 469 46.48 27.00 -57.32
CA THR H 469 45.50 28.08 -57.30
C THR H 469 44.70 28.08 -55.99
N CYS H 470 44.47 26.91 -55.42
CA CYS H 470 43.82 26.82 -54.12
C CYS H 470 44.68 27.49 -53.06
N LYS H 471 45.98 27.18 -53.05
CA LYS H 471 46.91 27.86 -52.16
C LYS H 471 46.91 29.37 -52.42
N LEU H 472 46.69 29.79 -53.67
CA LEU H 472 46.73 31.20 -54.00
C LEU H 472 45.56 31.97 -53.41
N VAL H 473 44.42 31.31 -53.21
CA VAL H 473 43.24 31.95 -52.63
C VAL H 473 43.05 31.57 -51.16
N GLY H 474 44.04 30.92 -50.55
CA GLY H 474 43.91 30.52 -49.16
C GLY H 474 43.15 29.25 -48.92
N ILE H 475 42.97 28.43 -49.96
CA ILE H 475 42.27 27.16 -49.86
C ILE H 475 43.33 26.07 -49.76
N ASN H 476 43.62 25.65 -48.54
CA ASN H 476 44.60 24.58 -48.32
C ASN H 476 43.88 23.25 -48.49
N MET H 477 44.09 22.62 -49.63
CA MET H 477 43.41 21.37 -49.95
C MET H 477 43.94 20.26 -49.07
N SER H 478 43.03 19.49 -48.45
CA SER H 478 43.43 18.45 -47.53
C SER H 478 43.94 17.26 -48.33
N LYS H 479 45.24 16.98 -48.21
CA LYS H 479 45.81 15.80 -48.83
C LYS H 479 45.39 14.51 -48.13
N LYS H 480 44.82 14.62 -46.94
CA LYS H 480 44.35 13.46 -46.18
C LYS H 480 42.93 13.07 -46.58
N LYS H 481 41.97 13.97 -46.39
CA LYS H 481 40.56 13.68 -46.57
C LYS H 481 40.13 13.97 -48.02
N SER H 482 40.83 13.33 -48.94
CA SER H 482 40.58 13.51 -50.37
C SER H 482 41.08 12.27 -51.10
N TYR H 483 40.36 11.87 -52.15
CA TYR H 483 40.76 10.70 -52.91
C TYR H 483 40.40 10.87 -54.39
N ILE H 484 41.27 10.35 -55.25
CA ILE H 484 41.13 10.44 -56.70
C ILE H 484 40.70 9.08 -57.22
N ASN H 485 39.96 9.10 -58.34
CA ASN H 485 39.65 7.89 -59.09
C ASN H 485 39.29 8.33 -60.50
N ARG H 486 38.82 7.38 -61.32
CA ARG H 486 38.34 7.74 -62.63
C ARG H 486 36.88 8.20 -62.53
N THR H 487 36.46 9.00 -63.51
CA THR H 487 35.14 9.61 -63.46
C THR H 487 34.04 8.54 -63.51
N GLY H 488 33.11 8.63 -62.55
CA GLY H 488 31.99 7.71 -62.52
C GLY H 488 31.64 7.21 -61.12
N THR H 489 32.41 7.64 -60.12
CA THR H 489 32.20 7.17 -58.75
C THR H 489 32.85 8.16 -57.81
N PHE H 490 32.06 8.79 -56.95
CA PHE H 490 32.61 9.83 -56.07
C PHE H 490 31.61 10.19 -54.97
N GLU H 491 31.99 11.19 -54.17
CA GLU H 491 31.23 11.69 -53.04
C GLU H 491 31.22 13.21 -53.09
N PHE H 492 30.10 13.80 -52.65
CA PHE H 492 29.99 15.25 -52.55
C PHE H 492 29.00 15.57 -51.44
N THR H 493 29.50 16.07 -50.32
CA THR H 493 28.71 16.45 -49.15
C THR H 493 27.73 15.34 -48.76
N SER H 494 28.31 14.19 -48.42
CA SER H 494 27.60 12.98 -47.99
C SER H 494 26.63 12.45 -49.06
N PHE H 495 26.70 12.98 -50.29
CA PHE H 495 26.00 12.39 -51.42
C PHE H 495 26.96 11.45 -52.13
N PHE H 496 26.47 10.26 -52.50
CA PHE H 496 27.31 9.23 -53.09
C PHE H 496 26.84 8.91 -54.50
N TYR H 497 27.78 8.81 -55.44
CA TYR H 497 27.48 8.56 -56.84
C TYR H 497 28.27 7.37 -57.32
N ARG H 498 27.57 6.29 -57.67
CA ARG H 498 28.13 5.15 -58.42
C ARG H 498 27.03 4.70 -59.38
N TYR H 499 27.01 5.29 -60.58
CA TYR H 499 26.01 5.01 -61.61
C TYR H 499 24.59 5.20 -61.08
N GLY H 500 24.45 5.84 -59.93
CA GLY H 500 23.16 5.96 -59.26
C GLY H 500 23.31 6.89 -58.08
N PHE H 501 22.22 7.06 -57.34
CA PHE H 501 22.16 8.07 -56.31
C PHE H 501 21.54 7.52 -55.03
N VAL H 502 22.00 8.06 -53.91
CA VAL H 502 21.37 7.85 -52.61
C VAL H 502 21.74 9.03 -51.74
N ALA H 503 20.75 9.58 -51.02
CA ALA H 503 20.88 10.89 -50.41
C ALA H 503 20.97 10.83 -48.89
N ASN H 504 21.82 9.94 -48.36
CA ASN H 504 21.96 9.81 -46.92
C ASN H 504 22.89 10.89 -46.37
N PHE H 505 22.60 12.16 -46.69
CA PHE H 505 23.35 13.31 -46.18
C PHE H 505 22.74 13.81 -44.88
N SER H 506 21.48 14.22 -44.93
CA SER H 506 20.70 14.62 -43.76
C SER H 506 19.80 13.49 -43.29
N MET H 507 20.31 12.25 -43.34
CA MET H 507 19.52 11.07 -43.05
C MET H 507 19.41 10.88 -41.54
N GLU H 508 19.10 11.96 -40.83
CA GLU H 508 18.80 11.92 -39.40
C GLU H 508 17.28 12.00 -39.26
N LEU H 509 16.63 10.85 -39.48
CA LEU H 509 15.18 10.73 -39.43
C LEU H 509 14.67 11.35 -38.12
N PRO H 510 13.46 11.88 -38.10
CA PRO H 510 13.07 12.81 -37.03
C PRO H 510 12.88 12.13 -35.69
N SER H 511 12.43 12.91 -34.69
CA SER H 511 12.05 12.31 -33.42
C SER H 511 10.83 11.45 -33.68
N PHE H 512 11.05 10.14 -33.80
CA PHE H 512 9.97 9.22 -34.18
C PHE H 512 8.82 9.28 -33.18
N GLY H 513 9.11 9.60 -31.93
CA GLY H 513 8.11 9.62 -30.89
C GLY H 513 7.16 10.79 -31.07
N VAL H 514 6.35 11.00 -30.04
CA VAL H 514 5.38 12.09 -30.10
C VAL H 514 6.12 13.42 -30.04
N SER H 515 5.53 14.45 -30.66
CA SER H 515 6.10 15.78 -30.57
C SER H 515 5.61 16.54 -29.35
N GLY H 516 4.50 16.10 -28.75
CA GLY H 516 4.08 16.56 -27.44
C GLY H 516 3.45 17.94 -27.40
N ILE H 517 2.44 18.18 -28.24
CA ILE H 517 1.71 19.45 -28.16
C ILE H 517 0.22 19.19 -28.03
N ASN H 518 -0.27 18.06 -28.54
CA ASN H 518 -1.69 17.81 -28.55
C ASN H 518 -1.96 16.34 -28.85
N GLU H 519 -3.23 15.97 -28.89
CA GLU H 519 -3.61 14.60 -29.24
C GLU H 519 -3.78 14.44 -30.74
N SER H 520 -4.53 15.35 -31.37
CA SER H 520 -4.72 15.29 -32.82
C SER H 520 -3.58 15.98 -33.54
N ALA H 521 -3.11 17.11 -33.00
CA ALA H 521 -2.02 17.84 -33.63
C ALA H 521 -0.75 17.00 -33.66
N ASP H 522 -0.48 16.23 -32.60
CA ASP H 522 0.73 15.42 -32.57
C ASP H 522 0.68 14.30 -33.61
N MET H 523 -0.48 13.66 -33.76
CA MET H 523 -0.61 12.62 -34.78
C MET H 523 -0.45 13.19 -36.18
N SER H 524 -1.11 14.33 -36.44
CA SER H 524 -0.96 14.97 -37.75
C SER H 524 0.48 15.38 -38.00
N ILE H 525 1.15 15.92 -36.98
CA ILE H 525 2.55 16.30 -37.10
C ILE H 525 3.41 15.09 -37.43
N GLY H 526 3.21 13.99 -36.70
CA GLY H 526 4.00 12.80 -36.96
C GLY H 526 3.85 12.30 -38.38
N VAL H 527 2.61 12.16 -38.85
CA VAL H 527 2.41 11.60 -40.19
C VAL H 527 2.88 12.58 -41.26
N THR H 528 2.74 13.88 -41.03
CA THR H 528 3.22 14.85 -42.00
C THR H 528 4.73 14.83 -42.10
N VAL H 529 5.41 14.72 -40.95
CA VAL H 529 6.87 14.64 -40.96
C VAL H 529 7.32 13.34 -41.62
N ILE H 530 6.56 12.26 -41.44
CA ILE H 530 6.88 11.01 -42.15
C ILE H 530 6.82 11.23 -43.65
N LYS H 531 5.76 11.87 -44.14
CA LYS H 531 5.65 12.10 -45.58
C LYS H 531 6.75 13.04 -46.09
N ASN H 532 7.08 14.07 -45.29
CA ASN H 532 8.12 15.02 -45.69
C ASN H 532 9.47 14.34 -45.83
N ASN H 533 9.87 13.58 -44.81
CA ASN H 533 11.09 12.79 -44.91
C ASN H 533 10.98 11.71 -45.98
N MET H 534 9.75 11.37 -46.41
CA MET H 534 9.58 10.38 -47.45
C MET H 534 9.79 10.95 -48.85
N ILE H 535 9.56 12.24 -49.05
CA ILE H 535 9.76 12.85 -50.37
C ILE H 535 11.05 13.65 -50.44
N ASN H 536 11.38 14.40 -49.39
CA ASN H 536 12.56 15.27 -49.44
C ASN H 536 13.84 14.50 -49.11
N ASN H 537 13.93 13.96 -47.89
CA ASN H 537 15.08 13.16 -47.48
C ASN H 537 14.76 11.68 -47.65
N ASP H 538 14.65 11.29 -48.92
CA ASP H 538 14.04 10.04 -49.36
C ASP H 538 14.40 8.86 -48.47
N LEU H 539 13.38 8.14 -48.03
CA LEU H 539 13.53 6.85 -47.36
C LEU H 539 12.59 5.86 -48.04
N GLY H 540 12.88 4.57 -47.84
CA GLY H 540 12.09 3.54 -48.46
C GLY H 540 10.67 3.48 -47.94
N PRO H 541 9.78 2.83 -48.69
CA PRO H 541 8.37 2.76 -48.24
C PRO H 541 8.18 1.83 -47.05
N ALA H 542 8.89 0.71 -47.00
CA ALA H 542 8.79 -0.18 -45.84
C ALA H 542 9.31 0.49 -44.58
N THR H 543 10.38 1.28 -44.72
CA THR H 543 10.87 2.07 -43.60
C THR H 543 9.82 3.07 -43.15
N ALA H 544 9.08 3.66 -44.09
CA ALA H 544 7.99 4.56 -43.72
C ALA H 544 6.90 3.82 -42.96
N GLN H 545 6.57 2.60 -43.39
CA GLN H 545 5.59 1.79 -42.68
C GLN H 545 6.04 1.52 -41.24
N MET H 546 7.29 1.10 -41.07
CA MET H 546 7.79 0.78 -39.75
C MET H 546 7.87 2.03 -38.87
N ALA H 547 8.30 3.16 -39.43
CA ALA H 547 8.35 4.39 -38.66
C ALA H 547 6.95 4.84 -38.25
N LEU H 548 5.97 4.65 -39.14
CA LEU H 548 4.59 4.99 -38.79
C LEU H 548 4.08 4.13 -37.64
N GLN H 549 4.34 2.82 -37.69
CA GLN H 549 3.85 1.97 -36.61
C GLN H 549 4.61 2.23 -35.31
N LEU H 550 5.89 2.61 -35.39
CA LEU H 550 6.60 3.03 -34.18
C LEU H 550 6.00 4.28 -33.58
N PHE H 551 5.71 5.29 -34.42
CA PHE H 551 5.07 6.49 -33.90
C PHE H 551 3.67 6.20 -33.37
N ILE H 552 2.95 5.27 -33.99
CA ILE H 552 1.61 4.91 -33.51
C ILE H 552 1.70 4.25 -32.15
N LYS H 553 2.64 3.32 -31.97
CA LYS H 553 2.87 2.73 -30.65
C LYS H 553 3.20 3.80 -29.62
N ASP H 554 4.12 4.70 -29.96
CA ASP H 554 4.51 5.76 -29.03
C ASP H 554 3.34 6.69 -28.72
N TYR H 555 2.50 6.98 -29.73
CA TYR H 555 1.37 7.89 -29.53
C TYR H 555 0.26 7.23 -28.71
N ARG H 556 0.15 5.91 -28.79
CA ARG H 556 -0.84 5.20 -27.99
C ARG H 556 -0.37 5.05 -26.55
N TYR H 557 0.90 4.72 -26.34
CA TYR H 557 1.43 4.58 -24.98
C TYR H 557 1.72 5.92 -24.34
N THR H 558 1.83 6.99 -25.14
CA THR H 558 2.06 8.32 -24.58
C THR H 558 0.77 8.89 -24.01
N TYR H 559 -0.35 8.63 -24.67
CA TYR H 559 -1.63 9.18 -24.29
C TYR H 559 -2.51 8.16 -23.58
N ARG H 560 -1.93 7.00 -23.22
CA ARG H 560 -2.62 5.95 -22.47
C ARG H 560 -3.92 5.51 -23.14
N CYS H 561 -3.90 5.48 -24.48
CA CYS H 561 -5.04 5.09 -25.29
C CYS H 561 -4.57 4.06 -26.32
N HIS H 562 -4.60 2.77 -25.94
CA HIS H 562 -4.11 1.76 -26.88
C HIS H 562 -5.17 1.37 -27.90
N ARG H 563 -6.23 0.70 -27.45
CA ARG H 563 -7.39 0.38 -28.28
C ARG H 563 -8.36 -0.44 -27.45
N GLY H 564 -9.53 -0.70 -28.03
CA GLY H 564 -10.51 -1.58 -27.44
C GLY H 564 -10.39 -3.00 -27.94
N ASP H 565 -9.21 -3.33 -28.49
CA ASP H 565 -8.94 -4.67 -29.00
C ASP H 565 -8.05 -5.49 -28.09
N THR H 566 -7.27 -4.86 -27.23
CA THR H 566 -6.46 -5.55 -26.24
C THR H 566 -7.02 -5.29 -24.85
N GLN H 567 -6.82 -6.26 -23.95
CA GLN H 567 -7.35 -6.14 -22.60
C GLN H 567 -6.44 -5.31 -21.69
N ILE H 568 -5.24 -4.94 -22.16
CA ILE H 568 -4.33 -4.17 -21.33
C ILE H 568 -4.99 -2.86 -20.92
N GLN H 569 -4.84 -2.49 -19.66
CA GLN H 569 -5.64 -1.44 -19.05
C GLN H 569 -4.74 -0.37 -18.43
N THR H 570 -4.86 0.86 -18.94
CA THR H 570 -4.25 2.01 -18.30
C THR H 570 -5.24 2.61 -17.30
N ARG H 571 -4.96 3.80 -16.80
CA ARG H 571 -5.93 4.47 -15.94
C ARG H 571 -7.18 4.95 -16.70
N ARG H 572 -7.33 4.56 -17.97
CA ARG H 572 -8.33 5.12 -18.86
C ARG H 572 -9.10 4.09 -19.67
N SER H 573 -8.63 2.84 -19.75
CA SER H 573 -9.10 1.91 -20.77
C SER H 573 -10.58 1.55 -20.63
N PHE H 574 -11.17 1.74 -19.45
CA PHE H 574 -12.58 1.38 -19.28
C PHE H 574 -13.48 2.22 -20.18
N GLU H 575 -13.28 3.53 -20.17
CA GLU H 575 -14.10 4.43 -20.99
C GLU H 575 -13.92 4.13 -22.46
N LEU H 576 -12.67 3.88 -22.88
CA LEU H 576 -12.39 3.54 -24.27
C LEU H 576 -13.13 2.28 -24.69
N LYS H 577 -13.14 1.27 -23.81
CA LYS H 577 -13.77 0.01 -24.16
C LYS H 577 -15.29 0.09 -24.14
N LYS H 578 -15.87 0.90 -23.25
CA LYS H 578 -17.31 1.13 -23.31
C LYS H 578 -17.70 1.84 -24.61
N LEU H 579 -16.91 2.84 -25.01
CA LEU H 579 -17.17 3.50 -26.29
C LEU H 579 -17.08 2.50 -27.44
N TRP H 580 -16.03 1.68 -27.45
CA TRP H 580 -15.90 0.65 -28.47
C TRP H 580 -17.10 -0.28 -28.49
N GLU H 581 -17.58 -0.69 -27.31
CA GLU H 581 -18.67 -1.66 -27.25
C GLU H 581 -19.98 -1.08 -27.77
N GLN H 582 -20.27 0.19 -27.44
CA GLN H 582 -21.55 0.73 -27.87
C GLN H 582 -21.56 1.25 -29.30
N THR H 583 -20.43 1.22 -30.01
CA THR H 583 -20.31 1.72 -31.37
C THR H 583 -20.47 0.57 -32.38
N ARG H 584 -21.20 0.83 -33.46
CA ARG H 584 -21.40 -0.19 -34.50
C ARG H 584 -20.26 -0.16 -35.52
N SER H 585 -20.06 0.97 -36.19
CA SER H 585 -18.99 1.09 -37.19
C SER H 585 -17.75 1.61 -36.48
N LYS H 586 -16.80 0.71 -36.24
CA LYS H 586 -15.65 1.01 -35.39
C LYS H 586 -14.60 1.86 -36.10
N ALA H 587 -14.52 1.76 -37.43
CA ALA H 587 -13.39 2.35 -38.15
C ALA H 587 -13.36 3.87 -38.04
N GLY H 588 -14.52 4.50 -37.85
CA GLY H 588 -14.56 5.96 -37.79
C GLY H 588 -13.95 6.54 -36.53
N LEU H 589 -13.66 5.72 -35.53
CA LEU H 589 -13.15 6.22 -34.27
C LEU H 589 -11.72 6.72 -34.42
N LEU H 590 -11.47 7.90 -33.84
CA LEU H 590 -10.09 8.40 -33.82
C LEU H 590 -9.21 7.45 -33.01
N VAL H 591 -7.92 7.45 -33.33
CA VAL H 591 -6.99 6.60 -32.59
C VAL H 591 -6.88 7.06 -31.15
N SER H 592 -6.94 8.37 -30.91
CA SER H 592 -6.91 8.90 -29.55
C SER H 592 -8.04 8.33 -28.71
N ASP H 593 -9.16 7.98 -29.34
CA ASP H 593 -10.32 7.41 -28.64
C ASP H 593 -10.42 5.90 -28.83
N GLY H 594 -9.28 5.23 -28.96
CA GLY H 594 -9.28 3.78 -29.11
C GLY H 594 -9.79 3.32 -30.46
N GLY H 595 -9.15 3.78 -31.53
CA GLY H 595 -9.54 3.40 -32.86
C GLY H 595 -8.43 2.69 -33.61
N PRO H 596 -8.77 2.04 -34.72
CA PRO H 596 -7.75 1.33 -35.48
C PRO H 596 -6.87 2.28 -36.26
N ASN H 597 -5.60 1.89 -36.42
CA ASN H 597 -4.65 2.66 -37.20
C ASN H 597 -4.68 2.16 -38.63
N LEU H 598 -5.27 2.94 -39.53
CA LEU H 598 -5.29 2.64 -40.95
C LEU H 598 -4.46 3.63 -41.75
N TYR H 599 -3.63 4.41 -41.07
CA TYR H 599 -2.73 5.33 -41.73
C TYR H 599 -1.63 4.57 -42.46
N ASN H 600 -1.51 4.79 -43.76
CA ASN H 600 -0.45 4.20 -44.56
C ASN H 600 0.07 5.28 -45.51
N ILE H 601 1.02 4.89 -46.38
CA ILE H 601 1.64 5.86 -47.27
C ILE H 601 0.62 6.53 -48.18
N ARG H 602 -0.45 5.81 -48.54
CA ARG H 602 -1.45 6.35 -49.44
C ARG H 602 -2.18 7.56 -48.87
N ASN H 603 -2.34 7.63 -47.54
CA ASN H 603 -3.16 8.67 -46.92
C ASN H 603 -2.42 9.32 -45.77
N LEU H 604 -1.11 9.47 -45.90
CA LEU H 604 -0.32 10.14 -44.87
C LEU H 604 -0.52 11.65 -44.87
N HIS H 605 -1.24 12.21 -45.84
CA HIS H 605 -1.44 13.64 -45.92
C HIS H 605 -2.79 14.10 -45.37
N ILE H 606 -3.79 13.24 -45.38
CA ILE H 606 -5.12 13.62 -44.85
C ILE H 606 -5.07 13.59 -43.33
N PRO H 607 -5.60 14.61 -42.65
CA PRO H 607 -5.77 14.49 -41.19
C PRO H 607 -6.77 13.40 -40.85
N GLU H 608 -6.57 12.80 -39.67
CA GLU H 608 -7.34 11.63 -39.27
C GLU H 608 -8.84 11.90 -39.31
N VAL H 609 -9.25 13.10 -38.89
CA VAL H 609 -10.67 13.41 -38.75
C VAL H 609 -11.38 13.29 -40.09
N CYS H 610 -10.84 13.93 -41.12
CA CYS H 610 -11.50 13.90 -42.42
C CYS H 610 -11.45 12.54 -43.07
N LEU H 611 -10.39 11.77 -42.83
CA LEU H 611 -10.28 10.43 -43.40
C LEU H 611 -11.34 9.52 -42.80
N LYS H 612 -11.45 9.50 -41.47
CA LYS H 612 -12.46 8.67 -40.82
C LYS H 612 -13.85 9.31 -40.84
N TRP H 613 -13.99 10.51 -41.41
CA TRP H 613 -15.24 11.24 -41.29
C TRP H 613 -16.42 10.48 -41.91
N GLU H 614 -16.17 9.74 -43.00
CA GLU H 614 -17.25 8.99 -43.63
C GLU H 614 -17.66 7.78 -42.79
N LEU H 615 -16.70 7.14 -42.14
CA LEU H 615 -16.95 5.87 -41.44
C LEU H 615 -17.39 6.06 -39.99
N MET H 616 -17.50 7.29 -39.50
CA MET H 616 -17.97 7.50 -38.15
C MET H 616 -19.46 7.20 -38.04
N ASP H 617 -19.94 7.13 -36.80
CA ASP H 617 -21.37 7.04 -36.53
C ASP H 617 -21.92 8.44 -36.27
N GLU H 618 -23.22 8.61 -36.54
CA GLU H 618 -23.81 9.95 -36.53
C GLU H 618 -23.72 10.61 -35.15
N ASP H 619 -24.06 9.87 -34.09
CA ASP H 619 -23.92 10.42 -32.74
C ASP H 619 -22.46 10.73 -32.43
N TYR H 620 -21.55 9.91 -32.94
CA TYR H 620 -20.12 10.16 -32.74
C TYR H 620 -19.72 11.53 -33.29
N GLN H 621 -20.16 11.83 -34.51
CA GLN H 621 -19.88 13.13 -35.11
C GLN H 621 -20.57 14.25 -34.34
N GLY H 622 -21.85 14.09 -34.06
CA GLY H 622 -22.60 15.16 -33.39
C GLY H 622 -22.08 15.47 -32.00
N ARG H 623 -21.46 14.49 -31.35
CA ARG H 623 -20.90 14.70 -30.02
C ARG H 623 -19.42 15.09 -30.06
N LEU H 624 -18.74 14.82 -31.18
CA LEU H 624 -17.30 15.03 -31.24
C LEU H 624 -16.94 16.45 -31.67
N CYS H 625 -17.51 16.91 -32.77
CA CYS H 625 -17.09 18.16 -33.41
C CYS H 625 -17.78 19.39 -32.82
N ASN H 626 -18.57 19.23 -31.75
CA ASN H 626 -19.30 20.34 -31.16
C ASN H 626 -18.32 21.42 -30.72
N PRO H 627 -18.28 22.57 -31.41
CA PRO H 627 -17.32 23.61 -31.05
C PRO H 627 -17.71 24.38 -29.80
N LEU H 628 -18.97 24.29 -29.38
CA LEU H 628 -19.40 24.91 -28.15
C LEU H 628 -19.08 23.99 -26.97
N ASN H 629 -17.84 23.51 -26.92
CA ASN H 629 -17.45 22.58 -25.89
C ASN H 629 -16.54 23.26 -24.88
N PRO H 630 -16.62 22.87 -23.61
CA PRO H 630 -15.88 23.59 -22.57
C PRO H 630 -14.39 23.31 -22.58
N PHE H 631 -13.89 22.65 -23.63
CA PHE H 631 -12.48 22.36 -23.73
C PHE H 631 -11.70 23.45 -24.47
N VAL H 632 -12.39 24.42 -25.07
CA VAL H 632 -11.73 25.46 -25.83
C VAL H 632 -12.43 26.81 -25.61
N TYR H 657 -3.13 20.88 -38.30
CA TYR H 657 -4.27 20.63 -39.18
C TYR H 657 -5.59 20.67 -38.39
N ASP H 658 -6.44 19.66 -38.53
CA ASP H 658 -7.76 19.71 -37.93
C ASP H 658 -7.73 19.27 -36.48
N ALA H 659 -8.55 19.95 -35.66
CA ALA H 659 -8.73 19.60 -34.25
C ALA H 659 -10.10 20.12 -33.82
N VAL H 660 -10.87 19.26 -33.17
CA VAL H 660 -12.26 19.60 -32.83
C VAL H 660 -12.47 19.49 -31.33
N ALA H 661 -12.36 18.28 -30.81
CA ALA H 661 -12.14 17.98 -29.42
C ALA H 661 -10.80 17.26 -29.36
N THR H 662 -10.47 16.73 -28.19
CA THR H 662 -9.21 16.02 -28.01
C THR H 662 -8.04 16.93 -28.39
N THR H 663 -8.21 18.23 -28.12
CA THR H 663 -7.32 19.31 -28.54
C THR H 663 -7.08 20.26 -27.37
N HIS H 664 -6.76 19.70 -26.21
CA HIS H 664 -6.73 20.46 -24.97
C HIS H 664 -5.46 21.31 -24.86
N SER H 665 -5.25 21.87 -23.66
CA SER H 665 -4.48 23.09 -23.48
C SER H 665 -3.50 23.01 -22.30
N TRP H 666 -2.63 21.99 -22.30
CA TRP H 666 -1.70 21.70 -21.21
C TRP H 666 -1.24 22.93 -20.43
N ILE H 667 -1.38 22.89 -19.12
CA ILE H 667 -1.00 24.00 -18.25
C ILE H 667 0.52 24.00 -18.10
N PRO H 668 1.17 25.17 -18.12
CA PRO H 668 2.62 25.26 -17.84
C PRO H 668 2.98 24.70 -16.47
N ASP H 685 11.48 41.43 -17.75
CA ASP H 685 10.11 40.95 -17.70
C ASP H 685 9.63 40.48 -19.08
N GLU H 686 9.45 39.17 -19.23
CA GLU H 686 8.92 38.64 -20.49
C GLU H 686 7.47 39.05 -20.70
N GLN H 687 6.77 39.47 -19.64
CA GLN H 687 5.37 39.88 -19.75
C GLN H 687 5.24 41.33 -20.15
N MET H 688 6.21 41.84 -20.91
CA MET H 688 6.21 43.24 -21.34
C MET H 688 5.62 43.36 -22.75
N TYR H 689 6.21 42.66 -23.72
CA TYR H 689 5.72 42.72 -25.10
C TYR H 689 4.52 41.81 -25.29
N GLN H 690 4.68 40.53 -24.91
CA GLN H 690 3.65 39.52 -25.17
C GLN H 690 2.35 39.83 -24.44
N LYS H 691 2.42 40.46 -23.26
CA LYS H 691 1.20 40.84 -22.56
C LYS H 691 0.41 41.85 -23.37
N CYS H 692 1.08 42.90 -23.86
CA CYS H 692 0.42 43.88 -24.71
C CYS H 692 -0.15 43.24 -25.96
N CYS H 693 0.61 42.35 -26.59
CA CYS H 693 0.15 41.73 -27.82
C CYS H 693 -1.06 40.82 -27.60
N ASN H 694 -1.06 40.06 -26.51
CA ASN H 694 -2.19 39.17 -26.24
C ASN H 694 -3.43 39.95 -25.82
N LEU H 695 -3.24 41.03 -25.05
CA LEU H 695 -4.37 41.91 -24.74
C LEU H 695 -4.93 42.53 -26.01
N PHE H 696 -4.05 42.96 -26.91
CA PHE H 696 -4.47 43.49 -28.20
C PHE H 696 -5.28 42.45 -28.98
N GLU H 697 -4.78 41.22 -29.03
CA GLU H 697 -5.49 40.16 -29.74
C GLU H 697 -6.86 39.91 -29.15
N LYS H 698 -6.97 39.99 -27.81
CA LYS H 698 -8.27 39.89 -27.16
C LYS H 698 -9.15 41.09 -27.51
N PHE H 699 -8.54 42.25 -27.76
CA PHE H 699 -9.29 43.43 -28.19
C PHE H 699 -9.61 43.40 -29.68
N PHE H 700 -8.63 43.03 -30.50
CA PHE H 700 -8.81 42.93 -31.95
C PHE H 700 -8.44 41.53 -32.40
N PRO H 701 -9.40 40.69 -32.80
CA PRO H 701 -9.05 39.32 -33.21
C PRO H 701 -8.20 39.26 -34.47
N SER H 702 -8.45 40.15 -35.45
CA SER H 702 -7.77 40.08 -36.73
C SER H 702 -6.25 40.15 -36.61
N SER H 703 -5.74 40.66 -35.49
CA SER H 703 -4.30 40.74 -35.30
C SER H 703 -3.63 39.38 -35.25
N SER H 704 -4.38 38.31 -35.00
CA SER H 704 -3.82 36.97 -34.94
C SER H 704 -3.77 36.28 -36.30
N TYR H 705 -4.40 36.86 -37.32
CA TYR H 705 -4.43 36.27 -38.66
C TYR H 705 -3.64 37.11 -39.65
N ARG H 706 -3.97 38.39 -39.79
CA ARG H 706 -3.28 39.29 -40.70
C ARG H 706 -2.58 40.37 -39.89
N ARG H 707 -1.36 40.71 -40.29
CA ARG H 707 -0.59 41.75 -39.63
C ARG H 707 -1.36 43.07 -39.66
N PRO H 708 -1.68 43.65 -38.52
CA PRO H 708 -2.58 44.82 -38.50
C PRO H 708 -1.98 46.05 -39.13
N VAL H 709 -2.87 46.95 -39.56
CA VAL H 709 -2.51 48.20 -40.20
C VAL H 709 -3.29 49.33 -39.52
N GLY H 710 -2.57 50.36 -39.07
CA GLY H 710 -3.18 51.50 -38.42
C GLY H 710 -2.14 52.44 -37.86
N ILE H 711 -2.34 53.75 -38.03
CA ILE H 711 -1.32 54.72 -37.64
C ILE H 711 -1.43 55.15 -36.19
N SER H 712 -2.60 55.02 -35.57
CA SER H 712 -2.74 55.40 -34.18
C SER H 712 -1.97 54.46 -33.27
N SER H 713 -1.68 54.94 -32.06
CA SER H 713 -1.02 54.14 -31.05
C SER H 713 -1.92 53.00 -30.59
N MET H 714 -1.31 52.02 -29.92
CA MET H 714 -2.06 50.88 -29.40
C MET H 714 -3.20 51.34 -28.50
N VAL H 715 -2.89 52.26 -27.57
CA VAL H 715 -3.90 52.70 -26.61
C VAL H 715 -5.01 53.47 -27.30
N GLU H 716 -4.65 54.33 -28.27
CA GLU H 716 -5.67 55.14 -28.93
C GLU H 716 -6.67 54.27 -29.69
N ALA H 717 -6.21 53.16 -30.26
CA ALA H 717 -7.13 52.26 -30.95
C ALA H 717 -7.93 51.41 -29.97
N MET H 718 -7.27 50.85 -28.96
CA MET H 718 -7.96 49.95 -28.03
C MET H 718 -9.01 50.69 -27.20
N VAL H 719 -8.70 51.91 -26.75
CA VAL H 719 -9.67 52.67 -25.95
C VAL H 719 -10.91 52.99 -26.77
N SER H 720 -10.70 53.45 -28.01
CA SER H 720 -11.83 53.76 -28.88
C SER H 720 -12.67 52.53 -29.16
N ARG H 721 -12.02 51.39 -29.44
CA ARG H 721 -12.76 50.16 -29.69
C ARG H 721 -13.56 49.74 -28.46
N ALA H 722 -12.95 49.85 -27.27
CA ALA H 722 -13.67 49.51 -26.05
C ALA H 722 -14.89 50.40 -25.88
N ARG H 723 -14.75 51.70 -26.16
CA ARG H 723 -15.87 52.61 -26.01
C ARG H 723 -16.99 52.27 -27.00
N ILE H 724 -16.64 51.98 -28.25
CA ILE H 724 -17.66 51.67 -29.25
C ILE H 724 -18.36 50.34 -28.93
N ASP H 725 -17.59 49.33 -28.53
CA ASP H 725 -18.19 48.06 -28.15
C ASP H 725 -19.13 48.23 -26.96
N ALA H 726 -18.71 49.02 -25.98
CA ALA H 726 -19.60 49.33 -24.85
C ALA H 726 -20.88 49.98 -25.34
N ARG H 727 -20.76 50.95 -26.24
CA ARG H 727 -21.94 51.59 -26.81
C ARG H 727 -22.89 50.57 -27.44
N ILE H 728 -22.36 49.69 -28.28
CA ILE H 728 -23.25 48.84 -29.07
C ILE H 728 -23.87 47.75 -28.19
N ASP H 729 -23.10 47.14 -27.30
CA ASP H 729 -23.70 46.12 -26.43
C ASP H 729 -24.46 46.73 -25.25
N PHE H 730 -24.43 48.05 -25.10
CA PHE H 730 -25.27 48.73 -24.12
C PHE H 730 -26.62 49.10 -24.74
N GLU H 731 -26.62 49.65 -25.95
CA GLU H 731 -27.86 50.15 -26.54
C GLU H 731 -28.76 49.00 -26.98
N SER H 732 -28.31 48.21 -27.96
CA SER H 732 -29.11 47.09 -28.43
C SER H 732 -28.91 45.86 -27.55
N GLY H 733 -27.66 45.59 -27.16
CA GLY H 733 -27.37 44.49 -26.28
C GLY H 733 -27.82 44.75 -24.86
N ARG H 734 -27.23 44.04 -23.90
CA ARG H 734 -27.60 44.17 -22.50
C ARG H 734 -26.36 44.38 -21.66
N ILE H 735 -26.27 45.53 -21.01
CA ILE H 735 -25.20 45.80 -20.05
C ILE H 735 -25.71 46.85 -19.06
N LYS H 736 -25.16 46.80 -17.85
CA LYS H 736 -25.57 47.72 -16.80
C LYS H 736 -25.02 49.12 -17.07
N LYS H 737 -25.86 50.13 -16.83
CA LYS H 737 -25.45 51.52 -17.07
C LYS H 737 -24.27 51.90 -16.18
N GLU H 738 -24.23 51.37 -14.96
CA GLU H 738 -23.12 51.66 -14.06
C GLU H 738 -21.83 51.01 -14.56
N GLU H 739 -21.94 49.79 -15.08
CA GLU H 739 -20.78 49.15 -15.69
C GLU H 739 -20.26 49.95 -16.88
N PHE H 740 -21.19 50.44 -17.72
CA PHE H 740 -20.81 51.32 -18.84
C PHE H 740 -20.11 52.57 -18.33
N ALA H 741 -20.68 53.22 -17.33
CA ALA H 741 -20.11 54.47 -16.82
C ALA H 741 -18.73 54.25 -16.22
N GLU H 742 -18.54 53.13 -15.51
CA GLU H 742 -17.22 52.86 -14.94
C GLU H 742 -16.22 52.49 -16.02
N ILE H 743 -16.66 51.76 -17.04
CA ILE H 743 -15.81 51.48 -18.20
C ILE H 743 -15.30 52.78 -18.80
N MET H 744 -16.21 53.73 -19.03
CA MET H 744 -15.80 54.97 -19.68
C MET H 744 -15.02 55.88 -18.75
N LYS H 745 -15.28 55.81 -17.44
CA LYS H 745 -14.47 56.58 -16.50
C LYS H 745 -13.04 56.05 -16.47
N ILE H 746 -12.87 54.72 -16.52
CA ILE H 746 -11.53 54.15 -16.57
C ILE H 746 -10.87 54.44 -17.93
N CYS H 747 -11.66 54.47 -19.01
CA CYS H 747 -11.10 54.81 -20.31
C CYS H 747 -10.59 56.25 -20.34
N SER H 748 -11.37 57.19 -19.79
CA SER H 748 -10.91 58.56 -19.71
C SER H 748 -9.76 58.71 -18.73
N THR H 749 -9.72 57.87 -17.69
CA THR H 749 -8.56 57.85 -16.80
C THR H 749 -7.31 57.43 -17.55
N ILE H 750 -7.41 56.42 -18.42
CA ILE H 750 -6.25 56.02 -19.23
C ILE H 750 -5.86 57.12 -20.19
N GLU H 751 -6.84 57.76 -20.84
CA GLU H 751 -6.55 58.87 -21.75
C GLU H 751 -5.81 59.99 -21.02
N GLU H 752 -6.25 60.33 -19.81
CA GLU H 752 -5.58 61.34 -19.01
C GLU H 752 -4.23 60.87 -18.48
N LEU H 753 -4.04 59.55 -18.36
CA LEU H 753 -2.78 59.00 -17.85
C LEU H 753 -1.70 58.92 -18.93
N ARG H 754 -2.11 58.74 -20.19
CA ARG H 754 -1.18 58.64 -21.30
C ARG H 754 -0.57 59.98 -21.70
N ARG H 755 -0.96 61.07 -21.04
CA ARG H 755 -0.43 62.39 -21.36
C ARG H 755 0.90 62.68 -20.65
N GLN H 756 1.27 61.90 -19.65
CA GLN H 756 2.55 62.08 -18.96
C GLN H 756 3.52 60.96 -19.32
N MET I 1 -15.32 43.82 -18.97
CA MET I 1 -14.53 44.80 -18.24
C MET I 1 -13.12 44.26 -18.02
N GLU I 2 -12.91 42.99 -18.37
CA GLU I 2 -11.61 42.36 -18.18
C GLU I 2 -10.55 43.05 -19.03
N ARG I 3 -10.89 43.37 -20.29
CA ARG I 3 -9.94 44.00 -21.20
C ARG I 3 -9.51 45.37 -20.68
N ILE I 4 -10.48 46.21 -20.34
CA ILE I 4 -10.17 47.57 -19.90
C ILE I 4 -9.51 47.56 -18.53
N LYS I 5 -9.86 46.59 -17.68
CA LYS I 5 -9.20 46.49 -16.37
C LYS I 5 -7.74 46.10 -16.53
N GLU I 6 -7.44 45.15 -17.41
CA GLU I 6 -6.05 44.81 -17.68
C GLU I 6 -5.31 45.99 -18.29
N LEU I 7 -5.97 46.73 -19.19
CA LEU I 7 -5.40 47.95 -19.73
C LEU I 7 -5.04 48.93 -18.62
N ARG I 8 -5.95 49.12 -17.67
CA ARG I 8 -5.72 50.06 -16.57
C ARG I 8 -4.53 49.64 -15.74
N ASN I 9 -4.53 48.40 -15.24
CA ASN I 9 -3.41 47.98 -14.41
C ASN I 9 -2.13 47.78 -15.20
N LEU I 10 -2.18 47.91 -16.54
CA LEU I 10 -1.00 47.80 -17.38
C LEU I 10 -0.37 49.16 -17.65
N MET I 11 -1.15 50.23 -17.73
CA MET I 11 -0.61 51.56 -18.01
C MET I 11 0.02 52.21 -16.79
N SER I 12 -0.02 51.56 -15.63
CA SER I 12 0.62 52.11 -14.44
C SER I 12 2.12 51.85 -14.42
N GLN I 13 2.56 50.72 -14.97
CA GLN I 13 3.98 50.43 -15.07
C GLN I 13 4.61 51.36 -16.11
N SER I 14 5.69 52.04 -15.72
CA SER I 14 6.21 53.14 -16.53
C SER I 14 6.81 52.63 -17.84
N ARG I 15 7.69 51.62 -17.75
CA ARG I 15 8.36 51.09 -18.94
C ARG I 15 7.40 50.39 -19.89
N THR I 16 6.18 50.11 -19.46
CA THR I 16 5.14 49.61 -20.35
C THR I 16 4.16 50.70 -20.77
N ARG I 17 3.94 51.71 -19.93
CA ARG I 17 3.17 52.87 -20.37
C ARG I 17 3.81 53.54 -21.56
N GLU I 18 5.13 53.72 -21.50
CA GLU I 18 5.84 54.35 -22.61
C GLU I 18 5.71 53.52 -23.89
N ILE I 19 5.81 52.20 -23.78
CA ILE I 19 5.77 51.37 -24.98
C ILE I 19 4.35 51.23 -25.52
N LEU I 20 3.34 51.33 -24.64
CA LEU I 20 1.97 51.37 -25.13
C LEU I 20 1.69 52.70 -25.82
N THR I 21 2.43 53.74 -25.44
CA THR I 21 2.26 55.04 -26.08
C THR I 21 2.97 55.10 -27.44
N LYS I 22 4.23 54.67 -27.49
CA LYS I 22 5.07 54.95 -28.65
C LYS I 22 4.69 54.05 -29.83
N THR I 23 4.79 52.73 -29.66
CA THR I 23 4.52 51.83 -30.77
C THR I 23 3.07 51.92 -31.20
N THR I 24 2.86 51.96 -32.51
CA THR I 24 1.54 52.12 -33.09
C THR I 24 0.98 50.77 -33.52
N VAL I 25 -0.25 50.78 -34.02
CA VAL I 25 -0.90 49.54 -34.43
C VAL I 25 -0.14 48.89 -35.58
N ASP I 26 0.30 49.70 -36.54
CA ASP I 26 1.07 49.21 -37.68
C ASP I 26 2.22 48.32 -37.26
N HIS I 27 2.72 48.47 -36.03
CA HIS I 27 3.93 47.81 -35.59
C HIS I 27 3.67 46.61 -34.69
N MET I 28 2.40 46.24 -34.46
CA MET I 28 2.15 45.13 -33.56
C MET I 28 2.85 43.86 -34.01
N ALA I 29 2.83 43.59 -35.32
CA ALA I 29 3.47 42.38 -35.82
C ALA I 29 4.96 42.37 -35.54
N ILE I 30 5.60 43.55 -35.51
CA ILE I 30 7.03 43.58 -35.22
C ILE I 30 7.30 43.44 -33.73
N ILE I 31 6.26 43.56 -32.90
CA ILE I 31 6.40 43.45 -31.46
C ILE I 31 5.78 42.17 -30.90
N LYS I 32 5.01 41.42 -31.70
CA LYS I 32 4.43 40.17 -31.23
C LYS I 32 5.47 39.06 -31.10
N LYS I 33 6.59 39.17 -31.81
CA LYS I 33 7.60 38.10 -31.86
C LYS I 33 8.72 38.32 -30.85
N TYR I 34 8.40 38.85 -29.67
CA TYR I 34 9.37 39.09 -28.60
C TYR I 34 9.04 38.19 -27.41
N THR I 35 9.65 37.00 -27.38
CA THR I 35 9.36 35.99 -26.39
C THR I 35 10.64 35.62 -25.64
N SER I 36 10.49 34.97 -24.49
CA SER I 36 11.66 34.43 -23.80
C SER I 36 12.35 33.38 -24.64
N GLY I 37 11.60 32.42 -25.17
CA GLY I 37 12.14 31.40 -26.04
C GLY I 37 13.08 30.46 -25.31
N ARG I 38 12.57 29.84 -24.25
CA ARG I 38 13.32 28.86 -23.47
C ARG I 38 12.55 27.58 -23.21
N GLN I 39 11.22 27.61 -23.24
CA GLN I 39 10.38 26.48 -22.87
C GLN I 39 10.27 25.47 -24.02
N GLU I 40 11.42 24.92 -24.41
CA GLU I 40 11.43 23.95 -25.50
C GLU I 40 12.38 22.79 -25.18
N LYS I 41 12.40 22.36 -23.93
CA LYS I 41 13.28 21.29 -23.49
C LYS I 41 12.53 19.97 -23.55
N ASN I 42 12.62 19.30 -24.69
CA ASN I 42 12.02 17.99 -24.95
C ASN I 42 10.53 17.99 -24.63
N PRO I 43 9.71 18.62 -25.48
CA PRO I 43 8.28 18.69 -25.20
C PRO I 43 7.62 17.33 -25.05
N SER I 44 8.18 16.29 -25.69
CA SER I 44 7.62 14.95 -25.55
C SER I 44 7.77 14.42 -24.14
N LEU I 45 8.92 14.68 -23.49
CA LEU I 45 9.13 14.17 -22.14
C LEU I 45 8.26 14.89 -21.13
N ARG I 46 8.17 16.22 -21.24
CA ARG I 46 7.26 16.96 -20.38
C ARG I 46 5.81 16.54 -20.63
N MET I 47 5.47 16.27 -21.89
CA MET I 47 4.13 15.79 -22.23
C MET I 47 3.83 14.45 -21.56
N LYS I 48 4.78 13.51 -21.62
CA LYS I 48 4.57 12.21 -21.00
C LYS I 48 4.49 12.32 -19.50
N TRP I 49 5.31 13.20 -18.90
CA TRP I 49 5.24 13.42 -17.46
C TRP I 49 3.92 14.07 -17.05
N MET I 50 3.34 14.91 -17.91
CA MET I 50 2.04 15.49 -17.60
C MET I 50 0.95 14.44 -17.70
N MET I 51 1.02 13.57 -18.71
CA MET I 51 0.04 12.50 -18.82
C MET I 51 0.16 11.54 -17.65
N ALA I 52 1.38 11.28 -17.20
CA ALA I 52 1.60 10.46 -16.00
C ALA I 52 1.04 11.15 -14.77
N MET I 53 0.97 12.48 -14.78
CA MET I 53 0.38 13.21 -13.66
C MET I 53 -1.14 12.99 -13.66
N LYS I 54 -1.74 13.23 -12.50
CA LYS I 54 -3.18 13.10 -12.36
C LYS I 54 -3.86 14.36 -12.89
N TYR I 55 -4.75 14.18 -13.87
CA TYR I 55 -5.59 15.26 -14.39
C TYR I 55 -4.77 16.47 -14.80
N PRO I 56 -4.02 16.40 -15.91
CA PRO I 56 -3.18 17.53 -16.33
C PRO I 56 -3.88 18.54 -17.22
N ILE I 57 -5.00 18.16 -17.82
CA ILE I 57 -5.67 19.01 -18.80
C ILE I 57 -6.40 20.13 -18.07
N THR I 58 -6.26 21.35 -18.57
CA THR I 58 -7.02 22.49 -18.06
C THR I 58 -8.07 22.90 -19.08
N ALA I 59 -9.31 22.97 -18.63
CA ALA I 59 -10.46 23.40 -19.41
C ALA I 59 -11.02 24.67 -18.76
N ASP I 60 -12.19 25.11 -19.23
CA ASP I 60 -12.80 26.29 -18.67
C ASP I 60 -13.45 25.92 -17.33
N LYS I 61 -14.23 26.84 -16.77
CA LYS I 61 -14.85 26.63 -15.48
C LYS I 61 -16.32 26.24 -15.58
N ARG I 62 -16.87 26.19 -16.80
CA ARG I 62 -18.27 25.84 -17.01
C ARG I 62 -18.52 24.33 -17.08
N ILE I 63 -17.49 23.50 -16.87
CA ILE I 63 -17.68 22.05 -16.84
C ILE I 63 -18.43 21.59 -15.60
N THR I 64 -18.54 22.45 -14.58
CA THR I 64 -19.11 22.03 -13.30
C THR I 64 -20.55 21.53 -13.46
N GLU I 65 -21.35 22.19 -14.29
CA GLU I 65 -22.75 21.84 -14.46
C GLU I 65 -23.03 21.09 -15.76
N MET I 66 -21.99 20.66 -16.48
CA MET I 66 -22.17 19.98 -17.76
C MET I 66 -21.84 18.50 -17.71
N VAL I 67 -20.70 18.13 -17.15
CA VAL I 67 -20.29 16.73 -17.02
C VAL I 67 -20.37 16.34 -15.54
N PRO I 68 -20.56 15.06 -15.23
CA PRO I 68 -20.58 14.65 -13.82
C PRO I 68 -19.18 14.60 -13.22
N GLU I 69 -19.14 14.60 -11.89
CA GLU I 69 -17.86 14.55 -11.19
C GLU I 69 -17.21 13.18 -11.32
N ARG I 70 -17.93 12.12 -10.98
CA ARG I 70 -17.47 10.76 -11.14
C ARG I 70 -18.23 10.06 -12.25
N ASN I 71 -17.51 9.26 -13.02
CA ASN I 71 -18.07 8.58 -14.20
C ASN I 71 -18.90 7.38 -13.75
N GLU I 72 -19.24 6.51 -14.70
CA GLU I 72 -20.02 5.32 -14.43
C GLU I 72 -19.30 4.31 -13.54
N GLN I 73 -18.04 4.55 -13.18
CA GLN I 73 -17.28 3.62 -12.35
C GLN I 73 -16.58 4.33 -11.19
N GLY I 74 -17.06 5.51 -10.81
CA GLY I 74 -16.52 6.21 -9.67
C GLY I 74 -15.12 6.75 -9.84
N GLN I 75 -14.73 7.07 -11.07
CA GLN I 75 -13.42 7.64 -11.33
C GLN I 75 -13.52 9.16 -11.28
N THR I 76 -12.59 9.79 -10.56
CA THR I 76 -12.56 11.24 -10.46
C THR I 76 -11.94 11.81 -11.72
N LEU I 77 -12.51 12.91 -12.21
CA LEU I 77 -12.02 13.56 -13.42
C LEU I 77 -12.02 15.08 -13.31
N TRP I 78 -12.03 15.62 -12.09
CA TRP I 78 -12.07 17.05 -11.85
C TRP I 78 -11.01 17.53 -10.86
N SER I 79 -11.09 18.80 -10.52
CA SER I 79 -10.25 19.46 -9.52
C SER I 79 -10.85 20.84 -9.28
N LYS I 80 -10.23 21.58 -8.37
CA LYS I 80 -10.57 22.98 -8.15
C LYS I 80 -9.56 23.63 -7.21
N VAL I 89 -8.99 24.92 -12.93
CA VAL I 89 -9.92 23.81 -13.18
C VAL I 89 -9.30 22.74 -14.07
N MET I 90 -8.70 21.75 -13.43
CA MET I 90 -8.05 20.64 -14.10
C MET I 90 -9.08 19.63 -14.61
N VAL I 91 -8.66 18.81 -15.56
CA VAL I 91 -9.54 17.85 -16.22
C VAL I 91 -8.73 16.61 -16.57
N SER I 92 -9.31 15.44 -16.31
CA SER I 92 -8.66 14.19 -16.67
C SER I 92 -8.87 13.87 -18.14
N PRO I 93 -7.90 13.22 -18.79
CA PRO I 93 -8.11 12.84 -20.20
C PRO I 93 -9.27 11.88 -20.39
N LEU I 94 -9.66 11.12 -19.36
CA LEU I 94 -10.84 10.27 -19.47
C LEU I 94 -12.10 11.10 -19.62
N ALA I 95 -12.10 12.34 -19.12
CA ALA I 95 -13.23 13.24 -19.34
C ALA I 95 -13.44 13.48 -20.83
N VAL I 96 -12.35 13.58 -21.59
CA VAL I 96 -12.45 13.70 -23.04
C VAL I 96 -13.23 12.52 -23.60
N THR I 97 -12.77 11.30 -23.29
CA THR I 97 -13.38 10.10 -23.86
C THR I 97 -14.82 9.92 -23.41
N TRP I 98 -15.15 10.36 -22.19
CA TRP I 98 -16.54 10.30 -21.75
C TRP I 98 -17.39 11.30 -22.53
N TRP I 99 -17.01 12.57 -22.50
CA TRP I 99 -17.70 13.56 -23.31
C TRP I 99 -17.69 13.18 -24.79
N ASN I 100 -16.66 12.46 -25.20
CA ASN I 100 -16.60 11.95 -26.57
C ASN I 100 -17.58 10.79 -26.78
N ARG I 101 -18.06 10.18 -25.70
CA ARG I 101 -18.89 8.98 -25.83
C ARG I 101 -20.38 9.32 -25.91
N ASN I 102 -20.92 9.95 -24.86
CA ASN I 102 -22.33 10.35 -24.84
C ASN I 102 -22.44 11.70 -24.12
N GLY I 103 -22.54 12.77 -24.89
CA GLY I 103 -22.70 14.10 -24.36
C GLY I 103 -23.65 14.95 -25.18
N PRO I 104 -23.29 16.24 -25.34
CA PRO I 104 -24.17 17.18 -26.06
C PRO I 104 -24.17 17.02 -27.57
N MET I 105 -25.01 16.13 -28.09
CA MET I 105 -25.20 15.99 -29.53
C MET I 105 -25.70 17.30 -30.15
N THR I 106 -25.05 17.71 -31.24
CA THR I 106 -25.39 18.92 -31.97
C THR I 106 -25.44 18.62 -33.46
N SER I 107 -26.12 19.50 -34.20
CA SER I 107 -26.26 19.41 -35.65
C SER I 107 -25.07 19.99 -36.41
N THR I 108 -23.91 20.08 -35.77
CA THR I 108 -22.68 20.64 -36.32
C THR I 108 -22.10 19.81 -37.49
N VAL I 109 -22.83 18.79 -37.95
CA VAL I 109 -22.45 18.05 -39.15
C VAL I 109 -22.38 18.94 -40.40
N HIS I 110 -22.75 20.22 -40.29
CA HIS I 110 -22.46 21.22 -41.31
C HIS I 110 -20.98 21.40 -41.57
N TYR I 111 -20.11 20.84 -40.73
CA TYR I 111 -18.65 20.99 -40.82
C TYR I 111 -18.07 21.02 -42.24
N PRO I 112 -18.36 20.05 -43.13
CA PRO I 112 -17.59 19.99 -44.39
C PRO I 112 -17.88 21.11 -45.36
N LYS I 113 -17.76 22.36 -44.88
CA LYS I 113 -17.86 23.52 -45.76
C LYS I 113 -16.64 24.40 -45.56
N VAL I 114 -16.11 24.43 -44.34
CA VAL I 114 -14.89 25.16 -44.05
C VAL I 114 -13.65 24.29 -44.28
N TYR I 115 -13.76 22.98 -44.07
CA TYR I 115 -12.65 22.06 -44.28
C TYR I 115 -12.72 21.38 -45.64
N LYS I 116 -13.40 21.98 -46.61
CA LYS I 116 -13.58 21.36 -47.92
C LYS I 116 -12.25 21.01 -48.57
N THR I 117 -11.20 21.81 -48.31
CA THR I 117 -9.90 21.55 -48.90
C THR I 117 -9.33 20.19 -48.49
N TYR I 118 -9.87 19.58 -47.44
CA TYR I 118 -9.45 18.26 -46.97
C TYR I 118 -10.34 17.14 -47.51
N PHE I 119 -11.66 17.36 -47.50
CA PHE I 119 -12.58 16.37 -48.08
C PHE I 119 -12.35 16.24 -49.58
N GLU I 120 -11.81 17.28 -50.22
CA GLU I 120 -11.38 17.16 -51.61
C GLU I 120 -10.29 16.09 -51.75
N LYS I 121 -9.29 16.13 -50.87
CA LYS I 121 -8.26 15.09 -50.88
C LYS I 121 -8.87 13.73 -50.60
N VAL I 122 -9.84 13.69 -49.68
CA VAL I 122 -10.52 12.43 -49.36
C VAL I 122 -11.17 11.84 -50.61
N GLU I 123 -11.90 12.67 -51.35
CA GLU I 123 -12.58 12.20 -52.56
C GLU I 123 -11.60 11.81 -53.64
N ARG I 124 -10.49 12.54 -53.77
CA ARG I 124 -9.46 12.16 -54.74
C ARG I 124 -8.83 10.82 -54.40
N LEU I 125 -8.69 10.51 -53.10
CA LEU I 125 -8.15 9.22 -52.70
C LEU I 125 -9.18 8.11 -52.87
N LYS I 126 -10.46 8.42 -52.74
CA LYS I 126 -11.50 7.40 -52.84
C LYS I 126 -11.46 6.70 -54.20
N HIS I 127 -11.70 7.46 -55.27
CA HIS I 127 -11.71 6.93 -56.63
C HIS I 127 -10.36 7.05 -57.33
N GLY I 128 -9.27 7.09 -56.58
CA GLY I 128 -7.96 7.23 -57.19
C GLY I 128 -7.44 5.95 -57.78
N THR I 129 -7.99 5.54 -58.93
CA THR I 129 -7.58 4.30 -59.57
C THR I 129 -6.07 4.30 -59.84
N PHE I 130 -5.44 3.17 -59.57
CA PHE I 130 -3.99 3.03 -59.66
C PHE I 130 -3.59 2.30 -60.93
N GLY I 131 -2.29 2.03 -61.04
CA GLY I 131 -1.72 1.31 -62.17
C GLY I 131 -0.52 0.50 -61.75
N PRO I 132 0.19 -0.09 -62.71
CA PRO I 132 1.34 -0.94 -62.38
C PRO I 132 2.57 -0.14 -61.97
N VAL I 133 3.48 -0.83 -61.29
CA VAL I 133 4.75 -0.24 -60.85
C VAL I 133 5.82 -0.70 -61.83
N HIS I 134 6.06 0.13 -62.85
CA HIS I 134 7.16 -0.10 -63.78
C HIS I 134 8.44 0.44 -63.15
N PHE I 135 9.14 -0.41 -62.40
CA PHE I 135 10.39 0.00 -61.79
C PHE I 135 11.44 0.36 -62.84
N ARG I 136 12.19 1.41 -62.55
CA ARG I 136 13.28 1.89 -63.39
C ARG I 136 13.97 3.02 -62.63
N ASN I 137 15.16 3.40 -63.09
CA ASN I 137 15.90 4.47 -62.45
C ASN I 137 15.26 5.83 -62.74
N GLN I 138 14.32 6.22 -61.87
CA GLN I 138 13.56 7.44 -62.06
C GLN I 138 14.46 8.66 -61.89
N VAL I 139 14.41 9.58 -62.86
CA VAL I 139 15.25 10.77 -62.85
C VAL I 139 14.40 11.99 -62.51
N LYS I 140 14.96 12.87 -61.68
CA LYS I 140 14.24 14.02 -61.15
C LYS I 140 14.09 15.12 -62.21
N ILE I 141 12.86 15.59 -62.39
CA ILE I 141 12.56 16.72 -63.26
C ILE I 141 12.27 17.90 -62.34
N ARG I 142 13.16 18.90 -62.35
CA ARG I 142 12.99 20.10 -61.52
C ARG I 142 11.95 20.99 -62.16
N ARG I 143 10.69 20.88 -61.72
CA ARG I 143 9.61 21.68 -62.28
C ARG I 143 9.17 22.73 -61.27
N ARG I 144 8.34 23.67 -61.72
CA ARG I 144 7.72 24.67 -60.86
C ARG I 144 6.22 24.55 -61.00
N VAL I 145 5.55 24.12 -59.93
CA VAL I 145 4.13 23.83 -59.97
C VAL I 145 3.45 24.48 -58.77
N ASP I 146 2.14 24.57 -58.84
CA ASP I 146 1.35 25.14 -57.75
C ASP I 146 0.85 24.01 -56.85
N ILE I 147 0.82 24.28 -55.54
CA ILE I 147 0.35 23.26 -54.60
C ILE I 147 -0.84 23.78 -53.81
N ASN I 148 -2.00 23.79 -54.46
CA ASN I 148 -3.31 24.05 -53.88
C ASN I 148 -4.36 23.69 -54.91
N PRO I 149 -5.39 22.93 -54.56
CA PRO I 149 -6.41 22.56 -55.54
C PRO I 149 -7.60 23.51 -55.53
N GLY I 150 -8.07 23.85 -56.73
CA GLY I 150 -9.33 24.55 -56.93
C GLY I 150 -9.50 25.83 -56.13
N HIS I 151 -8.69 26.86 -56.43
CA HIS I 151 -8.76 28.12 -55.73
C HIS I 151 -9.02 29.31 -56.65
N ALA I 152 -9.32 29.05 -57.92
CA ALA I 152 -9.59 30.09 -58.92
C ALA I 152 -8.41 31.04 -59.12
N ASP I 153 -7.21 30.61 -58.71
CA ASP I 153 -5.96 31.34 -58.97
C ASP I 153 -6.01 32.76 -58.39
N LEU I 154 -6.10 32.81 -57.06
CA LEU I 154 -6.20 34.07 -56.33
C LEU I 154 -4.97 34.30 -55.47
N SER I 155 -4.42 35.50 -55.54
CA SER I 155 -3.21 35.84 -54.77
C SER I 155 -3.54 36.02 -53.29
N ALA I 156 -2.48 35.94 -52.47
CA ALA I 156 -2.67 35.93 -51.02
C ALA I 156 -3.22 37.25 -50.48
N LYS I 157 -2.77 38.38 -51.01
CA LYS I 157 -3.17 39.68 -50.46
C LYS I 157 -4.65 39.96 -50.73
N GLU I 158 -5.05 39.87 -52.00
CA GLU I 158 -6.44 40.15 -52.36
C GLU I 158 -7.39 39.10 -51.83
N ALA I 159 -6.88 37.94 -51.40
CA ALA I 159 -7.70 36.92 -50.78
C ALA I 159 -7.83 37.15 -49.28
N GLN I 160 -6.74 37.51 -48.60
CA GLN I 160 -6.83 37.78 -47.18
C GLN I 160 -7.61 39.05 -46.89
N ASP I 161 -7.69 39.99 -47.84
CA ASP I 161 -8.62 41.11 -47.64
C ASP I 161 -10.07 40.62 -47.58
N VAL I 162 -10.44 39.71 -48.48
CA VAL I 162 -11.78 39.12 -48.44
C VAL I 162 -11.98 38.32 -47.16
N ILE I 163 -10.93 37.63 -46.71
CA ILE I 163 -11.00 36.90 -45.45
C ILE I 163 -11.35 37.85 -44.30
N MET I 164 -10.55 38.90 -44.14
CA MET I 164 -10.81 39.91 -43.11
C MET I 164 -12.22 40.46 -43.21
N GLU I 165 -12.72 40.66 -44.43
CA GLU I 165 -14.07 41.20 -44.59
C GLU I 165 -15.12 40.20 -44.11
N VAL I 166 -14.97 38.92 -44.47
CA VAL I 166 -16.03 37.96 -44.20
C VAL I 166 -15.99 37.40 -42.78
N VAL I 167 -14.84 37.42 -42.11
CA VAL I 167 -14.72 36.81 -40.80
C VAL I 167 -14.67 37.84 -39.67
N PHE I 168 -14.04 39.00 -39.88
CA PHE I 168 -14.06 40.10 -38.91
C PHE I 168 -14.47 41.37 -39.65
N PRO I 169 -15.77 41.53 -39.94
CA PRO I 169 -16.21 42.72 -40.68
C PRO I 169 -16.11 44.03 -39.90
N ASN I 170 -16.25 43.99 -38.56
CA ASN I 170 -16.27 45.22 -37.78
C ASN I 170 -14.92 45.93 -37.72
N GLU I 171 -13.86 45.31 -38.23
CA GLU I 171 -12.54 45.94 -38.32
C GLU I 171 -11.92 45.66 -39.68
N VAL I 172 -12.73 45.75 -40.73
CA VAL I 172 -12.27 45.48 -42.08
C VAL I 172 -11.21 46.52 -42.50
N GLY I 173 -10.41 46.15 -43.49
CA GLY I 173 -9.41 47.03 -44.04
C GLY I 173 -10.00 48.32 -44.57
N ALA I 174 -9.10 49.24 -44.91
CA ALA I 174 -9.48 50.60 -45.27
C ALA I 174 -9.87 50.78 -46.73
N ARG I 175 -9.75 49.74 -47.57
CA ARG I 175 -10.19 49.86 -48.95
C ARG I 175 -11.71 49.80 -48.99
N ILE I 176 -12.34 50.93 -49.32
CA ILE I 176 -13.79 51.07 -49.19
C ILE I 176 -14.39 51.59 -50.49
N LEU I 177 -13.73 51.30 -51.62
CA LEU I 177 -14.18 51.76 -52.93
C LEU I 177 -15.00 50.71 -53.67
N THR I 178 -15.74 49.87 -52.95
CA THR I 178 -16.61 48.85 -53.54
C THR I 178 -15.87 47.93 -54.51
N GLN I 182 -13.11 40.03 -56.04
CA GLN I 182 -14.02 39.05 -56.63
C GLN I 182 -15.45 39.30 -56.17
N LEU I 183 -15.62 39.35 -54.85
CA LEU I 183 -16.86 39.77 -54.20
C LEU I 183 -17.96 38.71 -54.32
N THR I 184 -17.75 37.68 -55.13
CA THR I 184 -18.70 36.58 -55.18
C THR I 184 -18.40 35.55 -54.09
N ILE I 185 -17.11 35.30 -53.84
CA ILE I 185 -16.71 34.49 -52.70
C ILE I 185 -17.21 35.13 -51.41
N THR I 186 -17.19 36.46 -51.34
CA THR I 186 -17.71 37.15 -50.16
C THR I 186 -19.18 36.82 -49.92
N LYS I 187 -20.00 36.92 -50.97
CA LYS I 187 -21.42 36.59 -50.81
C LYS I 187 -21.61 35.12 -50.43
N GLU I 188 -20.89 34.22 -51.12
CA GLU I 188 -21.03 32.80 -50.84
C GLU I 188 -20.72 32.50 -49.37
N LYS I 189 -19.62 33.05 -48.86
CA LYS I 189 -19.20 32.76 -47.50
C LYS I 189 -20.12 33.43 -46.48
N LYS I 190 -20.54 34.67 -46.74
CA LYS I 190 -21.46 35.34 -45.84
C LYS I 190 -22.81 34.62 -45.80
N GLU I 191 -23.16 33.91 -46.88
CA GLU I 191 -24.44 33.20 -46.93
C GLU I 191 -24.36 31.83 -46.25
N GLU I 192 -23.35 31.03 -46.59
CA GLU I 192 -23.39 29.62 -46.19
C GLU I 192 -23.00 29.40 -44.73
N LEU I 193 -22.09 30.20 -44.19
CA LEU I 193 -21.69 30.06 -42.79
C LEU I 193 -22.17 31.21 -41.92
N GLN I 194 -23.40 31.69 -42.20
CA GLN I 194 -23.93 32.82 -41.45
C GLN I 194 -24.08 32.46 -39.98
N ASP I 195 -24.92 31.48 -39.68
CA ASP I 195 -25.27 31.14 -38.31
C ASP I 195 -24.48 29.94 -37.78
N CYS I 196 -23.60 29.35 -38.59
CA CYS I 196 -22.87 28.16 -38.15
C CYS I 196 -21.39 28.47 -37.97
N LYS I 197 -21.08 29.58 -37.30
CA LYS I 197 -19.69 29.91 -37.00
C LYS I 197 -19.13 29.00 -35.92
N ILE I 198 -17.85 28.66 -36.06
CA ILE I 198 -17.18 27.72 -35.16
C ILE I 198 -16.13 28.40 -34.32
N SER I 199 -15.08 28.90 -34.97
CA SER I 199 -13.98 29.60 -34.32
C SER I 199 -13.30 30.48 -35.36
N PRO I 200 -13.59 31.79 -35.37
CA PRO I 200 -13.10 32.68 -36.44
C PRO I 200 -11.67 32.44 -36.90
N LEU I 201 -10.75 32.23 -35.97
CA LEU I 201 -9.34 32.09 -36.35
C LEU I 201 -9.10 30.85 -37.21
N MET I 202 -9.66 29.70 -36.80
CA MET I 202 -9.47 28.48 -37.58
C MET I 202 -10.21 28.56 -38.91
N VAL I 203 -11.39 29.19 -38.94
CA VAL I 203 -12.11 29.37 -40.19
C VAL I 203 -11.30 30.22 -41.16
N ALA I 204 -10.72 31.32 -40.65
CA ALA I 204 -9.91 32.18 -41.49
C ALA I 204 -8.66 31.47 -41.99
N TYR I 205 -8.00 30.69 -41.12
CA TYR I 205 -6.82 29.94 -41.55
C TYR I 205 -7.18 28.94 -42.65
N MET I 206 -8.30 28.24 -42.47
CA MET I 206 -8.71 27.23 -43.44
C MET I 206 -9.10 27.87 -44.77
N LEU I 207 -9.76 29.03 -44.74
CA LEU I 207 -10.15 29.67 -45.98
C LEU I 207 -8.94 30.30 -46.68
N GLU I 208 -7.95 30.77 -45.92
CA GLU I 208 -6.72 31.24 -46.53
C GLU I 208 -5.94 30.10 -47.15
N ARG I 209 -6.07 28.89 -46.61
CA ARG I 209 -5.43 27.76 -47.28
C ARG I 209 -6.24 27.27 -48.49
N GLU I 210 -7.56 27.45 -48.46
CA GLU I 210 -8.39 26.97 -49.55
C GLU I 210 -8.33 27.88 -50.78
N LEU I 211 -8.36 29.20 -50.58
CA LEU I 211 -8.56 30.12 -51.69
C LEU I 211 -7.28 30.69 -52.27
N VAL I 212 -6.18 30.65 -51.54
CA VAL I 212 -4.93 31.26 -51.98
C VAL I 212 -4.12 30.26 -52.79
N ARG I 213 -3.64 30.72 -53.94
CA ARG I 213 -2.71 29.94 -54.76
C ARG I 213 -1.32 29.96 -54.14
N LYS I 214 -0.50 29.00 -54.56
CA LYS I 214 0.92 29.03 -54.23
C LYS I 214 1.67 28.17 -55.23
N THR I 215 2.60 28.78 -55.96
CA THR I 215 3.43 28.09 -56.94
C THR I 215 4.87 28.14 -56.46
N ARG I 216 5.50 26.97 -56.35
CA ARG I 216 6.91 26.91 -56.00
C ARG I 216 7.59 25.81 -56.80
N PHE I 217 8.90 25.73 -56.64
CA PHE I 217 9.75 24.83 -57.41
C PHE I 217 9.96 23.52 -56.64
N LEU I 218 9.60 22.40 -57.27
CA LEU I 218 9.67 21.09 -56.66
C LEU I 218 10.24 20.09 -57.67
N PRO I 219 10.91 19.04 -57.18
CA PRO I 219 11.33 17.93 -58.06
C PRO I 219 10.20 16.92 -58.23
N VAL I 220 9.73 16.78 -59.48
CA VAL I 220 8.63 15.89 -59.81
C VAL I 220 9.14 14.90 -60.85
N ALA I 221 8.37 13.84 -61.08
CA ALA I 221 8.77 12.79 -62.01
C ALA I 221 7.63 12.41 -62.95
N GLY I 222 6.90 13.41 -63.43
CA GLY I 222 5.86 13.18 -64.40
C GLY I 222 4.57 13.89 -64.08
N GLY I 223 4.49 14.44 -62.86
CA GLY I 223 3.31 15.12 -62.40
C GLY I 223 3.27 16.60 -62.71
N THR I 224 2.22 17.04 -63.41
CA THR I 224 2.06 18.45 -63.75
C THR I 224 1.02 19.15 -62.87
N SER I 225 -0.18 18.59 -62.79
CA SER I 225 -1.26 19.22 -62.06
C SER I 225 -0.99 19.24 -60.56
N SER I 226 -1.88 19.92 -59.83
CA SER I 226 -1.75 19.99 -58.37
C SER I 226 -2.05 18.64 -57.71
N VAL I 227 -2.94 17.85 -58.29
CA VAL I 227 -3.29 16.56 -57.67
C VAL I 227 -2.12 15.60 -57.69
N TYR I 228 -1.24 15.70 -58.68
CA TYR I 228 -0.05 14.84 -58.73
C TYR I 228 1.03 15.24 -57.74
N ILE I 229 0.88 16.38 -57.06
CA ILE I 229 1.93 16.89 -56.18
C ILE I 229 1.59 16.66 -54.70
N GLU I 230 0.32 16.82 -54.32
CA GLU I 230 -0.05 16.58 -52.93
C GLU I 230 0.12 15.13 -52.51
N VAL I 231 0.23 14.20 -53.47
CA VAL I 231 0.36 12.78 -53.19
C VAL I 231 1.69 12.28 -53.73
N LEU I 232 2.70 13.14 -53.74
CA LEU I 232 3.98 12.80 -54.35
C LEU I 232 4.67 11.64 -53.64
N HIS I 233 4.36 11.40 -52.36
CA HIS I 233 4.97 10.29 -51.64
C HIS I 233 4.50 8.93 -52.13
N LEU I 234 3.32 8.86 -52.75
CA LEU I 234 2.84 7.61 -53.34
C LEU I 234 3.34 7.45 -54.77
N THR I 235 3.39 8.55 -55.52
CA THR I 235 3.76 8.47 -56.93
C THR I 235 5.27 8.30 -57.10
N GLN I 236 6.05 9.20 -56.49
CA GLN I 236 7.47 9.30 -56.73
C GLN I 236 8.28 8.73 -55.58
N GLY I 237 9.44 8.17 -55.91
CA GLY I 237 10.38 7.71 -54.90
C GLY I 237 11.84 7.79 -55.34
N THR I 238 12.70 6.98 -54.72
CA THR I 238 14.11 7.01 -55.06
C THR I 238 14.36 6.44 -56.45
N CYS I 239 13.87 5.21 -56.69
CA CYS I 239 14.08 4.55 -57.98
C CYS I 239 12.81 3.83 -58.43
N TRP I 240 11.65 4.34 -58.03
CA TRP I 240 10.38 3.76 -58.42
C TRP I 240 9.41 4.86 -58.83
N GLU I 241 8.26 4.42 -59.35
CA GLU I 241 7.21 5.31 -59.80
C GLU I 241 5.94 4.49 -59.88
N GLN I 242 4.82 5.12 -59.52
CA GLN I 242 3.52 4.45 -59.53
C GLN I 242 2.52 5.35 -60.24
N MET I 243 1.99 4.87 -61.36
CA MET I 243 0.96 5.58 -62.11
C MET I 243 -0.34 5.60 -61.29
N TYR I 244 -0.71 6.78 -60.82
CA TYR I 244 -1.89 6.95 -59.95
C TYR I 244 -2.77 8.02 -60.56
N THR I 245 -4.02 7.66 -60.85
CA THR I 245 -4.95 8.58 -61.49
C THR I 245 -6.01 9.06 -60.50
N PRO I 246 -6.00 10.34 -60.11
CA PRO I 246 -6.99 10.83 -59.14
C PRO I 246 -8.36 11.01 -59.78
N GLY I 247 -9.31 11.57 -59.05
CA GLY I 247 -10.66 11.74 -59.56
C GLY I 247 -10.82 12.47 -60.88
N GLY I 248 -10.35 13.71 -60.97
CA GLY I 248 -10.54 14.47 -62.18
C GLY I 248 -9.63 15.67 -62.27
N GLU I 249 -9.91 16.53 -63.23
CA GLU I 249 -9.13 17.74 -63.43
C GLU I 249 -9.59 18.82 -62.44
N VAL I 250 -8.75 19.84 -62.29
CA VAL I 250 -8.96 20.89 -61.30
C VAL I 250 -9.19 22.21 -62.01
N ARG I 251 -9.38 23.30 -61.25
CA ARG I 251 -9.68 24.59 -61.85
C ARG I 251 -8.44 25.33 -62.34
N ASN I 252 -7.31 25.17 -61.68
CA ASN I 252 -6.11 25.95 -61.96
C ASN I 252 -5.33 25.49 -63.19
N ASP I 253 -5.86 24.56 -64.00
CA ASP I 253 -5.21 24.18 -65.24
C ASP I 253 -5.92 24.70 -66.48
N ASP I 254 -7.02 25.44 -66.33
CA ASP I 254 -7.71 26.03 -67.47
C ASP I 254 -8.09 27.50 -67.24
N VAL I 255 -7.41 28.19 -66.32
CA VAL I 255 -7.63 29.62 -66.10
C VAL I 255 -6.58 30.48 -66.81
N ASP I 256 -5.30 30.17 -66.61
CA ASP I 256 -4.23 30.93 -67.25
C ASP I 256 -4.19 30.78 -68.77
N GLN I 257 -4.77 29.71 -69.31
CA GLN I 257 -4.80 29.52 -70.76
C GLN I 257 -5.55 30.65 -71.47
N SER I 258 -6.61 31.16 -70.85
CA SER I 258 -7.32 32.30 -71.45
C SER I 258 -6.44 33.53 -71.51
N LEU I 259 -5.68 33.81 -70.44
CA LEU I 259 -4.73 34.92 -70.48
C LEU I 259 -3.65 34.70 -71.53
N ILE I 260 -3.18 33.46 -71.67
CA ILE I 260 -2.18 33.16 -72.69
C ILE I 260 -2.72 33.48 -74.08
N ILE I 261 -3.94 33.01 -74.37
CA ILE I 261 -4.56 33.28 -75.66
C ILE I 261 -4.77 34.78 -75.87
N ALA I 262 -5.20 35.49 -74.82
CA ALA I 262 -5.39 36.93 -74.93
C ALA I 262 -4.09 37.62 -75.28
N ALA I 263 -2.99 37.26 -74.61
CA ALA I 263 -1.70 37.88 -74.90
C ALA I 263 -1.20 37.53 -76.29
N ARG I 264 -1.37 36.27 -76.70
CA ARG I 264 -0.99 35.86 -78.05
C ARG I 264 -1.75 36.67 -79.11
N ASN I 265 -3.08 36.77 -78.95
CA ASN I 265 -3.90 37.53 -79.89
C ASN I 265 -3.49 39.00 -79.89
N ILE I 266 -3.21 39.55 -78.71
CA ILE I 266 -2.84 40.96 -78.62
C ILE I 266 -1.52 41.21 -79.32
N VAL I 267 -0.55 40.31 -79.16
CA VAL I 267 0.74 40.50 -79.84
C VAL I 267 0.59 40.34 -81.35
N ARG I 268 -0.17 39.32 -81.78
CA ARG I 268 -0.40 39.11 -83.21
C ARG I 268 -1.14 40.29 -83.84
N ARG I 269 -1.99 40.97 -83.08
CA ARG I 269 -2.71 42.13 -83.59
C ARG I 269 -1.83 43.39 -83.56
N ALA I 270 -1.03 43.56 -82.50
CA ALA I 270 -0.19 44.74 -82.35
C ALA I 270 0.99 44.72 -83.31
N ALA I 271 1.38 43.53 -83.80
CA ALA I 271 2.48 43.47 -84.76
C ALA I 271 2.17 44.23 -86.04
N VAL I 272 0.88 44.40 -86.36
CA VAL I 272 0.49 45.15 -87.55
C VAL I 272 0.56 46.65 -87.31
N SER I 273 0.44 47.10 -86.06
CA SER I 273 0.47 48.52 -85.75
C SER I 273 1.79 49.15 -86.18
N ALA I 274 1.70 50.42 -86.62
CA ALA I 274 2.91 51.16 -86.96
C ALA I 274 3.74 51.46 -85.71
N ASP I 275 3.07 51.86 -84.63
CA ASP I 275 3.65 52.01 -83.29
C ASP I 275 3.03 50.92 -82.43
N PRO I 276 3.60 49.71 -82.43
CA PRO I 276 2.95 48.59 -81.73
C PRO I 276 2.77 48.77 -80.23
N LEU I 277 3.67 49.49 -79.57
CA LEU I 277 3.65 49.58 -78.11
C LEU I 277 2.38 50.27 -77.61
N ALA I 278 2.05 51.43 -78.17
CA ALA I 278 0.89 52.17 -77.70
C ALA I 278 -0.41 51.40 -77.96
N SER I 279 -0.51 50.78 -79.14
CA SER I 279 -1.68 49.97 -79.45
C SER I 279 -1.81 48.82 -78.47
N LEU I 280 -0.69 48.16 -78.17
CA LEU I 280 -0.71 47.04 -77.23
C LEU I 280 -1.13 47.50 -75.83
N LEU I 281 -0.64 48.67 -75.39
CA LEU I 281 -1.01 49.15 -74.07
C LEU I 281 -2.49 49.48 -73.99
N GLU I 282 -3.01 50.19 -75.01
CA GLU I 282 -4.43 50.53 -75.00
C GLU I 282 -5.31 49.29 -75.11
N MET I 283 -4.83 48.24 -75.78
CA MET I 283 -5.60 47.00 -75.84
C MET I 283 -5.58 46.26 -74.51
N CYS I 284 -4.39 46.06 -73.94
CA CYS I 284 -4.27 45.32 -72.68
C CYS I 284 -4.98 46.01 -71.54
N HIS I 285 -4.98 47.35 -71.52
CA HIS I 285 -5.61 48.06 -70.42
C HIS I 285 -7.14 48.00 -70.49
N SER I 286 -7.70 48.02 -71.70
CA SER I 286 -9.14 48.06 -71.86
C SER I 286 -9.71 46.66 -72.09
N THR I 287 -9.04 45.64 -71.58
CA THR I 287 -9.48 44.25 -71.72
C THR I 287 -9.76 43.71 -70.32
N GLN I 288 -10.90 43.05 -70.17
CA GLN I 288 -11.34 42.50 -68.91
C GLN I 288 -11.38 40.98 -68.95
N ILE I 289 -11.02 40.38 -67.81
CA ILE I 289 -11.20 38.96 -67.53
C ILE I 289 -12.06 38.88 -66.30
N GLY I 290 -13.20 38.18 -66.40
CA GLY I 290 -14.26 38.17 -65.41
C GLY I 290 -13.84 38.33 -63.96
N GLY I 291 -14.38 39.38 -63.34
CA GLY I 291 -14.10 39.76 -61.98
C GLY I 291 -12.73 40.34 -61.76
N THR I 292 -11.96 40.55 -62.83
CA THR I 292 -10.60 41.06 -62.74
C THR I 292 -10.36 42.05 -63.89
N ARG I 293 -9.16 42.65 -63.87
CA ARG I 293 -8.64 43.46 -64.96
C ARG I 293 -7.35 42.81 -65.46
N MET I 294 -7.10 42.91 -66.76
CA MET I 294 -5.96 42.19 -67.33
C MET I 294 -4.63 42.71 -66.79
N VAL I 295 -4.53 44.02 -66.56
CA VAL I 295 -3.26 44.58 -66.09
C VAL I 295 -2.92 44.04 -64.72
N ASP I 296 -3.91 43.95 -63.82
CA ASP I 296 -3.66 43.44 -62.48
C ASP I 296 -3.30 41.95 -62.51
N ILE I 297 -3.97 41.18 -63.37
CA ILE I 297 -3.63 39.76 -63.52
C ILE I 297 -2.18 39.63 -63.96
N LEU I 298 -1.79 40.39 -64.99
CA LEU I 298 -0.39 40.36 -65.43
C LEU I 298 0.56 40.79 -64.32
N ARG I 299 0.12 41.71 -63.47
CA ARG I 299 0.95 42.14 -62.34
C ARG I 299 1.10 41.04 -61.29
N GLN I 300 0.11 40.15 -61.17
CA GLN I 300 0.14 39.14 -60.11
C GLN I 300 0.18 37.70 -60.59
N ASN I 301 0.04 37.43 -61.88
CA ASN I 301 0.04 36.01 -62.24
C ASN I 301 1.45 35.57 -62.63
N PRO I 302 1.97 34.50 -62.00
CA PRO I 302 3.29 33.95 -62.40
C PRO I 302 3.18 32.87 -63.46
N THR I 303 2.58 33.22 -64.61
CA THR I 303 2.50 32.31 -65.75
C THR I 303 3.60 32.67 -66.74
N GLU I 304 4.26 31.66 -67.27
CA GLU I 304 5.43 31.84 -68.13
C GLU I 304 5.07 31.46 -69.57
N GLU I 305 4.97 32.47 -70.43
CA GLU I 305 4.74 32.26 -71.85
C GLU I 305 5.22 33.50 -72.60
N GLN I 306 5.72 33.27 -73.82
CA GLN I 306 6.34 34.34 -74.61
C GLN I 306 5.43 35.58 -74.71
N ALA I 307 4.19 35.39 -75.16
CA ALA I 307 3.27 36.52 -75.26
C ALA I 307 3.00 37.12 -73.88
N VAL I 308 2.86 36.27 -72.87
CA VAL I 308 2.63 36.75 -71.51
C VAL I 308 3.84 37.56 -71.03
N ASP I 309 5.05 37.07 -71.32
CA ASP I 309 6.25 37.80 -70.91
C ASP I 309 6.39 39.12 -71.67
N ILE I 310 5.98 39.17 -72.93
CA ILE I 310 6.01 40.43 -73.66
C ILE I 310 5.04 41.43 -73.04
N CYS I 311 3.83 40.97 -72.71
CA CYS I 311 2.87 41.86 -72.05
C CYS I 311 3.39 42.34 -70.70
N LYS I 312 4.05 41.46 -69.95
CA LYS I 312 4.66 41.85 -68.68
C LYS I 312 5.73 42.92 -68.90
N ALA I 313 6.60 42.72 -69.88
CA ALA I 313 7.66 43.68 -70.17
C ALA I 313 7.10 45.02 -70.64
N ALA I 314 5.95 45.01 -71.31
CA ALA I 314 5.37 46.25 -71.82
C ALA I 314 5.03 47.23 -70.71
N MET I 315 4.77 46.75 -69.49
CA MET I 315 4.46 47.59 -68.35
C MET I 315 5.59 47.63 -67.33
N GLY I 316 6.81 47.31 -67.75
CA GLY I 316 7.96 47.41 -66.87
C GLY I 316 7.97 46.39 -65.75
N LEU I 317 7.61 45.14 -66.04
CA LEU I 317 7.62 44.09 -65.04
C LEU I 317 8.85 43.22 -65.25
N ARG I 318 9.43 42.77 -64.14
CA ARG I 318 10.62 41.92 -64.20
C ARG I 318 10.25 40.54 -64.71
N ILE I 319 11.08 40.01 -65.61
CA ILE I 319 10.92 38.65 -66.13
C ILE I 319 12.29 37.96 -66.20
N SER I 320 12.27 36.70 -66.62
CA SER I 320 13.42 35.81 -66.60
C SER I 320 14.45 36.24 -67.64
N SER I 321 15.54 35.49 -67.71
CA SER I 321 16.52 35.71 -68.77
C SER I 321 15.89 35.38 -70.12
N SER I 322 15.38 34.15 -70.26
CA SER I 322 14.60 33.75 -71.44
C SER I 322 15.26 34.06 -72.78
N PHE I 323 16.24 33.25 -73.20
CA PHE I 323 16.79 33.34 -74.54
C PHE I 323 15.88 32.60 -75.52
N SER I 324 14.62 33.00 -75.52
CA SER I 324 13.58 32.24 -76.21
C SER I 324 13.89 32.18 -77.71
N PHE I 325 13.75 30.99 -78.28
CA PHE I 325 14.04 30.78 -79.68
C PHE I 325 13.19 29.64 -80.20
N GLY I 326 12.37 29.92 -81.21
CA GLY I 326 11.53 28.88 -81.79
C GLY I 326 10.55 28.27 -80.81
N GLY I 327 10.10 29.03 -79.82
CA GLY I 327 9.26 28.50 -78.78
C GLY I 327 10.01 27.80 -77.67
N PHE I 328 11.33 27.67 -77.79
CA PHE I 328 12.17 27.03 -76.78
C PHE I 328 12.84 28.12 -75.96
N THR I 329 12.63 28.09 -74.64
CA THR I 329 13.24 29.07 -73.75
C THR I 329 14.61 28.56 -73.30
N PHE I 330 15.64 29.38 -73.52
CA PHE I 330 17.01 29.02 -73.21
C PHE I 330 17.48 29.75 -71.96
N LYS I 331 18.42 29.13 -71.25
CA LYS I 331 19.06 29.73 -70.08
C LYS I 331 20.55 29.51 -70.16
N ARG I 332 21.31 30.58 -69.88
CA ARG I 332 22.77 30.53 -69.92
C ARG I 332 23.33 29.89 -68.67
N THR I 333 24.27 28.97 -68.84
CA THR I 333 24.99 28.34 -67.74
C THR I 333 26.37 28.93 -67.53
N SER I 334 27.11 29.17 -68.61
CA SER I 334 28.43 29.78 -68.56
C SER I 334 28.84 30.20 -69.96
N GLY I 335 29.84 31.06 -70.03
CA GLY I 335 30.42 31.49 -71.29
C GLY I 335 29.89 32.83 -71.77
N SER I 336 30.77 33.57 -72.44
CA SER I 336 30.45 34.88 -73.01
C SER I 336 30.40 34.80 -74.53
N SER I 337 30.20 35.96 -75.16
CA SER I 337 30.08 36.04 -76.61
C SER I 337 30.39 37.45 -77.07
N ILE I 338 30.62 37.59 -78.37
CA ILE I 338 30.89 38.88 -79.00
C ILE I 338 30.27 38.85 -80.40
N LYS I 339 29.65 39.97 -80.80
CA LYS I 339 28.87 39.98 -82.02
C LYS I 339 29.72 39.61 -83.24
N ARG I 340 30.72 40.45 -83.56
CA ARG I 340 31.71 40.16 -84.59
C ARG I 340 31.04 39.70 -85.89
N GLU I 341 30.30 40.64 -86.49
CA GLU I 341 29.52 40.35 -87.69
C GLU I 341 30.38 39.71 -88.77
N GLU I 342 29.77 38.82 -89.55
CA GLU I 342 30.48 38.14 -90.62
C GLU I 342 29.47 37.70 -91.69
N GLU I 343 29.91 37.72 -92.94
CA GLU I 343 29.09 37.30 -94.06
C GLU I 343 29.40 35.86 -94.46
N LEU I 344 28.38 35.15 -94.90
CA LEU I 344 28.52 33.78 -95.37
C LEU I 344 27.52 33.51 -96.48
N LEU I 345 27.88 32.59 -97.37
CA LEU I 345 27.05 32.22 -98.52
C LEU I 345 26.43 30.86 -98.31
N THR I 346 25.20 30.69 -98.78
CA THR I 346 24.45 29.46 -98.60
C THR I 346 24.62 28.57 -99.83
N GLY I 347 23.93 27.43 -99.83
CA GLY I 347 23.90 26.55 -100.98
C GLY I 347 22.99 26.98 -102.11
N ASN I 348 22.32 28.12 -101.98
CA ASN I 348 21.46 28.65 -103.03
C ASN I 348 21.85 30.07 -103.42
N LEU I 349 23.14 30.40 -103.31
CA LEU I 349 23.69 31.68 -103.77
C LEU I 349 23.02 32.86 -103.07
N GLN I 350 23.18 32.92 -101.74
CA GLN I 350 22.56 33.96 -100.94
C GLN I 350 23.54 34.43 -99.88
N THR I 351 23.86 35.73 -99.90
CA THR I 351 24.74 36.33 -98.90
C THR I 351 23.95 36.62 -97.62
N LEU I 352 24.56 36.34 -96.47
CA LEU I 352 23.92 36.65 -95.19
C LEU I 352 24.98 37.12 -94.22
N LYS I 353 24.84 38.37 -93.75
CA LYS I 353 25.63 38.84 -92.62
C LYS I 353 24.94 38.43 -91.33
N ILE I 354 25.74 38.03 -90.34
CA ILE I 354 25.21 37.40 -89.13
C ILE I 354 26.14 37.70 -87.97
N ARG I 355 25.60 37.57 -86.76
CA ARG I 355 26.33 37.84 -85.52
C ARG I 355 26.95 36.54 -85.05
N VAL I 356 28.20 36.31 -85.41
CA VAL I 356 28.88 35.06 -85.11
C VAL I 356 29.23 35.05 -83.62
N HIS I 357 28.58 34.16 -82.87
CA HIS I 357 28.84 34.03 -81.44
C HIS I 357 30.22 33.39 -81.24
N ASP I 358 31.19 34.18 -80.81
CA ASP I 358 32.51 33.63 -80.54
C ASP I 358 32.59 33.16 -79.10
N GLY I 359 33.60 32.33 -78.83
CA GLY I 359 33.78 31.79 -77.50
C GLY I 359 33.00 30.51 -77.29
N TYR I 360 33.16 29.97 -76.08
CA TYR I 360 32.49 28.75 -75.67
C TYR I 360 31.32 29.09 -74.75
N GLU I 361 30.20 28.39 -74.94
CA GLU I 361 28.96 28.68 -74.25
C GLU I 361 28.28 27.38 -73.86
N GLU I 362 27.46 27.47 -72.82
CA GLU I 362 26.72 26.35 -72.28
C GLU I 362 25.30 26.81 -72.02
N PHE I 363 24.33 26.10 -72.57
CA PHE I 363 22.94 26.55 -72.51
C PHE I 363 22.04 25.37 -72.15
N THR I 364 20.87 25.71 -71.61
CA THR I 364 19.83 24.73 -71.31
C THR I 364 18.54 25.19 -71.95
N MET I 365 17.99 24.39 -72.87
CA MET I 365 16.77 24.76 -73.56
C MET I 365 15.61 23.92 -73.04
N VAL I 366 14.57 24.60 -72.56
CA VAL I 366 13.32 23.98 -72.14
C VAL I 366 12.31 24.23 -73.24
N GLY I 367 11.64 23.17 -73.69
CA GLY I 367 10.68 23.30 -74.77
C GLY I 367 9.26 22.97 -74.36
N LYS I 368 8.36 22.96 -75.33
CA LYS I 368 6.97 22.62 -75.04
C LYS I 368 6.86 21.19 -74.53
N ARG I 369 7.44 20.24 -75.26
CA ARG I 369 7.34 18.82 -74.92
C ARG I 369 8.69 18.13 -74.82
N ALA I 370 9.80 18.89 -74.80
CA ALA I 370 11.12 18.28 -74.77
C ALA I 370 12.11 19.28 -74.18
N THR I 371 13.19 18.76 -73.61
CA THR I 371 14.24 19.61 -73.05
C THR I 371 15.60 19.06 -73.45
N ALA I 372 16.63 19.90 -73.32
CA ALA I 372 17.97 19.48 -73.70
C ALA I 372 19.00 20.44 -73.09
N ILE I 373 20.23 19.94 -73.01
CA ILE I 373 21.38 20.70 -72.56
C ILE I 373 22.40 20.72 -73.70
N LEU I 374 22.90 21.91 -74.03
CA LEU I 374 23.79 22.10 -75.16
C LEU I 374 25.10 22.72 -74.66
N ARG I 375 26.21 22.23 -75.20
CA ARG I 375 27.53 22.80 -75.00
C ARG I 375 28.12 23.08 -76.37
N LYS I 376 28.38 24.35 -76.66
CA LYS I 376 28.70 24.82 -78.00
C LYS I 376 29.93 25.72 -77.96
N ALA I 377 30.84 25.51 -78.91
CA ALA I 377 31.99 26.40 -79.06
C ALA I 377 31.71 27.40 -80.16
N THR I 378 32.70 28.24 -80.46
CA THR I 378 32.50 29.25 -81.50
C THR I 378 32.37 28.56 -82.85
N ARG I 379 31.15 28.62 -83.41
CA ARG I 379 30.83 27.95 -84.68
C ARG I 379 31.15 26.45 -84.63
N ARG I 380 31.06 25.86 -83.44
CA ARG I 380 31.35 24.45 -83.24
C ARG I 380 30.46 23.90 -82.13
N LEU I 381 29.73 22.84 -82.43
CA LEU I 381 28.88 22.18 -81.45
C LEU I 381 29.67 21.07 -80.75
N VAL I 382 29.80 21.17 -79.43
CA VAL I 382 30.61 20.22 -78.67
C VAL I 382 29.77 19.02 -78.25
N GLN I 383 28.71 19.27 -77.48
CA GLN I 383 27.94 18.20 -76.87
C GLN I 383 26.47 18.61 -76.82
N LEU I 384 25.58 17.62 -76.91
CA LEU I 384 24.15 17.90 -76.85
C LEU I 384 23.42 16.69 -76.30
N ILE I 385 22.76 16.88 -75.17
CA ILE I 385 22.02 15.83 -74.48
C ILE I 385 20.55 16.20 -74.48
N VAL I 386 19.73 15.39 -75.14
CA VAL I 386 18.32 15.71 -75.36
C VAL I 386 17.44 14.64 -74.73
N SER I 387 16.27 15.04 -74.27
CA SER I 387 15.24 14.09 -73.86
C SER I 387 13.88 14.72 -74.10
N GLY I 388 13.01 13.98 -74.79
CA GLY I 388 11.67 14.44 -75.05
C GLY I 388 10.63 13.35 -74.92
N ARG I 389 9.39 13.65 -75.31
CA ARG I 389 8.29 12.71 -75.23
C ARG I 389 7.97 12.11 -76.59
N ASP I 390 7.70 12.95 -77.59
CA ASP I 390 7.41 12.48 -78.93
C ASP I 390 8.69 12.41 -79.75
N GLU I 391 8.71 11.51 -80.74
CA GLU I 391 9.81 11.48 -81.68
C GLU I 391 9.91 12.80 -82.44
N GLN I 392 8.78 13.32 -82.91
CA GLN I 392 8.79 14.61 -83.58
C GLN I 392 9.12 15.75 -82.62
N SER I 393 8.82 15.60 -81.33
CA SER I 393 9.17 16.66 -80.38
C SER I 393 10.67 16.75 -80.19
N VAL I 394 11.33 15.61 -79.97
CA VAL I 394 12.79 15.62 -79.87
C VAL I 394 13.42 15.97 -81.20
N ALA I 395 12.75 15.65 -82.32
CA ALA I 395 13.24 16.07 -83.63
C ALA I 395 13.22 17.59 -83.76
N GLU I 396 12.12 18.23 -83.38
CA GLU I 396 12.03 19.69 -83.45
C GLU I 396 13.06 20.33 -82.53
N ALA I 397 13.23 19.77 -81.32
CA ALA I 397 14.26 20.27 -80.42
C ALA I 397 15.64 20.17 -81.04
N ILE I 398 15.92 19.05 -81.70
CA ILE I 398 17.24 18.86 -82.29
C ILE I 398 17.42 19.78 -83.49
N ILE I 399 16.32 20.10 -84.18
CA ILE I 399 16.39 21.01 -85.32
C ILE I 399 16.78 22.41 -84.85
N VAL I 400 16.09 22.92 -83.82
CA VAL I 400 16.43 24.25 -83.34
C VAL I 400 17.82 24.27 -82.72
N ALA I 401 18.25 23.16 -82.11
CA ALA I 401 19.60 23.08 -81.59
C ALA I 401 20.64 23.19 -82.70
N MET I 402 20.46 22.41 -83.77
CA MET I 402 21.37 22.48 -84.91
C MET I 402 21.35 23.84 -85.56
N VAL I 403 20.19 24.50 -85.58
CA VAL I 403 20.12 25.86 -86.10
C VAL I 403 20.98 26.79 -85.27
N PHE I 404 20.90 26.66 -83.94
CA PHE I 404 21.72 27.48 -83.06
C PHE I 404 23.19 27.12 -83.12
N SER I 405 23.54 25.93 -83.61
CA SER I 405 24.95 25.54 -83.66
C SER I 405 25.76 26.50 -84.53
N GLN I 406 25.15 27.05 -85.58
CA GLN I 406 25.78 28.03 -86.48
C GLN I 406 27.05 27.50 -87.14
N GLU I 407 27.21 26.18 -87.21
CA GLU I 407 28.36 25.58 -87.87
C GLU I 407 28.31 25.85 -89.37
N ASP I 408 29.45 25.67 -90.02
CA ASP I 408 29.45 25.68 -91.48
C ASP I 408 28.70 24.48 -92.02
N CYS I 409 28.63 23.40 -91.24
CA CYS I 409 27.91 22.19 -91.64
C CYS I 409 26.44 22.49 -91.89
N MET I 410 25.79 23.19 -90.96
CA MET I 410 24.39 23.54 -91.17
C MET I 410 24.23 24.59 -92.25
N ILE I 411 25.28 25.39 -92.51
CA ILE I 411 25.27 26.30 -93.65
C ILE I 411 25.17 25.52 -94.96
N LYS I 412 25.91 24.41 -95.06
CA LYS I 412 25.89 23.62 -96.30
C LYS I 412 24.53 22.99 -96.58
N ALA I 413 23.67 22.81 -95.58
CA ALA I 413 22.42 22.10 -95.75
C ALA I 413 21.27 22.99 -96.22
N VAL I 414 21.58 24.19 -96.69
CA VAL I 414 20.57 25.14 -97.16
C VAL I 414 20.25 24.86 -98.62
N ARG I 415 18.96 24.73 -98.93
CA ARG I 415 18.49 24.49 -100.29
C ARG I 415 17.34 25.43 -100.60
N GLY I 416 17.56 26.32 -101.55
CA GLY I 416 16.53 27.24 -102.01
C GLY I 416 16.75 28.65 -101.50
N ASP I 417 16.03 29.59 -102.12
CA ASP I 417 16.12 30.98 -101.70
C ASP I 417 15.52 31.15 -100.31
N LEU I 418 16.17 31.96 -99.49
CA LEU I 418 15.78 32.18 -98.11
C LEU I 418 15.03 33.51 -98.04
N ASN I 419 13.73 33.45 -98.30
CA ASN I 419 12.85 34.62 -98.26
C ASN I 419 11.61 34.23 -97.46
N PHE I 420 11.66 34.41 -96.15
CA PHE I 420 10.55 34.16 -95.25
C PHE I 420 10.18 35.46 -94.56
N VAL I 421 8.88 35.76 -94.55
CA VAL I 421 8.39 37.07 -94.17
C VAL I 421 7.48 36.92 -92.96
N ASN I 422 7.44 37.96 -92.13
CA ASN I 422 6.58 37.95 -90.96
C ASN I 422 5.11 38.03 -91.38
N ARG I 423 4.23 37.65 -90.44
CA ARG I 423 2.80 37.78 -90.70
C ARG I 423 2.38 39.22 -90.95
N ALA I 424 3.15 40.19 -90.47
CA ALA I 424 2.97 41.59 -90.81
C ALA I 424 3.82 42.00 -92.01
N ASN I 425 4.27 41.01 -92.78
CA ASN I 425 5.05 41.20 -94.01
C ASN I 425 6.34 41.99 -93.76
N GLN I 426 7.22 41.40 -92.94
CA GLN I 426 8.52 41.97 -92.63
C GLN I 426 9.59 40.91 -92.81
N ARG I 427 10.79 41.35 -93.18
CA ARG I 427 11.93 40.45 -93.37
C ARG I 427 12.43 39.95 -92.02
N LEU I 428 12.41 38.64 -91.82
CA LEU I 428 12.90 38.05 -90.58
C LEU I 428 14.44 38.00 -90.57
N ASN I 429 15.00 38.10 -89.35
CA ASN I 429 16.44 38.04 -89.16
C ASN I 429 16.97 36.66 -89.58
N PRO I 430 18.27 36.56 -89.88
CA PRO I 430 18.79 35.31 -90.46
C PRO I 430 18.56 34.07 -89.61
N MET I 431 18.75 34.15 -88.29
CA MET I 431 18.62 32.98 -87.44
C MET I 431 17.21 32.40 -87.54
N HIS I 432 16.19 33.23 -87.37
CA HIS I 432 14.82 32.76 -87.44
C HIS I 432 14.45 32.30 -88.84
N GLN I 433 15.08 32.88 -89.87
CA GLN I 433 14.86 32.40 -91.24
C GLN I 433 15.36 30.96 -91.40
N LEU I 434 16.57 30.69 -90.90
CA LEU I 434 17.07 29.31 -90.92
C LEU I 434 16.14 28.39 -90.15
N LEU I 435 15.67 28.84 -88.98
CA LEU I 435 14.77 28.02 -88.18
C LEU I 435 13.51 27.69 -88.95
N ARG I 436 12.92 28.68 -89.61
CA ARG I 436 11.68 28.48 -90.35
C ARG I 436 11.89 27.56 -91.55
N HIS I 437 13.06 27.62 -92.18
CA HIS I 437 13.35 26.73 -93.30
C HIS I 437 13.54 25.28 -92.85
N PHE I 438 14.35 25.07 -91.81
CA PHE I 438 14.73 23.71 -91.42
C PHE I 438 13.58 22.84 -90.93
N GLN I 439 12.49 23.45 -90.45
CA GLN I 439 11.46 22.67 -89.76
C GLN I 439 10.71 21.70 -90.68
N LYS I 440 10.60 21.99 -91.97
CA LYS I 440 9.87 21.09 -92.86
C LYS I 440 10.72 19.95 -93.41
N ASP I 441 11.90 20.26 -93.95
CA ASP I 441 12.78 19.25 -94.52
C ASP I 441 14.12 19.29 -93.80
N ALA I 442 14.41 18.24 -93.03
CA ALA I 442 15.66 18.15 -92.31
C ALA I 442 16.53 16.99 -92.78
N LYS I 443 16.09 16.24 -93.79
CA LYS I 443 16.91 15.14 -94.29
C LYS I 443 18.19 15.62 -94.95
N VAL I 444 18.37 16.93 -95.09
CA VAL I 444 19.59 17.48 -95.67
C VAL I 444 20.68 17.62 -94.63
N LEU I 445 20.33 18.08 -93.42
CA LEU I 445 21.35 18.31 -92.41
C LEU I 445 21.77 17.04 -91.70
N PHE I 446 20.82 16.13 -91.45
CA PHE I 446 21.14 14.86 -90.77
C PHE I 446 22.12 14.02 -91.58
N GLN I 447 21.78 13.73 -92.84
CA GLN I 447 22.66 12.94 -93.69
C GLN I 447 23.96 13.65 -94.04
N ASN I 448 24.11 14.91 -93.63
CA ASN I 448 25.30 15.70 -93.90
C ASN I 448 25.97 16.18 -92.63
N TRP I 449 25.48 15.76 -91.45
CA TRP I 449 25.99 16.28 -90.18
C TRP I 449 27.27 15.59 -89.75
N GLY I 450 27.24 14.28 -89.55
CA GLY I 450 28.40 13.58 -89.04
C GLY I 450 28.05 12.58 -87.95
N ILE I 451 28.74 11.43 -87.96
CA ILE I 451 28.46 10.34 -87.03
C ILE I 451 29.67 10.16 -86.12
N GLU I 452 29.42 9.63 -84.92
CA GLU I 452 30.45 9.48 -83.92
C GLU I 452 30.21 8.21 -83.13
N HIS I 453 31.29 7.70 -82.53
CA HIS I 453 31.25 6.48 -81.74
C HIS I 453 31.07 6.80 -80.26
N ILE I 454 30.15 6.07 -79.62
CA ILE I 454 29.97 6.17 -78.17
C ILE I 454 30.11 4.78 -77.59
N ASP I 455 29.95 4.67 -76.27
CA ASP I 455 30.10 3.39 -75.57
C ASP I 455 28.80 2.92 -74.91
N ASN I 456 27.70 3.67 -75.06
CA ASN I 456 26.40 3.31 -74.49
C ASN I 456 26.49 3.18 -72.97
N VAL I 457 26.78 4.32 -72.34
CA VAL I 457 27.04 4.40 -70.91
C VAL I 457 26.03 5.33 -70.25
N MET I 458 25.65 4.98 -69.03
CA MET I 458 24.92 5.87 -68.12
C MET I 458 23.57 6.29 -68.70
N GLY I 459 22.85 5.34 -69.28
CA GLY I 459 21.53 5.60 -69.84
C GLY I 459 21.52 6.67 -70.92
N MET I 460 22.54 6.69 -71.76
CA MET I 460 22.65 7.65 -72.85
C MET I 460 22.81 6.90 -74.16
N ILE I 461 21.75 6.89 -74.97
CA ILE I 461 21.75 6.19 -76.24
C ILE I 461 21.84 7.22 -77.35
N GLY I 462 22.10 6.76 -78.56
CA GLY I 462 22.17 7.66 -79.70
C GLY I 462 21.05 7.47 -80.69
N VAL I 463 20.83 8.47 -81.55
CA VAL I 463 19.79 8.42 -82.57
C VAL I 463 20.46 8.61 -83.93
N LEU I 464 19.84 8.05 -84.96
CA LEU I 464 20.35 8.09 -86.32
C LEU I 464 19.51 9.01 -87.19
N PRO I 465 20.02 9.43 -88.35
CA PRO I 465 19.27 10.38 -89.20
C PRO I 465 17.90 9.90 -89.63
N ASP I 466 17.67 8.58 -89.66
CA ASP I 466 16.37 8.05 -90.06
C ASP I 466 15.40 7.95 -88.88
N MET I 467 15.61 8.75 -87.84
CA MET I 467 14.79 8.74 -86.63
C MET I 467 14.75 7.35 -86.01
N THR I 468 15.94 6.79 -85.78
CA THR I 468 16.09 5.46 -85.23
C THR I 468 17.16 5.54 -84.15
N PRO I 469 16.90 5.02 -82.95
CA PRO I 469 17.93 4.98 -81.92
C PRO I 469 19.02 3.99 -82.28
N SER I 470 20.22 4.25 -81.76
CA SER I 470 21.38 3.39 -82.00
C SER I 470 22.18 3.26 -80.72
N THR I 471 22.91 2.15 -80.61
CA THR I 471 23.55 1.79 -79.35
C THR I 471 24.93 2.42 -79.16
N GLU I 472 25.83 2.28 -80.12
CA GLU I 472 27.19 2.78 -79.95
C GLU I 472 27.57 3.88 -80.95
N MET I 473 26.65 4.29 -81.82
CA MET I 473 26.93 5.30 -82.82
C MET I 473 25.79 6.30 -82.83
N SER I 474 26.12 7.57 -83.03
CA SER I 474 25.09 8.61 -83.02
C SER I 474 25.54 9.75 -83.92
N MET I 475 24.70 10.79 -84.01
CA MET I 475 25.11 11.98 -84.74
C MET I 475 26.26 12.67 -84.03
N ARG I 476 26.95 13.55 -84.75
CA ARG I 476 28.13 14.22 -84.24
C ARG I 476 27.72 15.14 -83.09
N GLY I 477 28.09 14.77 -81.87
CA GLY I 477 27.78 15.58 -80.72
C GLY I 477 26.37 15.42 -80.19
N ILE I 478 25.74 14.27 -80.43
CA ILE I 478 24.35 14.06 -80.02
C ILE I 478 24.30 13.00 -78.94
N ARG I 479 23.35 13.18 -78.02
CA ARG I 479 23.09 12.23 -76.95
C ARG I 479 21.60 12.21 -76.68
N VAL I 480 21.00 11.03 -76.69
CA VAL I 480 19.59 10.85 -76.36
C VAL I 480 19.48 10.33 -74.94
N SER I 481 18.81 11.08 -74.09
CA SER I 481 18.65 10.71 -72.68
C SER I 481 17.41 9.84 -72.52
N LYS I 482 17.49 8.87 -71.60
CA LYS I 482 16.35 8.01 -71.28
C LYS I 482 15.43 8.76 -70.31
N MET I 483 14.81 9.82 -70.84
CA MET I 483 13.88 10.65 -70.08
C MET I 483 14.54 11.20 -68.82
N GLY I 484 15.85 11.43 -68.88
CA GLY I 484 16.59 11.92 -67.74
C GLY I 484 17.45 13.14 -67.99
N VAL I 485 16.98 14.08 -68.80
CA VAL I 485 17.66 15.37 -68.90
C VAL I 485 17.21 16.21 -67.72
N ASP I 486 18.16 16.81 -67.01
CA ASP I 486 17.82 17.66 -65.89
C ASP I 486 17.26 18.98 -66.40
N GLU I 487 16.04 19.31 -65.97
CA GLU I 487 15.47 20.60 -66.27
C GLU I 487 15.86 21.57 -65.16
N TYR I 488 16.11 22.81 -65.54
CA TYR I 488 16.42 23.85 -64.57
C TYR I 488 15.55 25.05 -64.90
N SER I 489 14.61 25.37 -64.02
CA SER I 489 13.72 26.51 -64.17
C SER I 489 14.14 27.49 -63.09
N SER I 490 15.16 28.29 -63.40
CA SER I 490 15.72 29.22 -62.44
C SER I 490 14.80 30.42 -62.29
N THR I 491 14.66 30.89 -61.06
CA THR I 491 13.86 32.07 -60.76
C THR I 491 14.75 33.29 -60.93
N GLU I 492 14.48 34.08 -61.95
CA GLU I 492 15.24 35.30 -62.20
C GLU I 492 14.26 36.38 -62.65
N ARG I 493 14.37 37.55 -62.04
CA ARG I 493 13.52 38.68 -62.38
C ARG I 493 14.42 39.90 -62.50
N VAL I 494 14.50 40.45 -63.71
CA VAL I 494 15.40 41.55 -64.03
C VAL I 494 14.63 42.54 -64.89
N VAL I 495 15.09 43.80 -64.89
CA VAL I 495 14.42 44.82 -65.68
C VAL I 495 14.62 44.50 -67.16
N VAL I 496 13.66 44.91 -67.97
CA VAL I 496 13.68 44.67 -69.40
C VAL I 496 13.95 45.98 -70.12
N SER I 497 14.30 45.88 -71.40
CA SER I 497 14.57 47.04 -72.25
C SER I 497 13.75 46.88 -73.52
N ILE I 498 12.46 47.20 -73.40
CA ILE I 498 11.53 47.10 -74.52
C ILE I 498 11.80 48.23 -75.51
N ASP I 499 11.64 47.94 -76.79
CA ASP I 499 11.74 48.97 -77.81
C ASP I 499 10.33 49.31 -78.31
N ARG I 500 10.26 50.13 -79.35
CA ARG I 500 8.99 50.57 -79.91
C ARG I 500 8.31 49.49 -80.74
N PHE I 501 9.02 48.40 -81.05
CA PHE I 501 8.53 47.38 -81.97
C PHE I 501 8.25 46.05 -81.28
N LEU I 502 7.98 46.07 -79.98
CA LEU I 502 7.59 44.89 -79.21
C LEU I 502 8.68 43.82 -79.22
N ARG I 503 9.93 44.26 -79.16
CA ARG I 503 11.08 43.36 -79.03
C ARG I 503 11.81 43.71 -77.75
N VAL I 504 11.92 42.73 -76.84
CA VAL I 504 12.56 42.94 -75.54
C VAL I 504 13.97 42.36 -75.61
N ARG I 505 14.94 43.16 -75.16
CA ARG I 505 16.33 42.76 -75.12
C ARG I 505 16.85 42.94 -73.70
N ASP I 506 17.96 42.30 -73.40
CA ASP I 506 18.54 42.45 -72.08
C ASP I 506 19.25 43.80 -71.97
N GLN I 507 19.61 44.17 -70.74
CA GLN I 507 20.32 45.42 -70.52
C GLN I 507 21.73 45.40 -71.08
N ARG I 508 22.22 44.25 -71.55
CA ARG I 508 23.57 44.15 -72.11
C ARG I 508 23.61 44.14 -73.63
N GLY I 509 22.52 43.76 -74.31
CA GLY I 509 22.52 43.82 -75.76
C GLY I 509 22.19 42.51 -76.47
N ASN I 510 21.74 41.52 -75.71
CA ASN I 510 21.35 40.23 -76.27
C ASN I 510 19.85 40.21 -76.54
N VAL I 511 19.47 39.86 -77.77
CA VAL I 511 18.06 39.81 -78.13
C VAL I 511 17.40 38.69 -77.33
N LEU I 512 16.46 39.07 -76.46
CA LEU I 512 15.84 38.09 -75.57
C LEU I 512 14.71 37.33 -76.26
N LEU I 513 13.65 38.04 -76.65
CA LEU I 513 12.47 37.43 -77.25
C LEU I 513 11.92 38.39 -78.30
N SER I 514 11.05 37.86 -79.16
CA SER I 514 10.51 38.65 -80.27
C SER I 514 9.17 38.05 -80.68
N PRO I 515 8.30 38.86 -81.34
CA PRO I 515 7.01 38.33 -81.82
C PRO I 515 7.14 37.45 -83.05
N GLU I 516 8.10 36.53 -83.02
CA GLU I 516 8.36 35.62 -84.13
C GLU I 516 8.51 34.18 -83.70
N GLU I 517 8.62 33.92 -82.39
CA GLU I 517 8.68 32.56 -81.88
C GLU I 517 7.58 32.36 -80.85
N VAL I 518 6.37 32.74 -81.23
CA VAL I 518 5.18 32.57 -80.39
C VAL I 518 4.14 31.92 -81.32
N SER I 519 4.18 30.60 -81.39
CA SER I 519 3.50 29.83 -82.42
C SER I 519 2.33 29.05 -81.82
N GLU I 520 1.71 28.23 -82.66
CA GLU I 520 0.74 27.22 -82.23
C GLU I 520 -0.42 27.86 -81.47
N THR I 521 -0.96 28.93 -82.03
CA THR I 521 -2.03 29.69 -81.40
C THR I 521 -3.38 29.24 -81.95
N GLN I 522 -4.15 28.52 -81.14
CA GLN I 522 -5.48 28.06 -81.53
C GLN I 522 -6.55 29.08 -81.15
N GLY I 523 -6.57 29.50 -79.89
CA GLY I 523 -7.52 30.49 -79.43
C GLY I 523 -8.87 29.89 -79.09
N THR I 524 -8.90 28.99 -78.11
CA THR I 524 -10.14 28.31 -77.74
C THR I 524 -10.98 29.12 -76.76
N GLU I 525 -10.34 29.85 -75.84
CA GLU I 525 -11.00 30.83 -74.98
C GLU I 525 -12.10 30.19 -74.14
N LYS I 526 -11.67 29.30 -73.24
CA LYS I 526 -12.64 28.61 -72.38
C LYS I 526 -13.29 29.57 -71.38
N LEU I 527 -12.47 30.36 -70.67
CA LEU I 527 -13.03 31.36 -69.77
C LEU I 527 -13.81 32.40 -70.56
N THR I 528 -15.10 32.52 -70.25
CA THR I 528 -16.04 33.29 -71.06
C THR I 528 -15.90 34.80 -70.79
N ILE I 529 -14.79 35.36 -71.27
CA ILE I 529 -14.58 36.81 -71.21
C ILE I 529 -13.89 37.24 -72.49
N THR I 530 -14.09 38.52 -72.84
CA THR I 530 -13.87 39.02 -74.20
C THR I 530 -12.72 40.01 -74.25
N TYR I 531 -12.47 40.53 -75.46
CA TYR I 531 -11.55 41.64 -75.69
C TYR I 531 -12.36 42.93 -75.70
N SER I 532 -12.68 43.41 -74.50
CA SER I 532 -13.46 44.62 -74.36
C SER I 532 -12.72 45.88 -74.82
N SER I 533 -11.53 45.71 -75.38
CA SER I 533 -10.71 46.82 -75.85
C SER I 533 -11.29 47.36 -77.15
N SER I 534 -10.54 48.26 -77.80
CA SER I 534 -11.04 49.03 -78.94
C SER I 534 -10.49 48.58 -80.29
N MET I 535 -9.16 48.48 -80.42
CA MET I 535 -8.56 48.43 -81.74
C MET I 535 -8.72 47.08 -82.44
N MET I 536 -9.16 46.04 -81.74
CA MET I 536 -9.05 44.72 -82.35
C MET I 536 -10.39 43.98 -82.43
N TRP I 537 -11.42 44.67 -82.92
CA TRP I 537 -12.72 44.04 -83.16
C TRP I 537 -12.82 43.45 -84.56
N GLU I 538 -11.68 42.98 -85.10
CA GLU I 538 -11.64 42.40 -86.44
C GLU I 538 -10.80 41.13 -86.44
N ILE I 539 -10.59 40.51 -85.28
CA ILE I 539 -9.81 39.28 -85.16
C ILE I 539 -10.75 38.08 -85.18
N ASN I 540 -11.98 38.27 -84.71
CA ASN I 540 -12.97 37.21 -84.70
C ASN I 540 -13.81 37.18 -85.98
N GLY I 541 -13.43 37.96 -87.00
CA GLY I 541 -14.19 37.99 -88.22
C GLY I 541 -15.11 39.20 -88.30
N PRO I 542 -15.53 39.55 -89.52
CA PRO I 542 -16.42 40.72 -89.67
C PRO I 542 -17.77 40.55 -88.97
N GLU I 543 -18.19 39.30 -88.70
CA GLU I 543 -19.40 39.09 -87.91
C GLU I 543 -19.25 39.68 -86.51
N SER I 544 -18.05 39.64 -85.94
CA SER I 544 -17.80 40.10 -84.58
C SER I 544 -17.86 41.61 -84.42
N VAL I 545 -17.66 42.38 -85.48
CA VAL I 545 -17.63 43.84 -85.34
C VAL I 545 -18.95 44.35 -84.76
N LEU I 546 -20.07 43.84 -85.25
CA LEU I 546 -21.38 44.25 -84.75
C LEU I 546 -21.52 43.92 -83.27
N VAL I 547 -21.26 42.67 -82.90
CA VAL I 547 -21.47 42.23 -81.53
C VAL I 547 -20.55 42.98 -80.58
N ASN I 548 -19.32 43.28 -81.02
CA ASN I 548 -18.37 43.97 -80.15
C ASN I 548 -18.75 45.44 -80.00
N THR I 549 -19.21 46.06 -81.08
CA THR I 549 -19.70 47.43 -80.99
C THR I 549 -20.89 47.52 -80.02
N TYR I 550 -21.85 46.61 -80.14
CA TYR I 550 -23.00 46.65 -79.25
C TYR I 550 -22.62 46.33 -77.81
N GLN I 551 -21.65 45.43 -77.61
CA GLN I 551 -21.20 45.14 -76.26
C GLN I 551 -20.52 46.36 -75.64
N TRP I 552 -19.72 47.09 -76.42
CA TRP I 552 -19.11 48.31 -75.92
C TRP I 552 -20.16 49.37 -75.63
N ILE I 553 -21.22 49.41 -76.43
CA ILE I 553 -22.33 50.33 -76.17
C ILE I 553 -22.99 50.01 -74.84
N ILE I 554 -23.24 48.71 -74.59
CA ILE I 554 -23.88 48.30 -73.34
C ILE I 554 -22.96 48.56 -72.16
N ARG I 555 -21.66 48.40 -72.35
CA ARG I 555 -20.69 48.53 -71.26
C ARG I 555 -20.67 49.95 -70.71
N ASN I 556 -20.32 50.92 -71.55
CA ASN I 556 -20.33 52.33 -71.15
C ASN I 556 -21.67 52.96 -71.49
N TRP I 557 -22.76 52.28 -71.10
CA TRP I 557 -24.09 52.78 -71.45
C TRP I 557 -24.49 53.99 -70.61
N GLU I 558 -24.11 54.02 -69.33
CA GLU I 558 -24.56 55.11 -68.48
C GLU I 558 -24.02 56.45 -68.93
N THR I 559 -22.81 56.48 -69.46
CA THR I 559 -22.24 57.73 -69.96
C THR I 559 -22.74 58.03 -71.37
N VAL I 560 -23.09 57.01 -72.15
CA VAL I 560 -23.62 57.26 -73.47
C VAL I 560 -25.03 57.85 -73.39
N LYS I 561 -25.84 57.37 -72.44
CA LYS I 561 -27.24 57.80 -72.35
C LYS I 561 -27.36 59.30 -72.17
N ILE I 562 -26.45 59.90 -71.40
CA ILE I 562 -26.52 61.33 -71.11
C ILE I 562 -25.58 62.09 -72.04
N GLN I 563 -24.53 61.42 -72.52
CA GLN I 563 -23.67 62.02 -73.55
C GLN I 563 -24.36 62.04 -74.91
N TRP I 564 -25.38 61.20 -75.10
CA TRP I 564 -26.25 61.29 -76.26
C TRP I 564 -27.21 62.46 -76.16
N SER I 565 -27.60 62.84 -74.93
CA SER I 565 -28.51 63.97 -74.77
C SER I 565 -27.78 65.30 -74.88
N GLN I 566 -26.62 65.41 -74.24
CA GLN I 566 -25.84 66.63 -74.22
C GLN I 566 -24.64 66.48 -75.15
N ASN I 567 -24.43 67.46 -76.03
CA ASN I 567 -23.39 67.53 -77.07
C ASN I 567 -23.08 66.19 -77.72
N PRO I 568 -24.02 65.59 -78.46
CA PRO I 568 -23.74 64.31 -79.15
C PRO I 568 -22.84 64.44 -80.37
N THR I 569 -22.47 65.66 -80.79
CA THR I 569 -21.64 65.79 -81.99
C THR I 569 -20.26 65.15 -81.82
N MET I 570 -19.68 65.21 -80.62
CA MET I 570 -18.45 64.46 -80.37
C MET I 570 -18.73 62.99 -80.11
N LEU I 571 -19.93 62.68 -79.59
CA LEU I 571 -20.29 61.29 -79.34
C LEU I 571 -20.37 60.50 -80.64
N TYR I 572 -20.86 61.14 -81.70
CA TYR I 572 -20.92 60.47 -83.01
C TYR I 572 -19.52 60.20 -83.53
N ASN I 573 -18.63 61.21 -83.46
CA ASN I 573 -17.26 61.10 -83.93
C ASN I 573 -16.35 60.32 -83.00
N LYS I 574 -16.90 59.65 -81.98
CA LYS I 574 -16.10 58.71 -81.20
C LYS I 574 -15.51 57.66 -82.12
N MET I 575 -14.20 57.51 -82.10
CA MET I 575 -13.54 56.62 -83.06
C MET I 575 -13.78 55.14 -82.78
N GLU I 576 -14.65 54.82 -81.82
CA GLU I 576 -15.06 53.44 -81.58
C GLU I 576 -16.07 52.93 -82.60
N PHE I 577 -16.69 53.82 -83.38
CA PHE I 577 -17.67 53.43 -84.37
C PHE I 577 -17.08 53.19 -85.76
N GLU I 578 -15.84 53.62 -85.98
CA GLU I 578 -15.21 53.49 -87.31
C GLU I 578 -15.24 52.08 -87.88
N PRO I 579 -14.96 51.00 -87.13
CA PRO I 579 -15.08 49.66 -87.74
C PRO I 579 -16.47 49.30 -88.20
N PHE I 580 -17.51 49.70 -87.45
CA PHE I 580 -18.88 49.43 -87.89
C PHE I 580 -19.34 50.41 -88.96
N GLN I 581 -18.89 51.67 -88.87
CA GLN I 581 -19.20 52.64 -89.91
C GLN I 581 -18.61 52.25 -91.26
N SER I 582 -17.56 51.42 -91.27
CA SER I 582 -16.91 51.00 -92.50
C SER I 582 -17.55 49.78 -93.13
N LEU I 583 -18.45 49.10 -92.41
CA LEU I 583 -19.11 47.91 -92.94
C LEU I 583 -20.36 48.26 -93.74
N VAL I 584 -21.12 49.25 -93.31
CA VAL I 584 -22.28 49.71 -94.09
C VAL I 584 -21.79 50.28 -95.42
N PRO I 585 -22.44 49.95 -96.55
CA PRO I 585 -21.96 50.42 -97.85
C PRO I 585 -21.85 51.94 -97.92
N LYS I 586 -20.82 52.41 -98.62
CA LYS I 586 -20.49 53.83 -98.72
C LYS I 586 -21.53 54.65 -99.47
N ALA I 587 -22.60 54.04 -99.98
CA ALA I 587 -23.54 54.78 -100.82
C ALA I 587 -24.61 55.48 -100.00
N ILE I 588 -25.23 54.78 -99.05
CA ILE I 588 -26.35 55.33 -98.31
C ILE I 588 -25.93 55.56 -96.87
N ARG I 589 -24.63 55.77 -96.64
CA ARG I 589 -24.13 55.95 -95.28
C ARG I 589 -24.56 57.29 -94.71
N GLY I 590 -24.32 58.37 -95.44
CA GLY I 590 -24.64 59.69 -94.93
C GLY I 590 -26.13 59.93 -94.78
N GLN I 591 -26.94 59.37 -95.69
CA GLN I 591 -28.39 59.51 -95.58
C GLN I 591 -28.90 58.85 -94.30
N TYR I 592 -28.45 57.63 -94.03
CA TYR I 592 -28.81 56.96 -92.79
C TYR I 592 -28.34 57.75 -91.57
N SER I 593 -27.13 58.30 -91.63
CA SER I 593 -26.64 59.08 -90.50
C SER I 593 -27.53 60.29 -90.23
N GLY I 594 -27.86 61.04 -91.29
CA GLY I 594 -28.74 62.18 -91.12
C GLY I 594 -30.12 61.79 -90.60
N PHE I 595 -30.65 60.66 -91.08
CA PHE I 595 -31.95 60.19 -90.62
C PHE I 595 -31.93 59.84 -89.15
N VAL I 596 -30.91 59.09 -88.70
CA VAL I 596 -30.87 58.71 -87.30
C VAL I 596 -30.64 59.94 -86.42
N ARG I 597 -29.87 60.92 -86.92
CA ARG I 597 -29.64 62.12 -86.13
C ARG I 597 -30.92 62.95 -86.00
N THR I 598 -31.71 63.04 -87.08
CA THR I 598 -32.96 63.77 -86.98
C THR I 598 -33.99 63.02 -86.14
N LEU I 599 -33.97 61.68 -86.15
CA LEU I 599 -34.85 60.93 -85.26
C LEU I 599 -34.47 61.14 -83.80
N PHE I 600 -33.17 61.12 -83.49
CA PHE I 600 -32.74 61.39 -82.12
C PHE I 600 -33.07 62.81 -81.69
N GLN I 601 -32.94 63.78 -82.61
CA GLN I 601 -33.29 65.15 -82.28
C GLN I 601 -34.79 65.28 -82.04
N GLN I 602 -35.61 64.57 -82.83
CA GLN I 602 -37.06 64.55 -82.59
C GLN I 602 -37.37 63.93 -81.23
N MET I 603 -36.66 62.85 -80.87
CA MET I 603 -36.87 62.22 -79.56
C MET I 603 -36.46 63.13 -78.42
N ARG I 604 -35.40 63.93 -78.62
CA ARG I 604 -35.01 64.89 -77.60
C ARG I 604 -36.04 66.00 -77.48
N ASP I 605 -36.63 66.39 -78.62
CA ASP I 605 -37.63 67.45 -78.63
C ASP I 605 -38.93 66.98 -77.99
N VAL I 606 -39.52 65.92 -78.54
CA VAL I 606 -40.77 65.36 -78.03
C VAL I 606 -40.43 64.51 -76.80
N LEU I 607 -40.59 65.09 -75.62
CA LEU I 607 -40.20 64.43 -74.39
C LEU I 607 -41.08 63.20 -74.13
N GLY I 608 -40.48 62.18 -73.51
CA GLY I 608 -41.18 60.98 -73.17
C GLY I 608 -41.37 59.98 -74.29
N THR I 609 -41.33 60.42 -75.54
CA THR I 609 -41.57 59.53 -76.68
C THR I 609 -40.25 59.01 -77.24
N PHE I 610 -39.62 58.13 -76.46
CA PHE I 610 -38.41 57.44 -76.89
C PHE I 610 -38.22 56.19 -76.04
N ASP I 611 -37.83 55.10 -76.69
CA ASP I 611 -37.53 53.84 -76.02
C ASP I 611 -36.05 53.51 -76.20
N THR I 612 -35.42 53.08 -75.10
CA THR I 612 -33.98 52.79 -75.14
C THR I 612 -33.65 51.68 -76.13
N THR I 613 -34.57 50.74 -76.33
CA THR I 613 -34.29 49.64 -77.25
C THR I 613 -34.04 50.15 -78.67
N GLN I 614 -34.94 51.00 -79.17
CA GLN I 614 -34.74 51.55 -80.51
C GLN I 614 -33.56 52.52 -80.57
N ILE I 615 -33.26 53.21 -79.47
CA ILE I 615 -32.10 54.10 -79.49
C ILE I 615 -30.83 53.29 -79.68
N ILE I 616 -30.64 52.22 -78.91
CA ILE I 616 -29.47 51.37 -79.14
C ILE I 616 -29.57 50.70 -80.51
N LYS I 617 -30.79 50.46 -80.98
CA LYS I 617 -31.02 49.79 -82.25
C LYS I 617 -30.56 50.64 -83.43
N LEU I 618 -30.68 51.96 -83.32
CA LEU I 618 -30.41 52.86 -84.43
C LEU I 618 -29.25 53.81 -84.18
N LEU I 619 -28.58 53.73 -83.02
CA LEU I 619 -27.53 54.70 -82.70
C LEU I 619 -26.30 54.56 -83.57
N PRO I 620 -25.62 53.40 -83.64
CA PRO I 620 -24.26 53.36 -84.20
C PRO I 620 -24.16 53.78 -85.66
N PHE I 621 -25.29 54.09 -86.30
CA PHE I 621 -25.27 54.61 -87.66
C PHE I 621 -24.97 56.10 -87.71
N ALA I 622 -25.07 56.81 -86.59
CA ALA I 622 -24.88 58.26 -86.58
C ALA I 622 -23.43 58.67 -86.74
N ALA I 623 -22.48 57.73 -86.75
CA ALA I 623 -21.08 58.07 -86.90
C ALA I 623 -20.73 58.55 -88.30
N ALA I 624 -21.59 58.32 -89.28
CA ALA I 624 -21.29 58.66 -90.66
C ALA I 624 -21.47 60.15 -90.91
N PRO I 625 -20.73 60.73 -91.86
CA PRO I 625 -20.98 62.11 -92.25
C PRO I 625 -22.37 62.24 -92.87
N PRO I 626 -23.28 62.92 -92.18
CA PRO I 626 -24.69 62.88 -92.59
C PRO I 626 -24.97 63.63 -93.88
N LYS I 627 -26.07 63.25 -94.51
CA LYS I 627 -26.65 63.99 -95.62
C LYS I 627 -28.11 64.20 -95.24
N GLN I 628 -28.55 65.46 -95.26
CA GLN I 628 -29.85 65.80 -94.68
C GLN I 628 -30.94 65.36 -95.64
N SER I 629 -31.34 64.09 -95.52
CA SER I 629 -32.40 63.54 -96.35
C SER I 629 -33.75 63.88 -95.75
N ARG I 630 -34.58 64.58 -96.52
CA ARG I 630 -35.96 64.92 -96.14
C ARG I 630 -36.87 63.73 -96.42
N MET I 631 -36.56 62.62 -95.76
CA MET I 631 -37.17 61.33 -96.06
C MET I 631 -37.13 60.45 -94.83
N GLN I 632 -37.84 59.32 -94.89
CA GLN I 632 -37.94 58.39 -93.77
C GLN I 632 -37.46 57.01 -94.21
N PHE I 633 -37.55 56.05 -93.30
CA PHE I 633 -37.04 54.70 -93.55
C PHE I 633 -37.80 53.68 -92.71
N SER I 634 -37.71 52.41 -93.14
CA SER I 634 -38.17 51.29 -92.32
C SER I 634 -37.14 50.19 -92.15
N SER I 635 -36.09 50.13 -92.96
CA SER I 635 -35.10 49.06 -92.87
C SER I 635 -33.71 49.61 -93.18
N LEU I 636 -32.70 49.04 -92.51
CA LEU I 636 -31.31 49.40 -92.73
C LEU I 636 -30.51 48.14 -92.97
N THR I 637 -29.47 48.24 -93.80
CA THR I 637 -28.74 47.07 -94.27
C THR I 637 -27.29 47.13 -93.79
N VAL I 638 -26.72 45.95 -93.52
CA VAL I 638 -25.30 45.82 -93.23
C VAL I 638 -24.78 44.58 -93.94
N ASN I 639 -23.65 44.70 -94.61
CA ASN I 639 -23.06 43.59 -95.35
C ASN I 639 -22.08 42.85 -94.44
N VAL I 640 -22.44 41.63 -94.04
CA VAL I 640 -21.59 40.79 -93.21
C VAL I 640 -21.19 39.56 -94.02
N ARG I 641 -19.88 39.38 -94.18
CA ARG I 641 -19.31 38.21 -94.85
C ARG I 641 -19.95 37.96 -96.22
N GLY I 642 -20.08 39.03 -97.00
CA GLY I 642 -20.79 38.94 -98.26
C GLY I 642 -22.27 39.26 -98.16
N SER I 643 -23.09 38.23 -97.90
CA SER I 643 -24.54 38.41 -97.94
C SER I 643 -24.96 39.50 -96.96
N GLY I 644 -25.96 40.27 -97.36
CA GLY I 644 -26.42 41.39 -96.57
C GLY I 644 -27.51 40.98 -95.59
N MET I 645 -27.38 41.47 -94.36
CA MET I 645 -28.33 41.22 -93.28
C MET I 645 -28.98 42.54 -92.90
N ARG I 646 -30.28 42.48 -92.64
CA ARG I 646 -31.08 43.65 -92.40
C ARG I 646 -31.35 43.85 -90.92
N ILE I 647 -31.68 45.09 -90.57
CA ILE I 647 -32.13 45.45 -89.23
C ILE I 647 -33.26 46.45 -89.38
N LEU I 648 -34.39 46.17 -88.76
CA LEU I 648 -35.55 47.03 -88.88
C LEU I 648 -35.38 48.28 -88.02
N VAL I 649 -36.43 49.09 -87.94
CA VAL I 649 -36.49 50.22 -87.02
C VAL I 649 -37.54 50.00 -85.95
N ARG I 650 -38.37 48.97 -86.08
CA ARG I 650 -39.43 48.64 -85.14
C ARG I 650 -39.36 47.16 -84.82
N GLY I 651 -39.34 46.83 -83.54
CA GLY I 651 -39.29 45.43 -83.13
C GLY I 651 -37.90 44.84 -83.26
N ASN I 652 -37.84 43.52 -83.27
CA ASN I 652 -36.60 42.78 -83.32
C ASN I 652 -36.32 42.25 -84.72
N SER I 653 -35.06 41.92 -84.97
CA SER I 653 -34.59 41.41 -86.24
C SER I 653 -33.54 40.34 -85.98
N PRO I 654 -33.25 39.49 -86.97
CA PRO I 654 -32.16 38.51 -86.78
C PRO I 654 -30.81 39.17 -86.55
N ALA I 655 -30.61 40.40 -87.01
CA ALA I 655 -29.39 41.13 -86.70
C ALA I 655 -29.47 41.82 -85.34
N PHE I 656 -30.69 42.18 -84.90
CA PHE I 656 -30.89 42.86 -83.62
C PHE I 656 -32.13 42.25 -82.97
N ASN I 657 -31.91 41.24 -82.12
CA ASN I 657 -32.99 40.51 -81.46
C ASN I 657 -32.87 40.74 -79.96
N TYR I 658 -33.66 41.68 -79.43
CA TYR I 658 -33.68 41.99 -78.01
C TYR I 658 -35.04 41.55 -77.46
N ASN I 659 -35.02 40.54 -76.59
CA ASN I 659 -36.25 40.12 -75.94
C ASN I 659 -36.69 41.16 -74.92
N LYS I 660 -38.00 41.37 -74.81
CA LYS I 660 -38.51 42.39 -73.91
C LYS I 660 -38.37 41.97 -72.45
N THR I 661 -38.69 40.73 -72.13
CA THR I 661 -38.62 40.24 -70.75
C THR I 661 -37.23 39.73 -70.38
N THR I 662 -36.59 38.96 -71.27
CA THR I 662 -35.27 38.42 -70.97
C THR I 662 -34.21 39.51 -70.84
N LYS I 663 -34.43 40.68 -71.46
CA LYS I 663 -33.52 41.81 -71.45
C LYS I 663 -32.14 41.48 -72.03
N ARG I 664 -31.99 40.31 -72.63
CA ARG I 664 -30.74 39.91 -73.26
C ARG I 664 -30.85 40.17 -74.75
N LEU I 665 -29.75 40.65 -75.33
CA LEU I 665 -29.71 41.00 -76.75
C LEU I 665 -29.07 39.88 -77.54
N THR I 666 -29.75 39.43 -78.60
CA THR I 666 -29.28 38.37 -79.47
C THR I 666 -28.82 39.00 -80.78
N ILE I 667 -27.53 38.91 -81.07
CA ILE I 667 -26.95 39.45 -82.29
C ILE I 667 -26.42 38.28 -83.10
N LEU I 668 -27.20 37.83 -84.08
CA LEU I 668 -26.82 36.71 -84.95
C LEU I 668 -26.58 35.45 -84.13
N GLY I 669 -27.49 35.18 -83.21
CA GLY I 669 -27.40 34.01 -82.35
C GLY I 669 -26.54 34.20 -81.13
N LYS I 670 -25.53 35.07 -81.21
CA LYS I 670 -24.61 35.28 -80.11
C LYS I 670 -25.23 36.21 -79.07
N ASP I 671 -25.10 35.83 -77.80
CA ASP I 671 -25.59 36.66 -76.71
C ASP I 671 -24.66 37.86 -76.51
N ALA I 672 -25.24 39.01 -76.15
CA ALA I 672 -24.42 40.21 -75.97
C ALA I 672 -25.06 41.09 -74.88
N GLY I 673 -24.57 40.92 -73.65
CA GLY I 673 -24.94 41.76 -72.54
C GLY I 673 -26.41 41.82 -72.18
N THR I 674 -26.74 42.65 -71.18
CA THR I 674 -28.11 42.87 -70.76
C THR I 674 -28.15 44.09 -69.85
N LEU I 675 -29.30 44.78 -69.86
CA LEU I 675 -29.50 45.96 -69.03
C LEU I 675 -30.95 46.06 -68.56
N GLY I 693 -18.99 52.08 -49.93
CA GLY I 693 -18.81 52.72 -48.65
C GLY I 693 -18.82 54.24 -48.73
N PHE I 694 -17.82 54.87 -48.12
CA PHE I 694 -17.76 56.33 -48.03
C PHE I 694 -16.32 56.78 -48.20
N LEU I 695 -16.08 58.05 -47.87
CA LEU I 695 -14.76 58.66 -47.95
C LEU I 695 -14.44 59.36 -46.64
N ILE I 696 -13.14 59.50 -46.37
CA ILE I 696 -12.64 60.06 -45.11
C ILE I 696 -12.61 61.59 -45.23
N LEU I 697 -13.15 62.27 -44.21
CA LEU I 697 -13.13 63.72 -44.15
C LEU I 697 -12.05 64.27 -43.24
N GLY I 698 -11.35 63.41 -42.49
CA GLY I 698 -10.33 63.81 -41.56
C GLY I 698 -10.37 62.93 -40.33
N LYS I 699 -9.67 63.35 -39.28
CA LYS I 699 -9.52 62.54 -38.08
C LYS I 699 -10.81 62.55 -37.26
N GLU I 700 -10.76 61.92 -36.08
CA GLU I 700 -11.89 61.90 -35.17
C GLU I 700 -12.16 63.29 -34.58
N ASP I 701 -13.41 63.74 -34.71
CA ASP I 701 -13.83 65.02 -34.16
C ASP I 701 -15.02 64.78 -33.26
N ARG I 702 -14.87 65.13 -31.97
CA ARG I 702 -15.88 64.82 -30.96
C ARG I 702 -17.19 65.57 -31.17
N ARG I 703 -17.26 66.49 -32.13
CA ARG I 703 -18.49 67.24 -32.36
C ARG I 703 -19.63 66.32 -32.78
N TYR I 704 -19.48 65.67 -33.93
CA TYR I 704 -20.60 64.99 -34.61
C TYR I 704 -20.86 63.63 -33.96
N GLY I 705 -21.25 63.69 -32.69
CA GLY I 705 -21.63 62.52 -31.93
C GLY I 705 -20.46 61.65 -31.55
N PRO I 706 -20.74 60.51 -30.92
CA PRO I 706 -19.67 59.59 -30.52
C PRO I 706 -19.30 58.67 -31.67
N ALA I 707 -18.21 57.91 -31.45
CA ALA I 707 -17.69 57.03 -32.47
C ALA I 707 -18.62 55.85 -32.74
N LEU I 708 -18.65 55.42 -34.00
CA LEU I 708 -19.45 54.29 -34.44
C LEU I 708 -18.55 53.15 -34.89
N SER I 709 -19.10 51.94 -34.86
CA SER I 709 -18.47 50.79 -35.50
C SER I 709 -18.88 50.75 -36.97
N ILE I 710 -18.29 49.84 -37.72
CA ILE I 710 -18.60 49.76 -39.15
C ILE I 710 -19.84 48.88 -39.26
N ASN I 711 -20.99 49.46 -38.93
CA ASN I 711 -22.28 48.88 -39.33
C ASN I 711 -23.30 50.02 -39.29
N GLU I 712 -23.51 50.65 -40.44
CA GLU I 712 -24.43 51.77 -40.54
C GLU I 712 -25.24 51.68 -41.82
N LEU I 713 -25.27 50.50 -42.46
CA LEU I 713 -26.09 50.31 -43.65
C LEU I 713 -27.56 50.60 -43.37
N SER I 714 -28.00 50.44 -42.12
CA SER I 714 -29.32 50.90 -41.72
C SER I 714 -29.27 52.26 -41.04
N ASN I 715 -28.12 52.63 -40.49
CA ASN I 715 -27.88 53.93 -39.87
C ASN I 715 -27.42 54.99 -40.88
N LEU I 716 -27.40 54.66 -42.16
CA LEU I 716 -27.09 55.65 -43.19
C LEU I 716 -28.34 56.51 -43.38
N ALA I 717 -28.25 57.77 -42.99
CA ALA I 717 -29.36 58.69 -43.10
C ALA I 717 -29.24 59.44 -44.42
N LYS I 718 -30.02 60.50 -44.59
CA LYS I 718 -29.92 61.33 -45.78
C LYS I 718 -28.52 61.92 -45.97
N GLY I 719 -28.08 62.78 -45.06
CA GLY I 719 -26.81 63.45 -45.25
C GLY I 719 -25.94 63.64 -44.02
N GLU I 720 -26.01 62.71 -43.07
CA GLU I 720 -25.31 62.89 -41.80
C GLU I 720 -23.85 62.46 -41.88
N LYS I 721 -22.99 63.22 -41.21
CA LYS I 721 -21.59 62.86 -41.01
C LYS I 721 -21.46 61.98 -39.78
N ALA I 722 -20.50 61.06 -39.82
CA ALA I 722 -20.31 60.18 -38.68
C ALA I 722 -18.84 59.78 -38.58
N ASN I 723 -18.35 59.69 -37.35
CA ASN I 723 -17.00 59.25 -37.08
C ASN I 723 -16.98 57.74 -36.82
N VAL I 724 -16.12 57.03 -37.55
CA VAL I 724 -16.10 55.58 -37.47
C VAL I 724 -14.65 55.11 -37.40
N LEU I 725 -14.44 54.00 -36.68
CA LEU I 725 -13.13 53.36 -36.61
C LEU I 725 -12.97 52.44 -37.81
N ILE I 726 -12.02 52.77 -38.68
CA ILE I 726 -11.72 51.95 -39.85
C ILE I 726 -10.51 51.09 -39.52
N GLY I 727 -10.54 49.84 -39.96
CA GLY I 727 -9.44 48.94 -39.67
C GLY I 727 -9.31 48.72 -38.17
N GLN I 728 -8.06 48.76 -37.69
CA GLN I 728 -7.75 48.63 -36.28
C GLN I 728 -6.99 49.85 -35.78
N GLY I 729 -7.21 51.00 -36.41
CA GLY I 729 -6.50 52.21 -36.07
C GLY I 729 -7.33 53.25 -35.35
N ASP I 730 -7.43 54.45 -35.92
CA ASP I 730 -8.12 55.55 -35.27
C ASP I 730 -9.51 55.72 -35.84
N VAL I 731 -10.18 56.78 -35.42
CA VAL I 731 -11.53 57.12 -35.88
C VAL I 731 -11.42 58.26 -36.87
N VAL I 732 -12.17 58.17 -37.97
CA VAL I 732 -12.15 59.19 -39.01
C VAL I 732 -13.57 59.65 -39.30
N LEU I 733 -13.68 60.90 -39.73
CA LEU I 733 -14.96 61.43 -40.16
C LEU I 733 -15.36 60.80 -41.49
N VAL I 734 -16.67 60.77 -41.72
CA VAL I 734 -17.24 60.10 -42.88
C VAL I 734 -18.49 60.84 -43.33
N MET I 735 -18.60 61.05 -44.65
CA MET I 735 -19.79 61.63 -45.29
C MET I 735 -20.29 60.67 -46.37
N LYS I 736 -21.29 61.10 -47.13
CA LYS I 736 -21.90 60.27 -48.15
C LYS I 736 -21.03 60.27 -49.41
N ARG I 737 -21.59 59.77 -50.52
CA ARG I 737 -20.90 59.73 -51.80
C ARG I 737 -21.78 60.41 -52.85
N LYS I 738 -21.15 60.94 -53.88
CA LYS I 738 -21.87 61.59 -54.99
C LYS I 738 -21.38 61.21 -56.38
N ARG I 739 -20.22 60.56 -56.50
CA ARG I 739 -19.66 60.22 -57.80
C ARG I 739 -18.96 58.87 -57.70
N ASP I 740 -18.45 58.39 -58.84
CA ASP I 740 -17.97 57.01 -58.94
C ASP I 740 -16.45 56.90 -58.84
N SER I 741 -15.72 57.69 -59.62
CA SER I 741 -14.26 57.74 -59.61
C SER I 741 -13.63 56.36 -59.88
N SER I 742 -13.86 55.88 -61.11
CA SER I 742 -13.32 54.60 -61.53
C SER I 742 -12.00 54.81 -62.28
N ILE I 743 -11.45 53.73 -62.83
CA ILE I 743 -10.18 53.76 -63.55
C ILE I 743 -10.38 53.93 -65.06
N LEU I 744 -11.59 54.29 -65.49
CA LEU I 744 -11.89 54.37 -66.92
C LEU I 744 -11.33 55.65 -67.53
N THR I 745 -11.82 56.02 -68.72
CA THR I 745 -11.21 57.07 -69.52
C THR I 745 -10.94 58.36 -68.75
N ASP I 746 -11.60 58.57 -67.60
CA ASP I 746 -11.26 59.71 -66.75
C ASP I 746 -9.77 59.76 -66.44
N SER I 747 -9.12 58.60 -66.32
CA SER I 747 -7.67 58.59 -66.10
C SER I 747 -6.92 58.97 -67.36
N GLN I 748 -7.49 58.73 -68.54
CA GLN I 748 -6.86 59.07 -69.80
C GLN I 748 -7.22 60.47 -70.27
N THR I 749 -8.23 61.10 -69.67
CA THR I 749 -8.60 62.46 -70.03
C THR I 749 -7.52 63.46 -69.64
N ALA I 750 -6.65 63.10 -68.69
CA ALA I 750 -5.55 63.97 -68.34
C ALA I 750 -4.70 64.27 -69.57
N THR I 751 -4.54 63.29 -70.45
CA THR I 751 -3.78 63.46 -71.69
C THR I 751 -4.38 64.52 -72.60
N LYS I 752 -5.59 65.00 -72.32
CA LYS I 752 -6.18 66.10 -73.07
C LYS I 752 -5.91 67.46 -72.46
N ARG I 753 -5.57 67.53 -71.18
CA ARG I 753 -5.14 68.78 -70.58
C ARG I 753 -3.64 68.83 -70.34
N ILE I 754 -2.99 67.70 -70.35
CA ILE I 754 -1.54 67.66 -70.50
C ILE I 754 -1.30 67.49 -72.00
N ARG I 755 -0.18 67.99 -72.50
CA ARG I 755 0.12 67.90 -73.93
C ARG I 755 -1.01 68.54 -74.75
N MET I 756 -1.53 69.66 -74.26
CA MET I 756 -2.65 70.34 -74.89
C MET I 756 -2.36 70.74 -76.33
N MET J 1 20.16 90.08 -97.66
CA MET J 1 19.22 88.96 -97.75
C MET J 1 18.58 88.66 -96.40
N GLU J 2 19.41 88.50 -95.38
CA GLU J 2 18.91 88.08 -94.07
C GLU J 2 17.92 89.08 -93.50
N ASP J 3 18.23 90.38 -93.59
CA ASP J 3 17.33 91.39 -93.05
C ASP J 3 15.99 91.35 -93.76
N PHE J 4 15.99 91.13 -95.07
CA PHE J 4 14.73 90.98 -95.80
C PHE J 4 13.96 89.75 -95.33
N VAL J 5 14.68 88.64 -95.10
CA VAL J 5 14.02 87.43 -94.60
C VAL J 5 13.36 87.69 -93.26
N ARG J 6 14.07 88.39 -92.37
CA ARG J 6 13.50 88.80 -91.10
C ARG J 6 12.44 89.88 -91.25
N GLN J 7 12.33 90.48 -92.44
CA GLN J 7 11.35 91.52 -92.73
C GLN J 7 10.02 90.93 -93.20
N CYS J 8 10.07 90.01 -94.15
CA CYS J 8 8.87 89.46 -94.78
C CYS J 8 8.32 88.24 -94.04
N PHE J 9 8.77 87.98 -92.81
CA PHE J 9 8.28 86.87 -92.03
C PHE J 9 8.14 87.29 -90.58
N ASN J 10 7.21 86.65 -89.87
CA ASN J 10 7.12 86.85 -88.44
C ASN J 10 8.29 86.15 -87.75
N PRO J 11 8.79 86.71 -86.65
CA PRO J 11 9.98 86.13 -86.00
C PRO J 11 9.77 84.73 -85.45
N MET J 12 8.54 84.24 -85.35
CA MET J 12 8.32 82.90 -84.84
C MET J 12 8.71 81.85 -85.88
N ILE J 13 8.29 82.03 -87.12
CA ILE J 13 8.72 81.14 -88.19
C ILE J 13 10.22 81.25 -88.39
N VAL J 14 10.78 82.45 -88.23
CA VAL J 14 12.22 82.63 -88.34
C VAL J 14 12.95 81.82 -87.27
N GLU J 15 12.47 81.90 -86.03
CA GLU J 15 13.10 81.13 -84.95
C GLU J 15 12.94 79.64 -85.15
N LEU J 16 11.79 79.21 -85.66
CA LEU J 16 11.56 77.79 -85.91
C LEU J 16 12.51 77.27 -87.00
N ALA J 17 12.65 78.03 -88.10
CA ALA J 17 13.57 77.63 -89.15
C ALA J 17 15.01 77.67 -88.68
N GLU J 18 15.36 78.63 -87.81
CA GLU J 18 16.71 78.70 -87.27
C GLU J 18 17.03 77.48 -86.41
N LYS J 19 16.08 77.06 -85.57
CA LYS J 19 16.28 75.85 -84.79
C LYS J 19 16.35 74.61 -85.68
N ALA J 20 15.47 74.52 -86.69
CA ALA J 20 15.52 73.39 -87.60
C ALA J 20 16.79 73.37 -88.43
N MET J 21 17.46 74.52 -88.57
CA MET J 21 18.74 74.58 -89.25
C MET J 21 19.91 74.32 -88.31
N LYS J 22 19.72 74.59 -87.02
CA LYS J 22 20.73 74.29 -86.00
C LYS J 22 20.78 72.81 -85.64
N GLU J 23 20.04 71.96 -86.36
CA GLU J 23 20.02 70.55 -86.04
C GLU J 23 21.31 69.86 -86.46
N TYR J 24 21.80 70.16 -87.66
CA TYR J 24 23.02 69.56 -88.20
C TYR J 24 24.04 70.64 -88.55
N GLY J 25 24.13 71.66 -87.69
CA GLY J 25 25.09 72.72 -87.88
C GLY J 25 24.88 73.56 -89.11
N GLU J 26 23.70 73.51 -89.72
CA GLU J 26 23.48 74.30 -90.93
C GLU J 26 23.32 75.76 -90.53
N ASP J 27 24.43 76.47 -90.44
CA ASP J 27 24.42 77.87 -90.02
C ASP J 27 23.79 78.76 -91.08
N LEU J 28 22.97 79.71 -90.64
CA LEU J 28 22.26 80.61 -91.55
C LEU J 28 23.19 81.62 -92.23
N LYS J 29 24.42 81.78 -91.74
CA LYS J 29 25.31 82.76 -92.35
C LYS J 29 25.66 82.39 -93.79
N ILE J 30 25.75 81.10 -94.08
CA ILE J 30 26.12 80.62 -95.41
C ILE J 30 24.91 80.18 -96.22
N GLU J 31 24.04 79.36 -95.63
CA GLU J 31 22.91 78.76 -96.35
C GLU J 31 21.70 79.70 -96.38
N THR J 32 21.91 80.91 -96.87
CA THR J 32 20.83 81.89 -96.92
C THR J 32 19.72 81.46 -97.87
N ASN J 33 20.08 80.82 -98.98
CA ASN J 33 19.06 80.35 -99.92
C ASN J 33 18.17 79.29 -99.28
N LYS J 34 18.76 78.35 -98.54
CA LYS J 34 17.94 77.40 -97.80
C LYS J 34 17.17 78.10 -96.69
N PHE J 35 17.73 79.15 -96.08
CA PHE J 35 16.99 79.92 -95.10
C PHE J 35 15.69 80.42 -95.70
N ALA J 36 15.77 81.08 -96.87
CA ALA J 36 14.58 81.57 -97.54
C ALA J 36 13.63 80.43 -97.89
N ALA J 37 14.17 79.32 -98.40
CA ALA J 37 13.33 78.20 -98.81
C ALA J 37 12.60 77.59 -97.62
N ILE J 38 13.28 77.44 -96.49
CA ILE J 38 12.67 76.83 -95.31
C ILE J 38 11.63 77.75 -94.70
N CYS J 39 11.93 79.05 -94.60
CA CYS J 39 10.93 79.99 -94.09
C CYS J 39 9.70 80.00 -94.97
N THR J 40 9.89 80.00 -96.30
CA THR J 40 8.77 79.95 -97.22
C THR J 40 7.98 78.66 -97.04
N HIS J 41 8.68 77.52 -96.90
CA HIS J 41 8.02 76.24 -96.68
C HIS J 41 7.13 76.29 -95.46
N LEU J 42 7.66 76.80 -94.34
CA LEU J 42 6.90 76.80 -93.10
C LEU J 42 5.70 77.73 -93.18
N GLU J 43 5.89 78.94 -93.71
CA GLU J 43 4.75 79.86 -93.78
C GLU J 43 3.71 79.40 -94.79
N VAL J 44 4.12 78.75 -95.88
CA VAL J 44 3.17 78.18 -96.82
C VAL J 44 2.34 77.09 -96.16
N CYS J 45 3.00 76.19 -95.43
CA CYS J 45 2.26 75.15 -94.71
C CYS J 45 1.29 75.77 -93.72
N PHE J 46 1.71 76.82 -93.03
CA PHE J 46 0.85 77.46 -92.03
C PHE J 46 -0.38 78.07 -92.68
N MET J 47 -0.19 78.94 -93.69
CA MET J 47 -1.34 79.54 -94.35
C MET J 47 -2.18 78.51 -95.09
N TYR J 48 -1.64 77.33 -95.38
CA TYR J 48 -2.46 76.27 -95.96
C TYR J 48 -3.35 75.64 -94.90
N SER J 49 -2.82 75.38 -93.72
CA SER J 49 -3.57 74.68 -92.68
C SER J 49 -4.42 75.61 -91.82
N ASP J 50 -4.11 76.90 -91.78
CA ASP J 50 -4.76 77.80 -90.85
C ASP J 50 -6.23 78.04 -91.20
N PHE J 51 -7.03 78.27 -90.16
CA PHE J 51 -8.39 78.81 -90.29
C PHE J 51 -9.31 77.89 -91.07
N HIS J 52 -9.13 76.58 -90.95
CA HIS J 52 -9.93 75.59 -91.66
C HIS J 52 -10.55 74.64 -90.65
N PHE J 53 -11.87 74.72 -90.49
CA PHE J 53 -12.57 73.87 -89.55
C PHE J 53 -13.52 72.93 -90.28
N ILE J 54 -14.04 71.96 -89.54
CA ILE J 54 -15.00 70.99 -90.05
C ILE J 54 -16.34 71.27 -89.39
N ASN J 55 -17.36 71.51 -90.22
CA ASN J 55 -18.68 71.84 -89.74
C ASN J 55 -19.24 70.67 -88.91
N GLU J 56 -20.40 70.91 -88.29
CA GLU J 56 -21.04 69.85 -87.51
C GLU J 56 -21.33 68.62 -88.37
N GLN J 57 -21.58 68.81 -89.67
CA GLN J 57 -21.75 67.72 -90.60
C GLN J 57 -20.41 67.42 -91.28
N GLY J 58 -20.43 66.57 -92.31
CA GLY J 58 -19.21 66.18 -92.98
C GLY J 58 -18.79 67.09 -94.11
N GLU J 59 -18.52 68.35 -93.80
CA GLU J 59 -18.01 69.30 -94.78
C GLU J 59 -17.09 70.29 -94.09
N SER J 60 -16.26 70.95 -94.88
CA SER J 60 -15.30 71.91 -94.37
C SER J 60 -15.83 73.34 -94.49
N ILE J 61 -15.46 74.17 -93.53
CA ILE J 61 -15.85 75.57 -93.48
C ILE J 61 -14.67 76.40 -93.01
N VAL J 62 -14.83 77.73 -93.09
CA VAL J 62 -13.80 78.68 -92.71
C VAL J 62 -14.27 79.40 -91.45
N VAL J 63 -13.29 79.86 -90.67
CA VAL J 63 -13.55 80.54 -89.40
C VAL J 63 -12.50 81.63 -89.21
N GLU J 64 -12.69 82.43 -88.16
CA GLU J 64 -11.86 83.60 -87.90
C GLU J 64 -10.50 83.19 -87.32
N LEU J 65 -9.80 84.16 -86.73
CA LEU J 65 -8.44 83.96 -86.23
C LEU J 65 -8.38 84.02 -84.72
N ASP J 66 -9.26 83.29 -84.03
CA ASP J 66 -9.34 83.37 -82.58
C ASP J 66 -9.62 81.99 -81.99
N ASP J 67 -10.01 81.99 -80.72
CA ASP J 67 -10.40 80.88 -79.86
C ASP J 67 -11.22 79.79 -80.53
N PRO J 68 -10.76 78.53 -80.45
CA PRO J 68 -11.50 77.42 -81.06
C PRO J 68 -12.82 77.17 -80.36
N ASN J 69 -13.91 77.61 -81.00
CA ASN J 69 -15.26 77.51 -80.45
C ASN J 69 -15.85 76.12 -80.61
N ALA J 70 -17.18 76.03 -80.54
CA ALA J 70 -17.96 74.79 -80.61
C ALA J 70 -17.53 73.86 -81.75
N LEU J 71 -16.70 74.34 -82.67
CA LEU J 71 -16.13 73.52 -83.72
C LEU J 71 -14.63 73.47 -83.46
N LEU J 72 -14.11 72.27 -83.23
CA LEU J 72 -12.73 72.08 -82.84
C LEU J 72 -11.92 71.21 -83.80
N LYS J 73 -12.57 70.52 -84.75
CA LYS J 73 -11.84 69.66 -85.67
C LYS J 73 -10.95 70.52 -86.55
N HIS J 74 -9.65 70.53 -86.26
CA HIS J 74 -8.72 71.45 -86.91
C HIS J 74 -8.47 71.13 -88.38
N ARG J 75 -9.01 70.01 -88.88
CA ARG J 75 -9.06 69.68 -90.29
C ARG J 75 -7.67 69.42 -90.87
N PHE J 76 -6.63 69.70 -90.09
CA PHE J 76 -5.25 69.58 -90.55
C PHE J 76 -4.33 69.48 -89.34
N GLU J 77 -3.42 68.53 -89.38
CA GLU J 77 -2.39 68.37 -88.35
C GLU J 77 -1.05 68.73 -88.95
N ILE J 78 -0.39 69.73 -88.36
CA ILE J 78 0.90 70.23 -88.84
C ILE J 78 2.01 69.34 -88.32
N ILE J 79 2.98 69.02 -89.18
CA ILE J 79 4.06 68.10 -88.87
C ILE J 79 5.43 68.79 -88.92
N GLU J 80 5.68 69.56 -89.98
CA GLU J 80 7.02 70.09 -90.22
C GLU J 80 7.45 71.10 -89.16
N GLY J 81 6.50 71.82 -88.56
CA GLY J 81 6.86 72.82 -87.57
C GLY J 81 7.45 72.26 -86.29
N ARG J 82 7.29 70.96 -86.04
CA ARG J 82 7.74 70.37 -84.80
C ARG J 82 9.10 69.71 -84.97
N ASP J 83 9.63 69.20 -83.86
CA ASP J 83 10.88 68.48 -83.88
C ASP J 83 10.68 67.08 -84.49
N ARG J 84 11.81 66.42 -84.77
CA ARG J 84 11.79 65.10 -85.37
C ARG J 84 10.99 64.11 -84.53
N THR J 85 11.28 64.05 -83.23
CA THR J 85 10.66 63.05 -82.36
C THR J 85 9.15 63.24 -82.26
N MET J 86 8.71 64.47 -81.96
CA MET J 86 7.27 64.71 -81.84
C MET J 86 6.55 64.49 -83.16
N ALA J 87 7.17 64.91 -84.27
CA ALA J 87 6.55 64.71 -85.57
C ALA J 87 6.34 63.22 -85.85
N TRP J 88 7.40 62.42 -85.67
CA TRP J 88 7.28 60.98 -85.92
C TRP J 88 6.29 60.34 -84.96
N THR J 89 6.24 60.81 -83.71
CA THR J 89 5.30 60.25 -82.74
C THR J 89 3.86 60.53 -83.14
N VAL J 90 3.56 61.77 -83.53
CA VAL J 90 2.20 62.10 -83.94
C VAL J 90 1.83 61.35 -85.20
N VAL J 91 2.79 61.18 -86.13
CA VAL J 91 2.53 60.43 -87.35
C VAL J 91 2.15 58.99 -87.01
N ASN J 92 2.93 58.36 -86.13
CA ASN J 92 2.63 56.98 -85.73
C ASN J 92 1.27 56.89 -85.04
N SER J 93 0.97 57.87 -84.18
CA SER J 93 -0.32 57.87 -83.47
C SER J 93 -1.48 57.93 -84.45
N ILE J 94 -1.44 58.87 -85.40
CA ILE J 94 -2.56 59.00 -86.32
C ILE J 94 -2.60 57.83 -87.28
N CYS J 95 -1.45 57.23 -87.58
CA CYS J 95 -1.43 56.07 -88.47
C CYS J 95 -2.08 54.85 -87.81
N ASN J 96 -1.81 54.61 -86.53
CA ASN J 96 -2.45 53.51 -85.84
C ASN J 96 -3.92 53.77 -85.55
N THR J 97 -4.28 55.01 -85.24
CA THR J 97 -5.68 55.30 -84.95
C THR J 97 -6.52 55.26 -86.22
N THR J 98 -5.94 55.61 -87.36
CA THR J 98 -6.65 55.62 -88.63
C THR J 98 -6.39 54.39 -89.48
N GLY J 99 -5.29 53.67 -89.22
CA GLY J 99 -4.96 52.49 -90.01
C GLY J 99 -4.19 52.77 -91.27
N ALA J 100 -3.53 53.92 -91.37
CA ALA J 100 -2.75 54.28 -92.55
C ALA J 100 -1.29 53.88 -92.38
N GLU J 101 -0.72 53.30 -93.43
CA GLU J 101 0.68 52.89 -93.40
C GLU J 101 1.59 54.10 -93.28
N LYS J 102 2.50 54.07 -92.30
CA LYS J 102 3.38 55.20 -92.06
C LYS J 102 4.37 55.34 -93.22
N PRO J 103 4.60 56.56 -93.70
CA PRO J 103 5.59 56.76 -94.76
C PRO J 103 7.01 56.77 -94.21
N LYS J 104 7.94 56.25 -95.01
CA LYS J 104 9.33 56.20 -94.57
C LYS J 104 9.95 57.59 -94.55
N PHE J 105 9.54 58.47 -95.46
CA PHE J 105 9.98 59.86 -95.44
C PHE J 105 8.98 60.70 -94.67
N LEU J 106 9.50 61.61 -93.86
CA LEU J 106 8.70 62.39 -92.92
C LEU J 106 7.79 63.36 -93.66
N PRO J 107 6.47 63.21 -93.59
CA PRO J 107 5.56 64.15 -94.26
C PRO J 107 5.36 65.42 -93.43
N ASP J 108 4.70 66.40 -94.05
CA ASP J 108 4.58 67.73 -93.46
C ASP J 108 3.18 68.08 -92.98
N LEU J 109 2.15 67.36 -93.40
CA LEU J 109 0.79 67.67 -92.98
C LEU J 109 -0.06 66.42 -93.07
N TYR J 110 -1.16 66.40 -92.30
CA TYR J 110 -2.13 65.32 -92.37
C TYR J 110 -3.53 65.90 -92.41
N ASP J 111 -4.35 65.38 -93.32
CA ASP J 111 -5.74 65.80 -93.48
C ASP J 111 -6.66 64.81 -92.76
N TYR J 112 -7.79 65.32 -92.28
CA TYR J 112 -8.78 64.48 -91.61
C TYR J 112 -9.96 64.10 -92.50
N LYS J 113 -10.41 65.02 -93.36
CA LYS J 113 -11.55 64.71 -94.22
C LYS J 113 -11.20 63.62 -95.22
N GLU J 114 -10.23 63.88 -96.09
CA GLU J 114 -9.78 62.88 -97.05
C GLU J 114 -8.95 61.79 -96.40
N ASN J 115 -8.56 61.96 -95.13
CA ASN J 115 -7.73 60.99 -94.41
C ASN J 115 -6.41 60.73 -95.17
N ARG J 116 -5.84 61.80 -95.71
CA ARG J 116 -4.64 61.74 -96.52
C ARG J 116 -3.49 62.47 -95.84
N PHE J 117 -2.28 62.11 -96.25
CA PHE J 117 -1.05 62.74 -95.77
C PHE J 117 -0.62 63.75 -96.82
N ILE J 118 -0.88 65.02 -96.54
CA ILE J 118 -0.54 66.10 -97.47
C ILE J 118 0.90 66.53 -97.23
N GLU J 119 1.70 66.53 -98.30
CA GLU J 119 3.05 67.10 -98.26
C GLU J 119 3.13 68.19 -99.31
N ILE J 120 3.66 69.34 -98.92
CA ILE J 120 3.68 70.53 -99.76
C ILE J 120 5.11 70.87 -100.12
N GLY J 121 5.33 71.22 -101.38
CA GLY J 121 6.65 71.60 -101.85
C GLY J 121 6.64 72.89 -102.65
N VAL J 122 7.46 73.85 -102.24
CA VAL J 122 7.57 75.14 -102.90
C VAL J 122 8.84 75.13 -103.74
N THR J 123 8.69 75.32 -105.05
CA THR J 123 9.83 75.27 -105.96
C THR J 123 9.85 76.51 -106.84
N ARG J 124 11.03 76.78 -107.41
CA ARG J 124 11.19 77.89 -108.35
C ARG J 124 11.14 77.45 -109.81
N ARG J 125 11.61 76.24 -110.12
CA ARG J 125 11.69 75.78 -111.51
C ARG J 125 10.32 75.31 -111.99
N GLU J 126 10.30 74.64 -113.14
CA GLU J 126 9.08 74.07 -113.68
C GLU J 126 8.47 73.09 -112.68
N VAL J 127 7.17 73.27 -112.39
CA VAL J 127 6.52 72.47 -111.37
C VAL J 127 6.36 71.02 -111.80
N HIS J 128 6.30 70.77 -113.10
CA HIS J 128 6.05 69.42 -113.60
C HIS J 128 7.20 68.47 -113.24
N ILE J 129 8.44 68.92 -113.45
CA ILE J 129 9.59 68.07 -113.16
C ILE J 129 9.72 67.84 -111.66
N TYR J 130 9.47 68.88 -110.85
CA TYR J 130 9.54 68.71 -109.41
C TYR J 130 8.49 67.74 -108.92
N TYR J 131 7.28 67.80 -109.49
CA TYR J 131 6.24 66.85 -109.11
C TYR J 131 6.62 65.44 -109.50
N LEU J 132 7.19 65.27 -110.70
CA LEU J 132 7.61 63.94 -111.13
C LEU J 132 8.71 63.39 -110.25
N GLU J 133 9.66 64.23 -109.83
CA GLU J 133 10.76 63.75 -108.99
C GLU J 133 10.27 63.43 -107.57
N LYS J 134 9.43 64.28 -106.99
CA LYS J 134 8.86 63.97 -105.68
C LYS J 134 8.01 62.71 -105.75
N ALA J 135 7.39 62.42 -106.89
CA ALA J 135 6.68 61.17 -107.05
C ALA J 135 7.65 59.99 -107.17
N ASN J 136 8.79 60.22 -107.82
CA ASN J 136 9.80 59.18 -107.94
C ASN J 136 10.41 58.84 -106.59
N LYS J 137 10.42 59.79 -105.65
CA LYS J 137 10.91 59.47 -104.31
C LYS J 137 9.83 58.82 -103.46
N ILE J 138 8.57 59.21 -103.62
CA ILE J 138 7.46 58.71 -102.82
C ILE J 138 6.42 58.16 -103.79
N LYS J 139 6.37 56.84 -103.90
CA LYS J 139 5.45 56.16 -104.81
C LYS J 139 4.82 54.98 -104.09
N SER J 140 3.75 54.45 -104.68
CA SER J 140 3.02 53.26 -104.24
C SER J 140 2.33 53.44 -102.90
N GLU J 141 2.33 54.64 -102.32
CA GLU J 141 1.65 54.90 -101.07
C GLU J 141 0.61 55.99 -101.24
N ASN J 142 -0.48 55.88 -100.48
CA ASN J 142 -1.56 56.87 -100.52
C ASN J 142 -1.10 58.09 -99.72
N THR J 143 -0.33 58.95 -100.39
CA THR J 143 0.20 60.17 -99.80
C THR J 143 0.06 61.30 -100.79
N HIS J 144 -0.74 62.31 -100.44
CA HIS J 144 -1.05 63.40 -101.36
C HIS J 144 0.12 64.38 -101.43
N ILE J 145 0.47 64.77 -102.66
CA ILE J 145 1.55 65.72 -102.92
C ILE J 145 0.95 66.98 -103.51
N HIS J 146 1.42 68.14 -103.05
CA HIS J 146 0.93 69.42 -103.54
C HIS J 146 2.12 70.35 -103.72
N ILE J 147 2.33 70.84 -104.93
CA ILE J 147 3.52 71.63 -105.26
C ILE J 147 3.08 73.00 -105.77
N PHE J 148 3.69 74.04 -105.20
CA PHE J 148 3.47 75.42 -105.60
C PHE J 148 4.75 76.03 -106.13
N SER J 149 4.58 77.10 -106.92
CA SER J 149 5.68 77.88 -107.44
C SER J 149 5.37 79.36 -107.27
N PHE J 150 6.39 80.19 -107.47
CA PHE J 150 6.23 81.63 -107.32
C PHE J 150 5.63 82.30 -108.55
N THR J 151 5.76 81.67 -109.73
CA THR J 151 5.26 82.26 -110.96
C THR J 151 3.73 82.27 -111.04
N GLY J 152 3.05 81.57 -110.13
CA GLY J 152 1.60 81.47 -110.14
C GLY J 152 1.08 80.09 -110.45
N GLU J 153 1.90 79.22 -111.02
CA GLU J 153 1.47 77.87 -111.34
C GLU J 153 1.22 77.08 -110.06
N GLU J 154 0.58 75.92 -110.22
CA GLU J 154 0.15 75.10 -109.10
C GLU J 154 -0.15 73.70 -109.60
N MET J 155 0.31 72.69 -108.87
CA MET J 155 0.13 71.30 -109.30
C MET J 155 -0.17 70.43 -108.09
N ALA J 156 -1.37 69.87 -108.04
CA ALA J 156 -1.74 68.92 -107.01
C ALA J 156 -1.80 67.52 -107.60
N THR J 157 -2.03 66.55 -106.73
CA THR J 157 -2.10 65.16 -107.16
C THR J 157 -3.48 64.87 -107.73
N LYS J 158 -3.53 64.46 -108.99
CA LYS J 158 -4.78 64.09 -109.66
C LYS J 158 -5.79 65.23 -109.65
N ALA J 159 -5.30 66.45 -109.90
CA ALA J 159 -6.13 67.66 -110.01
C ALA J 159 -6.99 67.90 -108.77
N ASP J 160 -6.62 67.35 -107.62
CA ASP J 160 -7.39 67.53 -106.39
C ASP J 160 -6.75 68.64 -105.57
N TYR J 161 -7.01 69.88 -105.98
CA TYR J 161 -6.57 71.07 -105.26
C TYR J 161 -7.42 71.18 -104.00
N THR J 162 -7.06 70.36 -103.01
CA THR J 162 -7.91 70.05 -101.86
C THR J 162 -7.91 71.20 -100.85
N LEU J 163 -8.52 72.31 -101.27
CA LEU J 163 -8.72 73.45 -100.37
C LEU J 163 -9.74 74.39 -101.02
N ASP J 164 -10.09 75.44 -100.27
CA ASP J 164 -10.94 76.49 -100.79
C ASP J 164 -10.20 77.28 -101.87
N GLU J 165 -10.96 78.07 -102.63
CA GLU J 165 -10.35 78.83 -103.72
C GLU J 165 -9.56 80.02 -103.20
N GLU J 166 -10.19 80.83 -102.33
CA GLU J 166 -9.50 82.04 -101.86
C GLU J 166 -8.35 81.69 -100.92
N SER J 167 -8.51 80.67 -100.08
CA SER J 167 -7.45 80.32 -99.13
C SER J 167 -6.20 79.83 -99.84
N ARG J 168 -6.34 79.27 -101.05
CA ARG J 168 -5.18 78.84 -101.84
C ARG J 168 -4.66 79.96 -102.72
N ALA J 169 -5.55 80.78 -103.27
CA ALA J 169 -5.11 81.91 -104.07
C ALA J 169 -4.37 82.94 -103.21
N ARG J 170 -4.71 83.02 -101.92
CA ARG J 170 -3.96 83.87 -101.01
C ARG J 170 -2.51 83.42 -100.89
N ILE J 171 -2.29 82.10 -100.83
CA ILE J 171 -0.93 81.56 -100.81
C ILE J 171 -0.23 81.89 -102.13
N LYS J 172 -0.95 81.74 -103.24
CA LYS J 172 -0.38 82.13 -104.54
C LYS J 172 0.07 83.60 -104.51
N THR J 173 -0.77 84.47 -103.93
CA THR J 173 -0.45 85.90 -103.87
C THR J 173 0.77 86.15 -102.99
N ARG J 174 0.87 85.48 -101.85
CA ARG J 174 2.04 85.67 -100.98
C ARG J 174 3.31 85.21 -101.67
N LEU J 175 3.26 84.05 -102.33
CA LEU J 175 4.43 83.57 -103.07
C LEU J 175 4.82 84.54 -104.18
N PHE J 176 3.84 85.06 -104.90
CA PHE J 176 4.12 85.98 -106.00
C PHE J 176 4.70 87.29 -105.49
N THR J 177 4.19 87.79 -104.36
CA THR J 177 4.71 89.03 -103.79
C THR J 177 6.13 88.84 -103.26
N ILE J 178 6.42 87.69 -102.65
CA ILE J 178 7.79 87.41 -102.23
C ILE J 178 8.71 87.35 -103.44
N ARG J 179 8.26 86.71 -104.52
CA ARG J 179 9.01 86.69 -105.77
C ARG J 179 9.32 88.09 -106.24
N GLN J 180 8.30 88.94 -106.35
CA GLN J 180 8.48 90.30 -106.85
C GLN J 180 9.41 91.10 -105.94
N GLU J 181 9.25 90.96 -104.62
CA GLU J 181 10.05 91.73 -103.68
C GLU J 181 11.52 91.35 -103.77
N MET J 182 11.84 90.06 -103.76
CA MET J 182 13.24 89.70 -103.90
C MET J 182 13.75 89.88 -105.32
N ALA J 183 12.86 90.03 -106.30
CA ALA J 183 13.31 90.34 -107.65
C ALA J 183 13.76 91.79 -107.76
N ASN J 184 12.88 92.72 -107.39
CA ASN J 184 13.23 94.14 -107.49
C ASN J 184 14.29 94.58 -106.50
N ARG J 185 14.61 93.74 -105.51
CA ARG J 185 15.75 93.95 -104.64
C ARG J 185 17.03 93.34 -105.19
N GLY J 186 16.98 92.79 -106.40
CA GLY J 186 18.14 92.11 -106.97
C GLY J 186 18.49 90.82 -106.27
N LEU J 187 17.54 90.23 -105.54
CA LEU J 187 17.78 89.05 -104.71
C LEU J 187 17.12 87.81 -105.29
N TRP J 188 17.17 87.65 -106.61
CA TRP J 188 16.79 86.39 -107.24
C TRP J 188 17.97 85.45 -107.39
N ASP J 189 18.94 85.53 -106.48
CA ASP J 189 20.11 84.66 -106.54
C ASP J 189 19.71 83.20 -106.39
N SER J 190 18.63 82.92 -105.66
CA SER J 190 18.23 81.57 -105.29
C SER J 190 17.58 80.79 -106.45
N PHE J 191 17.72 81.27 -107.69
CA PHE J 191 17.17 80.57 -108.84
C PHE J 191 17.94 79.29 -109.14
N ARG J 192 19.25 79.32 -108.97
CA ARG J 192 20.12 78.19 -109.32
C ARG J 192 20.30 77.21 -108.15
N GLN J 193 19.69 77.50 -107.00
CA GLN J 193 19.87 76.74 -105.78
C GLN J 193 18.72 75.75 -105.54
N SER J 194 17.49 76.24 -105.56
CA SER J 194 16.31 75.38 -105.43
C SER J 194 16.05 74.52 -106.65
N GLU J 195 16.89 74.55 -107.68
CA GLU J 195 16.69 73.68 -108.84
C GLU J 195 17.42 72.34 -108.68
N ARG J 196 17.27 71.72 -107.50
CA ARG J 196 17.92 70.44 -107.24
C ARG J 196 17.09 69.48 -106.39
N GLY J 197 15.86 69.83 -106.03
CA GLY J 197 15.19 69.07 -105.00
C GLY J 197 15.72 69.44 -103.63
N GLU J 198 17.02 69.17 -103.41
CA GLU J 198 17.74 69.66 -102.25
C GLU J 198 17.94 71.16 -102.41
N GLU J 199 17.12 71.95 -101.71
CA GLU J 199 17.01 73.38 -101.94
C GLU J 199 18.09 74.20 -101.21
N THR J 200 19.19 73.58 -100.79
CA THR J 200 20.15 74.28 -99.94
C THR J 200 21.44 74.67 -100.63
N ILE J 201 21.86 73.94 -101.67
CA ILE J 201 23.20 74.12 -102.19
C ILE J 201 23.39 75.54 -102.71
N GLU J 202 24.61 76.04 -102.59
CA GLU J 202 25.01 77.32 -103.15
C GLU J 202 25.92 77.08 -104.35
N GLU J 203 26.14 78.15 -105.11
CA GLU J 203 26.96 78.06 -106.31
C GLU J 203 28.37 77.65 -105.94
N ARG J 204 28.76 76.45 -106.36
CA ARG J 204 30.13 75.97 -106.16
C ARG J 204 30.98 76.38 -107.34
N PHE J 205 32.13 76.98 -107.04
CA PHE J 205 33.04 77.46 -108.08
C PHE J 205 34.13 76.40 -108.22
N GLU J 206 34.10 75.68 -109.33
CA GLU J 206 35.04 74.61 -109.59
C GLU J 206 36.31 75.15 -110.24
N ILE J 207 37.40 74.42 -110.05
CA ILE J 207 38.66 74.70 -110.73
C ILE J 207 39.07 73.39 -111.41
N THR J 208 38.67 73.23 -112.66
CA THR J 208 38.87 72.00 -113.40
C THR J 208 40.18 72.12 -114.19
N GLY J 209 40.41 71.18 -115.11
CA GLY J 209 41.62 71.20 -115.91
C GLY J 209 41.74 72.46 -116.75
N THR J 210 42.96 72.66 -117.26
CA THR J 210 43.37 73.79 -118.09
C THR J 210 43.36 75.09 -117.29
N MET J 211 42.89 75.05 -116.06
CA MET J 211 42.96 76.18 -115.14
C MET J 211 43.70 75.85 -113.85
N ARG J 212 43.37 74.72 -113.20
CA ARG J 212 44.11 74.30 -112.03
C ARG J 212 45.58 74.07 -112.34
N ARG J 213 45.90 73.71 -113.59
CA ARG J 213 47.29 73.60 -114.00
C ARG J 213 48.01 74.94 -113.91
N LEU J 214 47.28 76.05 -114.07
CA LEU J 214 47.85 77.37 -113.83
C LEU J 214 47.83 77.72 -112.34
N ALA J 215 46.82 77.24 -111.61
CA ALA J 215 46.78 77.49 -110.17
C ALA J 215 47.96 76.86 -109.46
N ASP J 216 48.34 75.64 -109.87
CA ASP J 216 49.50 74.99 -109.28
C ASP J 216 50.82 75.65 -109.68
N GLN J 217 50.84 76.39 -110.80
CA GLN J 217 52.05 77.09 -111.23
C GLN J 217 52.14 78.49 -110.62
N SER J 218 51.15 78.88 -109.82
CA SER J 218 51.12 80.20 -109.22
C SER J 218 51.64 80.19 -107.79
N LEU J 219 52.03 79.02 -107.28
CA LEU J 219 52.54 78.94 -105.92
C LEU J 219 54.02 79.33 -105.89
N PRO J 220 54.50 79.82 -104.75
CA PRO J 220 55.93 80.12 -104.63
C PRO J 220 56.76 78.87 -104.81
N PRO J 221 58.07 79.01 -105.11
CA PRO J 221 58.87 77.83 -105.45
C PRO J 221 59.17 76.96 -104.24
N ASN J 222 58.13 76.57 -103.50
CA ASN J 222 58.28 75.69 -102.36
C ASN J 222 57.23 74.59 -102.29
N PHE J 223 56.17 74.66 -103.08
CA PHE J 223 55.08 73.69 -103.03
C PHE J 223 54.74 73.25 -104.45
N SER J 224 53.90 72.23 -104.56
CA SER J 224 53.48 71.78 -105.88
C SER J 224 51.98 71.68 -106.04
N CYS J 225 51.26 71.23 -105.02
CA CYS J 225 49.80 71.15 -105.06
C CYS J 225 49.21 72.33 -104.29
N LEU J 226 48.23 72.99 -104.91
CA LEU J 226 47.61 74.15 -104.28
C LEU J 226 46.87 73.80 -103.00
N GLU J 227 46.48 72.54 -102.82
CA GLU J 227 45.88 72.13 -101.55
C GLU J 227 46.90 72.22 -100.42
N ASN J 228 48.13 71.80 -100.69
CA ASN J 228 49.22 71.94 -99.72
C ASN J 228 49.44 73.41 -99.35
N PHE J 229 49.46 74.29 -100.36
CA PHE J 229 49.68 75.71 -100.09
C PHE J 229 48.51 76.31 -99.32
N ARG J 230 47.28 75.89 -99.63
CA ARG J 230 46.13 76.42 -98.92
C ARG J 230 46.14 75.98 -97.46
N ALA J 231 46.47 74.71 -97.20
CA ALA J 231 46.59 74.25 -95.83
C ALA J 231 47.77 74.91 -95.10
N TYR J 232 48.85 75.21 -95.82
CA TYR J 232 49.99 75.88 -95.22
C TYR J 232 49.64 77.32 -94.83
N VAL J 233 48.86 78.00 -95.65
CA VAL J 233 48.45 79.37 -95.32
C VAL J 233 47.43 79.36 -94.20
N ASP J 234 46.52 78.37 -94.21
CA ASP J 234 45.51 78.28 -93.14
C ASP J 234 46.16 78.17 -91.78
N GLY J 235 47.20 77.35 -91.66
CA GLY J 235 47.93 77.29 -90.40
C GLY J 235 49.24 78.06 -90.46
N PHE J 236 49.23 79.27 -89.91
CA PHE J 236 50.40 80.12 -89.85
C PHE J 236 50.58 80.62 -88.42
N GLU J 237 51.83 80.75 -88.01
CA GLU J 237 52.13 81.16 -86.63
C GLU J 237 52.99 82.42 -86.63
N PRO J 238 52.44 83.56 -86.20
CA PRO J 238 53.26 84.78 -86.12
C PRO J 238 54.29 84.71 -85.00
N ASN J 239 55.38 83.99 -85.25
CA ASN J 239 56.41 83.74 -84.24
C ASN J 239 57.47 84.83 -84.20
N GLY J 240 57.51 85.73 -85.19
CA GLY J 240 58.55 86.74 -85.24
C GLY J 240 59.59 86.50 -86.32
N TYR J 241 59.14 86.05 -87.49
CA TYR J 241 60.04 85.83 -88.62
C TYR J 241 60.70 87.13 -89.08
N ILE J 242 60.04 88.26 -88.81
CA ILE J 242 60.52 89.56 -89.30
C ILE J 242 61.91 89.87 -88.74
N GLU J 243 62.10 89.65 -87.44
CA GLU J 243 63.37 90.02 -86.82
C GLU J 243 64.52 89.18 -87.35
N GLY J 244 64.30 87.87 -87.53
CA GLY J 244 65.34 87.04 -88.13
C GLY J 244 65.64 87.45 -89.55
N LYS J 245 64.61 87.73 -90.34
CA LYS J 245 64.82 88.19 -91.72
C LYS J 245 65.61 89.49 -91.75
N LEU J 246 65.36 90.38 -90.78
CA LEU J 246 66.09 91.65 -90.72
C LEU J 246 67.54 91.42 -90.33
N SER J 247 67.78 90.63 -89.28
CA SER J 247 69.15 90.38 -88.84
C SER J 247 69.96 89.64 -89.90
N GLN J 248 69.31 88.87 -90.78
CA GLN J 248 70.05 88.21 -91.84
C GLN J 248 70.37 89.15 -93.00
N MET J 249 69.55 90.17 -93.25
CA MET J 249 69.80 91.04 -94.38
C MET J 249 70.99 91.94 -94.12
N SER J 250 71.66 92.34 -95.20
CA SER J 250 72.89 93.11 -95.10
C SER J 250 72.64 94.47 -94.48
N LYS J 251 73.69 95.00 -93.83
CA LYS J 251 73.62 96.32 -93.21
C LYS J 251 73.64 97.44 -94.23
N GLU J 252 73.97 97.14 -95.48
CA GLU J 252 74.06 98.15 -96.53
C GLU J 252 72.71 98.60 -97.06
N VAL J 253 71.68 97.77 -96.93
CA VAL J 253 70.33 98.15 -97.34
C VAL J 253 69.79 99.08 -96.24
N ASN J 254 69.85 100.39 -96.49
CA ASN J 254 69.49 101.34 -95.44
C ASN J 254 69.13 102.68 -96.06
N ALA J 255 68.26 103.40 -95.36
CA ALA J 255 67.94 104.78 -95.72
C ALA J 255 68.72 105.71 -94.81
N LYS J 256 70.02 105.81 -95.09
CA LYS J 256 70.92 106.64 -94.30
C LYS J 256 70.57 108.10 -94.54
N ILE J 257 70.15 108.79 -93.48
CA ILE J 257 69.76 110.19 -93.61
C ILE J 257 71.02 111.01 -93.89
N GLU J 258 71.04 111.67 -95.03
CA GLU J 258 72.09 112.62 -95.34
C GLU J 258 71.65 114.01 -94.89
N PRO J 259 72.43 114.70 -94.07
CA PRO J 259 72.00 116.02 -93.59
C PRO J 259 71.80 116.97 -94.75
N PHE J 260 70.91 117.93 -94.55
CA PHE J 260 70.60 118.93 -95.58
C PHE J 260 70.79 120.30 -94.97
N LEU J 261 71.96 120.88 -95.19
CA LEU J 261 72.26 122.23 -94.73
C LEU J 261 72.30 123.18 -95.92
N LYS J 262 72.38 124.47 -95.61
CA LYS J 262 72.36 125.55 -96.59
C LYS J 262 73.58 125.56 -97.50
N THR J 263 74.52 124.65 -97.28
CA THR J 263 75.70 124.52 -98.13
C THR J 263 75.53 123.47 -99.23
N THR J 264 74.75 122.43 -98.98
CA THR J 264 74.60 121.34 -99.93
C THR J 264 73.93 121.72 -101.25
N PRO J 265 72.88 122.56 -101.30
CA PRO J 265 72.20 122.80 -102.57
C PRO J 265 73.08 123.55 -103.56
N ARG J 266 73.41 122.87 -104.70
CA ARG J 266 74.13 123.56 -105.76
C ARG J 266 73.16 123.94 -106.87
N PRO J 267 73.43 125.00 -107.62
CA PRO J 267 72.55 125.34 -108.73
C PRO J 267 72.51 124.21 -109.74
N ILE J 268 71.42 124.11 -110.49
CA ILE J 268 71.22 122.97 -111.38
C ILE J 268 72.18 123.06 -112.54
N ARG J 269 72.79 121.92 -112.89
CA ARG J 269 73.60 121.85 -114.09
C ARG J 269 72.74 122.09 -115.33
N LEU J 270 73.24 122.93 -116.22
CA LEU J 270 72.46 123.34 -117.38
C LEU J 270 73.19 122.95 -118.67
N PRO J 271 72.47 122.52 -119.70
CA PRO J 271 73.12 122.16 -120.96
C PRO J 271 73.68 123.38 -121.67
N ASP J 272 74.76 123.15 -122.42
CA ASP J 272 75.41 124.18 -123.22
C ASP J 272 75.53 123.66 -124.65
N GLY J 273 75.41 124.58 -125.60
CA GLY J 273 75.46 124.22 -127.00
C GLY J 273 74.68 125.19 -127.86
N PRO J 274 73.91 124.67 -128.82
CA PRO J 274 73.16 125.56 -129.71
C PRO J 274 72.05 126.26 -128.96
N PRO J 275 71.74 127.50 -129.31
CA PRO J 275 70.66 128.22 -128.64
C PRO J 275 69.30 127.59 -128.92
N CYS J 276 68.43 127.61 -127.91
CA CYS J 276 67.09 127.08 -128.09
C CYS J 276 66.28 128.00 -128.98
N PHE J 277 65.65 127.44 -130.00
CA PHE J 277 64.85 128.24 -130.92
C PHE J 277 63.41 128.32 -130.40
N GLN J 278 62.51 128.84 -131.23
CA GLN J 278 61.11 129.01 -130.85
C GLN J 278 60.27 127.98 -131.60
N ARG J 279 59.50 127.21 -130.84
CA ARG J 279 58.59 126.21 -131.40
C ARG J 279 57.14 126.58 -131.19
N SER J 280 56.85 127.79 -130.72
CA SER J 280 55.48 128.19 -130.46
C SER J 280 54.69 128.24 -131.77
N LYS J 281 53.37 128.13 -131.66
CA LYS J 281 52.53 128.08 -132.85
C LYS J 281 52.50 129.42 -133.57
N PHE J 282 52.46 130.52 -132.84
CA PHE J 282 52.40 131.85 -133.44
C PHE J 282 53.26 132.83 -132.67
N LEU J 283 53.56 133.96 -133.32
CA LEU J 283 54.42 134.99 -132.76
C LEU J 283 53.72 135.80 -131.67
N LEU J 284 54.44 136.06 -130.59
CA LEU J 284 53.91 136.79 -129.45
C LEU J 284 54.28 138.27 -129.49
N MET J 285 55.58 138.58 -129.47
CA MET J 285 56.04 139.96 -129.33
C MET J 285 56.42 140.59 -130.66
N ASP J 286 56.85 139.80 -131.64
CA ASP J 286 57.38 140.37 -132.87
C ASP J 286 56.26 140.72 -133.85
N ALA J 287 55.15 140.01 -133.79
CA ALA J 287 54.02 140.31 -134.66
C ALA J 287 53.47 141.68 -134.33
N LEU J 288 53.01 142.40 -135.35
CA LEU J 288 52.43 143.71 -135.19
C LEU J 288 51.02 143.73 -135.75
N LYS J 289 50.24 144.70 -135.28
CA LYS J 289 48.80 144.72 -135.49
C LYS J 289 48.43 145.64 -136.66
N LEU J 290 47.30 145.32 -137.30
CA LEU J 290 46.76 146.09 -138.42
C LEU J 290 45.36 146.56 -138.06
N SER J 291 45.26 147.78 -137.54
CA SER J 291 44.01 148.28 -136.98
C SER J 291 43.05 148.71 -138.09
N ILE J 292 41.76 148.57 -137.82
CA ILE J 292 40.71 149.01 -138.73
C ILE J 292 39.69 149.92 -138.04
N GLU J 293 39.31 149.55 -136.82
CA GLU J 293 38.27 150.24 -136.06
C GLU J 293 36.91 150.12 -136.74
N ASP J 294 36.42 148.88 -136.88
CA ASP J 294 35.19 148.60 -137.62
C ASP J 294 34.11 148.06 -136.68
N PRO J 295 32.96 148.73 -136.55
CA PRO J 295 31.83 148.19 -135.76
C PRO J 295 30.97 147.22 -136.55
N SER J 296 31.50 146.02 -136.79
CA SER J 296 30.78 145.00 -137.54
C SER J 296 29.73 144.27 -136.70
N HIS J 297 29.59 144.60 -135.42
CA HIS J 297 28.66 143.97 -134.49
C HIS J 297 28.94 142.48 -134.31
N GLU J 298 30.09 142.00 -134.79
CA GLU J 298 30.49 140.60 -134.70
C GLU J 298 29.35 139.67 -135.12
N GLY J 299 28.61 140.10 -136.13
CA GLY J 299 27.53 139.28 -136.67
C GLY J 299 28.08 138.15 -137.51
N GLU J 300 28.90 137.31 -136.88
CA GLU J 300 29.75 136.36 -137.60
C GLU J 300 30.47 137.09 -138.73
N GLY J 301 31.12 138.19 -138.37
CA GLY J 301 31.84 139.01 -139.33
C GLY J 301 32.79 138.16 -140.14
N ILE J 302 32.50 138.02 -141.43
CA ILE J 302 33.25 137.11 -142.30
C ILE J 302 34.72 137.45 -142.22
N PRO J 303 35.55 136.57 -141.65
CA PRO J 303 36.94 136.92 -141.35
C PRO J 303 37.81 137.14 -142.57
N LEU J 304 37.35 136.75 -143.77
CA LEU J 304 38.20 136.91 -144.94
C LEU J 304 38.15 138.32 -145.47
N TYR J 305 36.95 138.87 -145.67
CA TYR J 305 36.83 140.22 -146.21
C TYR J 305 37.34 141.24 -145.21
N ASP J 306 37.20 140.91 -143.92
CA ASP J 306 37.83 141.70 -142.88
C ASP J 306 39.34 141.78 -143.11
N ALA J 307 39.95 140.70 -143.59
CA ALA J 307 41.39 140.73 -143.84
C ALA J 307 41.74 141.58 -145.06
N ILE J 308 40.89 141.60 -146.09
CA ILE J 308 41.22 142.43 -147.23
C ILE J 308 41.03 143.90 -146.88
N LYS J 309 40.06 144.24 -146.03
CA LYS J 309 40.01 145.63 -145.57
C LYS J 309 41.03 145.94 -144.49
N CYS J 310 41.65 144.91 -143.87
CA CYS J 310 42.90 145.12 -143.16
C CYS J 310 43.98 145.58 -144.14
N MET J 311 44.13 144.85 -145.24
CA MET J 311 45.14 145.17 -146.24
C MET J 311 44.92 146.56 -146.81
N ARG J 312 43.67 146.99 -146.93
CA ARG J 312 43.35 148.34 -147.39
C ARG J 312 43.95 149.43 -146.51
N THR J 313 44.48 149.10 -145.34
CA THR J 313 45.01 150.09 -144.40
C THR J 313 46.51 150.26 -144.49
N PHE J 314 47.20 149.45 -145.30
CA PHE J 314 48.65 149.47 -145.38
C PHE J 314 49.12 149.75 -146.80
N PHE J 315 50.16 150.57 -146.91
CA PHE J 315 50.80 150.90 -148.17
C PHE J 315 52.31 150.83 -148.00
N GLY J 316 53.00 150.45 -149.07
CA GLY J 316 54.43 150.26 -148.99
C GLY J 316 54.85 148.81 -149.14
N TRP J 317 54.13 148.08 -149.99
CA TRP J 317 54.45 146.69 -150.29
C TRP J 317 55.66 146.64 -151.22
N LYS J 318 56.82 146.31 -150.67
CA LYS J 318 57.99 146.10 -151.51
C LYS J 318 57.88 144.76 -152.22
N GLU J 319 58.69 144.58 -153.26
CA GLU J 319 58.82 143.29 -153.89
C GLU J 319 59.40 142.30 -152.89
N PRO J 320 58.83 141.08 -152.76
CA PRO J 320 59.33 140.13 -151.77
C PRO J 320 60.84 139.90 -151.83
N TYR J 321 61.54 140.30 -150.79
CA TYR J 321 63.00 140.28 -150.73
C TYR J 321 63.40 139.25 -149.66
N ILE J 322 63.80 138.07 -150.12
CA ILE J 322 64.11 136.97 -149.19
C ILE J 322 65.38 137.29 -148.41
N VAL J 323 65.31 137.17 -147.09
CA VAL J 323 66.45 137.47 -146.22
C VAL J 323 67.04 136.20 -145.60
N LYS J 324 66.24 135.49 -144.80
CA LYS J 324 66.70 134.33 -144.04
C LYS J 324 65.96 133.09 -144.48
N PRO J 325 66.64 132.06 -144.99
CA PRO J 325 65.95 130.83 -145.39
C PRO J 325 65.73 129.91 -144.20
N HIS J 326 65.14 128.74 -144.48
CA HIS J 326 64.94 127.70 -143.50
C HIS J 326 66.14 126.77 -143.34
N GLU J 327 67.12 126.85 -144.24
CA GLU J 327 68.32 126.01 -144.19
C GLU J 327 67.96 124.54 -144.42
N ASN J 331 63.47 126.60 -150.30
CA ASN J 331 63.38 127.96 -149.74
C ASN J 331 62.59 128.95 -150.63
N PRO J 332 62.84 128.98 -151.94
CA PRO J 332 62.06 129.90 -152.79
C PRO J 332 60.58 129.57 -152.84
N ASN J 333 60.20 128.33 -152.53
CA ASN J 333 58.80 127.95 -152.55
C ASN J 333 57.97 128.78 -151.58
N TYR J 334 58.58 129.24 -150.48
CA TYR J 334 57.85 130.09 -149.53
C TYR J 334 57.42 131.41 -150.17
N LEU J 335 58.36 132.09 -150.84
CA LEU J 335 58.01 133.35 -151.48
C LEU J 335 57.10 133.12 -152.68
N LEU J 336 57.24 131.99 -153.38
CA LEU J 336 56.30 131.66 -154.44
C LEU J 336 54.89 131.48 -153.89
N SER J 337 54.77 130.83 -152.74
CA SER J 337 53.48 130.69 -152.07
C SER J 337 52.93 132.04 -151.64
N TRP J 338 53.80 132.94 -151.19
CA TRP J 338 53.34 134.27 -150.81
C TRP J 338 52.81 135.05 -152.01
N LYS J 339 53.52 134.98 -153.14
CA LYS J 339 53.03 135.59 -154.37
C LYS J 339 51.69 134.98 -154.78
N GLN J 340 51.55 133.66 -154.64
CA GLN J 340 50.28 133.01 -154.94
C GLN J 340 49.18 133.50 -154.01
N VAL J 341 49.51 133.72 -152.73
CA VAL J 341 48.55 134.28 -151.78
C VAL J 341 48.05 135.63 -152.27
N LEU J 342 48.98 136.52 -152.62
CA LEU J 342 48.60 137.86 -153.08
C LEU J 342 47.78 137.78 -154.37
N ALA J 343 48.14 136.85 -155.26
CA ALA J 343 47.40 136.67 -156.51
C ALA J 343 45.95 136.25 -156.22
N GLU J 344 45.79 135.15 -155.48
CA GLU J 344 44.46 134.68 -155.11
C GLU J 344 43.69 135.73 -154.32
N LEU J 345 44.40 136.67 -153.68
CA LEU J 345 43.74 137.78 -153.02
C LEU J 345 43.18 138.77 -154.03
N GLN J 346 43.97 139.15 -155.02
CA GLN J 346 43.54 140.12 -156.02
C GLN J 346 42.84 139.51 -157.22
N ASP J 347 42.69 138.19 -157.27
CA ASP J 347 41.97 137.51 -158.34
C ASP J 347 40.55 137.13 -157.96
N ILE J 348 39.96 137.79 -156.98
CA ILE J 348 38.60 137.44 -156.56
C ILE J 348 37.54 138.11 -157.43
N GLU J 349 37.79 139.32 -157.93
CA GLU J 349 36.82 140.00 -158.79
C GLU J 349 36.60 139.29 -160.12
N ASN J 350 37.44 138.33 -160.48
CA ASN J 350 37.24 137.58 -161.72
C ASN J 350 36.28 136.40 -161.56
N GLU J 351 35.90 136.04 -160.34
CA GLU J 351 34.98 134.92 -160.13
C GLU J 351 33.52 135.34 -160.06
N GLU J 352 33.26 136.66 -159.98
CA GLU J 352 31.91 137.24 -159.97
C GLU J 352 31.15 136.90 -158.69
N LYS J 353 31.72 136.06 -157.84
CA LYS J 353 31.08 135.65 -156.59
C LYS J 353 32.16 135.46 -155.54
N ILE J 354 31.94 136.04 -154.37
CA ILE J 354 32.95 136.02 -153.32
C ILE J 354 32.68 134.78 -152.47
N PRO J 355 33.70 133.95 -152.20
CA PRO J 355 33.45 132.58 -151.72
C PRO J 355 33.33 132.40 -150.22
N ARG J 356 33.60 133.43 -149.42
CA ARG J 356 33.62 133.41 -147.95
C ARG J 356 34.83 132.65 -147.42
N THR J 357 35.54 131.96 -148.31
CA THR J 357 36.70 131.13 -147.97
C THR J 357 37.47 130.91 -149.24
N LYS J 358 38.75 131.29 -149.25
CA LYS J 358 39.56 131.20 -150.47
C LYS J 358 40.30 129.86 -150.47
N ASN J 359 39.93 128.98 -151.40
CA ASN J 359 40.58 127.69 -151.57
C ASN J 359 41.81 127.83 -152.46
N MET J 360 42.99 127.80 -151.86
CA MET J 360 44.23 127.90 -152.63
C MET J 360 44.35 126.73 -153.60
N LYS J 361 44.83 127.01 -154.80
CA LYS J 361 45.02 125.95 -155.78
C LYS J 361 46.21 125.06 -155.41
N LYS J 362 46.14 123.81 -155.84
CA LYS J 362 47.15 122.81 -155.52
C LYS J 362 48.44 123.02 -156.30
N THR J 363 49.15 124.12 -156.01
CA THR J 363 50.40 124.38 -156.69
C THR J 363 51.51 123.53 -156.10
N SER J 364 52.50 123.20 -156.95
CA SER J 364 53.56 122.29 -156.52
C SER J 364 54.38 122.88 -155.38
N GLN J 365 54.60 124.20 -155.40
CA GLN J 365 55.30 124.85 -154.30
C GLN J 365 54.52 124.69 -153.01
N LEU J 366 53.20 124.85 -153.07
CA LEU J 366 52.38 124.64 -151.89
C LEU J 366 52.24 123.15 -151.55
N LYS J 367 52.27 122.29 -152.57
CA LYS J 367 52.30 120.84 -152.30
C LYS J 367 53.51 120.47 -151.46
N TRP J 368 54.67 121.03 -151.77
CA TRP J 368 55.83 120.79 -150.93
C TRP J 368 55.72 121.52 -149.60
N ALA J 369 55.12 122.71 -149.60
CA ALA J 369 54.96 123.46 -148.36
C ALA J 369 54.06 122.73 -147.37
N LEU J 370 53.17 121.86 -147.85
CA LEU J 370 52.31 121.07 -147.01
C LEU J 370 52.73 119.61 -146.93
N GLY J 371 53.85 119.25 -147.57
CA GLY J 371 54.39 117.91 -147.47
C GLY J 371 53.50 116.84 -148.05
N GLU J 372 52.98 117.08 -149.26
CA GLU J 372 52.08 116.17 -149.94
C GLU J 372 52.71 115.64 -151.23
N ASN J 373 53.99 115.28 -151.17
CA ASN J 373 54.70 114.74 -152.31
C ASN J 373 55.33 113.39 -151.96
N SER J 395 63.65 108.99 -135.27
CA SER J 395 64.14 107.73 -134.73
C SER J 395 65.24 107.97 -133.71
N ASP J 396 66.10 108.95 -133.98
CA ASP J 396 67.27 109.21 -133.15
C ASP J 396 66.88 110.05 -131.93
N GLU J 397 67.80 110.09 -130.96
CA GLU J 397 67.56 110.83 -129.74
C GLU J 397 67.67 112.33 -129.99
N PRO J 398 67.00 113.15 -129.18
CA PRO J 398 67.01 114.61 -129.42
C PRO J 398 68.38 115.20 -129.13
N GLU J 399 68.55 116.45 -129.57
CA GLU J 399 69.78 117.20 -129.37
C GLU J 399 69.65 118.12 -128.17
N LEU J 400 70.80 118.48 -127.61
CA LEU J 400 70.85 119.33 -126.42
C LEU J 400 70.99 120.78 -126.88
N ARG J 401 69.92 121.56 -126.69
CA ARG J 401 69.90 122.96 -127.07
C ARG J 401 69.98 123.83 -125.82
N SER J 402 70.94 124.76 -125.81
CA SER J 402 71.17 125.62 -124.65
C SER J 402 70.13 126.75 -124.60
N LEU J 403 70.10 127.44 -123.47
CA LEU J 403 69.17 128.55 -123.29
C LEU J 403 69.57 129.74 -124.16
N SER J 404 68.55 130.45 -124.65
CA SER J 404 68.72 131.65 -125.45
C SER J 404 68.33 132.89 -124.64
N SER J 405 68.52 134.06 -125.24
CA SER J 405 68.34 135.33 -124.55
C SER J 405 66.94 135.91 -124.70
N TRP J 406 66.09 135.34 -125.56
CA TRP J 406 64.84 135.99 -125.92
C TRP J 406 63.64 135.55 -125.09
N ILE J 407 63.70 134.39 -124.43
CA ILE J 407 62.53 133.89 -123.72
C ILE J 407 62.18 134.79 -122.53
N GLN J 408 63.19 135.32 -121.84
CA GLN J 408 62.92 136.22 -120.73
C GLN J 408 62.25 137.50 -121.20
N ASN J 409 62.71 138.08 -122.31
CA ASN J 409 62.10 139.31 -122.81
C ASN J 409 60.69 139.05 -123.34
N GLU J 410 60.49 137.89 -123.97
CA GLU J 410 59.15 137.50 -124.39
C GLU J 410 58.21 137.47 -123.20
N PHE J 411 58.66 136.86 -122.10
CA PHE J 411 57.84 136.82 -120.89
C PHE J 411 57.65 138.21 -120.29
N ASN J 412 58.69 139.06 -120.38
CA ASN J 412 58.58 140.42 -119.85
C ASN J 412 57.46 141.19 -120.56
N LYS J 413 57.46 141.15 -121.88
CA LYS J 413 56.39 141.81 -122.61
C LYS J 413 55.06 141.08 -122.45
N ALA J 414 55.09 139.80 -122.08
CA ALA J 414 53.85 139.11 -121.77
C ALA J 414 53.22 139.61 -120.47
N CYS J 415 54.04 140.04 -119.51
CA CYS J 415 53.54 140.56 -118.24
C CYS J 415 53.20 142.04 -118.29
N GLU J 416 53.55 142.75 -119.35
CA GLU J 416 53.34 144.18 -119.38
C GLU J 416 51.92 144.51 -119.81
N LEU J 417 51.49 145.71 -119.46
CA LEU J 417 50.14 146.17 -119.79
C LEU J 417 50.15 146.90 -121.11
N THR J 418 49.01 146.87 -121.80
CA THR J 418 48.87 147.45 -123.13
C THR J 418 47.81 148.56 -123.11
N ASP J 419 47.50 149.07 -124.29
CA ASP J 419 46.55 150.17 -124.47
C ASP J 419 45.13 149.69 -124.70
N SER J 420 44.93 148.41 -125.01
CA SER J 420 43.63 147.86 -125.37
C SER J 420 43.09 147.03 -124.20
N THR J 421 41.89 146.48 -124.39
CA THR J 421 41.15 145.84 -123.29
C THR J 421 41.06 144.33 -123.44
N TRP J 422 40.67 143.82 -124.61
CA TRP J 422 40.73 142.40 -124.97
C TRP J 422 39.75 141.51 -124.22
N ILE J 423 38.78 142.06 -123.49
CA ILE J 423 37.92 141.26 -122.63
C ILE J 423 36.46 141.51 -122.97
N GLU J 424 35.67 140.44 -122.94
CA GLU J 424 34.22 140.48 -123.05
C GLU J 424 33.67 139.89 -121.76
N LEU J 425 33.49 140.74 -120.74
CA LEU J 425 33.07 140.30 -119.42
C LEU J 425 31.55 140.31 -119.34
N ASP J 426 30.96 139.12 -119.26
CA ASP J 426 29.52 139.00 -119.27
C ASP J 426 28.93 139.47 -117.94
N GLU J 427 27.62 139.69 -117.93
CA GLU J 427 26.96 140.22 -116.75
C GLU J 427 26.84 139.13 -115.68
N ILE J 428 26.59 139.57 -114.45
CA ILE J 428 26.38 138.65 -113.34
C ILE J 428 25.39 139.29 -112.36
N GLY J 429 24.75 138.45 -111.57
CA GLY J 429 23.70 138.91 -110.67
C GLY J 429 24.14 139.89 -109.61
N GLU J 430 23.20 140.29 -108.75
CA GLU J 430 23.47 141.28 -107.73
C GLU J 430 24.45 140.74 -106.71
N ASP J 431 24.79 141.59 -105.73
CA ASP J 431 25.67 141.22 -104.62
C ASP J 431 24.83 141.35 -103.35
N VAL J 432 24.05 140.31 -103.06
CA VAL J 432 23.29 140.24 -101.82
C VAL J 432 24.20 139.93 -100.64
N ALA J 433 24.78 138.72 -100.63
CA ALA J 433 25.42 138.17 -99.45
C ALA J 433 26.82 138.77 -99.29
N PRO J 434 27.26 139.01 -98.05
CA PRO J 434 28.57 139.68 -97.86
C PRO J 434 29.69 138.99 -98.63
N ILE J 435 29.75 137.66 -98.58
CA ILE J 435 30.80 136.94 -99.30
C ILE J 435 30.69 137.21 -100.79
N GLU J 436 29.49 137.52 -101.28
CA GLU J 436 29.38 137.92 -102.69
C GLU J 436 30.05 139.27 -102.91
N TYR J 437 29.97 140.17 -101.93
CA TYR J 437 30.77 141.40 -101.96
C TYR J 437 32.26 141.09 -102.04
N ILE J 438 32.71 140.13 -101.24
CA ILE J 438 34.14 139.78 -101.24
C ILE J 438 34.54 139.22 -102.60
N ALA J 439 33.76 138.28 -103.12
CA ALA J 439 34.05 137.69 -104.43
C ALA J 439 34.10 138.77 -105.51
N SER J 440 33.14 139.69 -105.51
CA SER J 440 33.14 140.77 -106.49
C SER J 440 34.38 141.64 -106.33
N MET J 441 34.52 142.31 -105.18
CA MET J 441 35.64 143.22 -104.98
C MET J 441 37.00 142.54 -105.09
N ARG J 442 37.05 141.21 -105.19
CA ARG J 442 38.26 140.53 -105.60
C ARG J 442 38.36 140.39 -107.13
N ARG J 443 37.30 139.86 -107.75
CA ARG J 443 37.35 139.53 -109.17
C ARG J 443 37.44 140.79 -110.03
N ASN J 444 36.75 141.86 -109.64
CA ASN J 444 36.80 143.10 -110.43
C ASN J 444 38.16 143.77 -110.31
N TYR J 445 38.78 143.72 -109.13
CA TYR J 445 40.15 144.20 -108.99
C TYR J 445 41.10 143.40 -109.87
N PHE J 446 40.96 142.07 -109.84
CA PHE J 446 41.81 141.22 -110.70
C PHE J 446 41.61 141.56 -112.17
N THR J 447 40.36 141.73 -112.59
CA THR J 447 40.08 142.01 -113.99
C THR J 447 40.66 143.36 -114.40
N ALA J 448 40.42 144.40 -113.60
CA ALA J 448 40.94 145.72 -113.93
C ALA J 448 42.47 145.72 -114.00
N GLU J 449 43.12 144.90 -113.16
CA GLU J 449 44.58 144.80 -113.24
C GLU J 449 45.06 143.80 -114.29
N VAL J 450 44.17 143.05 -114.92
CA VAL J 450 44.58 141.97 -115.82
C VAL J 450 44.01 142.14 -117.22
N SER J 451 42.87 142.83 -117.33
CA SER J 451 42.16 142.91 -118.61
C SER J 451 43.07 143.40 -119.73
N HIS J 452 43.77 144.51 -119.50
CA HIS J 452 44.57 145.17 -120.54
C HIS J 452 45.93 144.50 -120.77
N CYS J 453 46.13 143.27 -120.30
CA CYS J 453 47.43 142.63 -120.38
C CYS J 453 47.69 142.09 -121.79
N ARG J 454 48.99 141.99 -122.13
CA ARG J 454 49.37 141.43 -123.42
C ARG J 454 49.11 139.93 -123.46
N ALA J 455 49.25 139.25 -122.33
CA ALA J 455 48.91 137.83 -122.27
C ALA J 455 47.43 137.60 -122.57
N THR J 456 46.58 138.55 -122.23
CA THR J 456 45.18 138.47 -122.63
C THR J 456 45.05 138.49 -124.15
N GLU J 457 45.84 139.36 -124.81
CA GLU J 457 45.90 139.35 -126.26
C GLU J 457 46.35 138.00 -126.79
N TYR J 458 47.36 137.40 -126.15
CA TYR J 458 47.83 136.08 -126.58
C TYR J 458 46.72 135.04 -126.48
N ILE J 459 45.97 135.07 -125.36
CA ILE J 459 44.89 134.12 -125.16
C ILE J 459 43.84 134.28 -126.24
N MET J 460 43.39 135.52 -126.48
CA MET J 460 42.35 135.76 -127.48
C MET J 460 42.83 135.39 -128.88
N LYS J 461 44.10 135.67 -129.18
CA LYS J 461 44.68 135.31 -130.47
C LYS J 461 44.64 133.82 -130.68
N GLY J 462 45.16 133.06 -129.72
CA GLY J 462 45.11 131.61 -129.83
C GLY J 462 43.69 131.09 -129.96
N VAL J 463 42.77 131.66 -129.17
CA VAL J 463 41.36 131.26 -129.24
C VAL J 463 40.83 131.41 -130.66
N TYR J 464 40.97 132.61 -131.24
CA TYR J 464 40.40 132.85 -132.57
C TYR J 464 41.06 131.98 -133.63
N ILE J 465 42.40 131.91 -133.62
CA ILE J 465 43.09 131.14 -134.66
C ILE J 465 42.69 129.68 -134.60
N ASN J 466 42.74 129.07 -133.40
CA ASN J 466 42.42 127.65 -133.30
C ASN J 466 40.95 127.39 -133.57
N THR J 467 40.06 128.29 -133.14
CA THR J 467 38.63 128.10 -133.38
C THR J 467 38.32 128.13 -134.87
N ALA J 468 38.84 129.13 -135.58
CA ALA J 468 38.60 129.21 -137.01
C ALA J 468 39.21 128.00 -137.73
N LEU J 469 40.41 127.59 -137.31
CA LEU J 469 41.06 126.44 -137.93
C LEU J 469 40.19 125.19 -137.76
N LEU J 470 39.68 124.97 -136.55
CA LEU J 470 38.85 123.79 -136.30
C LEU J 470 37.56 123.86 -137.12
N ASN J 471 36.86 124.99 -137.08
CA ASN J 471 35.61 125.10 -137.82
C ASN J 471 35.82 124.95 -139.32
N ALA J 472 37.02 125.25 -139.81
CA ALA J 472 37.34 124.99 -141.21
C ALA J 472 37.71 123.54 -141.46
N SER J 473 38.28 122.86 -140.46
CA SER J 473 38.76 121.49 -140.62
C SER J 473 37.66 120.48 -140.89
N CYS J 474 36.39 120.86 -140.81
CA CYS J 474 35.32 119.90 -141.10
C CYS J 474 34.83 119.98 -142.54
N ALA J 475 34.47 121.17 -143.00
CA ALA J 475 33.87 121.31 -144.33
C ALA J 475 34.90 121.40 -145.45
N ALA J 476 36.17 121.70 -145.13
CA ALA J 476 37.24 121.83 -146.12
C ALA J 476 38.12 120.60 -146.14
N MET J 477 37.52 119.41 -146.01
CA MET J 477 38.24 118.16 -145.84
C MET J 477 39.15 117.82 -147.02
N ASP J 478 39.06 118.57 -148.13
CA ASP J 478 39.87 118.29 -149.31
C ASP J 478 40.74 119.47 -149.76
N ASP J 479 40.28 120.70 -149.58
CA ASP J 479 40.93 121.87 -150.16
C ASP J 479 41.58 122.72 -149.08
N PHE J 480 42.59 123.48 -149.49
CA PHE J 480 43.30 124.37 -148.58
C PHE J 480 42.50 125.65 -148.38
N GLN J 481 42.30 126.04 -147.13
CA GLN J 481 41.58 127.26 -146.81
C GLN J 481 42.56 128.31 -146.30
N LEU J 482 42.22 129.57 -146.55
CA LEU J 482 43.02 130.70 -146.08
C LEU J 482 42.37 131.22 -144.81
N ILE J 483 43.10 131.16 -143.71
CA ILE J 483 42.58 131.48 -142.39
C ILE J 483 43.28 132.74 -141.89
N PRO J 484 42.57 133.86 -141.74
CA PRO J 484 43.21 135.07 -141.21
C PRO J 484 43.41 134.96 -139.71
N MET J 485 44.58 135.41 -139.26
CA MET J 485 44.90 135.45 -137.83
C MET J 485 44.31 136.74 -137.26
N ILE J 486 43.03 136.68 -136.92
CA ILE J 486 42.26 137.84 -136.52
C ILE J 486 42.09 137.88 -135.01
N SER J 487 42.27 139.06 -134.44
CA SER J 487 41.87 139.33 -133.07
C SER J 487 41.01 140.58 -133.07
N LYS J 488 40.35 140.84 -131.93
CA LYS J 488 39.60 142.07 -131.75
C LYS J 488 39.90 142.63 -130.38
N CYS J 489 39.78 143.95 -130.26
CA CYS J 489 40.12 144.63 -129.02
C CYS J 489 39.40 145.97 -128.98
N ARG J 490 39.75 146.78 -127.99
CA ARG J 490 39.14 148.09 -127.79
C ARG J 490 40.19 148.99 -127.18
N THR J 491 40.68 149.96 -127.93
CA THR J 491 41.65 150.89 -127.39
C THR J 491 40.99 151.77 -126.34
N LYS J 492 41.81 152.49 -125.58
CA LYS J 492 41.29 153.26 -124.45
C LYS J 492 40.39 154.41 -124.90
N GLU J 493 40.46 154.80 -126.17
CA GLU J 493 39.52 155.79 -126.69
C GLU J 493 38.11 155.23 -126.81
N GLY J 494 37.91 153.94 -126.54
CA GLY J 494 36.58 153.36 -126.52
C GLY J 494 36.01 153.13 -127.90
N ARG J 495 36.79 152.50 -128.78
CA ARG J 495 36.33 152.20 -130.13
C ARG J 495 36.66 150.76 -130.46
N ARG J 496 35.66 150.04 -130.97
CA ARG J 496 35.81 148.63 -131.28
C ARG J 496 36.78 148.48 -132.45
N LYS J 497 37.78 147.61 -132.31
CA LYS J 497 38.85 147.51 -133.28
C LYS J 497 39.14 146.06 -133.66
N THR J 498 39.44 145.83 -134.94
CA THR J 498 39.83 144.53 -135.45
C THR J 498 41.29 144.56 -135.87
N ASN J 499 42.06 143.56 -135.42
CA ASN J 499 43.50 143.48 -135.66
C ASN J 499 43.83 142.20 -136.43
N LEU J 500 44.84 142.30 -137.30
CA LEU J 500 45.33 141.19 -138.11
C LEU J 500 46.80 140.93 -137.82
N TYR J 501 47.14 139.67 -137.56
CA TYR J 501 48.52 139.26 -137.30
C TYR J 501 49.19 138.59 -138.49
N GLY J 502 48.41 137.93 -139.34
CA GLY J 502 48.96 137.20 -140.46
C GLY J 502 47.96 136.18 -140.97
N PHE J 503 48.45 135.28 -141.81
CA PHE J 503 47.63 134.29 -142.46
C PHE J 503 48.16 132.88 -142.18
N ILE J 504 47.28 131.91 -142.39
CA ILE J 504 47.59 130.50 -142.17
C ILE J 504 46.95 129.68 -143.29
N ILE J 505 47.74 128.82 -143.92
CA ILE J 505 47.29 127.94 -144.99
C ILE J 505 47.13 126.53 -144.42
N LYS J 506 45.94 125.96 -144.59
CA LYS J 506 45.60 124.64 -144.08
C LYS J 506 45.87 123.56 -145.12
N GLY J 507 46.34 122.40 -144.65
CA GLY J 507 46.49 121.23 -145.48
C GLY J 507 45.18 120.47 -145.62
N ARG J 508 45.30 119.16 -145.84
CA ARG J 508 44.12 118.30 -145.89
C ARG J 508 43.63 118.02 -144.47
N SER J 509 42.32 118.04 -144.29
CA SER J 509 41.76 117.90 -142.95
C SER J 509 40.84 116.68 -142.88
N HIS J 510 41.32 115.54 -143.40
CA HIS J 510 40.63 114.27 -143.24
C HIS J 510 40.80 113.78 -141.82
N LEU J 511 40.11 114.40 -140.86
CA LEU J 511 40.33 114.11 -139.45
C LEU J 511 39.31 113.08 -138.98
N ARG J 512 39.69 111.80 -139.11
CA ARG J 512 38.86 110.73 -138.58
C ARG J 512 39.06 110.59 -137.07
N ASN J 513 40.31 110.54 -136.63
CA ASN J 513 40.64 110.44 -135.22
C ASN J 513 41.09 111.81 -134.69
N ASP J 514 41.40 111.87 -133.40
CA ASP J 514 41.84 113.11 -132.78
C ASP J 514 43.34 113.33 -132.83
N THR J 515 44.12 112.26 -133.04
CA THR J 515 45.56 112.38 -133.18
C THR J 515 46.02 112.54 -134.62
N ASP J 516 45.09 112.57 -135.58
CA ASP J 516 45.46 112.70 -136.99
C ASP J 516 46.09 114.06 -137.25
N VAL J 517 47.22 114.05 -137.96
CA VAL J 517 48.02 115.25 -138.18
C VAL J 517 47.56 115.94 -139.46
N VAL J 518 47.40 117.25 -139.39
CA VAL J 518 47.16 118.10 -140.55
C VAL J 518 48.25 119.16 -140.58
N ASN J 519 48.93 119.28 -141.71
CA ASN J 519 50.01 120.24 -141.86
C ASN J 519 49.45 121.62 -142.18
N PHE J 520 50.19 122.65 -141.81
CA PHE J 520 49.78 124.01 -142.11
C PHE J 520 51.01 124.89 -142.17
N VAL J 521 50.84 126.05 -142.81
CA VAL J 521 51.91 127.03 -143.00
C VAL J 521 51.46 128.36 -142.43
N SER J 522 52.26 128.94 -141.54
CA SER J 522 51.94 130.21 -140.91
C SER J 522 52.82 131.31 -141.47
N MET J 523 52.21 132.42 -141.88
CA MET J 523 52.92 133.58 -142.39
C MET J 523 52.46 134.80 -141.60
N GLU J 524 53.31 135.32 -140.72
CA GLU J 524 52.94 136.37 -139.79
C GLU J 524 53.69 137.66 -140.09
N PHE J 525 52.99 138.78 -140.01
CA PHE J 525 53.61 140.09 -140.18
C PHE J 525 54.42 140.45 -138.95
N SER J 526 55.48 141.23 -139.16
CA SER J 526 56.31 141.66 -138.04
C SER J 526 57.17 142.84 -138.46
N LEU J 527 57.92 143.38 -137.48
CA LEU J 527 58.86 144.46 -137.70
C LEU J 527 60.22 144.16 -137.10
N THR J 528 60.51 142.90 -136.80
CA THR J 528 61.75 142.50 -136.15
C THR J 528 62.69 141.86 -137.16
N ASP J 529 63.91 142.37 -137.21
CA ASP J 529 64.92 141.83 -138.11
C ASP J 529 65.46 140.52 -137.54
N PRO J 530 65.44 139.43 -138.32
CA PRO J 530 65.99 138.17 -137.81
C PRO J 530 67.49 138.23 -137.54
N ARG J 531 68.19 139.21 -138.13
CA ARG J 531 69.62 139.36 -137.92
C ARG J 531 69.98 139.74 -136.49
N LEU J 532 69.00 140.17 -135.68
CA LEU J 532 69.27 140.48 -134.28
C LEU J 532 69.50 139.19 -133.49
N GLU J 533 68.54 138.27 -133.55
CA GLU J 533 68.62 136.98 -132.87
C GLU J 533 68.37 135.91 -133.93
N PRO J 534 69.40 135.56 -134.71
CA PRO J 534 69.20 134.66 -135.86
C PRO J 534 69.00 133.20 -135.49
N HIS J 535 69.55 132.77 -134.36
CA HIS J 535 69.44 131.38 -133.96
C HIS J 535 68.01 130.98 -133.61
N LYS J 536 67.18 131.97 -133.23
CA LYS J 536 65.81 131.70 -132.84
C LYS J 536 64.96 131.20 -134.01
N TRP J 537 65.22 131.70 -135.21
CA TRP J 537 64.39 131.41 -136.37
C TRP J 537 64.99 130.26 -137.18
N GLU J 538 64.97 129.07 -136.59
CA GLU J 538 65.50 127.90 -137.28
C GLU J 538 64.48 127.28 -138.20
N LYS J 539 63.22 127.18 -137.77
CA LYS J 539 62.14 126.67 -138.60
C LYS J 539 61.48 127.75 -139.43
N TYR J 540 62.11 128.91 -139.58
CA TYR J 540 61.47 130.06 -140.20
C TYR J 540 62.25 130.57 -141.41
N CYS J 541 61.49 131.04 -142.40
CA CYS J 541 62.01 131.75 -143.55
C CYS J 541 61.50 133.18 -143.50
N VAL J 542 62.42 134.14 -143.56
CA VAL J 542 62.09 135.55 -143.39
C VAL J 542 62.10 136.25 -144.74
N LEU J 543 61.05 137.00 -145.03
CA LEU J 543 60.95 137.76 -146.27
C LEU J 543 60.68 139.22 -145.92
N GLU J 544 61.64 140.09 -146.24
CA GLU J 544 61.39 141.53 -146.19
C GLU J 544 60.33 141.85 -147.23
N ILE J 545 59.13 142.21 -146.78
CA ILE J 545 57.96 142.28 -147.65
C ILE J 545 57.55 143.71 -147.95
N GLY J 546 58.00 144.70 -147.19
CA GLY J 546 57.70 146.07 -147.51
C GLY J 546 58.22 147.03 -146.47
N ASP J 547 57.67 148.24 -146.50
CA ASP J 547 58.01 149.29 -145.54
C ASP J 547 56.74 150.05 -145.18
N MET J 548 56.64 150.44 -143.92
CA MET J 548 55.47 151.16 -143.43
C MET J 548 55.90 152.44 -142.71
N LEU J 549 54.98 153.39 -142.64
CA LEU J 549 55.19 154.58 -141.83
C LEU J 549 55.22 154.18 -140.36
N LEU J 550 56.30 154.56 -139.67
CA LEU J 550 56.49 154.20 -138.26
C LEU J 550 56.96 155.42 -137.51
N ARG J 551 56.20 155.81 -136.48
CA ARG J 551 56.54 156.96 -135.66
C ARG J 551 57.43 156.55 -134.50
N SER J 552 58.39 157.42 -134.17
CA SER J 552 59.37 157.14 -133.13
C SER J 552 59.67 158.45 -132.40
N ALA J 553 60.73 158.45 -131.60
CA ALA J 553 61.17 159.67 -130.93
C ALA J 553 61.61 160.74 -131.92
N ILE J 554 61.99 160.36 -133.13
CA ILE J 554 62.41 161.31 -134.18
C ILE J 554 61.56 161.00 -135.41
N GLY J 555 60.41 161.68 -135.51
CA GLY J 555 59.58 161.60 -136.70
C GLY J 555 59.28 160.20 -137.16
N GLN J 556 59.37 160.00 -138.47
CA GLN J 556 59.19 158.70 -139.09
C GLN J 556 60.54 158.01 -139.28
N MET J 557 60.50 156.70 -139.39
CA MET J 557 61.70 155.89 -139.56
C MET J 557 61.68 155.02 -140.80
N SER J 558 60.50 154.64 -141.28
CA SER J 558 60.35 153.77 -142.45
C SER J 558 61.11 152.46 -142.22
N ARG J 559 60.71 151.76 -141.18
CA ARG J 559 61.36 150.50 -140.86
C ARG J 559 60.81 149.39 -141.75
N PRO J 560 61.63 148.39 -142.08
CA PRO J 560 61.17 147.36 -143.00
C PRO J 560 60.13 146.46 -142.34
N MET J 561 59.11 146.10 -143.12
CA MET J 561 58.06 145.20 -142.65
C MET J 561 58.42 143.80 -143.10
N PHE J 562 58.45 142.86 -142.17
CA PHE J 562 58.89 141.50 -142.43
C PHE J 562 57.73 140.52 -142.39
N LEU J 563 57.95 139.38 -143.04
CA LEU J 563 57.02 138.27 -143.04
C LEU J 563 57.78 137.03 -142.60
N TYR J 564 57.38 136.48 -141.46
CA TYR J 564 57.96 135.24 -140.95
C TYR J 564 57.09 134.07 -141.40
N VAL J 565 57.70 133.09 -142.05
CA VAL J 565 56.98 131.95 -142.59
C VAL J 565 57.53 130.69 -141.91
N ARG J 566 56.64 129.84 -141.44
CA ARG J 566 57.05 128.56 -140.90
C ARG J 566 56.07 127.48 -141.33
N THR J 567 56.55 126.24 -141.28
CA THR J 567 55.76 125.06 -141.52
C THR J 567 55.59 124.32 -140.21
N ASN J 568 54.36 123.90 -139.92
CA ASN J 568 54.10 123.20 -138.67
C ASN J 568 52.93 122.25 -138.91
N GLY J 569 52.52 121.56 -137.85
CA GLY J 569 51.40 120.66 -137.92
C GLY J 569 50.55 120.80 -136.68
N THR J 570 49.26 120.47 -136.83
CA THR J 570 48.34 120.49 -135.71
C THR J 570 47.39 119.31 -135.83
N SER J 571 46.66 119.06 -134.75
CA SER J 571 45.60 118.06 -134.75
C SER J 571 44.43 118.63 -133.96
N LYS J 572 43.37 117.83 -133.83
CA LYS J 572 42.17 118.32 -133.16
C LYS J 572 42.45 118.62 -131.69
N ILE J 573 43.18 117.74 -131.01
CA ILE J 573 43.56 117.98 -129.62
C ILE J 573 44.53 119.14 -129.51
N LYS J 574 45.48 119.24 -130.46
CA LYS J 574 46.43 120.35 -130.44
C LYS J 574 45.73 121.70 -130.57
N MET J 575 44.61 121.76 -131.30
CA MET J 575 43.86 123.00 -131.42
C MET J 575 42.98 123.24 -130.20
N LYS J 576 42.32 122.19 -129.70
CA LYS J 576 41.43 122.38 -128.55
C LYS J 576 42.23 122.79 -127.32
N TRP J 577 43.48 122.35 -127.21
CA TRP J 577 44.40 122.89 -126.20
C TRP J 577 44.98 124.14 -126.82
N GLY J 578 44.27 125.25 -126.63
CA GLY J 578 44.54 126.48 -127.33
C GLY J 578 43.22 127.18 -127.60
N MET J 579 42.16 126.38 -127.68
CA MET J 579 40.80 126.90 -127.59
C MET J 579 40.31 127.00 -126.16
N GLU J 580 40.99 126.34 -125.21
CA GLU J 580 40.71 126.45 -123.79
C GLU J 580 41.76 127.30 -123.07
N MET J 581 42.32 128.30 -123.75
CA MET J 581 43.37 129.10 -123.14
C MET J 581 42.83 130.06 -122.08
N ARG J 582 41.52 130.31 -122.06
CA ARG J 582 40.96 131.20 -121.05
C ARG J 582 41.15 130.65 -119.63
N ARG J 583 41.39 129.35 -119.51
CA ARG J 583 41.76 128.77 -118.21
C ARG J 583 42.93 129.51 -117.57
N CYS J 584 43.82 130.08 -118.40
CA CYS J 584 44.97 130.80 -117.88
C CYS J 584 44.55 131.95 -116.97
N LEU J 585 43.33 132.47 -117.15
CA LEU J 585 42.80 133.42 -116.19
C LEU J 585 42.39 132.73 -114.90
N LEU J 586 41.53 131.71 -115.00
CA LEU J 586 41.09 130.96 -113.83
C LEU J 586 42.27 130.44 -113.03
N GLN J 587 43.16 129.69 -113.68
CA GLN J 587 44.35 129.19 -113.00
C GLN J 587 45.10 130.32 -112.31
N SER J 588 45.13 131.49 -112.93
CA SER J 588 45.68 132.67 -112.27
C SER J 588 44.80 133.08 -111.10
N LEU J 589 43.54 133.39 -111.39
CA LEU J 589 42.66 134.01 -110.39
C LEU J 589 42.61 133.18 -109.11
N GLN J 590 42.27 131.89 -109.23
CA GLN J 590 42.19 131.07 -108.03
C GLN J 590 43.55 130.99 -107.34
N GLN J 591 44.63 130.83 -108.10
CA GLN J 591 45.93 130.76 -107.45
C GLN J 591 46.39 132.12 -106.95
N ILE J 592 45.72 133.19 -107.36
CA ILE J 592 45.81 134.44 -106.63
C ILE J 592 44.88 134.41 -105.43
N GLU J 593 43.60 134.06 -105.66
CA GLU J 593 42.63 134.04 -104.58
C GLU J 593 43.06 133.10 -103.48
N SER J 594 43.64 131.95 -103.85
CA SER J 594 44.18 131.02 -102.87
C SER J 594 45.15 131.73 -101.91
N MET J 595 46.11 132.47 -102.46
CA MET J 595 47.06 133.17 -101.60
C MET J 595 46.37 134.16 -100.67
N ILE J 596 45.28 134.78 -101.15
CA ILE J 596 44.57 135.76 -100.34
C ILE J 596 43.62 135.11 -99.35
N GLU J 597 43.51 133.79 -99.35
CA GLU J 597 42.68 133.08 -98.37
C GLU J 597 43.52 132.54 -97.22
N ALA J 598 44.50 131.69 -97.53
CA ALA J 598 45.29 131.04 -96.49
C ALA J 598 45.98 132.07 -95.61
N GLU J 599 46.78 132.95 -96.22
CA GLU J 599 47.46 134.00 -95.47
C GLU J 599 46.50 134.91 -94.74
N SER J 600 45.24 134.95 -95.16
CA SER J 600 44.23 135.76 -94.48
C SER J 600 43.26 134.92 -93.67
N SER J 601 43.36 133.59 -93.72
CA SER J 601 42.51 132.75 -92.89
C SER J 601 42.81 132.91 -91.41
N VAL J 602 44.05 133.29 -91.08
CA VAL J 602 44.44 133.49 -89.68
C VAL J 602 44.12 134.94 -89.34
N LYS J 603 42.84 135.18 -89.02
CA LYS J 603 42.37 136.51 -88.69
C LYS J 603 40.95 136.41 -88.13
N GLU J 604 40.69 137.16 -87.06
CA GLU J 604 39.33 137.29 -86.55
C GLU J 604 38.45 138.00 -87.56
N LYS J 605 38.81 139.23 -87.94
CA LYS J 605 38.17 139.94 -89.03
C LYS J 605 39.11 139.86 -90.23
N ASP J 606 38.63 139.22 -91.30
CA ASP J 606 39.51 138.82 -92.38
C ASP J 606 40.19 140.02 -93.05
N MET J 607 41.49 139.89 -93.29
CA MET J 607 42.24 140.85 -94.08
C MET J 607 42.06 140.47 -95.55
N THR J 608 41.18 141.18 -96.25
CA THR J 608 40.90 140.89 -97.65
C THR J 608 41.18 142.07 -98.56
N LYS J 609 40.77 143.28 -98.15
CA LYS J 609 41.04 144.49 -98.91
C LYS J 609 42.44 145.04 -98.66
N GLU J 610 43.04 144.70 -97.51
CA GLU J 610 44.39 145.16 -97.19
C GLU J 610 45.45 144.53 -98.07
N PHE J 611 45.14 143.44 -98.78
CA PHE J 611 46.06 142.93 -99.79
C PHE J 611 46.31 143.98 -100.87
N PHE J 612 45.23 144.57 -101.38
CA PHE J 612 45.32 145.70 -102.28
C PHE J 612 45.29 146.98 -101.44
N GLU J 613 45.15 148.13 -102.09
CA GLU J 613 44.93 149.40 -101.40
C GLU J 613 46.10 149.78 -100.51
N ASN J 614 47.17 148.99 -100.53
CA ASN J 614 48.39 149.26 -99.76
C ASN J 614 49.57 149.12 -100.70
N LYS J 615 49.94 150.21 -101.38
CA LYS J 615 51.06 150.15 -102.30
C LYS J 615 52.37 149.94 -101.58
N SER J 616 52.41 150.16 -100.26
CA SER J 616 53.60 149.86 -99.48
C SER J 616 53.85 148.36 -99.40
N GLU J 617 52.80 147.55 -99.44
CA GLU J 617 52.95 146.11 -99.45
C GLU J 617 53.46 145.68 -100.82
N THR J 618 54.74 145.29 -100.88
CA THR J 618 55.40 144.92 -102.11
C THR J 618 55.73 143.43 -102.11
N TRP J 619 55.77 142.86 -103.30
CA TRP J 619 56.04 141.44 -103.49
C TRP J 619 57.24 141.27 -104.42
N PRO J 620 58.25 140.49 -104.02
CA PRO J 620 59.44 140.29 -104.87
C PRO J 620 59.14 139.40 -106.07
N ILE J 621 59.28 139.97 -107.27
CA ILE J 621 59.02 139.24 -108.50
C ILE J 621 60.11 139.49 -109.53
N GLY J 622 60.98 140.46 -109.29
CA GLY J 622 61.94 140.84 -110.30
C GLY J 622 63.29 141.15 -109.68
N GLU J 623 64.34 140.92 -110.47
CA GLU J 623 65.72 141.19 -110.07
C GLU J 623 66.51 141.65 -111.30
N SER J 624 66.52 142.96 -111.55
CA SER J 624 67.42 143.46 -112.59
C SER J 624 68.85 143.65 -112.07
N PRO J 625 69.10 144.42 -110.98
CA PRO J 625 70.49 144.71 -110.57
C PRO J 625 71.05 143.69 -109.58
N LYS J 626 70.87 142.41 -109.88
CA LYS J 626 71.25 141.33 -108.95
C LYS J 626 70.69 141.54 -107.55
N GLY J 627 69.55 142.20 -107.46
CA GLY J 627 68.93 142.49 -106.17
C GLY J 627 67.43 142.44 -106.31
N VAL J 628 66.76 142.16 -105.19
CA VAL J 628 65.32 142.00 -105.21
C VAL J 628 64.67 143.34 -105.55
N GLU J 629 63.93 143.37 -106.65
CA GLU J 629 63.15 144.53 -107.07
C GLU J 629 61.68 144.16 -106.85
N ASP J 630 61.19 144.48 -105.65
CA ASP J 630 59.80 144.17 -105.31
C ASP J 630 58.86 145.15 -106.00
N GLY J 631 57.75 144.62 -106.51
CA GLY J 631 56.74 145.42 -107.19
C GLY J 631 55.42 145.38 -106.44
N SER J 632 54.42 146.01 -107.05
CA SER J 632 53.10 146.03 -106.44
C SER J 632 52.40 144.71 -106.75
N ILE J 633 51.11 144.63 -106.46
CA ILE J 633 50.41 143.35 -106.55
C ILE J 633 49.95 143.08 -107.98
N GLY J 634 49.55 144.13 -108.71
CA GLY J 634 49.13 143.94 -110.08
C GLY J 634 50.24 143.37 -110.96
N LYS J 635 51.49 143.75 -110.68
CA LYS J 635 52.61 143.12 -111.35
C LYS J 635 52.65 141.63 -111.08
N VAL J 636 52.34 141.21 -109.86
CA VAL J 636 52.27 139.80 -109.52
C VAL J 636 51.15 139.11 -110.31
N CYS J 637 49.99 139.79 -110.40
CA CYS J 637 48.87 139.23 -111.16
C CYS J 637 49.25 139.01 -112.62
N ARG J 638 49.84 140.03 -113.24
CA ARG J 638 50.26 139.90 -114.63
C ARG J 638 51.36 138.86 -114.80
N THR J 639 52.21 138.69 -113.78
CA THR J 639 53.27 137.68 -113.84
C THR J 639 52.67 136.28 -113.85
N LEU J 640 51.71 136.02 -112.96
CA LEU J 640 51.08 134.70 -112.94
C LEU J 640 50.25 134.47 -114.20
N LEU J 641 49.59 135.50 -114.71
CA LEU J 641 48.84 135.35 -115.95
C LEU J 641 49.75 134.94 -117.09
N ALA J 642 50.87 135.65 -117.26
CA ALA J 642 51.81 135.30 -118.33
C ALA J 642 52.45 133.94 -118.09
N LYS J 643 52.67 133.57 -116.82
CA LYS J 643 53.16 132.23 -116.52
C LYS J 643 52.21 131.17 -117.04
N SER J 644 50.93 131.29 -116.69
CA SER J 644 49.96 130.30 -117.15
C SER J 644 49.85 130.31 -118.67
N VAL J 645 49.91 131.49 -119.29
CA VAL J 645 49.81 131.57 -120.74
C VAL J 645 50.95 130.84 -121.41
N PHE J 646 52.19 131.09 -120.95
CA PHE J 646 53.34 130.40 -121.52
C PHE J 646 53.31 128.91 -121.22
N ASN J 647 52.78 128.53 -120.05
CA ASN J 647 52.60 127.11 -119.75
C ASN J 647 51.64 126.48 -120.75
N SER J 648 50.65 127.24 -121.20
CA SER J 648 49.67 126.73 -122.16
C SER J 648 50.25 126.64 -123.56
N LEU J 649 50.97 127.67 -124.01
CA LEU J 649 51.44 127.69 -125.39
C LEU J 649 52.69 126.83 -125.57
N TYR J 650 53.65 126.95 -124.65
CA TYR J 650 54.84 126.11 -124.66
C TYR J 650 54.63 124.79 -123.94
N ALA J 651 53.38 124.32 -123.82
CA ALA J 651 53.07 123.08 -123.13
C ALA J 651 53.90 121.92 -123.66
N SER J 652 54.68 121.30 -122.78
CA SER J 652 55.57 120.21 -123.13
C SER J 652 55.67 119.27 -121.94
N PRO J 653 55.66 117.95 -122.18
CA PRO J 653 55.85 117.02 -121.05
C PRO J 653 57.16 117.19 -120.31
N GLN J 654 58.18 117.78 -120.94
CA GLN J 654 59.41 118.09 -120.22
C GLN J 654 59.14 119.09 -119.11
N LEU J 655 58.34 120.12 -119.39
CA LEU J 655 57.94 121.05 -118.33
C LEU J 655 57.13 120.35 -117.26
N GLU J 656 56.29 119.40 -117.66
CA GLU J 656 55.53 118.59 -116.70
C GLU J 656 56.46 117.91 -115.71
N GLY J 657 57.44 117.16 -116.22
CA GLY J 657 58.37 116.47 -115.34
C GLY J 657 59.20 117.43 -114.51
N PHE J 658 59.65 118.53 -115.11
CA PHE J 658 60.49 119.49 -114.40
C PHE J 658 59.73 120.12 -113.23
N SER J 659 58.49 120.55 -113.47
CA SER J 659 57.69 121.13 -112.39
C SER J 659 57.43 120.11 -111.30
N ALA J 660 57.05 118.89 -111.71
CA ALA J 660 56.73 117.85 -110.73
C ALA J 660 57.93 117.54 -109.84
N GLU J 661 59.13 117.50 -110.42
CA GLU J 661 60.32 117.16 -109.64
C GLU J 661 60.95 118.35 -108.93
N SER J 662 60.70 119.59 -109.38
CA SER J 662 61.23 120.76 -108.72
C SER J 662 60.36 121.20 -107.55
N ARG J 663 59.08 120.82 -107.55
CA ARG J 663 58.25 121.04 -106.38
C ARG J 663 58.87 120.43 -105.14
N LYS J 664 59.55 119.29 -105.30
CA LYS J 664 60.15 118.62 -104.15
C LYS J 664 61.26 119.45 -103.53
N LEU J 665 62.17 119.95 -104.36
CA LEU J 665 63.27 120.78 -103.85
C LEU J 665 62.75 122.09 -103.28
N LEU J 666 61.73 122.67 -103.92
CA LEU J 666 61.13 123.89 -103.36
C LEU J 666 60.55 123.62 -101.98
N LEU J 667 59.88 122.48 -101.81
CA LEU J 667 59.32 122.14 -100.51
C LEU J 667 60.43 121.92 -99.48
N VAL J 668 61.54 121.31 -99.89
CA VAL J 668 62.67 121.13 -98.97
C VAL J 668 63.22 122.48 -98.54
N VAL J 669 63.35 123.41 -99.49
CA VAL J 669 63.84 124.75 -99.15
C VAL J 669 62.89 125.44 -98.18
N GLN J 670 61.58 125.30 -98.39
CA GLN J 670 60.62 125.95 -97.50
C GLN J 670 60.64 125.31 -96.12
N ALA J 671 60.75 123.98 -96.05
CA ALA J 671 60.88 123.31 -94.76
C ALA J 671 62.13 123.77 -94.02
N LEU J 672 63.21 124.05 -94.76
CA LEU J 672 64.39 124.62 -94.13
C LEU J 672 64.11 126.04 -93.63
N ARG J 673 63.32 126.81 -94.38
CA ARG J 673 63.00 128.17 -93.96
C ARG J 673 62.11 128.19 -92.72
N ASP J 674 61.26 127.19 -92.54
CA ASP J 674 60.45 127.08 -91.33
C ASP J 674 61.24 126.53 -90.14
N ASN J 675 62.53 126.26 -90.32
CA ASN J 675 63.42 125.78 -89.26
C ASN J 675 62.88 124.49 -88.64
N LEU J 676 62.69 123.49 -89.51
CA LEU J 676 62.23 122.17 -89.10
C LEU J 676 63.26 121.11 -89.44
N GLU J 677 64.53 121.52 -89.53
CA GLU J 677 65.72 120.70 -89.77
C GLU J 677 65.44 119.52 -90.70
N PRO J 678 65.10 119.77 -91.96
CA PRO J 678 64.76 118.68 -92.88
C PRO J 678 66.02 117.94 -93.35
N GLY J 679 65.80 116.93 -94.18
CA GLY J 679 66.88 116.12 -94.72
C GLY J 679 66.38 115.37 -95.94
N THR J 680 67.34 114.76 -96.65
CA THR J 680 67.02 114.01 -97.85
C THR J 680 67.60 112.60 -97.74
N PHE J 681 67.43 111.82 -98.82
CA PHE J 681 68.03 110.50 -98.95
C PHE J 681 69.03 110.45 -100.10
N ASP J 682 68.60 110.80 -101.31
CA ASP J 682 69.44 110.77 -102.51
C ASP J 682 69.23 112.11 -103.22
N LEU J 683 70.02 113.11 -102.84
CA LEU J 683 69.97 114.40 -103.52
C LEU J 683 70.53 114.26 -104.94
N GLU J 684 71.55 113.42 -105.11
CA GLU J 684 72.07 113.14 -106.44
C GLU J 684 71.00 112.51 -107.33
N GLY J 685 70.13 111.69 -106.74
CA GLY J 685 69.05 111.10 -107.52
C GLY J 685 68.04 112.12 -108.01
N LEU J 686 67.67 113.07 -107.15
CA LEU J 686 66.76 114.13 -107.57
C LEU J 686 67.41 115.02 -108.62
N TYR J 687 68.71 115.31 -108.46
CA TYR J 687 69.42 116.08 -109.47
C TYR J 687 69.43 115.37 -110.81
N GLU J 688 69.68 114.05 -110.80
CA GLU J 688 69.64 113.29 -112.04
C GLU J 688 68.26 113.33 -112.67
N ALA J 689 67.21 113.15 -111.84
CA ALA J 689 65.85 113.14 -112.36
C ALA J 689 65.45 114.50 -112.94
N ILE J 690 65.96 115.59 -112.35
CA ILE J 690 65.61 116.92 -112.85
C ILE J 690 66.37 117.22 -114.13
N GLU J 691 67.67 116.93 -114.16
CA GLU J 691 68.45 117.17 -115.36
C GLU J 691 68.07 116.24 -116.51
N GLU J 692 67.40 115.12 -116.21
CA GLU J 692 66.93 114.23 -117.27
C GLU J 692 65.82 114.84 -118.11
N CYS J 693 65.19 115.92 -117.65
CA CYS J 693 64.11 116.57 -118.38
C CYS J 693 64.44 118.02 -118.72
N LEU J 694 65.72 118.31 -118.95
CA LEU J 694 66.17 119.65 -119.35
C LEU J 694 66.94 119.51 -120.66
N ILE J 695 66.23 119.64 -121.78
CA ILE J 695 66.86 119.41 -123.08
C ILE J 695 66.75 120.62 -124.00
N ASN J 696 65.53 120.97 -124.40
CA ASN J 696 65.38 121.98 -125.45
C ASN J 696 64.27 123.00 -125.23
N ASP J 697 63.38 122.82 -124.27
CA ASP J 697 62.26 123.75 -124.11
C ASP J 697 62.75 125.04 -123.47
N PRO J 698 62.52 126.21 -124.10
CA PRO J 698 63.00 127.46 -123.49
C PRO J 698 62.24 127.83 -122.22
N TRP J 699 60.96 127.47 -122.12
CA TRP J 699 60.21 127.78 -120.92
C TRP J 699 60.76 127.04 -119.70
N VAL J 700 61.10 125.76 -119.89
CA VAL J 700 61.73 124.98 -118.82
C VAL J 700 63.04 125.61 -118.39
N LEU J 701 63.85 126.06 -119.36
CA LEU J 701 65.15 126.64 -119.04
C LEU J 701 64.99 127.98 -118.33
N LEU J 702 63.99 128.78 -118.72
CA LEU J 702 63.72 130.02 -118.00
C LEU J 702 63.28 129.74 -116.57
N ASN J 703 62.43 128.71 -116.38
CA ASN J 703 62.08 128.31 -115.02
C ASN J 703 63.30 127.84 -114.24
N ALA J 704 64.24 127.18 -114.91
CA ALA J 704 65.45 126.72 -114.23
C ALA J 704 66.31 127.88 -113.78
N SER J 705 66.50 128.89 -114.64
CA SER J 705 67.26 130.07 -114.24
C SER J 705 66.53 130.83 -113.14
N TRP J 706 65.20 130.92 -113.22
CA TRP J 706 64.41 131.51 -112.15
C TRP J 706 64.66 130.79 -110.83
N PHE J 707 64.65 129.45 -110.86
CA PHE J 707 64.82 128.68 -109.65
C PHE J 707 66.23 128.83 -109.09
N ASN J 708 67.23 128.89 -109.96
CA ASN J 708 68.59 129.11 -109.48
C ASN J 708 68.73 130.48 -108.83
N SER J 709 68.13 131.51 -109.44
CA SER J 709 68.14 132.84 -108.81
C SER J 709 67.40 132.83 -107.49
N PHE J 710 66.32 132.03 -107.39
CA PHE J 710 65.59 131.91 -106.13
C PHE J 710 66.44 131.23 -105.06
N LEU J 711 67.13 130.15 -105.43
CA LEU J 711 68.05 129.48 -104.51
C LEU J 711 69.17 130.40 -104.07
N THR J 712 69.58 131.34 -104.94
CA THR J 712 70.59 132.31 -104.54
C THR J 712 70.14 133.12 -103.34
N HIS J 713 68.86 133.49 -103.30
CA HIS J 713 68.30 134.27 -102.21
C HIS J 713 67.57 133.42 -101.18
N ALA J 714 67.75 132.10 -101.21
CA ALA J 714 67.15 131.20 -100.24
C ALA J 714 68.15 130.73 -99.19
N LEU J 715 69.01 131.63 -98.72
CA LEU J 715 70.07 131.29 -97.77
C LEU J 715 70.93 130.15 -98.32
N ARG J 716 71.15 130.17 -99.63
CA ARG J 716 71.86 129.10 -100.34
C ARG J 716 71.29 127.72 -100.01
N MET K 1 64.08 145.76 -116.68
CA MET K 1 64.21 144.73 -115.65
C MET K 1 63.60 143.41 -116.12
N ASP K 2 64.00 142.32 -115.47
CA ASP K 2 63.52 140.98 -115.79
C ASP K 2 62.63 140.46 -114.67
N VAL K 3 61.61 139.69 -115.05
CA VAL K 3 60.56 139.22 -114.14
C VAL K 3 60.80 137.77 -113.79
N ASN K 4 60.57 137.43 -112.51
CA ASN K 4 60.70 136.07 -111.99
C ASN K 4 59.54 135.74 -111.05
N PRO K 5 58.62 134.87 -111.46
CA PRO K 5 57.47 134.56 -110.59
C PRO K 5 57.82 133.76 -109.35
N THR K 6 58.83 132.88 -109.42
CA THR K 6 59.17 132.05 -108.27
C THR K 6 59.64 132.87 -107.08
N LEU K 7 60.20 134.07 -107.33
CA LEU K 7 60.62 134.94 -106.25
C LEU K 7 59.49 135.28 -105.28
N LEU K 8 58.23 135.10 -105.72
CA LEU K 8 57.09 135.30 -104.84
C LEU K 8 57.21 134.50 -103.55
N PHE K 9 57.94 133.38 -103.59
CA PHE K 9 58.10 132.53 -102.42
C PHE K 9 58.96 133.14 -101.33
N LEU K 10 59.54 134.33 -101.55
CA LEU K 10 60.33 134.95 -100.49
C LEU K 10 59.46 135.61 -99.43
N LYS K 11 58.30 136.15 -99.80
CA LYS K 11 57.41 136.76 -98.83
C LYS K 11 56.35 135.80 -98.30
N VAL K 12 55.85 134.90 -99.15
CA VAL K 12 54.79 133.97 -98.79
C VAL K 12 55.32 132.55 -98.98
N PRO K 13 55.19 131.68 -97.99
CA PRO K 13 55.65 130.29 -98.16
C PRO K 13 54.88 129.57 -99.25
N ALA K 14 55.37 128.38 -99.58
CA ALA K 14 54.91 127.66 -100.77
C ALA K 14 53.49 127.13 -100.60
N GLN K 15 53.20 126.46 -99.47
CA GLN K 15 51.93 125.78 -99.32
C GLN K 15 50.73 126.71 -99.40
N ASN K 16 50.92 128.01 -99.15
CA ASN K 16 49.85 128.96 -99.36
C ASN K 16 49.64 129.28 -100.84
N ALA K 17 50.66 129.03 -101.67
CA ALA K 17 50.60 129.36 -103.09
C ALA K 17 51.24 128.28 -103.95
N ILE K 18 51.16 127.01 -103.53
CA ILE K 18 51.80 125.93 -104.28
C ILE K 18 51.15 125.69 -105.63
N SER K 19 49.98 126.28 -105.89
CA SER K 19 49.31 126.09 -107.17
C SER K 19 50.12 126.68 -108.32
N THR K 20 51.06 127.58 -108.05
CA THR K 20 51.92 128.10 -109.10
C THR K 20 52.84 127.01 -109.64
N THR K 21 53.25 126.08 -108.78
CA THR K 21 54.13 124.99 -109.20
C THR K 21 53.42 124.02 -110.14
N PHE K 22 52.10 123.94 -110.07
CA PHE K 22 51.33 123.12 -110.98
C PHE K 22 51.32 123.77 -112.36
N PRO K 23 52.04 123.23 -113.34
CA PRO K 23 52.17 123.93 -114.63
C PRO K 23 50.87 123.97 -115.43
N TYR K 24 50.23 122.82 -115.62
CA TYR K 24 49.10 122.70 -116.52
C TYR K 24 47.80 122.63 -115.73
N THR K 25 46.72 123.08 -116.37
CA THR K 25 45.39 123.01 -115.80
C THR K 25 44.67 121.71 -116.15
N GLY K 26 44.58 121.39 -117.43
CA GLY K 26 43.93 120.17 -117.86
C GLY K 26 44.92 119.05 -118.08
N ASP K 27 44.84 118.40 -119.24
CA ASP K 27 45.72 117.31 -119.60
C ASP K 27 46.44 117.66 -120.89
N PRO K 28 47.76 117.55 -120.94
CA PRO K 28 48.49 117.89 -122.15
C PRO K 28 48.44 116.77 -123.16
N PRO K 29 48.72 117.04 -124.43
CA PRO K 29 48.85 115.95 -125.41
C PRO K 29 50.03 115.06 -125.06
N TYR K 30 49.74 113.80 -124.78
CA TYR K 30 50.80 112.86 -124.42
C TYR K 30 51.68 112.61 -125.65
N SER K 31 52.96 112.94 -125.54
CA SER K 31 53.88 112.65 -126.64
C SER K 31 53.98 111.15 -126.87
N HIS K 32 54.00 110.38 -125.78
CA HIS K 32 54.02 108.92 -125.85
C HIS K 32 52.60 108.33 -125.79
N GLY K 33 51.71 108.86 -126.63
CA GLY K 33 50.40 108.24 -126.82
C GLY K 33 50.45 106.92 -127.55
N THR K 34 51.61 106.60 -128.14
CA THR K 34 51.90 105.32 -128.75
C THR K 34 53.27 104.87 -128.27
N GLY K 35 53.83 103.84 -128.89
CA GLY K 35 55.16 103.42 -128.53
C GLY K 35 55.26 101.99 -128.02
N THR K 36 56.01 101.18 -128.76
CA THR K 36 56.30 99.80 -128.36
C THR K 36 57.67 99.66 -127.71
N GLY K 37 58.44 100.74 -127.64
CA GLY K 37 59.78 100.65 -127.08
C GLY K 37 59.71 100.81 -125.57
N TYR K 38 58.77 101.65 -125.10
CA TYR K 38 58.52 101.73 -123.67
C TYR K 38 58.02 100.40 -123.13
N THR K 39 57.25 99.65 -123.93
CA THR K 39 56.78 98.35 -123.50
C THR K 39 57.94 97.36 -123.33
N MET K 40 58.86 97.33 -124.29
CA MET K 40 60.02 96.45 -124.16
C MET K 40 60.90 96.85 -122.99
N ASP K 41 61.11 98.17 -122.82
CA ASP K 41 61.88 98.64 -121.67
C ASP K 41 61.23 98.23 -120.37
N THR K 42 59.90 98.33 -120.28
CA THR K 42 59.20 97.91 -119.06
C THR K 42 59.34 96.43 -118.81
N VAL K 43 59.19 95.61 -119.87
CA VAL K 43 59.31 94.16 -119.71
C VAL K 43 60.71 93.79 -119.22
N ASN K 44 61.75 94.33 -119.87
CA ASN K 44 63.11 93.97 -119.50
C ASN K 44 63.49 94.54 -118.14
N ARG K 45 62.95 95.70 -117.75
CA ARG K 45 63.20 96.21 -116.41
C ARG K 45 62.52 95.35 -115.36
N THR K 46 61.30 94.89 -115.64
CA THR K 46 60.61 94.01 -114.71
C THR K 46 61.37 92.71 -114.53
N HIS K 47 61.89 92.15 -115.64
CA HIS K 47 62.70 90.95 -115.51
C HIS K 47 64.12 91.23 -115.01
N GLN K 48 64.53 92.50 -114.94
CA GLN K 48 65.80 92.86 -114.34
C GLN K 48 65.71 92.94 -112.83
N TYR K 49 64.61 93.46 -112.30
CA TYR K 49 64.42 93.55 -110.86
C TYR K 49 64.06 92.21 -110.23
N SER K 50 64.12 91.13 -111.00
CA SER K 50 63.77 89.81 -110.47
C SER K 50 64.68 88.71 -110.99
N GLU K 51 65.79 89.03 -111.66
CA GLU K 51 66.68 88.01 -112.23
C GLU K 51 67.51 87.39 -111.12
N LYS K 52 66.97 86.34 -110.49
CA LYS K 52 67.69 85.59 -109.47
C LYS K 52 67.46 84.09 -109.65
N GLY K 53 67.53 83.63 -110.89
CA GLY K 53 67.50 82.20 -111.17
C GLY K 53 66.27 81.49 -110.66
N LYS K 54 65.13 82.17 -110.62
CA LYS K 54 63.86 81.60 -110.19
C LYS K 54 63.01 81.17 -111.38
N TRP K 55 63.68 80.69 -112.42
CA TRP K 55 63.03 80.38 -113.69
C TRP K 55 62.12 79.15 -113.57
N THR K 56 60.98 79.23 -114.24
CA THR K 56 60.07 78.09 -114.34
C THR K 56 59.41 78.12 -115.72
N THR K 57 59.47 76.98 -116.42
CA THR K 57 58.81 76.85 -117.71
C THR K 57 57.33 76.55 -117.50
N ASN K 58 56.47 77.35 -118.14
CA ASN K 58 55.04 77.15 -118.00
C ASN K 58 54.64 75.79 -118.57
N THR K 59 53.59 75.20 -118.00
CA THR K 59 53.13 73.88 -118.41
C THR K 59 52.14 73.91 -119.56
N GLU K 60 51.32 74.96 -119.68
CA GLU K 60 50.30 75.02 -120.72
C GLU K 60 50.55 76.11 -121.74
N THR K 61 51.43 77.07 -121.47
CA THR K 61 51.80 78.08 -122.44
C THR K 61 53.25 77.97 -122.89
N GLY K 62 54.08 77.22 -122.17
CA GLY K 62 55.48 77.12 -122.51
C GLY K 62 56.27 78.40 -122.35
N ALA K 63 55.66 79.43 -121.79
CA ALA K 63 56.31 80.72 -121.63
C ALA K 63 57.12 80.75 -120.35
N PRO K 64 58.41 81.07 -120.42
CA PRO K 64 59.22 81.12 -119.20
C PRO K 64 58.73 82.22 -118.26
N GLN K 65 58.83 81.93 -116.96
CA GLN K 65 58.33 82.84 -115.94
C GLN K 65 59.36 82.92 -114.81
N LEU K 66 59.43 84.09 -114.19
CA LEU K 66 60.31 84.30 -113.05
C LEU K 66 59.48 84.30 -111.77
N ASN K 67 60.07 83.74 -110.71
CA ASN K 67 59.38 83.55 -109.42
C ASN K 67 60.22 84.12 -108.29
N PRO K 68 60.48 85.43 -108.30
CA PRO K 68 61.43 86.00 -107.33
C PRO K 68 60.89 86.09 -105.92
N ILE K 69 59.69 85.57 -105.65
CA ILE K 69 59.13 85.64 -104.31
C ILE K 69 60.01 84.84 -103.35
N ASP K 70 60.15 85.35 -102.12
CA ASP K 70 61.05 84.83 -101.09
C ASP K 70 62.39 84.38 -101.66
N GLY K 71 62.94 85.18 -102.58
CA GLY K 71 64.22 84.88 -103.18
C GLY K 71 65.39 85.42 -102.37
N PRO K 72 66.54 85.58 -103.01
CA PRO K 72 67.71 86.07 -102.27
C PRO K 72 67.51 87.49 -101.76
N LEU K 73 68.03 87.75 -100.57
CA LEU K 73 67.93 89.07 -99.98
C LEU K 73 68.83 90.06 -100.72
N PRO K 74 68.41 91.32 -100.82
CA PRO K 74 69.22 92.32 -101.52
C PRO K 74 70.38 92.82 -100.67
N GLU K 75 71.49 93.09 -101.36
CA GLU K 75 72.64 93.73 -100.71
C GLU K 75 72.73 95.22 -100.98
N ASP K 76 72.03 95.71 -102.00
CA ASP K 76 72.09 97.10 -102.41
C ASP K 76 70.77 97.81 -102.14
N ASN K 77 70.83 99.14 -102.19
CA ASN K 77 69.66 100.00 -101.99
C ASN K 77 68.80 100.11 -103.25
N GLU K 78 69.24 99.52 -104.36
CA GLU K 78 68.52 99.61 -105.61
C GLU K 78 67.21 98.82 -105.54
N PRO K 79 66.25 99.14 -106.42
CA PRO K 79 64.97 98.41 -106.40
C PRO K 79 65.14 96.91 -106.60
N SER K 80 64.49 96.14 -105.72
CA SER K 80 64.57 94.68 -105.73
C SER K 80 63.17 94.11 -105.56
N GLY K 81 62.83 93.13 -106.39
CA GLY K 81 61.52 92.52 -106.33
C GLY K 81 61.51 91.18 -105.60
N TYR K 82 62.23 91.09 -104.50
CA TYR K 82 62.34 89.87 -103.71
C TYR K 82 61.63 90.09 -102.38
N ALA K 83 60.46 89.48 -102.23
CA ALA K 83 59.65 89.59 -101.01
C ALA K 83 59.47 88.21 -100.39
N GLN K 84 59.79 88.09 -99.10
CA GLN K 84 59.63 86.81 -98.41
C GLN K 84 58.17 86.57 -98.07
N THR K 85 57.72 85.33 -98.27
CA THR K 85 56.32 84.99 -98.07
C THR K 85 55.90 85.14 -96.61
N ASP K 86 56.69 84.56 -95.70
CA ASP K 86 56.34 84.58 -94.29
C ASP K 86 56.25 85.99 -93.74
N CYS K 87 57.09 86.91 -94.23
CA CYS K 87 57.02 88.29 -93.76
C CYS K 87 55.68 88.93 -94.08
N VAL K 88 55.23 88.79 -95.34
CA VAL K 88 53.95 89.36 -95.74
C VAL K 88 52.80 88.72 -94.98
N LEU K 89 52.82 87.39 -94.85
CA LEU K 89 51.72 86.71 -94.16
C LEU K 89 51.69 87.08 -92.68
N GLU K 90 52.86 87.24 -92.06
CA GLU K 90 52.93 87.67 -90.67
C GLU K 90 52.39 89.09 -90.52
N ALA K 91 52.70 89.96 -91.47
CA ALA K 91 52.16 91.32 -91.44
C ALA K 91 50.64 91.31 -91.53
N MET K 92 50.09 90.47 -92.41
CA MET K 92 48.65 90.38 -92.55
C MET K 92 48.00 89.86 -91.27
N ALA K 93 48.56 88.78 -90.71
CA ALA K 93 48.02 88.22 -89.47
C ALA K 93 48.12 89.22 -88.32
N PHE K 94 49.20 90.01 -88.29
CA PHE K 94 49.35 90.99 -87.23
C PHE K 94 48.38 92.17 -87.41
N LEU K 95 48.07 92.54 -88.65
CA LEU K 95 46.98 93.49 -88.87
C LEU K 95 45.68 92.92 -88.31
N GLU K 96 45.37 91.66 -88.63
CA GLU K 96 44.14 91.07 -88.11
C GLU K 96 44.14 91.04 -86.58
N GLU K 97 45.31 90.86 -85.96
CA GLU K 97 45.38 90.99 -84.51
C GLU K 97 45.16 92.44 -84.07
N SER K 98 45.55 93.40 -84.91
CA SER K 98 45.29 94.80 -84.60
C SER K 98 43.84 95.18 -84.82
N HIS K 99 43.16 94.51 -85.74
CA HIS K 99 41.73 94.71 -86.00
C HIS K 99 41.08 93.34 -86.05
N PRO K 100 40.39 92.93 -84.99
CA PRO K 100 39.93 91.54 -84.90
C PRO K 100 38.87 91.23 -85.94
N GLY K 101 39.11 90.18 -86.72
CA GLY K 101 38.09 89.68 -87.63
C GLY K 101 37.64 90.65 -88.68
N ILE K 102 38.42 91.71 -88.94
CA ILE K 102 38.04 92.67 -89.97
C ILE K 102 37.90 91.98 -91.33
N PHE K 103 38.77 91.00 -91.59
CA PHE K 103 38.63 90.23 -92.83
C PHE K 103 37.28 89.53 -92.89
N GLU K 104 36.74 89.11 -91.74
CA GLU K 104 35.49 88.37 -91.76
C GLU K 104 34.30 89.26 -92.10
N ASN K 105 34.24 90.46 -91.52
CA ASN K 105 33.18 91.40 -91.91
C ASN K 105 33.32 91.81 -93.38
N SER K 106 34.55 92.09 -93.81
CA SER K 106 34.77 92.44 -95.21
C SER K 106 34.37 91.30 -96.13
N CYS K 107 34.69 90.06 -95.75
CA CYS K 107 34.36 88.90 -96.57
C CYS K 107 32.85 88.65 -96.59
N LEU K 108 32.16 88.86 -95.47
CA LEU K 108 30.71 88.67 -95.47
C LEU K 108 30.01 89.70 -96.36
N GLU K 109 30.40 90.97 -96.23
CA GLU K 109 29.83 91.98 -97.11
C GLU K 109 30.18 91.72 -98.57
N THR K 110 31.41 91.28 -98.83
CA THR K 110 31.82 90.97 -100.20
C THR K 110 31.05 89.78 -100.75
N MET K 111 30.75 88.79 -99.89
CA MET K 111 29.97 87.64 -100.34
C MET K 111 28.55 88.05 -100.70
N GLU K 112 27.92 88.87 -99.86
CA GLU K 112 26.58 89.35 -100.20
C GLU K 112 26.60 90.14 -101.51
N VAL K 113 27.65 90.95 -101.71
CA VAL K 113 27.80 91.69 -102.96
C VAL K 113 27.89 90.73 -104.15
N VAL K 114 28.77 89.72 -104.06
CA VAL K 114 28.93 88.79 -105.18
C VAL K 114 27.67 87.97 -105.42
N GLN K 115 26.79 87.85 -104.42
CA GLN K 115 25.48 87.25 -104.70
C GLN K 115 24.61 88.22 -105.49
N GLN K 116 24.62 89.50 -105.11
CA GLN K 116 23.72 90.48 -105.73
C GLN K 116 24.25 91.05 -107.05
N THR K 117 25.51 90.83 -107.39
CA THR K 117 26.14 91.52 -108.52
C THR K 117 25.53 91.07 -109.84
N ARG K 118 25.02 92.01 -110.61
CA ARG K 118 24.54 91.75 -111.96
C ARG K 118 25.73 91.76 -112.91
N VAL K 119 25.47 91.70 -114.22
CA VAL K 119 26.55 91.83 -115.21
C VAL K 119 26.71 93.27 -115.69
N ASP K 120 25.81 94.17 -115.28
CA ASP K 120 25.86 95.55 -115.73
C ASP K 120 27.07 96.28 -115.19
N ARG K 121 27.49 95.99 -113.95
CA ARG K 121 28.65 96.65 -113.38
C ARG K 121 29.94 96.31 -114.11
N LEU K 122 29.90 95.47 -115.15
CA LEU K 122 31.05 95.24 -116.01
C LEU K 122 31.13 96.19 -117.18
N THR K 123 30.04 96.91 -117.48
CA THR K 123 30.07 97.92 -118.52
C THR K 123 30.51 99.28 -118.00
N GLN K 124 30.23 99.57 -116.73
CA GLN K 124 30.66 100.83 -116.13
C GLN K 124 32.16 100.78 -115.85
N GLY K 125 32.95 101.29 -116.79
CA GLY K 125 34.39 101.25 -116.62
C GLY K 125 35.09 101.90 -117.79
N ARG K 126 36.40 102.02 -117.65
CA ARG K 126 37.24 102.68 -118.64
C ARG K 126 37.52 101.74 -119.81
N GLN K 127 38.48 102.11 -120.65
CA GLN K 127 38.80 101.34 -121.86
C GLN K 127 39.15 99.91 -121.51
N THR K 128 38.75 98.98 -122.37
CA THR K 128 39.03 97.57 -122.17
C THR K 128 39.79 97.00 -123.37
N TYR K 129 40.19 95.74 -123.26
CA TYR K 129 40.85 95.01 -124.36
C TYR K 129 39.91 93.91 -124.81
N ASP K 130 39.42 93.99 -126.05
CA ASP K 130 38.66 92.90 -126.64
C ASP K 130 39.62 91.96 -127.36
N TRP K 131 39.69 90.72 -126.87
CA TRP K 131 40.47 89.69 -127.53
C TRP K 131 39.79 89.13 -128.77
N THR K 132 38.47 89.32 -128.89
CA THR K 132 37.74 88.83 -130.05
C THR K 132 38.25 89.47 -131.33
N LEU K 133 38.53 90.77 -131.29
CA LEU K 133 39.02 91.50 -132.44
C LEU K 133 40.51 91.79 -132.36
N ASN K 134 41.19 91.28 -131.33
CA ASN K 134 42.62 91.52 -131.10
C ASN K 134 42.90 93.02 -131.04
N ARG K 135 42.08 93.73 -130.28
CA ARG K 135 42.18 95.18 -130.26
C ARG K 135 41.60 95.72 -128.96
N ASN K 136 42.00 96.93 -128.59
CA ASN K 136 41.42 97.60 -127.46
C ASN K 136 40.08 98.20 -127.86
N GLN K 137 39.05 97.97 -127.06
CA GLN K 137 37.69 98.36 -127.38
C GLN K 137 37.02 98.93 -126.14
N PRO K 138 35.92 99.67 -126.32
CA PRO K 138 35.12 100.12 -125.17
C PRO K 138 34.51 98.94 -124.43
N ALA K 139 33.95 99.24 -123.26
CA ALA K 139 33.49 98.20 -122.35
C ALA K 139 32.34 97.40 -122.95
N ALA K 140 31.26 98.08 -123.34
CA ALA K 140 30.08 97.37 -123.83
C ALA K 140 30.37 96.62 -125.13
N THR K 141 31.25 97.16 -125.98
CA THR K 141 31.58 96.48 -127.23
C THR K 141 32.27 95.15 -126.97
N ALA K 142 33.33 95.17 -126.15
CA ALA K 142 34.01 93.93 -125.81
C ALA K 142 33.10 92.97 -125.05
N LEU K 143 32.20 93.51 -124.22
CA LEU K 143 31.28 92.66 -123.48
C LEU K 143 30.32 91.93 -124.40
N ALA K 144 29.72 92.64 -125.36
CA ALA K 144 28.82 92.00 -126.31
C ALA K 144 29.57 91.03 -127.21
N ASN K 145 30.79 91.38 -127.60
CA ASN K 145 31.61 90.46 -128.38
C ASN K 145 31.85 89.15 -127.61
N THR K 146 32.24 89.27 -126.34
CA THR K 146 32.50 88.08 -125.53
C THR K 146 31.24 87.26 -125.31
N ILE K 147 30.10 87.92 -125.07
CA ILE K 147 28.86 87.18 -124.86
C ILE K 147 28.46 86.43 -126.12
N GLU K 148 28.57 87.09 -127.28
CA GLU K 148 28.17 86.44 -128.52
C GLU K 148 29.12 85.31 -128.89
N VAL K 149 30.42 85.47 -128.61
CA VAL K 149 31.35 84.39 -128.92
C VAL K 149 31.22 83.24 -127.92
N PHE K 150 30.75 83.51 -126.71
CA PHE K 150 30.50 82.43 -125.76
C PHE K 150 29.24 81.66 -126.12
N ARG K 151 28.19 82.37 -126.51
CA ARG K 151 26.99 81.69 -126.99
C ARG K 151 27.26 80.98 -128.31
N SER K 152 28.21 81.48 -129.11
CA SER K 152 28.60 80.80 -130.34
C SER K 152 29.15 79.41 -130.04
N ASN K 153 29.88 79.27 -128.94
CA ASN K 153 30.33 77.98 -128.47
C ASN K 153 29.30 77.44 -127.48
N GLY K 154 29.63 76.38 -126.76
CA GLY K 154 28.69 75.78 -125.83
C GLY K 154 28.75 76.40 -124.45
N LEU K 155 28.65 77.72 -124.39
CA LEU K 155 28.77 78.47 -123.13
C LEU K 155 27.61 79.46 -123.03
N THR K 156 26.57 79.09 -122.27
CA THR K 156 25.35 79.87 -122.16
C THR K 156 24.94 80.02 -120.69
N ALA K 157 25.89 80.35 -119.83
CA ALA K 157 25.57 80.51 -118.41
C ALA K 157 25.18 81.93 -118.04
N ASN K 158 25.71 82.95 -118.75
CA ASN K 158 25.36 84.33 -118.42
C ASN K 158 23.91 84.66 -118.73
N GLU K 159 23.18 83.73 -119.37
CA GLU K 159 21.76 83.94 -119.63
C GLU K 159 20.95 84.04 -118.35
N SER K 160 21.48 83.53 -117.24
CA SER K 160 20.80 83.64 -115.96
C SER K 160 20.86 85.07 -115.41
N GLY K 161 21.88 85.84 -115.81
CA GLY K 161 22.01 87.22 -115.41
C GLY K 161 23.01 87.46 -114.29
N ARG K 162 23.34 86.44 -113.52
CA ARG K 162 24.30 86.59 -112.43
C ARG K 162 25.71 86.61 -113.00
N LEU K 163 26.53 87.55 -112.52
CA LEU K 163 27.90 87.66 -113.02
C LEU K 163 28.71 86.40 -112.71
N ILE K 164 28.39 85.71 -111.60
CA ILE K 164 29.10 84.48 -111.26
C ILE K 164 28.91 83.45 -112.36
N ASP K 165 27.77 83.45 -113.05
CA ASP K 165 27.61 82.55 -114.17
C ASP K 165 28.49 82.96 -115.34
N PHE K 166 28.71 84.26 -115.53
CA PHE K 166 29.71 84.69 -116.51
C PHE K 166 31.09 84.19 -116.13
N LEU K 167 31.39 84.14 -114.82
CA LEU K 167 32.67 83.63 -114.38
C LEU K 167 32.77 82.12 -114.63
N LYS K 168 31.66 81.40 -114.42
CA LYS K 168 31.61 79.99 -114.79
C LYS K 168 31.84 79.81 -116.29
N ASP K 169 31.28 80.71 -117.09
CA ASP K 169 31.53 80.68 -118.53
C ASP K 169 33.00 80.89 -118.83
N VAL K 170 33.63 81.86 -118.17
CA VAL K 170 35.07 82.09 -118.34
C VAL K 170 35.84 80.82 -118.02
N MET K 171 35.45 80.14 -116.93
CA MET K 171 36.14 78.91 -116.55
C MET K 171 35.98 77.82 -117.60
N GLU K 172 34.73 77.60 -118.06
CA GLU K 172 34.48 76.58 -119.07
C GLU K 172 35.16 76.90 -120.40
N SER K 173 35.40 78.18 -120.68
CA SER K 173 35.96 78.56 -121.97
C SER K 173 37.39 78.08 -122.13
N MET K 174 38.18 78.11 -121.06
CA MET K 174 39.58 77.73 -121.12
C MET K 174 39.79 76.24 -121.34
N ASP K 175 38.75 75.42 -121.21
CA ASP K 175 38.91 73.96 -121.29
C ASP K 175 38.78 73.41 -122.70
N LYS K 176 38.21 74.17 -123.65
CA LYS K 176 37.99 73.63 -124.99
C LYS K 176 39.20 73.85 -125.88
N GLU K 177 39.42 72.89 -126.78
CA GLU K 177 40.58 72.92 -127.66
C GLU K 177 40.37 73.86 -128.85
N GLU K 178 39.23 73.75 -129.52
CA GLU K 178 38.98 74.52 -130.73
C GLU K 178 38.18 75.78 -130.39
N MET K 179 38.47 76.86 -131.10
CA MET K 179 37.76 78.14 -130.95
C MET K 179 37.46 78.68 -132.33
N GLU K 180 36.28 78.36 -132.85
CA GLU K 180 35.87 78.81 -134.18
C GLU K 180 35.17 80.16 -134.03
N ILE K 181 35.72 81.18 -134.67
CA ILE K 181 35.23 82.55 -134.56
C ILE K 181 34.59 82.95 -135.88
N THR K 182 33.42 83.59 -135.79
CA THR K 182 32.70 84.05 -136.97
C THR K 182 32.75 85.56 -137.09
N LYS K 208 32.52 84.84 -143.60
CA LYS K 208 33.36 83.64 -143.56
C LYS K 208 34.60 83.90 -142.73
N LYS K 209 34.67 83.25 -141.56
CA LYS K 209 35.78 83.42 -140.64
C LYS K 209 36.08 82.10 -139.96
N GLN K 210 37.38 81.84 -139.75
CA GLN K 210 37.85 80.63 -139.11
C GLN K 210 39.18 80.95 -138.45
N ARG K 211 39.29 80.65 -137.16
CA ARG K 211 40.37 81.25 -136.37
C ARG K 211 41.11 80.26 -135.48
N VAL K 212 41.90 80.80 -134.55
CA VAL K 212 42.97 80.09 -133.86
C VAL K 212 42.46 79.08 -132.84
N ASN K 213 43.37 78.25 -132.35
CA ASN K 213 43.10 77.13 -131.46
C ASN K 213 43.11 77.58 -130.00
N LYS K 214 43.20 76.60 -129.09
CA LYS K 214 43.16 76.86 -127.65
C LYS K 214 44.36 77.68 -127.18
N ARG K 215 45.54 77.40 -127.74
CA ARG K 215 46.76 78.03 -127.24
C ARG K 215 46.71 79.55 -127.41
N SER K 216 46.36 80.01 -128.61
CA SER K 216 46.24 81.45 -128.82
C SER K 216 45.10 82.05 -128.00
N TYR K 217 44.03 81.30 -127.79
CA TYR K 217 42.95 81.80 -126.93
C TYR K 217 43.42 82.03 -125.51
N LEU K 218 44.14 81.05 -124.95
CA LEU K 218 44.71 81.22 -123.61
C LEU K 218 45.66 82.42 -123.57
N ILE K 219 46.48 82.57 -124.61
CA ILE K 219 47.40 83.71 -124.64
C ILE K 219 46.63 85.02 -124.67
N ARG K 220 45.52 85.06 -125.41
CA ARG K 220 44.72 86.29 -125.48
C ARG K 220 44.01 86.57 -124.16
N ALA K 221 43.54 85.52 -123.47
CA ALA K 221 42.86 85.74 -122.20
C ALA K 221 43.79 86.37 -121.17
N LEU K 222 45.08 86.08 -121.27
CA LEU K 222 46.09 86.67 -120.40
C LEU K 222 46.79 87.86 -121.05
N THR K 223 46.42 88.20 -122.28
CA THR K 223 47.08 89.28 -123.00
C THR K 223 46.67 90.63 -122.43
N LEU K 224 47.65 91.49 -122.22
CA LEU K 224 47.42 92.83 -121.71
C LEU K 224 47.88 93.86 -122.75
N ASN K 225 47.32 95.07 -122.65
CA ASN K 225 47.59 96.11 -123.63
C ASN K 225 47.59 97.46 -122.92
N THR K 226 47.56 98.53 -123.72
CA THR K 226 47.48 99.90 -123.19
C THR K 226 46.31 100.65 -123.81
N THR K 243 45.67 98.20 -119.67
CA THR K 243 44.38 97.75 -120.19
C THR K 243 44.17 96.28 -119.89
N PRO K 244 43.13 95.98 -119.11
CA PRO K 244 42.88 94.59 -118.71
C PRO K 244 42.18 93.79 -119.80
N GLY K 245 42.26 92.47 -119.65
CA GLY K 245 41.51 91.58 -120.51
C GLY K 245 40.02 91.69 -120.22
N MET K 246 39.24 90.91 -120.99
CA MET K 246 37.80 90.99 -120.82
C MET K 246 37.30 90.10 -119.69
N GLN K 247 37.89 88.91 -119.53
CA GLN K 247 37.42 87.98 -118.51
C GLN K 247 37.80 88.44 -117.11
N ILE K 248 39.06 88.86 -116.95
CA ILE K 248 39.61 89.17 -115.63
C ILE K 248 38.93 90.35 -114.94
N ARG K 249 38.11 91.12 -115.67
CA ARG K 249 37.53 92.32 -115.09
C ARG K 249 36.56 91.99 -113.96
N GLY K 250 35.78 90.90 -114.09
CA GLY K 250 34.87 90.54 -113.02
C GLY K 250 35.60 90.16 -111.75
N PHE K 251 36.64 89.32 -111.87
CA PHE K 251 37.40 88.91 -110.70
C PHE K 251 38.16 90.07 -110.08
N VAL K 252 38.70 90.96 -110.92
CA VAL K 252 39.37 92.13 -110.37
C VAL K 252 38.38 93.05 -109.68
N TYR K 253 37.14 93.14 -110.18
CA TYR K 253 36.11 93.91 -109.49
C TYR K 253 35.80 93.31 -108.13
N PHE K 254 35.72 91.98 -108.05
CA PHE K 254 35.43 91.34 -106.77
C PHE K 254 36.57 91.57 -105.78
N VAL K 255 37.81 91.39 -106.23
CA VAL K 255 38.96 91.62 -105.36
C VAL K 255 39.00 93.07 -104.90
N GLU K 256 38.66 94.00 -105.78
CA GLU K 256 38.70 95.41 -105.41
C GLU K 256 37.55 95.77 -104.48
N THR K 257 36.39 95.12 -104.62
CA THR K 257 35.32 95.32 -103.66
C THR K 257 35.73 94.83 -102.28
N LEU K 258 36.41 93.68 -102.22
CA LEU K 258 36.94 93.22 -100.94
C LEU K 258 37.91 94.23 -100.35
N ALA K 259 38.84 94.73 -101.18
CA ALA K 259 39.78 95.73 -100.69
C ALA K 259 39.08 97.01 -100.24
N ARG K 260 37.96 97.35 -100.88
CA ARG K 260 37.19 98.53 -100.48
C ARG K 260 36.56 98.32 -99.11
N SER K 261 35.89 97.17 -98.93
CA SER K 261 35.29 96.88 -97.63
C SER K 261 36.32 96.75 -96.53
N ILE K 262 37.55 96.40 -96.88
CA ILE K 262 38.63 96.38 -95.89
C ILE K 262 39.09 97.79 -95.55
N CYS K 263 39.33 98.60 -96.59
CA CYS K 263 39.88 99.94 -96.39
C CYS K 263 38.89 100.90 -95.75
N GLU K 264 37.59 100.66 -95.90
CA GLU K 264 36.61 101.53 -95.28
C GLU K 264 36.72 101.55 -93.76
N LYS K 265 37.10 100.42 -93.15
CA LYS K 265 37.18 100.31 -91.71
C LYS K 265 38.61 100.49 -91.19
N LEU K 266 39.47 101.10 -92.00
CA LEU K 266 40.84 101.43 -91.60
C LEU K 266 41.00 102.93 -91.71
N GLU K 267 41.38 103.57 -90.60
CA GLU K 267 41.56 105.02 -90.60
C GLU K 267 42.75 105.42 -91.46
N GLN K 268 43.80 104.61 -91.46
CA GLN K 268 45.02 104.93 -92.19
C GLN K 268 44.88 104.77 -93.70
N SER K 269 43.76 104.26 -94.18
CA SER K 269 43.49 104.09 -95.60
C SER K 269 42.40 105.08 -96.00
N GLY K 270 42.81 106.18 -96.61
CA GLY K 270 41.87 107.22 -97.03
C GLY K 270 41.61 107.19 -98.53
N LEU K 271 41.54 105.98 -99.08
CA LEU K 271 41.39 105.78 -100.51
C LEU K 271 39.95 106.00 -101.03
N PRO K 272 38.92 105.40 -100.42
CA PRO K 272 37.59 105.52 -101.01
C PRO K 272 37.05 106.95 -101.09
N VAL K 273 37.47 107.82 -100.17
CA VAL K 273 36.97 109.19 -100.16
C VAL K 273 37.66 110.02 -101.24
N GLY K 274 37.12 111.19 -101.53
CA GLY K 274 37.71 112.07 -102.51
C GLY K 274 37.56 113.53 -102.15
N GLY K 275 38.66 114.27 -102.13
CA GLY K 275 38.62 115.69 -101.85
C GLY K 275 38.75 116.01 -100.37
N ASN K 276 37.92 116.94 -99.89
CA ASN K 276 38.08 117.51 -98.56
C ASN K 276 38.05 116.46 -97.45
N GLU K 277 37.46 115.29 -97.72
CA GLU K 277 37.46 114.22 -96.71
C GLU K 277 38.88 113.86 -96.31
N LYS K 278 39.77 113.71 -97.30
CA LYS K 278 41.18 113.46 -97.03
C LYS K 278 41.76 114.52 -96.09
N LYS K 279 41.30 115.76 -96.20
CA LYS K 279 41.74 116.81 -95.28
C LYS K 279 41.66 116.33 -93.84
N ALA K 280 40.49 115.81 -93.45
CA ALA K 280 40.35 115.33 -92.08
C ALA K 280 41.35 114.23 -91.77
N LYS K 281 41.51 113.27 -92.70
CA LYS K 281 42.45 112.18 -92.46
C LYS K 281 43.90 112.66 -92.43
N LEU K 282 44.18 113.85 -92.96
CA LEU K 282 45.49 114.43 -92.75
C LEU K 282 45.54 115.25 -91.47
N ALA K 283 44.44 115.90 -91.11
CA ALA K 283 44.40 116.68 -89.87
C ALA K 283 44.23 115.79 -88.65
N ASN K 284 43.79 114.55 -88.84
CA ASN K 284 43.57 113.64 -87.72
C ASN K 284 44.86 112.95 -87.29
N VAL K 285 45.47 112.18 -88.19
CA VAL K 285 46.60 111.33 -87.83
C VAL K 285 47.81 112.15 -87.37
N VAL K 286 47.97 113.35 -87.92
CA VAL K 286 49.02 114.25 -87.44
C VAL K 286 48.90 114.44 -85.94
N ARG K 287 47.69 114.73 -85.47
CA ARG K 287 47.50 114.97 -84.04
C ARG K 287 47.70 113.71 -83.21
N LYS K 288 47.68 112.53 -83.84
CA LYS K 288 48.02 111.30 -83.11
C LYS K 288 49.49 111.26 -82.72
N MET K 289 50.33 112.07 -83.37
CA MET K 289 51.77 112.05 -83.18
C MET K 289 52.28 113.33 -82.51
N MET K 290 51.86 114.49 -82.99
CA MET K 290 52.44 115.74 -82.51
C MET K 290 52.00 116.04 -81.08
N THR K 291 50.77 115.69 -80.74
CA THR K 291 50.20 116.00 -79.42
C THR K 291 50.79 115.04 -78.39
N ASN K 292 52.06 115.27 -78.07
CA ASN K 292 52.76 114.47 -77.06
C ASN K 292 53.02 115.35 -75.85
N SER K 293 52.39 115.01 -74.73
CA SER K 293 52.57 115.75 -73.48
C SER K 293 53.96 115.52 -72.92
N GLN K 294 54.38 116.43 -72.05
CA GLN K 294 55.69 116.35 -71.39
C GLN K 294 56.80 116.16 -72.43
N ASP K 295 57.01 117.21 -73.21
CA ASP K 295 57.67 117.08 -74.51
C ASP K 295 59.12 116.64 -74.32
N THR K 296 59.34 115.34 -74.47
CA THR K 296 60.65 114.77 -74.71
C THR K 296 60.69 113.98 -76.02
N GLU K 297 59.53 113.73 -76.62
CA GLU K 297 59.45 112.99 -77.87
C GLU K 297 59.82 113.87 -79.06
N LEU K 298 60.58 113.29 -79.99
CA LEU K 298 60.91 113.95 -81.24
C LEU K 298 60.08 113.29 -82.34
N SER K 299 59.19 114.08 -82.96
CA SER K 299 58.26 113.59 -83.97
C SER K 299 58.66 114.15 -85.31
N PHE K 300 59.16 113.29 -86.19
CA PHE K 300 59.49 113.67 -87.56
C PHE K 300 58.49 113.07 -88.53
N THR K 301 58.31 113.75 -89.66
CA THR K 301 57.36 113.33 -90.68
C THR K 301 58.07 113.31 -92.03
N ILE K 302 57.93 112.20 -92.75
CA ILE K 302 58.50 112.05 -94.08
C ILE K 302 57.36 111.98 -95.09
N THR K 303 57.56 112.65 -96.22
CA THR K 303 56.72 112.46 -97.41
C THR K 303 57.57 111.66 -98.39
N GLY K 304 57.15 110.42 -98.64
CA GLY K 304 57.93 109.52 -99.45
C GLY K 304 57.17 109.09 -100.70
N ASP K 305 57.88 108.34 -101.54
CA ASP K 305 57.29 107.71 -102.72
C ASP K 305 58.14 106.51 -103.06
N ASN K 306 57.53 105.54 -103.74
CA ASN K 306 58.19 104.28 -104.06
C ASN K 306 58.44 104.24 -105.57
N THR K 307 59.71 104.29 -105.97
CA THR K 307 60.04 104.32 -107.39
C THR K 307 59.83 102.94 -108.02
N LYS K 308 59.13 102.94 -109.15
CA LYS K 308 58.89 101.73 -109.95
C LYS K 308 58.36 100.58 -109.10
N TRP K 309 57.62 100.92 -108.04
CA TRP K 309 57.04 99.91 -107.15
C TRP K 309 56.00 99.05 -107.85
N ASN K 310 55.26 99.63 -108.79
CA ASN K 310 54.11 98.94 -109.37
C ASN K 310 54.53 97.70 -110.16
N GLU K 311 55.73 97.69 -110.71
CA GLU K 311 56.21 96.52 -111.43
C GLU K 311 56.78 95.42 -110.53
N ASN K 312 57.02 95.69 -109.25
CA ASN K 312 57.55 94.66 -108.37
C ASN K 312 56.47 93.99 -107.54
N GLN K 313 55.26 94.53 -107.48
CA GLN K 313 54.18 93.90 -106.73
C GLN K 313 53.88 92.57 -107.40
N ASN K 314 54.17 91.48 -106.70
CA ASN K 314 54.06 90.17 -107.32
C ASN K 314 52.65 89.62 -107.15
N PRO K 315 52.03 89.11 -108.22
CA PRO K 315 50.66 88.59 -108.08
C PRO K 315 50.55 87.40 -107.16
N ARG K 316 51.62 86.61 -107.02
CA ARG K 316 51.60 85.48 -106.10
C ARG K 316 51.61 85.93 -104.64
N MET K 317 52.29 87.04 -104.33
CA MET K 317 52.22 87.60 -102.99
C MET K 317 50.81 88.08 -102.69
N PHE K 318 50.13 88.66 -103.68
CA PHE K 318 48.72 89.01 -103.53
C PHE K 318 47.89 87.74 -103.32
N LEU K 319 48.22 86.67 -104.04
CA LEU K 319 47.57 85.39 -103.83
C LEU K 319 47.71 84.92 -102.40
N ALA K 320 48.91 85.07 -101.83
CA ALA K 320 49.16 84.64 -100.46
C ALA K 320 48.35 85.47 -99.47
N MET K 321 48.36 86.80 -99.62
CA MET K 321 47.63 87.62 -98.66
C MET K 321 46.12 87.45 -98.79
N ILE K 322 45.62 87.20 -100.01
CA ILE K 322 44.21 86.88 -100.19
C ILE K 322 43.90 85.53 -99.58
N THR K 323 44.77 84.53 -99.78
CA THR K 323 44.56 83.21 -99.20
C THR K 323 44.47 83.28 -97.69
N TYR K 324 45.27 84.16 -97.08
CA TYR K 324 45.10 84.36 -95.64
C TYR K 324 43.82 85.12 -95.33
N ILE K 325 43.40 86.02 -96.22
CA ILE K 325 42.09 86.66 -96.07
C ILE K 325 40.98 85.64 -96.19
N THR K 326 41.17 84.63 -97.04
CA THR K 326 40.23 83.51 -97.16
C THR K 326 40.53 82.45 -96.10
N LYS K 327 40.49 82.87 -94.84
CA LYS K 327 40.78 81.98 -93.72
C LYS K 327 39.49 81.27 -93.32
N ASN K 328 39.46 79.95 -93.49
CA ASN K 328 38.34 79.08 -93.14
C ASN K 328 37.04 79.46 -93.85
N GLN K 329 37.09 80.36 -94.82
CA GLN K 329 35.92 80.75 -95.57
C GLN K 329 35.56 79.66 -96.57
N PRO K 330 34.33 79.68 -97.12
CA PRO K 330 33.92 78.62 -98.06
C PRO K 330 34.87 78.53 -99.25
N GLU K 331 35.04 77.30 -99.73
CA GLU K 331 36.06 77.03 -100.74
C GLU K 331 35.75 77.74 -102.05
N TRP K 332 34.47 77.80 -102.44
CA TRP K 332 34.11 78.45 -103.69
C TRP K 332 34.47 79.93 -103.69
N PHE K 333 34.34 80.59 -102.55
CA PHE K 333 34.70 82.00 -102.46
C PHE K 333 36.21 82.19 -102.60
N ARG K 334 37.00 81.34 -101.93
CA ARG K 334 38.44 81.35 -102.11
C ARG K 334 38.81 81.12 -103.57
N ASN K 335 38.10 80.21 -104.23
CA ASN K 335 38.37 79.92 -105.64
C ASN K 335 38.05 81.14 -106.50
N VAL K 336 36.98 81.85 -106.16
CA VAL K 336 36.59 83.03 -106.93
C VAL K 336 37.66 84.11 -106.80
N LEU K 337 38.05 84.44 -105.58
CA LEU K 337 39.00 85.53 -105.39
C LEU K 337 40.44 85.18 -105.74
N SER K 338 40.82 83.90 -105.71
CA SER K 338 42.20 83.53 -106.01
C SER K 338 42.47 83.35 -107.49
N ILE K 339 41.46 83.49 -108.36
CA ILE K 339 41.68 83.26 -109.79
C ILE K 339 42.52 84.39 -110.39
N ALA K 340 42.13 85.63 -110.12
CA ALA K 340 42.78 86.78 -110.73
C ALA K 340 44.28 86.85 -110.44
N PRO K 341 44.76 86.66 -109.21
CA PRO K 341 46.21 86.67 -109.00
C PRO K 341 46.94 85.57 -109.77
N ILE K 342 46.28 84.43 -109.98
CA ILE K 342 46.86 83.39 -110.82
C ILE K 342 46.90 83.83 -112.27
N MET K 343 45.84 84.51 -112.74
CA MET K 343 45.83 85.04 -114.10
C MET K 343 46.92 86.06 -114.32
N PHE K 344 47.25 86.85 -113.30
CA PHE K 344 48.33 87.82 -113.42
C PHE K 344 49.70 87.20 -113.17
N SER K 345 49.76 86.05 -112.50
CA SER K 345 51.03 85.34 -112.39
C SER K 345 51.46 84.80 -113.75
N ASN K 346 50.50 84.33 -114.54
CA ASN K 346 50.74 83.86 -115.91
C ASN K 346 49.95 84.80 -116.82
N LYS K 347 50.56 85.92 -117.19
CA LYS K 347 49.91 86.93 -118.02
C LYS K 347 50.86 87.32 -119.16
N MET K 348 50.26 87.61 -120.31
CA MET K 348 51.01 87.98 -121.49
C MET K 348 50.79 89.45 -121.83
N ALA K 349 51.84 90.08 -122.35
CA ALA K 349 51.80 91.48 -122.78
C ALA K 349 51.89 91.52 -124.30
N ARG K 350 50.90 92.12 -124.94
CA ARG K 350 50.97 92.32 -126.39
C ARG K 350 51.82 93.54 -126.70
N LEU K 351 52.77 93.36 -127.62
CA LEU K 351 53.66 94.43 -128.02
C LEU K 351 52.96 95.45 -128.92
N MET K 362 66.00 104.98 -151.83
CA MET K 362 64.83 104.58 -152.61
C MET K 362 63.62 105.43 -152.24
N LYS K 363 63.73 106.16 -151.12
CA LYS K 363 62.70 107.09 -150.68
C LYS K 363 61.36 106.38 -150.46
N LEU K 364 61.36 105.45 -149.53
CA LEU K 364 60.15 104.72 -149.16
C LEU K 364 60.31 104.19 -147.74
N ARG K 365 59.19 103.81 -147.14
CA ARG K 365 59.18 103.20 -145.82
C ARG K 365 58.34 101.93 -145.87
N THR K 366 58.59 101.06 -144.90
CA THR K 366 57.84 99.82 -144.75
C THR K 366 57.54 99.59 -143.28
N GLN K 367 56.45 98.88 -143.01
CA GLN K 367 56.01 98.65 -141.65
C GLN K 367 56.60 97.36 -141.09
N ILE K 368 56.70 97.30 -139.76
CA ILE K 368 57.19 96.12 -139.08
C ILE K 368 56.16 95.72 -138.02
N PRO K 369 55.60 94.51 -138.07
CA PRO K 369 54.74 94.05 -136.98
C PRO K 369 55.58 93.52 -135.82
N ALA K 370 54.91 93.35 -134.69
CA ALA K 370 55.58 92.73 -133.54
C ALA K 370 55.79 91.24 -133.76
N GLU K 371 54.91 90.61 -134.55
CA GLU K 371 54.90 89.16 -134.67
C GLU K 371 56.16 88.60 -135.31
N MET K 372 56.89 89.42 -136.08
CA MET K 372 58.12 88.97 -136.71
C MET K 372 59.37 89.35 -135.93
N LEU K 373 59.22 89.87 -134.70
CA LEU K 373 60.40 90.20 -133.91
C LEU K 373 61.17 88.97 -133.46
N ALA K 374 60.58 87.77 -133.56
CA ALA K 374 61.29 86.55 -133.18
C ALA K 374 62.31 86.13 -134.23
N SER K 375 61.94 86.18 -135.50
CA SER K 375 62.80 85.76 -136.61
C SER K 375 63.22 87.02 -137.38
N ILE K 376 64.33 87.62 -136.95
CA ILE K 376 64.83 88.85 -137.56
C ILE K 376 66.27 89.03 -137.13
N ASP K 377 67.04 89.75 -137.95
CA ASP K 377 68.43 90.06 -137.63
C ASP K 377 68.55 91.45 -137.03
N LEU K 378 69.48 91.60 -136.09
CA LEU K 378 69.68 92.84 -135.36
C LEU K 378 70.85 93.64 -135.94
N LYS K 379 70.64 94.15 -137.16
CA LYS K 379 71.61 95.07 -137.74
C LYS K 379 70.88 96.31 -138.26
N TYR K 380 69.62 96.14 -138.63
CA TYR K 380 68.80 97.23 -139.12
C TYR K 380 68.38 98.19 -138.02
N PHE K 381 68.80 97.95 -136.77
CA PHE K 381 68.34 98.69 -135.61
C PHE K 381 69.51 99.42 -134.97
N ASN K 382 69.18 100.40 -134.13
CA ASN K 382 70.18 101.11 -133.35
C ASN K 382 70.71 100.22 -132.22
N GLU K 383 71.72 100.73 -131.52
CA GLU K 383 72.33 99.95 -130.44
C GLU K 383 71.34 99.72 -129.30
N SER K 384 70.61 100.76 -128.90
CA SER K 384 69.67 100.64 -127.79
C SER K 384 68.57 99.64 -128.11
N THR K 385 67.95 99.77 -129.29
CA THR K 385 66.93 98.82 -129.71
C THR K 385 67.51 97.43 -129.88
N ARG K 386 68.76 97.34 -130.34
CA ARG K 386 69.43 96.04 -130.47
C ARG K 386 69.56 95.36 -129.11
N LYS K 387 69.99 96.11 -128.09
CA LYS K 387 70.11 95.55 -126.75
C LYS K 387 68.75 95.17 -126.19
N LYS K 388 67.73 96.00 -126.46
CA LYS K 388 66.39 95.72 -125.95
C LYS K 388 65.79 94.46 -126.60
N ILE K 389 66.14 94.19 -127.85
CA ILE K 389 65.66 92.95 -128.48
C ILE K 389 66.50 91.76 -128.02
N GLU K 390 67.81 91.97 -127.81
CA GLU K 390 68.66 90.89 -127.33
C GLU K 390 68.19 90.38 -125.98
N LYS K 391 67.93 91.29 -125.05
CA LYS K 391 67.54 90.90 -123.71
C LYS K 391 66.07 90.49 -123.59
N ILE K 392 65.33 90.37 -124.70
CA ILE K 392 63.92 90.05 -124.62
C ILE K 392 63.52 88.96 -125.62
N ARG K 393 64.44 88.58 -126.50
CA ARG K 393 64.14 87.61 -127.55
C ARG K 393 63.49 86.31 -127.06
N PRO K 394 64.05 85.59 -126.07
CA PRO K 394 63.46 84.28 -125.72
C PRO K 394 62.14 84.37 -124.97
N LEU K 395 61.69 85.56 -124.58
CA LEU K 395 60.49 85.68 -123.76
C LEU K 395 59.21 85.68 -124.59
N LEU K 396 59.24 86.29 -125.77
CA LEU K 396 58.03 86.43 -126.57
C LEU K 396 57.63 85.12 -127.21
N ILE K 397 56.31 84.91 -127.33
CA ILE K 397 55.74 83.75 -127.99
C ILE K 397 54.52 84.20 -128.78
N ASP K 398 54.45 83.77 -130.05
CA ASP K 398 53.32 84.06 -130.94
C ASP K 398 52.99 85.55 -130.95
N GLY K 399 54.04 86.37 -131.05
CA GLY K 399 53.88 87.81 -131.06
C GLY K 399 53.41 88.40 -129.75
N THR K 400 53.61 87.70 -128.63
CA THR K 400 53.21 88.17 -127.32
C THR K 400 54.29 87.84 -126.31
N ALA K 401 54.68 88.82 -125.50
CA ALA K 401 55.73 88.63 -124.52
C ALA K 401 55.15 88.04 -123.24
N SER K 402 55.98 87.29 -122.52
CA SER K 402 55.58 86.69 -121.25
C SER K 402 56.15 87.51 -120.11
N LEU K 403 55.27 87.91 -119.19
CA LEU K 403 55.64 88.77 -118.05
C LEU K 403 54.92 88.23 -116.82
N SER K 404 55.61 87.37 -116.06
CA SER K 404 55.06 86.76 -114.87
C SER K 404 55.07 87.69 -113.65
N PRO K 405 56.23 88.27 -113.25
CA PRO K 405 56.26 88.99 -111.97
C PRO K 405 55.78 90.42 -112.11
N GLY K 406 55.10 90.70 -113.22
CA GLY K 406 54.69 92.06 -113.51
C GLY K 406 53.39 92.43 -112.85
N MET K 407 53.09 93.73 -112.94
CA MET K 407 51.84 94.29 -112.45
C MET K 407 51.66 95.64 -113.14
N MET K 408 50.48 95.86 -113.69
CA MET K 408 50.23 97.03 -114.52
C MET K 408 49.62 98.16 -113.71
N MET K 409 49.93 99.39 -114.12
CA MET K 409 49.51 100.57 -113.38
C MET K 409 47.99 100.69 -113.37
N GLY K 410 47.42 100.79 -112.18
CA GLY K 410 45.99 100.97 -112.05
C GLY K 410 45.15 99.71 -111.93
N MET K 411 45.67 98.64 -111.33
CA MET K 411 44.92 97.39 -111.23
C MET K 411 44.56 97.01 -109.79
N PHE K 412 45.55 96.87 -108.90
CA PHE K 412 45.31 96.44 -107.53
C PHE K 412 45.76 97.50 -106.54
N ASN K 413 45.49 98.77 -106.86
CA ASN K 413 45.98 99.87 -106.03
C ASN K 413 45.43 99.77 -104.61
N MET K 414 44.18 99.37 -104.45
CA MET K 414 43.59 99.34 -103.12
C MET K 414 44.09 98.16 -102.29
N LEU K 415 44.31 97.00 -102.91
CA LEU K 415 44.87 95.87 -102.16
C LEU K 415 46.35 96.09 -101.85
N SER K 416 47.08 96.70 -102.78
CA SER K 416 48.46 97.11 -102.49
C SER K 416 48.49 98.12 -101.35
N THR K 417 47.52 99.03 -101.32
CA THR K 417 47.40 99.95 -100.20
C THR K 417 47.07 99.21 -98.90
N VAL K 418 46.29 98.12 -99.01
CA VAL K 418 46.05 97.28 -97.83
C VAL K 418 47.37 96.75 -97.29
N LEU K 419 48.23 96.26 -98.18
CA LEU K 419 49.55 95.78 -97.74
C LEU K 419 50.37 96.90 -97.11
N GLY K 420 50.35 98.08 -97.72
CA GLY K 420 51.11 99.21 -97.18
C GLY K 420 50.62 99.62 -95.80
N VAL K 421 49.30 99.69 -95.62
CA VAL K 421 48.72 100.01 -94.33
C VAL K 421 49.03 98.92 -93.31
N SER K 422 49.11 97.67 -93.75
CA SER K 422 49.50 96.59 -92.85
C SER K 422 50.91 96.81 -92.31
N ILE K 423 51.87 97.00 -93.21
CA ILE K 423 53.24 97.21 -92.76
C ILE K 423 53.40 98.56 -92.07
N LEU K 424 52.45 99.47 -92.23
CA LEU K 424 52.45 100.71 -91.45
C LEU K 424 52.01 100.45 -90.02
N ASN K 425 50.88 99.76 -89.84
CA ASN K 425 50.42 99.42 -88.50
C ASN K 425 51.35 98.44 -87.81
N LEU K 426 52.23 97.78 -88.57
CA LEU K 426 53.25 96.95 -87.96
C LEU K 426 54.35 97.74 -87.28
N GLY K 427 54.21 99.04 -87.10
CA GLY K 427 55.27 99.82 -86.51
C GLY K 427 54.87 100.57 -85.24
N GLN K 428 53.79 100.13 -84.59
CA GLN K 428 53.41 100.76 -83.34
C GLN K 428 54.32 100.24 -82.23
N LYS K 429 54.16 100.80 -81.04
CA LYS K 429 54.97 100.41 -79.89
C LYS K 429 54.69 98.99 -79.39
N ARG K 430 53.90 98.16 -80.09
CA ARG K 430 53.74 96.77 -79.73
C ARG K 430 54.45 95.80 -80.68
N TYR K 431 54.74 96.21 -81.91
CA TYR K 431 55.48 95.38 -82.86
C TYR K 431 56.93 95.80 -83.04
N THR K 432 57.35 96.90 -82.42
CA THR K 432 58.75 97.29 -82.46
C THR K 432 59.54 96.84 -81.24
N LYS K 433 58.89 96.75 -80.07
CA LYS K 433 59.57 96.38 -78.83
C LYS K 433 60.75 97.30 -78.55
N THR K 434 60.68 98.53 -79.05
CA THR K 434 61.79 99.48 -78.95
C THR K 434 61.18 100.85 -78.64
N THR K 435 62.02 101.89 -78.73
CA THR K 435 61.61 103.25 -78.39
C THR K 435 60.81 103.89 -79.52
N TYR K 436 61.31 103.79 -80.75
CA TYR K 436 60.68 104.44 -81.89
C TYR K 436 59.36 103.77 -82.24
N TRP K 437 58.41 104.57 -82.71
CA TRP K 437 57.12 104.05 -83.15
C TRP K 437 56.59 104.96 -84.24
N TRP K 438 56.01 104.37 -85.29
CA TRP K 438 55.53 105.16 -86.41
C TRP K 438 54.05 104.92 -86.65
N ASP K 439 53.46 105.82 -87.43
CA ASP K 439 52.10 105.69 -87.92
C ASP K 439 51.98 106.58 -89.16
N GLY K 440 51.13 106.18 -90.10
CA GLY K 440 51.06 106.98 -91.30
C GLY K 440 49.86 106.63 -92.15
N LEU K 441 49.75 107.36 -93.26
CA LEU K 441 48.71 107.16 -94.25
C LEU K 441 49.33 106.62 -95.52
N GLN K 442 48.71 105.60 -96.09
CA GLN K 442 49.22 104.94 -97.27
C GLN K 442 48.23 105.10 -98.41
N SER K 443 48.77 105.29 -99.61
CA SER K 443 48.05 105.21 -100.87
C SER K 443 48.77 104.19 -101.73
N SER K 444 48.42 104.16 -103.02
CA SER K 444 49.13 103.26 -103.94
C SER K 444 50.64 103.46 -103.84
N ASP K 445 51.10 104.67 -104.14
CA ASP K 445 52.53 104.97 -104.09
C ASP K 445 52.87 106.12 -103.17
N ASP K 446 52.07 107.18 -103.17
CA ASP K 446 52.36 108.37 -102.36
C ASP K 446 51.82 108.15 -100.95
N PHE K 447 52.71 107.80 -100.04
CA PHE K 447 52.39 107.65 -98.63
C PHE K 447 53.04 108.77 -97.82
N ALA K 448 52.49 109.00 -96.62
CA ALA K 448 53.06 109.93 -95.67
C ALA K 448 53.24 109.21 -94.35
N LEU K 449 54.37 109.43 -93.69
CA LEU K 449 54.71 108.71 -92.47
C LEU K 449 55.11 109.69 -91.39
N ILE K 450 54.77 109.36 -90.14
CA ILE K 450 55.23 110.10 -88.98
C ILE K 450 55.87 109.10 -88.02
N VAL K 451 57.14 109.30 -87.73
CA VAL K 451 57.88 108.47 -86.79
C VAL K 451 58.25 109.32 -85.58
N ASN K 452 57.92 108.82 -84.40
CA ASN K 452 58.26 109.48 -83.15
C ASN K 452 59.26 108.63 -82.39
N ALA K 453 60.33 109.27 -81.93
CA ALA K 453 61.39 108.61 -81.19
C ALA K 453 61.91 109.56 -80.11
N PRO K 454 62.29 109.03 -78.95
CA PRO K 454 62.71 109.91 -77.84
C PRO K 454 63.99 110.68 -78.11
N ASN K 455 64.83 110.23 -79.04
CA ASN K 455 66.08 110.90 -79.33
C ASN K 455 66.31 110.94 -80.84
N HIS K 456 67.04 111.95 -81.29
CA HIS K 456 67.32 112.14 -82.72
C HIS K 456 68.24 111.09 -83.29
N GLU K 457 68.73 110.16 -82.47
CA GLU K 457 69.61 109.09 -82.93
C GLU K 457 68.83 107.86 -83.40
N GLY K 458 67.72 107.53 -82.75
CA GLY K 458 66.94 106.36 -83.08
C GLY K 458 65.89 106.56 -84.15
N ILE K 459 65.66 107.81 -84.56
CA ILE K 459 64.70 108.06 -85.63
C ILE K 459 65.15 107.39 -86.92
N GLN K 460 66.46 107.48 -87.22
CA GLN K 460 66.99 106.75 -88.36
C GLN K 460 66.86 105.24 -88.16
N ALA K 461 66.92 104.76 -86.91
CA ALA K 461 66.74 103.34 -86.68
C ALA K 461 65.31 102.91 -87.03
N GLY K 462 64.32 103.71 -86.67
CA GLY K 462 62.96 103.41 -87.07
C GLY K 462 62.76 103.50 -88.58
N VAL K 463 63.38 104.51 -89.20
CA VAL K 463 63.33 104.63 -90.66
C VAL K 463 63.95 103.40 -91.32
N ASP K 464 65.07 102.92 -90.76
CA ASP K 464 65.72 101.73 -91.31
C ASP K 464 64.85 100.50 -91.14
N ARG K 465 64.18 100.35 -89.99
CA ARG K 465 63.25 99.25 -89.82
C ARG K 465 62.15 99.31 -90.88
N PHE K 466 61.60 100.50 -91.10
CA PHE K 466 60.55 100.67 -92.10
C PHE K 466 61.07 100.29 -93.49
N TYR K 467 62.25 100.78 -93.85
CA TYR K 467 62.78 100.53 -95.20
C TYR K 467 63.12 99.06 -95.40
N ARG K 468 63.70 98.42 -94.38
CA ARG K 468 64.03 97.00 -94.49
C ARG K 468 62.76 96.17 -94.63
N THR K 469 61.75 96.44 -93.80
CA THR K 469 60.49 95.72 -93.92
C THR K 469 59.81 95.99 -95.25
N CYS K 470 59.98 97.21 -95.80
CA CYS K 470 59.46 97.52 -97.12
C CYS K 470 60.13 96.67 -98.18
N LYS K 471 61.46 96.59 -98.14
CA LYS K 471 62.19 95.70 -99.04
C LYS K 471 61.74 94.26 -98.86
N LEU K 472 61.36 93.88 -97.63
CA LEU K 472 60.95 92.51 -97.36
C LEU K 472 59.61 92.18 -98.01
N VAL K 473 58.76 93.18 -98.23
CA VAL K 473 57.49 92.97 -98.89
C VAL K 473 57.51 93.44 -100.34
N GLY K 474 58.69 93.76 -100.87
CA GLY K 474 58.80 94.22 -102.24
C GLY K 474 58.52 95.69 -102.44
N ILE K 475 58.55 96.48 -101.39
CA ILE K 475 58.31 97.92 -101.46
C ILE K 475 59.67 98.60 -101.44
N ASN K 476 60.18 98.93 -102.62
CA ASN K 476 61.47 99.60 -102.75
C ASN K 476 61.26 101.11 -102.61
N MET K 477 61.60 101.64 -101.44
CA MET K 477 61.39 103.06 -101.18
C MET K 477 62.40 103.90 -101.98
N SER K 478 61.89 104.91 -102.67
CA SER K 478 62.71 105.75 -103.53
C SER K 478 63.50 106.75 -102.69
N LYS K 479 64.83 106.64 -102.70
CA LYS K 479 65.65 107.62 -102.03
C LYS K 479 65.65 108.97 -102.72
N LYS K 480 65.16 109.05 -103.95
CA LYS K 480 65.09 110.33 -104.66
C LYS K 480 63.83 111.09 -104.30
N LYS K 481 62.66 110.51 -104.57
CA LYS K 481 61.39 111.19 -104.41
C LYS K 481 60.84 111.00 -102.99
N SER K 482 61.65 111.42 -102.01
CA SER K 482 61.26 111.30 -100.61
C SER K 482 62.05 112.32 -99.80
N TYR K 483 61.40 112.93 -98.81
CA TYR K 483 62.08 113.91 -97.98
C TYR K 483 61.49 113.93 -96.58
N ILE K 484 62.37 114.20 -95.59
CA ILE K 484 62.05 114.22 -94.18
C ILE K 484 61.98 115.66 -93.70
N ASN K 485 61.17 115.91 -92.68
CA ASN K 485 61.16 117.17 -91.96
C ASN K 485 60.55 116.92 -90.59
N ARG K 486 60.31 117.98 -89.83
CA ARG K 486 59.63 117.77 -88.56
C ARG K 486 58.12 117.74 -88.78
N THR K 487 57.42 117.11 -87.84
CA THR K 487 55.99 116.91 -87.97
C THR K 487 55.27 118.25 -87.99
N GLY K 488 54.44 118.45 -89.01
CA GLY K 488 53.68 119.68 -89.12
C GLY K 488 53.65 120.26 -90.53
N THR K 489 54.33 119.60 -91.46
CA THR K 489 54.44 120.10 -92.83
C THR K 489 54.81 118.94 -93.73
N PHE K 490 53.94 118.61 -94.68
CA PHE K 490 54.22 117.47 -95.55
C PHE K 490 53.25 117.42 -96.73
N GLU K 491 53.38 116.36 -97.52
CA GLU K 491 52.58 116.12 -98.72
C GLU K 491 52.06 114.69 -98.70
N PHE K 492 50.86 114.51 -99.24
CA PHE K 492 50.26 113.18 -99.37
C PHE K 492 49.32 113.18 -100.58
N THR K 493 49.73 112.53 -101.66
CA THR K 493 48.94 112.40 -102.89
C THR K 493 48.39 113.74 -103.35
N SER K 494 49.31 114.65 -103.67
CA SER K 494 49.00 116.00 -104.13
C SER K 494 48.20 116.81 -103.10
N PHE K 495 48.08 116.31 -101.88
CA PHE K 495 47.56 117.08 -100.77
C PHE K 495 48.72 117.71 -100.02
N PHE K 496 48.58 118.99 -99.66
CA PHE K 496 49.67 119.72 -99.04
C PHE K 496 49.21 120.20 -97.66
N TYR K 497 50.06 120.01 -96.65
CA TYR K 497 49.71 120.35 -95.27
C TYR K 497 50.80 121.24 -94.69
N ARG K 498 50.42 122.48 -94.35
CA ARG K 498 51.22 123.41 -93.54
C ARG K 498 50.27 124.12 -92.58
N TYR K 499 50.05 123.49 -91.41
CA TYR K 499 49.20 124.03 -90.35
C TYR K 499 47.82 124.44 -90.85
N GLY K 500 47.47 124.04 -92.06
CA GLY K 500 46.27 124.50 -92.73
C GLY K 500 46.10 123.74 -94.02
N PHE K 501 45.08 124.11 -94.78
CA PHE K 501 44.71 123.27 -95.91
C PHE K 501 44.39 124.06 -97.17
N VAL K 502 44.66 123.40 -98.29
CA VAL K 502 44.17 123.75 -99.62
C VAL K 502 44.14 122.45 -100.42
N ALA K 503 43.04 122.19 -101.09
CA ALA K 503 42.77 120.86 -101.64
C ALA K 503 43.06 120.77 -103.12
N ASN K 504 44.27 121.13 -103.53
CA ASN K 504 44.62 121.07 -104.94
C ASN K 504 45.00 119.65 -105.33
N PHE K 505 44.11 118.70 -105.01
CA PHE K 505 44.29 117.30 -105.35
C PHE K 505 43.67 116.97 -106.70
N SER K 506 42.35 117.13 -106.81
CA SER K 506 41.65 117.04 -108.09
C SER K 506 41.30 118.42 -108.61
N MET K 507 42.20 119.39 -108.43
CA MET K 507 41.95 120.78 -108.81
C MET K 507 42.26 121.03 -110.29
N GLU K 508 42.05 120.02 -111.12
CA GLU K 508 42.13 120.14 -112.56
C GLU K 508 40.69 120.32 -113.03
N LEU K 509 40.21 121.54 -112.87
CA LEU K 509 38.85 122.01 -113.08
C LEU K 509 38.25 121.53 -114.41
N PRO K 510 36.93 121.34 -114.46
CA PRO K 510 36.30 120.59 -115.54
C PRO K 510 36.28 121.34 -116.87
N SER K 511 35.59 120.77 -117.85
CA SER K 511 35.38 121.46 -119.12
C SER K 511 34.55 122.71 -118.91
N PHE K 512 35.23 123.87 -118.92
CA PHE K 512 34.59 125.14 -118.63
C PHE K 512 33.44 125.44 -119.59
N GLY K 513 33.53 124.97 -120.82
CA GLY K 513 32.59 125.33 -121.85
C GLY K 513 31.23 124.70 -121.67
N VAL K 514 30.41 124.87 -122.70
CA VAL K 514 29.07 124.30 -122.68
C VAL K 514 29.17 122.79 -122.80
N SER K 515 28.18 122.09 -122.26
CA SER K 515 28.15 120.63 -122.41
C SER K 515 27.47 120.20 -123.70
N GLY K 516 26.68 121.08 -124.32
CA GLY K 516 26.22 120.88 -125.68
C GLY K 516 25.12 119.86 -125.85
N ILE K 517 24.02 120.00 -125.10
CA ILE K 517 22.88 119.12 -125.28
C ILE K 517 21.59 119.91 -125.49
N ASN K 518 21.53 121.12 -124.94
CA ASN K 518 20.25 121.84 -124.93
C ASN K 518 20.49 123.30 -124.58
N GLU K 519 19.41 124.07 -124.51
CA GLU K 519 19.49 125.46 -124.08
C GLU K 519 19.37 125.60 -122.57
N SER K 520 18.36 124.97 -121.96
CA SER K 520 18.21 125.03 -120.52
C SER K 520 19.06 123.97 -119.80
N ALA K 521 19.13 122.78 -120.37
CA ALA K 521 19.90 121.70 -119.76
C ALA K 521 21.39 122.07 -119.68
N ASP K 522 21.91 122.73 -120.71
CA ASP K 522 23.33 123.07 -120.70
C ASP K 522 23.66 124.10 -119.63
N MET K 523 22.80 125.11 -119.47
CA MET K 523 23.02 126.09 -118.41
C MET K 523 22.92 125.45 -117.03
N SER K 524 21.91 124.58 -116.85
CA SER K 524 21.78 123.88 -115.57
C SER K 524 23.01 123.02 -115.28
N ILE K 525 23.52 122.34 -116.30
CA ILE K 525 24.73 121.53 -116.14
C ILE K 525 25.91 122.40 -115.74
N GLY K 526 26.08 123.53 -116.44
CA GLY K 526 27.19 124.41 -116.14
C GLY K 526 27.16 124.89 -114.70
N VAL K 527 26.01 125.41 -114.26
CA VAL K 527 25.94 125.95 -112.90
C VAL K 527 26.03 124.84 -111.86
N THR K 528 25.53 123.64 -112.17
CA THR K 528 25.64 122.52 -111.23
C THR K 528 27.08 122.09 -111.07
N VAL K 529 27.83 122.02 -112.18
CA VAL K 529 29.24 121.68 -112.11
C VAL K 529 30.01 122.77 -111.35
N ILE K 530 29.61 124.02 -111.54
CA ILE K 530 30.22 125.11 -110.77
C ILE K 530 30.03 124.87 -109.28
N LYS K 531 28.80 124.56 -108.85
CA LYS K 531 28.56 124.35 -107.43
C LYS K 531 29.32 123.13 -106.90
N ASN K 532 29.38 122.05 -107.70
CA ASN K 532 30.06 120.85 -107.26
C ASN K 532 31.55 121.09 -107.06
N ASN K 533 32.21 121.70 -108.06
CA ASN K 533 33.61 122.05 -107.88
C ASN K 533 33.80 123.15 -106.84
N MET K 534 32.74 123.86 -106.47
CA MET K 534 32.87 124.87 -105.42
C MET K 534 32.80 124.26 -104.02
N ILE K 535 32.14 123.12 -103.85
CA ILE K 535 32.04 122.50 -102.54
C ILE K 535 32.97 121.29 -102.40
N ASN K 536 33.07 120.46 -103.44
CA ASN K 536 33.87 119.24 -103.33
C ASN K 536 35.35 119.51 -103.57
N ASN K 537 35.69 119.95 -104.78
CA ASN K 537 37.08 120.32 -105.09
C ASN K 537 37.21 121.84 -104.97
N ASP K 538 37.14 122.27 -103.71
CA ASP K 538 36.91 123.65 -103.30
C ASP K 538 37.66 124.67 -104.14
N LEU K 539 36.93 125.66 -104.63
CA LEU K 539 37.49 126.83 -105.29
C LEU K 539 36.91 128.09 -104.65
N GLY K 540 37.62 129.21 -104.84
CA GLY K 540 37.21 130.47 -104.29
C GLY K 540 35.94 130.99 -104.92
N PRO K 541 35.27 131.93 -104.25
CA PRO K 541 34.02 132.48 -104.79
C PRO K 541 34.23 133.36 -106.01
N ALA K 542 35.27 134.20 -106.02
CA ALA K 542 35.55 135.03 -107.18
C ALA K 542 35.93 134.18 -108.40
N THR K 543 36.68 133.11 -108.18
CA THR K 543 36.98 132.19 -109.26
C THR K 543 35.70 131.54 -109.80
N ALA K 544 34.76 131.22 -108.91
CA ALA K 544 33.48 130.69 -109.35
C ALA K 544 32.73 131.72 -110.19
N GLN K 545 32.78 132.99 -109.78
CA GLN K 545 32.15 134.05 -110.57
C GLN K 545 32.77 134.14 -111.96
N MET K 546 34.10 134.11 -112.03
CA MET K 546 34.77 134.20 -113.33
C MET K 546 34.44 133.02 -114.21
N ALA K 547 34.43 131.81 -113.63
CA ALA K 547 34.12 130.62 -114.42
C ALA K 547 32.68 130.64 -114.89
N LEU K 548 31.75 131.13 -114.05
CA LEU K 548 30.35 131.21 -114.44
C LEU K 548 30.17 132.20 -115.59
N GLN K 549 30.79 133.38 -115.51
CA GLN K 549 30.60 134.35 -116.59
C GLN K 549 31.30 133.91 -117.87
N LEU K 550 32.43 133.19 -117.74
CA LEU K 550 33.06 132.61 -118.92
C LEU K 550 32.14 131.58 -119.58
N PHE K 551 31.53 130.71 -118.77
CA PHE K 551 30.59 129.73 -119.32
C PHE K 551 29.36 130.43 -119.93
N ILE K 552 28.93 131.53 -119.35
CA ILE K 552 27.79 132.27 -119.90
C ILE K 552 28.16 132.85 -121.26
N LYS K 553 29.37 133.39 -121.39
CA LYS K 553 29.86 133.83 -122.69
C LYS K 553 29.83 132.70 -123.71
N ASP K 554 30.38 131.54 -123.34
CA ASP K 554 30.42 130.41 -124.26
C ASP K 554 29.02 129.94 -124.61
N TYR K 555 28.11 129.94 -123.65
CA TYR K 555 26.75 129.45 -123.87
C TYR K 555 25.91 130.42 -124.68
N ARG K 556 26.18 131.73 -124.58
CA ARG K 556 25.45 132.69 -125.38
C ARG K 556 25.96 132.75 -126.81
N TYR K 557 27.28 132.73 -127.00
CA TYR K 557 27.77 132.75 -128.37
C TYR K 557 27.70 131.38 -129.03
N THR K 558 27.40 130.33 -128.25
CA THR K 558 27.18 129.01 -128.83
C THR K 558 25.78 128.91 -129.46
N TYR K 559 24.78 129.51 -128.82
CA TYR K 559 23.39 129.39 -129.27
C TYR K 559 22.88 130.61 -129.99
N ARG K 560 23.76 131.53 -130.37
CA ARG K 560 23.41 132.74 -131.14
C ARG K 560 22.30 133.54 -130.44
N CYS K 561 22.33 133.57 -129.11
CA CYS K 561 21.33 134.27 -128.30
C CYS K 561 22.05 135.15 -127.29
N HIS K 562 22.42 136.37 -127.69
CA HIS K 562 23.17 137.22 -126.78
C HIS K 562 22.25 137.98 -125.82
N ARG K 563 21.48 138.93 -126.34
CA ARG K 563 20.42 139.65 -125.62
C ARG K 563 19.85 140.69 -126.57
N GLY K 564 18.76 141.33 -126.12
CA GLY K 564 18.18 142.45 -126.84
C GLY K 564 18.62 143.78 -126.27
N ASP K 565 19.70 143.77 -125.50
CA ASP K 565 20.26 144.98 -124.89
C ASP K 565 21.52 145.47 -125.58
N THR K 566 22.19 144.61 -126.35
CA THR K 566 23.36 144.98 -127.12
C THR K 566 23.01 145.02 -128.61
N GLN K 567 23.77 145.81 -129.36
CA GLN K 567 23.48 146.03 -130.78
C GLN K 567 23.95 144.89 -131.66
N ILE K 568 24.75 143.96 -131.13
CA ILE K 568 25.28 142.86 -131.94
C ILE K 568 24.13 142.00 -132.46
N GLN K 569 24.21 141.63 -133.75
CA GLN K 569 23.15 140.89 -134.41
C GLN K 569 23.79 139.67 -135.06
N THR K 570 23.42 138.49 -134.58
CA THR K 570 23.82 137.23 -135.19
C THR K 570 22.74 136.81 -136.20
N ARG K 571 22.78 135.55 -136.62
CA ARG K 571 21.78 135.00 -137.53
C ARG K 571 20.39 134.89 -136.91
N ARG K 572 20.19 135.39 -135.69
CA ARG K 572 18.96 135.17 -134.94
C ARG K 572 18.42 136.40 -134.23
N SER K 573 19.21 137.47 -134.08
CA SER K 573 18.93 138.51 -133.08
C SER K 573 17.64 139.29 -133.32
N PHE K 574 17.08 139.26 -134.52
CA PHE K 574 15.89 140.06 -134.78
C PHE K 574 14.71 139.64 -133.90
N GLU K 575 14.41 138.34 -133.87
CA GLU K 575 13.31 137.85 -133.05
C GLU K 575 13.57 138.09 -131.57
N LEU K 576 14.81 137.85 -131.13
CA LEU K 576 15.16 138.08 -129.73
C LEU K 576 14.92 139.53 -129.33
N LYS K 577 15.32 140.47 -130.18
CA LYS K 577 15.19 141.87 -129.83
C LYS K 577 13.75 142.36 -129.93
N LYS K 578 12.96 141.81 -130.86
CA LYS K 578 11.54 142.11 -130.87
C LYS K 578 10.86 141.58 -129.61
N LEU K 579 11.25 140.39 -129.16
CA LEU K 579 10.77 139.86 -127.89
C LEU K 579 11.12 140.79 -126.74
N TRP K 580 12.37 141.26 -126.72
CA TRP K 580 12.78 142.23 -125.69
C TRP K 580 11.88 143.46 -125.73
N GLU K 581 11.53 143.93 -126.94
CA GLU K 581 10.70 145.12 -127.05
C GLU K 581 9.28 144.87 -126.55
N GLN K 582 8.69 143.72 -126.86
CA GLN K 582 7.31 143.49 -126.45
C GLN K 582 7.19 142.98 -125.01
N THR K 583 8.31 142.75 -124.33
CA THR K 583 8.28 142.27 -122.95
C THR K 583 8.35 143.45 -122.00
N ARG K 584 7.55 143.39 -120.94
CA ARG K 584 7.46 144.49 -119.99
C ARG K 584 8.56 144.43 -118.93
N SER K 585 8.59 143.36 -118.13
CA SER K 585 9.63 143.15 -117.12
C SER K 585 10.70 142.24 -117.70
N LYS K 586 11.88 142.81 -117.98
CA LYS K 586 12.91 142.07 -118.70
C LYS K 586 13.52 140.97 -117.85
N ALA K 587 13.52 141.14 -116.52
CA ALA K 587 14.27 140.22 -115.67
C ALA K 587 13.73 138.80 -115.76
N GLY K 588 12.44 138.65 -116.08
CA GLY K 588 11.86 137.33 -116.17
C GLY K 588 12.30 136.54 -117.38
N LEU K 589 12.96 137.18 -118.33
CA LEU K 589 13.36 136.50 -119.55
C LEU K 589 14.49 135.51 -119.27
N LEU K 590 14.36 134.31 -119.79
CA LEU K 590 15.43 133.33 -119.67
C LEU K 590 16.66 133.80 -120.44
N VAL K 591 17.83 133.32 -120.02
CA VAL K 591 19.07 133.68 -120.70
C VAL K 591 19.10 133.08 -122.10
N SER K 592 18.57 131.86 -122.25
CA SER K 592 18.51 131.22 -123.56
C SER K 592 17.70 132.05 -124.55
N ASP K 593 16.70 132.78 -124.07
CA ASP K 593 15.86 133.62 -124.92
C ASP K 593 16.22 135.10 -124.79
N GLY K 594 17.50 135.40 -124.56
CA GLY K 594 17.97 136.77 -124.47
C GLY K 594 17.55 137.50 -123.21
N GLY K 595 17.89 136.94 -122.06
CA GLY K 595 17.58 137.56 -120.79
C GLY K 595 18.83 137.82 -120.00
N PRO K 596 18.73 138.65 -118.95
CA PRO K 596 19.92 138.95 -118.14
C PRO K 596 20.28 137.76 -117.27
N ASN K 597 21.57 137.59 -117.03
CA ASN K 597 22.07 136.52 -116.18
C ASN K 597 22.17 137.06 -114.76
N LEU K 598 21.27 136.61 -113.89
CA LEU K 598 21.30 136.97 -112.48
C LEU K 598 21.68 135.78 -111.61
N TYR K 599 22.25 134.74 -112.20
CA TYR K 599 22.74 133.61 -111.44
C TYR K 599 23.96 134.04 -110.64
N ASN K 600 23.90 133.86 -109.33
CA ASN K 600 25.01 134.19 -108.45
C ASN K 600 25.15 133.07 -107.42
N ILE K 601 26.09 133.24 -106.50
CA ILE K 601 26.36 132.21 -105.51
C ILE K 601 25.13 131.93 -104.66
N ARG K 602 24.30 132.95 -104.41
CA ARG K 602 23.12 132.74 -103.58
C ARG K 602 22.14 131.77 -104.22
N ASN K 603 22.10 131.72 -105.55
CA ASN K 603 21.07 130.97 -106.27
C ASN K 603 21.67 130.10 -107.36
N LEU K 604 22.86 129.54 -107.12
CA LEU K 604 23.41 128.60 -108.09
C LEU K 604 22.73 127.24 -108.05
N HIS K 605 21.85 127.01 -107.08
CA HIS K 605 21.15 125.74 -106.95
C HIS K 605 19.74 125.77 -107.52
N ILE K 606 19.12 126.94 -107.59
CA ILE K 606 17.76 127.03 -108.13
C ILE K 606 17.82 126.90 -109.65
N PRO K 607 16.94 126.10 -110.27
CA PRO K 607 16.86 126.13 -111.72
C PRO K 607 16.41 127.51 -112.20
N GLU K 608 16.90 127.88 -113.38
CA GLU K 608 16.69 129.24 -113.89
C GLU K 608 15.21 129.56 -114.02
N VAL K 609 14.43 128.58 -114.49
CA VAL K 609 13.02 128.81 -114.79
C VAL K 609 12.27 129.24 -113.54
N CYS K 610 12.44 128.47 -112.45
CA CYS K 610 11.73 128.78 -111.21
C CYS K 610 12.23 130.07 -110.58
N LEU K 611 13.52 130.38 -110.78
CA LEU K 611 14.08 131.61 -110.24
C LEU K 611 13.43 132.83 -110.90
N LYS K 612 13.34 132.82 -112.23
CA LYS K 612 12.72 133.96 -112.90
C LYS K 612 11.20 133.94 -112.87
N TRP K 613 10.58 132.91 -112.29
CA TRP K 613 9.13 132.76 -112.38
C TRP K 613 8.39 133.94 -111.76
N GLU K 614 8.92 134.51 -110.69
CA GLU K 614 8.25 135.66 -110.08
C GLU K 614 8.37 136.89 -110.98
N LEU K 615 9.52 137.06 -111.63
CA LEU K 615 9.82 138.26 -112.39
C LEU K 615 9.39 138.18 -113.85
N MET K 616 8.83 137.05 -114.28
CA MET K 616 8.36 136.95 -115.65
C MET K 616 7.09 137.78 -115.84
N ASP K 617 6.71 137.95 -117.10
CA ASP K 617 5.44 138.56 -117.45
C ASP K 617 4.39 137.46 -117.64
N GLU K 618 3.13 137.83 -117.40
CA GLU K 618 2.05 136.84 -117.39
C GLU K 618 1.90 136.17 -118.75
N ASP K 619 1.88 136.95 -119.83
CA ASP K 619 1.80 136.37 -121.16
C ASP K 619 3.04 135.53 -121.46
N TYR K 620 4.21 135.98 -121.01
CA TYR K 620 5.43 135.21 -121.19
C TYR K 620 5.33 133.85 -120.52
N GLN K 621 4.84 133.83 -119.27
CA GLN K 621 4.67 132.56 -118.57
C GLN K 621 3.66 131.66 -119.27
N GLY K 622 2.51 132.22 -119.63
CA GLY K 622 1.48 131.41 -120.27
C GLY K 622 1.90 130.86 -121.63
N ARG K 623 2.81 131.55 -122.31
CA ARG K 623 3.32 131.10 -123.60
C ARG K 623 4.59 130.28 -123.49
N LEU K 624 5.26 130.28 -122.33
CA LEU K 624 6.57 129.69 -122.17
C LEU K 624 6.53 128.19 -121.87
N CYS K 625 5.77 127.79 -120.85
CA CYS K 625 5.79 126.42 -120.34
C CYS K 625 4.81 125.49 -121.05
N ASN K 626 4.16 125.92 -122.13
CA ASN K 626 3.12 125.12 -122.77
C ASN K 626 3.66 123.75 -123.17
N PRO K 627 3.22 122.68 -122.51
CA PRO K 627 3.76 121.35 -122.81
C PRO K 627 3.25 120.77 -124.12
N LEU K 628 2.18 121.34 -124.68
CA LEU K 628 1.72 120.92 -126.00
C LEU K 628 2.54 121.67 -127.04
N ASN K 629 3.84 121.66 -126.89
CA ASN K 629 4.74 122.34 -127.80
C ASN K 629 5.23 121.38 -128.88
N PRO K 630 5.58 121.89 -130.05
CA PRO K 630 6.02 121.02 -131.15
C PRO K 630 7.47 120.57 -131.05
N PHE K 631 8.15 120.78 -129.93
CA PHE K 631 9.58 120.53 -129.84
C PHE K 631 9.93 119.31 -129.01
N VAL K 632 9.44 119.22 -127.78
CA VAL K 632 9.82 118.12 -126.89
C VAL K 632 9.14 116.82 -127.30
N ASP K 658 15.46 121.53 -114.21
CA ASP K 658 14.33 121.61 -115.13
C ASP K 658 14.79 121.83 -116.56
N ALA K 659 14.09 121.20 -117.50
CA ALA K 659 14.39 121.32 -118.93
C ALA K 659 13.09 121.42 -119.74
N VAL K 660 12.17 122.28 -119.29
CA VAL K 660 10.82 122.28 -119.85
C VAL K 660 10.78 122.88 -121.25
N ALA K 661 11.18 124.16 -121.37
CA ALA K 661 10.70 124.97 -122.49
C ALA K 661 11.50 124.74 -123.76
N THR K 662 12.79 125.05 -123.74
CA THR K 662 13.60 125.15 -124.96
C THR K 662 14.36 123.85 -125.23
N THR K 663 13.71 122.72 -124.96
CA THR K 663 14.35 121.41 -125.08
C THR K 663 14.50 121.05 -126.56
N HIS K 664 15.71 121.21 -127.09
CA HIS K 664 16.01 120.80 -128.45
C HIS K 664 16.05 119.28 -128.55
N SER K 665 16.16 118.78 -129.79
CA SER K 665 16.07 117.36 -130.07
C SER K 665 17.30 116.75 -130.72
N TRP K 666 18.15 117.55 -131.37
CA TRP K 666 19.50 117.13 -131.77
C TRP K 666 19.45 115.92 -132.71
N ILE K 667 18.96 116.18 -133.92
CA ILE K 667 19.06 115.19 -135.00
C ILE K 667 20.52 114.79 -135.14
N PRO K 668 20.83 113.49 -135.28
CA PRO K 668 22.22 113.05 -135.40
C PRO K 668 22.71 113.00 -136.85
N ASP K 685 26.23 94.12 -136.52
CA ASP K 685 24.84 94.40 -136.20
C ASP K 685 24.70 94.77 -134.73
N GLU K 686 25.53 95.72 -134.27
CA GLU K 686 25.53 96.12 -132.88
C GLU K 686 24.22 96.77 -132.45
N GLN K 687 23.35 97.13 -133.39
CA GLN K 687 22.08 97.77 -133.06
C GLN K 687 21.03 96.77 -132.60
N MET K 688 21.42 95.85 -131.72
CA MET K 688 20.57 94.79 -131.22
C MET K 688 19.90 95.13 -129.91
N TYR K 689 20.69 95.53 -128.92
CA TYR K 689 20.18 95.72 -127.56
C TYR K 689 19.39 97.01 -127.43
N GLN K 690 19.97 98.13 -127.83
CA GLN K 690 19.32 99.43 -127.61
C GLN K 690 18.01 99.55 -128.38
N LYS K 691 17.90 98.95 -129.56
CA LYS K 691 16.64 99.00 -130.29
C LYS K 691 15.52 98.28 -129.54
N CYS K 692 15.79 97.05 -129.10
CA CYS K 692 14.80 96.30 -128.32
C CYS K 692 14.43 97.05 -127.04
N CYS K 693 15.43 97.60 -126.35
CA CYS K 693 15.17 98.31 -125.11
C CYS K 693 14.34 99.57 -125.36
N ASN K 694 14.62 100.30 -126.43
CA ASN K 694 13.86 101.51 -126.72
C ASN K 694 12.43 101.18 -127.17
N LEU K 695 12.25 100.09 -127.91
CA LEU K 695 10.90 99.63 -128.23
C LEU K 695 10.14 99.27 -126.96
N PHE K 696 10.82 98.59 -126.03
CA PHE K 696 10.24 98.28 -124.73
C PHE K 696 9.84 99.56 -124.00
N GLU K 697 10.72 100.56 -124.01
CA GLU K 697 10.45 101.83 -123.34
C GLU K 697 9.25 102.53 -123.95
N LYS K 698 9.12 102.47 -125.29
CA LYS K 698 7.94 103.02 -125.94
C LYS K 698 6.68 102.24 -125.58
N PHE K 699 6.82 100.94 -125.28
CA PHE K 699 5.65 100.18 -124.83
C PHE K 699 5.36 100.42 -123.35
N PHE K 700 6.40 100.47 -122.52
CA PHE K 700 6.25 100.73 -121.09
C PHE K 700 7.09 101.93 -120.68
N PRO K 701 6.48 103.07 -120.35
CA PRO K 701 7.29 104.23 -119.95
C PRO K 701 8.07 104.00 -118.67
N SER K 702 7.48 103.26 -117.73
CA SER K 702 8.13 103.01 -116.44
C SER K 702 9.49 102.34 -116.61
N SER K 703 9.70 101.64 -117.72
CA SER K 703 10.99 100.98 -117.96
C SER K 703 12.13 101.99 -118.09
N SER K 704 11.82 103.24 -118.39
CA SER K 704 12.84 104.28 -118.50
C SER K 704 13.11 104.98 -117.16
N TYR K 705 12.27 104.74 -116.15
CA TYR K 705 12.42 105.35 -114.84
C TYR K 705 12.78 104.33 -113.76
N ARG K 706 11.97 103.29 -113.60
CA ARG K 706 12.20 102.27 -112.60
C ARG K 706 12.51 100.95 -113.29
N ARG K 707 13.48 100.22 -112.76
CA ARG K 707 13.87 98.93 -113.29
C ARG K 707 12.66 97.99 -113.31
N PRO K 708 12.23 97.50 -114.47
CA PRO K 708 10.97 96.75 -114.55
C PRO K 708 11.08 95.40 -113.86
N VAL K 709 9.91 94.88 -113.49
CA VAL K 709 9.79 93.59 -112.82
C VAL K 709 8.73 92.77 -113.55
N GLY K 710 9.10 91.55 -113.95
CA GLY K 710 8.17 90.67 -114.64
C GLY K 710 8.84 89.40 -115.15
N ILE K 711 8.17 88.26 -114.97
CA ILE K 711 8.76 86.97 -115.32
C ILE K 711 8.48 86.55 -116.75
N SER K 712 7.47 87.09 -117.41
CA SER K 712 7.21 86.71 -118.79
C SER K 712 8.29 87.21 -119.72
N SER K 713 8.34 86.59 -120.90
CA SER K 713 9.25 87.03 -121.92
C SER K 713 8.87 88.42 -122.40
N MET K 714 9.82 89.08 -123.05
CA MET K 714 9.59 90.42 -123.58
C MET K 714 8.40 90.42 -124.54
N VAL K 715 8.36 89.44 -125.44
CA VAL K 715 7.37 89.42 -126.50
C VAL K 715 5.96 89.23 -125.94
N GLU K 716 5.78 88.33 -124.99
CA GLU K 716 4.44 88.08 -124.47
C GLU K 716 3.89 89.31 -123.76
N ALA K 717 4.74 90.04 -123.05
CA ALA K 717 4.28 91.25 -122.36
C ALA K 717 3.96 92.35 -123.35
N MET K 718 4.80 92.52 -124.38
CA MET K 718 4.53 93.55 -125.37
C MET K 718 3.24 93.26 -126.12
N VAL K 719 3.01 91.99 -126.47
CA VAL K 719 1.80 91.61 -127.19
C VAL K 719 0.56 91.85 -126.34
N SER K 720 0.59 91.41 -125.08
CA SER K 720 -0.56 91.60 -124.22
C SER K 720 -0.86 93.09 -124.01
N ARG K 721 0.19 93.90 -123.78
CA ARG K 721 -0.03 95.33 -123.61
C ARG K 721 -0.61 95.95 -124.87
N ALA K 722 -0.12 95.57 -126.05
CA ALA K 722 -0.65 96.10 -127.29
C ALA K 722 -2.12 95.77 -127.46
N ARG K 723 -2.49 94.52 -127.18
CA ARG K 723 -3.88 94.11 -127.36
C ARG K 723 -4.80 94.83 -126.38
N ILE K 724 -4.38 94.96 -125.11
CA ILE K 724 -5.24 95.60 -124.12
C ILE K 724 -5.37 97.10 -124.44
N ASP K 725 -4.27 97.75 -124.81
CA ASP K 725 -4.33 99.15 -125.17
C ASP K 725 -5.23 99.37 -126.38
N ALA K 726 -5.14 98.50 -127.38
CA ALA K 726 -6.03 98.58 -128.53
C ALA K 726 -7.49 98.52 -128.11
N ARG K 727 -7.83 97.53 -127.27
CA ARG K 727 -9.21 97.42 -126.80
C ARG K 727 -9.67 98.69 -126.09
N ILE K 728 -8.86 99.20 -125.15
CA ILE K 728 -9.33 100.27 -124.28
C ILE K 728 -9.43 101.59 -125.04
N ASP K 729 -8.44 101.90 -125.90
CA ASP K 729 -8.57 103.12 -126.69
C ASP K 729 -9.46 102.92 -127.90
N PHE K 730 -9.99 101.71 -128.09
CA PHE K 730 -11.00 101.44 -129.09
C PHE K 730 -12.41 101.75 -128.56
N GLU K 731 -12.72 101.33 -127.34
CA GLU K 731 -14.10 101.52 -126.89
C GLU K 731 -14.43 102.98 -126.64
N SER K 732 -13.79 103.60 -125.65
CA SER K 732 -14.06 105.00 -125.34
C SER K 732 -13.23 105.95 -126.20
N GLY K 733 -11.95 105.65 -126.39
CA GLY K 733 -11.09 106.48 -127.22
C GLY K 733 -11.43 106.34 -128.69
N ARG K 734 -10.49 106.67 -129.57
CA ARG K 734 -10.74 106.62 -131.00
C ARG K 734 -9.62 105.85 -131.70
N ILE K 735 -9.99 104.74 -132.32
CA ILE K 735 -9.10 104.00 -133.20
C ILE K 735 -9.99 103.27 -134.20
N LYS K 736 -9.47 103.07 -135.42
CA LYS K 736 -10.23 102.41 -136.46
C LYS K 736 -10.30 100.91 -136.21
N LYS K 737 -11.47 100.33 -136.48
CA LYS K 737 -11.64 98.89 -136.30
C LYS K 737 -10.68 98.12 -137.18
N GLU K 738 -10.35 98.67 -138.35
CA GLU K 738 -9.41 98.04 -139.26
C GLU K 738 -7.99 98.03 -138.71
N GLU K 739 -7.54 99.16 -138.14
CA GLU K 739 -6.24 99.19 -137.48
C GLU K 739 -6.22 98.25 -136.30
N PHE K 740 -7.32 98.21 -135.54
CA PHE K 740 -7.47 97.28 -134.44
C PHE K 740 -7.28 95.84 -134.90
N ALA K 741 -7.99 95.47 -135.97
CA ALA K 741 -7.92 94.11 -136.49
C ALA K 741 -6.53 93.78 -137.01
N GLU K 742 -5.87 94.73 -137.68
CA GLU K 742 -4.53 94.44 -138.18
C GLU K 742 -3.51 94.35 -137.06
N ILE K 743 -3.62 95.20 -136.04
CA ILE K 743 -2.76 95.07 -134.86
C ILE K 743 -2.91 93.69 -134.25
N MET K 744 -4.16 93.23 -134.08
CA MET K 744 -4.35 91.95 -133.40
C MET K 744 -3.94 90.78 -134.30
N LYS K 745 -4.10 90.91 -135.62
CA LYS K 745 -3.64 89.86 -136.52
C LYS K 745 -2.11 89.80 -136.54
N ILE K 746 -1.43 90.95 -136.49
CA ILE K 746 0.02 90.94 -136.42
C ILE K 746 0.48 90.37 -135.08
N CYS K 747 -0.27 90.64 -134.00
CA CYS K 747 0.06 90.03 -132.71
C CYS K 747 -0.06 88.51 -132.77
N SER K 748 -1.11 88.01 -133.41
CA SER K 748 -1.23 86.56 -133.59
C SER K 748 -0.15 86.00 -134.52
N THR K 749 0.27 86.80 -135.50
CA THR K 749 1.42 86.42 -136.33
C THR K 749 2.68 86.28 -135.48
N ILE K 750 2.88 87.20 -134.54
CA ILE K 750 4.01 87.09 -133.62
C ILE K 750 3.86 85.84 -132.74
N GLU K 751 2.64 85.58 -132.28
CA GLU K 751 2.37 84.37 -131.50
C GLU K 751 2.80 83.13 -132.28
N GLU K 752 2.49 83.09 -133.57
CA GLU K 752 2.95 82.00 -134.43
C GLU K 752 4.44 82.07 -134.68
N LEU K 753 5.06 83.25 -134.51
CA LEU K 753 6.49 83.41 -134.76
C LEU K 753 7.33 82.90 -133.60
N ARG K 754 6.84 83.01 -132.37
CA ARG K 754 7.58 82.51 -131.22
C ARG K 754 7.48 80.99 -131.08
N ARG K 755 6.74 80.32 -131.96
CA ARG K 755 6.60 78.88 -131.89
C ARG K 755 7.71 78.13 -132.61
N GLN K 756 8.47 78.80 -133.47
CA GLN K 756 9.59 78.17 -134.15
C GLN K 756 10.93 78.72 -133.65
N MET L 1 0.35 102.06 -134.29
CA MET L 1 0.63 100.89 -135.09
C MET L 1 2.13 100.77 -135.37
N GLU L 2 2.87 101.83 -135.05
CA GLU L 2 4.32 101.83 -135.27
C GLU L 2 5.01 100.80 -134.39
N ARG L 3 4.59 100.70 -133.12
CA ARG L 3 5.24 99.80 -132.19
C ARG L 3 5.09 98.34 -132.64
N ILE L 4 3.88 97.94 -132.99
CA ILE L 4 3.64 96.55 -133.38
C ILE L 4 4.30 96.26 -134.73
N LYS L 5 4.39 97.25 -135.61
CA LYS L 5 5.08 97.06 -136.88
C LYS L 5 6.57 96.85 -136.69
N GLU L 6 7.19 97.63 -135.81
CA GLU L 6 8.60 97.41 -135.50
C GLU L 6 8.81 96.06 -134.84
N LEU L 7 7.89 95.67 -133.95
CA LEU L 7 7.94 94.34 -133.34
C LEU L 7 7.91 93.25 -134.42
N ARG L 8 7.00 93.39 -135.39
CA ARG L 8 6.87 92.39 -136.44
C ARG L 8 8.14 92.28 -137.27
N ASN L 9 8.62 93.41 -137.81
CA ASN L 9 9.83 93.34 -138.62
C ASN L 9 11.08 93.08 -137.80
N LEU L 10 10.99 93.07 -136.47
CA LEU L 10 12.14 92.77 -135.63
C LEU L 10 12.22 91.29 -135.22
N MET L 11 11.10 90.62 -135.03
CA MET L 11 11.11 89.23 -134.61
C MET L 11 11.36 88.26 -135.76
N SER L 12 11.49 88.75 -137.00
CA SER L 12 11.77 87.86 -138.11
C SER L 12 13.26 87.50 -138.18
N GLN L 13 14.13 88.43 -137.79
CA GLN L 13 15.56 88.15 -137.76
C GLN L 13 15.85 87.16 -136.63
N SER L 14 16.55 86.06 -136.97
CA SER L 14 16.67 84.94 -136.06
C SER L 14 17.52 85.28 -134.84
N ARG L 15 18.71 85.84 -135.07
CA ARG L 15 19.63 86.15 -133.97
C ARG L 15 19.09 87.23 -133.05
N THR L 16 18.03 87.93 -133.45
CA THR L 16 17.31 88.82 -132.56
C THR L 16 16.03 88.20 -132.02
N ARG L 17 15.41 87.29 -132.79
CA ARG L 17 14.25 86.56 -132.30
C ARG L 17 14.59 85.74 -131.06
N GLU L 18 15.71 85.03 -131.10
CA GLU L 18 16.10 84.21 -129.96
C GLU L 18 16.33 85.05 -128.71
N ILE L 19 17.01 86.18 -128.87
CA ILE L 19 17.35 86.99 -127.71
C ILE L 19 16.14 87.76 -127.18
N LEU L 20 15.19 88.09 -128.05
CA LEU L 20 13.93 88.67 -127.58
C LEU L 20 13.02 87.63 -126.94
N THR L 21 13.17 86.35 -127.34
CA THR L 21 12.35 85.29 -126.78
C THR L 21 12.83 84.86 -125.40
N LYS L 22 14.13 84.56 -125.27
CA LYS L 22 14.61 83.91 -124.07
C LYS L 22 14.66 84.87 -122.89
N THR L 23 15.39 85.98 -123.03
CA THR L 23 15.50 86.93 -121.93
C THR L 23 14.14 87.50 -121.59
N THR L 24 13.84 87.58 -120.29
CA THR L 24 12.53 87.98 -119.80
C THR L 24 12.54 89.46 -119.43
N VAL L 25 11.36 89.94 -118.98
CA VAL L 25 11.20 91.36 -118.66
C VAL L 25 12.12 91.76 -117.52
N ASP L 26 12.24 90.91 -116.49
CA ASP L 26 13.12 91.20 -115.36
C ASP L 26 14.52 91.61 -115.79
N HIS L 27 14.94 91.22 -117.00
CA HIS L 27 16.32 91.41 -117.43
C HIS L 27 16.49 92.59 -118.36
N MET L 28 15.43 93.36 -118.62
CA MET L 28 15.59 94.50 -119.52
C MET L 28 16.65 95.46 -119.02
N ALA L 29 16.65 95.73 -117.72
CA ALA L 29 17.64 96.64 -117.15
C ALA L 29 19.05 96.08 -117.33
N ILE L 30 19.21 94.77 -117.32
CA ILE L 30 20.54 94.20 -117.51
C ILE L 30 20.95 94.20 -118.98
N ILE L 31 19.99 94.44 -119.88
CA ILE L 31 20.27 94.48 -121.31
C ILE L 31 20.23 95.91 -121.85
N LYS L 32 19.75 96.87 -121.06
CA LYS L 32 19.74 98.27 -121.48
C LYS L 32 21.14 98.88 -121.49
N LYS L 33 22.09 98.29 -120.78
CA LYS L 33 23.45 98.85 -120.68
C LYS L 33 24.39 98.26 -121.71
N TYR L 34 23.88 97.91 -122.89
CA TYR L 34 24.66 97.37 -124.00
C TYR L 34 24.50 98.35 -125.15
N THR L 35 25.43 99.30 -125.26
CA THR L 35 25.31 100.40 -126.20
C THR L 35 26.51 100.43 -127.14
N SER L 36 26.34 101.15 -128.25
CA SER L 36 27.46 101.41 -129.16
C SER L 36 28.56 102.19 -128.47
N GLY L 37 28.20 103.25 -127.76
CA GLY L 37 29.19 104.01 -127.01
C GLY L 37 30.15 104.77 -127.90
N ARG L 38 29.62 105.67 -128.72
CA ARG L 38 30.44 106.46 -129.63
C ARG L 38 30.18 107.96 -129.55
N GLN L 39 29.01 108.39 -129.10
CA GLN L 39 28.65 109.81 -129.09
C GLN L 39 29.27 110.53 -127.89
N GLU L 40 30.60 110.57 -127.87
CA GLU L 40 31.34 111.25 -126.81
C GLU L 40 32.49 112.06 -127.38
N LYS L 41 32.30 112.64 -128.56
CA LYS L 41 33.34 113.42 -129.22
C LYS L 41 33.11 114.90 -128.94
N ASN L 42 33.54 115.35 -127.75
CA ASN L 42 33.48 116.76 -127.38
C ASN L 42 32.11 117.33 -127.69
N PRO L 43 31.08 117.00 -126.90
CA PRO L 43 29.71 117.39 -127.27
C PRO L 43 29.54 118.88 -127.53
N SER L 44 30.35 119.73 -126.91
CA SER L 44 30.26 121.16 -127.17
C SER L 44 30.63 121.48 -128.63
N LEU L 45 31.65 120.79 -129.16
CA LEU L 45 32.09 121.08 -130.52
C LEU L 45 31.07 120.63 -131.56
N ARG L 46 30.51 119.42 -131.39
CA ARG L 46 29.45 118.98 -132.28
C ARG L 46 28.22 119.87 -132.16
N MET L 47 27.91 120.30 -130.92
CA MET L 47 26.77 121.19 -130.73
C MET L 47 26.98 122.51 -131.46
N LYS L 48 28.19 123.07 -131.38
CA LYS L 48 28.48 124.33 -132.06
C LYS L 48 28.44 124.17 -133.56
N TRP L 49 28.96 123.05 -134.09
CA TRP L 49 28.90 122.83 -135.53
C TRP L 49 27.47 122.64 -136.01
N MET L 50 26.60 122.04 -135.20
CA MET L 50 25.20 121.90 -135.60
C MET L 50 24.44 123.22 -135.48
N MET L 51 24.71 123.99 -134.42
CA MET L 51 24.04 125.28 -134.24
C MET L 51 24.47 126.27 -135.30
N ALA L 52 25.74 126.24 -135.71
CA ALA L 52 26.18 127.09 -136.80
C ALA L 52 25.48 126.74 -138.10
N MET L 53 25.06 125.49 -138.25
CA MET L 53 24.30 125.10 -139.42
C MET L 53 22.88 125.66 -139.33
N LYS L 54 22.24 125.75 -140.49
CA LYS L 54 20.86 126.18 -140.59
C LYS L 54 19.93 125.02 -140.26
N TYR L 55 18.98 125.27 -139.37
CA TYR L 55 17.93 124.33 -138.97
C TYR L 55 18.50 123.03 -138.41
N PRO L 56 19.09 123.05 -137.20
CA PRO L 56 19.59 121.80 -136.63
C PRO L 56 18.58 121.03 -135.77
N ILE L 57 17.55 121.73 -135.30
CA ILE L 57 16.55 121.14 -134.41
C ILE L 57 15.58 120.31 -135.23
N THR L 58 15.26 119.11 -134.75
CA THR L 58 14.25 118.26 -135.37
C THR L 58 12.98 118.27 -134.51
N ALA L 59 11.86 118.64 -135.11
CA ALA L 59 10.58 118.70 -134.42
C ALA L 59 9.57 117.75 -135.08
N ASP L 60 8.34 117.80 -134.58
CA ASP L 60 7.23 117.00 -135.05
C ASP L 60 6.65 117.60 -136.33
N LYS L 61 5.47 117.11 -136.74
CA LYS L 61 4.83 117.57 -137.97
C LYS L 61 3.73 118.60 -137.73
N ARG L 62 3.42 118.92 -136.47
CA ARG L 62 2.35 119.88 -136.19
C ARG L 62 2.81 121.33 -136.28
N ILE L 63 4.06 121.58 -136.65
CA ILE L 63 4.52 122.95 -136.84
C ILE L 63 3.89 123.59 -138.06
N THR L 64 3.36 122.78 -138.98
CA THR L 64 2.82 123.30 -140.23
C THR L 64 1.65 124.25 -139.99
N GLU L 65 0.79 123.94 -139.02
CA GLU L 65 -0.40 124.73 -138.75
C GLU L 65 -0.29 125.60 -137.51
N MET L 66 0.86 125.64 -136.85
CA MET L 66 1.00 126.41 -135.62
C MET L 66 1.91 127.62 -135.76
N VAL L 67 3.12 127.44 -136.29
CA VAL L 67 4.04 128.56 -136.48
C VAL L 67 4.13 128.85 -137.97
N PRO L 68 4.39 130.10 -138.36
CA PRO L 68 4.53 130.41 -139.79
C PRO L 68 5.87 129.94 -140.34
N GLU L 69 5.91 129.83 -141.67
CA GLU L 69 7.15 129.44 -142.33
C GLU L 69 8.16 130.59 -142.30
N ARG L 70 7.73 131.77 -142.72
CA ARG L 70 8.56 132.96 -142.67
C ARG L 70 8.01 133.90 -141.60
N ASN L 71 8.92 134.48 -140.81
CA ASN L 71 8.53 135.34 -139.70
C ASN L 71 8.17 136.72 -140.22
N GLU L 72 8.08 137.70 -139.31
CA GLU L 72 7.79 139.07 -139.69
C GLU L 72 8.87 139.71 -140.55
N GLN L 73 9.99 139.02 -140.80
CA GLN L 73 11.08 139.56 -141.61
C GLN L 73 11.55 138.58 -142.69
N GLY L 74 10.72 137.61 -143.06
CA GLY L 74 11.05 136.72 -144.15
C GLY L 74 12.21 135.78 -143.89
N GLN L 75 12.40 135.37 -142.64
CA GLN L 75 13.48 134.47 -142.27
C GLN L 75 13.01 133.02 -142.37
N THR L 76 13.82 132.17 -143.00
CA THR L 76 13.48 130.77 -143.16
C THR L 76 13.77 130.00 -141.87
N LEU L 77 12.83 129.15 -141.47
CA LEU L 77 13.02 128.33 -140.27
C LEU L 77 12.46 126.93 -140.42
N TRP L 78 12.30 126.44 -141.65
CA TRP L 78 11.72 125.11 -141.88
C TRP L 78 12.55 124.26 -142.83
N SER L 79 12.04 123.10 -143.18
CA SER L 79 12.64 122.18 -144.15
C SER L 79 11.59 121.11 -144.47
N LYS L 80 12.00 120.11 -145.24
CA LYS L 80 11.15 118.95 -145.51
C LYS L 80 11.99 117.79 -146.06
N VAL L 89 12.68 116.18 -140.39
CA VAL L 89 12.19 117.54 -140.53
C VAL L 89 12.93 118.49 -139.60
N MET L 90 13.99 119.10 -140.11
CA MET L 90 14.81 120.01 -139.33
C MET L 90 14.12 121.37 -139.18
N VAL L 91 14.54 122.11 -138.15
CA VAL L 91 13.90 123.36 -137.77
C VAL L 91 14.97 124.28 -137.17
N SER L 92 14.91 125.56 -137.54
CA SER L 92 15.84 126.54 -136.98
C SER L 92 15.40 126.97 -135.58
N PRO L 93 16.35 127.27 -134.70
CA PRO L 93 15.99 127.73 -133.34
C PRO L 93 15.21 129.04 -133.34
N LEU L 94 15.30 129.83 -134.42
CA LEU L 94 14.52 131.05 -134.49
C LEU L 94 13.03 130.73 -134.45
N ALA L 95 12.63 129.55 -134.91
CA ALA L 95 11.25 129.11 -134.73
C ALA L 95 10.91 128.99 -133.25
N VAL L 96 11.84 128.43 -132.46
CA VAL L 96 11.65 128.37 -131.01
C VAL L 96 11.44 129.77 -130.46
N THR L 97 12.35 130.68 -130.78
CA THR L 97 12.25 132.03 -130.22
C THR L 97 10.97 132.74 -130.68
N TRP L 98 10.47 132.42 -131.87
CA TRP L 98 9.20 132.96 -132.31
C TRP L 98 8.06 132.43 -131.45
N TRP L 99 7.96 131.11 -131.34
CA TRP L 99 6.93 130.49 -130.52
C TRP L 99 6.98 131.01 -129.08
N ASN L 100 8.16 131.44 -128.63
CA ASN L 100 8.30 132.02 -127.31
C ASN L 100 7.67 133.40 -127.20
N ARG L 101 7.41 134.08 -128.32
CA ARG L 101 6.97 135.46 -128.28
C ARG L 101 5.45 135.59 -128.25
N ASN L 102 4.77 135.10 -129.29
CA ASN L 102 3.31 135.14 -129.34
C ASN L 102 2.85 133.82 -129.95
N GLY L 103 2.43 132.91 -129.10
CA GLY L 103 1.93 131.62 -129.51
C GLY L 103 0.76 131.19 -128.66
N PRO L 104 0.68 129.90 -128.34
CA PRO L 104 -0.44 129.36 -127.56
C PRO L 104 -0.39 129.71 -126.07
N MET L 105 -0.87 130.90 -125.75
CA MET L 105 -1.05 131.26 -124.35
C MET L 105 -2.06 130.32 -123.71
N THR L 106 -1.67 129.70 -122.61
CA THR L 106 -2.52 128.77 -121.89
C THR L 106 -2.43 129.05 -120.41
N SER L 107 -3.40 128.54 -119.64
CA SER L 107 -3.38 128.68 -118.20
C SER L 107 -2.47 127.66 -117.54
N THR L 108 -1.56 127.06 -118.33
CA THR L 108 -0.64 126.06 -117.80
C THR L 108 0.34 126.68 -116.80
N VAL L 109 0.18 127.96 -116.50
CA VAL L 109 0.86 128.63 -115.40
C VAL L 109 0.43 127.96 -114.10
N HIS L 110 -0.51 127.01 -114.20
CA HIS L 110 -0.80 126.08 -113.12
C HIS L 110 0.44 125.29 -112.68
N TYR L 111 1.55 125.36 -113.43
CA TYR L 111 2.79 124.64 -113.14
C TYR L 111 3.17 124.49 -111.67
N PRO L 112 3.19 125.55 -110.83
CA PRO L 112 3.80 125.41 -109.50
C PRO L 112 3.02 124.52 -108.53
N LYS L 113 2.73 123.29 -108.96
CA LYS L 113 2.15 122.28 -108.07
C LYS L 113 3.01 121.03 -108.14
N VAL L 114 3.60 120.77 -109.30
CA VAL L 114 4.51 119.64 -109.47
C VAL L 114 5.95 120.04 -109.16
N TYR L 115 6.31 121.30 -109.39
CA TYR L 115 7.65 121.79 -109.11
C TYR L 115 7.73 122.51 -107.76
N LYS L 116 6.81 122.18 -106.84
CA LYS L 116 6.77 122.82 -105.52
C LYS L 116 8.11 122.70 -104.80
N THR L 117 8.85 121.62 -105.07
CA THR L 117 10.15 121.41 -104.45
C THR L 117 11.14 122.53 -104.77
N TYR L 118 10.88 123.31 -105.83
CA TYR L 118 11.71 124.44 -106.20
C TYR L 118 11.18 125.77 -105.68
N PHE L 119 9.87 125.99 -105.76
CA PHE L 119 9.30 127.22 -105.22
C PHE L 119 9.47 127.31 -103.71
N GLU L 120 9.57 126.17 -103.02
CA GLU L 120 9.95 126.21 -101.62
C GLU L 120 11.35 126.80 -101.45
N LYS L 121 12.30 126.37 -102.29
CA LYS L 121 13.64 126.94 -102.25
C LYS L 121 13.61 128.42 -102.56
N VAL L 122 12.80 128.82 -103.54
CA VAL L 122 12.67 130.23 -103.90
C VAL L 122 12.20 131.04 -102.70
N GLU L 123 11.17 130.56 -102.01
CA GLU L 123 10.65 131.29 -100.85
C GLU L 123 11.67 131.31 -99.71
N ARG L 124 12.43 130.23 -99.54
CA ARG L 124 13.48 130.24 -98.52
C ARG L 124 14.56 131.27 -98.86
N LEU L 125 14.84 131.47 -100.15
CA LEU L 125 15.83 132.48 -100.53
C LEU L 125 15.29 133.89 -100.41
N LYS L 126 13.98 134.09 -100.63
CA LYS L 126 13.40 135.43 -100.56
C LYS L 126 13.59 136.04 -99.17
N HIS L 127 13.04 135.38 -98.15
CA HIS L 127 13.18 135.83 -96.77
C HIS L 127 14.39 135.20 -96.08
N GLY L 128 15.40 134.78 -96.86
CA GLY L 128 16.57 134.16 -96.30
C GLY L 128 17.53 135.17 -95.71
N THR L 129 17.18 135.70 -94.54
CA THR L 129 17.99 136.70 -93.87
C THR L 129 19.42 136.21 -93.69
N PHE L 130 20.38 137.09 -93.93
CA PHE L 130 21.79 136.76 -93.88
C PHE L 130 22.38 137.24 -92.57
N GLY L 131 23.70 137.07 -92.42
CA GLY L 131 24.41 137.47 -91.23
C GLY L 131 25.84 137.86 -91.53
N PRO L 132 26.62 138.11 -90.48
CA PRO L 132 28.01 138.53 -90.67
C PRO L 132 28.91 137.36 -91.05
N VAL L 133 30.06 137.72 -91.62
CA VAL L 133 31.06 136.73 -92.03
C VAL L 133 32.14 136.73 -90.94
N HIS L 134 31.97 135.87 -89.95
CA HIS L 134 33.01 135.65 -88.94
C HIS L 134 34.02 134.65 -89.50
N PHE L 135 35.06 135.19 -90.14
CA PHE L 135 36.11 134.37 -90.72
C PHE L 135 36.82 133.53 -89.65
N ARG L 136 37.24 132.33 -90.05
CA ARG L 136 37.94 131.41 -89.17
C ARG L 136 38.51 130.29 -90.04
N ASN L 137 39.49 129.58 -89.50
CA ASN L 137 40.11 128.46 -90.19
C ASN L 137 39.16 127.26 -90.19
N GLN L 138 38.29 127.19 -91.18
CA GLN L 138 37.25 126.16 -91.19
C GLN L 138 37.86 124.78 -91.46
N VAL L 139 37.57 123.83 -90.57
CA VAL L 139 38.03 122.45 -90.67
C VAL L 139 36.84 121.57 -91.02
N LYS L 140 37.08 120.58 -91.88
CA LYS L 140 35.98 119.76 -92.39
C LYS L 140 35.47 118.83 -91.30
N ILE L 141 34.15 118.80 -91.12
CA ILE L 141 33.49 117.89 -90.20
C ILE L 141 32.86 116.77 -91.02
N ARG L 142 33.39 115.56 -90.86
CA ARG L 142 32.92 114.38 -91.59
C ARG L 142 31.60 113.92 -91.00
N ARG L 143 30.49 114.39 -91.54
CA ARG L 143 29.18 114.03 -91.05
C ARG L 143 28.47 113.13 -92.06
N ARG L 144 27.37 112.53 -91.64
CA ARG L 144 26.47 111.79 -92.53
C ARG L 144 25.11 112.46 -92.43
N VAL L 145 24.70 113.11 -93.52
CA VAL L 145 23.53 113.98 -93.51
C VAL L 145 22.64 113.66 -94.71
N ASP L 146 21.42 114.20 -94.65
CA ASP L 146 20.41 114.00 -95.68
C ASP L 146 20.49 115.12 -96.71
N ILE L 147 20.20 114.77 -97.96
CA ILE L 147 20.24 115.71 -99.08
C ILE L 147 18.86 115.76 -99.73
N ASN L 148 17.81 115.72 -98.90
CA ASN L 148 16.44 115.91 -99.39
C ASN L 148 15.53 116.35 -98.25
N PRO L 149 14.82 117.46 -98.43
CA PRO L 149 13.95 118.00 -97.37
C PRO L 149 12.49 117.59 -97.46
N GLY L 150 11.88 117.36 -96.29
CA GLY L 150 10.45 117.21 -96.18
C GLY L 150 9.78 116.17 -97.06
N HIS L 151 10.04 114.90 -96.78
CA HIS L 151 9.49 113.80 -97.57
C HIS L 151 8.60 112.86 -96.76
N ALA L 152 8.25 113.24 -95.53
CA ALA L 152 7.34 112.47 -94.68
C ALA L 152 7.87 111.08 -94.33
N ASP L 153 9.18 110.87 -94.43
CA ASP L 153 9.83 109.63 -93.99
C ASP L 153 9.26 108.40 -94.72
N LEU L 154 9.47 108.37 -96.02
CA LEU L 154 9.04 107.26 -96.86
C LEU L 154 10.28 106.63 -97.48
N SER L 155 10.37 105.31 -97.40
CA SER L 155 11.55 104.63 -97.94
C SER L 155 11.48 104.63 -99.47
N ALA L 156 12.63 104.36 -100.09
CA ALA L 156 12.73 104.51 -101.54
C ALA L 156 11.79 103.56 -102.27
N LYS L 157 11.65 102.32 -101.77
CA LYS L 157 10.81 101.35 -102.44
C LYS L 157 9.33 101.73 -102.36
N GLU L 158 8.84 101.98 -101.15
CA GLU L 158 7.43 102.35 -100.99
C GLU L 158 7.13 103.75 -101.48
N ALA L 159 8.14 104.58 -101.73
CA ALA L 159 7.91 105.89 -102.32
C ALA L 159 7.87 105.82 -103.84
N GLN L 160 8.80 105.10 -104.45
CA GLN L 160 8.76 104.94 -105.90
C GLN L 160 7.61 104.05 -106.34
N ASP L 161 7.11 103.16 -105.45
CA ASP L 161 5.87 102.47 -105.75
C ASP L 161 4.71 103.45 -105.85
N VAL L 162 4.65 104.42 -104.93
CA VAL L 162 3.65 105.48 -105.02
C VAL L 162 3.87 106.32 -106.28
N ILE L 163 5.12 106.50 -106.69
CA ILE L 163 5.41 107.19 -107.95
C ILE L 163 4.74 106.45 -109.10
N MET L 164 5.03 105.16 -109.23
CA MET L 164 4.38 104.32 -110.23
C MET L 164 2.86 104.42 -110.13
N GLU L 165 2.34 104.51 -108.91
CA GLU L 165 0.90 104.60 -108.71
C GLU L 165 0.35 105.90 -109.29
N VAL L 166 1.04 107.02 -109.05
CA VAL L 166 0.49 108.32 -109.42
C VAL L 166 0.74 108.68 -110.88
N VAL L 167 1.77 108.12 -111.52
CA VAL L 167 2.13 108.51 -112.88
C VAL L 167 1.74 107.45 -113.91
N PHE L 168 1.90 106.17 -113.58
CA PHE L 168 1.46 105.08 -114.47
C PHE L 168 0.64 104.07 -113.67
N PRO L 169 -0.63 104.36 -113.39
CA PRO L 169 -1.43 103.40 -112.63
C PRO L 169 -1.74 102.13 -113.41
N ASN L 170 -1.82 102.21 -114.75
CA ASN L 170 -2.15 101.05 -115.56
C ASN L 170 -1.04 100.01 -115.59
N GLU L 171 0.12 100.32 -115.03
CA GLU L 171 1.22 99.37 -114.88
C GLU L 171 1.80 99.48 -113.48
N VAL L 172 0.91 99.62 -112.49
CA VAL L 172 1.36 99.74 -111.11
C VAL L 172 2.04 98.45 -110.68
N GLY L 173 2.87 98.53 -109.65
CA GLY L 173 3.57 97.37 -109.15
C GLY L 173 2.62 96.25 -108.73
N ALA L 174 3.22 95.09 -108.46
CA ALA L 174 2.44 93.90 -108.21
C ALA L 174 1.93 93.81 -106.78
N ARG L 175 2.30 94.75 -105.91
CA ARG L 175 1.75 94.77 -104.57
C ARG L 175 0.31 95.25 -104.62
N ILE L 176 -0.61 94.38 -104.22
CA ILE L 176 -2.04 94.57 -104.46
C ILE L 176 -2.75 94.52 -103.11
N LEU L 177 -2.06 94.93 -102.06
CA LEU L 177 -2.62 94.94 -100.71
C LEU L 177 -3.21 96.31 -100.38
N GLN L 182 0.52 105.25 -95.89
CA GLN L 182 0.01 106.56 -96.28
C GLN L 182 -1.15 106.43 -97.26
N LEU L 183 -0.83 106.51 -98.55
CA LEU L 183 -1.79 106.37 -99.65
C LEU L 183 -2.75 107.55 -99.69
N THR L 184 -2.69 108.43 -98.68
CA THR L 184 -3.49 109.65 -98.72
C THR L 184 -2.76 110.74 -99.49
N ILE L 185 -1.43 110.80 -99.37
CA ILE L 185 -0.64 111.65 -100.25
C ILE L 185 -0.87 111.24 -101.70
N THR L 186 -1.05 109.94 -101.93
CA THR L 186 -1.40 109.44 -103.26
C THR L 186 -2.70 110.08 -103.74
N LYS L 187 -3.72 110.10 -102.87
CA LYS L 187 -5.00 110.70 -103.24
C LYS L 187 -4.83 112.18 -103.55
N GLU L 188 -4.13 112.91 -102.68
CA GLU L 188 -3.93 114.35 -102.90
C GLU L 188 -3.24 114.61 -104.24
N LYS L 189 -2.18 113.85 -104.53
CA LYS L 189 -1.42 114.10 -105.75
C LYS L 189 -2.22 113.70 -106.98
N LYS L 190 -2.92 112.57 -106.94
CA LYS L 190 -3.75 112.19 -108.07
C LYS L 190 -4.90 113.18 -108.27
N GLU L 191 -5.31 113.89 -107.21
CA GLU L 191 -6.39 114.85 -107.35
C GLU L 191 -5.91 116.18 -107.92
N GLU L 192 -4.81 116.73 -107.41
CA GLU L 192 -4.45 118.10 -107.77
C GLU L 192 -3.79 118.17 -109.14
N LEU L 193 -3.02 117.16 -109.54
CA LEU L 193 -2.39 117.11 -110.85
C LEU L 193 -3.02 116.01 -111.71
N GLN L 194 -4.35 115.89 -111.62
CA GLN L 194 -5.10 114.81 -112.26
C GLN L 194 -4.99 114.79 -113.78
N ASP L 195 -5.52 115.81 -114.45
CA ASP L 195 -5.62 115.81 -115.91
C ASP L 195 -4.55 116.68 -116.58
N CYS L 196 -3.66 117.28 -115.81
CA CYS L 196 -2.68 118.24 -116.34
C CYS L 196 -1.31 117.59 -116.53
N LYS L 197 -1.28 116.57 -117.38
CA LYS L 197 -0.03 115.88 -117.66
C LYS L 197 0.91 116.79 -118.43
N ILE L 198 2.20 116.70 -118.10
CA ILE L 198 3.22 117.54 -118.72
C ILE L 198 4.16 116.64 -119.51
N SER L 199 4.88 115.79 -118.78
CA SER L 199 5.79 114.78 -119.32
C SER L 199 5.94 113.71 -118.25
N PRO L 200 5.21 112.59 -118.36
CA PRO L 200 5.18 111.58 -117.28
C PRO L 200 6.53 111.28 -116.63
N LEU L 201 7.55 111.07 -117.45
CA LEU L 201 8.86 110.71 -116.92
C LEU L 201 9.46 111.85 -116.08
N MET L 202 9.32 113.10 -116.55
CA MET L 202 9.84 114.20 -115.76
C MET L 202 9.04 114.38 -114.47
N VAL L 203 7.74 114.13 -114.52
CA VAL L 203 6.93 114.18 -113.30
C VAL L 203 7.43 113.14 -112.31
N ALA L 204 7.70 111.93 -112.79
CA ALA L 204 8.22 110.88 -111.91
C ALA L 204 9.58 111.26 -111.34
N TYR L 205 10.44 111.85 -112.16
CA TYR L 205 11.75 112.30 -111.67
C TYR L 205 11.62 113.36 -110.60
N MET L 206 10.72 114.34 -110.80
CA MET L 206 10.57 115.41 -109.82
C MET L 206 9.96 114.90 -108.52
N LEU L 207 9.02 113.96 -108.60
CA LEU L 207 8.45 113.43 -107.36
C LEU L 207 9.42 112.50 -106.66
N GLU L 208 10.27 111.78 -107.41
CA GLU L 208 11.34 111.01 -106.78
C GLU L 208 12.38 111.92 -106.16
N ARG L 209 12.54 113.12 -106.68
CA ARG L 209 13.46 114.08 -106.07
C ARG L 209 12.85 114.74 -104.83
N GLU L 210 11.53 114.91 -104.80
CA GLU L 210 10.90 115.56 -103.66
C GLU L 210 10.66 114.58 -102.50
N LEU L 211 10.15 113.39 -102.80
CA LEU L 211 9.64 112.50 -101.77
C LEU L 211 10.59 111.39 -101.35
N VAL L 212 11.59 111.06 -102.16
CA VAL L 212 12.53 110.00 -101.83
C VAL L 212 13.69 110.60 -101.06
N ARG L 213 14.02 110.02 -99.91
CA ARG L 213 15.19 110.47 -99.17
C ARG L 213 16.46 109.94 -99.81
N LYS L 214 17.57 110.57 -99.44
CA LYS L 214 18.90 110.04 -99.77
C LYS L 214 19.87 110.64 -98.78
N THR L 215 20.58 109.78 -98.04
CA THR L 215 21.53 110.21 -97.02
C THR L 215 22.93 109.81 -97.47
N ARG L 216 23.85 110.77 -97.43
CA ARG L 216 25.24 110.49 -97.79
C ARG L 216 26.18 111.21 -96.82
N PHE L 217 27.47 110.92 -97.00
CA PHE L 217 28.51 111.43 -96.12
C PHE L 217 29.08 112.71 -96.71
N LEU L 218 29.05 113.80 -95.95
CA LEU L 218 29.50 115.08 -96.45
C LEU L 218 30.42 115.78 -95.45
N PRO L 219 31.35 116.58 -95.94
CA PRO L 219 32.09 117.46 -95.04
C PRO L 219 31.34 118.76 -94.80
N VAL L 220 30.88 118.98 -93.57
CA VAL L 220 30.09 120.15 -93.23
C VAL L 220 30.80 120.88 -92.09
N ALA L 221 30.39 122.13 -91.88
CA ALA L 221 30.97 122.97 -90.83
C ALA L 221 29.88 123.72 -90.08
N GLY L 222 28.77 123.04 -89.79
CA GLY L 222 27.73 123.67 -88.99
C GLY L 222 26.31 123.46 -89.48
N GLY L 223 26.13 122.87 -90.66
CA GLY L 223 24.79 122.67 -91.19
C GLY L 223 24.17 121.37 -90.74
N THR L 224 23.02 121.45 -90.07
CA THR L 224 22.31 120.27 -89.57
C THR L 224 21.09 119.92 -90.42
N SER L 225 20.18 120.87 -90.61
CA SER L 225 18.94 120.61 -91.31
C SER L 225 19.20 120.35 -92.78
N SER L 226 18.14 119.96 -93.50
CA SER L 226 18.26 119.74 -94.93
C SER L 226 18.39 121.06 -95.70
N VAL L 227 17.74 122.13 -95.21
CA VAL L 227 17.82 123.41 -95.89
C VAL L 227 19.23 123.99 -95.80
N TYR L 228 19.97 123.65 -94.74
CA TYR L 228 21.35 124.10 -94.63
C TYR L 228 22.28 123.36 -95.58
N ILE L 229 21.78 122.36 -96.29
CA ILE L 229 22.58 121.56 -97.21
C ILE L 229 22.35 121.99 -98.65
N GLU L 230 21.11 122.37 -98.99
CA GLU L 230 20.83 122.87 -100.33
C GLU L 230 21.56 124.18 -100.62
N VAL L 231 22.06 124.85 -99.59
CA VAL L 231 22.78 126.11 -99.74
C VAL L 231 24.21 125.93 -99.23
N LEU L 232 24.73 124.71 -99.31
CA LEU L 232 26.04 124.43 -98.73
C LEU L 232 27.16 125.19 -99.44
N HIS L 233 26.96 125.51 -100.73
CA HIS L 233 27.97 126.27 -101.47
C HIS L 233 28.07 127.70 -100.99
N LEU L 234 27.04 128.22 -100.32
CA LEU L 234 27.08 129.58 -99.81
C LEU L 234 27.74 129.66 -98.44
N THR L 235 27.50 128.69 -97.56
CA THR L 235 28.01 128.80 -96.20
C THR L 235 29.50 128.47 -96.11
N GLN L 236 29.90 127.27 -96.53
CA GLN L 236 31.23 126.78 -96.25
C GLN L 236 32.13 126.82 -97.49
N GLY L 237 33.41 127.04 -97.24
CA GLY L 237 34.44 127.00 -98.26
C GLY L 237 35.72 126.51 -97.64
N THR L 238 36.86 126.90 -98.24
CA THR L 238 38.15 126.46 -97.71
C THR L 238 38.40 127.06 -96.33
N CYS L 239 38.26 128.39 -96.21
CA CYS L 239 38.53 129.04 -94.94
C CYS L 239 37.51 130.13 -94.64
N TRP L 240 36.28 130.02 -95.13
CA TRP L 240 35.28 131.04 -94.87
C TRP L 240 33.97 130.39 -94.42
N GLU L 241 33.07 131.24 -93.95
CA GLU L 241 31.80 130.77 -93.39
C GLU L 241 30.82 131.93 -93.32
N GLN L 242 29.56 131.66 -93.66
CA GLN L 242 28.51 132.67 -93.62
C GLN L 242 27.28 132.08 -92.97
N MET L 243 26.88 132.63 -91.83
CA MET L 243 25.66 132.22 -91.13
C MET L 243 24.43 132.70 -91.92
N TYR L 244 23.68 131.76 -92.48
CA TYR L 244 22.53 132.07 -93.33
C TYR L 244 21.31 131.32 -92.81
N THR L 245 20.25 132.06 -92.48
CA THR L 245 19.02 131.49 -91.94
C THR L 245 17.90 131.51 -92.97
N PRO L 246 17.44 130.37 -93.46
CA PRO L 246 16.41 130.36 -94.52
C PRO L 246 15.01 130.69 -94.00
N GLY L 247 14.06 130.66 -94.94
CA GLY L 247 12.68 130.99 -94.65
C GLY L 247 12.05 130.22 -93.51
N GLY L 248 12.30 128.91 -93.45
CA GLY L 248 11.57 128.09 -92.51
C GLY L 248 12.30 126.81 -92.15
N GLU L 249 11.54 125.87 -91.60
CA GLU L 249 12.05 124.59 -91.11
C GLU L 249 11.43 123.46 -91.92
N VAL L 250 12.00 122.27 -91.82
CA VAL L 250 11.58 121.15 -92.65
C VAL L 250 10.92 120.08 -91.80
N ARG L 251 10.43 119.03 -92.44
CA ARG L 251 9.74 117.96 -91.73
C ARG L 251 10.68 116.87 -91.24
N ASN L 252 11.74 116.56 -91.99
CA ASN L 252 12.57 115.42 -91.65
C ASN L 252 13.50 115.69 -90.47
N ASP L 253 13.40 116.85 -89.83
CA ASP L 253 14.05 117.09 -88.56
C ASP L 253 13.04 117.13 -87.43
N ASP L 254 11.75 117.03 -87.74
CA ASP L 254 10.71 116.87 -86.74
C ASP L 254 9.68 115.82 -87.14
N VAL L 255 10.02 114.93 -88.06
CA VAL L 255 9.21 113.75 -88.38
C VAL L 255 9.75 112.52 -87.67
N ASP L 256 11.05 112.27 -87.79
CA ASP L 256 11.68 111.18 -87.04
C ASP L 256 11.67 111.45 -85.55
N GLN L 257 11.55 112.71 -85.14
CA GLN L 257 11.44 113.05 -83.72
C GLN L 257 10.19 112.43 -83.09
N SER L 258 9.11 112.31 -83.87
CA SER L 258 7.92 111.65 -83.34
C SER L 258 8.21 110.18 -83.05
N LEU L 259 8.92 109.51 -83.94
CA LEU L 259 9.34 108.13 -83.68
C LEU L 259 10.27 108.03 -82.49
N ILE L 260 11.20 108.98 -82.36
CA ILE L 260 12.13 108.95 -81.23
C ILE L 260 11.36 109.09 -79.91
N ILE L 261 10.44 110.05 -79.83
CA ILE L 261 9.66 110.23 -78.62
C ILE L 261 8.81 109.00 -78.34
N ALA L 262 8.24 108.41 -79.40
CA ALA L 262 7.46 107.19 -79.24
C ALA L 262 8.29 106.07 -78.63
N ALA L 263 9.52 105.89 -79.13
CA ALA L 263 10.38 104.83 -78.62
C ALA L 263 10.81 105.12 -77.19
N ARG L 264 11.12 106.38 -76.86
CA ARG L 264 11.49 106.74 -75.51
C ARG L 264 10.36 106.40 -74.54
N ASN L 265 9.14 106.82 -74.86
CA ASN L 265 8.00 106.56 -73.99
C ASN L 265 7.73 105.06 -73.89
N ILE L 266 7.86 104.34 -75.01
CA ILE L 266 7.60 102.90 -75.00
C ILE L 266 8.58 102.17 -74.09
N VAL L 267 9.86 102.56 -74.16
CA VAL L 267 10.86 101.92 -73.30
C VAL L 267 10.64 102.30 -71.84
N ARG L 268 10.33 103.57 -71.58
CA ARG L 268 10.07 103.98 -70.19
C ARG L 268 8.87 103.23 -69.61
N ARG L 269 7.90 102.87 -70.44
CA ARG L 269 6.76 102.11 -69.93
C ARG L 269 7.09 100.63 -69.79
N ALA L 270 7.90 100.08 -70.70
CA ALA L 270 8.19 98.65 -70.66
C ALA L 270 9.06 98.26 -69.48
N ALA L 271 9.83 99.19 -68.92
CA ALA L 271 10.65 98.87 -67.75
C ALA L 271 9.82 98.45 -66.56
N VAL L 272 8.58 98.93 -66.46
CA VAL L 272 7.73 98.58 -65.33
C VAL L 272 7.08 97.21 -65.52
N SER L 273 6.91 96.77 -66.76
CA SER L 273 6.26 95.49 -67.02
C SER L 273 7.04 94.33 -66.40
N ALA L 274 6.30 93.31 -65.96
CA ALA L 274 6.94 92.12 -65.41
C ALA L 274 7.77 91.40 -66.46
N ASP L 275 7.24 91.28 -67.67
CA ASP L 275 7.97 90.79 -68.84
C ASP L 275 8.15 91.95 -69.80
N PRO L 276 9.21 92.74 -69.67
CA PRO L 276 9.36 93.92 -70.53
C PRO L 276 9.36 93.60 -72.00
N LEU L 277 9.88 92.43 -72.39
CA LEU L 277 9.97 92.09 -73.81
C LEU L 277 8.58 91.93 -74.43
N ALA L 278 7.71 91.14 -73.79
CA ALA L 278 6.39 90.89 -74.37
C ALA L 278 5.54 92.15 -74.40
N SER L 279 5.56 92.94 -73.32
CA SER L 279 4.82 94.20 -73.30
C SER L 279 5.34 95.16 -74.35
N LEU L 280 6.67 95.28 -74.48
CA LEU L 280 7.25 96.18 -75.46
C LEU L 280 6.90 95.75 -76.87
N LEU L 281 6.92 94.44 -77.15
CA LEU L 281 6.57 93.97 -78.49
C LEU L 281 5.10 94.19 -78.80
N GLU L 282 4.21 93.90 -77.83
CA GLU L 282 2.79 94.13 -78.04
C GLU L 282 2.49 95.61 -78.23
N MET L 283 3.29 96.48 -77.62
CA MET L 283 3.14 97.91 -77.84
C MET L 283 3.64 98.32 -79.21
N CYS L 284 4.85 97.88 -79.57
CA CYS L 284 5.47 98.27 -80.83
C CYS L 284 4.67 97.80 -82.04
N HIS L 285 4.05 96.62 -81.95
CA HIS L 285 3.27 96.14 -83.09
C HIS L 285 1.98 96.93 -83.23
N SER L 286 1.37 97.32 -82.11
CA SER L 286 0.05 97.95 -82.07
C SER L 286 0.09 99.47 -81.92
N THR L 287 1.11 100.13 -82.46
CA THR L 287 1.26 101.58 -82.34
C THR L 287 1.21 102.23 -83.71
N GLN L 288 0.47 103.34 -83.81
CA GLN L 288 0.38 104.12 -85.03
C GLN L 288 1.08 105.45 -84.80
N ILE L 289 1.86 105.88 -85.80
CA ILE L 289 2.49 107.20 -85.78
C ILE L 289 2.10 107.91 -87.07
N GLY L 290 1.38 109.03 -86.92
CA GLY L 290 0.85 109.80 -88.03
C GLY L 290 0.45 109.03 -89.27
N GLY L 291 -0.61 108.24 -89.19
CA GLY L 291 -1.09 107.53 -90.36
C GLY L 291 -0.23 106.39 -90.84
N THR L 292 0.75 105.93 -90.07
CA THR L 292 1.68 104.89 -90.51
C THR L 292 1.79 103.80 -89.44
N ARG L 293 2.62 102.81 -89.72
CA ARG L 293 2.88 101.72 -88.80
C ARG L 293 4.33 101.78 -88.31
N MET L 294 4.52 101.48 -87.02
CA MET L 294 5.85 101.60 -86.43
C MET L 294 6.80 100.54 -86.97
N VAL L 295 6.29 99.33 -87.22
CA VAL L 295 7.14 98.24 -87.65
C VAL L 295 7.76 98.54 -89.02
N ASP L 296 6.98 99.10 -89.94
CA ASP L 296 7.52 99.39 -91.27
C ASP L 296 8.57 100.48 -91.20
N ILE L 297 8.35 101.50 -90.36
CA ILE L 297 9.33 102.56 -90.17
C ILE L 297 10.62 101.97 -89.61
N LEU L 298 10.50 101.15 -88.56
CA LEU L 298 11.68 100.53 -87.98
C LEU L 298 12.41 99.66 -88.99
N ARG L 299 11.66 99.02 -89.89
CA ARG L 299 12.30 98.19 -90.91
C ARG L 299 13.02 99.01 -91.97
N GLN L 300 12.56 100.24 -92.24
CA GLN L 300 13.10 101.07 -93.31
C GLN L 300 13.70 102.40 -92.85
N ASN L 301 13.56 102.77 -91.59
CA ASN L 301 14.14 104.08 -91.30
C ASN L 301 15.57 103.92 -90.80
N PRO L 302 16.53 104.61 -91.40
CA PRO L 302 17.92 104.57 -90.91
C PRO L 302 18.19 105.66 -89.87
N THR L 303 17.40 105.66 -88.80
CA THR L 303 17.61 106.57 -87.68
C THR L 303 18.36 105.86 -86.57
N GLU L 304 19.33 106.55 -85.99
CA GLU L 304 20.22 105.96 -84.98
C GLU L 304 19.90 106.60 -83.64
N GLU L 305 19.29 105.83 -82.75
CA GLU L 305 19.02 106.27 -81.39
C GLU L 305 18.89 105.04 -80.51
N GLN L 306 19.30 105.17 -79.25
CA GLN L 306 19.37 104.03 -78.34
C GLN L 306 18.05 103.28 -78.28
N ALA L 307 16.95 103.97 -77.95
CA ALA L 307 15.66 103.32 -77.85
C ALA L 307 15.22 102.77 -79.21
N VAL L 308 15.48 103.52 -80.29
CA VAL L 308 15.10 103.06 -81.61
C VAL L 308 15.88 101.80 -81.99
N ASP L 309 17.18 101.78 -81.71
CA ASP L 309 17.98 100.60 -82.03
C ASP L 309 17.59 99.40 -81.19
N ILE L 310 17.21 99.63 -79.93
CA ILE L 310 16.73 98.53 -79.09
C ILE L 310 15.41 97.98 -79.63
N CYS L 311 14.51 98.87 -80.05
CA CYS L 311 13.26 98.40 -80.65
C CYS L 311 13.53 97.60 -81.92
N LYS L 312 14.51 98.04 -82.72
CA LYS L 312 14.93 97.27 -83.88
C LYS L 312 15.43 95.89 -83.48
N ALA L 313 16.27 95.83 -82.43
CA ALA L 313 16.81 94.56 -81.96
C ALA L 313 15.71 93.65 -81.46
N ALA L 314 14.62 94.21 -80.93
CA ALA L 314 13.52 93.40 -80.44
C ALA L 314 12.90 92.53 -81.52
N MET L 315 13.03 92.93 -82.79
CA MET L 315 12.54 92.16 -83.92
C MET L 315 13.67 91.56 -84.76
N GLY L 316 14.85 91.42 -84.16
CA GLY L 316 15.96 90.75 -84.82
C GLY L 316 16.55 91.48 -86.02
N LEU L 317 16.73 92.79 -85.93
CA LEU L 317 17.31 93.57 -87.01
C LEU L 317 18.77 93.87 -86.71
N ARG L 318 19.60 93.86 -87.76
CA ARG L 318 21.01 94.18 -87.60
C ARG L 318 21.21 95.67 -87.33
N ILE L 319 22.07 95.97 -86.36
CA ILE L 319 22.50 97.32 -86.04
C ILE L 319 24.00 97.31 -85.78
N SER L 320 24.58 98.49 -85.57
CA SER L 320 26.02 98.63 -85.48
C SER L 320 26.55 98.05 -84.17
N SER L 321 27.87 97.93 -84.08
CA SER L 321 28.57 97.59 -82.84
C SER L 321 28.60 98.85 -81.98
N SER L 322 27.48 99.10 -81.31
CA SER L 322 27.28 100.28 -80.47
C SER L 322 27.56 99.95 -79.01
N PHE L 323 28.77 100.28 -78.56
CA PHE L 323 29.09 100.18 -77.13
C PHE L 323 28.54 101.40 -76.40
N SER L 324 27.23 101.63 -76.53
CA SER L 324 26.63 102.87 -76.05
C SER L 324 26.74 102.99 -74.54
N PHE L 325 27.08 104.19 -74.08
CA PHE L 325 27.22 104.48 -72.66
C PHE L 325 26.87 105.95 -72.45
N GLY L 326 25.89 106.21 -71.59
CA GLY L 326 25.46 107.58 -71.34
C GLY L 326 24.90 108.28 -72.56
N GLY L 327 24.30 107.53 -73.48
CA GLY L 327 23.81 108.09 -74.73
C GLY L 327 24.85 108.27 -75.80
N PHE L 328 26.11 107.97 -75.53
CA PHE L 328 27.20 108.15 -76.48
C PHE L 328 27.50 106.82 -77.14
N THR L 329 27.44 106.78 -78.47
CA THR L 329 27.71 105.56 -79.22
C THR L 329 29.20 105.43 -79.51
N PHE L 330 29.77 104.29 -79.15
CA PHE L 330 31.20 104.07 -79.29
C PHE L 330 31.48 103.16 -80.48
N LYS L 331 32.65 103.36 -81.09
CA LYS L 331 33.13 102.53 -82.19
C LYS L 331 34.58 102.18 -81.94
N ARG L 332 34.94 100.91 -82.13
CA ARG L 332 36.30 100.47 -81.92
C ARG L 332 37.14 100.86 -83.14
N THR L 333 38.30 101.46 -82.89
CA THR L 333 39.22 101.88 -83.94
C THR L 333 40.37 100.89 -84.14
N SER L 334 40.95 100.39 -83.06
CA SER L 334 41.99 99.38 -83.12
C SER L 334 42.16 98.80 -81.73
N GLY L 335 42.76 97.61 -81.67
CA GLY L 335 43.04 97.02 -80.38
C GLY L 335 41.97 96.05 -79.95
N SER L 336 42.38 95.03 -79.21
CA SER L 336 41.49 94.03 -78.64
C SER L 336 41.41 94.22 -77.13
N SER L 337 40.68 93.33 -76.47
CA SER L 337 40.48 93.42 -75.03
C SER L 337 40.10 92.05 -74.49
N ILE L 338 40.18 91.92 -73.16
CA ILE L 338 39.78 90.70 -72.46
C ILE L 338 39.13 91.08 -71.15
N LYS L 339 38.03 90.40 -70.82
CA LYS L 339 37.13 90.76 -69.72
C LYS L 339 37.78 90.73 -68.33
N ARG L 340 38.17 89.55 -67.86
CA ARG L 340 38.94 89.37 -66.63
C ARG L 340 38.37 90.18 -65.46
N GLU L 341 37.16 89.78 -65.03
CA GLU L 341 36.46 90.48 -63.95
C GLU L 341 37.33 90.63 -62.71
N GLU L 342 37.09 91.70 -61.96
CA GLU L 342 37.87 92.01 -60.77
C GLU L 342 37.03 92.83 -59.79
N GLU L 343 37.32 92.68 -58.51
CA GLU L 343 36.62 93.42 -57.46
C GLU L 343 37.38 94.68 -57.09
N LEU L 344 36.66 95.71 -56.69
CA LEU L 344 37.27 96.98 -56.31
C LEU L 344 36.49 97.63 -55.18
N LEU L 345 37.20 98.37 -54.34
CA LEU L 345 36.63 99.08 -53.21
C LEU L 345 36.65 100.57 -53.46
N THR L 346 35.62 101.27 -52.99
CA THR L 346 35.48 102.69 -53.25
C THR L 346 36.09 103.51 -52.10
N GLY L 347 35.98 104.84 -52.21
CA GLY L 347 36.41 105.74 -51.17
C GLY L 347 35.49 105.87 -49.98
N ASN L 348 34.34 105.19 -50.00
CA ASN L 348 33.42 105.18 -48.86
C ASN L 348 33.15 103.75 -48.41
N LEU L 349 34.10 102.85 -48.62
CA LEU L 349 34.03 101.47 -48.14
C LEU L 349 32.81 100.74 -48.72
N GLN L 350 32.80 100.60 -50.04
CA GLN L 350 31.71 99.96 -50.76
C GLN L 350 32.31 99.05 -51.81
N THR L 351 31.97 97.76 -51.75
CA THR L 351 32.49 96.79 -52.70
C THR L 351 31.73 96.85 -54.02
N LEU L 352 32.48 96.73 -55.13
CA LEU L 352 31.92 96.77 -56.47
C LEU L 352 32.65 95.74 -57.33
N LYS L 353 31.91 94.79 -57.87
CA LYS L 353 32.47 93.90 -58.88
C LYS L 353 32.47 94.63 -60.21
N ILE L 354 33.51 94.42 -61.01
CA ILE L 354 33.73 95.28 -62.17
C ILE L 354 34.37 94.46 -63.30
N ARG L 355 34.14 94.94 -64.52
CA ARG L 355 34.64 94.34 -65.76
C ARG L 355 35.88 95.12 -66.18
N VAL L 356 37.05 94.62 -65.78
CA VAL L 356 38.31 95.33 -66.03
C VAL L 356 38.68 95.18 -67.50
N HIS L 357 38.62 96.28 -68.25
CA HIS L 357 39.01 96.26 -69.65
C HIS L 357 40.53 96.16 -69.74
N ASP L 358 41.02 94.96 -70.06
CA ASP L 358 42.45 94.73 -70.23
C ASP L 358 42.84 94.91 -71.69
N GLY L 359 44.15 95.01 -71.93
CA GLY L 359 44.65 95.19 -73.27
C GLY L 359 44.77 96.65 -73.69
N TYR L 360 45.21 96.82 -74.93
CA TYR L 360 45.39 98.14 -75.53
C TYR L 360 44.19 98.41 -76.43
N GLU L 361 43.62 99.62 -76.31
CA GLU L 361 42.37 99.90 -77.00
C GLU L 361 42.35 101.32 -77.57
N GLU L 362 41.54 101.48 -78.62
CA GLU L 362 41.34 102.74 -79.32
C GLU L 362 39.87 102.86 -79.65
N PHE L 363 39.24 103.98 -79.27
CA PHE L 363 37.80 104.15 -79.46
C PHE L 363 37.51 105.54 -80.03
N THR L 364 36.35 105.65 -80.68
CA THR L 364 35.80 106.92 -81.12
C THR L 364 34.37 106.99 -80.62
N MET L 365 34.06 107.99 -79.79
CA MET L 365 32.73 108.14 -79.23
C MET L 365 32.02 109.32 -79.90
N VAL L 366 30.84 109.04 -80.46
CA VAL L 366 29.96 110.04 -81.05
C VAL L 366 28.83 110.31 -80.07
N GLY L 367 28.60 111.58 -79.75
CA GLY L 367 27.57 111.98 -78.83
C GLY L 367 26.51 112.86 -79.48
N LYS L 368 25.57 113.31 -78.62
CA LYS L 368 24.51 114.20 -79.09
C LYS L 368 25.08 115.54 -79.52
N ARG L 369 25.86 116.18 -78.65
CA ARG L 369 26.38 117.53 -78.91
C ARG L 369 27.89 117.58 -78.79
N ALA L 370 28.57 116.44 -78.72
CA ALA L 370 30.01 116.41 -78.60
C ALA L 370 30.52 115.07 -79.12
N THR L 371 31.76 115.08 -79.60
CA THR L 371 32.40 113.87 -80.08
C THR L 371 33.85 113.85 -79.60
N ALA L 372 34.46 112.68 -79.66
CA ALA L 372 35.84 112.58 -79.20
C ALA L 372 36.50 111.33 -79.73
N ILE L 373 37.83 111.38 -79.78
CA ILE L 373 38.67 110.26 -80.15
C ILE L 373 39.58 109.94 -78.97
N LEU L 374 39.57 108.68 -78.54
CA LEU L 374 40.27 108.23 -77.35
C LEU L 374 41.22 107.10 -77.70
N ARG L 375 42.41 107.12 -77.11
CA ARG L 375 43.33 106.00 -77.14
C ARG L 375 43.63 105.66 -75.68
N LYS L 376 43.22 104.46 -75.25
CA LYS L 376 43.21 104.13 -73.84
C LYS L 376 43.78 102.73 -73.62
N ALA L 377 44.61 102.58 -72.59
CA ALA L 377 45.11 101.29 -72.19
C ALA L 377 44.28 100.73 -71.02
N THR L 378 44.69 99.58 -70.51
CA THR L 378 43.97 98.94 -69.41
C THR L 378 44.09 99.78 -68.16
N ARG L 379 42.96 100.35 -67.71
CA ARG L 379 42.92 101.24 -66.55
C ARG L 379 43.89 102.41 -66.71
N ARG L 380 44.12 102.83 -67.96
CA ARG L 380 45.03 103.93 -68.26
C ARG L 380 44.51 104.66 -69.48
N LEU L 381 44.27 105.96 -69.33
CA LEU L 381 43.87 106.79 -70.45
C LEU L 381 45.11 107.44 -71.04
N VAL L 382 45.38 107.15 -72.32
CA VAL L 382 46.60 107.66 -72.94
C VAL L 382 46.33 109.04 -73.52
N GLN L 383 45.38 109.14 -74.45
CA GLN L 383 45.15 110.38 -75.17
C GLN L 383 43.67 110.54 -75.45
N LEU L 384 43.20 111.77 -75.45
CA LEU L 384 41.79 112.05 -75.69
C LEU L 384 41.60 113.44 -76.27
N ILE L 385 41.02 113.48 -77.46
CA ILE L 385 40.75 114.72 -78.19
C ILE L 385 39.24 114.89 -78.28
N VAL L 386 38.73 115.98 -77.69
CA VAL L 386 37.30 116.19 -77.54
C VAL L 386 36.90 117.48 -78.24
N SER L 387 35.68 117.50 -78.78
CA SER L 387 35.10 118.74 -79.28
C SER L 387 33.59 118.68 -79.15
N GLY L 388 33.01 119.73 -78.57
CA GLY L 388 31.57 119.85 -78.44
C GLY L 388 31.10 121.27 -78.70
N ARG L 389 29.83 121.55 -78.46
CA ARG L 389 29.28 122.89 -78.68
C ARG L 389 29.11 123.66 -77.37
N ASP L 390 28.37 123.10 -76.43
CA ASP L 390 28.12 123.76 -75.15
C ASP L 390 29.16 123.38 -74.11
N GLU L 391 29.34 124.27 -73.14
CA GLU L 391 30.19 123.97 -72.01
C GLU L 391 29.68 122.74 -71.27
N GLN L 392 28.36 122.65 -71.08
CA GLN L 392 27.79 121.49 -70.41
C GLN L 392 27.92 120.23 -71.26
N SER L 393 27.92 120.39 -72.60
CA SER L 393 28.05 119.23 -73.47
C SER L 393 29.46 118.65 -73.41
N VAL L 394 30.48 119.50 -73.52
CA VAL L 394 31.85 119.02 -73.42
C VAL L 394 32.13 118.52 -72.01
N ALA L 395 31.46 119.10 -71.00
CA ALA L 395 31.60 118.59 -69.64
C ALA L 395 31.07 117.18 -69.52
N GLU L 396 29.87 116.93 -70.07
CA GLU L 396 29.29 115.58 -70.02
C GLU L 396 30.16 114.59 -70.78
N ALA L 397 30.65 114.98 -71.96
CA ALA L 397 31.50 114.09 -72.73
C ALA L 397 32.78 113.75 -71.97
N ILE L 398 33.42 114.74 -71.36
CA ILE L 398 34.68 114.47 -70.67
C ILE L 398 34.43 113.65 -69.41
N ILE L 399 33.27 113.82 -68.77
CA ILE L 399 32.95 113.04 -67.59
C ILE L 399 32.74 111.57 -67.95
N VAL L 400 31.94 111.31 -68.99
CA VAL L 400 31.73 109.91 -69.36
C VAL L 400 33.02 109.28 -69.86
N ALA L 401 33.90 110.07 -70.50
CA ALA L 401 35.20 109.54 -70.90
C ALA L 401 36.03 109.12 -69.70
N MET L 402 36.13 110.00 -68.70
CA MET L 402 36.89 109.64 -67.50
C MET L 402 36.26 108.46 -66.77
N VAL L 403 34.93 108.37 -66.78
CA VAL L 403 34.27 107.23 -66.14
C VAL L 403 34.64 105.92 -66.83
N PHE L 404 34.62 105.91 -68.16
CA PHE L 404 35.00 104.69 -68.85
C PHE L 404 36.49 104.40 -68.77
N SER L 405 37.31 105.41 -68.45
CA SER L 405 38.75 105.17 -68.36
C SER L 405 39.08 104.11 -67.31
N GLN L 406 38.26 103.99 -66.27
CA GLN L 406 38.39 102.98 -65.21
C GLN L 406 39.70 103.06 -64.46
N GLU L 407 40.39 104.20 -64.50
CA GLU L 407 41.63 104.32 -63.74
C GLU L 407 41.34 104.26 -62.24
N ASP L 408 42.38 103.98 -61.47
CA ASP L 408 42.26 104.07 -60.02
C ASP L 408 42.07 105.50 -59.56
N CYS L 409 42.52 106.47 -60.36
CA CYS L 409 42.35 107.88 -60.01
C CYS L 409 40.88 108.24 -59.86
N MET L 410 40.05 107.83 -60.83
CA MET L 410 38.62 108.09 -60.71
C MET L 410 37.97 107.21 -59.64
N ILE L 411 38.59 106.07 -59.31
CA ILE L 411 38.13 105.27 -58.18
C ILE L 411 38.27 106.10 -56.90
N LYS L 412 39.38 106.83 -56.77
CA LYS L 412 39.58 107.69 -55.61
C LYS L 412 38.55 108.80 -55.52
N ALA L 413 37.91 109.16 -56.64
CA ALA L 413 37.04 110.32 -56.72
C ALA L 413 35.61 110.04 -56.27
N VAL L 414 35.38 108.95 -55.56
CA VAL L 414 34.04 108.59 -55.09
C VAL L 414 33.75 109.30 -53.78
N ARG L 415 32.64 110.02 -53.73
CA ARG L 415 32.18 110.70 -52.53
C ARG L 415 30.70 110.38 -52.37
N GLY L 416 30.36 109.64 -51.32
CA GLY L 416 28.97 109.34 -51.03
C GLY L 416 28.60 107.92 -51.42
N ASP L 417 27.44 107.50 -50.91
CA ASP L 417 26.92 106.17 -51.21
C ASP L 417 26.50 106.08 -52.67
N LEU L 418 26.83 104.96 -53.31
CA LEU L 418 26.48 104.72 -54.71
C LEU L 418 25.29 103.78 -54.71
N ASN L 419 24.10 104.37 -54.60
CA ASN L 419 22.82 103.66 -54.63
C ASN L 419 21.92 104.44 -55.57
N PHE L 420 21.98 104.08 -56.85
CA PHE L 420 21.16 104.70 -57.89
C PHE L 420 20.25 103.63 -58.46
N VAL L 421 18.97 103.95 -58.58
CA VAL L 421 17.96 102.94 -58.79
C VAL L 421 17.24 103.20 -60.12
N ASN L 422 16.79 102.12 -60.74
CA ASN L 422 16.01 102.21 -61.96
C ASN L 422 14.62 102.78 -61.67
N ARG L 423 13.96 103.25 -62.72
CA ARG L 423 12.58 103.72 -62.58
C ARG L 423 11.64 102.62 -62.09
N ALA L 424 11.99 101.36 -62.32
CA ALA L 424 11.28 100.22 -61.75
C ALA L 424 11.88 99.75 -60.43
N ASN L 425 12.66 100.61 -59.77
CA ASN L 425 13.30 100.31 -58.49
C ASN L 425 14.20 99.07 -58.61
N GLN L 426 15.24 99.21 -59.44
CA GLN L 426 16.18 98.13 -59.72
C GLN L 426 17.61 98.57 -59.53
N ARG L 427 18.47 97.62 -59.18
CA ARG L 427 19.89 97.85 -58.99
C ARG L 427 20.59 98.04 -60.33
N LEU L 428 21.19 99.20 -60.54
CA LEU L 428 21.96 99.46 -61.75
C LEU L 428 23.32 98.78 -61.67
N ASN L 429 23.85 98.38 -62.83
CA ASN L 429 25.17 97.78 -62.86
C ASN L 429 26.21 98.81 -62.39
N PRO L 430 27.37 98.36 -61.93
CA PRO L 430 28.30 99.29 -61.25
C PRO L 430 28.78 100.46 -62.10
N MET L 431 29.15 100.23 -63.36
CA MET L 431 29.68 101.31 -64.20
C MET L 431 28.68 102.44 -64.36
N HIS L 432 27.43 102.10 -64.69
CA HIS L 432 26.42 103.13 -64.87
C HIS L 432 26.12 103.84 -63.54
N GLN L 433 26.28 103.13 -62.42
CA GLN L 433 26.17 103.79 -61.12
C GLN L 433 27.24 104.85 -60.95
N LEU L 434 28.49 104.52 -61.32
CA LEU L 434 29.56 105.52 -61.28
C LEU L 434 29.21 106.72 -62.17
N LEU L 435 28.71 106.44 -63.37
CA LEU L 435 28.37 107.53 -64.29
C LEU L 435 27.28 108.41 -63.69
N ARG L 436 26.22 107.80 -63.14
CA ARG L 436 25.10 108.55 -62.60
C ARG L 436 25.50 109.35 -61.37
N HIS L 437 26.47 108.85 -60.60
CA HIS L 437 26.98 109.65 -59.48
C HIS L 437 27.75 110.85 -60.00
N PHE L 438 28.67 110.63 -60.94
CA PHE L 438 29.52 111.72 -61.41
C PHE L 438 28.74 112.78 -62.20
N GLN L 439 27.61 112.41 -62.81
CA GLN L 439 26.92 113.35 -63.70
C GLN L 439 26.31 114.52 -62.95
N LYS L 440 25.91 114.33 -61.69
CA LYS L 440 25.30 115.41 -60.92
C LYS L 440 26.36 116.26 -60.23
N ASP L 441 27.29 115.63 -59.53
CA ASP L 441 28.40 116.33 -58.88
C ASP L 441 29.69 115.73 -59.41
N ALA L 442 30.41 116.50 -60.23
CA ALA L 442 31.67 116.08 -60.80
C ALA L 442 32.84 116.94 -60.36
N LYS L 443 32.61 117.91 -59.47
CA LYS L 443 33.67 118.81 -59.02
C LYS L 443 34.76 118.09 -58.24
N VAL L 444 34.62 116.79 -57.98
CA VAL L 444 35.65 116.04 -57.26
C VAL L 444 36.75 115.55 -58.19
N LEU L 445 36.38 115.07 -59.38
CA LEU L 445 37.36 114.47 -60.28
C LEU L 445 38.18 115.49 -61.04
N PHE L 446 37.60 116.65 -61.37
CA PHE L 446 38.34 117.67 -62.12
C PHE L 446 39.59 118.11 -61.38
N GLN L 447 39.42 118.58 -60.15
CA GLN L 447 40.55 119.00 -59.33
C GLN L 447 41.43 117.84 -58.89
N ASN L 448 41.06 116.59 -59.20
CA ASN L 448 41.80 115.43 -58.73
C ASN L 448 42.40 114.57 -59.83
N TRP L 449 42.26 114.94 -61.10
CA TRP L 449 42.81 114.09 -62.15
C TRP L 449 44.31 114.30 -62.31
N GLY L 450 44.72 115.54 -62.58
CA GLY L 450 46.12 115.84 -62.82
C GLY L 450 46.32 116.76 -64.00
N ILE L 451 47.27 117.70 -63.87
CA ILE L 451 47.51 118.71 -64.87
C ILE L 451 48.89 118.50 -65.48
N GLU L 452 49.04 118.92 -66.74
CA GLU L 452 50.25 118.70 -67.50
C GLU L 452 50.46 119.86 -68.46
N HIS L 453 51.70 119.98 -68.93
CA HIS L 453 52.11 121.02 -69.86
C HIS L 453 51.92 120.54 -71.29
N ILE L 454 51.41 121.44 -72.14
CA ILE L 454 51.25 121.14 -73.56
C ILE L 454 52.05 122.15 -74.35
N ASP L 455 52.00 122.05 -75.69
CA ASP L 455 52.83 122.87 -76.55
C ASP L 455 52.04 123.84 -77.42
N ASN L 456 50.71 123.86 -77.32
CA ASN L 456 49.87 124.77 -78.11
C ASN L 456 50.11 124.58 -79.61
N VAL L 457 49.77 123.39 -80.09
CA VAL L 457 50.02 123.02 -81.47
C VAL L 457 48.71 122.69 -82.17
N MET L 458 48.60 123.14 -83.42
CA MET L 458 47.57 122.67 -84.36
C MET L 458 46.16 122.84 -83.80
N GLY L 459 45.90 124.01 -83.21
CA GLY L 459 44.58 124.30 -82.67
C GLY L 459 44.11 123.35 -81.59
N MET L 460 45.01 122.99 -80.67
CA MET L 460 44.69 122.08 -79.56
C MET L 460 44.95 122.80 -78.25
N ILE L 461 43.90 123.18 -77.55
CA ILE L 461 43.99 123.92 -76.31
C ILE L 461 43.64 122.99 -75.15
N GLY L 462 43.87 123.47 -73.93
CA GLY L 462 43.56 122.68 -72.75
C GLY L 462 42.41 123.21 -71.92
N VAL L 463 41.85 122.40 -71.03
CA VAL L 463 40.75 122.82 -70.19
C VAL L 463 41.15 122.70 -68.71
N LEU L 464 40.57 123.56 -67.89
CA LEU L 464 40.80 123.60 -66.45
C LEU L 464 39.55 123.16 -65.70
N PRO L 465 39.68 122.79 -64.41
CA PRO L 465 38.50 122.31 -63.67
C PRO L 465 37.38 123.33 -63.54
N ASP L 466 37.68 124.63 -63.59
CA ASP L 466 36.65 125.65 -63.46
C ASP L 466 36.03 126.06 -64.80
N MET L 467 36.05 125.16 -65.78
CA MET L 467 35.52 125.42 -67.11
C MET L 467 36.18 126.64 -67.75
N THR L 468 37.51 126.58 -67.82
CA THR L 468 38.30 127.67 -68.36
C THR L 468 39.33 127.11 -69.33
N PRO L 469 39.41 127.64 -70.55
CA PRO L 469 40.47 127.21 -71.46
C PRO L 469 41.82 127.73 -71.02
N SER L 470 42.86 126.98 -71.37
CA SER L 470 44.22 127.33 -71.03
C SER L 470 45.14 126.99 -72.20
N THR L 471 46.25 127.73 -72.27
CA THR L 471 47.15 127.68 -73.42
C THR L 471 48.19 126.57 -73.29
N GLU L 472 48.85 126.45 -72.15
CA GLU L 472 49.94 125.50 -72.01
C GLU L 472 49.69 124.39 -70.99
N MET L 473 48.53 124.33 -70.34
CA MET L 473 48.25 123.28 -69.37
C MET L 473 46.86 122.71 -69.57
N SER L 474 46.73 121.40 -69.35
CA SER L 474 45.47 120.70 -69.51
C SER L 474 45.44 119.51 -68.55
N MET L 475 44.35 118.77 -68.56
CA MET L 475 44.31 117.53 -67.80
C MET L 475 45.29 116.53 -68.41
N ARG L 476 45.63 115.50 -67.64
CA ARG L 476 46.65 114.56 -68.09
C ARG L 476 46.13 113.80 -69.31
N GLY L 477 46.71 114.10 -70.48
CA GLY L 477 46.32 113.45 -71.71
C GLY L 477 45.05 113.96 -72.34
N ILE L 478 44.66 115.21 -72.04
CA ILE L 478 43.43 115.76 -72.56
C ILE L 478 43.74 116.89 -73.52
N ARG L 479 42.91 117.02 -74.56
CA ARG L 479 42.97 118.15 -75.47
C ARG L 479 41.56 118.42 -75.96
N VAL L 480 41.11 119.67 -75.86
CA VAL L 480 39.82 120.08 -76.41
C VAL L 480 40.11 120.72 -77.76
N SER L 481 39.58 120.11 -78.82
CA SER L 481 39.86 120.56 -80.18
C SER L 481 38.87 121.63 -80.64
N LYS L 482 39.39 122.61 -81.36
CA LYS L 482 38.57 123.60 -82.02
C LYS L 482 38.11 123.07 -83.37
N MET L 483 37.10 123.74 -83.94
CA MET L 483 36.57 123.42 -85.26
C MET L 483 36.06 121.99 -85.37
N GLY L 484 35.58 121.43 -84.26
CA GLY L 484 34.97 120.11 -84.27
C GLY L 484 35.89 118.91 -84.42
N VAL L 485 35.52 117.81 -83.78
CA VAL L 485 36.17 116.52 -83.97
C VAL L 485 35.58 115.82 -85.20
N ASP L 486 36.44 115.21 -86.01
CA ASP L 486 35.98 114.47 -87.17
C ASP L 486 35.25 113.20 -86.76
N GLU L 487 34.03 113.03 -87.26
CA GLU L 487 33.26 111.82 -87.03
C GLU L 487 33.55 110.82 -88.15
N TYR L 488 33.55 109.54 -87.79
CA TYR L 488 33.73 108.47 -88.76
C TYR L 488 32.63 107.45 -88.54
N SER L 489 31.76 107.29 -89.53
CA SER L 489 30.60 106.40 -89.43
C SER L 489 30.77 105.21 -90.36
N SER L 490 31.44 104.17 -89.85
CA SER L 490 31.63 102.94 -90.61
C SER L 490 30.34 102.13 -90.60
N THR L 491 30.03 101.50 -91.73
CA THR L 491 28.81 100.71 -91.86
C THR L 491 29.06 99.27 -91.42
N GLU L 492 28.43 98.87 -90.31
CA GLU L 492 28.49 97.50 -89.82
C GLU L 492 27.12 97.12 -89.28
N ARG L 493 26.63 95.94 -89.67
CA ARG L 493 25.31 95.47 -89.28
C ARG L 493 25.40 94.00 -88.89
N VAL L 494 25.07 93.68 -87.64
CA VAL L 494 25.24 92.33 -87.12
C VAL L 494 24.00 91.92 -86.31
N VAL L 495 23.81 90.60 -86.19
CA VAL L 495 22.66 90.04 -85.47
C VAL L 495 22.75 90.38 -83.98
N VAL L 496 21.60 90.39 -83.32
CA VAL L 496 21.51 90.76 -81.92
C VAL L 496 21.28 89.51 -81.06
N SER L 497 21.55 89.66 -79.77
CA SER L 497 21.37 88.61 -78.77
C SER L 497 20.61 89.19 -77.57
N ILE L 498 19.41 89.69 -77.84
CA ILE L 498 18.62 90.37 -76.83
C ILE L 498 18.10 89.38 -75.78
N ASP L 499 18.05 89.85 -74.53
CA ASP L 499 17.49 89.12 -73.41
C ASP L 499 16.12 89.68 -73.03
N ARG L 500 15.59 89.17 -71.91
CA ARG L 500 14.29 89.57 -71.37
C ARG L 500 14.33 90.92 -70.67
N PHE L 501 15.51 91.49 -70.42
CA PHE L 501 15.65 92.68 -69.60
C PHE L 501 16.07 93.90 -70.43
N LEU L 502 15.81 93.88 -71.73
CA LEU L 502 16.02 95.03 -72.62
C LEU L 502 17.49 95.44 -72.63
N ARG L 503 18.38 94.47 -72.53
CA ARG L 503 19.82 94.69 -72.64
C ARG L 503 20.34 93.81 -73.77
N VAL L 504 20.90 94.43 -74.80
CA VAL L 504 21.37 93.71 -75.98
C VAL L 504 22.87 93.54 -75.89
N ARG L 505 23.34 92.32 -76.15
CA ARG L 505 24.75 91.97 -76.09
C ARG L 505 25.21 91.41 -77.43
N ASP L 506 26.52 91.38 -77.63
CA ASP L 506 27.07 90.81 -78.84
C ASP L 506 27.02 89.29 -78.75
N GLN L 507 27.17 88.64 -79.91
CA GLN L 507 27.18 87.18 -79.98
C GLN L 507 28.27 86.56 -79.09
N ARG L 508 29.18 87.36 -78.55
CA ARG L 508 30.20 86.87 -77.63
C ARG L 508 29.92 87.20 -76.18
N GLY L 509 29.10 88.21 -75.89
CA GLY L 509 28.74 88.50 -74.51
C GLY L 509 29.01 89.92 -74.02
N ASN L 510 29.33 90.84 -74.93
CA ASN L 510 29.53 92.23 -74.57
C ASN L 510 28.24 93.02 -74.76
N VAL L 511 27.80 93.68 -73.70
CA VAL L 511 26.54 94.42 -73.70
C VAL L 511 26.62 95.62 -74.63
N LEU L 512 25.76 95.64 -75.66
CA LEU L 512 25.72 96.76 -76.60
C LEU L 512 24.93 97.93 -76.05
N LEU L 513 23.65 97.73 -75.75
CA LEU L 513 22.77 98.83 -75.35
C LEU L 513 21.89 98.40 -74.19
N SER L 514 21.33 99.39 -73.50
CA SER L 514 20.53 99.19 -72.31
C SER L 514 19.64 100.42 -72.13
N PRO L 515 18.56 100.31 -71.35
CA PRO L 515 17.69 101.48 -71.13
C PRO L 515 18.36 102.58 -70.35
N GLU L 516 19.21 102.26 -69.38
CA GLU L 516 19.87 103.21 -68.49
C GLU L 516 20.41 104.47 -69.16
N GLU L 517 20.50 104.50 -70.50
CA GLU L 517 20.87 105.71 -71.23
C GLU L 517 19.84 105.96 -72.34
N VAL L 518 18.64 106.37 -71.93
CA VAL L 518 17.57 106.61 -72.90
C VAL L 518 16.84 107.93 -72.67
N SER L 519 17.34 108.77 -71.77
CA SER L 519 16.55 109.92 -71.31
C SER L 519 17.11 111.22 -71.87
N GLU L 520 16.20 112.18 -72.05
CA GLU L 520 16.52 113.57 -72.38
C GLU L 520 15.23 114.36 -72.53
N THR L 521 15.34 115.65 -72.84
CA THR L 521 14.18 116.52 -73.05
C THR L 521 13.20 115.84 -73.99
N GLN L 522 12.00 115.52 -73.50
CA GLN L 522 11.02 114.76 -74.27
C GLN L 522 10.22 115.71 -75.17
N GLY L 523 10.96 116.41 -76.03
CA GLY L 523 10.45 117.32 -77.06
C GLY L 523 8.98 117.28 -77.42
N THR L 528 1.06 113.48 -84.81
CA THR L 528 -0.01 112.58 -84.40
C THR L 528 0.55 111.20 -84.09
N ILE L 529 0.18 110.65 -82.93
CA ILE L 529 0.66 109.35 -82.49
C ILE L 529 -0.39 108.74 -81.57
N THR L 530 -0.76 107.48 -81.85
CA THR L 530 -1.76 106.78 -81.04
C THR L 530 -1.26 105.37 -80.76
N TYR L 531 -1.03 105.07 -79.49
CA TYR L 531 -0.77 103.69 -79.08
C TYR L 531 -2.08 102.94 -78.95
N SER L 532 -2.08 101.67 -79.34
CA SER L 532 -3.23 100.80 -79.12
C SER L 532 -2.76 99.59 -78.34
N SER L 533 -2.64 99.76 -77.02
CA SER L 533 -2.26 98.71 -76.09
C SER L 533 -2.44 99.29 -74.69
N SER L 534 -2.89 98.44 -73.76
CA SER L 534 -3.24 98.89 -72.42
C SER L 534 -2.12 99.69 -71.77
N MET L 535 -0.88 99.22 -71.92
CA MET L 535 0.20 99.67 -71.05
C MET L 535 0.49 101.16 -71.21
N MET L 536 0.49 101.67 -72.44
CA MET L 536 0.97 103.01 -72.72
C MET L 536 -0.14 103.92 -73.22
N TRP L 537 -1.31 103.86 -72.60
CA TRP L 537 -2.36 104.84 -72.81
C TRP L 537 -2.41 105.88 -71.71
N GLU L 538 -1.25 106.26 -71.18
CA GLU L 538 -1.16 107.22 -70.08
C GLU L 538 -0.04 108.22 -70.31
N ILE L 539 0.34 108.46 -71.56
CA ILE L 539 1.40 109.43 -71.81
C ILE L 539 0.83 110.83 -71.99
N ASN L 540 -0.39 110.94 -72.50
CA ASN L 540 -1.14 112.19 -72.53
C ASN L 540 -2.08 112.21 -71.33
N GLY L 541 -2.93 113.23 -71.26
CA GLY L 541 -3.83 113.41 -70.14
C GLY L 541 -4.80 112.25 -69.94
N PRO L 542 -5.36 112.15 -68.73
CA PRO L 542 -6.29 111.04 -68.43
C PRO L 542 -7.55 111.05 -69.27
N GLU L 543 -7.89 112.17 -69.93
CA GLU L 543 -9.05 112.18 -70.81
C GLU L 543 -8.94 111.11 -71.89
N SER L 544 -7.73 110.84 -72.37
CA SER L 544 -7.56 109.85 -73.42
C SER L 544 -7.71 108.42 -72.92
N VAL L 545 -7.50 108.17 -71.62
CA VAL L 545 -7.58 106.79 -71.15
C VAL L 545 -8.96 106.22 -71.45
N LEU L 546 -10.01 107.01 -71.22
CA LEU L 546 -11.37 106.59 -71.53
C LEU L 546 -11.51 106.30 -73.03
N VAL L 547 -11.08 107.26 -73.87
CA VAL L 547 -11.34 107.13 -75.30
C VAL L 547 -10.59 105.93 -75.88
N ASN L 548 -9.34 105.68 -75.44
CA ASN L 548 -8.61 104.55 -76.02
C ASN L 548 -9.10 103.22 -75.46
N THR L 549 -9.48 103.17 -74.17
CA THR L 549 -10.09 101.96 -73.65
C THR L 549 -11.35 101.60 -74.45
N TYR L 550 -12.20 102.60 -74.69
CA TYR L 550 -13.42 102.36 -75.46
C TYR L 550 -13.10 102.02 -76.91
N GLN L 551 -12.03 102.59 -77.46
CA GLN L 551 -11.62 102.26 -78.82
C GLN L 551 -11.21 100.80 -78.92
N TRP L 552 -10.48 100.30 -77.93
CA TRP L 552 -10.10 98.89 -77.92
C TRP L 552 -11.31 97.99 -77.73
N ILE L 553 -12.28 98.43 -76.93
CA ILE L 553 -13.51 97.65 -76.78
C ILE L 553 -14.26 97.55 -78.10
N ILE L 554 -14.40 98.68 -78.81
CA ILE L 554 -15.13 98.67 -80.07
C ILE L 554 -14.38 97.90 -81.15
N ARG L 555 -13.05 98.00 -81.16
CA ARG L 555 -12.26 97.32 -82.20
C ARG L 555 -12.37 95.82 -82.06
N ASN L 556 -12.09 95.30 -80.87
CA ASN L 556 -12.21 93.86 -80.60
C ASN L 556 -13.59 93.51 -80.10
N TRP L 557 -14.61 94.13 -80.69
CA TRP L 557 -15.98 93.86 -80.29
C TRP L 557 -16.40 92.48 -80.75
N GLU L 558 -15.84 92.01 -81.87
CA GLU L 558 -16.26 90.73 -82.43
C GLU L 558 -15.99 89.59 -81.45
N THR L 559 -14.89 89.66 -80.71
CA THR L 559 -14.58 88.68 -79.69
C THR L 559 -15.21 89.01 -78.35
N VAL L 560 -15.42 90.30 -78.05
CA VAL L 560 -16.04 90.68 -76.78
C VAL L 560 -17.49 90.24 -76.74
N LYS L 561 -18.17 90.28 -77.89
CA LYS L 561 -19.60 89.94 -77.95
C LYS L 561 -19.86 88.56 -77.38
N ILE L 562 -18.95 87.62 -77.60
CA ILE L 562 -19.14 86.26 -77.09
C ILE L 562 -18.35 86.07 -75.80
N GLN L 563 -17.27 86.83 -75.63
CA GLN L 563 -16.53 86.73 -74.38
C GLN L 563 -17.27 87.38 -73.22
N TRP L 564 -18.21 88.28 -73.50
CA TRP L 564 -19.13 88.72 -72.47
C TRP L 564 -20.20 87.67 -72.23
N SER L 565 -20.57 86.93 -73.27
CA SER L 565 -21.56 85.87 -73.12
C SER L 565 -20.94 84.58 -72.60
N GLN L 566 -19.81 84.17 -73.17
CA GLN L 566 -19.12 82.94 -72.81
C GLN L 566 -17.89 83.25 -71.99
N ASN L 567 -17.75 82.56 -70.84
CA ASN L 567 -16.66 82.68 -69.87
C ASN L 567 -16.17 84.11 -69.72
N PRO L 568 -16.99 85.02 -69.17
CA PRO L 568 -16.53 86.40 -68.96
C PRO L 568 -15.49 86.54 -67.87
N THR L 569 -15.14 85.45 -67.17
CA THR L 569 -14.09 85.52 -66.16
C THR L 569 -12.76 85.87 -66.81
N MET L 570 -12.55 85.46 -68.05
CA MET L 570 -11.38 85.89 -68.80
C MET L 570 -11.52 87.30 -69.35
N LEU L 571 -12.75 87.73 -69.68
CA LEU L 571 -12.95 89.07 -70.20
C LEU L 571 -12.73 90.13 -69.13
N TYR L 572 -13.19 89.88 -67.91
CA TYR L 572 -13.00 90.83 -66.82
C TYR L 572 -11.53 90.94 -66.42
N ASN L 573 -10.85 89.81 -66.28
CA ASN L 573 -9.45 89.85 -65.84
C ASN L 573 -8.49 90.28 -66.94
N LYS L 574 -8.98 90.68 -68.12
CA LYS L 574 -8.10 91.33 -69.08
C LYS L 574 -7.56 92.62 -68.49
N MET L 575 -6.25 92.72 -68.39
CA MET L 575 -5.56 93.84 -67.76
C MET L 575 -5.53 95.09 -68.63
N GLU L 576 -6.31 95.14 -69.71
CA GLU L 576 -6.45 96.36 -70.50
C GLU L 576 -7.27 97.42 -69.78
N PHE L 577 -7.96 97.07 -68.70
CA PHE L 577 -8.75 98.03 -67.95
C PHE L 577 -7.98 98.69 -66.81
N GLU L 578 -6.82 98.14 -66.43
CA GLU L 578 -6.06 98.68 -65.30
C GLU L 578 -5.80 100.18 -65.37
N PRO L 579 -5.41 100.77 -66.50
CA PRO L 579 -5.31 102.24 -66.53
C PRO L 579 -6.64 102.94 -66.32
N PHE L 580 -7.72 102.39 -66.88
CA PHE L 580 -9.04 102.95 -66.64
C PHE L 580 -9.61 102.53 -65.30
N GLN L 581 -9.30 101.30 -64.87
CA GLN L 581 -9.70 100.82 -63.54
C GLN L 581 -9.07 101.65 -62.43
N SER L 582 -7.96 102.34 -62.71
CA SER L 582 -7.26 103.12 -61.70
C SER L 582 -7.77 104.55 -61.56
N LEU L 583 -8.60 105.03 -62.50
CA LEU L 583 -9.13 106.39 -62.39
C LEU L 583 -10.40 106.44 -61.55
N VAL L 584 -11.25 105.44 -61.67
CA VAL L 584 -12.42 105.36 -60.78
C VAL L 584 -11.93 105.23 -59.35
N PRO L 585 -12.53 105.94 -58.38
CA PRO L 585 -12.00 105.96 -57.02
C PRO L 585 -11.87 104.55 -56.42
N LYS L 586 -10.79 104.37 -55.65
CA LYS L 586 -10.46 103.07 -55.06
C LYS L 586 -11.49 102.58 -54.05
N ALA L 587 -12.50 103.40 -53.73
CA ALA L 587 -13.48 103.06 -52.71
C ALA L 587 -14.69 102.33 -53.27
N ILE L 588 -15.26 102.82 -54.37
CA ILE L 588 -16.53 102.31 -54.88
C ILE L 588 -16.31 101.55 -56.19
N ARG L 589 -15.11 101.01 -56.40
CA ARG L 589 -14.82 100.27 -57.63
C ARG L 589 -15.52 98.92 -57.62
N GLY L 590 -15.32 98.14 -56.55
CA GLY L 590 -15.91 96.81 -56.47
C GLY L 590 -17.41 96.82 -56.37
N GLN L 591 -17.98 97.84 -55.71
CA GLN L 591 -19.43 97.97 -55.63
C GLN L 591 -20.02 98.20 -57.02
N TYR L 592 -19.41 99.10 -57.79
CA TYR L 592 -19.82 99.28 -59.19
C TYR L 592 -19.69 97.97 -59.95
N SER L 593 -18.62 97.21 -59.69
CA SER L 593 -18.43 95.93 -60.37
C SER L 593 -19.58 94.98 -60.07
N GLY L 594 -19.94 94.85 -58.80
CA GLY L 594 -21.05 93.97 -58.44
C GLY L 594 -22.36 94.41 -59.06
N PHE L 595 -22.61 95.71 -59.09
CA PHE L 595 -23.84 96.22 -59.68
C PHE L 595 -23.90 95.91 -61.18
N VAL L 596 -22.81 96.19 -61.90
CA VAL L 596 -22.83 95.95 -63.34
C VAL L 596 -22.88 94.46 -63.63
N ARG L 597 -22.28 93.63 -62.78
CA ARG L 597 -22.34 92.19 -63.02
C ARG L 597 -23.74 91.63 -62.77
N THR L 598 -24.45 92.15 -61.76
CA THR L 598 -25.81 91.67 -61.58
C THR L 598 -26.73 92.16 -62.70
N LEU L 599 -26.45 93.35 -63.25
CA LEU L 599 -27.18 93.78 -64.44
C LEU L 599 -26.87 92.88 -65.63
N PHE L 600 -25.61 92.46 -65.76
CA PHE L 600 -25.24 91.51 -66.81
C PHE L 600 -25.96 90.18 -66.64
N GLN L 601 -26.12 89.73 -65.39
CA GLN L 601 -26.89 88.51 -65.15
C GLN L 601 -28.35 88.68 -65.53
N GLN L 602 -28.91 89.85 -65.26
CA GLN L 602 -30.28 90.13 -65.70
C GLN L 602 -30.39 90.05 -67.21
N MET L 603 -29.39 90.57 -67.93
CA MET L 603 -29.40 90.47 -69.39
C MET L 603 -29.22 89.02 -69.86
N ARG L 604 -28.42 88.23 -69.14
CA ARG L 604 -28.17 86.85 -69.53
C ARG L 604 -29.38 85.95 -69.30
N ASP L 605 -30.14 86.18 -68.23
CA ASP L 605 -31.25 85.27 -67.93
C ASP L 605 -32.36 85.38 -68.98
N VAL L 606 -32.96 86.57 -69.10
CA VAL L 606 -33.98 86.78 -70.13
C VAL L 606 -33.23 87.11 -71.41
N LEU L 607 -32.98 86.10 -72.25
CA LEU L 607 -32.17 86.29 -73.44
C LEU L 607 -32.89 87.22 -74.43
N GLY L 608 -32.09 87.96 -75.19
CA GLY L 608 -32.61 88.92 -76.13
C GLY L 608 -32.95 90.27 -75.52
N THR L 609 -33.15 90.33 -74.20
CA THR L 609 -33.52 91.57 -73.52
C THR L 609 -32.25 92.25 -73.03
N PHE L 610 -31.53 92.82 -74.00
CA PHE L 610 -30.31 93.55 -73.72
C PHE L 610 -30.04 94.50 -74.90
N ASP L 611 -29.56 95.70 -74.58
CA ASP L 611 -29.14 96.66 -75.59
C ASP L 611 -27.63 96.83 -75.49
N THR L 612 -26.95 96.78 -76.64
CA THR L 612 -25.49 96.85 -76.66
C THR L 612 -24.98 98.16 -76.07
N THR L 613 -25.78 99.23 -76.16
CA THR L 613 -25.35 100.52 -75.63
C THR L 613 -24.99 100.42 -74.16
N GLN L 614 -25.86 99.81 -73.34
CA GLN L 614 -25.58 99.71 -71.92
C GLN L 614 -24.41 98.77 -71.63
N ILE L 615 -24.24 97.73 -72.44
CA ILE L 615 -23.13 96.80 -72.22
C ILE L 615 -21.80 97.50 -72.45
N ILE L 616 -21.65 98.18 -73.59
CA ILE L 616 -20.43 98.95 -73.83
C ILE L 616 -20.31 100.08 -72.83
N LYS L 617 -21.44 100.61 -72.35
CA LYS L 617 -21.46 101.74 -71.44
C LYS L 617 -20.93 101.40 -70.06
N LEU L 618 -21.16 100.17 -69.59
CA LEU L 618 -20.84 99.81 -68.22
C LEU L 618 -19.81 98.69 -68.06
N LEU L 619 -19.29 98.14 -69.15
CA LEU L 619 -18.43 96.95 -69.04
C LEU L 619 -17.09 97.23 -68.35
N PRO L 620 -16.26 98.19 -68.82
CA PRO L 620 -14.84 98.21 -68.39
C PRO L 620 -14.63 98.43 -66.89
N PHE L 621 -15.69 98.62 -66.13
CA PHE L 621 -15.59 98.72 -64.67
C PHE L 621 -15.48 97.36 -63.99
N ALA L 622 -15.79 96.27 -64.69
CA ALA L 622 -15.83 94.94 -64.10
C ALA L 622 -14.45 94.37 -63.79
N ALA L 623 -13.37 95.05 -64.13
CA ALA L 623 -12.04 94.51 -63.84
C ALA L 623 -11.74 94.49 -62.34
N ALA L 624 -12.52 95.19 -61.53
CA ALA L 624 -12.26 95.23 -60.10
C ALA L 624 -12.81 93.98 -59.43
N PRO L 625 -12.19 93.54 -58.35
CA PRO L 625 -12.77 92.46 -57.55
C PRO L 625 -14.07 92.92 -56.90
N PRO L 626 -15.19 92.34 -57.29
CA PRO L 626 -16.48 92.87 -56.84
C PRO L 626 -16.71 92.61 -55.35
N LYS L 627 -17.55 93.45 -54.77
CA LYS L 627 -18.03 93.27 -53.41
C LYS L 627 -19.54 93.40 -53.43
N GLN L 628 -20.23 92.47 -52.78
CA GLN L 628 -21.68 92.42 -52.90
C GLN L 628 -22.29 93.59 -52.13
N SER L 629 -22.40 94.73 -52.80
CA SER L 629 -23.00 95.93 -52.21
C SER L 629 -24.51 95.81 -52.30
N ARG L 630 -25.19 95.91 -51.15
CA ARG L 630 -26.64 95.82 -51.10
C ARG L 630 -27.27 97.16 -51.49
N MET L 631 -26.89 97.62 -52.67
CA MET L 631 -27.33 98.91 -53.19
C MET L 631 -27.12 98.92 -54.69
N GLN L 632 -27.72 99.91 -55.34
CA GLN L 632 -27.63 100.05 -56.78
C GLN L 632 -27.14 101.44 -57.16
N PHE L 633 -27.16 101.76 -58.45
CA PHE L 633 -26.64 103.04 -58.91
C PHE L 633 -27.39 103.50 -60.16
N SER L 634 -27.30 104.81 -60.39
CA SER L 634 -27.77 105.42 -61.63
C SER L 634 -26.70 106.27 -62.29
N SER L 635 -25.61 106.58 -61.58
CA SER L 635 -24.52 107.39 -62.11
C SER L 635 -23.20 106.83 -61.58
N LEU L 636 -22.16 106.94 -62.40
CA LEU L 636 -20.83 106.47 -62.04
C LEU L 636 -19.83 107.61 -62.24
N THR L 637 -18.81 107.64 -61.40
CA THR L 637 -17.91 108.78 -61.33
C THR L 637 -16.49 108.38 -61.74
N VAL L 638 -15.77 109.32 -62.35
CA VAL L 638 -14.36 109.18 -62.67
C VAL L 638 -13.65 110.50 -62.37
N ASN L 639 -12.49 110.40 -61.71
CA ASN L 639 -11.72 111.59 -61.36
C ASN L 639 -10.68 111.87 -62.45
N VAL L 640 -10.93 112.92 -63.22
CA VAL L 640 -10.00 113.40 -64.24
C VAL L 640 -9.53 114.79 -63.85
N ARG L 641 -8.21 114.98 -63.79
CA ARG L 641 -7.62 116.27 -63.42
C ARG L 641 -8.21 116.80 -62.12
N GLY L 642 -8.40 115.92 -61.15
CA GLY L 642 -9.09 116.35 -59.95
C GLY L 642 -10.58 116.23 -60.14
N SER L 643 -11.10 117.03 -61.08
CA SER L 643 -12.53 117.19 -61.28
C SER L 643 -13.23 115.87 -61.57
N GLY L 644 -14.43 115.71 -61.04
CA GLY L 644 -15.20 114.50 -61.24
C GLY L 644 -16.13 114.61 -62.43
N MET L 645 -16.13 113.59 -63.27
CA MET L 645 -17.01 113.50 -64.42
C MET L 645 -17.89 112.26 -64.28
N ARG L 646 -19.16 112.39 -64.60
CA ARG L 646 -20.11 111.32 -64.42
C ARG L 646 -20.47 110.66 -65.74
N ILE L 647 -21.00 109.45 -65.63
CA ILE L 647 -21.60 108.72 -66.73
C ILE L 647 -22.88 108.10 -66.19
N LEU L 648 -24.00 108.37 -66.84
CA LEU L 648 -25.29 107.90 -66.37
C LEU L 648 -25.43 106.40 -66.64
N VAL L 649 -26.61 105.86 -66.37
CA VAL L 649 -26.96 104.49 -66.74
C VAL L 649 -28.02 104.44 -67.82
N ARG L 650 -28.60 105.57 -68.20
CA ARG L 650 -29.59 105.63 -69.27
C ARG L 650 -29.24 106.78 -70.20
N GLY L 651 -29.21 106.50 -71.49
CA GLY L 651 -28.94 107.54 -72.46
C GLY L 651 -27.47 107.89 -72.54
N ASN L 652 -27.21 109.09 -73.06
CA ASN L 652 -25.87 109.55 -73.32
C ASN L 652 -25.39 110.50 -72.22
N SER L 653 -24.08 110.64 -72.15
CA SER L 653 -23.40 111.50 -71.20
C SER L 653 -22.20 112.11 -71.88
N PRO L 654 -21.67 113.22 -71.37
CA PRO L 654 -20.43 113.77 -71.95
C PRO L 654 -19.27 112.80 -71.90
N ALA L 655 -19.28 111.84 -70.97
CA ALA L 655 -18.26 110.81 -70.96
C ALA L 655 -18.57 109.67 -71.93
N PHE L 656 -19.86 109.39 -72.18
CA PHE L 656 -20.27 108.34 -73.12
C PHE L 656 -21.51 108.84 -73.87
N ASN L 657 -21.28 109.44 -75.04
CA ASN L 657 -22.37 110.01 -75.84
C ASN L 657 -22.44 109.27 -77.17
N TYR L 658 -23.37 108.31 -77.28
CA TYR L 658 -23.60 107.56 -78.50
C TYR L 658 -24.97 107.94 -79.06
N ASN L 659 -24.99 108.61 -80.21
CA ASN L 659 -26.25 108.90 -80.87
C ASN L 659 -26.81 107.63 -81.50
N LYS L 660 -28.14 107.48 -81.44
CA LYS L 660 -28.77 106.28 -81.98
C LYS L 660 -28.72 106.27 -83.51
N THR L 661 -28.98 107.42 -84.14
CA THR L 661 -29.02 107.52 -85.59
C THR L 661 -27.63 107.77 -86.18
N THR L 662 -26.84 108.66 -85.59
CA THR L 662 -25.50 108.92 -86.11
C THR L 662 -24.60 107.70 -85.97
N LYS L 663 -24.90 106.83 -85.01
CA LYS L 663 -24.18 105.59 -84.74
C LYS L 663 -22.71 105.80 -84.40
N ARG L 664 -22.28 107.05 -84.23
CA ARG L 664 -20.92 107.36 -83.84
C ARG L 664 -20.87 107.67 -82.35
N LEU L 665 -19.80 107.25 -81.69
CA LEU L 665 -19.64 107.40 -80.25
C LEU L 665 -18.77 108.62 -79.95
N THR L 666 -19.27 109.50 -79.07
CA THR L 666 -18.57 110.71 -78.68
C THR L 666 -18.05 110.53 -77.25
N ILE L 667 -16.73 110.46 -77.12
CA ILE L 667 -16.07 110.37 -75.81
C ILE L 667 -15.20 111.60 -75.68
N LEU L 668 -15.71 112.63 -74.99
CA LEU L 668 -14.99 113.88 -74.78
C LEU L 668 -14.62 114.54 -76.12
N GLY L 669 -15.60 114.56 -77.02
CA GLY L 669 -15.45 115.21 -78.32
C GLY L 669 -14.77 114.40 -79.39
N LYS L 670 -13.82 113.55 -79.02
CA LYS L 670 -13.09 112.77 -80.02
C LYS L 670 -13.88 111.55 -80.45
N ASP L 671 -13.88 111.30 -81.76
CA ASP L 671 -14.58 110.15 -82.30
C ASP L 671 -13.83 108.86 -81.97
N ALA L 672 -14.59 107.80 -81.74
CA ALA L 672 -13.98 106.50 -81.39
C ALA L 672 -14.88 105.41 -81.97
N GLY L 673 -14.54 104.97 -83.18
CA GLY L 673 -15.18 103.85 -83.84
C GLY L 673 -16.69 103.97 -84.04
N THR L 674 -17.29 102.94 -84.62
CA THR L 674 -18.73 102.86 -84.79
C THR L 674 -19.08 101.44 -85.24
N LEU L 675 -20.27 101.00 -84.86
CA LEU L 675 -20.74 99.66 -85.23
C LEU L 675 -22.25 99.66 -85.44
N GLY L 693 -6.66 95.70 -102.13
CA GLY L 693 -6.85 95.18 -103.46
C GLY L 693 -7.49 93.81 -103.50
N PHE L 694 -6.88 92.90 -104.24
CA PHE L 694 -7.42 91.55 -104.45
C PHE L 694 -6.26 90.57 -104.40
N LEU L 695 -6.53 89.32 -104.80
CA LEU L 695 -5.55 88.26 -104.76
C LEU L 695 -5.49 87.52 -106.09
N ILE L 696 -4.34 86.91 -106.35
CA ILE L 696 -4.07 86.23 -107.62
C ILE L 696 -4.61 84.80 -107.56
N LEU L 697 -5.31 84.40 -108.61
CA LEU L 697 -5.89 83.06 -108.72
C LEU L 697 -5.06 82.10 -109.56
N GLY L 698 -4.01 82.57 -110.22
CA GLY L 698 -3.21 81.72 -111.07
C GLY L 698 -2.72 82.50 -112.27
N LYS L 699 -2.28 81.75 -113.28
CA LYS L 699 -1.68 82.35 -114.47
C LYS L 699 -2.74 83.04 -115.32
N GLU L 700 -2.32 83.50 -116.49
CA GLU L 700 -3.25 84.08 -117.45
C GLU L 700 -4.21 83.00 -117.92
N ASP L 701 -5.51 83.27 -117.77
CA ASP L 701 -6.53 82.29 -118.12
C ASP L 701 -7.48 82.88 -119.14
N ARG L 702 -7.49 82.28 -120.33
CA ARG L 702 -8.27 82.75 -121.48
C ARG L 702 -9.77 82.53 -121.31
N ARG L 703 -10.19 81.83 -120.26
CA ARG L 703 -11.61 81.54 -120.05
C ARG L 703 -12.40 82.81 -119.79
N TYR L 704 -12.12 83.47 -118.66
CA TYR L 704 -12.97 84.53 -118.12
C TYR L 704 -12.72 85.86 -118.82
N GLY L 705 -13.06 85.89 -120.10
CA GLY L 705 -12.99 87.10 -120.89
C GLY L 705 -11.58 87.49 -121.28
N PRO L 706 -11.43 88.65 -121.89
CA PRO L 706 -10.12 89.11 -122.35
C PRO L 706 -9.31 89.73 -121.21
N ALA L 707 -8.05 90.01 -121.52
CA ALA L 707 -7.19 90.66 -120.55
C ALA L 707 -7.65 92.10 -120.37
N LEU L 708 -7.51 92.61 -119.15
CA LEU L 708 -7.94 93.97 -118.82
C LEU L 708 -6.76 94.86 -118.51
N SER L 709 -6.98 96.16 -118.62
CA SER L 709 -6.04 97.11 -118.07
C SER L 709 -6.35 97.30 -116.59
N ILE L 710 -5.44 97.96 -115.88
CA ILE L 710 -5.61 98.14 -114.43
C ILE L 710 -6.40 99.43 -114.25
N ASN L 711 -7.72 99.32 -114.47
CA ASN L 711 -8.67 100.31 -114.00
C ASN L 711 -10.01 99.60 -113.93
N GLU L 712 -10.36 99.09 -112.74
CA GLU L 712 -11.56 98.28 -112.58
C GLU L 712 -12.35 98.75 -111.36
N LEU L 713 -13.17 99.78 -111.56
CA LEU L 713 -14.18 100.15 -110.59
C LEU L 713 -15.48 99.40 -110.85
N SER L 714 -15.59 98.79 -112.03
CA SER L 714 -16.68 97.94 -112.45
C SER L 714 -16.47 96.47 -112.10
N ASN L 715 -15.31 96.11 -111.55
CA ASN L 715 -15.04 94.73 -111.18
C ASN L 715 -15.74 94.29 -109.91
N LEU L 716 -16.54 95.14 -109.28
CA LEU L 716 -17.38 94.67 -108.16
C LEU L 716 -18.66 94.09 -108.76
N ALA L 717 -18.50 93.26 -109.78
CA ALA L 717 -19.63 92.67 -110.51
C ALA L 717 -19.87 91.24 -110.03
N LYS L 718 -20.88 91.06 -109.17
CA LYS L 718 -21.38 89.75 -108.77
C LYS L 718 -20.28 88.83 -108.24
N GLY L 719 -19.19 89.39 -107.72
CA GLY L 719 -18.06 88.58 -107.30
C GLY L 719 -17.51 87.77 -108.45
N GLU L 720 -16.79 88.43 -109.36
CA GLU L 720 -16.34 87.81 -110.60
C GLU L 720 -14.83 87.72 -110.67
N LYS L 721 -14.35 86.63 -111.24
CA LYS L 721 -12.95 86.43 -111.54
C LYS L 721 -12.65 87.06 -112.90
N ALA L 722 -11.46 87.65 -113.03
CA ALA L 722 -11.07 88.30 -114.27
C ALA L 722 -9.56 88.27 -114.41
N ASN L 723 -9.08 88.10 -115.63
CA ASN L 723 -7.65 88.09 -115.91
C ASN L 723 -7.18 89.50 -116.25
N VAL L 724 -6.15 89.97 -115.54
CA VAL L 724 -5.65 91.33 -115.70
C VAL L 724 -4.14 91.30 -115.76
N LEU L 725 -3.57 92.19 -116.56
CA LEU L 725 -2.12 92.34 -116.65
C LEU L 725 -1.67 93.26 -115.52
N ILE L 726 -0.92 92.70 -114.57
CA ILE L 726 -0.42 93.45 -113.42
C ILE L 726 1.03 93.85 -113.67
N GLY L 727 1.39 95.06 -113.24
CA GLY L 727 2.74 95.55 -113.42
C GLY L 727 3.12 95.69 -114.88
N GLN L 728 4.33 95.25 -115.20
CA GLN L 728 4.83 95.27 -116.57
C GLN L 728 5.19 93.87 -117.03
N GLY L 729 4.54 92.86 -116.44
CA GLY L 729 4.81 91.48 -116.77
C GLY L 729 3.66 90.81 -117.49
N ASP L 730 3.17 89.72 -116.92
CA ASP L 730 2.14 88.90 -117.53
C ASP L 730 0.77 89.18 -116.93
N VAL L 731 -0.20 88.36 -117.33
CA VAL L 731 -1.58 88.46 -116.88
C VAL L 731 -1.84 87.39 -115.84
N VAL L 732 -2.51 87.76 -114.77
CA VAL L 732 -2.90 86.84 -113.71
C VAL L 732 -4.38 87.01 -113.44
N LEU L 733 -5.02 85.93 -113.00
CA LEU L 733 -6.41 86.01 -112.60
C LEU L 733 -6.55 86.75 -111.28
N VAL L 734 -7.76 87.27 -111.04
CA VAL L 734 -8.05 88.08 -109.86
C VAL L 734 -9.49 87.81 -109.47
N MET L 735 -9.71 87.65 -108.17
CA MET L 735 -11.03 87.48 -107.57
C MET L 735 -11.21 88.57 -106.52
N LYS L 736 -12.30 88.50 -105.76
CA LYS L 736 -12.53 89.50 -104.73
C LYS L 736 -11.68 89.13 -103.51
N ARG L 737 -11.92 89.80 -102.39
CA ARG L 737 -11.18 89.55 -101.16
C ARG L 737 -12.15 89.33 -100.02
N LYS L 738 -11.70 88.63 -98.97
CA LYS L 738 -12.52 88.45 -97.78
C LYS L 738 -11.78 88.66 -96.46
N ARG L 739 -10.45 88.69 -96.45
CA ARG L 739 -9.69 88.91 -95.21
C ARG L 739 -8.39 89.62 -95.53
N ASP L 740 -7.66 89.99 -94.47
CA ASP L 740 -6.50 90.88 -94.59
C ASP L 740 -5.14 90.17 -94.50
N SER L 741 -4.93 89.33 -93.48
CA SER L 741 -3.66 88.65 -93.25
C SER L 741 -2.54 89.66 -93.03
N SER L 742 -2.68 90.40 -91.92
CA SER L 742 -1.78 91.47 -91.53
C SER L 742 -0.67 90.96 -90.61
N ILE L 743 0.05 91.89 -89.96
CA ILE L 743 1.20 91.59 -89.11
C ILE L 743 0.73 91.32 -87.69
N LEU L 744 -0.57 91.12 -87.53
CA LEU L 744 -1.20 90.91 -86.23
C LEU L 744 -0.98 89.49 -85.73
N THR L 745 -1.80 89.07 -84.76
CA THR L 745 -1.67 87.83 -84.01
C THR L 745 -1.50 86.58 -84.87
N ASP L 746 -1.63 86.72 -86.19
CA ASP L 746 -1.45 85.61 -87.13
C ASP L 746 -0.26 84.74 -86.80
N SER L 747 0.82 85.33 -86.30
CA SER L 747 1.99 84.59 -85.86
C SER L 747 1.80 83.88 -84.53
N GLN L 748 0.91 84.37 -83.66
CA GLN L 748 0.80 83.86 -82.31
C GLN L 748 -0.14 82.67 -82.15
N THR L 749 -0.99 82.36 -83.13
CA THR L 749 -1.83 81.17 -82.99
C THR L 749 -1.01 79.90 -83.09
N ALA L 750 0.15 79.95 -83.74
CA ALA L 750 1.01 78.78 -83.87
C ALA L 750 1.37 78.19 -82.51
N THR L 751 1.60 79.04 -81.51
CA THR L 751 1.98 78.52 -80.19
C THR L 751 0.93 77.61 -79.56
N LYS L 752 -0.30 77.59 -80.08
CA LYS L 752 -1.28 76.64 -79.58
C LYS L 752 -1.37 75.38 -80.43
N ARG L 753 -0.93 75.44 -81.69
CA ARG L 753 -0.83 74.29 -82.55
C ARG L 753 0.59 73.82 -82.82
N ILE L 754 1.61 74.66 -82.54
CA ILE L 754 2.98 74.19 -82.57
C ILE L 754 3.39 73.74 -81.17
N ARG L 755 4.32 72.79 -81.12
CA ARG L 755 4.82 72.23 -79.86
C ARG L 755 3.68 71.70 -78.99
N MET L 756 2.69 71.09 -79.64
CA MET L 756 1.52 70.58 -78.92
C MET L 756 1.92 69.49 -77.93
N GLN M 1 1.50 -62.16 -15.86
CA GLN M 1 2.81 -61.71 -15.40
C GLN M 1 2.88 -60.18 -15.46
N VAL M 2 3.84 -59.61 -14.75
CA VAL M 2 3.95 -58.16 -14.65
C VAL M 2 4.36 -57.58 -16.00
N GLN M 3 3.50 -56.74 -16.56
CA GLN M 3 3.81 -56.01 -17.78
C GLN M 3 3.14 -54.64 -17.68
N LEU M 4 3.83 -53.63 -18.21
CA LEU M 4 3.37 -52.25 -18.20
C LEU M 4 3.34 -51.76 -19.64
N GLN M 5 2.13 -51.59 -20.18
CA GLN M 5 1.95 -51.06 -21.53
C GLN M 5 1.34 -49.68 -21.42
N GLU M 6 2.03 -48.68 -21.95
CA GLU M 6 1.58 -47.31 -21.87
C GLU M 6 1.20 -46.81 -23.26
N SER M 7 0.42 -45.74 -23.27
CA SER M 7 -0.07 -45.16 -24.53
C SER M 7 -0.64 -43.78 -24.22
N GLY M 8 -1.27 -43.18 -25.23
CA GLY M 8 -1.82 -41.84 -25.13
C GLY M 8 -0.90 -40.76 -25.66
N GLY M 9 0.35 -41.10 -25.94
CA GLY M 9 1.30 -40.14 -26.43
C GLY M 9 1.18 -39.88 -27.92
N GLY M 10 1.90 -38.86 -28.37
CA GLY M 10 1.92 -38.52 -29.77
C GLY M 10 2.60 -37.18 -29.98
N MET M 11 2.48 -36.66 -31.20
CA MET M 11 2.97 -35.33 -31.50
C MET M 11 1.99 -34.28 -30.98
N VAL M 12 2.54 -33.17 -30.49
CA VAL M 12 1.76 -32.02 -30.04
C VAL M 12 2.56 -30.76 -30.37
N GLN M 13 1.96 -29.59 -30.11
CA GLN M 13 2.67 -28.34 -30.30
C GLN M 13 3.04 -27.73 -28.96
N PRO M 14 4.12 -26.93 -28.91
CA PRO M 14 4.58 -26.38 -27.64
C PRO M 14 3.52 -25.51 -26.95
N GLY M 15 3.41 -25.68 -25.64
CA GLY M 15 2.39 -25.02 -24.87
C GLY M 15 1.07 -25.74 -24.79
N GLY M 16 1.00 -26.99 -25.24
CA GLY M 16 -0.21 -27.77 -25.25
C GLY M 16 -0.33 -28.70 -24.06
N SER M 17 -1.07 -29.78 -24.26
CA SER M 17 -1.32 -30.74 -23.19
C SER M 17 -1.24 -32.16 -23.74
N LEU M 18 -1.14 -33.11 -22.82
CA LEU M 18 -1.12 -34.52 -23.16
C LEU M 18 -1.52 -35.34 -21.94
N ARG M 19 -2.16 -36.47 -22.19
CA ARG M 19 -2.70 -37.34 -21.14
C ARG M 19 -2.14 -38.75 -21.35
N LEU M 20 -1.11 -39.09 -20.58
CA LEU M 20 -0.41 -40.37 -20.73
C LEU M 20 -1.05 -41.41 -19.82
N SER M 21 -1.34 -42.58 -20.38
CA SER M 21 -1.97 -43.67 -19.66
C SER M 21 -1.01 -44.86 -19.58
N CYS M 22 -1.07 -45.57 -18.47
CA CYS M 22 -0.22 -46.75 -18.24
C CYS M 22 -1.08 -47.86 -17.65
N LEU M 23 -1.17 -48.98 -18.37
CA LEU M 23 -1.89 -50.16 -17.93
C LEU M 23 -0.89 -51.19 -17.43
N ALA M 24 -1.07 -51.64 -16.19
CA ALA M 24 -0.21 -52.63 -15.57
C ALA M 24 -1.01 -53.90 -15.28
N SER M 25 -0.40 -55.05 -15.53
CA SER M 25 -1.06 -56.31 -15.22
C SER M 25 -0.04 -57.31 -14.69
N GLY M 26 -0.51 -58.22 -13.85
CA GLY M 26 0.33 -59.30 -13.36
C GLY M 26 0.67 -59.26 -11.89
N PHE M 27 0.39 -58.17 -11.18
CA PHE M 27 0.75 -58.06 -9.78
C PHE M 27 -0.37 -57.35 -9.02
N THR M 28 -0.17 -57.22 -7.71
CA THR M 28 -1.11 -56.50 -6.84
C THR M 28 -0.87 -55.01 -7.03
N PHE M 29 -1.80 -54.34 -7.71
CA PHE M 29 -1.56 -52.96 -8.13
C PHE M 29 -1.66 -51.98 -6.96
N SER M 30 -2.75 -52.08 -6.19
CA SER M 30 -3.03 -51.10 -5.15
C SER M 30 -1.95 -51.03 -4.07
N ASN M 31 -1.01 -51.97 -4.04
CA ASN M 31 -0.02 -52.02 -2.97
C ASN M 31 1.22 -51.20 -3.26
N TYR M 32 1.63 -51.09 -4.52
CA TYR M 32 2.90 -50.47 -4.88
C TYR M 32 2.70 -49.05 -5.40
N ALA M 33 3.63 -48.17 -5.04
CA ALA M 33 3.68 -46.82 -5.58
C ALA M 33 4.22 -46.87 -7.01
N MET M 34 3.92 -45.83 -7.79
CA MET M 34 4.28 -45.83 -9.20
C MET M 34 5.14 -44.62 -9.51
N THR M 35 5.87 -44.71 -10.64
CA THR M 35 6.77 -43.64 -11.04
C THR M 35 6.72 -43.44 -12.55
N TRP M 36 6.80 -42.17 -12.95
CA TRP M 36 7.09 -41.79 -14.32
C TRP M 36 8.54 -41.34 -14.38
N VAL M 37 9.30 -41.93 -15.29
CA VAL M 37 10.71 -41.62 -15.50
C VAL M 37 10.93 -41.45 -16.99
N ARG M 38 11.47 -40.31 -17.40
CA ARG M 38 11.68 -40.03 -18.81
C ARG M 38 13.16 -40.11 -19.15
N GLN M 39 13.44 -40.22 -20.45
CA GLN M 39 14.80 -40.21 -20.96
C GLN M 39 14.80 -39.47 -22.29
N ALA M 40 15.58 -38.40 -22.36
CA ALA M 40 15.82 -37.69 -23.61
C ALA M 40 16.92 -38.39 -24.41
N PRO M 41 16.82 -38.39 -25.73
CA PRO M 41 17.87 -39.00 -26.55
C PRO M 41 19.22 -38.31 -26.34
N GLY M 42 20.17 -39.07 -25.79
CA GLY M 42 21.50 -38.57 -25.49
C GLY M 42 21.81 -38.46 -24.01
N LYS M 43 20.81 -38.15 -23.19
CA LYS M 43 20.97 -38.00 -21.75
C LYS M 43 20.33 -39.18 -21.03
N GLY M 44 20.99 -39.67 -19.99
CA GLY M 44 20.45 -40.71 -19.15
C GLY M 44 19.11 -40.32 -18.55
N PRO M 45 18.35 -41.30 -18.08
CA PRO M 45 16.99 -41.02 -17.61
C PRO M 45 16.98 -40.12 -16.39
N GLU M 46 15.84 -39.47 -16.17
CA GLU M 46 15.57 -38.68 -14.98
C GLU M 46 14.13 -38.94 -14.55
N TRP M 47 13.93 -39.15 -13.26
CA TRP M 47 12.59 -39.44 -12.77
C TRP M 47 11.69 -38.22 -12.95
N VAL M 48 10.47 -38.46 -13.40
CA VAL M 48 9.51 -37.39 -13.62
C VAL M 48 8.62 -37.19 -12.41
N SER M 49 8.06 -38.28 -11.88
CA SER M 49 7.11 -38.16 -10.78
C SER M 49 7.01 -39.48 -10.03
N MET M 50 6.69 -39.37 -8.73
CA MET M 50 6.47 -40.53 -7.88
C MET M 50 5.15 -40.35 -7.14
N VAL M 51 4.27 -41.34 -7.23
CA VAL M 51 2.92 -41.26 -6.67
C VAL M 51 2.68 -42.47 -5.75
N SER M 52 1.91 -42.22 -4.69
CA SER M 52 1.75 -43.16 -3.58
C SER M 52 0.76 -44.26 -3.91
N ASN M 53 0.46 -45.11 -2.91
CA ASN M 53 -0.59 -46.11 -3.04
C ASN M 53 -1.96 -45.51 -2.82
N ASN M 54 -2.09 -44.65 -1.80
CA ASN M 54 -3.36 -43.96 -1.55
C ASN M 54 -3.67 -42.93 -2.62
N GLY M 55 -2.67 -42.52 -3.40
CA GLY M 55 -2.84 -41.40 -4.31
C GLY M 55 -2.83 -40.05 -3.64
N ALA M 56 -2.38 -39.97 -2.39
CA ALA M 56 -2.35 -38.71 -1.64
C ALA M 56 -0.97 -38.10 -1.56
N ASP M 57 0.09 -38.90 -1.55
CA ASP M 57 1.47 -38.41 -1.50
C ASP M 57 2.04 -38.43 -2.91
N THR M 58 2.27 -37.25 -3.48
CA THR M 58 2.80 -37.10 -4.84
C THR M 58 4.02 -36.20 -4.82
N THR M 59 4.98 -36.50 -5.69
CA THR M 59 6.21 -35.72 -5.77
C THR M 59 6.67 -35.59 -7.21
N TYR M 60 7.08 -34.39 -7.60
CA TYR M 60 7.57 -34.09 -8.94
C TYR M 60 8.99 -33.55 -8.88
N THR M 61 9.60 -33.45 -10.05
CA THR M 61 10.94 -32.88 -10.18
C THR M 61 10.91 -31.37 -9.91
N ASP M 62 12.09 -30.82 -9.64
CA ASP M 62 12.22 -29.41 -9.30
C ASP M 62 11.92 -28.48 -10.47
N SER M 63 11.77 -29.01 -11.69
CA SER M 63 11.57 -28.19 -12.88
C SER M 63 10.20 -28.40 -13.53
N VAL M 64 9.30 -29.13 -12.89
CA VAL M 64 8.03 -29.46 -13.54
C VAL M 64 6.84 -29.16 -12.64
N LYS M 65 7.08 -28.46 -11.54
CA LYS M 65 6.00 -28.13 -10.61
C LYS M 65 5.04 -27.12 -11.23
N GLY M 66 3.74 -27.37 -11.03
CA GLY M 66 2.69 -26.53 -11.58
C GLY M 66 2.25 -26.90 -12.97
N ARG M 67 3.12 -27.54 -13.75
CA ARG M 67 2.79 -27.93 -15.11
C ARG M 67 2.20 -29.33 -15.20
N PHE M 68 2.52 -30.21 -14.24
CA PHE M 68 2.13 -31.61 -14.30
C PHE M 68 1.11 -31.95 -13.21
N THR M 69 0.44 -33.08 -13.42
CA THR M 69 -0.50 -33.62 -12.43
C THR M 69 -0.54 -35.14 -12.60
N ILE M 70 -0.01 -35.87 -11.62
CA ILE M 70 0.00 -37.33 -11.68
C ILE M 70 -1.15 -37.87 -10.84
N SER M 71 -1.73 -38.98 -11.27
CA SER M 71 -2.83 -39.59 -10.53
C SER M 71 -2.95 -41.06 -10.96
N ARG M 72 -3.86 -41.78 -10.32
CA ARG M 72 -4.05 -43.18 -10.60
C ARG M 72 -5.48 -43.60 -10.27
N ASP M 73 -5.97 -44.61 -10.98
CA ASP M 73 -7.28 -45.19 -10.73
C ASP M 73 -7.09 -46.66 -10.42
N ASN M 74 -7.51 -47.06 -9.22
CA ASN M 74 -7.30 -48.42 -8.72
C ASN M 74 -8.27 -49.44 -9.30
N ALA M 75 -9.40 -49.00 -9.85
CA ALA M 75 -10.38 -49.93 -10.39
C ALA M 75 -9.81 -50.73 -11.56
N LYS M 76 -9.42 -50.03 -12.63
CA LYS M 76 -8.79 -50.67 -13.78
C LYS M 76 -7.29 -50.86 -13.60
N ASN M 77 -6.75 -50.56 -12.41
CA ASN M 77 -5.33 -50.70 -12.12
C ASN M 77 -4.49 -49.92 -13.13
N THR M 78 -4.77 -48.62 -13.23
CA THR M 78 -4.17 -47.80 -14.28
C THR M 78 -3.61 -46.51 -13.71
N LEU M 79 -2.70 -45.91 -14.47
CA LEU M 79 -1.95 -44.74 -14.03
C LEU M 79 -2.11 -43.62 -15.06
N TYR M 80 -2.50 -42.43 -14.58
CA TYR M 80 -2.75 -41.27 -15.44
C TYR M 80 -1.71 -40.21 -15.16
N LEU M 81 -1.28 -39.52 -16.21
CA LEU M 81 -0.38 -38.37 -16.06
C LEU M 81 -0.83 -37.25 -17.00
N ARG M 82 -1.14 -36.09 -16.43
CA ARG M 82 -1.55 -34.92 -17.19
C ARG M 82 -0.37 -33.97 -17.31
N MET M 83 0.06 -33.71 -18.53
CA MET M 83 1.14 -32.76 -18.80
C MET M 83 0.52 -31.55 -19.46
N ASN M 84 0.65 -30.39 -18.83
CA ASN M 84 0.20 -29.12 -19.39
C ASN M 84 1.39 -28.18 -19.54
N ASN M 85 1.23 -27.21 -20.44
CA ASN M 85 2.27 -26.23 -20.74
C ASN M 85 3.58 -26.94 -21.09
N VAL M 86 3.52 -27.74 -22.15
CA VAL M 86 4.65 -28.55 -22.56
C VAL M 86 5.77 -27.62 -23.03
N LYS M 87 6.87 -27.60 -22.31
CA LYS M 87 8.05 -26.88 -22.75
C LYS M 87 8.81 -27.71 -23.78
N PRO M 88 9.62 -27.07 -24.63
CA PRO M 88 10.38 -27.82 -25.63
C PRO M 88 11.37 -28.81 -25.02
N GLU M 89 11.80 -28.60 -23.78
CA GLU M 89 12.79 -29.50 -23.19
C GLU M 89 12.17 -30.74 -22.58
N ASP M 90 10.86 -30.73 -22.35
CA ASP M 90 10.17 -31.95 -21.95
C ASP M 90 10.04 -32.95 -23.09
N SER M 91 10.63 -32.65 -24.24
CA SER M 91 10.59 -33.55 -25.39
C SER M 91 11.49 -34.75 -25.15
N ALA M 92 10.92 -35.83 -24.63
CA ALA M 92 11.70 -37.02 -24.29
C ALA M 92 10.76 -38.21 -24.30
N VAL M 93 11.34 -39.39 -24.13
CA VAL M 93 10.57 -40.63 -24.11
C VAL M 93 10.18 -40.94 -22.67
N TYR M 94 8.88 -41.02 -22.40
CA TYR M 94 8.41 -41.17 -21.03
C TYR M 94 8.18 -42.64 -20.72
N TYR M 95 8.40 -43.00 -19.45
CA TYR M 95 8.42 -44.38 -18.99
C TYR M 95 7.57 -44.53 -17.74
N CYS M 96 6.81 -45.61 -17.68
CA CYS M 96 5.97 -45.94 -16.53
C CYS M 96 6.57 -47.16 -15.83
N ALA M 97 6.78 -47.05 -14.52
CA ALA M 97 7.51 -48.08 -13.80
C ALA M 97 6.92 -48.25 -12.41
N LYS M 98 7.19 -49.42 -11.82
CA LYS M 98 6.58 -49.86 -10.57
C LYS M 98 7.66 -49.98 -9.50
N ARG M 99 7.53 -49.15 -8.45
CA ARG M 99 8.55 -49.03 -7.42
C ARG M 99 8.88 -50.37 -6.77
N ARG M 100 10.10 -50.45 -6.23
CA ARG M 100 10.50 -51.64 -5.48
C ARG M 100 9.57 -51.86 -4.29
N TYR M 101 9.41 -50.84 -3.45
CA TYR M 101 8.58 -50.89 -2.27
C TYR M 101 7.26 -50.16 -2.52
N GLY M 102 6.37 -50.23 -1.54
CA GLY M 102 5.14 -49.48 -1.58
C GLY M 102 5.27 -48.03 -1.16
N GLY M 103 6.50 -47.58 -0.90
CA GLY M 103 6.75 -46.22 -0.49
C GLY M 103 7.17 -45.33 -1.66
N ILE M 104 7.47 -44.08 -1.31
CA ILE M 104 7.85 -43.06 -2.29
C ILE M 104 9.22 -42.48 -1.95
N TRP M 105 9.46 -42.17 -0.68
CA TRP M 105 10.66 -41.50 -0.21
C TRP M 105 11.70 -42.48 0.32
N THR M 106 11.27 -43.67 0.74
CA THR M 106 12.17 -44.70 1.25
C THR M 106 13.03 -45.22 0.12
N GLY M 107 14.25 -44.73 0.02
CA GLY M 107 15.13 -45.10 -1.06
C GLY M 107 15.06 -44.12 -2.21
N GLN M 108 16.17 -44.02 -2.93
CA GLN M 108 16.29 -43.11 -4.06
C GLN M 108 15.57 -43.67 -5.27
N PRO M 109 15.13 -42.82 -6.21
CA PRO M 109 14.28 -43.32 -7.31
C PRO M 109 15.02 -44.25 -8.25
N THR M 110 14.70 -45.55 -8.14
CA THR M 110 15.22 -46.60 -9.00
C THR M 110 14.17 -47.69 -9.08
N ASP M 111 14.13 -48.38 -10.22
CA ASP M 111 13.10 -49.38 -10.46
C ASP M 111 13.72 -50.71 -10.85
N TYR M 112 12.87 -51.74 -10.89
CA TYR M 112 13.33 -53.11 -11.10
C TYR M 112 12.39 -53.87 -12.03
N ASP M 113 11.86 -53.23 -13.08
CA ASP M 113 10.92 -53.93 -13.94
C ASP M 113 11.00 -53.37 -15.36
N TYR M 114 10.03 -53.76 -16.19
CA TYR M 114 10.06 -53.57 -17.64
C TYR M 114 9.42 -52.24 -18.02
N LEU M 115 9.13 -52.07 -19.32
CA LEU M 115 8.70 -50.78 -19.84
C LEU M 115 7.90 -50.98 -21.13
N GLY M 116 7.17 -49.92 -21.52
CA GLY M 116 6.38 -49.88 -22.74
C GLY M 116 6.95 -48.95 -23.80
N GLN M 117 6.35 -47.76 -24.00
CA GLN M 117 6.83 -46.84 -25.04
C GLN M 117 6.65 -45.39 -24.58
N GLY M 118 7.04 -44.45 -25.45
CA GLY M 118 6.90 -43.03 -25.15
C GLY M 118 7.18 -42.12 -26.34
N THR M 119 6.34 -41.09 -26.54
CA THR M 119 6.42 -40.24 -27.71
C THR M 119 7.19 -38.95 -27.39
N VAL M 120 7.39 -38.13 -28.43
CA VAL M 120 8.36 -37.03 -28.39
C VAL M 120 7.77 -35.82 -29.12
N THR M 121 7.94 -34.65 -28.54
CA THR M 121 7.52 -33.38 -29.15
C THR M 121 8.50 -32.26 -28.85
N GLN N 1 -12.72 -77.69 168.51
CA GLN N 1 -11.66 -78.61 168.12
C GLN N 1 -12.18 -80.04 168.14
N VAL N 2 -11.45 -80.94 167.47
CA VAL N 2 -11.88 -82.32 167.33
C VAL N 2 -11.84 -83.02 168.69
N GLN N 3 -12.99 -83.54 169.12
CA GLN N 3 -13.08 -84.30 170.36
C GLN N 3 -14.08 -85.43 170.22
N LEU N 4 -13.75 -86.56 170.84
CA LEU N 4 -14.57 -87.77 170.86
C LEU N 4 -14.84 -88.13 172.31
N GLN N 5 -16.08 -87.95 172.76
CA GLN N 5 -16.50 -88.30 174.12
C GLN N 5 -17.44 -89.50 174.03
N GLU N 6 -17.08 -90.57 174.71
CA GLU N 6 -17.86 -91.80 174.68
C GLU N 6 -18.53 -92.06 176.02
N SER N 7 -19.55 -92.90 176.00
CA SER N 7 -20.32 -93.25 177.20
C SER N 7 -21.17 -94.47 176.87
N GLY N 8 -22.03 -94.85 177.82
CA GLY N 8 -22.88 -96.00 177.68
C GLY N 8 -22.34 -97.29 178.28
N GLY N 9 -21.08 -97.31 178.69
CA GLY N 9 -20.50 -98.51 179.25
C GLY N 9 -20.88 -98.74 180.69
N GLY N 10 -20.59 -99.95 181.16
CA GLY N 10 -20.87 -100.29 182.54
C GLY N 10 -20.73 -101.79 182.76
N MET N 11 -21.21 -102.22 183.92
CA MET N 11 -21.25 -103.64 184.24
C MET N 11 -22.44 -104.32 183.55
N VAL N 12 -22.23 -105.55 183.11
CA VAL N 12 -23.27 -106.40 182.56
C VAL N 12 -22.95 -107.83 182.98
N GLN N 13 -23.85 -108.76 182.67
CA GLN N 13 -23.54 -110.16 182.92
C GLN N 13 -23.27 -110.88 181.61
N PRO N 14 -22.46 -111.95 181.63
CA PRO N 14 -22.14 -112.65 180.38
C PRO N 14 -23.40 -113.18 179.71
N GLY N 15 -23.45 -113.02 178.39
CA GLY N 15 -24.64 -113.35 177.64
C GLY N 15 -25.66 -112.23 177.54
N GLY N 16 -25.31 -111.01 177.92
CA GLY N 16 -26.18 -109.87 177.88
C GLY N 16 -25.92 -109.00 176.66
N SER N 17 -26.23 -107.71 176.80
CA SER N 17 -26.06 -106.76 175.72
C SER N 17 -25.49 -105.47 176.29
N LEU N 18 -25.03 -104.62 175.37
CA LEU N 18 -24.47 -103.32 175.74
C LEU N 18 -24.59 -102.40 174.55
N ARG N 19 -24.81 -101.11 174.84
CA ARG N 19 -25.04 -100.10 173.81
C ARG N 19 -24.04 -98.97 174.04
N LEU N 20 -22.94 -98.99 173.31
CA LEU N 20 -21.87 -98.01 173.47
C LEU N 20 -22.12 -96.83 172.53
N SER N 21 -22.04 -95.62 173.08
CA SER N 21 -22.28 -94.41 172.30
C SER N 21 -21.01 -93.58 172.25
N CYS N 22 -20.80 -92.92 171.10
CA CYS N 22 -19.64 -92.08 170.89
C CYS N 22 -20.09 -90.80 170.20
N LEU N 23 -19.90 -89.66 170.87
CA LEU N 23 -20.24 -88.35 170.32
C LEU N 23 -18.96 -87.67 169.85
N ALA N 24 -18.92 -87.30 168.57
CA ALA N 24 -17.77 -86.63 167.98
C ALA N 24 -18.15 -85.22 167.55
N SER N 25 -17.26 -84.27 167.79
CA SER N 25 -17.49 -82.89 167.37
C SER N 25 -16.19 -82.27 166.92
N GLY N 26 -16.30 -81.30 166.01
CA GLY N 26 -15.16 -80.51 165.56
C GLY N 26 -14.78 -80.68 164.11
N PHE N 27 -15.32 -81.67 163.40
CA PHE N 27 -14.95 -81.90 162.01
C PHE N 27 -16.19 -82.26 161.21
N THR N 28 -16.00 -82.54 159.91
CA THR N 28 -17.09 -82.95 159.04
C THR N 28 -17.40 -84.41 159.34
N PHE N 29 -18.54 -84.65 160.01
CA PHE N 29 -18.82 -85.99 160.52
C PHE N 29 -19.20 -86.96 159.41
N SER N 30 -20.18 -86.58 158.59
CA SER N 30 -20.74 -87.50 157.60
C SER N 30 -19.71 -87.94 156.56
N ASN N 31 -18.54 -87.32 156.52
CA ASN N 31 -17.56 -87.58 155.47
C ASN N 31 -16.60 -88.71 155.81
N TYR N 32 -16.23 -88.87 157.08
CA TYR N 32 -15.18 -89.80 157.46
C TYR N 32 -15.73 -91.07 158.08
N ALA N 33 -15.07 -92.19 157.79
CA ALA N 33 -15.41 -93.48 158.36
C ALA N 33 -14.99 -93.57 159.82
N MET N 34 -15.60 -94.50 160.55
CA MET N 34 -15.37 -94.61 161.98
C MET N 34 -14.93 -96.03 162.35
N THR N 35 -14.31 -96.15 163.52
CA THR N 35 -13.81 -97.44 164.00
C THR N 35 -14.01 -97.59 165.49
N TRP N 36 -14.36 -98.81 165.90
CA TRP N 36 -14.29 -99.23 167.29
C TRP N 36 -13.09 -100.15 167.43
N VAL N 37 -12.20 -99.85 168.37
CA VAL N 37 -10.98 -100.62 168.59
C VAL N 37 -10.83 -100.84 170.10
N ARG N 38 -10.68 -102.09 170.51
CA ARG N 38 -10.55 -102.41 171.93
C ARG N 38 -9.13 -102.81 172.28
N GLN N 39 -8.84 -102.76 173.58
CA GLN N 39 -7.55 -103.16 174.14
C GLN N 39 -7.82 -103.82 175.48
N ALA N 40 -7.40 -105.08 175.62
CA ALA N 40 -7.50 -105.77 176.90
C ALA N 40 -6.33 -105.40 177.81
N PRO N 41 -6.57 -105.31 179.13
CA PRO N 41 -5.47 -105.01 180.05
C PRO N 41 -4.39 -106.09 180.00
N GLY N 42 -3.20 -105.72 179.53
CA GLY N 42 -2.09 -106.63 179.37
C GLY N 42 -1.78 -106.96 177.92
N LYS N 43 -2.80 -106.98 177.06
CA LYS N 43 -2.68 -107.30 175.66
C LYS N 43 -2.83 -106.03 174.82
N GLY N 44 -2.02 -105.92 173.76
CA GLY N 44 -2.13 -104.84 172.82
C GLY N 44 -3.51 -104.74 172.20
N PRO N 45 -3.83 -103.59 171.62
CA PRO N 45 -5.18 -103.37 171.10
C PRO N 45 -5.50 -104.31 169.95
N GLU N 46 -6.80 -104.50 169.73
CA GLU N 46 -7.30 -105.23 168.57
C GLU N 46 -8.52 -104.50 168.02
N TRP N 47 -8.53 -104.30 166.70
CA TRP N 47 -9.64 -103.58 166.08
C TRP N 47 -10.93 -104.40 166.19
N VAL N 48 -12.01 -103.73 166.55
CA VAL N 48 -13.31 -104.37 166.72
C VAL N 48 -14.15 -104.25 165.45
N SER N 49 -14.28 -103.05 164.91
CA SER N 49 -15.15 -102.85 163.76
C SER N 49 -14.79 -101.58 163.02
N MET N 50 -15.06 -101.59 161.71
CA MET N 50 -14.87 -100.45 160.83
C MET N 50 -16.16 -100.21 160.06
N VAL N 51 -16.63 -98.96 160.09
CA VAL N 51 -17.91 -98.59 159.48
C VAL N 51 -17.67 -97.42 158.52
N SER N 52 -18.42 -97.42 157.43
CA SER N 52 -18.18 -96.55 156.28
C SER N 52 -18.75 -95.16 156.51
N ASN N 53 -18.68 -94.33 155.47
CA ASN N 53 -19.34 -93.03 155.49
C ASN N 53 -20.83 -93.18 155.18
N ASN N 54 -21.16 -94.05 154.22
CA ASN N 54 -22.54 -94.29 153.84
C ASN N 54 -23.32 -95.03 154.92
N GLY N 55 -22.62 -95.68 155.84
CA GLY N 55 -23.27 -96.57 156.80
C GLY N 55 -23.76 -97.86 156.20
N ALA N 56 -23.32 -98.21 154.99
CA ALA N 56 -23.73 -99.42 154.33
C ALA N 56 -22.66 -100.52 154.36
N ASP N 57 -21.39 -100.14 154.35
CA ASP N 57 -20.29 -101.09 154.39
C ASP N 57 -19.79 -101.16 155.84
N THR N 58 -20.01 -102.31 156.49
CA THR N 58 -19.60 -102.53 157.87
C THR N 58 -18.80 -103.81 157.94
N THR N 59 -17.77 -103.83 158.79
CA THR N 59 -16.94 -105.01 158.93
C THR N 59 -16.50 -105.17 160.38
N TYR N 60 -16.53 -106.41 160.87
CA TYR N 60 -16.19 -106.74 162.24
C TYR N 60 -14.99 -107.69 162.27
N THR N 61 -14.46 -107.89 163.47
CA THR N 61 -13.36 -108.82 163.66
C THR N 61 -13.82 -110.26 163.45
N ASP N 62 -12.85 -111.15 163.21
CA ASP N 62 -13.13 -112.55 162.91
C ASP N 62 -13.73 -113.32 164.07
N SER N 63 -13.75 -112.75 165.28
CA SER N 63 -14.24 -113.44 166.46
C SER N 63 -15.51 -112.84 167.03
N VAL N 64 -16.14 -111.91 166.32
CA VAL N 64 -17.29 -111.18 166.85
C VAL N 64 -18.46 -111.22 165.87
N LYS N 65 -18.39 -112.09 164.87
CA LYS N 65 -19.46 -112.17 163.88
C LYS N 65 -20.74 -112.68 164.53
N GLY N 66 -21.85 -112.03 164.20
CA GLY N 66 -23.16 -112.39 164.70
C GLY N 66 -23.50 -111.78 166.05
N ARG N 67 -22.50 -111.44 166.85
CA ARG N 67 -22.73 -110.91 168.19
C ARG N 67 -22.83 -109.38 168.21
N PHE N 68 -22.21 -108.69 167.26
CA PHE N 68 -22.15 -107.25 167.28
C PHE N 68 -22.97 -106.63 166.16
N THR N 69 -23.25 -105.34 166.31
CA THR N 69 -23.96 -104.57 165.30
C THR N 69 -23.51 -103.12 165.43
N ILE N 70 -22.77 -102.62 164.44
CA ILE N 70 -22.27 -101.26 164.45
C ILE N 70 -23.20 -100.40 163.61
N SER N 71 -23.37 -99.14 164.03
CA SER N 71 -24.22 -98.21 163.30
C SER N 71 -23.83 -96.79 163.66
N ARG N 72 -24.47 -95.84 162.99
CA ARG N 72 -24.17 -94.43 163.20
C ARG N 72 -25.40 -93.60 162.82
N ASP N 73 -25.54 -92.45 163.49
CA ASP N 73 -26.62 -91.51 163.20
C ASP N 73 -26.00 -90.18 162.82
N ASN N 74 -26.31 -89.72 161.61
CA ASN N 74 -25.72 -88.50 161.08
C ASN N 74 -26.36 -87.23 161.64
N ALA N 75 -27.57 -87.33 162.20
CA ALA N 75 -28.22 -86.16 162.77
C ALA N 75 -27.45 -85.63 163.97
N LYS N 76 -27.30 -86.47 165.00
CA LYS N 76 -26.54 -86.10 166.18
C LYS N 76 -25.04 -86.33 166.02
N ASN N 77 -24.59 -86.72 164.83
CA ASN N 77 -23.18 -86.98 164.55
C ASN N 77 -22.59 -87.94 165.58
N THR N 78 -23.21 -89.11 165.70
CA THR N 78 -22.87 -90.04 166.76
C THR N 78 -22.72 -91.45 166.21
N LEU N 79 -22.00 -92.27 166.97
CA LEU N 79 -21.65 -93.63 166.56
C LEU N 79 -22.10 -94.60 167.64
N TYR N 80 -22.88 -95.61 167.26
CA TYR N 80 -23.45 -96.59 168.18
C TYR N 80 -22.87 -97.97 167.90
N LEU N 81 -22.66 -98.74 168.96
CA LEU N 81 -22.25 -100.13 168.83
C LEU N 81 -23.04 -100.98 169.81
N ARG N 82 -23.79 -101.96 169.28
CA ARG N 82 -24.57 -102.87 170.09
C ARG N 82 -23.86 -104.21 170.17
N MET N 83 -23.54 -104.63 171.38
CA MET N 83 -22.88 -105.90 171.64
C MET N 83 -23.90 -106.84 172.25
N ASN N 84 -24.13 -107.98 171.59
CA ASN N 84 -25.02 -109.02 172.11
C ASN N 84 -24.22 -110.29 172.34
N ASN N 85 -24.74 -111.16 173.20
CA ASN N 85 -24.09 -112.41 173.57
C ASN N 85 -22.66 -112.14 174.04
N VAL N 86 -22.56 -111.36 175.10
CA VAL N 86 -21.26 -110.92 175.62
C VAL N 86 -20.51 -112.14 176.14
N LYS N 87 -19.40 -112.46 175.51
CA LYS N 87 -18.50 -113.49 176.00
C LYS N 87 -17.64 -112.96 177.14
N PRO N 88 -17.12 -113.83 178.00
CA PRO N 88 -16.25 -113.37 179.09
C PRO N 88 -14.96 -112.74 178.59
N GLU N 89 -14.51 -113.06 177.39
CA GLU N 89 -13.24 -112.55 176.88
C GLU N 89 -13.34 -111.20 176.19
N ASP N 90 -14.54 -110.76 175.82
CA ASP N 90 -14.69 -109.40 175.28
C ASP N 90 -14.54 -108.34 176.35
N SER N 91 -14.19 -108.73 177.57
CA SER N 91 -14.02 -107.81 178.68
C SER N 91 -12.73 -107.02 178.53
N ALA N 92 -12.81 -105.82 177.94
CA ALA N 92 -11.64 -105.02 177.64
C ALA N 92 -12.07 -103.55 177.56
N VAL N 93 -11.09 -102.67 177.40
CA VAL N 93 -11.33 -101.24 177.33
C VAL N 93 -11.49 -100.84 175.86
N TYR N 94 -12.67 -100.33 175.51
CA TYR N 94 -13.02 -100.03 174.12
C TYR N 94 -12.79 -98.55 173.82
N TYR N 95 -12.47 -98.26 172.56
CA TYR N 95 -12.08 -96.92 172.11
C TYR N 95 -12.78 -96.61 170.79
N CYS N 96 -13.25 -95.38 170.66
CA CYS N 96 -13.95 -94.89 169.47
C CYS N 96 -13.04 -93.92 168.73
N ALA N 97 -12.87 -94.12 167.42
CA ALA N 97 -11.90 -93.36 166.66
C ALA N 97 -12.43 -93.04 165.27
N LYS N 98 -11.83 -92.02 164.66
CA LYS N 98 -12.30 -91.45 163.40
C LYS N 98 -11.26 -91.70 162.32
N ARG N 99 -11.63 -92.50 161.30
CA ARG N 99 -10.69 -92.94 160.29
C ARG N 99 -10.01 -91.77 159.60
N ARG N 100 -8.80 -92.02 159.11
CA ARG N 100 -8.09 -91.05 158.28
C ARG N 100 -8.86 -90.75 157.00
N TYR N 101 -9.19 -91.79 156.24
CA TYR N 101 -9.95 -91.66 155.01
C TYR N 101 -11.40 -92.09 155.24
N GLY N 102 -12.21 -91.89 154.21
CA GLY N 102 -13.58 -92.37 154.22
C GLY N 102 -13.77 -93.81 153.85
N GLY N 103 -12.68 -94.55 153.64
CA GLY N 103 -12.76 -95.94 153.26
C GLY N 103 -12.60 -96.90 154.44
N ILE N 104 -12.63 -98.19 154.11
CA ILE N 104 -12.55 -99.26 155.09
C ILE N 104 -11.38 -100.19 154.80
N TRP N 105 -11.22 -100.58 153.53
CA TRP N 105 -10.26 -101.61 153.15
C TRP N 105 -8.92 -101.05 152.70
N THR N 106 -8.88 -99.79 152.26
CA THR N 106 -7.62 -99.17 151.86
C THR N 106 -6.78 -98.94 153.10
N GLY N 107 -5.85 -99.85 153.36
CA GLY N 107 -5.02 -99.71 154.55
C GLY N 107 -5.57 -100.47 155.74
N GLN N 108 -4.67 -100.89 156.61
CA GLN N 108 -5.06 -101.63 157.80
C GLN N 108 -5.61 -100.66 158.86
N PRO N 109 -6.44 -101.15 159.78
CA PRO N 109 -7.12 -100.24 160.72
C PRO N 109 -6.16 -99.55 161.68
N THR N 110 -5.94 -98.25 161.46
CA THR N 110 -5.12 -97.40 162.31
C THR N 110 -5.69 -95.99 162.24
N ASP N 111 -5.52 -95.23 163.32
CA ASP N 111 -6.17 -93.94 163.47
C ASP N 111 -5.16 -92.84 163.77
N TYR N 112 -5.65 -91.60 163.75
CA TYR N 112 -4.86 -90.39 163.89
C TYR N 112 -5.55 -89.39 164.83
N ASP N 113 -6.19 -89.87 165.88
CA ASP N 113 -6.97 -88.96 166.73
C ASP N 113 -7.00 -89.49 168.17
N TYR N 114 -7.92 -88.95 168.96
CA TYR N 114 -7.97 -89.07 170.41
C TYR N 114 -8.72 -90.35 170.82
N LEU N 115 -9.12 -90.43 172.09
CA LEU N 115 -9.73 -91.61 172.66
C LEU N 115 -10.67 -91.19 173.78
N GLY N 116 -11.62 -92.06 174.11
CA GLY N 116 -12.51 -91.81 175.22
C GLY N 116 -12.32 -92.79 176.37
N GLN N 117 -13.28 -93.69 176.56
CA GLN N 117 -13.25 -94.65 177.64
C GLN N 117 -13.86 -95.96 177.16
N GLY N 118 -13.86 -96.95 178.06
CA GLY N 118 -14.44 -98.25 177.78
C GLY N 118 -14.50 -99.10 179.04
N THR N 119 -15.64 -99.75 179.27
CA THR N 119 -15.86 -100.49 180.51
C THR N 119 -15.58 -101.98 180.30
N VAL N 120 -15.68 -102.73 181.39
CA VAL N 120 -15.12 -104.07 181.48
C VAL N 120 -16.12 -104.98 182.19
N THR N 121 -16.34 -106.17 181.63
CA THR N 121 -17.22 -107.17 182.24
C THR N 121 -16.70 -108.59 182.04
N GLN O 1 -8.22 -22.96 -59.84
CA GLN O 1 -9.46 -22.41 -59.31
C GLN O 1 -9.35 -22.18 -57.80
N VAL O 2 -10.23 -21.34 -57.28
CA VAL O 2 -10.18 -20.97 -55.87
C VAL O 2 -10.59 -22.17 -55.02
N GLN O 3 -9.69 -22.60 -54.13
CA GLN O 3 -10.01 -23.65 -53.17
C GLN O 3 -9.29 -23.35 -51.87
N LEU O 4 -9.95 -23.68 -50.76
CA LEU O 4 -9.42 -23.48 -49.41
C LEU O 4 -9.44 -24.83 -48.73
N GLN O 5 -8.26 -25.44 -48.57
CA GLN O 5 -8.12 -26.71 -47.88
C GLN O 5 -7.33 -26.51 -46.59
N GLU O 6 -7.96 -26.83 -45.47
CA GLU O 6 -7.34 -26.66 -44.15
C GLU O 6 -7.09 -28.01 -43.50
N SER O 7 -6.23 -28.00 -42.50
CA SER O 7 -5.83 -29.20 -41.77
C SER O 7 -5.10 -28.76 -40.50
N GLY O 8 -4.53 -29.73 -39.79
CA GLY O 8 -3.83 -29.49 -38.54
C GLY O 8 -4.65 -29.74 -37.30
N GLY O 9 -5.96 -29.96 -37.44
CA GLY O 9 -6.80 -30.21 -36.30
C GLY O 9 -6.74 -31.64 -35.82
N GLY O 10 -7.36 -31.87 -34.66
CA GLY O 10 -7.45 -33.20 -34.10
C GLY O 10 -7.98 -33.15 -32.68
N MET O 11 -7.87 -34.29 -32.01
CA MET O 11 -8.23 -34.37 -30.60
C MET O 11 -7.11 -33.79 -29.75
N VAL O 12 -7.50 -33.11 -28.66
CA VAL O 12 -6.56 -32.64 -27.66
C VAL O 12 -7.24 -32.73 -26.31
N GLN O 13 -6.53 -32.43 -25.23
CA GLN O 13 -7.16 -32.37 -23.93
C GLN O 13 -7.31 -30.91 -23.49
N PRO O 14 -8.32 -30.60 -22.67
CA PRO O 14 -8.55 -29.20 -22.30
C PRO O 14 -7.33 -28.58 -21.64
N GLY O 15 -7.05 -27.33 -22.02
CA GLY O 15 -5.85 -26.64 -21.60
C GLY O 15 -4.65 -26.84 -22.49
N GLY O 16 -4.83 -27.42 -23.67
CA GLY O 16 -3.75 -27.70 -24.59
C GLY O 16 -3.63 -26.65 -25.69
N SER O 17 -3.10 -27.08 -26.83
CA SER O 17 -2.88 -26.19 -27.96
C SER O 17 -3.25 -26.90 -29.25
N LEU O 18 -3.37 -26.10 -30.31
CA LEU O 18 -3.67 -26.63 -31.63
C LEU O 18 -3.23 -25.61 -32.67
N ARG O 19 -2.75 -26.10 -33.82
CA ARG O 19 -2.19 -25.22 -34.86
C ARG O 19 -2.87 -25.54 -36.19
N LEU O 20 -3.87 -24.73 -36.56
CA LEU O 20 -4.64 -24.95 -37.77
C LEU O 20 -4.01 -24.22 -38.95
N SER O 21 -3.86 -24.94 -40.06
CA SER O 21 -3.29 -24.39 -41.29
C SER O 21 -4.34 -24.40 -42.38
N CYS O 22 -4.29 -23.39 -43.25
CA CYS O 22 -5.23 -23.25 -44.35
C CYS O 22 -4.46 -22.87 -45.60
N LEU O 23 -4.50 -23.72 -46.62
CA LEU O 23 -3.87 -23.47 -47.90
C LEU O 23 -4.95 -23.05 -48.89
N ALA O 24 -4.76 -21.88 -49.48
CA ALA O 24 -5.68 -21.34 -50.47
C ALA O 24 -4.97 -21.25 -51.82
N SER O 25 -5.68 -21.59 -52.89
CA SER O 25 -5.09 -21.51 -54.22
C SER O 25 -6.12 -21.00 -55.22
N GLY O 26 -5.61 -20.33 -56.26
CA GLY O 26 -6.42 -19.86 -57.37
C GLY O 26 -6.52 -18.36 -57.51
N PHE O 27 -6.09 -17.58 -56.53
CA PHE O 27 -6.20 -16.13 -56.60
C PHE O 27 -4.95 -15.49 -55.98
N THR O 28 -4.95 -14.14 -55.98
CA THR O 28 -3.88 -13.36 -55.40
C THR O 28 -4.04 -13.32 -53.88
N PHE O 29 -3.14 -13.99 -53.17
CA PHE O 29 -3.31 -14.19 -51.73
C PHE O 29 -3.08 -12.90 -50.95
N SER O 30 -1.95 -12.24 -51.20
CA SER O 30 -1.54 -11.09 -50.39
C SER O 30 -2.51 -9.91 -50.45
N ASN O 31 -3.49 -9.94 -51.36
CA ASN O 31 -4.37 -8.79 -51.55
C ASN O 31 -5.59 -8.82 -50.63
N TYR O 32 -6.11 -10.00 -50.31
CA TYR O 32 -7.36 -10.12 -49.60
C TYR O 32 -7.12 -10.46 -48.14
N ALA O 33 -7.94 -9.88 -47.27
CA ALA O 33 -7.90 -10.24 -45.86
C ALA O 33 -8.57 -11.60 -45.65
N MET O 34 -8.23 -12.24 -44.54
CA MET O 34 -8.70 -13.59 -44.29
C MET O 34 -9.42 -13.67 -42.95
N THR O 35 -10.23 -14.71 -42.78
CA THR O 35 -10.99 -14.90 -41.56
C THR O 35 -11.03 -16.36 -41.17
N TRP O 36 -10.92 -16.58 -39.86
CA TRP O 36 -11.23 -17.87 -39.25
C TRP O 36 -12.60 -17.74 -38.58
N VAL O 37 -13.49 -18.66 -38.91
CA VAL O 37 -14.84 -18.68 -38.36
C VAL O 37 -15.14 -20.11 -37.93
N ARG O 38 -15.55 -20.29 -36.68
CA ARG O 38 -15.86 -21.62 -36.20
C ARG O 38 -17.36 -21.78 -36.09
N GLN O 39 -17.80 -23.03 -36.01
CA GLN O 39 -19.22 -23.33 -35.87
C GLN O 39 -19.39 -24.53 -34.95
N ALA O 40 -20.09 -24.34 -33.86
CA ALA O 40 -20.41 -25.48 -33.02
C ALA O 40 -21.62 -26.22 -33.58
N PRO O 41 -21.66 -27.55 -33.46
CA PRO O 41 -22.81 -28.31 -33.96
C PRO O 41 -24.10 -27.92 -33.24
N GLY O 42 -25.04 -27.39 -34.01
CA GLY O 42 -26.33 -26.92 -33.51
C GLY O 42 -26.50 -25.42 -33.59
N LYS O 43 -25.41 -24.67 -33.44
CA LYS O 43 -25.43 -23.21 -33.52
C LYS O 43 -24.78 -22.77 -34.82
N GLY O 44 -25.34 -21.74 -35.45
CA GLY O 44 -24.74 -21.17 -36.63
C GLY O 44 -23.32 -20.71 -36.34
N PRO O 45 -22.53 -20.53 -37.40
CA PRO O 45 -21.12 -20.21 -37.20
C PRO O 45 -20.93 -18.89 -36.45
N GLU O 46 -19.75 -18.75 -35.86
CA GLU O 46 -19.35 -17.50 -35.22
C GLU O 46 -17.91 -17.19 -35.62
N TRP O 47 -17.67 -15.95 -36.00
CA TRP O 47 -16.34 -15.56 -36.44
C TRP O 47 -15.35 -15.64 -35.29
N VAL O 48 -14.19 -16.20 -35.56
CA VAL O 48 -13.12 -16.34 -34.57
C VAL O 48 -12.11 -15.20 -34.69
N SER O 49 -11.67 -14.91 -35.92
CA SER O 49 -10.61 -13.94 -36.10
C SER O 49 -10.65 -13.37 -37.51
N MET O 50 -10.18 -12.13 -37.64
CA MET O 50 -10.04 -11.43 -38.90
C MET O 50 -8.61 -10.90 -38.98
N VAL O 51 -7.93 -11.20 -40.09
CA VAL O 51 -6.52 -10.88 -40.28
C VAL O 51 -6.35 -10.10 -41.58
N SER O 52 -5.42 -9.15 -41.56
CA SER O 52 -5.26 -8.14 -42.60
C SER O 52 -4.45 -8.65 -43.78
N ASN O 53 -4.19 -7.75 -44.73
CA ASN O 53 -3.27 -8.00 -45.82
C ASN O 53 -1.82 -7.77 -45.38
N ASN O 54 -1.60 -6.72 -44.58
CA ASN O 54 -0.27 -6.45 -44.05
C ASN O 54 0.16 -7.49 -43.03
N GLY O 55 -0.79 -8.25 -42.48
CA GLY O 55 -0.51 -9.14 -41.38
C GLY O 55 -0.30 -8.43 -40.07
N ALA O 56 -0.63 -7.14 -40.00
CA ALA O 56 -0.44 -6.34 -38.79
C ALA O 56 -1.74 -6.07 -38.03
N ASP O 57 -2.87 -5.98 -38.71
CA ASP O 57 -4.16 -5.72 -38.06
C ASP O 57 -4.91 -7.03 -37.90
N THR O 58 -5.05 -7.47 -36.65
CA THR O 58 -5.74 -8.71 -36.30
C THR O 58 -6.80 -8.43 -35.24
N THR O 59 -7.92 -9.13 -35.31
CA THR O 59 -8.99 -8.97 -34.32
C THR O 59 -9.64 -10.31 -34.05
N TYR O 60 -9.92 -10.57 -32.78
CA TYR O 60 -10.51 -11.83 -32.33
C TYR O 60 -11.85 -11.59 -31.65
N THR O 61 -12.56 -12.69 -31.38
CA THR O 61 -13.83 -12.62 -30.68
C THR O 61 -13.62 -12.18 -29.23
N ASP O 62 -14.71 -11.70 -28.61
CA ASP O 62 -14.63 -11.18 -27.26
C ASP O 62 -14.32 -12.24 -26.21
N SER O 63 -14.38 -13.52 -26.58
CA SER O 63 -14.17 -14.60 -25.63
C SER O 63 -12.90 -15.41 -25.92
N VAL O 64 -12.08 -14.96 -26.87
CA VAL O 64 -10.90 -15.72 -27.27
C VAL O 64 -9.68 -14.81 -27.25
N LYS O 65 -9.83 -13.61 -26.69
CA LYS O 65 -8.72 -12.68 -26.62
C LYS O 65 -7.66 -13.18 -25.66
N GLY O 66 -6.39 -13.12 -26.08
CA GLY O 66 -5.28 -13.57 -25.28
C GLY O 66 -4.97 -15.06 -25.43
N ARG O 67 -5.96 -15.86 -25.81
CA ARG O 67 -5.76 -17.30 -25.94
C ARG O 67 -5.31 -17.70 -27.35
N PHE O 68 -5.66 -16.91 -28.36
CA PHE O 68 -5.40 -17.28 -29.74
C PHE O 68 -4.35 -16.35 -30.35
N THR O 69 -3.79 -16.79 -31.48
CA THR O 69 -2.81 -15.99 -32.21
C THR O 69 -2.92 -16.35 -33.68
N ILE O 70 -3.39 -15.42 -34.49
CA ILE O 70 -3.55 -15.63 -35.92
C ILE O 70 -2.36 -15.02 -36.66
N SER O 71 -1.97 -15.65 -37.76
CA SER O 71 -0.86 -15.16 -38.56
C SER O 71 -0.99 -15.73 -39.97
N ARG O 72 -0.12 -15.30 -40.86
CA ARG O 72 -0.20 -15.71 -42.25
C ARG O 72 1.19 -15.66 -42.89
N ASP O 73 1.39 -16.53 -43.88
CA ASP O 73 2.63 -16.57 -44.65
C ASP O 73 2.30 -16.39 -46.12
N ASN O 74 2.85 -15.33 -46.72
CA ASN O 74 2.56 -15.00 -48.11
C ASN O 74 3.33 -15.87 -49.09
N ALA O 75 4.39 -16.55 -48.65
CA ALA O 75 5.18 -17.38 -49.56
C ALA O 75 4.36 -18.54 -50.10
N LYS O 76 3.88 -19.42 -49.22
CA LYS O 76 3.03 -20.52 -49.63
C LYS O 76 1.56 -20.12 -49.74
N ASN O 77 1.25 -18.84 -49.57
CA ASN O 77 -0.12 -18.33 -49.62
C ASN O 77 -1.01 -19.09 -48.63
N THR O 78 -0.59 -19.08 -47.36
CA THR O 78 -1.22 -19.91 -46.34
C THR O 78 -1.50 -19.11 -45.07
N LEU O 79 -2.44 -19.64 -44.28
CA LEU O 79 -2.95 -18.97 -43.08
C LEU O 79 -2.80 -19.89 -41.87
N TYR O 80 -2.18 -19.39 -40.81
CA TYR O 80 -1.92 -20.16 -39.60
C TYR O 80 -2.71 -19.60 -38.43
N LEU O 81 -3.20 -20.48 -37.56
CA LEU O 81 -3.87 -20.07 -36.33
C LEU O 81 -3.40 -20.96 -35.18
N ARG O 82 -2.81 -20.34 -34.15
CA ARG O 82 -2.33 -21.02 -32.97
C ARG O 82 -3.29 -20.79 -31.81
N MET O 83 -3.87 -21.87 -31.30
CA MET O 83 -4.81 -21.82 -30.17
C MET O 83 -4.14 -22.41 -28.94
N ASN O 84 -4.07 -21.62 -27.87
CA ASN O 84 -3.58 -22.07 -26.58
C ASN O 84 -4.69 -21.94 -25.56
N ASN O 85 -4.56 -22.69 -24.46
CA ASN O 85 -5.55 -22.72 -23.39
C ASN O 85 -6.93 -23.05 -23.95
N VAL O 86 -7.02 -24.24 -24.55
CA VAL O 86 -8.26 -24.69 -25.19
C VAL O 86 -9.32 -24.90 -24.12
N LYS O 87 -10.37 -24.08 -24.17
CA LYS O 87 -11.50 -24.28 -23.28
C LYS O 87 -12.38 -25.40 -23.81
N PRO O 88 -13.16 -26.04 -22.94
CA PRO O 88 -14.05 -27.11 -23.41
C PRO O 88 -15.11 -26.62 -24.38
N GLU O 89 -15.46 -25.33 -24.33
CA GLU O 89 -16.50 -24.78 -25.18
C GLU O 89 -15.99 -24.31 -26.54
N ASP O 90 -14.67 -24.15 -26.70
CA ASP O 90 -14.11 -23.84 -28.01
C ASP O 90 -14.16 -25.03 -28.96
N SER O 91 -14.76 -26.13 -28.53
CA SER O 91 -14.88 -27.36 -29.31
C SER O 91 -15.91 -27.15 -30.41
N ALA O 92 -15.44 -26.80 -31.60
CA ALA O 92 -16.33 -26.50 -32.71
C ALA O 92 -15.62 -26.74 -34.03
N VAL O 93 -16.37 -26.64 -35.12
CA VAL O 93 -15.85 -26.88 -36.46
C VAL O 93 -15.36 -25.55 -37.03
N TYR O 94 -14.08 -25.50 -37.39
CA TYR O 94 -13.45 -24.27 -37.81
C TYR O 94 -13.51 -24.11 -39.31
N TYR O 95 -13.60 -22.86 -39.76
CA TYR O 95 -13.79 -22.54 -41.17
C TYR O 95 -12.79 -21.46 -41.55
N CYS O 96 -12.13 -21.64 -42.71
CA CYS O 96 -11.16 -20.68 -43.22
C CYS O 96 -11.75 -20.04 -44.47
N ALA O 97 -11.77 -18.71 -44.51
CA ALA O 97 -12.48 -18.02 -45.58
C ALA O 97 -11.75 -16.74 -45.95
N LYS O 98 -12.02 -16.26 -47.16
CA LYS O 98 -11.32 -15.13 -47.76
C LYS O 98 -12.29 -13.97 -47.95
N ARG O 99 -12.04 -12.87 -47.23
CA ARG O 99 -12.97 -11.76 -47.14
C ARG O 99 -13.33 -11.21 -48.52
N ARG O 100 -14.49 -10.56 -48.59
CA ARG O 100 -14.90 -9.87 -49.81
C ARG O 100 -13.87 -8.81 -50.20
N TYR O 101 -13.53 -7.93 -49.25
CA TYR O 101 -12.53 -6.90 -49.47
C TYR O 101 -11.22 -7.31 -48.81
N GLY O 102 -10.19 -6.50 -49.04
CA GLY O 102 -8.93 -6.68 -48.35
C GLY O 102 -8.88 -6.10 -46.97
N GLY O 103 -10.02 -5.56 -46.50
CA GLY O 103 -10.09 -4.95 -45.19
C GLY O 103 -10.64 -5.89 -44.12
N ILE O 104 -10.77 -5.33 -42.92
CA ILE O 104 -11.22 -6.05 -41.74
C ILE O 104 -12.48 -5.42 -41.15
N TRP O 105 -12.47 -4.10 -41.00
CA TRP O 105 -13.52 -3.36 -40.32
C TRP O 105 -14.58 -2.83 -41.27
N THR O 106 -14.22 -2.62 -42.54
CA THR O 106 -15.14 -2.15 -43.57
C THR O 106 -16.11 -3.27 -43.89
N GLY O 107 -17.30 -3.21 -43.32
CA GLY O 107 -18.28 -4.27 -43.54
C GLY O 107 -18.24 -5.32 -42.45
N GLN O 108 -19.41 -5.93 -42.22
CA GLN O 108 -19.55 -6.94 -41.18
C GLN O 108 -18.97 -8.28 -41.66
N PRO O 109 -18.53 -9.13 -40.72
CA PRO O 109 -17.83 -10.36 -41.13
C PRO O 109 -18.73 -11.37 -41.82
N THR O 110 -18.59 -11.46 -43.14
CA THR O 110 -19.29 -12.44 -43.96
C THR O 110 -18.40 -12.76 -45.15
N ASP O 111 -18.50 -13.99 -45.65
CA ASP O 111 -17.61 -14.45 -46.69
C ASP O 111 -18.39 -15.03 -47.86
N TYR O 112 -17.67 -15.31 -48.95
CA TYR O 112 -18.27 -15.72 -50.21
C TYR O 112 -17.46 -16.84 -50.87
N ASP O 113 -16.98 -17.82 -50.08
CA ASP O 113 -16.13 -18.84 -50.68
C ASP O 113 -16.30 -20.17 -49.94
N TYR O 114 -15.37 -21.09 -50.22
CA TYR O 114 -15.48 -22.51 -49.91
C TYR O 114 -14.98 -22.84 -48.50
N LEU O 115 -14.77 -24.12 -48.23
CA LEU O 115 -14.48 -24.57 -46.88
C LEU O 115 -13.65 -25.86 -46.90
N GLY O 116 -12.96 -26.10 -45.79
CA GLY O 116 -12.18 -27.32 -45.57
C GLY O 116 -12.72 -28.19 -44.44
N GLN O 117 -12.06 -28.18 -43.29
CA GLN O 117 -12.42 -29.02 -42.16
C GLN O 117 -12.21 -28.26 -40.85
N GLY O 118 -12.55 -28.90 -39.75
CA GLY O 118 -12.36 -28.37 -38.41
C GLY O 118 -12.65 -29.43 -37.36
N THR O 119 -11.77 -29.57 -36.37
CA THR O 119 -11.86 -30.64 -35.40
C THR O 119 -12.47 -30.15 -34.08
N VAL O 120 -12.66 -31.10 -33.16
CA VAL O 120 -13.53 -30.92 -32.00
C VAL O 120 -12.85 -31.55 -30.79
N THR O 121 -12.88 -30.83 -29.67
CA THR O 121 -12.33 -31.31 -28.41
C THR O 121 -13.18 -30.86 -27.21
N GLN P 1 25.95 161.98 -93.92
CA GLN P 1 24.63 161.88 -94.53
C GLN P 1 24.76 161.84 -96.05
N VAL P 2 23.69 161.41 -96.71
CA VAL P 2 23.72 161.17 -98.16
C VAL P 2 23.85 162.50 -98.89
N GLN P 3 24.92 162.61 -99.70
CA GLN P 3 25.11 163.74 -100.59
C GLN P 3 25.75 163.23 -101.88
N LEU P 4 25.31 163.79 -103.00
CA LEU P 4 25.78 163.40 -104.33
C LEU P 4 26.31 164.63 -105.05
N GLN P 5 27.63 164.72 -105.22
CA GLN P 5 28.25 165.82 -105.95
C GLN P 5 28.88 165.27 -107.23
N GLU P 6 28.42 165.77 -108.38
CA GLU P 6 28.93 165.36 -109.66
C GLU P 6 29.68 166.51 -110.31
N SER P 7 30.51 166.18 -111.29
CA SER P 7 31.34 167.17 -111.98
C SER P 7 31.89 166.51 -113.25
N GLY P 8 32.78 167.22 -113.93
CA GLY P 8 33.34 166.78 -115.18
C GLY P 8 32.67 167.32 -116.41
N GLY P 9 31.51 167.98 -116.26
CA GLY P 9 30.81 168.52 -117.39
C GLY P 9 31.37 169.84 -117.87
N GLY P 10 30.90 170.26 -119.03
CA GLY P 10 31.31 171.52 -119.60
C GLY P 10 30.86 171.62 -121.04
N MET P 11 31.39 172.63 -121.73
CA MET P 11 31.17 172.78 -123.15
C MET P 11 32.04 171.81 -123.93
N VAL P 12 31.49 171.27 -125.02
CA VAL P 12 32.24 170.44 -125.96
C VAL P 12 31.69 170.74 -127.35
N GLN P 13 32.32 170.17 -128.37
CA GLN P 13 31.78 170.29 -129.70
C GLN P 13 31.21 168.95 -130.18
N PRO P 14 30.23 168.95 -131.07
CA PRO P 14 29.62 167.69 -131.50
C PRO P 14 30.64 166.75 -132.12
N GLY P 15 30.56 165.48 -131.75
CA GLY P 15 31.56 164.50 -132.13
C GLY P 15 32.73 164.40 -131.19
N GLY P 16 32.65 165.01 -130.02
CA GLY P 16 33.70 165.02 -129.03
C GLY P 16 33.50 163.98 -127.95
N SER P 17 34.05 164.26 -126.77
CA SER P 17 33.97 163.34 -125.65
C SER P 17 33.70 164.10 -124.37
N LEU P 18 33.31 163.36 -123.35
CA LEU P 18 33.10 163.92 -122.02
C LEU P 18 33.18 162.80 -121.01
N ARG P 19 33.70 163.14 -119.83
CA ARG P 19 33.94 162.17 -118.76
C ARG P 19 33.26 162.70 -117.50
N LEU P 20 32.05 162.23 -117.23
CA LEU P 20 31.27 162.71 -116.10
C LEU P 20 31.53 161.83 -114.87
N SER P 21 31.84 162.48 -113.75
CA SER P 21 32.12 161.79 -112.50
C SER P 21 31.07 162.16 -111.46
N CYS P 22 30.74 161.19 -110.61
CA CYS P 22 29.77 161.40 -109.55
C CYS P 22 30.31 160.78 -108.26
N LEU P 23 30.53 161.62 -107.26
CA LEU P 23 30.97 161.17 -105.94
C LEU P 23 29.79 161.20 -104.98
N ALA P 24 29.50 160.06 -104.37
CA ALA P 24 28.43 159.93 -103.39
C ALA P 24 29.05 159.62 -102.04
N SER P 25 28.53 160.26 -100.99
CA SER P 25 29.04 160.01 -99.64
C SER P 25 27.89 160.02 -98.65
N GLY P 26 28.06 159.27 -97.57
CA GLY P 26 27.09 159.24 -96.49
C GLY P 26 26.39 157.92 -96.31
N PHE P 27 26.52 156.99 -97.27
CA PHE P 27 25.85 155.71 -97.19
C PHE P 27 26.80 154.62 -97.69
N THR P 28 26.31 153.38 -97.67
CA THR P 28 27.08 152.23 -98.14
C THR P 28 27.07 152.21 -99.67
N PHE P 29 28.22 152.52 -100.28
CA PHE P 29 28.27 152.68 -101.73
C PHE P 29 28.15 151.34 -102.44
N SER P 30 28.96 150.36 -102.03
CA SER P 30 29.03 149.08 -102.72
C SER P 30 27.71 148.32 -102.73
N ASN P 31 26.71 148.77 -101.95
CA ASN P 31 25.47 148.03 -101.81
C ASN P 31 24.43 148.38 -102.86
N TYR P 32 24.38 149.64 -103.28
CA TYR P 32 23.30 150.13 -104.13
C TYR P 32 23.73 150.28 -105.59
N ALA P 33 22.82 149.97 -106.50
CA ALA P 33 23.02 150.23 -107.91
C ALA P 33 22.85 151.71 -108.20
N MET P 34 23.42 152.17 -109.32
CA MET P 34 23.41 153.59 -109.62
C MET P 34 22.79 153.84 -110.99
N THR P 35 22.36 155.08 -111.22
CA THR P 35 21.70 155.45 -112.45
C THR P 35 22.10 156.85 -112.90
N TRP P 36 22.26 157.00 -114.21
CA TRP P 36 22.33 158.30 -114.86
C TRP P 36 21.01 158.58 -115.55
N VAL P 37 20.42 159.74 -115.24
CA VAL P 37 19.14 160.19 -115.81
C VAL P 37 19.31 161.63 -116.25
N ARG P 38 19.02 161.93 -117.51
CA ARG P 38 19.19 163.28 -118.02
C ARG P 38 17.85 163.97 -118.19
N GLN P 39 17.92 165.30 -118.31
CA GLN P 39 16.75 166.13 -118.54
C GLN P 39 17.11 167.26 -119.49
N ALA P 40 16.44 167.32 -120.64
CA ALA P 40 16.61 168.45 -121.53
C ALA P 40 15.70 169.58 -121.07
N PRO P 41 16.13 170.84 -121.23
CA PRO P 41 15.28 171.96 -120.83
C PRO P 41 13.98 171.98 -121.61
N GLY P 42 12.87 171.78 -120.90
CA GLY P 42 11.54 171.72 -121.48
C GLY P 42 10.90 170.34 -121.44
N LYS P 43 11.71 169.29 -121.54
CA LYS P 43 11.21 167.92 -121.55
C LYS P 43 11.53 167.23 -120.23
N GLY P 44 10.58 166.43 -119.75
CA GLY P 44 10.77 165.61 -118.57
C GLY P 44 11.95 164.66 -118.69
N PRO P 45 12.41 164.15 -117.55
CA PRO P 45 13.63 163.33 -117.55
C PRO P 45 13.46 162.04 -118.34
N GLU P 46 14.60 161.49 -118.76
CA GLU P 46 14.68 160.18 -119.37
C GLU P 46 15.92 159.47 -118.83
N TRP P 47 15.75 158.21 -118.43
CA TRP P 47 16.87 157.47 -117.86
C TRP P 47 17.92 157.20 -118.93
N VAL P 48 19.18 157.41 -118.58
CA VAL P 48 20.30 157.21 -119.48
C VAL P 48 20.93 155.83 -119.29
N SER P 49 21.23 155.46 -118.04
CA SER P 49 21.93 154.20 -117.83
C SER P 49 21.73 153.72 -116.40
N MET P 50 21.79 152.38 -116.24
CA MET P 50 21.70 151.72 -114.94
C MET P 50 22.85 150.74 -114.79
N VAL P 51 23.56 150.84 -113.66
CA VAL P 51 24.75 150.03 -113.40
C VAL P 51 24.60 149.33 -112.04
N SER P 52 25.11 148.10 -111.97
CA SER P 52 24.90 147.18 -110.86
C SER P 52 25.86 147.48 -109.71
N ASN P 53 25.85 146.61 -108.69
CA ASN P 53 26.84 146.69 -107.63
C ASN P 53 28.15 146.05 -108.04
N ASN P 54 28.08 144.88 -108.69
CA ASN P 54 29.28 144.19 -109.17
C ASN P 54 29.95 144.89 -110.34
N GLY P 55 29.25 145.80 -111.01
CA GLY P 55 29.76 146.35 -112.25
C GLY P 55 29.67 145.44 -113.44
N ALA P 56 28.87 144.37 -113.35
CA ALA P 56 28.70 143.44 -114.45
C ALA P 56 27.41 143.65 -115.23
N ASP P 57 26.37 144.15 -114.57
CA ASP P 57 25.09 144.43 -115.22
C ASP P 57 25.03 145.92 -115.56
N THR P 58 25.08 146.22 -116.84
CA THR P 58 25.02 147.60 -117.34
C THR P 58 23.93 147.68 -118.39
N THR P 59 23.20 148.81 -118.40
CA THR P 59 22.13 148.99 -119.37
C THR P 59 22.05 150.45 -119.78
N TYR P 60 21.87 150.68 -121.08
CA TYR P 60 21.79 152.01 -121.65
C TYR P 60 20.43 152.20 -122.32
N THR P 61 20.13 153.45 -122.67
CA THR P 61 18.91 153.74 -123.40
C THR P 61 19.02 153.23 -124.83
N ASP P 62 17.87 153.09 -125.49
CA ASP P 62 17.83 152.54 -126.85
C ASP P 62 18.48 153.45 -127.88
N SER P 63 18.80 154.70 -127.54
CA SER P 63 19.34 155.65 -128.50
C SER P 63 20.79 156.04 -128.20
N VAL P 64 21.44 155.39 -127.25
CA VAL P 64 22.80 155.77 -126.85
C VAL P 64 23.69 154.54 -126.85
N LYS P 65 23.20 153.43 -127.38
CA LYS P 65 23.97 152.20 -127.41
C LYS P 65 25.14 152.32 -128.38
N GLY P 66 26.30 151.84 -127.93
CA GLY P 66 27.52 151.88 -128.72
C GLY P 66 28.31 153.18 -128.56
N ARG P 67 27.64 154.28 -128.22
CA ARG P 67 28.32 155.56 -128.07
C ARG P 67 28.81 155.82 -126.65
N PHE P 68 28.18 155.22 -125.65
CA PHE P 68 28.46 155.50 -124.25
C PHE P 68 29.13 154.33 -123.56
N THR P 69 29.72 154.60 -122.40
CA THR P 69 30.33 153.56 -121.58
C THR P 69 30.24 153.98 -120.12
N ILE P 70 29.41 153.26 -119.36
CA ILE P 70 29.22 153.54 -117.93
C ILE P 70 30.08 152.57 -117.13
N SER P 71 30.59 153.03 -116.00
CA SER P 71 31.40 152.20 -115.12
C SER P 71 31.40 152.82 -113.73
N ARG P 72 32.01 152.11 -112.78
CA ARG P 72 32.05 152.57 -111.40
C ARG P 72 33.27 151.98 -110.72
N ASP P 73 33.81 152.71 -109.75
CA ASP P 73 34.91 152.22 -108.94
C ASP P 73 34.49 152.28 -107.47
N ASN P 74 34.47 151.12 -106.82
CA ASN P 74 34.04 151.02 -105.44
C ASN P 74 35.11 151.50 -104.47
N ALA P 75 36.36 151.61 -104.91
CA ALA P 75 37.43 152.05 -104.03
C ALA P 75 37.18 153.48 -103.54
N LYS P 76 37.14 154.44 -104.48
CA LYS P 76 36.82 155.81 -104.12
C LYS P 76 35.32 156.08 -104.04
N ASN P 77 34.49 155.04 -104.16
CA ASN P 77 33.04 155.16 -104.11
C ASN P 77 32.54 156.18 -105.14
N THR P 78 32.89 155.94 -106.40
CA THR P 78 32.63 156.92 -107.45
C THR P 78 32.06 156.23 -108.69
N LEU P 79 31.38 157.05 -109.51
CA LEU P 79 30.68 156.59 -110.70
C LEU P 79 31.17 157.37 -111.91
N TYR P 80 31.58 156.65 -112.95
CA TYR P 80 32.14 157.24 -114.16
C TYR P 80 31.21 156.99 -115.34
N LEU P 81 31.08 157.99 -116.21
CA LEU P 81 30.35 157.82 -117.47
C LEU P 81 31.13 158.50 -118.58
N ARG P 82 31.52 157.74 -119.60
CA ARG P 82 32.24 158.27 -120.74
C ARG P 82 31.26 158.39 -121.91
N MET P 83 31.10 159.62 -122.40
CA MET P 83 30.22 159.95 -123.51
C MET P 83 31.06 160.28 -124.74
N ASN P 84 30.84 159.52 -125.82
CA ASN P 84 31.47 159.76 -127.11
C ASN P 84 30.39 160.04 -128.15
N ASN P 85 30.81 160.68 -129.24
CA ASN P 85 29.91 161.02 -130.36
C ASN P 85 28.71 161.83 -129.86
N VAL P 86 28.99 163.01 -129.33
CA VAL P 86 27.95 163.86 -128.76
C VAL P 86 27.02 164.30 -129.88
N LYS P 87 25.77 163.87 -129.81
CA LYS P 87 24.74 164.33 -130.73
C LYS P 87 24.25 165.71 -130.30
N PRO P 88 23.71 166.49 -131.23
CA PRO P 88 23.20 167.82 -130.83
C PRO P 88 22.06 167.77 -129.84
N GLU P 89 21.28 166.69 -129.85
CA GLU P 89 20.13 166.56 -128.97
C GLU P 89 20.46 165.90 -127.64
N ASP P 90 21.62 165.26 -127.51
CA ASP P 90 22.06 164.74 -126.20
C ASP P 90 22.44 165.85 -125.25
N SER P 91 22.21 167.09 -125.71
CA SER P 91 22.48 168.29 -124.96
C SER P 91 21.46 168.47 -123.85
N ALA P 92 21.79 168.01 -122.64
CA ALA P 92 20.84 168.05 -121.54
C ALA P 92 21.60 168.07 -120.23
N VAL P 93 20.86 168.24 -119.14
CA VAL P 93 21.42 168.32 -117.80
C VAL P 93 21.42 166.90 -117.22
N TYR P 94 22.60 166.43 -116.83
CA TYR P 94 22.75 165.05 -116.40
C TYR P 94 22.57 164.93 -114.90
N TYR P 95 22.05 163.77 -114.47
CA TYR P 95 21.65 163.55 -113.10
C TYR P 95 22.23 162.21 -112.66
N CYS P 96 22.83 162.20 -111.48
CA CYS P 96 23.40 160.99 -110.88
C CYS P 96 22.55 160.62 -109.69
N ALA P 97 22.10 159.36 -109.64
CA ALA P 97 21.12 158.97 -108.63
C ALA P 97 21.39 157.56 -108.14
N LYS P 98 20.88 157.28 -106.95
CA LYS P 98 21.17 156.06 -106.20
C LYS P 98 19.90 155.23 -106.08
N ARG P 99 19.90 154.04 -106.69
CA ARG P 99 18.70 153.22 -106.75
C ARG P 99 18.17 152.93 -105.36
N ARG P 100 16.84 152.71 -105.29
CA ARG P 100 16.23 152.30 -104.02
C ARG P 100 16.82 150.97 -103.55
N TYR P 101 16.80 149.96 -104.42
CA TYR P 101 17.36 148.65 -104.12
C TYR P 101 18.71 148.50 -104.81
N GLY P 102 19.37 147.38 -104.53
CA GLY P 102 20.62 147.04 -105.19
C GLY P 102 20.47 146.41 -106.55
N GLY P 103 19.25 146.31 -107.09
CA GLY P 103 19.02 145.69 -108.36
C GLY P 103 18.93 146.70 -109.51
N ILE P 104 18.67 146.16 -110.69
CA ILE P 104 18.59 146.94 -111.93
C ILE P 104 17.24 146.76 -112.61
N TRP P 105 16.79 145.51 -112.72
CA TRP P 105 15.60 145.16 -113.47
C TRP P 105 14.35 145.05 -112.61
N THR P 106 14.50 144.79 -111.31
CA THR P 106 13.33 144.74 -110.44
C THR P 106 12.78 146.16 -110.30
N GLY P 107 11.81 146.50 -111.12
CA GLY P 107 11.25 147.84 -111.15
C GLY P 107 11.95 148.72 -112.16
N GLN P 108 11.18 149.65 -112.72
CA GLN P 108 11.70 150.58 -113.70
C GLN P 108 12.45 151.72 -113.02
N PRO P 109 13.37 152.39 -113.75
CA PRO P 109 14.25 153.37 -113.10
C PRO P 109 13.55 154.57 -112.50
N THR P 110 13.53 154.62 -111.17
CA THR P 110 13.00 155.72 -110.38
C THR P 110 13.83 155.79 -109.10
N ASP P 111 13.98 156.99 -108.55
CA ASP P 111 14.92 157.18 -107.45
C ASP P 111 14.27 157.85 -106.25
N TYR P 112 15.05 157.91 -105.16
CA TYR P 112 14.64 158.34 -103.84
C TYR P 112 15.71 159.22 -103.20
N ASP P 113 16.35 160.10 -103.96
CA ASP P 113 17.45 160.86 -103.37
C ASP P 113 17.60 162.23 -104.06
N TYR P 114 18.71 162.90 -103.78
CA TYR P 114 18.98 164.29 -104.09
C TYR P 114 19.62 164.40 -105.48
N LEU P 115 20.18 165.57 -105.80
CA LEU P 115 20.71 165.79 -107.14
C LEU P 115 21.78 166.87 -107.07
N GLY P 116 22.66 166.87 -108.08
CA GLY P 116 23.70 167.88 -108.23
C GLY P 116 23.54 168.79 -109.44
N GLN P 117 24.36 168.58 -110.48
CA GLN P 117 24.36 169.44 -111.66
C GLN P 117 24.58 168.61 -112.91
N GLY P 118 24.59 169.29 -114.06
CA GLY P 118 24.82 168.70 -115.37
C GLY P 118 24.96 169.76 -116.44
N THR P 119 25.94 169.63 -117.34
CA THR P 119 26.22 170.66 -118.32
C THR P 119 25.60 170.33 -119.67
N VAL P 120 25.71 171.26 -120.61
CA VAL P 120 24.90 171.27 -121.83
C VAL P 120 25.76 171.66 -123.02
N THR P 121 25.59 170.92 -124.12
CA THR P 121 26.28 171.22 -125.38
C THR P 121 25.41 170.95 -126.59
#